data_2WW0
#
_entry.id   2WW0
#
_cell.length_a   107.810
_cell.length_b   151.960
_cell.length_c   218.619
_cell.angle_alpha   90.00
_cell.angle_beta   93.43
_cell.angle_gamma   90.00
#
_symmetry.space_group_name_H-M   'P 1 21 1'
#
loop_
_entity.id
_entity.type
_entity.pdbx_description
1 polymer 'PUTATIVE ALPHA-1,2-MANNOSIDASE'
2 non-polymer 'CALCIUM ION'
3 non-polymer 1S-8AB-OCTAHYDRO-INDOLIZIDINE-1A,2A,8B-TRIOL
4 non-polymer GLYCEROL
5 water water
#
_entity_poly.entity_id   1
_entity_poly.type   'polypeptide(L)'
_entity_poly.pdbx_seq_one_letter_code
;KDWTQYVNPLMGSQSTFELSTGNTYPAIARPWGMNFWTPQTGKMGDGWQYTYTANKIRGFKQTHQPSPWINDYGQFSIMP
IVGQPVFDEEKRASWFAHKGEVATPYYYKVYLAEHDIVTEMTPTERAVLFRFTFPENDHSYVVVDAFDKGSYIKIIPEEN
KIIGYTTRNSGGVPENFKNYFIIEFDKPFTYKATVENGNLQENVAEQTTDHAGAIIGFKTRKGEQVNARIASSFISFEQA
AANMNELGKDNIEQLAQKGKDAWNQVLGKIEVEGGNLDQYRTFYSCLYRSLLFPRKFYELDANGQPIHYSPYNGQVLPGY
MFTDTGFWDTFRCLFPLLNLMYPSVNKEMQEGLINTYLESGFFPEWASPGHRGCMVGNNSASILVDAYMKGVKVDDIKTL
YEGLIHGTENVHPEVSSTGRLGYEYYNKLGYVPYDVKINENAARTLEYAYDDWCIYRLAKELKRPKKEISLFAKRAMNYK
NLFDKESKLMRGRNEDGTFQSPFSPLKWGDAFTEGNSWHYTWSVFHDPQGLIDLMGGKEMFVTMMDSVFAVPPIFDDSYY
GQVIHEIREMTVMNMGNYAHGNQPIQHMIYLYDYAGQPWKAQYWLRQVMDRMYTPGPDGYCGDEDNGQTSAWYVFSALGF
YPVCPGTDEYVMGTPLFKKATLHFENGNSLVIDAPNNSTENFYIDSMSFNGADHTKNYLRHEDLFKGGTIKVDMSNRPNL
NRGTKEEDMPYSFSKELEHHHHHH
;
_entity_poly.pdbx_strand_id   A,B,C,D,E,F,G,H
#
# COMPACT_ATOMS: atom_id res chain seq x y z
N LYS A 1 -68.71 -1.95 -30.48
CA LYS A 1 -68.92 -1.83 -29.00
C LYS A 1 -67.69 -2.27 -28.20
N ASP A 2 -66.88 -1.33 -27.76
CA ASP A 2 -65.54 -1.70 -27.33
C ASP A 2 -65.33 -1.58 -25.82
N TRP A 3 -65.02 -2.68 -25.15
CA TRP A 3 -64.77 -2.60 -23.74
C TRP A 3 -63.28 -2.55 -23.45
N THR A 4 -62.46 -2.84 -24.45
CA THR A 4 -61.00 -2.93 -24.22
C THR A 4 -60.44 -1.58 -23.78
N GLN A 5 -61.12 -0.52 -24.22
CA GLN A 5 -60.71 0.84 -23.89
C GLN A 5 -60.64 1.04 -22.40
N TYR A 6 -61.33 0.21 -21.64
CA TYR A 6 -61.35 0.39 -20.20
C TYR A 6 -60.27 -0.43 -19.53
N VAL A 7 -59.66 -1.35 -20.29
CA VAL A 7 -58.71 -2.26 -19.67
C VAL A 7 -57.32 -1.61 -19.49
N ASN A 8 -56.82 -1.53 -18.25
CA ASN A 8 -55.50 -1.00 -18.05
C ASN A 8 -54.54 -2.09 -17.59
N PRO A 9 -53.73 -2.61 -18.53
CA PRO A 9 -52.86 -3.75 -18.18
C PRO A 9 -51.77 -3.35 -17.22
N LEU A 10 -51.66 -2.05 -16.93
CA LEU A 10 -50.63 -1.58 -16.04
C LEU A 10 -51.12 -1.58 -14.62
N MET A 11 -52.41 -1.84 -14.45
CA MET A 11 -52.98 -1.76 -13.10
C MET A 11 -52.40 -2.86 -12.23
N GLY A 12 -51.73 -2.49 -11.14
CA GLY A 12 -51.09 -3.47 -10.28
C GLY A 12 -49.60 -3.62 -10.54
N SER A 13 -49.04 -2.82 -11.46
CA SER A 13 -47.60 -2.90 -11.80
C SER A 13 -46.70 -2.02 -10.89
N GLN A 14 -47.34 -1.13 -10.14
CA GLN A 14 -46.61 -0.28 -9.22
C GLN A 14 -46.57 -0.95 -7.85
N SER A 15 -45.97 -2.13 -7.77
CA SER A 15 -45.93 -2.85 -6.50
C SER A 15 -44.49 -3.03 -6.10
N THR A 16 -44.28 -3.15 -4.80
CA THR A 16 -42.96 -3.46 -4.28
C THR A 16 -43.03 -4.63 -3.32
N PHE A 17 -41.85 -5.17 -2.97
CA PHE A 17 -41.75 -6.28 -2.04
C PHE A 17 -42.46 -5.98 -0.71
N GLU A 18 -42.40 -4.74 -0.25
CA GLU A 18 -42.93 -4.44 1.08
C GLU A 18 -44.40 -4.22 1.10
N LEU A 19 -44.90 -3.71 -0.03
CA LEU A 19 -46.32 -3.37 -0.17
C LEU A 19 -46.73 -3.73 -1.57
N SER A 20 -47.69 -4.63 -1.70
CA SER A 20 -48.15 -5.02 -3.01
C SER A 20 -49.33 -4.14 -3.31
N THR A 21 -49.39 -3.58 -4.53
CA THR A 21 -50.61 -2.96 -5.02
C THR A 21 -51.16 -3.79 -6.18
N GLY A 22 -50.74 -5.06 -6.21
CA GLY A 22 -51.28 -6.04 -7.13
C GLY A 22 -50.26 -7.07 -7.55
N ASN A 23 -49.01 -6.65 -7.66
CA ASN A 23 -47.94 -7.51 -8.16
C ASN A 23 -48.25 -8.15 -9.51
N THR A 24 -48.71 -7.36 -10.46
CA THR A 24 -49.01 -7.87 -11.79
C THR A 24 -47.99 -7.33 -12.78
N TYR A 25 -47.98 -7.90 -13.98
CA TYR A 25 -47.30 -7.25 -15.12
C TYR A 25 -48.30 -7.07 -16.28
N PRO A 26 -47.92 -6.25 -17.27
CA PRO A 26 -48.79 -6.11 -18.45
C PRO A 26 -48.78 -7.36 -19.30
N ALA A 27 -49.73 -8.24 -19.04
CA ALA A 27 -49.88 -9.46 -19.79
C ALA A 27 -50.53 -9.11 -21.13
N ILE A 28 -49.72 -8.99 -22.17
CA ILE A 28 -50.26 -8.81 -23.51
C ILE A 28 -50.51 -10.19 -24.09
N ALA A 29 -51.77 -10.57 -24.20
CA ALA A 29 -52.07 -11.95 -24.55
C ALA A 29 -53.46 -12.09 -25.07
N ARG A 30 -53.78 -13.24 -25.64
CA ARG A 30 -55.19 -13.59 -25.85
C ARG A 30 -55.75 -14.12 -24.54
N PRO A 31 -57.08 -14.18 -24.40
CA PRO A 31 -57.63 -14.80 -23.21
C PRO A 31 -57.05 -16.22 -22.95
N TRP A 32 -56.60 -16.48 -21.74
CA TRP A 32 -56.09 -17.79 -21.39
C TRP A 32 -54.95 -18.24 -22.32
N GLY A 33 -54.23 -17.29 -22.90
CA GLY A 33 -53.22 -17.61 -23.89
C GLY A 33 -52.13 -18.53 -23.35
N MET A 34 -51.62 -19.41 -24.21
CA MET A 34 -50.56 -20.32 -23.79
C MET A 34 -49.28 -19.54 -23.50
N ASN A 35 -49.02 -18.52 -24.31
CA ASN A 35 -47.82 -17.71 -24.14
C ASN A 35 -48.22 -16.26 -23.95
N PHE A 36 -47.74 -15.65 -22.88
CA PHE A 36 -47.95 -14.22 -22.68
C PHE A 36 -46.70 -13.44 -23.09
N TRP A 37 -46.88 -12.19 -23.52
CA TRP A 37 -45.74 -11.35 -23.85
C TRP A 37 -45.81 -10.08 -23.02
N THR A 38 -44.66 -9.67 -22.51
CA THR A 38 -44.63 -8.44 -21.76
C THR A 38 -43.35 -7.67 -22.02
N PRO A 39 -43.42 -6.34 -21.93
CA PRO A 39 -42.18 -5.59 -21.86
C PRO A 39 -41.42 -6.02 -20.59
N GLN A 40 -40.11 -6.10 -20.67
CA GLN A 40 -39.33 -6.52 -19.50
C GLN A 40 -38.41 -5.43 -18.91
N THR A 41 -38.75 -4.94 -17.73
CA THR A 41 -37.88 -3.97 -17.09
C THR A 41 -36.93 -4.63 -16.10
N GLY A 42 -37.38 -5.68 -15.42
CA GLY A 42 -36.55 -6.37 -14.46
C GLY A 42 -35.39 -7.15 -15.10
N LYS A 43 -34.35 -7.42 -14.32
CA LYS A 43 -33.25 -8.24 -14.81
C LYS A 43 -33.68 -9.70 -14.93
N MET A 44 -33.03 -10.46 -15.79
CA MET A 44 -33.41 -11.87 -15.98
C MET A 44 -33.50 -12.58 -14.62
N GLY A 45 -34.64 -13.22 -14.36
CA GLY A 45 -34.75 -14.06 -13.19
C GLY A 45 -35.52 -13.41 -12.05
N ASP A 46 -35.69 -12.10 -12.15
CA ASP A 46 -36.36 -11.35 -11.11
C ASP A 46 -37.86 -11.47 -11.26
N GLY A 47 -38.51 -11.98 -10.21
CA GLY A 47 -39.97 -12.07 -10.19
C GLY A 47 -40.67 -10.81 -10.64
N TRP A 48 -40.12 -9.65 -10.29
CA TRP A 48 -40.71 -8.37 -10.69
C TRP A 48 -40.18 -8.00 -12.07
N GLN A 49 -40.80 -8.59 -13.10
CA GLN A 49 -40.24 -8.47 -14.45
C GLN A 49 -40.62 -7.14 -15.12
N TYR A 50 -41.71 -6.54 -14.65
CA TYR A 50 -42.07 -5.22 -15.11
C TYR A 50 -42.55 -4.45 -13.90
N THR A 51 -41.96 -3.29 -13.65
CA THR A 51 -42.42 -2.46 -12.54
C THR A 51 -42.67 -1.03 -13.02
N TYR A 52 -43.81 -0.48 -12.62
CA TYR A 52 -44.20 0.84 -13.13
C TYR A 52 -43.14 1.95 -12.97
N THR A 53 -42.30 1.86 -11.95
CA THR A 53 -41.37 2.95 -11.67
C THR A 53 -40.04 2.69 -12.31
N ALA A 54 -39.94 1.61 -13.07
CA ALA A 54 -38.67 1.29 -13.69
C ALA A 54 -38.44 2.23 -14.87
N ASN A 55 -37.19 2.60 -15.15
CA ASN A 55 -36.88 3.52 -16.23
C ASN A 55 -36.57 2.89 -17.56
N LYS A 56 -36.08 1.64 -17.55
CA LYS A 56 -35.55 1.03 -18.75
C LYS A 56 -36.21 -0.30 -19.08
N ILE A 57 -36.33 -0.57 -20.38
CA ILE A 57 -36.81 -1.85 -20.89
C ILE A 57 -35.61 -2.54 -21.51
N ARG A 58 -35.40 -3.81 -21.17
CA ARG A 58 -34.23 -4.54 -21.62
C ARG A 58 -34.59 -5.69 -22.56
N GLY A 59 -35.88 -5.84 -22.84
CA GLY A 59 -36.34 -6.86 -23.78
C GLY A 59 -37.84 -7.00 -23.80
N PHE A 60 -38.33 -7.74 -24.80
CA PHE A 60 -39.74 -8.05 -24.86
C PHE A 60 -39.79 -9.55 -24.67
N LYS A 61 -40.38 -9.97 -23.56
CA LYS A 61 -40.22 -11.32 -23.09
C LYS A 61 -41.47 -12.17 -23.25
N GLN A 62 -41.24 -13.44 -23.62
CA GLN A 62 -42.30 -14.45 -23.55
C GLN A 62 -42.30 -14.97 -22.12
N THR A 63 -43.45 -14.91 -21.45
CA THR A 63 -43.48 -15.26 -20.03
C THR A 63 -44.67 -16.14 -19.75
N HIS A 64 -44.58 -16.95 -18.69
CA HIS A 64 -45.74 -17.76 -18.23
C HIS A 64 -46.00 -17.53 -16.76
N GLN A 65 -45.20 -16.64 -16.17
CA GLN A 65 -45.23 -16.36 -14.75
C GLN A 65 -46.60 -15.93 -14.25
N PRO A 66 -47.12 -16.66 -13.25
CA PRO A 66 -48.36 -16.38 -12.52
C PRO A 66 -48.17 -15.45 -11.34
N SER A 67 -46.96 -15.30 -10.85
CA SER A 67 -46.76 -14.49 -9.65
C SER A 67 -45.27 -14.22 -9.49
N PRO A 68 -44.90 -13.03 -8.98
CA PRO A 68 -43.50 -12.80 -8.71
C PRO A 68 -42.97 -13.86 -7.73
N TRP A 69 -43.81 -14.30 -6.81
CA TRP A 69 -43.41 -15.28 -5.83
C TRP A 69 -43.14 -16.64 -6.44
N ILE A 70 -43.96 -17.04 -7.39
CA ILE A 70 -43.81 -18.32 -8.04
C ILE A 70 -42.73 -18.30 -9.14
N ASN A 71 -42.60 -17.16 -9.81
CA ASN A 71 -41.62 -16.95 -10.86
C ASN A 71 -41.91 -17.66 -12.18
N ASP A 72 -40.99 -17.59 -13.12
CA ASP A 72 -41.30 -17.93 -14.51
C ASP A 72 -40.73 -19.25 -15.03
N TYR A 73 -41.18 -19.65 -16.23
CA TYR A 73 -40.64 -20.80 -16.98
C TYR A 73 -41.03 -20.59 -18.47
N GLY A 74 -40.36 -21.30 -19.39
CA GLY A 74 -40.60 -21.14 -20.85
C GLY A 74 -40.42 -19.70 -21.29
N GLN A 75 -39.26 -19.12 -20.95
CA GLN A 75 -39.03 -17.69 -21.07
C GLN A 75 -37.82 -17.36 -21.95
N PHE A 76 -38.06 -16.49 -22.92
CA PHE A 76 -37.00 -15.87 -23.69
C PHE A 76 -37.42 -14.46 -24.11
N SER A 77 -36.48 -13.67 -24.64
CA SER A 77 -36.79 -12.29 -24.97
C SER A 77 -36.13 -11.88 -26.25
N ILE A 78 -36.60 -10.75 -26.79
CA ILE A 78 -36.09 -10.19 -28.01
C ILE A 78 -35.96 -8.69 -27.73
N MET A 79 -34.93 -8.05 -28.31
CA MET A 79 -34.69 -6.65 -28.05
C MET A 79 -34.02 -6.00 -29.24
N PRO A 80 -34.67 -4.99 -29.85
CA PRO A 80 -34.02 -4.25 -30.94
C PRO A 80 -33.04 -3.23 -30.39
N ILE A 81 -31.94 -3.00 -31.09
CA ILE A 81 -30.99 -1.97 -30.68
C ILE A 81 -30.32 -1.36 -31.88
N VAL A 82 -29.46 -0.38 -31.60
CA VAL A 82 -28.80 0.40 -32.65
C VAL A 82 -27.41 0.73 -32.16
N GLY A 83 -26.45 0.80 -33.07
CA GLY A 83 -25.08 1.19 -32.69
C GLY A 83 -24.13 0.02 -32.54
N GLN A 84 -23.61 -0.20 -31.34
CA GLN A 84 -22.82 -1.41 -31.08
C GLN A 84 -23.74 -2.60 -30.89
N PRO A 85 -23.33 -3.77 -31.43
CA PRO A 85 -24.05 -5.01 -31.18
C PRO A 85 -23.70 -5.55 -29.79
N VAL A 86 -24.60 -5.38 -28.83
CA VAL A 86 -24.33 -5.76 -27.45
C VAL A 86 -25.40 -6.73 -26.95
N PHE A 87 -24.98 -7.79 -26.27
CA PHE A 87 -25.91 -8.78 -25.79
C PHE A 87 -26.28 -8.57 -24.32
N ASP A 88 -25.33 -8.02 -23.57
CA ASP A 88 -25.55 -7.74 -22.16
C ASP A 88 -26.93 -7.08 -21.90
N GLU A 89 -27.64 -7.56 -20.87
CA GLU A 89 -29.00 -7.12 -20.63
C GLU A 89 -29.10 -5.73 -20.04
N GLU A 90 -27.97 -5.17 -19.60
CA GLU A 90 -27.96 -3.78 -19.13
C GLU A 90 -27.53 -2.85 -20.24
N LYS A 91 -26.46 -3.21 -20.92
CA LYS A 91 -25.97 -2.40 -22.01
C LYS A 91 -26.95 -2.27 -23.16
N ARG A 92 -27.80 -3.26 -23.37
CA ARG A 92 -28.77 -3.16 -24.47
C ARG A 92 -30.01 -2.37 -24.04
N ALA A 93 -30.16 -2.12 -22.75
CA ALA A 93 -31.42 -1.57 -22.22
C ALA A 93 -31.68 -0.15 -22.65
N SER A 94 -32.93 0.27 -22.68
CA SER A 94 -33.23 1.62 -23.13
C SER A 94 -34.18 2.31 -22.19
N TRP A 95 -33.95 3.60 -21.96
CA TRP A 95 -34.91 4.43 -21.27
C TRP A 95 -36.22 4.45 -22.03
N PHE A 96 -37.31 4.65 -21.30
CA PHE A 96 -38.62 4.92 -21.94
C PHE A 96 -39.45 5.66 -20.94
N ALA A 97 -40.61 6.11 -21.33
CA ALA A 97 -41.54 6.67 -20.36
C ALA A 97 -42.94 6.18 -20.70
N HIS A 98 -43.81 6.13 -19.68
CA HIS A 98 -45.17 5.65 -19.86
C HIS A 98 -45.98 6.47 -20.85
N LYS A 99 -45.70 7.77 -20.94
CA LYS A 99 -46.36 8.60 -21.94
C LYS A 99 -45.87 8.28 -23.36
N GLY A 100 -44.86 7.42 -23.49
CA GLY A 100 -44.37 6.98 -24.80
C GLY A 100 -44.68 5.50 -25.02
N GLU A 101 -45.61 5.01 -24.22
CA GLU A 101 -45.97 3.61 -24.16
C GLU A 101 -47.50 3.49 -24.29
N VAL A 102 -47.97 2.49 -25.03
CA VAL A 102 -49.39 2.23 -25.13
C VAL A 102 -49.65 0.74 -24.89
N ALA A 103 -50.31 0.42 -23.78
CA ALA A 103 -50.53 -0.97 -23.40
C ALA A 103 -52.02 -1.36 -23.45
N THR A 104 -52.34 -2.35 -24.28
CA THR A 104 -53.67 -2.92 -24.31
C THR A 104 -53.50 -4.42 -24.27
N PRO A 105 -54.57 -5.14 -23.95
CA PRO A 105 -54.45 -6.59 -23.92
C PRO A 105 -53.98 -7.17 -25.27
N TYR A 106 -54.41 -6.53 -26.38
CA TYR A 106 -54.19 -7.08 -27.70
C TYR A 106 -53.06 -6.43 -28.45
N TYR A 107 -52.48 -5.38 -27.90
CA TYR A 107 -51.50 -4.59 -28.62
C TYR A 107 -50.59 -3.83 -27.68
N TYR A 108 -49.31 -3.80 -27.97
CA TYR A 108 -48.38 -3.08 -27.10
C TYR A 108 -47.35 -2.31 -27.91
N LYS A 109 -47.13 -1.05 -27.53
CA LYS A 109 -46.23 -0.18 -28.24
C LYS A 109 -45.41 0.65 -27.27
N VAL A 110 -44.17 0.91 -27.63
CA VAL A 110 -43.31 1.70 -26.77
C VAL A 110 -42.19 2.28 -27.58
N TYR A 111 -41.77 3.50 -27.20
CA TYR A 111 -40.63 4.16 -27.83
C TYR A 111 -39.35 3.95 -26.97
N LEU A 112 -38.35 3.30 -27.54
CA LEU A 112 -37.12 3.06 -26.82
C LEU A 112 -36.23 4.25 -27.07
N ALA A 113 -36.07 5.10 -26.05
CA ALA A 113 -35.48 6.42 -26.24
C ALA A 113 -33.98 6.40 -26.53
N GLU A 114 -33.29 5.39 -26.06
CA GLU A 114 -31.85 5.34 -26.30
C GLU A 114 -31.47 4.70 -27.63
N HIS A 115 -32.42 4.11 -28.33
CA HIS A 115 -32.15 3.55 -29.65
C HIS A 115 -32.92 4.27 -30.74
N ASP A 116 -33.88 5.09 -30.35
CA ASP A 116 -34.73 5.75 -31.33
C ASP A 116 -35.47 4.69 -32.14
N ILE A 117 -36.00 3.71 -31.44
CA ILE A 117 -36.75 2.64 -32.07
C ILE A 117 -38.15 2.52 -31.48
N VAL A 118 -39.15 2.30 -32.32
CA VAL A 118 -40.49 2.03 -31.83
C VAL A 118 -40.77 0.53 -31.95
N THR A 119 -41.20 -0.11 -30.86
CA THR A 119 -41.51 -1.53 -30.89
C THR A 119 -42.98 -1.73 -30.69
N GLU A 120 -43.59 -2.56 -31.54
CA GLU A 120 -45.00 -2.93 -31.36
C GLU A 120 -45.14 -4.45 -31.37
N MET A 121 -46.00 -4.98 -30.52
CA MET A 121 -46.29 -6.41 -30.60
C MET A 121 -47.79 -6.71 -30.50
N THR A 122 -48.24 -7.70 -31.26
CA THR A 122 -49.61 -8.18 -31.18
C THR A 122 -49.53 -9.69 -31.14
N PRO A 123 -50.09 -10.30 -30.10
CA PRO A 123 -50.03 -11.75 -30.00
C PRO A 123 -51.32 -12.51 -30.33
N THR A 124 -51.13 -13.80 -30.54
CA THR A 124 -52.22 -14.75 -30.67
C THR A 124 -52.08 -15.67 -29.46
N GLU A 125 -52.78 -16.80 -29.45
CA GLU A 125 -52.69 -17.68 -28.31
C GLU A 125 -51.30 -18.22 -28.09
N ARG A 126 -50.63 -18.54 -29.19
CA ARG A 126 -49.31 -19.15 -29.09
C ARG A 126 -48.19 -18.35 -29.81
N ALA A 127 -48.56 -17.39 -30.63
CA ALA A 127 -47.57 -16.71 -31.43
C ALA A 127 -47.68 -15.21 -31.23
N VAL A 128 -46.79 -14.47 -31.88
CA VAL A 128 -46.79 -13.03 -31.74
C VAL A 128 -46.11 -12.38 -32.92
N LEU A 129 -46.55 -11.17 -33.28
CA LEU A 129 -45.91 -10.41 -34.33
C LEU A 129 -45.31 -9.14 -33.72
N PHE A 130 -44.02 -8.93 -33.98
CA PHE A 130 -43.31 -7.73 -33.59
C PHE A 130 -43.10 -6.88 -34.82
N ARG A 131 -43.23 -5.56 -34.68
CA ARG A 131 -42.85 -4.66 -35.75
C ARG A 131 -41.92 -3.67 -35.12
N PHE A 132 -40.69 -3.61 -35.64
CA PHE A 132 -39.69 -2.66 -35.15
C PHE A 132 -39.55 -1.52 -36.16
N THR A 133 -39.76 -0.28 -35.71
CA THR A 133 -39.50 0.85 -36.58
C THR A 133 -38.15 1.45 -36.26
N PHE A 134 -37.19 1.23 -37.15
CA PHE A 134 -35.81 1.64 -36.89
C PHE A 134 -35.55 3.05 -37.37
N PRO A 135 -34.53 3.69 -36.79
CA PRO A 135 -34.09 4.97 -37.29
C PRO A 135 -33.15 4.72 -38.45
N GLU A 136 -32.63 5.79 -39.04
CA GLU A 136 -31.59 5.61 -40.05
C GLU A 136 -30.25 5.27 -39.42
N ASN A 137 -29.73 4.10 -39.73
CA ASN A 137 -28.50 3.68 -39.10
C ASN A 137 -27.87 2.59 -39.94
N ASP A 138 -26.54 2.57 -39.97
CA ASP A 138 -25.82 1.52 -40.66
C ASP A 138 -25.75 0.27 -39.79
N HIS A 139 -26.06 0.42 -38.51
CA HIS A 139 -25.94 -0.69 -37.58
C HIS A 139 -27.19 -0.83 -36.74
N SER A 140 -28.20 -1.46 -37.31
CA SER A 140 -29.38 -1.80 -36.56
C SER A 140 -29.35 -3.29 -36.28
N TYR A 141 -29.65 -3.70 -35.05
CA TYR A 141 -29.61 -5.11 -34.72
C TYR A 141 -30.87 -5.52 -33.99
N VAL A 142 -31.11 -6.82 -33.96
CA VAL A 142 -32.08 -7.41 -33.08
C VAL A 142 -31.42 -8.50 -32.23
N VAL A 143 -31.55 -8.40 -30.91
CA VAL A 143 -30.97 -9.38 -30.01
C VAL A 143 -32.03 -10.40 -29.64
N VAL A 144 -31.66 -11.67 -29.69
CA VAL A 144 -32.52 -12.75 -29.21
C VAL A 144 -31.84 -13.42 -28.04
N ASP A 145 -32.52 -13.45 -26.90
CA ASP A 145 -31.96 -13.95 -25.66
C ASP A 145 -32.68 -15.23 -25.15
N ALA A 146 -31.96 -16.36 -25.11
CA ALA A 146 -32.60 -17.62 -24.73
C ALA A 146 -32.58 -17.85 -23.22
N PHE A 147 -31.97 -16.93 -22.50
CA PHE A 147 -31.91 -16.99 -21.05
C PHE A 147 -30.96 -18.10 -20.69
N ASP A 148 -30.66 -18.25 -19.41
CA ASP A 148 -29.59 -19.16 -19.00
C ASP A 148 -30.10 -20.51 -18.50
N LYS A 149 -29.24 -21.20 -17.75
CA LYS A 149 -29.54 -22.53 -17.20
C LYS A 149 -29.64 -23.63 -18.24
N GLY A 150 -28.96 -23.46 -19.38
CA GLY A 150 -29.03 -24.42 -20.47
C GLY A 150 -30.04 -24.03 -21.51
N SER A 151 -29.56 -23.49 -22.63
CA SER A 151 -30.46 -23.10 -23.72
C SER A 151 -29.78 -23.39 -25.07
N TYR A 152 -30.46 -23.09 -26.16
CA TYR A 152 -29.96 -23.44 -27.45
C TYR A 152 -30.46 -22.42 -28.47
N ILE A 153 -29.60 -22.08 -29.42
CA ILE A 153 -29.90 -21.09 -30.44
C ILE A 153 -29.26 -21.51 -31.78
N LYS A 154 -29.91 -21.13 -32.87
CA LYS A 154 -29.37 -21.42 -34.20
C LYS A 154 -29.88 -20.45 -35.24
N ILE A 155 -28.97 -19.90 -36.04
CA ILE A 155 -29.35 -18.92 -37.04
C ILE A 155 -29.38 -19.60 -38.41
N ILE A 156 -30.48 -19.40 -39.13
CA ILE A 156 -30.66 -19.95 -40.46
C ILE A 156 -30.80 -18.78 -41.44
N PRO A 157 -29.66 -18.30 -41.92
CA PRO A 157 -29.71 -17.11 -42.75
C PRO A 157 -30.59 -17.33 -43.98
N GLU A 158 -30.52 -18.50 -44.59
CA GLU A 158 -31.21 -18.72 -45.87
C GLU A 158 -32.72 -18.70 -45.69
N GLU A 159 -33.19 -18.50 -44.46
CA GLU A 159 -34.61 -18.40 -44.26
C GLU A 159 -34.90 -17.22 -43.38
N ASN A 160 -33.94 -16.31 -43.22
CA ASN A 160 -34.10 -15.14 -42.33
C ASN A 160 -34.66 -15.55 -41.00
N LYS A 161 -34.13 -16.62 -40.44
CA LYS A 161 -34.78 -17.25 -39.32
C LYS A 161 -33.82 -17.52 -38.17
N ILE A 162 -34.31 -17.35 -36.96
CA ILE A 162 -33.61 -17.79 -35.78
C ILE A 162 -34.51 -18.77 -35.04
N ILE A 163 -33.97 -19.94 -34.72
CA ILE A 163 -34.68 -20.85 -33.84
C ILE A 163 -33.87 -21.12 -32.56
N GLY A 164 -34.55 -21.61 -31.54
CA GLY A 164 -33.86 -21.93 -30.30
C GLY A 164 -34.78 -22.61 -29.31
N TYR A 165 -34.22 -22.98 -28.16
CA TYR A 165 -35.07 -23.38 -27.06
C TYR A 165 -34.57 -22.82 -25.75
N THR A 166 -35.48 -22.59 -24.82
CA THR A 166 -35.13 -22.01 -23.54
C THR A 166 -35.56 -23.00 -22.49
N THR A 167 -34.84 -23.09 -21.37
CA THR A 167 -35.25 -24.01 -20.31
C THR A 167 -35.32 -23.43 -18.90
N ARG A 168 -34.80 -22.21 -18.72
CA ARG A 168 -34.80 -21.66 -17.36
C ARG A 168 -36.17 -21.69 -16.72
N ASN A 169 -36.26 -22.29 -15.53
CA ASN A 169 -37.56 -22.43 -14.87
C ASN A 169 -37.46 -22.30 -13.37
N SER A 170 -38.59 -22.40 -12.70
CA SER A 170 -38.58 -22.18 -11.27
C SER A 170 -39.04 -23.41 -10.50
N GLY A 171 -39.00 -24.57 -11.17
CA GLY A 171 -39.40 -25.82 -10.54
C GLY A 171 -40.63 -26.37 -11.21
N GLY A 172 -41.04 -27.56 -10.82
CA GLY A 172 -42.29 -28.15 -11.31
C GLY A 172 -42.28 -28.50 -12.77
N VAL A 173 -41.14 -28.96 -13.27
CA VAL A 173 -41.04 -29.39 -14.66
C VAL A 173 -40.35 -30.71 -14.74
N PRO A 174 -40.68 -31.49 -15.76
CA PRO A 174 -40.01 -32.76 -15.98
C PRO A 174 -38.59 -32.52 -16.49
N GLU A 175 -37.72 -33.51 -16.32
CA GLU A 175 -36.32 -33.39 -16.69
C GLU A 175 -36.13 -32.93 -18.14
N ASN A 176 -37.01 -33.34 -19.04
CA ASN A 176 -36.88 -33.00 -20.46
C ASN A 176 -37.54 -31.67 -20.90
N PHE A 177 -37.86 -30.81 -19.93
CA PHE A 177 -38.61 -29.61 -20.21
C PHE A 177 -37.86 -28.69 -21.15
N LYS A 178 -38.55 -28.20 -22.18
CA LYS A 178 -37.99 -27.24 -23.15
C LYS A 178 -39.09 -26.40 -23.73
N ASN A 179 -38.79 -25.14 -24.00
CA ASN A 179 -39.67 -24.34 -24.82
C ASN A 179 -38.98 -24.07 -26.16
N TYR A 180 -39.55 -24.59 -27.25
CA TYR A 180 -38.98 -24.44 -28.58
C TYR A 180 -39.58 -23.20 -29.24
N PHE A 181 -38.72 -22.31 -29.75
CA PHE A 181 -39.21 -21.11 -30.41
C PHE A 181 -38.62 -20.90 -31.80
N ILE A 182 -39.40 -20.24 -32.66
CA ILE A 182 -38.97 -19.88 -34.01
C ILE A 182 -39.24 -18.41 -34.27
N ILE A 183 -38.30 -17.75 -34.94
CA ILE A 183 -38.43 -16.32 -35.22
C ILE A 183 -38.09 -16.09 -36.67
N GLU A 184 -39.06 -15.58 -37.43
CA GLU A 184 -38.86 -15.24 -38.83
C GLU A 184 -38.80 -13.72 -39.05
N PHE A 185 -37.73 -13.22 -39.65
CA PHE A 185 -37.64 -11.82 -40.03
C PHE A 185 -37.96 -11.62 -41.49
N ASP A 186 -38.59 -10.50 -41.81
CA ASP A 186 -38.87 -10.15 -43.21
C ASP A 186 -37.78 -9.25 -43.81
N LYS A 187 -36.56 -9.32 -43.28
CA LYS A 187 -35.45 -8.50 -43.76
C LYS A 187 -34.19 -9.33 -43.62
N PRO A 188 -33.42 -9.47 -44.69
CA PRO A 188 -32.24 -10.34 -44.68
C PRO A 188 -31.14 -9.85 -43.73
N PHE A 189 -30.45 -10.77 -43.05
CA PHE A 189 -29.36 -10.36 -42.16
C PHE A 189 -28.10 -10.00 -42.91
N THR A 190 -27.57 -8.83 -42.62
CA THR A 190 -26.29 -8.40 -43.14
C THR A 190 -25.22 -8.74 -42.11
N TYR A 191 -25.66 -8.99 -40.88
CA TYR A 191 -24.75 -9.29 -39.80
C TYR A 191 -25.36 -10.40 -39.02
N LYS A 192 -24.56 -11.35 -38.58
CA LYS A 192 -25.11 -12.40 -37.75
C LYS A 192 -24.08 -12.87 -36.77
N ALA A 193 -24.54 -13.21 -35.58
CA ALA A 193 -23.66 -13.69 -34.54
C ALA A 193 -24.48 -14.46 -33.55
N THR A 194 -23.90 -15.50 -32.96
CA THR A 194 -24.55 -16.18 -31.85
C THR A 194 -23.75 -15.81 -30.64
N VAL A 195 -24.31 -16.03 -29.46
CA VAL A 195 -23.67 -15.59 -28.25
C VAL A 195 -23.54 -16.79 -27.36
N GLU A 196 -22.40 -16.91 -26.73
CA GLU A 196 -22.12 -18.08 -25.93
C GLU A 196 -21.52 -17.64 -24.61
N ASN A 197 -22.38 -17.59 -23.61
CA ASN A 197 -21.98 -17.20 -22.28
C ASN A 197 -21.29 -15.85 -22.30
N GLY A 198 -22.04 -14.88 -22.81
CA GLY A 198 -21.57 -13.51 -22.93
C GLY A 198 -20.67 -13.23 -24.11
N ASN A 199 -20.00 -14.25 -24.66
CA ASN A 199 -19.13 -14.06 -25.83
C ASN A 199 -19.85 -13.92 -27.17
N LEU A 200 -19.55 -12.84 -27.88
CA LEU A 200 -20.13 -12.63 -29.18
C LEU A 200 -19.32 -13.41 -30.22
N GLN A 201 -19.96 -14.27 -31.00
CA GLN A 201 -19.22 -14.96 -32.07
C GLN A 201 -19.85 -14.75 -33.41
N GLU A 202 -19.24 -13.88 -34.21
CA GLU A 202 -19.78 -13.59 -35.50
C GLU A 202 -19.71 -14.81 -36.41
N ASN A 203 -20.81 -15.08 -37.09
CA ASN A 203 -20.83 -16.12 -38.11
C ASN A 203 -20.70 -17.54 -37.60
N VAL A 204 -20.73 -17.72 -36.28
CA VAL A 204 -20.94 -19.05 -35.72
C VAL A 204 -22.45 -19.27 -35.63
N ALA A 205 -22.93 -20.28 -36.34
CA ALA A 205 -24.37 -20.48 -36.57
C ALA A 205 -25.19 -20.95 -35.36
N GLU A 206 -24.55 -21.61 -34.41
CA GLU A 206 -25.24 -22.46 -33.47
C GLU A 206 -24.57 -22.53 -32.11
N GLN A 207 -25.37 -22.48 -31.05
CA GLN A 207 -24.86 -22.63 -29.71
C GLN A 207 -25.73 -23.55 -28.89
N THR A 208 -25.09 -24.49 -28.20
CA THR A 208 -25.74 -25.29 -27.15
C THR A 208 -24.93 -25.06 -25.89
N THR A 209 -25.46 -24.26 -24.98
CA THR A 209 -24.66 -23.81 -23.87
C THR A 209 -25.55 -23.29 -22.77
N ASP A 210 -24.96 -22.91 -21.65
CA ASP A 210 -25.75 -22.44 -20.52
C ASP A 210 -26.63 -21.28 -20.92
N HIS A 211 -26.08 -20.28 -21.60
CA HIS A 211 -26.87 -19.09 -21.92
C HIS A 211 -26.65 -18.69 -23.38
N ALA A 212 -27.47 -19.24 -24.26
CA ALA A 212 -27.37 -18.97 -25.70
C ALA A 212 -28.08 -17.66 -26.09
N GLY A 213 -27.56 -17.04 -27.13
CA GLY A 213 -28.20 -15.84 -27.66
C GLY A 213 -27.82 -15.64 -29.10
N ALA A 214 -28.53 -14.75 -29.77
CA ALA A 214 -28.19 -14.38 -31.13
C ALA A 214 -28.31 -12.87 -31.33
N ILE A 215 -27.49 -12.32 -32.22
CA ILE A 215 -27.67 -10.95 -32.68
C ILE A 215 -27.61 -10.92 -34.20
N ILE A 216 -28.67 -10.42 -34.83
CA ILE A 216 -28.63 -10.21 -36.28
C ILE A 216 -28.80 -8.72 -36.58
N GLY A 217 -28.34 -8.28 -37.75
CA GLY A 217 -28.37 -6.87 -38.05
C GLY A 217 -28.45 -6.50 -39.52
N PHE A 218 -28.54 -5.20 -39.78
CA PHE A 218 -28.64 -4.72 -41.15
C PHE A 218 -28.66 -3.21 -41.18
N LYS A 219 -28.55 -2.62 -42.36
CA LYS A 219 -28.67 -1.17 -42.50
C LYS A 219 -30.14 -0.84 -42.58
N THR A 220 -30.55 0.26 -41.94
CA THR A 220 -31.94 0.68 -41.98
C THR A 220 -32.11 2.14 -42.40
N ARG A 221 -33.14 2.38 -43.21
CA ARG A 221 -33.53 3.73 -43.61
C ARG A 221 -34.36 4.31 -42.48
N LYS A 222 -34.38 5.64 -42.37
CA LYS A 222 -35.22 6.26 -41.36
C LYS A 222 -36.65 5.77 -41.48
N GLY A 223 -37.21 5.26 -40.38
CA GLY A 223 -38.59 4.77 -40.40
C GLY A 223 -38.78 3.37 -40.96
N GLU A 224 -37.70 2.70 -41.34
CA GLU A 224 -37.85 1.38 -41.95
C GLU A 224 -38.44 0.41 -40.96
N GLN A 225 -39.40 -0.39 -41.38
CA GLN A 225 -40.01 -1.33 -40.47
C GLN A 225 -39.53 -2.75 -40.73
N VAL A 226 -39.18 -3.47 -39.67
CA VAL A 226 -38.79 -4.87 -39.77
C VAL A 226 -39.76 -5.66 -38.93
N ASN A 227 -40.39 -6.67 -39.50
CA ASN A 227 -41.34 -7.48 -38.75
C ASN A 227 -40.73 -8.79 -38.38
N ALA A 228 -41.02 -9.28 -37.17
CA ALA A 228 -40.59 -10.59 -36.76
C ALA A 228 -41.79 -11.42 -36.34
N ARG A 229 -41.95 -12.58 -36.96
CA ARG A 229 -42.99 -13.53 -36.62
C ARG A 229 -42.40 -14.52 -35.62
N ILE A 230 -43.04 -14.67 -34.46
CA ILE A 230 -42.51 -15.57 -33.43
C ILE A 230 -43.56 -16.54 -32.90
N ALA A 231 -43.15 -17.76 -32.58
CA ALA A 231 -44.05 -18.73 -31.95
C ALA A 231 -43.24 -19.69 -31.09
N SER A 232 -43.91 -20.42 -30.22
CA SER A 232 -43.21 -21.44 -29.48
C SER A 232 -44.10 -22.64 -29.19
N SER A 233 -43.48 -23.72 -28.77
CA SER A 233 -44.22 -24.90 -28.36
C SER A 233 -43.48 -25.55 -27.21
N PHE A 234 -44.19 -26.37 -26.45
CA PHE A 234 -43.54 -27.11 -25.39
C PHE A 234 -43.29 -28.52 -25.91
N ILE A 235 -43.57 -28.72 -27.19
CA ILE A 235 -43.55 -30.04 -27.77
C ILE A 235 -42.36 -30.27 -28.72
N SER A 236 -42.26 -29.44 -29.76
CA SER A 236 -41.20 -29.59 -30.77
C SER A 236 -41.06 -28.35 -31.64
N PHE A 237 -39.97 -28.30 -32.40
CA PHE A 237 -39.84 -27.25 -33.40
C PHE A 237 -40.93 -27.38 -34.47
N GLU A 238 -41.22 -28.63 -34.85
CA GLU A 238 -42.24 -28.90 -35.89
C GLU A 238 -43.54 -28.28 -35.41
N GLN A 239 -43.83 -28.47 -34.12
CA GLN A 239 -45.06 -27.93 -33.53
C GLN A 239 -45.02 -26.42 -33.41
N ALA A 240 -43.88 -25.86 -33.06
CA ALA A 240 -43.75 -24.43 -33.00
C ALA A 240 -44.07 -23.84 -34.36
N ALA A 241 -43.57 -24.47 -35.42
CA ALA A 241 -43.80 -23.98 -36.76
C ALA A 241 -45.30 -24.00 -37.08
N ALA A 242 -46.01 -25.03 -36.61
CA ALA A 242 -47.45 -25.13 -36.83
C ALA A 242 -48.13 -24.00 -36.07
N ASN A 243 -47.72 -23.77 -34.83
CA ASN A 243 -48.25 -22.67 -34.02
C ASN A 243 -48.10 -21.31 -34.71
N MET A 244 -46.97 -21.14 -35.39
CA MET A 244 -46.70 -19.92 -36.12
C MET A 244 -47.84 -19.55 -37.07
N ASN A 245 -48.62 -20.54 -37.51
CA ASN A 245 -49.68 -20.26 -38.48
C ASN A 245 -50.81 -19.46 -37.91
N GLU A 246 -50.86 -19.32 -36.58
CA GLU A 246 -51.91 -18.50 -35.99
C GLU A 246 -51.77 -17.08 -36.49
N LEU A 247 -50.57 -16.70 -36.91
CA LEU A 247 -50.34 -15.34 -37.38
C LEU A 247 -50.86 -15.15 -38.78
N GLY A 248 -51.02 -16.25 -39.52
CA GLY A 248 -51.41 -16.18 -40.94
C GLY A 248 -50.42 -15.30 -41.69
N LYS A 249 -50.96 -14.40 -42.51
CA LYS A 249 -50.12 -13.41 -43.22
C LYS A 249 -50.44 -12.01 -42.71
N ASP A 250 -50.97 -11.94 -41.50
CA ASP A 250 -51.47 -10.66 -40.98
C ASP A 250 -50.34 -9.70 -40.57
N ASN A 251 -50.63 -8.41 -40.62
CA ASN A 251 -49.72 -7.39 -40.15
C ASN A 251 -50.17 -6.95 -38.76
N ILE A 252 -49.44 -5.99 -38.19
CA ILE A 252 -49.75 -5.51 -36.85
C ILE A 252 -51.21 -5.10 -36.72
N GLU A 253 -51.68 -4.29 -37.66
CA GLU A 253 -53.05 -3.79 -37.61
C GLU A 253 -54.08 -4.91 -37.56
N GLN A 254 -53.96 -5.86 -38.47
CA GLN A 254 -54.94 -6.94 -38.54
C GLN A 254 -54.92 -7.84 -37.32
N LEU A 255 -53.73 -8.13 -36.79
CA LEU A 255 -53.66 -8.94 -35.59
C LEU A 255 -54.22 -8.20 -34.38
N ALA A 256 -53.88 -6.93 -34.26
CA ALA A 256 -54.42 -6.12 -33.18
C ALA A 256 -55.94 -6.18 -33.23
N GLN A 257 -56.49 -5.99 -34.43
CA GLN A 257 -57.94 -6.02 -34.59
C GLN A 257 -58.51 -7.36 -34.12
N LYS A 258 -57.85 -8.45 -34.48
CA LYS A 258 -58.32 -9.78 -34.11
C LYS A 258 -58.24 -10.00 -32.62
N GLY A 259 -57.18 -9.50 -32.00
CA GLY A 259 -57.03 -9.62 -30.56
C GLY A 259 -58.06 -8.76 -29.85
N LYS A 260 -58.32 -7.58 -30.37
CA LYS A 260 -59.31 -6.70 -29.79
C LYS A 260 -60.65 -7.41 -29.85
N ASP A 261 -60.99 -7.92 -31.03
CA ASP A 261 -62.24 -8.65 -31.21
C ASP A 261 -62.35 -9.79 -30.22
N ALA A 262 -61.26 -10.52 -30.06
CA ALA A 262 -61.23 -11.67 -29.18
C ALA A 262 -61.55 -11.28 -27.76
N TRP A 263 -60.97 -10.18 -27.29
CA TRP A 263 -61.19 -9.69 -25.93
C TRP A 263 -62.59 -9.10 -25.76
N ASN A 264 -63.04 -8.32 -26.73
CA ASN A 264 -64.37 -7.75 -26.61
C ASN A 264 -65.41 -8.86 -26.57
N GLN A 265 -65.10 -9.95 -27.23
CA GLN A 265 -66.03 -11.06 -27.27
C GLN A 265 -66.24 -11.63 -25.86
N VAL A 266 -65.21 -11.61 -25.01
CA VAL A 266 -65.37 -12.14 -23.65
C VAL A 266 -65.71 -11.08 -22.62
N LEU A 267 -65.12 -9.91 -22.76
CA LEU A 267 -65.45 -8.79 -21.90
C LEU A 267 -66.91 -8.39 -22.09
N GLY A 268 -67.39 -8.49 -23.32
CA GLY A 268 -68.77 -8.08 -23.61
C GLY A 268 -69.88 -8.95 -23.05
N LYS A 269 -69.50 -10.09 -22.46
CA LYS A 269 -70.48 -10.96 -21.85
C LYS A 269 -71.07 -10.29 -20.61
N ILE A 270 -70.41 -9.23 -20.13
CA ILE A 270 -70.91 -8.43 -18.99
C ILE A 270 -70.85 -6.93 -19.28
N GLU A 271 -71.98 -6.35 -19.66
CA GLU A 271 -72.01 -4.93 -19.92
C GLU A 271 -72.45 -4.23 -18.66
N VAL A 272 -71.77 -3.14 -18.31
CA VAL A 272 -72.23 -2.31 -17.18
C VAL A 272 -72.46 -0.86 -17.64
N GLU A 273 -73.45 -0.19 -17.03
CA GLU A 273 -73.69 1.23 -17.31
C GLU A 273 -74.08 1.97 -16.06
N GLY A 274 -74.08 3.29 -16.17
CA GLY A 274 -74.49 4.12 -15.07
C GLY A 274 -73.48 4.09 -13.94
N GLY A 275 -72.22 4.29 -14.30
CA GLY A 275 -71.15 4.41 -13.33
C GLY A 275 -70.17 5.46 -13.83
N ASN A 276 -69.17 5.80 -13.03
CA ASN A 276 -68.17 6.74 -13.49
C ASN A 276 -67.01 6.03 -14.20
N LEU A 277 -66.20 6.79 -14.92
CA LEU A 277 -65.13 6.24 -15.71
C LEU A 277 -64.13 5.45 -14.87
N ASP A 278 -63.92 5.82 -13.63
CA ASP A 278 -63.01 5.03 -12.78
C ASP A 278 -63.56 3.64 -12.59
N GLN A 279 -64.88 3.54 -12.43
CA GLN A 279 -65.49 2.27 -12.13
C GLN A 279 -65.43 1.39 -13.35
N TYR A 280 -65.74 1.97 -14.52
CA TYR A 280 -65.64 1.22 -15.75
C TYR A 280 -64.25 0.62 -15.87
N ARG A 281 -63.23 1.47 -15.70
CA ARG A 281 -61.86 1.01 -15.80
C ARG A 281 -61.51 -0.04 -14.76
N THR A 282 -61.88 0.19 -13.50
CA THR A 282 -61.60 -0.80 -12.46
C THR A 282 -62.27 -2.13 -12.83
N PHE A 283 -63.53 -2.03 -13.27
CA PHE A 283 -64.33 -3.21 -13.53
C PHE A 283 -63.80 -4.05 -14.68
N TYR A 284 -63.50 -3.42 -15.81
CA TYR A 284 -63.06 -4.18 -16.96
C TYR A 284 -61.65 -4.63 -16.83
N SER A 285 -60.83 -3.86 -16.11
CA SER A 285 -59.46 -4.27 -15.89
C SER A 285 -59.51 -5.55 -15.09
N CYS A 286 -60.39 -5.56 -14.08
CA CYS A 286 -60.49 -6.72 -13.22
C CYS A 286 -60.96 -7.93 -14.00
N LEU A 287 -61.94 -7.71 -14.88
CA LEU A 287 -62.48 -8.77 -15.72
C LEU A 287 -61.41 -9.33 -16.63
N TYR A 288 -60.61 -8.45 -17.22
CA TYR A 288 -59.48 -8.91 -18.01
C TYR A 288 -58.54 -9.80 -17.18
N ARG A 289 -58.25 -9.37 -15.96
CA ARG A 289 -57.36 -10.18 -15.13
C ARG A 289 -57.96 -11.52 -14.76
N SER A 290 -59.27 -11.66 -14.94
CA SER A 290 -59.95 -12.88 -14.57
C SER A 290 -60.08 -13.84 -15.75
N LEU A 291 -59.48 -13.49 -16.88
CA LEU A 291 -59.59 -14.34 -18.03
C LEU A 291 -58.20 -14.71 -18.55
N LEU A 292 -57.23 -14.74 -17.65
CA LEU A 292 -55.86 -15.05 -18.04
C LEU A 292 -55.41 -16.43 -17.53
N PHE A 293 -55.72 -16.74 -16.27
CA PHE A 293 -55.22 -17.95 -15.66
C PHE A 293 -56.35 -18.91 -15.43
N PRO A 294 -55.96 -20.12 -15.01
CA PRO A 294 -54.95 -20.79 -15.80
C PRO A 294 -54.95 -20.70 -17.30
N ARG A 295 -53.73 -20.77 -17.83
CA ARG A 295 -53.51 -20.66 -19.24
C ARG A 295 -53.64 -21.98 -19.92
N LYS A 296 -53.94 -21.94 -21.20
CA LYS A 296 -53.93 -23.12 -22.00
C LYS A 296 -52.55 -23.67 -22.04
N PHE A 297 -52.42 -24.98 -21.91
CA PHE A 297 -51.12 -25.58 -22.03
C PHE A 297 -51.21 -26.66 -23.10
N TYR A 298 -52.14 -26.48 -24.05
CA TYR A 298 -52.28 -27.46 -25.13
C TYR A 298 -52.07 -26.78 -26.46
N GLU A 299 -51.80 -27.57 -27.50
CA GLU A 299 -51.46 -27.05 -28.81
C GLU A 299 -52.24 -27.87 -29.84
N LEU A 300 -52.53 -27.28 -31.00
CA LEU A 300 -53.34 -27.94 -32.00
C LEU A 300 -52.51 -28.78 -32.97
N ASP A 301 -52.91 -30.02 -33.20
CA ASP A 301 -52.12 -30.86 -34.09
C ASP A 301 -52.59 -30.73 -35.53
N ALA A 302 -52.07 -31.58 -36.39
CA ALA A 302 -52.36 -31.51 -37.81
C ALA A 302 -53.86 -31.59 -38.12
N ASN A 303 -54.59 -32.31 -37.26
CA ASN A 303 -56.02 -32.47 -37.49
C ASN A 303 -56.81 -31.49 -36.63
N GLY A 304 -56.11 -30.48 -36.11
CA GLY A 304 -56.77 -29.50 -35.25
C GLY A 304 -57.23 -30.07 -33.92
N GLN A 305 -56.72 -31.25 -33.57
CA GLN A 305 -57.02 -31.87 -32.27
C GLN A 305 -56.04 -31.39 -31.18
N PRO A 306 -56.54 -31.17 -29.96
CA PRO A 306 -55.68 -30.72 -28.89
C PRO A 306 -54.70 -31.81 -28.41
N ILE A 307 -53.45 -31.43 -28.21
CA ILE A 307 -52.45 -32.31 -27.61
C ILE A 307 -51.60 -31.45 -26.70
N HIS A 308 -50.82 -32.07 -25.82
CA HIS A 308 -50.05 -31.27 -24.88
C HIS A 308 -48.79 -31.95 -24.40
N TYR A 309 -47.81 -31.12 -24.04
CA TYR A 309 -46.65 -31.63 -23.34
C TYR A 309 -47.12 -31.76 -21.92
N SER A 310 -46.84 -32.90 -21.29
CA SER A 310 -47.21 -33.11 -19.90
C SER A 310 -46.15 -32.55 -18.98
N PRO A 311 -46.48 -31.48 -18.26
CA PRO A 311 -45.56 -30.94 -17.30
C PRO A 311 -45.50 -31.84 -16.07
N TYR A 312 -46.31 -32.89 -16.08
CA TYR A 312 -46.30 -33.85 -14.98
C TYR A 312 -45.44 -35.05 -15.23
N ASN A 313 -45.44 -35.57 -16.45
CA ASN A 313 -44.60 -36.73 -16.73
C ASN A 313 -43.80 -36.58 -18.00
N GLY A 314 -43.91 -35.40 -18.61
CA GLY A 314 -43.04 -35.04 -19.75
C GLY A 314 -43.24 -35.75 -21.07
N GLN A 315 -44.31 -36.55 -21.17
CA GLN A 315 -44.69 -37.13 -22.45
C GLN A 315 -45.59 -36.16 -23.21
N VAL A 316 -45.78 -36.39 -24.50
CA VAL A 316 -46.74 -35.61 -25.26
C VAL A 316 -48.00 -36.45 -25.41
N LEU A 317 -49.13 -35.94 -24.93
CA LEU A 317 -50.36 -36.73 -24.94
C LEU A 317 -51.53 -35.98 -25.51
N PRO A 318 -52.55 -36.71 -25.96
CA PRO A 318 -53.77 -36.09 -26.50
C PRO A 318 -54.57 -35.42 -25.40
N GLY A 319 -55.36 -34.41 -25.74
CA GLY A 319 -56.31 -33.85 -24.80
C GLY A 319 -55.89 -32.54 -24.17
N TYR A 320 -56.86 -31.86 -23.56
CA TYR A 320 -56.62 -30.57 -22.94
C TYR A 320 -55.65 -30.63 -21.76
N MET A 321 -55.01 -29.50 -21.50
CA MET A 321 -54.19 -29.30 -20.32
C MET A 321 -54.06 -27.80 -20.10
N PHE A 322 -54.26 -27.38 -18.85
CA PHE A 322 -54.08 -25.98 -18.47
C PHE A 322 -53.19 -25.96 -17.25
N THR A 323 -52.66 -24.79 -16.93
CA THR A 323 -51.78 -24.68 -15.80
C THR A 323 -51.69 -23.25 -15.31
N ASP A 324 -50.86 -23.05 -14.30
CA ASP A 324 -50.55 -21.73 -13.75
C ASP A 324 -51.65 -21.09 -12.93
N THR A 325 -52.19 -21.83 -11.97
CA THR A 325 -53.18 -21.29 -11.06
C THR A 325 -53.01 -21.99 -9.71
N GLY A 326 -53.33 -21.28 -8.65
CA GLY A 326 -53.26 -21.90 -7.33
C GLY A 326 -54.68 -21.99 -6.81
N PHE A 327 -55.16 -23.20 -6.53
CA PHE A 327 -56.55 -23.35 -6.15
C PHE A 327 -56.86 -22.71 -4.83
N TRP A 328 -55.87 -22.68 -3.94
CA TRP A 328 -56.04 -22.03 -2.65
C TRP A 328 -56.54 -20.61 -2.84
N ASP A 329 -56.12 -19.97 -3.94
CA ASP A 329 -56.60 -18.64 -4.29
C ASP A 329 -57.93 -18.69 -4.99
N THR A 330 -57.97 -19.48 -6.06
CA THR A 330 -59.00 -19.33 -7.10
C THR A 330 -60.27 -20.19 -6.96
N PHE A 331 -60.36 -21.04 -5.95
CA PHE A 331 -61.56 -21.82 -5.78
C PHE A 331 -62.62 -20.86 -5.31
N ARG A 332 -62.20 -19.78 -4.64
CA ARG A 332 -63.16 -18.93 -3.92
C ARG A 332 -64.13 -18.25 -4.83
N CYS A 333 -63.64 -17.60 -5.88
CA CYS A 333 -64.59 -17.02 -6.80
C CYS A 333 -64.11 -16.96 -8.23
N LEU A 334 -62.83 -17.18 -8.47
CA LEU A 334 -62.35 -17.10 -9.83
C LEU A 334 -62.96 -18.19 -10.69
N PHE A 335 -62.91 -19.43 -10.24
CA PHE A 335 -63.46 -20.52 -11.03
C PHE A 335 -64.97 -20.46 -11.06
N PRO A 336 -65.59 -20.09 -9.93
CA PRO A 336 -67.04 -19.88 -9.93
C PRO A 336 -67.46 -18.91 -11.01
N LEU A 337 -66.66 -17.87 -11.24
CA LEU A 337 -66.95 -16.92 -12.26
C LEU A 337 -66.95 -17.58 -13.64
N LEU A 338 -65.98 -18.46 -13.88
CA LEU A 338 -65.96 -19.21 -15.14
C LEU A 338 -67.21 -20.07 -15.31
N ASN A 339 -67.68 -20.71 -14.25
CA ASN A 339 -68.85 -21.56 -14.36
C ASN A 339 -70.09 -20.73 -14.66
N LEU A 340 -70.12 -19.50 -14.20
CA LEU A 340 -71.24 -18.63 -14.46
C LEU A 340 -71.25 -18.10 -15.89
N MET A 341 -70.12 -17.58 -16.36
CA MET A 341 -70.14 -16.83 -17.63
C MET A 341 -69.35 -17.49 -18.73
N TYR A 342 -68.48 -18.44 -18.39
CA TYR A 342 -67.60 -19.03 -19.42
C TYR A 342 -67.45 -20.52 -19.20
N PRO A 343 -68.56 -21.23 -19.08
CA PRO A 343 -68.54 -22.64 -18.79
C PRO A 343 -67.89 -23.46 -19.87
N SER A 344 -68.03 -23.04 -21.12
CA SER A 344 -67.36 -23.75 -22.21
C SER A 344 -65.87 -23.80 -21.96
N VAL A 345 -65.31 -22.71 -21.47
CA VAL A 345 -63.88 -22.65 -21.18
C VAL A 345 -63.50 -23.53 -20.01
N ASN A 346 -64.32 -23.50 -18.96
CA ASN A 346 -63.99 -24.31 -17.80
C ASN A 346 -64.10 -25.81 -18.08
N LYS A 347 -64.95 -26.16 -19.04
CA LYS A 347 -65.07 -27.53 -19.47
C LYS A 347 -63.72 -28.02 -19.96
N GLU A 348 -63.06 -27.22 -20.78
CA GLU A 348 -61.72 -27.55 -21.23
C GLU A 348 -60.80 -27.69 -20.03
N MET A 349 -60.93 -26.78 -19.08
CA MET A 349 -60.02 -26.77 -17.93
C MET A 349 -60.21 -27.98 -17.05
N GLN A 350 -61.47 -28.38 -16.91
CA GLN A 350 -61.81 -29.52 -16.09
C GLN A 350 -61.26 -30.79 -16.72
N GLU A 351 -61.44 -30.95 -18.02
CA GLU A 351 -60.84 -32.07 -18.73
C GLU A 351 -59.34 -32.07 -18.52
N GLY A 352 -58.74 -30.88 -18.49
CA GLY A 352 -57.30 -30.79 -18.25
C GLY A 352 -56.94 -31.38 -16.91
N LEU A 353 -57.76 -31.08 -15.91
CA LEU A 353 -57.54 -31.61 -14.56
C LEU A 353 -57.59 -33.14 -14.51
N ILE A 354 -58.51 -33.72 -15.25
CA ILE A 354 -58.58 -35.14 -15.31
C ILE A 354 -57.26 -35.64 -15.83
N ASN A 355 -56.71 -34.99 -16.86
CA ASN A 355 -55.45 -35.43 -17.43
C ASN A 355 -54.30 -35.26 -16.45
N THR A 356 -54.34 -34.19 -15.66
CA THR A 356 -53.32 -33.98 -14.65
C THR A 356 -53.27 -35.16 -13.71
N TYR A 357 -54.47 -35.59 -13.30
CA TYR A 357 -54.58 -36.74 -12.41
C TYR A 357 -54.03 -38.02 -13.09
N LEU A 358 -54.36 -38.20 -14.36
CA LEU A 358 -53.91 -39.39 -15.06
C LEU A 358 -52.41 -39.40 -15.22
N GLU A 359 -51.84 -38.22 -15.43
CA GLU A 359 -50.41 -38.15 -15.72
C GLU A 359 -49.57 -38.02 -14.47
N SER A 360 -50.19 -37.60 -13.36
CA SER A 360 -49.43 -37.23 -12.18
C SER A 360 -49.75 -38.09 -10.99
N GLY A 361 -50.95 -38.63 -10.94
CA GLY A 361 -51.38 -39.40 -9.80
C GLY A 361 -52.19 -38.61 -8.80
N PHE A 362 -52.11 -37.27 -8.89
CA PHE A 362 -52.87 -36.35 -8.02
C PHE A 362 -53.57 -35.30 -8.85
N PHE A 363 -54.63 -34.72 -8.29
CA PHE A 363 -55.15 -33.47 -8.81
C PHE A 363 -54.25 -32.39 -8.32
N PRO A 364 -54.09 -31.30 -9.09
CA PRO A 364 -53.14 -30.28 -8.67
C PRO A 364 -53.72 -29.35 -7.59
N GLU A 365 -52.87 -28.72 -6.80
CA GLU A 365 -53.29 -27.61 -5.95
C GLU A 365 -52.61 -26.31 -6.42
N TRP A 366 -51.29 -26.26 -6.40
CA TRP A 366 -50.60 -25.19 -7.11
C TRP A 366 -49.87 -25.80 -8.31
N ALA A 367 -50.16 -25.32 -9.53
CA ALA A 367 -49.42 -25.86 -10.69
C ALA A 367 -48.75 -24.77 -11.50
N SER A 368 -47.45 -24.90 -11.70
CA SER A 368 -46.71 -23.93 -12.53
C SER A 368 -45.51 -24.69 -13.04
N PRO A 369 -45.54 -24.91 -14.35
CA PRO A 369 -46.43 -25.88 -14.99
C PRO A 369 -46.89 -27.14 -14.27
N GLY A 370 -45.98 -27.87 -13.64
CA GLY A 370 -46.31 -29.09 -12.89
C GLY A 370 -46.59 -28.74 -11.46
N HIS A 371 -46.65 -29.75 -10.60
CA HIS A 371 -46.95 -29.52 -9.19
C HIS A 371 -45.87 -28.69 -8.52
N ARG A 372 -46.28 -27.68 -7.80
CA ARG A 372 -45.36 -26.81 -7.06
C ARG A 372 -45.80 -26.73 -5.60
N GLY A 373 -44.87 -26.47 -4.71
CA GLY A 373 -45.21 -26.50 -3.31
C GLY A 373 -45.50 -25.09 -2.85
N CYS A 374 -46.78 -24.76 -2.72
CA CYS A 374 -47.20 -23.45 -2.29
C CYS A 374 -48.59 -23.55 -1.69
N MET A 375 -48.77 -22.92 -0.53
CA MET A 375 -50.06 -22.83 0.16
C MET A 375 -50.53 -24.16 0.73
N VAL A 376 -51.85 -24.27 0.93
CA VAL A 376 -52.40 -25.38 1.67
C VAL A 376 -53.77 -25.75 1.16
N GLY A 377 -54.35 -26.81 1.72
CA GLY A 377 -55.72 -27.14 1.40
C GLY A 377 -55.87 -28.16 0.30
N ASN A 378 -57.07 -28.66 0.16
CA ASN A 378 -57.34 -29.64 -0.83
C ASN A 378 -58.44 -29.11 -1.70
N ASN A 379 -58.33 -27.84 -2.09
CA ASN A 379 -59.44 -27.15 -2.70
C ASN A 379 -59.72 -27.50 -4.14
N SER A 380 -58.86 -28.31 -4.75
CA SER A 380 -59.19 -28.88 -6.04
C SER A 380 -60.56 -29.57 -5.94
N ALA A 381 -60.88 -30.07 -4.75
CA ALA A 381 -62.17 -30.69 -4.55
C ALA A 381 -63.31 -29.69 -4.80
N SER A 382 -63.13 -28.44 -4.37
CA SER A 382 -64.16 -27.42 -4.56
C SER A 382 -64.31 -27.08 -6.04
N ILE A 383 -63.15 -26.89 -6.70
CA ILE A 383 -63.08 -26.61 -8.12
C ILE A 383 -63.82 -27.66 -8.90
N LEU A 384 -63.49 -28.92 -8.64
CA LEU A 384 -64.02 -30.03 -9.38
C LEU A 384 -65.51 -30.21 -9.15
N VAL A 385 -65.91 -30.16 -7.88
CA VAL A 385 -67.30 -30.40 -7.53
C VAL A 385 -68.18 -29.23 -7.92
N ASP A 386 -67.69 -28.00 -7.73
CA ASP A 386 -68.48 -26.84 -8.12
C ASP A 386 -68.80 -26.88 -9.61
N ALA A 387 -67.80 -27.24 -10.43
CA ALA A 387 -68.01 -27.39 -11.85
C ALA A 387 -69.07 -28.43 -12.17
N TYR A 388 -68.91 -29.63 -11.61
CA TYR A 388 -69.86 -30.71 -11.89
C TYR A 388 -71.28 -30.28 -11.53
N MET A 389 -71.41 -29.78 -10.31
CA MET A 389 -72.70 -29.41 -9.80
C MET A 389 -73.27 -28.22 -10.57
N LYS A 390 -72.48 -27.56 -11.39
CA LYS A 390 -73.05 -26.42 -12.11
C LYS A 390 -73.17 -26.68 -13.61
N GLY A 391 -73.14 -27.95 -13.98
CA GLY A 391 -73.43 -28.35 -15.35
C GLY A 391 -72.21 -28.56 -16.23
N VAL A 392 -71.03 -28.29 -15.67
CA VAL A 392 -69.80 -28.50 -16.40
C VAL A 392 -69.26 -29.88 -16.05
N LYS A 393 -69.63 -30.89 -16.83
CA LYS A 393 -69.27 -32.26 -16.49
C LYS A 393 -68.21 -32.91 -17.38
N VAL A 394 -67.14 -33.40 -16.77
CA VAL A 394 -66.11 -34.07 -17.53
C VAL A 394 -66.65 -35.39 -18.02
N ASP A 395 -66.02 -35.98 -19.03
CA ASP A 395 -66.51 -37.26 -19.54
C ASP A 395 -66.22 -38.42 -18.59
N ASP A 396 -65.05 -38.44 -17.98
CA ASP A 396 -64.70 -39.53 -17.10
C ASP A 396 -65.05 -39.29 -15.63
N ILE A 397 -66.30 -39.50 -15.26
CA ILE A 397 -66.67 -39.25 -13.91
C ILE A 397 -66.11 -40.28 -12.97
N LYS A 398 -65.87 -41.49 -13.45
CA LYS A 398 -65.31 -42.50 -12.57
C LYS A 398 -64.00 -42.00 -12.04
N THR A 399 -63.20 -41.47 -12.96
CA THR A 399 -61.85 -41.04 -12.66
C THR A 399 -61.86 -39.85 -11.76
N LEU A 400 -62.84 -38.97 -11.95
CA LEU A 400 -63.02 -37.79 -11.12
C LEU A 400 -63.21 -38.17 -9.67
N TYR A 401 -64.12 -39.10 -9.43
CA TYR A 401 -64.42 -39.47 -8.07
C TYR A 401 -63.21 -40.16 -7.44
N GLU A 402 -62.57 -41.03 -8.19
CA GLU A 402 -61.42 -41.74 -7.66
C GLU A 402 -60.34 -40.76 -7.29
N GLY A 403 -60.11 -39.80 -8.18
CA GLY A 403 -59.13 -38.77 -7.91
C GLY A 403 -59.43 -38.06 -6.61
N LEU A 404 -60.68 -37.66 -6.44
CA LEU A 404 -61.08 -36.98 -5.23
C LEU A 404 -60.74 -37.81 -4.00
N ILE A 405 -61.15 -39.08 -4.02
CA ILE A 405 -60.93 -39.95 -2.89
C ILE A 405 -59.46 -40.16 -2.65
N HIS A 406 -58.69 -40.30 -3.72
CA HIS A 406 -57.26 -40.49 -3.61
C HIS A 406 -56.59 -39.37 -2.82
N GLY A 407 -57.03 -38.14 -3.06
CA GLY A 407 -56.42 -37.01 -2.43
C GLY A 407 -56.74 -36.85 -0.96
N THR A 408 -57.71 -37.60 -0.45
CA THR A 408 -58.06 -37.46 0.94
C THR A 408 -57.15 -38.35 1.77
N GLU A 409 -56.42 -39.25 1.13
CA GLU A 409 -55.61 -40.16 1.90
C GLU A 409 -54.20 -40.29 1.38
N ASN A 410 -53.75 -39.30 0.63
CA ASN A 410 -52.38 -39.30 0.18
C ASN A 410 -51.83 -37.89 0.13
N VAL A 411 -50.51 -37.76 0.25
CA VAL A 411 -49.87 -36.49 0.00
C VAL A 411 -48.72 -36.78 -0.93
N HIS A 412 -48.48 -35.87 -1.86
CA HIS A 412 -47.39 -36.04 -2.81
C HIS A 412 -46.03 -36.17 -2.12
N PRO A 413 -45.22 -37.15 -2.55
CA PRO A 413 -43.93 -37.44 -1.94
C PRO A 413 -42.97 -36.24 -1.94
N GLU A 414 -43.03 -35.39 -2.96
CA GLU A 414 -42.12 -34.25 -2.99
C GLU A 414 -42.83 -32.93 -2.82
N VAL A 415 -44.07 -32.82 -3.29
CA VAL A 415 -44.79 -31.56 -3.18
C VAL A 415 -45.87 -31.65 -2.11
N SER A 416 -45.55 -31.17 -0.91
CA SER A 416 -46.45 -31.35 0.26
C SER A 416 -47.76 -30.56 0.18
N SER A 417 -47.87 -29.66 -0.78
CA SER A 417 -49.13 -28.93 -0.91
C SER A 417 -50.05 -29.66 -1.88
N THR A 418 -49.63 -30.83 -2.32
CA THR A 418 -50.39 -31.60 -3.30
C THR A 418 -50.90 -32.85 -2.60
N GLY A 419 -52.20 -33.07 -2.63
CA GLY A 419 -52.79 -34.06 -1.75
C GLY A 419 -53.01 -33.41 -0.38
N ARG A 420 -53.33 -34.22 0.62
CA ARG A 420 -53.57 -33.67 1.96
C ARG A 420 -52.44 -33.98 2.93
N LEU A 421 -51.54 -33.04 3.11
CA LEU A 421 -50.55 -33.19 4.16
C LEU A 421 -51.29 -33.30 5.51
N GLY A 422 -50.88 -34.26 6.33
CA GLY A 422 -51.51 -34.43 7.63
C GLY A 422 -52.82 -35.20 7.63
N TYR A 423 -53.16 -35.84 6.51
CA TYR A 423 -54.41 -36.58 6.42
C TYR A 423 -54.53 -37.67 7.48
N GLU A 424 -53.41 -38.27 7.88
CA GLU A 424 -53.49 -39.28 8.90
C GLU A 424 -54.11 -38.74 10.17
N TYR A 425 -53.56 -37.66 10.69
CA TYR A 425 -54.09 -37.05 11.90
C TYR A 425 -55.52 -36.64 11.65
N TYR A 426 -55.74 -35.90 10.57
CA TYR A 426 -57.03 -35.34 10.29
C TYR A 426 -58.09 -36.43 10.31
N ASN A 427 -57.86 -37.49 9.53
CA ASN A 427 -58.83 -38.58 9.45
C ASN A 427 -59.07 -39.26 10.80
N LYS A 428 -58.00 -39.39 11.58
CA LYS A 428 -58.06 -40.00 12.90
C LYS A 428 -58.61 -39.12 14.02
N LEU A 429 -58.17 -37.88 14.12
CA LEU A 429 -58.53 -37.03 15.24
C LEU A 429 -59.64 -36.06 14.91
N GLY A 430 -59.84 -35.76 13.64
CA GLY A 430 -60.81 -34.76 13.25
C GLY A 430 -60.20 -33.40 12.98
N TYR A 431 -58.89 -33.28 13.15
CA TYR A 431 -58.20 -32.01 12.92
C TYR A 431 -56.72 -32.28 12.74
N VAL A 432 -55.98 -31.29 12.22
CA VAL A 432 -54.55 -31.44 12.17
C VAL A 432 -53.91 -30.74 13.36
N PRO A 433 -53.30 -31.49 14.26
CA PRO A 433 -52.69 -30.99 15.52
C PRO A 433 -51.70 -29.82 15.37
N TYR A 434 -51.69 -28.97 16.37
CA TYR A 434 -50.83 -27.79 16.37
C TYR A 434 -49.39 -28.14 16.75
N ASP A 435 -49.19 -29.33 17.30
CA ASP A 435 -47.90 -29.69 17.85
C ASP A 435 -47.25 -30.93 17.22
N VAL A 436 -47.54 -31.19 15.96
CA VAL A 436 -46.98 -32.38 15.29
C VAL A 436 -46.08 -32.03 14.10
N LYS A 437 -45.46 -30.84 14.14
CA LYS A 437 -44.55 -30.49 13.08
C LYS A 437 -45.24 -30.27 11.73
N ILE A 438 -46.53 -29.94 11.73
CA ILE A 438 -47.20 -29.58 10.50
C ILE A 438 -47.76 -28.16 10.58
N ASN A 439 -47.21 -27.27 9.77
CA ASN A 439 -47.54 -25.88 9.92
C ASN A 439 -48.84 -25.52 9.27
N GLU A 440 -49.49 -24.50 9.80
CA GLU A 440 -50.73 -24.04 9.20
C GLU A 440 -51.77 -25.14 9.30
N ASN A 441 -51.67 -25.89 10.39
CA ASN A 441 -52.58 -26.97 10.69
C ASN A 441 -54.05 -26.49 10.77
N ALA A 442 -54.26 -25.36 11.43
CA ALA A 442 -55.61 -24.86 11.66
C ALA A 442 -56.26 -24.47 10.33
N ALA A 443 -55.50 -23.79 9.46
CA ALA A 443 -55.96 -23.44 8.13
C ALA A 443 -56.23 -24.69 7.32
N ARG A 444 -55.34 -25.69 7.42
CA ARG A 444 -55.55 -26.94 6.67
C ARG A 444 -56.85 -27.61 7.11
N THR A 445 -57.01 -27.76 8.43
CA THR A 445 -58.18 -28.40 8.97
C THR A 445 -59.45 -27.73 8.46
N LEU A 446 -59.53 -26.41 8.58
CA LEU A 446 -60.75 -25.69 8.23
C LEU A 446 -61.06 -25.92 6.77
N GLU A 447 -60.07 -25.76 5.92
CA GLU A 447 -60.30 -25.94 4.50
C GLU A 447 -60.62 -27.40 4.09
N TYR A 448 -59.92 -28.36 4.71
CA TYR A 448 -60.22 -29.78 4.47
C TYR A 448 -61.70 -30.05 4.73
N ALA A 449 -62.19 -29.44 5.81
CA ALA A 449 -63.56 -29.63 6.22
C ALA A 449 -64.46 -29.19 5.08
N TYR A 450 -64.21 -28.00 4.56
CA TYR A 450 -65.04 -27.49 3.46
C TYR A 450 -64.85 -28.41 2.24
N ASP A 451 -63.61 -28.80 2.00
CA ASP A 451 -63.34 -29.76 0.93
C ASP A 451 -64.20 -31.01 1.06
N ASP A 452 -64.19 -31.61 2.25
CA ASP A 452 -64.97 -32.83 2.48
C ASP A 452 -66.48 -32.63 2.24
N TRP A 453 -66.99 -31.45 2.56
CA TRP A 453 -68.36 -31.13 2.26
C TRP A 453 -68.60 -31.25 0.76
N CYS A 454 -67.66 -30.73 -0.02
CA CYS A 454 -67.77 -30.80 -1.48
C CYS A 454 -67.83 -32.24 -1.94
N ILE A 455 -66.96 -33.08 -1.37
CA ILE A 455 -66.93 -34.49 -1.72
C ILE A 455 -68.23 -35.15 -1.31
N TYR A 456 -68.70 -34.84 -0.11
CA TYR A 456 -70.00 -35.32 0.35
C TYR A 456 -71.07 -34.95 -0.67
N ARG A 457 -71.03 -33.71 -1.11
CA ARG A 457 -72.03 -33.24 -2.02
C ARG A 457 -72.07 -34.07 -3.30
N LEU A 458 -70.89 -34.35 -3.85
CA LEU A 458 -70.81 -35.06 -5.12
C LEU A 458 -71.15 -36.51 -4.90
N ALA A 459 -70.64 -37.06 -3.82
CA ALA A 459 -70.88 -38.44 -3.53
C ALA A 459 -72.38 -38.69 -3.44
N LYS A 460 -73.08 -37.75 -2.80
CA LYS A 460 -74.54 -37.88 -2.66
C LYS A 460 -75.18 -37.89 -4.04
N GLU A 461 -74.81 -36.91 -4.85
CA GLU A 461 -75.23 -36.84 -6.23
C GLU A 461 -75.00 -38.15 -6.99
N LEU A 462 -73.84 -38.79 -6.81
CA LEU A 462 -73.50 -40.04 -7.51
C LEU A 462 -74.21 -41.23 -6.89
N LYS A 463 -74.96 -41.00 -5.82
CA LYS A 463 -75.64 -42.09 -5.16
C LYS A 463 -74.62 -43.15 -4.76
N ARG A 464 -73.48 -42.72 -4.24
CA ARG A 464 -72.51 -43.64 -3.68
C ARG A 464 -73.11 -44.26 -2.42
N PRO A 465 -72.45 -45.29 -1.88
CA PRO A 465 -72.90 -45.99 -0.66
C PRO A 465 -73.05 -45.08 0.57
N LYS A 466 -74.11 -45.33 1.35
CA LYS A 466 -74.41 -44.50 2.52
C LYS A 466 -73.18 -44.37 3.44
N LYS A 467 -72.40 -45.45 3.54
CA LYS A 467 -71.25 -45.42 4.44
C LYS A 467 -70.27 -44.36 3.99
N GLU A 468 -70.02 -44.31 2.69
CA GLU A 468 -69.18 -43.26 2.08
C GLU A 468 -69.75 -41.87 2.34
N ILE A 469 -71.00 -41.69 1.92
CA ILE A 469 -71.67 -40.42 2.01
C ILE A 469 -71.62 -39.93 3.45
N SER A 470 -71.89 -40.83 4.38
CA SER A 470 -71.92 -40.47 5.79
C SER A 470 -70.56 -40.04 6.28
N LEU A 471 -69.52 -40.64 5.70
CA LEU A 471 -68.15 -40.38 6.15
C LEU A 471 -67.72 -38.96 5.85
N PHE A 472 -68.10 -38.46 4.69
CA PHE A 472 -67.76 -37.10 4.33
C PHE A 472 -68.71 -36.11 4.99
N ALA A 473 -69.97 -36.51 5.14
CA ALA A 473 -70.91 -35.68 5.88
C ALA A 473 -70.38 -35.47 7.29
N LYS A 474 -69.77 -36.51 7.83
CA LYS A 474 -69.19 -36.39 9.14
C LYS A 474 -67.96 -35.51 9.15
N ARG A 475 -67.12 -35.62 8.12
CA ARG A 475 -65.89 -34.87 8.10
C ARG A 475 -66.14 -33.39 7.80
N ALA A 476 -67.24 -33.12 7.14
CA ALA A 476 -67.59 -31.74 6.84
C ALA A 476 -67.76 -30.93 8.13
N MET A 477 -68.00 -31.63 9.23
CA MET A 477 -68.22 -30.94 10.49
CA MET A 477 -68.23 -31.03 10.55
C MET A 477 -66.95 -30.70 11.28
N ASN A 478 -65.81 -31.08 10.71
CA ASN A 478 -64.54 -30.98 11.44
C ASN A 478 -64.12 -29.61 11.94
N TYR A 479 -64.58 -28.57 11.24
CA TYR A 479 -64.31 -27.22 11.68
C TYR A 479 -64.69 -27.01 13.16
N LYS A 480 -65.61 -27.82 13.67
CA LYS A 480 -66.02 -27.68 15.06
C LYS A 480 -64.90 -28.08 15.98
N ASN A 481 -64.01 -28.92 15.47
CA ASN A 481 -62.96 -29.45 16.33
C ASN A 481 -61.93 -28.41 16.77
N LEU A 482 -61.91 -27.28 16.07
CA LEU A 482 -60.95 -26.23 16.38
C LEU A 482 -61.59 -24.99 16.95
N PHE A 483 -62.89 -25.04 17.24
CA PHE A 483 -63.55 -23.87 17.78
C PHE A 483 -63.35 -23.77 19.29
N ASP A 484 -62.84 -22.63 19.73
CA ASP A 484 -62.65 -22.37 21.14
C ASP A 484 -63.83 -21.58 21.66
N LYS A 485 -64.57 -22.17 22.59
CA LYS A 485 -65.77 -21.54 23.16
C LYS A 485 -65.49 -20.26 23.94
N GLU A 486 -64.38 -20.23 24.64
CA GLU A 486 -64.00 -19.08 25.44
C GLU A 486 -63.68 -17.88 24.54
N SER A 487 -62.87 -18.10 23.50
CA SER A 487 -62.47 -16.99 22.66
C SER A 487 -63.50 -16.72 21.59
N LYS A 488 -64.29 -17.73 21.26
CA LYS A 488 -65.23 -17.66 20.13
C LYS A 488 -64.49 -17.65 18.79
N LEU A 489 -63.27 -18.18 18.81
CA LEU A 489 -62.41 -18.12 17.64
C LEU A 489 -61.87 -19.51 17.32
N MET A 490 -61.53 -19.74 16.05
CA MET A 490 -60.80 -20.94 15.67
C MET A 490 -59.41 -20.90 16.28
N ARG A 491 -58.89 -22.02 16.75
CA ARG A 491 -57.66 -22.01 17.48
C ARG A 491 -56.89 -23.31 17.35
N GLY A 492 -55.57 -23.20 17.31
CA GLY A 492 -54.73 -24.38 17.18
C GLY A 492 -54.93 -25.37 18.30
N ARG A 493 -54.92 -26.64 17.97
CA ARG A 493 -55.18 -27.68 18.96
C ARG A 493 -54.12 -28.77 18.97
N ASN A 494 -53.71 -29.17 20.18
CA ASN A 494 -52.66 -30.17 20.32
C ASN A 494 -53.16 -31.57 20.02
N GLU A 495 -52.22 -32.46 19.76
CA GLU A 495 -52.57 -33.85 19.49
C GLU A 495 -53.31 -34.45 20.67
N ASP A 496 -52.90 -34.06 21.87
CA ASP A 496 -53.48 -34.66 23.06
C ASP A 496 -54.90 -34.13 23.22
N GLY A 497 -55.28 -33.17 22.40
CA GLY A 497 -56.66 -32.65 22.47
C GLY A 497 -56.86 -31.33 23.18
N THR A 498 -55.84 -30.85 23.86
CA THR A 498 -55.89 -29.54 24.48
C THR A 498 -55.66 -28.44 23.45
N PHE A 499 -56.41 -27.36 23.57
CA PHE A 499 -56.17 -26.22 22.72
C PHE A 499 -54.81 -25.71 23.11
N GLN A 500 -54.15 -25.06 22.17
CA GLN A 500 -52.80 -24.57 22.38
C GLN A 500 -52.72 -23.32 23.27
N SER A 501 -51.70 -23.28 24.12
CA SER A 501 -51.46 -22.13 24.99
C SER A 501 -50.11 -21.55 24.70
N PRO A 502 -49.83 -20.42 25.35
CA PRO A 502 -50.56 -19.18 24.95
C PRO A 502 -51.20 -18.98 23.58
N PHE A 503 -52.39 -18.42 23.61
CA PHE A 503 -53.16 -18.21 22.41
C PHE A 503 -53.12 -16.76 22.00
N SER A 504 -52.57 -16.45 20.83
CA SER A 504 -52.61 -15.08 20.36
C SER A 504 -53.51 -15.00 19.14
N PRO A 505 -54.72 -14.51 19.33
CA PRO A 505 -55.69 -14.39 18.26
C PRO A 505 -55.16 -13.53 17.13
N LEU A 506 -54.27 -12.58 17.46
CA LEU A 506 -53.75 -11.66 16.46
C LEU A 506 -52.44 -12.12 15.82
N LYS A 507 -51.98 -13.33 16.16
CA LYS A 507 -50.74 -13.83 15.57
C LYS A 507 -50.99 -14.38 14.19
N TRP A 508 -50.12 -14.03 13.24
CA TRP A 508 -50.28 -14.46 11.85
C TRP A 508 -49.42 -15.69 11.62
N GLY A 509 -49.91 -16.60 10.78
CA GLY A 509 -49.16 -17.81 10.43
C GLY A 509 -49.28 -18.84 11.53
N ASP A 510 -48.28 -19.70 11.63
CA ASP A 510 -48.29 -20.72 12.66
C ASP A 510 -49.44 -21.72 12.43
N ALA A 511 -50.53 -21.53 13.14
CA ALA A 511 -51.70 -22.34 12.94
C ALA A 511 -52.37 -22.00 11.63
N PHE A 512 -52.10 -20.79 11.14
CA PHE A 512 -52.83 -20.31 9.97
C PHE A 512 -51.89 -19.96 8.84
N THR A 513 -52.43 -19.56 7.70
CA THR A 513 -51.57 -19.12 6.63
C THR A 513 -51.86 -17.66 6.32
N GLU A 514 -50.88 -16.78 6.56
CA GLU A 514 -51.00 -15.38 6.16
C GLU A 514 -52.32 -14.77 6.60
N GLY A 515 -52.57 -14.88 7.88
CA GLY A 515 -53.74 -14.31 8.47
C GLY A 515 -53.65 -14.81 9.89
N ASN A 516 -54.55 -14.35 10.73
CA ASN A 516 -54.57 -14.81 12.09
C ASN A 516 -55.96 -15.42 12.36
N SER A 517 -56.19 -15.84 13.59
CA SER A 517 -57.49 -16.38 13.95
C SER A 517 -58.67 -15.49 13.53
N TRP A 518 -58.51 -14.18 13.63
CA TRP A 518 -59.59 -13.28 13.28
C TRP A 518 -59.95 -13.30 11.81
N HIS A 519 -59.02 -13.79 10.98
CA HIS A 519 -59.27 -13.90 9.55
C HIS A 519 -59.76 -15.30 9.18
N TYR A 520 -59.14 -16.32 9.77
CA TYR A 520 -59.47 -17.69 9.38
C TYR A 520 -60.75 -18.25 10.01
N THR A 521 -61.15 -17.69 11.17
CA THR A 521 -62.29 -18.21 11.87
C THR A 521 -63.52 -18.25 10.99
N TRP A 522 -63.58 -17.41 9.95
CA TRP A 522 -64.75 -17.35 9.09
C TRP A 522 -64.76 -18.40 7.99
N SER A 523 -63.77 -19.26 7.94
CA SER A 523 -63.68 -20.21 6.85
C SER A 523 -64.59 -21.42 7.06
N VAL A 524 -65.89 -21.20 7.01
CA VAL A 524 -66.84 -22.29 7.11
C VAL A 524 -67.90 -22.07 6.05
N PHE A 525 -67.45 -22.06 4.80
CA PHE A 525 -68.27 -21.67 3.69
C PHE A 525 -69.55 -22.47 3.58
N HIS A 526 -69.48 -23.73 3.94
CA HIS A 526 -70.63 -24.58 3.76
C HIS A 526 -71.53 -24.59 4.98
N ASP A 527 -71.12 -23.97 6.08
CA ASP A 527 -71.97 -24.06 7.25
C ASP A 527 -71.88 -22.81 8.11
N PRO A 528 -72.25 -21.64 7.55
CA PRO A 528 -72.19 -20.42 8.33
C PRO A 528 -73.08 -20.49 9.56
N GLN A 529 -74.23 -21.13 9.43
CA GLN A 529 -75.14 -21.25 10.57
C GLN A 529 -74.48 -22.08 11.69
N GLY A 530 -73.76 -23.11 11.29
CA GLY A 530 -73.06 -23.92 12.27
C GLY A 530 -72.14 -23.04 13.07
N LEU A 531 -71.47 -22.13 12.37
CA LEU A 531 -70.53 -21.23 13.02
C LEU A 531 -71.29 -20.27 13.92
N ILE A 532 -72.39 -19.75 13.38
CA ILE A 532 -73.21 -18.84 14.15
C ILE A 532 -73.61 -19.50 15.47
N ASP A 533 -74.01 -20.77 15.38
CA ASP A 533 -74.39 -21.52 16.57
C ASP A 533 -73.23 -21.63 17.56
N LEU A 534 -72.04 -22.00 17.12
CA LEU A 534 -70.95 -22.15 18.10
C LEU A 534 -70.67 -20.84 18.81
N MET A 535 -70.95 -19.73 18.15
CA MET A 535 -70.67 -18.43 18.76
C MET A 535 -71.77 -17.95 19.71
N GLY A 536 -72.88 -18.68 19.70
CA GLY A 536 -73.98 -18.42 20.61
C GLY A 536 -75.07 -17.57 19.99
N GLY A 537 -75.50 -17.92 18.79
CA GLY A 537 -76.58 -17.22 18.13
C GLY A 537 -76.13 -16.02 17.30
N LYS A 538 -77.02 -15.53 16.44
CA LYS A 538 -76.64 -14.52 15.47
C LYS A 538 -76.23 -13.22 16.10
N GLU A 539 -76.89 -12.78 17.17
CA GLU A 539 -76.53 -11.51 17.79
CA GLU A 539 -76.53 -11.50 17.76
C GLU A 539 -75.05 -11.53 18.15
N MET A 540 -74.62 -12.57 18.85
CA MET A 540 -73.21 -12.66 19.24
C MET A 540 -72.31 -12.75 18.04
N PHE A 541 -72.79 -13.44 17.02
CA PHE A 541 -72.08 -13.60 15.77
C PHE A 541 -71.83 -12.25 15.11
N VAL A 542 -72.86 -11.45 14.97
CA VAL A 542 -72.70 -10.12 14.40
C VAL A 542 -71.79 -9.25 15.25
N THR A 543 -71.92 -9.33 16.56
CA THR A 543 -71.03 -8.60 17.43
C THR A 543 -69.59 -8.95 17.09
N MET A 544 -69.36 -10.23 16.88
CA MET A 544 -68.05 -10.75 16.59
C MET A 544 -67.50 -10.20 15.26
N MET A 545 -68.33 -10.23 14.23
CA MET A 545 -67.98 -9.64 12.94
C MET A 545 -67.64 -8.18 13.08
N ASP A 546 -68.56 -7.43 13.69
CA ASP A 546 -68.39 -6.00 13.80
C ASP A 546 -67.05 -5.59 14.40
N SER A 547 -66.56 -6.37 15.37
CA SER A 547 -65.32 -6.00 16.02
C SER A 547 -64.15 -6.25 15.11
N VAL A 548 -64.33 -7.02 14.05
CA VAL A 548 -63.27 -7.16 13.05
C VAL A 548 -62.91 -5.79 12.49
N PHE A 549 -63.93 -4.98 12.20
CA PHE A 549 -63.70 -3.65 11.65
C PHE A 549 -63.37 -2.65 12.73
N ALA A 550 -63.84 -2.90 13.95
CA ALA A 550 -63.81 -1.88 14.99
C ALA A 550 -62.44 -1.79 15.69
N VAL A 551 -61.69 -2.88 15.75
CA VAL A 551 -60.43 -2.86 16.48
C VAL A 551 -59.38 -2.32 15.55
N PRO A 552 -58.37 -1.62 16.11
CA PRO A 552 -57.22 -1.19 15.33
C PRO A 552 -56.49 -2.41 14.70
N PRO A 553 -55.72 -2.16 13.63
CA PRO A 553 -55.05 -3.26 12.93
C PRO A 553 -53.77 -3.65 13.63
N ILE A 554 -53.87 -4.10 14.88
CA ILE A 554 -52.70 -4.55 15.62
C ILE A 554 -52.42 -6.01 15.25
N PHE A 555 -51.18 -6.47 15.43
CA PHE A 555 -50.80 -7.77 14.92
C PHE A 555 -49.58 -8.35 15.61
N ASP A 556 -49.36 -9.65 15.43
CA ASP A 556 -48.18 -10.33 15.97
C ASP A 556 -47.47 -11.08 14.83
N ASP A 557 -46.27 -10.63 14.47
CA ASP A 557 -45.57 -11.23 13.33
C ASP A 557 -44.44 -12.21 13.73
N SER A 558 -44.42 -12.60 14.99
CA SER A 558 -43.30 -13.37 15.52
C SER A 558 -42.99 -14.56 14.63
N TYR A 559 -44.01 -15.16 14.02
CA TYR A 559 -43.79 -16.35 13.21
C TYR A 559 -42.99 -16.06 11.93
N TYR A 560 -43.03 -14.80 11.47
CA TYR A 560 -42.36 -14.42 10.22
C TYR A 560 -41.09 -13.61 10.47
N GLY A 561 -40.94 -13.09 11.69
CA GLY A 561 -39.77 -12.29 12.07
C GLY A 561 -39.80 -10.88 11.51
N GLN A 562 -40.58 -10.65 10.45
CA GLN A 562 -40.60 -9.34 9.79
C GLN A 562 -42.05 -9.02 9.38
N VAL A 563 -42.34 -7.75 9.14
CA VAL A 563 -43.70 -7.35 8.77
C VAL A 563 -43.97 -7.67 7.31
N ILE A 564 -44.34 -8.92 7.02
CA ILE A 564 -44.57 -9.30 5.63
C ILE A 564 -45.57 -8.37 4.92
N HIS A 565 -45.47 -8.30 3.59
CA HIS A 565 -46.27 -7.34 2.84
C HIS A 565 -47.79 -7.44 3.13
N GLU A 566 -48.29 -8.65 3.28
CA GLU A 566 -49.71 -8.77 3.51
C GLU A 566 -50.10 -8.20 4.88
N ILE A 567 -49.17 -8.12 5.83
CA ILE A 567 -49.51 -7.50 7.11
C ILE A 567 -49.52 -5.99 6.94
N ARG A 568 -48.49 -5.49 6.28
CA ARG A 568 -48.39 -4.07 6.07
C ARG A 568 -49.65 -3.58 5.33
N GLU A 569 -50.00 -4.30 4.27
CA GLU A 569 -51.17 -3.95 3.45
C GLU A 569 -52.41 -3.78 4.30
N MET A 570 -52.52 -4.55 5.37
CA MET A 570 -53.69 -4.47 6.20
C MET A 570 -53.62 -3.20 7.03
N THR A 571 -52.45 -2.95 7.62
CA THR A 571 -52.31 -1.84 8.54
C THR A 571 -52.69 -0.49 7.91
N VAL A 572 -52.26 -0.26 6.67
CA VAL A 572 -52.48 1.03 6.03
C VAL A 572 -53.91 1.36 5.62
N MET A 573 -54.78 0.37 5.45
CA MET A 573 -56.15 0.66 4.94
C MET A 573 -57.08 1.24 6.00
N ASN A 574 -56.70 1.06 7.27
CA ASN A 574 -57.53 1.61 8.33
C ASN A 574 -58.95 1.04 8.31
N MET A 575 -59.04 -0.29 8.21
CA MET A 575 -60.32 -0.95 8.28
C MET A 575 -60.15 -2.11 9.23
N GLY A 576 -59.63 -1.80 10.41
CA GLY A 576 -59.50 -2.78 11.46
C GLY A 576 -58.67 -3.96 11.00
N ASN A 577 -59.15 -5.15 11.32
CA ASN A 577 -58.49 -6.35 10.87
C ASN A 577 -59.05 -6.96 9.60
N TYR A 578 -59.86 -6.20 8.86
CA TYR A 578 -60.40 -6.71 7.61
C TYR A 578 -59.31 -6.69 6.52
N ALA A 579 -58.55 -7.77 6.38
CA ALA A 579 -57.43 -7.77 5.45
C ALA A 579 -57.86 -8.22 4.05
N HIS A 580 -58.60 -7.36 3.35
CA HIS A 580 -59.13 -7.73 2.05
C HIS A 580 -58.03 -8.07 1.03
N GLY A 581 -56.83 -7.56 1.33
CA GLY A 581 -55.66 -7.79 0.50
C GLY A 581 -55.28 -9.26 0.43
N ASN A 582 -55.91 -10.10 1.25
CA ASN A 582 -55.57 -11.52 1.21
C ASN A 582 -56.78 -12.44 1.23
N GLN A 583 -56.58 -13.65 0.70
CA GLN A 583 -57.70 -14.48 0.27
C GLN A 583 -58.65 -15.02 1.35
N PRO A 584 -58.10 -15.43 2.50
CA PRO A 584 -58.97 -16.08 3.50
C PRO A 584 -60.21 -15.26 3.92
N ILE A 585 -60.07 -13.94 4.02
CA ILE A 585 -61.19 -13.15 4.53
C ILE A 585 -62.12 -12.61 3.45
N GLN A 586 -61.86 -12.92 2.19
CA GLN A 586 -62.55 -12.23 1.12
C GLN A 586 -64.05 -12.52 1.02
N HIS A 587 -64.52 -13.57 1.67
CA HIS A 587 -65.94 -13.88 1.57
C HIS A 587 -66.66 -13.32 2.79
N MET A 588 -65.90 -12.92 3.81
CA MET A 588 -66.49 -12.68 5.12
C MET A 588 -67.63 -11.69 5.19
N ILE A 589 -67.48 -10.53 4.57
CA ILE A 589 -68.52 -9.52 4.68
C ILE A 589 -69.89 -10.09 4.30
N TYR A 590 -69.89 -11.01 3.34
CA TYR A 590 -71.14 -11.61 2.89
C TYR A 590 -71.81 -12.43 3.98
N LEU A 591 -71.03 -12.90 4.96
CA LEU A 591 -71.61 -13.65 6.07
C LEU A 591 -72.71 -12.88 6.85
N TYR A 592 -72.66 -11.56 6.84
CA TYR A 592 -73.70 -10.78 7.48
C TYR A 592 -75.07 -11.22 6.97
N ASP A 593 -75.13 -11.67 5.72
CA ASP A 593 -76.39 -12.09 5.15
C ASP A 593 -76.96 -13.24 5.93
N TYR A 594 -76.07 -14.16 6.34
CA TYR A 594 -76.50 -15.36 7.03
C TYR A 594 -77.01 -15.09 8.42
N ALA A 595 -76.69 -13.94 9.00
CA ALA A 595 -77.12 -13.63 10.36
C ALA A 595 -78.28 -12.64 10.38
N GLY A 596 -78.92 -12.43 9.23
CA GLY A 596 -80.08 -11.58 9.16
C GLY A 596 -79.81 -10.09 9.26
N GLN A 597 -78.63 -9.66 8.83
CA GLN A 597 -78.33 -8.24 8.75
C GLN A 597 -77.63 -7.90 7.44
N PRO A 598 -78.28 -8.18 6.31
CA PRO A 598 -77.72 -7.95 4.98
C PRO A 598 -77.33 -6.51 4.78
N TRP A 599 -77.97 -5.59 5.48
CA TRP A 599 -77.62 -4.19 5.30
C TRP A 599 -76.18 -3.89 5.73
N LYS A 600 -75.68 -4.62 6.72
CA LYS A 600 -74.31 -4.43 7.13
C LYS A 600 -73.36 -4.93 6.07
N ALA A 601 -73.74 -6.00 5.40
CA ALA A 601 -72.94 -6.46 4.28
C ALA A 601 -72.97 -5.39 3.18
N GLN A 602 -74.16 -4.86 2.89
CA GLN A 602 -74.27 -3.84 1.88
C GLN A 602 -73.33 -2.67 2.18
N TYR A 603 -73.33 -2.22 3.43
CA TYR A 603 -72.51 -1.08 3.82
C TYR A 603 -71.01 -1.32 3.58
N TRP A 604 -70.48 -2.42 4.09
CA TRP A 604 -69.04 -2.68 4.04
C TRP A 604 -68.58 -3.05 2.64
N LEU A 605 -69.39 -3.86 1.95
CA LEU A 605 -69.08 -4.22 0.56
C LEU A 605 -68.85 -2.96 -0.27
N ARG A 606 -69.73 -1.97 -0.14
CA ARG A 606 -69.58 -0.75 -0.92
C ARG A 606 -68.34 0.00 -0.48
N GLN A 607 -68.06 -0.01 0.82
CA GLN A 607 -66.77 0.51 1.32
C GLN A 607 -65.62 -0.08 0.54
N VAL A 608 -65.56 -1.40 0.49
CA VAL A 608 -64.44 -2.08 -0.12
C VAL A 608 -64.32 -1.72 -1.61
N MET A 609 -65.42 -1.81 -2.34
CA MET A 609 -65.38 -1.55 -3.75
C MET A 609 -64.94 -0.12 -4.05
N ASP A 610 -65.32 0.83 -3.17
CA ASP A 610 -64.95 2.24 -3.34
C ASP A 610 -63.49 2.51 -2.97
N ARG A 611 -63.00 1.82 -1.96
CA ARG A 611 -61.72 2.22 -1.38
C ARG A 611 -60.55 1.31 -1.65
N MET A 612 -60.79 0.01 -1.86
CA MET A 612 -59.69 -0.96 -2.01
C MET A 612 -59.26 -1.22 -3.43
N TYR A 613 -59.92 -0.58 -4.39
CA TYR A 613 -59.66 -0.80 -5.79
C TYR A 613 -59.66 0.53 -6.54
N THR A 614 -58.57 0.82 -7.22
CA THR A 614 -58.52 2.02 -8.04
C THR A 614 -57.93 1.58 -9.34
N PRO A 615 -58.15 2.36 -10.39
CA PRO A 615 -57.81 1.87 -11.71
C PRO A 615 -56.37 2.15 -12.14
N GLY A 616 -55.55 2.71 -11.25
CA GLY A 616 -54.22 3.16 -11.63
C GLY A 616 -53.19 2.06 -11.54
N PRO A 617 -51.92 2.41 -11.74
CA PRO A 617 -50.88 1.39 -11.70
C PRO A 617 -50.77 0.77 -10.31
N ASP A 618 -51.19 1.50 -9.29
CA ASP A 618 -51.16 0.96 -7.95
C ASP A 618 -52.58 0.58 -7.52
N GLY A 619 -53.32 -0.05 -8.43
CA GLY A 619 -54.75 -0.25 -8.26
C GLY A 619 -55.28 -1.18 -7.19
N TYR A 620 -54.63 -2.32 -6.93
CA TYR A 620 -55.15 -3.26 -5.93
C TYR A 620 -54.59 -2.93 -4.53
N CYS A 621 -55.09 -3.63 -3.50
CA CYS A 621 -54.64 -3.41 -2.12
C CYS A 621 -53.85 -4.61 -1.58
N GLY A 622 -53.56 -5.58 -2.43
CA GLY A 622 -52.76 -6.75 -2.07
C GLY A 622 -52.53 -7.49 -3.37
N ASP A 623 -51.92 -8.67 -3.31
CA ASP A 623 -51.71 -9.45 -4.53
C ASP A 623 -53.01 -9.79 -5.27
N GLU A 624 -53.01 -9.58 -6.58
CA GLU A 624 -54.15 -9.90 -7.43
C GLU A 624 -54.43 -11.40 -7.49
N ASP A 625 -53.37 -12.22 -7.49
CA ASP A 625 -53.47 -13.68 -7.34
C ASP A 625 -54.27 -14.41 -8.42
N ASN A 626 -53.90 -14.18 -9.66
CA ASN A 626 -54.41 -14.96 -10.81
C ASN A 626 -55.91 -14.90 -11.04
N GLY A 627 -56.48 -13.74 -10.76
CA GLY A 627 -57.88 -13.49 -11.03
C GLY A 627 -58.75 -13.44 -9.78
N GLN A 628 -58.25 -14.03 -8.68
CA GLN A 628 -59.08 -14.14 -7.48
C GLN A 628 -59.53 -12.76 -6.96
N THR A 629 -58.55 -11.94 -6.61
CA THR A 629 -58.83 -10.58 -6.15
C THR A 629 -59.54 -9.72 -7.24
N SER A 630 -59.30 -10.01 -8.51
CA SER A 630 -60.02 -9.26 -9.52
C SER A 630 -61.45 -9.73 -9.63
N ALA A 631 -61.67 -11.03 -9.70
CA ALA A 631 -63.03 -11.57 -9.83
C ALA A 631 -63.87 -11.26 -8.60
N TRP A 632 -63.23 -11.00 -7.46
CA TRP A 632 -63.98 -10.57 -6.30
C TRP A 632 -64.70 -9.26 -6.61
N TYR A 633 -63.97 -8.35 -7.22
CA TYR A 633 -64.55 -7.09 -7.57
C TYR A 633 -65.61 -7.30 -8.64
N VAL A 634 -65.33 -8.12 -9.64
CA VAL A 634 -66.30 -8.35 -10.69
C VAL A 634 -67.65 -8.81 -10.14
N PHE A 635 -67.61 -9.87 -9.31
CA PHE A 635 -68.82 -10.40 -8.69
C PHE A 635 -69.47 -9.33 -7.84
N SER A 636 -68.70 -8.75 -6.93
CA SER A 636 -69.23 -7.83 -5.96
C SER A 636 -69.86 -6.62 -6.66
N ALA A 637 -69.30 -6.16 -7.76
CA ALA A 637 -69.87 -4.99 -8.45
C ALA A 637 -71.21 -5.36 -9.05
N LEU A 638 -71.37 -6.64 -9.41
CA LEU A 638 -72.63 -7.11 -9.98
C LEU A 638 -73.69 -7.22 -8.92
N GLY A 639 -73.27 -7.52 -7.69
CA GLY A 639 -74.15 -7.50 -6.54
C GLY A 639 -74.22 -8.80 -5.77
N PHE A 640 -73.45 -9.79 -6.17
CA PHE A 640 -73.51 -11.09 -5.48
C PHE A 640 -72.20 -11.86 -5.58
N TYR A 641 -72.03 -12.87 -4.73
CA TYR A 641 -70.73 -13.55 -4.60
C TYR A 641 -70.95 -15.00 -4.24
N PRO A 642 -70.16 -15.91 -4.85
CA PRO A 642 -70.29 -17.34 -4.56
C PRO A 642 -69.57 -17.69 -3.25
N VAL A 643 -70.18 -17.35 -2.11
CA VAL A 643 -69.57 -17.66 -0.84
C VAL A 643 -69.21 -19.14 -0.76
N CYS A 644 -70.14 -20.00 -1.15
CA CYS A 644 -69.90 -21.44 -1.04
C CYS A 644 -69.96 -22.20 -2.36
N PRO A 645 -68.86 -22.21 -3.12
CA PRO A 645 -68.87 -22.98 -4.38
C PRO A 645 -69.19 -24.43 -4.08
N GLY A 646 -69.97 -25.07 -4.94
CA GLY A 646 -70.50 -26.38 -4.62
C GLY A 646 -71.99 -26.34 -4.35
N THR A 647 -72.50 -25.17 -3.99
CA THR A 647 -73.93 -24.93 -3.96
C THR A 647 -74.30 -24.24 -5.27
N ASP A 648 -75.58 -23.98 -5.51
CA ASP A 648 -75.98 -23.27 -6.73
C ASP A 648 -76.28 -21.82 -6.36
N GLU A 649 -75.63 -21.33 -5.30
CA GLU A 649 -76.00 -20.05 -4.69
C GLU A 649 -74.97 -18.93 -4.82
N TYR A 650 -75.44 -17.74 -5.16
CA TYR A 650 -74.63 -16.55 -5.06
C TYR A 650 -75.25 -15.68 -3.97
N VAL A 651 -74.50 -15.45 -2.90
CA VAL A 651 -75.03 -14.67 -1.80
C VAL A 651 -75.07 -13.19 -2.19
N MET A 652 -76.11 -12.50 -1.73
CA MET A 652 -76.38 -11.13 -2.16
C MET A 652 -75.54 -10.04 -1.46
N GLY A 653 -74.97 -9.14 -2.25
CA GLY A 653 -74.30 -7.97 -1.69
C GLY A 653 -75.01 -6.69 -2.10
N THR A 654 -74.29 -5.81 -2.77
CA THR A 654 -74.93 -4.61 -3.28
C THR A 654 -74.30 -4.25 -4.62
N PRO A 655 -75.13 -3.97 -5.64
CA PRO A 655 -74.64 -3.70 -6.98
C PRO A 655 -74.03 -2.31 -7.12
N LEU A 656 -72.91 -2.23 -7.83
CA LEU A 656 -72.19 -0.97 -7.94
C LEU A 656 -72.71 -0.10 -9.05
N PHE A 657 -73.35 -0.69 -10.05
CA PHE A 657 -73.76 0.07 -11.21
C PHE A 657 -75.28 0.28 -11.27
N LYS A 658 -75.73 1.19 -12.11
CA LYS A 658 -77.16 1.40 -12.29
C LYS A 658 -77.78 0.32 -13.16
N LYS A 659 -76.95 -0.33 -13.97
CA LYS A 659 -77.43 -1.41 -14.82
C LYS A 659 -76.30 -2.33 -15.20
N ALA A 660 -76.52 -3.62 -15.05
CA ALA A 660 -75.59 -4.60 -15.55
C ALA A 660 -76.35 -5.63 -16.37
N THR A 661 -75.76 -6.11 -17.45
CA THR A 661 -76.40 -7.13 -18.27
C THR A 661 -75.47 -8.29 -18.46
N LEU A 662 -75.96 -9.51 -18.23
CA LEU A 662 -75.13 -10.71 -18.43
C LEU A 662 -75.62 -11.47 -19.64
N HIS A 663 -74.67 -11.90 -20.47
CA HIS A 663 -75.01 -12.75 -21.59
C HIS A 663 -74.39 -14.12 -21.35
N PHE A 664 -75.21 -15.11 -21.04
CA PHE A 664 -74.68 -16.44 -20.77
C PHE A 664 -74.51 -17.23 -22.07
N GLU A 665 -73.66 -18.25 -22.00
CA GLU A 665 -73.36 -19.04 -23.19
C GLU A 665 -74.61 -19.73 -23.71
N ASN A 666 -75.60 -19.91 -22.86
CA ASN A 666 -76.84 -20.58 -23.27
C ASN A 666 -77.78 -19.73 -24.07
N GLY A 667 -77.42 -18.48 -24.33
CA GLY A 667 -78.22 -17.65 -25.24
C GLY A 667 -79.13 -16.66 -24.54
N ASN A 668 -79.37 -16.86 -23.27
CA ASN A 668 -80.18 -15.93 -22.50
C ASN A 668 -79.38 -14.75 -21.93
N SER A 669 -80.11 -13.72 -21.53
CA SER A 669 -79.52 -12.57 -20.88
C SER A 669 -80.22 -12.23 -19.58
N LEU A 670 -79.48 -11.69 -18.63
CA LEU A 670 -80.08 -11.28 -17.37
C LEU A 670 -79.72 -9.83 -17.15
N VAL A 671 -80.72 -8.99 -16.93
CA VAL A 671 -80.44 -7.57 -16.71
C VAL A 671 -80.66 -7.24 -15.24
N ILE A 672 -79.70 -6.59 -14.64
CA ILE A 672 -79.85 -6.18 -13.25
C ILE A 672 -80.03 -4.68 -13.18
N ASP A 673 -81.28 -4.24 -13.00
CA ASP A 673 -81.61 -2.82 -12.97
C ASP A 673 -81.56 -2.20 -11.57
N ALA A 674 -80.66 -1.24 -11.38
CA ALA A 674 -80.59 -0.46 -10.15
C ALA A 674 -80.56 1.03 -10.50
N PRO A 675 -81.64 1.51 -11.15
CA PRO A 675 -81.75 2.84 -11.70
C PRO A 675 -81.41 3.91 -10.66
N ASN A 676 -81.68 3.63 -9.39
CA ASN A 676 -81.51 4.62 -8.34
C ASN A 676 -80.16 4.57 -7.62
N ASN A 677 -79.22 3.83 -8.17
CA ASN A 677 -77.90 3.69 -7.59
C ASN A 677 -77.15 5.01 -7.57
N SER A 678 -76.32 5.20 -6.55
CA SER A 678 -75.57 6.43 -6.41
C SER A 678 -74.43 6.18 -5.46
N THR A 679 -73.61 7.18 -5.24
CA THR A 679 -72.61 7.09 -4.20
C THR A 679 -73.25 6.95 -2.84
N GLU A 680 -74.44 7.53 -2.69
CA GLU A 680 -75.15 7.54 -1.41
C GLU A 680 -76.00 6.30 -1.28
N ASN A 681 -76.63 5.90 -2.38
CA ASN A 681 -77.65 4.88 -2.35
C ASN A 681 -77.10 3.49 -2.53
N PHE A 682 -76.47 2.96 -1.49
CA PHE A 682 -75.83 1.65 -1.61
C PHE A 682 -76.55 0.57 -0.80
N TYR A 683 -77.69 0.92 -0.20
CA TYR A 683 -78.51 -0.06 0.49
C TYR A 683 -79.55 -0.62 -0.46
N ILE A 684 -79.89 -1.88 -0.30
CA ILE A 684 -80.97 -2.45 -1.07
C ILE A 684 -82.24 -2.36 -0.23
N ASP A 685 -83.22 -1.63 -0.74
CA ASP A 685 -84.48 -1.48 -0.03
C ASP A 685 -85.45 -2.59 -0.38
N SER A 686 -85.55 -2.92 -1.65
CA SER A 686 -86.39 -4.05 -2.11
C SER A 686 -85.82 -4.62 -3.40
N MET A 687 -86.25 -5.83 -3.73
CA MET A 687 -85.71 -6.52 -4.89
C MET A 687 -86.82 -7.36 -5.50
N SER A 688 -86.95 -7.32 -6.82
CA SER A 688 -87.87 -8.23 -7.48
C SER A 688 -87.19 -8.94 -8.65
N PHE A 689 -87.59 -10.20 -8.89
CA PHE A 689 -86.98 -11.05 -9.90
C PHE A 689 -88.05 -11.44 -10.90
N ASN A 690 -87.99 -10.86 -12.08
CA ASN A 690 -89.04 -11.03 -13.07
C ASN A 690 -90.43 -10.73 -12.52
N GLY A 691 -90.56 -9.66 -11.73
CA GLY A 691 -91.86 -9.26 -11.21
C GLY A 691 -92.25 -9.85 -9.86
N ALA A 692 -91.73 -11.03 -9.56
CA ALA A 692 -91.93 -11.60 -8.25
C ALA A 692 -91.10 -10.83 -7.25
N ASP A 693 -91.62 -10.68 -6.04
CA ASP A 693 -90.86 -9.99 -5.00
C ASP A 693 -89.76 -10.93 -4.49
N HIS A 694 -88.59 -10.37 -4.20
CA HIS A 694 -87.47 -11.21 -3.87
C HIS A 694 -86.74 -10.81 -2.59
N THR A 695 -87.11 -11.43 -1.46
CA THR A 695 -86.60 -10.99 -0.17
C THR A 695 -85.40 -11.82 0.23
N LYS A 696 -85.13 -12.88 -0.53
CA LYS A 696 -84.00 -13.76 -0.24
C LYS A 696 -82.64 -13.07 -0.32
N ASN A 697 -81.68 -13.59 0.44
CA ASN A 697 -80.32 -13.08 0.40
C ASN A 697 -79.42 -13.84 -0.56
N TYR A 698 -80.00 -14.53 -1.53
CA TYR A 698 -79.19 -15.24 -2.51
C TYR A 698 -79.94 -15.44 -3.81
N LEU A 699 -79.19 -15.69 -4.89
CA LEU A 699 -79.73 -16.06 -6.19
C LEU A 699 -79.24 -17.48 -6.54
N ARG A 700 -80.01 -18.17 -7.38
CA ARG A 700 -79.67 -19.53 -7.79
C ARG A 700 -79.21 -19.61 -9.23
N HIS A 701 -78.11 -20.34 -9.42
CA HIS A 701 -77.52 -20.55 -10.73
C HIS A 701 -78.57 -20.81 -11.83
N GLU A 702 -79.43 -21.79 -11.62
CA GLU A 702 -80.40 -22.20 -12.64
C GLU A 702 -81.40 -21.06 -12.93
N ASP A 703 -81.68 -20.27 -11.89
CA ASP A 703 -82.59 -19.13 -12.03
C ASP A 703 -81.97 -18.03 -12.89
N LEU A 704 -80.71 -17.72 -12.62
CA LEU A 704 -80.00 -16.70 -13.35
C LEU A 704 -79.95 -17.09 -14.81
N PHE A 705 -79.56 -18.33 -15.09
CA PHE A 705 -79.46 -18.83 -16.45
C PHE A 705 -80.77 -18.71 -17.23
N LYS A 706 -81.90 -18.70 -16.55
CA LYS A 706 -83.16 -18.52 -17.27
C LYS A 706 -83.30 -17.12 -17.80
N GLY A 707 -82.53 -16.19 -17.22
CA GLY A 707 -82.52 -14.83 -17.72
C GLY A 707 -83.73 -14.01 -17.32
N GLY A 708 -83.91 -12.87 -17.98
CA GLY A 708 -84.99 -11.96 -17.63
C GLY A 708 -84.44 -10.73 -16.95
N THR A 709 -85.20 -10.16 -16.03
CA THR A 709 -84.78 -8.95 -15.34
C THR A 709 -84.85 -9.07 -13.83
N ILE A 710 -83.82 -8.54 -13.17
CA ILE A 710 -83.84 -8.32 -11.74
C ILE A 710 -83.87 -6.81 -11.45
N LYS A 711 -84.83 -6.39 -10.63
CA LYS A 711 -84.89 -5.01 -10.21
C LYS A 711 -84.43 -4.80 -8.77
N VAL A 712 -83.55 -3.83 -8.58
CA VAL A 712 -83.05 -3.51 -7.26
C VAL A 712 -83.29 -2.02 -6.93
N ASP A 713 -84.16 -1.74 -5.96
CA ASP A 713 -84.38 -0.37 -5.55
CA ASP A 713 -84.38 -0.36 -5.53
C ASP A 713 -83.34 0.01 -4.49
N MET A 714 -82.41 0.88 -4.86
CA MET A 714 -81.35 1.31 -3.97
C MET A 714 -81.83 2.44 -3.07
N SER A 715 -81.25 2.53 -1.87
CA SER A 715 -81.63 3.59 -0.96
C SER A 715 -80.40 4.03 -0.20
N ASN A 716 -80.51 5.18 0.46
CA ASN A 716 -79.39 5.68 1.26
C ASN A 716 -79.59 5.37 2.74
N ARG A 717 -80.69 4.70 3.07
CA ARG A 717 -80.93 4.23 4.42
C ARG A 717 -81.12 2.73 4.41
N PRO A 718 -80.57 2.03 5.41
CA PRO A 718 -80.71 0.59 5.47
C PRO A 718 -82.15 0.18 5.73
N ASN A 719 -82.56 -0.96 5.18
CA ASN A 719 -83.87 -1.46 5.46
C ASN A 719 -83.76 -2.63 6.43
N LEU A 720 -84.15 -2.38 7.69
CA LEU A 720 -83.92 -3.32 8.80
C LEU A 720 -84.82 -4.56 8.76
N ASN A 721 -85.74 -4.61 7.80
CA ASN A 721 -86.73 -5.70 7.76
C ASN A 721 -86.59 -6.64 6.60
N ARG A 722 -85.83 -6.23 5.59
CA ARG A 722 -85.63 -7.11 4.45
C ARG A 722 -84.57 -8.14 4.71
N GLY A 723 -84.85 -9.39 4.37
CA GLY A 723 -83.83 -10.44 4.41
C GLY A 723 -83.43 -10.88 5.79
N THR A 724 -84.35 -10.70 6.74
CA THR A 724 -84.12 -11.18 8.10
C THR A 724 -84.90 -12.46 8.37
N LYS A 725 -85.93 -12.74 7.57
CA LYS A 725 -86.69 -14.01 7.65
C LYS A 725 -85.80 -15.23 7.40
N GLU A 726 -86.15 -16.31 8.07
CA GLU A 726 -85.34 -17.51 8.03
C GLU A 726 -85.25 -18.14 6.64
N GLU A 727 -86.33 -18.09 5.86
CA GLU A 727 -86.25 -18.67 4.52
C GLU A 727 -85.47 -17.79 3.56
N ASP A 728 -85.01 -16.62 4.03
CA ASP A 728 -84.15 -15.75 3.24
C ASP A 728 -82.68 -16.15 3.32
N MET A 729 -82.32 -17.03 4.26
CA MET A 729 -80.92 -17.34 4.48
C MET A 729 -80.35 -18.24 3.37
N PRO A 730 -79.06 -18.08 3.06
CA PRO A 730 -78.44 -18.98 2.10
C PRO A 730 -78.15 -20.30 2.75
N TYR A 731 -77.64 -21.23 1.95
CA TYR A 731 -77.40 -22.59 2.40
C TYR A 731 -76.45 -22.72 3.58
N SER A 732 -76.80 -23.56 4.54
CA SER A 732 -75.86 -24.01 5.56
C SER A 732 -76.06 -25.51 5.75
N PHE A 733 -74.95 -26.26 5.78
CA PHE A 733 -74.97 -27.71 5.96
C PHE A 733 -75.77 -28.11 7.20
N SER A 734 -75.57 -27.39 8.31
CA SER A 734 -76.29 -27.69 9.55
C SER A 734 -77.79 -27.71 9.40
N LYS A 735 -78.33 -26.88 8.51
CA LYS A 735 -79.77 -26.81 8.28
C LYS A 735 -80.30 -27.91 7.35
N GLU A 736 -79.40 -28.60 6.64
CA GLU A 736 -79.80 -29.63 5.66
C GLU A 736 -80.57 -30.80 6.27
N LYS B 1 -72.31 23.75 -6.93
CA LYS B 1 -71.61 23.40 -8.22
C LYS B 1 -70.08 23.33 -8.11
N ASP B 2 -69.54 22.12 -8.17
CA ASP B 2 -68.22 21.92 -7.61
C ASP B 2 -67.17 21.49 -8.62
N TRP B 3 -66.10 22.25 -8.70
CA TRP B 3 -65.03 21.87 -9.59
C TRP B 3 -63.87 21.23 -8.83
N THR B 4 -63.87 21.35 -7.52
CA THR B 4 -62.73 20.88 -6.73
C THR B 4 -62.59 19.36 -6.84
N GLN B 5 -63.70 18.73 -7.21
CA GLN B 5 -63.74 17.28 -7.31
C GLN B 5 -62.80 16.81 -8.40
N TYR B 6 -62.47 17.73 -9.30
CA TYR B 6 -61.58 17.38 -10.39
C TYR B 6 -60.10 17.62 -10.07
N VAL B 7 -59.83 18.37 -9.01
CA VAL B 7 -58.47 18.78 -8.71
C VAL B 7 -57.68 17.69 -8.02
N ASN B 8 -56.57 17.27 -8.62
CA ASN B 8 -55.75 16.26 -7.98
C ASN B 8 -54.42 16.87 -7.53
N PRO B 9 -54.32 17.22 -6.25
CA PRO B 9 -53.09 17.84 -5.78
C PRO B 9 -51.89 16.91 -5.83
N LEU B 10 -52.12 15.64 -6.15
CA LEU B 10 -51.02 14.70 -6.22
C LEU B 10 -50.39 14.70 -7.60
N MET B 11 -51.01 15.39 -8.54
CA MET B 11 -50.56 15.32 -9.90
C MET B 11 -49.22 15.99 -9.99
N GLY B 12 -48.21 15.28 -10.44
CA GLY B 12 -46.86 15.84 -10.50
C GLY B 12 -45.98 15.44 -9.35
N SER B 13 -46.52 14.66 -8.40
CA SER B 13 -45.76 14.20 -7.21
C SER B 13 -44.95 12.94 -7.45
N GLN B 14 -45.21 12.26 -8.55
CA GLN B 14 -44.41 11.09 -8.91
C GLN B 14 -43.24 11.47 -9.82
N SER B 15 -42.32 12.30 -9.31
CA SER B 15 -41.19 12.78 -10.11
C SER B 15 -39.92 12.36 -9.45
N THR B 16 -38.87 12.22 -10.24
CA THR B 16 -37.55 11.96 -9.70
C THR B 16 -36.56 12.92 -10.29
N PHE B 17 -35.36 12.93 -9.74
CA PHE B 17 -34.28 13.80 -10.21
C PHE B 17 -33.99 13.63 -11.69
N GLU B 18 -33.98 12.38 -12.20
CA GLU B 18 -33.60 12.15 -13.60
CA GLU B 18 -33.61 12.12 -13.60
C GLU B 18 -34.73 12.44 -14.58
N LEU B 19 -35.97 12.29 -14.13
CA LEU B 19 -37.14 12.53 -14.97
C LEU B 19 -38.25 13.19 -14.17
N SER B 20 -38.61 14.39 -14.57
CA SER B 20 -39.65 15.11 -13.88
C SER B 20 -40.96 14.76 -14.53
N THR B 21 -41.97 14.51 -13.71
CA THR B 21 -43.34 14.40 -14.23
C THR B 21 -44.15 15.50 -13.58
N GLY B 22 -43.43 16.56 -13.18
CA GLY B 22 -44.05 17.76 -12.65
C GLY B 22 -43.24 18.43 -11.54
N ASN B 23 -42.69 17.59 -10.66
CA ASN B 23 -41.94 18.05 -9.52
C ASN B 23 -42.78 18.94 -8.63
N THR B 24 -43.98 18.48 -8.30
CA THR B 24 -44.87 19.26 -7.45
C THR B 24 -45.04 18.55 -6.13
N TYR B 25 -45.67 19.22 -5.18
CA TYR B 25 -46.16 18.56 -3.97
C TYR B 25 -47.61 18.95 -3.77
N PRO B 26 -48.31 18.22 -2.91
CA PRO B 26 -49.71 18.58 -2.63
C PRO B 26 -49.74 19.88 -1.83
N ALA B 27 -49.95 20.99 -2.53
CA ALA B 27 -50.10 22.29 -1.87
C ALA B 27 -51.51 22.36 -1.33
N ILE B 28 -51.70 22.10 -0.05
CA ILE B 28 -52.98 22.32 0.57
C ILE B 28 -53.02 23.76 1.02
N ALA B 29 -53.76 24.58 0.30
CA ALA B 29 -53.72 26.00 0.57
C ALA B 29 -54.98 26.72 0.04
N ARG B 30 -55.11 27.98 0.41
CA ARG B 30 -56.04 28.87 -0.25
C ARG B 30 -55.36 29.35 -1.53
N PRO B 31 -56.16 29.81 -2.50
CA PRO B 31 -55.56 30.44 -3.67
C PRO B 31 -54.52 31.52 -3.30
N TRP B 32 -53.32 31.42 -3.87
CA TRP B 32 -52.25 32.41 -3.58
C TRP B 32 -51.94 32.56 -2.07
N GLY B 33 -52.26 31.54 -1.29
CA GLY B 33 -52.08 31.62 0.14
C GLY B 33 -50.65 31.95 0.58
N MET B 34 -50.53 32.72 1.66
CA MET B 34 -49.22 33.10 2.14
C MET B 34 -48.46 31.90 2.69
N ASN B 35 -49.18 31.01 3.38
CA ASN B 35 -48.61 29.77 3.86
C ASN B 35 -49.26 28.56 3.23
N PHE B 36 -48.46 27.65 2.66
CA PHE B 36 -48.98 26.36 2.19
C PHE B 36 -48.70 25.26 3.22
N TRP B 37 -49.56 24.24 3.25
CA TRP B 37 -49.29 23.08 4.11
C TRP B 37 -49.25 21.83 3.28
N THR B 38 -48.35 20.93 3.63
CA THR B 38 -48.27 19.67 2.91
C THR B 38 -47.86 18.58 3.85
N PRO B 39 -48.32 17.36 3.57
CA PRO B 39 -47.70 16.22 4.23
C PRO B 39 -46.22 16.16 3.80
N GLN B 40 -45.35 15.80 4.73
CA GLN B 40 -43.94 15.72 4.40
C GLN B 40 -43.43 14.31 4.43
N THR B 41 -43.02 13.81 3.27
CA THR B 41 -42.35 12.50 3.20
C THR B 41 -40.84 12.64 3.16
N GLY B 42 -40.32 13.68 2.53
CA GLY B 42 -38.88 13.89 2.47
C GLY B 42 -38.26 14.19 3.83
N LYS B 43 -36.94 14.02 3.95
CA LYS B 43 -36.26 14.41 5.17
C LYS B 43 -36.05 15.91 5.16
N MET B 44 -35.91 16.51 6.34
CA MET B 44 -35.76 17.96 6.40
C MET B 44 -34.70 18.46 5.42
N GLY B 45 -35.05 19.42 4.59
CA GLY B 45 -34.04 20.05 3.74
C GLY B 45 -34.04 19.53 2.32
N ASP B 46 -34.65 18.38 2.12
CA ASP B 46 -34.74 17.79 0.80
C ASP B 46 -35.82 18.46 -0.06
N GLY B 47 -35.41 18.99 -1.22
CA GLY B 47 -36.33 19.65 -2.16
C GLY B 47 -37.53 18.80 -2.55
N TRP B 48 -37.34 17.49 -2.56
CA TRP B 48 -38.45 16.59 -2.82
C TRP B 48 -39.16 16.27 -1.52
N GLN B 49 -40.07 17.16 -1.10
CA GLN B 49 -40.57 17.08 0.27
C GLN B 49 -41.71 16.09 0.35
N TYR B 50 -42.32 15.84 -0.78
CA TYR B 50 -43.35 14.83 -0.83
C TYR B 50 -43.19 14.14 -2.15
N THR B 51 -43.08 12.81 -2.13
CA THR B 51 -42.99 12.04 -3.38
C THR B 51 -43.97 10.90 -3.36
N TYR B 52 -44.63 10.67 -4.48
CA TYR B 52 -45.69 9.71 -4.53
C TYR B 52 -45.23 8.30 -4.10
N THR B 53 -44.00 7.94 -4.36
CA THR B 53 -43.58 6.55 -4.07
C THR B 53 -43.06 6.40 -2.64
N ALA B 54 -43.15 7.47 -1.85
CA ALA B 54 -42.60 7.42 -0.50
C ALA B 54 -43.55 6.66 0.40
N ASN B 55 -42.99 5.90 1.34
CA ASN B 55 -43.80 5.07 2.24
C ASN B 55 -44.24 5.75 3.52
N LYS B 56 -43.48 6.74 3.98
CA LYS B 56 -43.68 7.29 5.31
C LYS B 56 -43.89 8.80 5.30
N ILE B 57 -44.72 9.27 6.22
CA ILE B 57 -44.89 10.68 6.48
C ILE B 57 -44.20 11.02 7.79
N ARG B 58 -43.36 12.05 7.79
CA ARG B 58 -42.61 12.37 9.01
C ARG B 58 -43.06 13.67 9.65
N GLY B 59 -44.06 14.29 9.05
CA GLY B 59 -44.61 15.52 9.57
C GLY B 59 -45.58 16.21 8.62
N PHE B 60 -46.28 17.19 9.16
CA PHE B 60 -47.13 18.04 8.37
C PHE B 60 -46.48 19.40 8.41
N LYS B 61 -46.05 19.86 7.25
CA LYS B 61 -45.12 20.97 7.15
C LYS B 61 -45.77 22.25 6.60
N GLN B 62 -45.39 23.39 7.17
CA GLN B 62 -45.70 24.65 6.57
C GLN B 62 -44.58 24.92 5.58
N THR B 63 -44.93 25.14 4.32
CA THR B 63 -43.92 25.31 3.28
C THR B 63 -44.21 26.53 2.41
N HIS B 64 -43.16 27.08 1.78
CA HIS B 64 -43.34 28.15 0.82
C HIS B 64 -42.59 27.80 -0.47
N GLN B 65 -42.10 26.57 -0.54
CA GLN B 65 -41.25 26.14 -1.62
C GLN B 65 -41.93 26.17 -2.98
N PRO B 66 -41.29 26.85 -3.96
CA PRO B 66 -41.80 26.95 -5.34
C PRO B 66 -41.28 25.83 -6.22
N SER B 67 -40.20 25.20 -5.83
CA SER B 67 -39.59 24.21 -6.70
C SER B 67 -38.57 23.43 -5.90
N PRO B 68 -38.42 22.13 -6.19
CA PRO B 68 -37.39 21.38 -5.48
C PRO B 68 -36.01 22.01 -5.75
N TRP B 69 -35.84 22.58 -6.93
CA TRP B 69 -34.57 23.20 -7.23
C TRP B 69 -34.29 24.46 -6.42
N ILE B 70 -35.31 25.28 -6.21
CA ILE B 70 -35.18 26.51 -5.44
C ILE B 70 -35.17 26.26 -3.93
N ASN B 71 -35.90 25.24 -3.50
CA ASN B 71 -36.02 24.86 -2.10
C ASN B 71 -36.83 25.82 -1.21
N ASP B 72 -36.83 25.61 0.11
CA ASP B 72 -37.85 26.20 0.98
C ASP B 72 -37.33 27.28 1.93
N TYR B 73 -38.26 27.98 2.59
CA TYR B 73 -37.99 28.94 3.66
C TYR B 73 -39.28 29.06 4.49
N GLY B 74 -39.17 29.60 5.70
CA GLY B 74 -40.34 29.77 6.55
C GLY B 74 -41.03 28.46 6.79
N GLN B 75 -40.26 27.46 7.23
CA GLN B 75 -40.72 26.08 7.27
C GLN B 75 -40.58 25.46 8.64
N PHE B 76 -41.68 24.88 9.11
CA PHE B 76 -41.66 24.06 10.32
C PHE B 76 -42.74 22.99 10.20
N SER B 77 -42.70 21.98 11.06
CA SER B 77 -43.65 20.89 10.96
C SER B 77 -44.25 20.47 12.30
N ILE B 78 -45.33 19.70 12.20
CA ILE B 78 -46.03 19.17 13.35
C ILE B 78 -46.33 17.69 13.06
N MET B 79 -46.21 16.83 14.06
CA MET B 79 -46.36 15.38 13.86
C MET B 79 -46.91 14.69 15.12
N PRO B 80 -48.12 14.12 15.00
CA PRO B 80 -48.68 13.38 16.13
C PRO B 80 -48.06 11.97 16.23
N ILE B 81 -47.87 11.47 17.43
CA ILE B 81 -47.33 10.14 17.55
C ILE B 81 -47.91 9.48 18.79
N VAL B 82 -47.51 8.24 19.03
CA VAL B 82 -48.02 7.48 20.15
C VAL B 82 -46.89 6.61 20.67
N GLY B 83 -46.87 6.29 21.95
CA GLY B 83 -45.82 5.42 22.47
C GLY B 83 -44.66 6.15 23.14
N GLN B 84 -43.45 5.99 22.61
CA GLN B 84 -42.33 6.76 23.12
C GLN B 84 -42.36 8.16 22.56
N PRO B 85 -42.06 9.16 23.37
CA PRO B 85 -41.90 10.53 22.87
C PRO B 85 -40.57 10.69 22.14
N VAL B 86 -40.60 10.73 20.82
CA VAL B 86 -39.38 10.79 20.04
C VAL B 86 -39.42 12.00 19.11
N PHE B 87 -38.30 12.70 19.00
CA PHE B 87 -38.27 13.90 18.17
C PHE B 87 -37.66 13.60 16.81
N ASP B 88 -36.76 12.64 16.79
CA ASP B 88 -36.08 12.26 15.57
C ASP B 88 -37.06 12.11 14.39
N GLU B 89 -36.70 12.69 13.25
CA GLU B 89 -37.60 12.71 12.10
C GLU B 89 -37.78 11.35 11.38
N GLU B 90 -36.98 10.35 11.74
CA GLU B 90 -37.19 9.00 11.17
C GLU B 90 -37.95 8.14 12.18
N LYS B 91 -37.51 8.16 13.43
CA LYS B 91 -38.21 7.43 14.47
C LYS B 91 -39.66 7.86 14.63
N ARG B 92 -39.98 9.11 14.37
CA ARG B 92 -41.37 9.54 14.55
C ARG B 92 -42.22 9.24 13.33
N ALA B 93 -41.58 8.86 12.22
CA ALA B 93 -42.28 8.77 10.93
C ALA B 93 -43.23 7.60 10.92
N SER B 94 -44.32 7.73 10.18
CA SER B 94 -45.24 6.59 10.02
C SER B 94 -45.45 6.12 8.58
N TRP B 95 -45.63 4.81 8.40
CA TRP B 95 -46.14 4.28 7.16
C TRP B 95 -47.50 4.87 6.85
N PHE B 96 -47.84 4.98 5.57
CA PHE B 96 -49.22 5.30 5.16
C PHE B 96 -49.38 4.77 3.76
N ALA B 97 -50.60 4.82 3.23
CA ALA B 97 -50.83 4.46 1.83
C ALA B 97 -51.84 5.42 1.19
N HIS B 98 -51.74 5.63 -0.13
CA HIS B 98 -52.53 6.64 -0.77
C HIS B 98 -54.00 6.30 -0.69
N LYS B 99 -54.32 5.00 -0.63
CA LYS B 99 -55.70 4.63 -0.42
C LYS B 99 -56.20 4.97 1.00
N GLY B 100 -55.30 5.43 1.87
CA GLY B 100 -55.65 5.83 3.25
C GLY B 100 -55.49 7.33 3.38
N GLU B 101 -55.33 7.98 2.23
CA GLU B 101 -55.07 9.40 2.12
C GLU B 101 -56.16 10.06 1.27
N VAL B 102 -56.58 11.26 1.67
CA VAL B 102 -57.49 12.06 0.85
C VAL B 102 -56.93 13.49 0.69
N ALA B 103 -56.54 13.86 -0.53
CA ALA B 103 -55.96 15.18 -0.80
C ALA B 103 -56.84 16.11 -1.66
N THR B 104 -57.29 17.22 -1.09
CA THR B 104 -57.96 18.24 -1.88
C THR B 104 -57.32 19.57 -1.56
N PRO B 105 -57.57 20.59 -2.38
CA PRO B 105 -56.92 21.88 -2.15
C PRO B 105 -57.25 22.42 -0.76
N TYR B 106 -58.44 22.09 -0.28
CA TYR B 106 -58.99 22.75 0.92
C TYR B 106 -59.01 21.86 2.13
N TYR B 107 -58.60 20.62 1.95
CA TYR B 107 -58.72 19.61 3.01
C TYR B 107 -57.77 18.44 2.79
N TYR B 108 -57.07 18.03 3.82
CA TYR B 108 -56.14 16.89 3.67
C TYR B 108 -56.29 15.92 4.82
N LYS B 109 -56.42 14.64 4.48
CA LYS B 109 -56.57 13.62 5.51
C LYS B 109 -55.66 12.40 5.27
N VAL B 110 -55.16 11.80 6.33
CA VAL B 110 -54.31 10.63 6.14
C VAL B 110 -54.26 9.79 7.38
N TYR B 111 -54.21 8.47 7.21
CA TYR B 111 -54.13 7.56 8.34
C TYR B 111 -52.68 7.14 8.59
N LEU B 112 -52.14 7.46 9.75
CA LEU B 112 -50.75 7.15 10.03
C LEU B 112 -50.73 5.76 10.62
N ALA B 113 -50.35 4.78 9.80
CA ALA B 113 -50.56 3.38 10.21
C ALA B 113 -49.69 2.92 11.40
N GLU B 114 -48.53 3.51 11.62
CA GLU B 114 -47.69 3.08 12.73
C GLU B 114 -48.09 3.71 14.06
N HIS B 115 -48.98 4.70 14.02
CA HIS B 115 -49.42 5.34 15.26
C HIS B 115 -50.90 5.11 15.46
N ASP B 116 -51.57 4.61 14.44
CA ASP B 116 -53.01 4.46 14.53
C ASP B 116 -53.68 5.80 14.78
N ILE B 117 -53.22 6.81 14.03
CA ILE B 117 -53.73 8.16 14.18
C ILE B 117 -54.21 8.70 12.85
N VAL B 118 -55.36 9.36 12.86
CA VAL B 118 -55.83 10.03 11.67
C VAL B 118 -55.56 11.52 11.78
N THR B 119 -54.93 12.11 10.77
CA THR B 119 -54.64 13.54 10.79
C THR B 119 -55.44 14.23 9.72
N GLU B 120 -56.05 15.36 10.07
CA GLU B 120 -56.74 16.17 9.06
C GLU B 120 -56.35 17.63 9.21
N MET B 121 -56.15 18.31 8.08
CA MET B 121 -55.87 19.72 8.15
C MET B 121 -56.71 20.51 7.12
N THR B 122 -57.12 21.70 7.53
CA THR B 122 -57.77 22.64 6.64
C THR B 122 -57.15 24.01 6.86
N PRO B 123 -56.61 24.61 5.79
CA PRO B 123 -55.95 25.90 5.93
C PRO B 123 -56.75 27.12 5.46
N THR B 124 -56.30 28.28 5.90
CA THR B 124 -56.86 29.55 5.45
C THR B 124 -55.67 30.16 4.77
N GLU B 125 -55.71 31.45 4.49
CA GLU B 125 -54.59 32.07 3.81
C GLU B 125 -53.30 32.04 4.62
N ARG B 126 -53.42 32.27 5.93
CA ARG B 126 -52.22 32.30 6.74
C ARG B 126 -52.25 31.34 7.92
N ALA B 127 -53.40 30.70 8.13
CA ALA B 127 -53.54 29.82 9.27
C ALA B 127 -54.00 28.44 8.82
N VAL B 128 -54.01 27.51 9.75
CA VAL B 128 -54.49 26.16 9.47
C VAL B 128 -55.09 25.54 10.76
N LEU B 129 -56.05 24.63 10.60
CA LEU B 129 -56.55 23.84 11.72
C LEU B 129 -56.23 22.36 11.55
N PHE B 130 -55.62 21.74 12.56
CA PHE B 130 -55.35 20.32 12.51
C PHE B 130 -56.33 19.65 13.42
N ARG B 131 -56.80 18.48 13.03
CA ARG B 131 -57.54 17.63 13.96
C ARG B 131 -56.88 16.27 14.00
N PHE B 132 -56.37 15.89 15.17
CA PHE B 132 -55.76 14.58 15.36
C PHE B 132 -56.72 13.62 16.05
N THR B 133 -57.09 12.52 15.38
CA THR B 133 -57.86 11.48 16.05
C THR B 133 -56.95 10.38 16.58
N PHE B 134 -56.83 10.34 17.90
CA PHE B 134 -55.89 9.44 18.56
C PHE B 134 -56.55 8.11 18.91
N PRO B 135 -55.72 7.08 19.08
CA PRO B 135 -56.21 5.81 19.54
C PRO B 135 -56.19 5.90 21.05
N GLU B 136 -56.65 4.85 21.71
CA GLU B 136 -56.58 4.81 23.15
C GLU B 136 -55.16 4.54 23.56
N ASN B 137 -54.55 5.50 24.23
CA ASN B 137 -53.18 5.34 24.67
C ASN B 137 -52.89 6.19 25.88
N ASP B 138 -52.01 5.71 26.75
CA ASP B 138 -51.59 6.51 27.89
C ASP B 138 -50.51 7.52 27.49
N HIS B 139 -49.96 7.35 26.30
CA HIS B 139 -48.88 8.20 25.83
C HIS B 139 -49.11 8.59 24.40
N SER B 140 -49.92 9.63 24.22
CA SER B 140 -50.10 10.26 22.93
C SER B 140 -49.35 11.57 22.99
N TYR B 141 -48.57 11.87 21.96
CA TYR B 141 -47.85 13.12 21.92
C TYR B 141 -48.10 13.87 20.61
N VAL B 142 -47.71 15.13 20.59
CA VAL B 142 -47.62 15.88 19.35
C VAL B 142 -46.24 16.54 19.32
N VAL B 143 -45.52 16.32 18.23
CA VAL B 143 -44.17 16.86 18.09
C VAL B 143 -44.22 18.13 17.26
N VAL B 144 -43.55 19.18 17.71
CA VAL B 144 -43.44 20.40 16.93
C VAL B 144 -41.98 20.64 16.58
N ASP B 145 -41.71 20.79 15.29
CA ASP B 145 -40.33 20.86 14.81
C ASP B 145 -40.01 22.21 14.18
N ALA B 146 -39.11 22.98 14.79
CA ALA B 146 -38.82 24.31 14.27
C ALA B 146 -37.73 24.29 13.21
N PHE B 147 -37.24 23.11 12.91
CA PHE B 147 -36.19 22.93 11.91
C PHE B 147 -34.86 23.50 12.42
N ASP B 148 -33.81 23.43 11.61
CA ASP B 148 -32.51 23.81 12.13
C ASP B 148 -32.03 25.15 11.61
N LYS B 149 -30.72 25.39 11.78
CA LYS B 149 -30.10 26.59 11.26
C LYS B 149 -30.46 27.77 12.15
N GLY B 150 -30.86 27.47 13.38
CA GLY B 150 -31.23 28.52 14.32
C GLY B 150 -32.73 28.74 14.35
N SER B 151 -33.36 28.26 15.43
CA SER B 151 -34.77 28.44 15.61
C SER B 151 -35.06 28.66 17.10
N TYR B 152 -36.34 28.76 17.44
CA TYR B 152 -36.73 29.08 18.79
C TYR B 152 -38.09 28.47 19.11
N ILE B 153 -38.24 27.98 20.33
CA ILE B 153 -39.46 27.32 20.73
C ILE B 153 -39.76 27.67 22.20
N LYS B 154 -41.04 27.72 22.52
CA LYS B 154 -41.46 27.99 23.91
C LYS B 154 -42.84 27.41 24.19
N ILE B 155 -42.93 26.69 25.29
CA ILE B 155 -44.18 26.10 25.69
C ILE B 155 -44.85 26.93 26.78
N ILE B 156 -46.12 27.29 26.56
CA ILE B 156 -46.89 28.03 27.53
C ILE B 156 -48.04 27.16 27.99
N PRO B 157 -47.80 26.37 29.05
CA PRO B 157 -48.83 25.41 29.48
C PRO B 157 -50.12 26.12 29.85
N GLU B 158 -50.04 27.25 30.55
CA GLU B 158 -51.26 27.90 31.03
C GLU B 158 -52.15 28.44 29.92
N GLU B 159 -51.74 28.23 28.67
CA GLU B 159 -52.58 28.60 27.52
C GLU B 159 -52.67 27.46 26.52
N ASN B 160 -52.22 26.27 26.92
CA ASN B 160 -52.18 25.13 26.02
C ASN B 160 -51.52 25.49 24.71
N LYS B 161 -50.41 26.21 24.79
CA LYS B 161 -49.91 26.87 23.61
C LYS B 161 -48.46 26.60 23.40
N ILE B 162 -48.06 26.47 22.14
CA ILE B 162 -46.66 26.42 21.82
C ILE B 162 -46.40 27.50 20.80
N ILE B 163 -45.37 28.31 21.06
CA ILE B 163 -44.95 29.30 20.09
C ILE B 163 -43.49 29.08 19.75
N GLY B 164 -43.08 29.60 18.61
CA GLY B 164 -41.69 29.52 18.20
C GLY B 164 -41.45 30.27 16.92
N TYR B 165 -40.20 30.28 16.47
CA TYR B 165 -39.90 30.80 15.15
C TYR B 165 -38.91 29.92 14.42
N THR B 166 -39.05 29.85 13.11
CA THR B 166 -38.16 29.05 12.29
C THR B 166 -37.40 29.99 11.35
N THR B 167 -36.16 29.63 10.97
CA THR B 167 -35.42 30.49 10.04
C THR B 167 -34.74 29.77 8.90
N ARG B 168 -34.69 28.44 8.92
CA ARG B 168 -34.00 27.72 7.87
C ARG B 168 -34.50 28.18 6.52
N ASN B 169 -33.57 28.54 5.63
CA ASN B 169 -33.95 29.04 4.31
C ASN B 169 -32.95 28.65 3.25
N SER B 170 -33.22 29.03 2.01
CA SER B 170 -32.34 28.65 0.92
C SER B 170 -31.75 29.86 0.22
N GLY B 171 -31.69 31.00 0.92
CA GLY B 171 -31.13 32.22 0.38
C GLY B 171 -32.20 33.26 0.11
N GLY B 172 -31.79 34.42 -0.37
CA GLY B 172 -32.71 35.52 -0.70
C GLY B 172 -33.53 36.01 0.48
N VAL B 173 -32.91 36.13 1.65
CA VAL B 173 -33.60 36.67 2.82
C VAL B 173 -32.71 37.66 3.49
N PRO B 174 -33.31 38.65 4.13
CA PRO B 174 -32.54 39.61 4.92
C PRO B 174 -32.00 38.96 6.20
N GLU B 175 -30.99 39.58 6.80
CA GLU B 175 -30.36 39.01 7.98
C GLU B 175 -31.34 38.69 9.09
N ASN B 176 -32.38 39.51 9.24
CA ASN B 176 -33.32 39.33 10.34
C ASN B 176 -34.49 38.41 10.04
N PHE B 177 -34.38 37.60 9.00
CA PHE B 177 -35.52 36.82 8.57
C PHE B 177 -35.99 35.85 9.66
N LYS B 178 -37.30 35.84 9.91
CA LYS B 178 -37.89 34.89 10.84
C LYS B 178 -39.32 34.55 10.40
N ASN B 179 -39.76 33.31 10.64
CA ASN B 179 -41.18 33.00 10.57
C ASN B 179 -41.69 32.72 11.96
N TYR B 180 -42.59 33.56 12.47
CA TYR B 180 -43.09 33.41 13.83
C TYR B 180 -44.37 32.59 13.77
N PHE B 181 -44.44 31.52 14.56
CA PHE B 181 -45.65 30.68 14.58
C PHE B 181 -46.22 30.44 15.99
N ILE B 182 -47.55 30.26 16.00
CA ILE B 182 -48.28 29.98 17.23
C ILE B 182 -49.17 28.75 17.03
N ILE B 183 -49.22 27.89 18.06
CA ILE B 183 -50.01 26.68 18.01
C ILE B 183 -50.83 26.56 19.28
N GLU B 184 -52.15 26.53 19.14
CA GLU B 184 -53.05 26.38 20.29
C GLU B 184 -53.73 25.00 20.30
N PHE B 185 -53.59 24.26 21.39
CA PHE B 185 -54.26 22.98 21.51
C PHE B 185 -55.50 23.12 22.39
N ASP B 186 -56.55 22.38 22.07
CA ASP B 186 -57.77 22.34 22.89
C ASP B 186 -57.74 21.20 23.90
N LYS B 187 -56.54 20.79 24.32
CA LYS B 187 -56.39 19.70 25.28
C LYS B 187 -55.14 20.01 26.10
N PRO B 188 -55.26 19.98 27.43
CA PRO B 188 -54.17 20.37 28.31
C PRO B 188 -53.03 19.39 28.25
N PHE B 189 -51.80 19.88 28.36
CA PHE B 189 -50.63 18.99 28.33
C PHE B 189 -50.41 18.29 29.66
N THR B 190 -50.31 16.98 29.61
CA THR B 190 -49.94 16.24 30.79
C THR B 190 -48.43 16.02 30.77
N TYR B 191 -47.86 16.14 29.58
CA TYR B 191 -46.44 15.93 29.40
C TYR B 191 -45.92 17.08 28.57
N LYS B 192 -44.71 17.55 28.86
CA LYS B 192 -44.18 18.63 28.07
C LYS B 192 -42.69 18.67 28.13
N ALA B 193 -42.07 18.87 26.98
CA ALA B 193 -40.64 18.91 26.88
C ALA B 193 -40.25 19.72 25.68
N THR B 194 -39.13 20.44 25.77
CA THR B 194 -38.61 21.10 24.60
C THR B 194 -37.44 20.26 24.14
N VAL B 195 -36.97 20.50 22.93
CA VAL B 195 -35.89 19.71 22.39
C VAL B 195 -34.78 20.61 21.93
N GLU B 196 -33.57 20.25 22.27
CA GLU B 196 -32.46 21.12 22.03
C GLU B 196 -31.36 20.33 21.38
N ASN B 197 -31.31 20.42 20.06
CA ASN B 197 -30.30 19.73 19.27
C ASN B 197 -30.34 18.24 19.58
N GLY B 198 -31.51 17.66 19.28
CA GLY B 198 -31.75 16.23 19.51
C GLY B 198 -32.02 15.81 20.95
N ASN B 199 -31.60 16.61 21.94
CA ASN B 199 -31.85 16.30 23.35
C ASN B 199 -33.24 16.64 23.84
N LEU B 200 -33.87 15.65 24.44
CA LEU B 200 -35.19 15.84 25.00
C LEU B 200 -35.06 16.41 26.41
N GLN B 201 -35.68 17.55 26.69
CA GLN B 201 -35.63 18.07 28.06
C GLN B 201 -36.99 18.32 28.65
N GLU B 202 -37.41 17.43 29.53
CA GLU B 202 -38.74 17.53 30.09
C GLU B 202 -38.85 18.76 30.98
N ASN B 203 -39.93 19.49 30.80
CA ASN B 203 -40.23 20.63 31.67
C ASN B 203 -39.28 21.82 31.58
N VAL B 204 -38.35 21.81 30.63
CA VAL B 204 -37.66 23.02 30.24
C VAL B 204 -38.53 23.77 29.22
N ALA B 205 -38.93 24.98 29.57
CA ALA B 205 -39.97 25.70 28.83
C ALA B 205 -39.57 26.27 27.46
N GLU B 206 -38.28 26.44 27.22
CA GLU B 206 -37.88 27.35 26.16
C GLU B 206 -36.53 26.99 25.60
N GLN B 207 -36.38 27.10 24.28
CA GLN B 207 -35.08 26.85 23.67
C GLN B 207 -34.77 27.87 22.61
N THR B 208 -33.57 28.43 22.65
CA THR B 208 -33.06 29.24 21.58
C THR B 208 -31.80 28.53 21.17
N THR B 209 -31.83 27.85 20.02
CA THR B 209 -30.74 26.99 19.63
C THR B 209 -30.83 26.65 18.14
N ASP B 210 -29.81 25.95 17.65
CA ASP B 210 -29.73 25.64 16.24
C ASP B 210 -31.01 24.98 15.75
N HIS B 211 -31.47 23.97 16.48
CA HIS B 211 -32.64 23.17 16.07
C HIS B 211 -33.57 22.97 17.26
N ALA B 212 -34.50 23.91 17.44
CA ALA B 212 -35.47 23.81 18.52
C ALA B 212 -36.62 22.88 18.17
N GLY B 213 -37.24 22.32 19.20
CA GLY B 213 -38.39 21.45 19.02
C GLY B 213 -39.18 21.36 20.31
N ALA B 214 -40.40 20.86 20.21
CA ALA B 214 -41.20 20.61 21.40
C ALA B 214 -41.96 19.31 21.25
N ILE B 215 -42.19 18.63 22.38
CA ILE B 215 -43.13 17.52 22.44
C ILE B 215 -44.08 17.69 23.61
N ILE B 216 -45.38 17.72 23.35
CA ILE B 216 -46.37 17.72 24.42
C ILE B 216 -47.21 16.45 24.33
N GLY B 217 -47.80 16.03 25.44
CA GLY B 217 -48.52 14.76 25.47
C GLY B 217 -49.68 14.70 26.43
N PHE B 218 -50.39 13.57 26.41
CA PHE B 218 -51.55 13.37 27.29
C PHE B 218 -52.10 11.98 27.11
N LYS B 219 -53.02 11.58 27.97
CA LYS B 219 -53.73 10.32 27.81
C LYS B 219 -54.88 10.55 26.84
N THR B 220 -55.13 9.59 25.95
CA THR B 220 -56.24 9.71 25.01
C THR B 220 -57.15 8.48 25.04
N ARG B 221 -58.46 8.74 24.95
CA ARG B 221 -59.44 7.68 24.80
C ARG B 221 -59.48 7.30 23.30
N LYS B 222 -59.88 6.05 23.03
CA LYS B 222 -60.04 5.64 21.64
C LYS B 222 -60.91 6.64 20.86
N GLY B 223 -60.39 7.17 19.76
CA GLY B 223 -61.13 8.06 18.91
C GLY B 223 -61.14 9.50 19.38
N GLU B 224 -60.46 9.78 20.49
CA GLU B 224 -60.40 11.16 20.98
C GLU B 224 -59.79 12.14 19.98
N GLN B 225 -60.47 13.25 19.77
CA GLN B 225 -59.94 14.25 18.86
C GLN B 225 -59.28 15.41 19.59
N VAL B 226 -58.09 15.80 19.14
CA VAL B 226 -57.41 16.96 19.65
C VAL B 226 -57.23 17.93 18.49
N ASN B 227 -57.68 19.16 18.64
CA ASN B 227 -57.48 20.14 17.59
C ASN B 227 -56.32 21.08 17.91
N ALA B 228 -55.57 21.45 16.87
CA ALA B 228 -54.50 22.42 17.00
C ALA B 228 -54.72 23.57 16.01
N ARG B 229 -54.84 24.79 16.53
CA ARG B 229 -54.97 26.00 15.73
C ARG B 229 -53.59 26.59 15.52
N ILE B 230 -53.22 26.81 14.26
CA ILE B 230 -51.87 27.25 13.95
C ILE B 230 -51.87 28.44 13.02
N ALA B 231 -50.89 29.32 13.19
CA ALA B 231 -50.73 30.44 12.26
C ALA B 231 -49.30 30.93 12.32
N SER B 232 -48.88 31.66 11.29
CA SER B 232 -47.57 32.28 11.36
C SER B 232 -47.54 33.65 10.70
N SER B 233 -46.47 34.40 10.95
CA SER B 233 -46.26 35.66 10.30
C SER B 233 -44.78 35.79 10.00
N PHE B 234 -44.46 36.71 9.10
CA PHE B 234 -43.08 37.05 8.83
C PHE B 234 -42.77 38.34 9.56
N ILE B 235 -43.72 38.79 10.38
CA ILE B 235 -43.61 40.09 11.05
C ILE B 235 -43.38 40.03 12.55
N SER B 236 -44.26 39.35 13.27
CA SER B 236 -44.13 39.28 14.72
C SER B 236 -45.08 38.24 15.29
N PHE B 237 -44.90 37.91 16.57
CA PHE B 237 -45.82 37.02 17.28
C PHE B 237 -47.16 37.69 17.37
N GLU B 238 -47.17 38.99 17.63
CA GLU B 238 -48.45 39.68 17.74
C GLU B 238 -49.19 39.55 16.44
N GLN B 239 -48.48 39.70 15.34
CA GLN B 239 -49.10 39.56 14.03
C GLN B 239 -49.55 38.12 13.73
N ALA B 240 -48.77 37.13 14.14
CA ALA B 240 -49.16 35.74 14.02
C ALA B 240 -50.47 35.53 14.77
N ALA B 241 -50.60 36.12 15.95
CA ALA B 241 -51.79 35.94 16.74
C ALA B 241 -53.00 36.55 16.05
N ALA B 242 -52.78 37.64 15.34
CA ALA B 242 -53.84 38.27 14.57
C ALA B 242 -54.22 37.36 13.39
N ASN B 243 -53.21 36.81 12.73
CA ASN B 243 -53.47 35.94 11.60
C ASN B 243 -54.31 34.73 12.03
N MET B 244 -54.10 34.30 13.27
CA MET B 244 -54.83 33.18 13.85
C MET B 244 -56.32 33.38 13.73
N ASN B 245 -56.76 34.62 13.66
CA ASN B 245 -58.17 34.88 13.66
C ASN B 245 -58.87 34.47 12.38
N GLU B 246 -58.11 34.21 11.33
CA GLU B 246 -58.70 33.69 10.11
C GLU B 246 -59.43 32.40 10.36
N LEU B 247 -59.05 31.66 11.40
CA LEU B 247 -59.70 30.40 11.74
C LEU B 247 -61.04 30.62 12.43
N GLY B 248 -61.23 31.80 13.02
CA GLY B 248 -62.44 32.07 13.80
C GLY B 248 -62.60 31.03 14.90
N LYS B 249 -63.82 30.52 15.05
CA LYS B 249 -64.09 29.41 15.97
C LYS B 249 -64.47 28.16 15.17
N ASP B 250 -64.08 28.10 13.90
CA ASP B 250 -64.52 27.02 13.06
C ASP B 250 -63.87 25.68 13.39
N ASN B 251 -64.58 24.59 13.10
CA ASN B 251 -64.02 23.25 13.14
C ASN B 251 -63.53 22.82 11.74
N ILE B 252 -63.00 21.60 11.64
CA ILE B 252 -62.54 21.09 10.36
C ILE B 252 -63.59 21.21 9.25
N GLU B 253 -64.83 20.80 9.55
CA GLU B 253 -65.91 20.79 8.56
C GLU B 253 -66.19 22.18 8.00
N GLN B 254 -66.33 23.15 8.88
CA GLN B 254 -66.62 24.51 8.44
C GLN B 254 -65.45 25.14 7.66
N LEU B 255 -64.21 24.91 8.12
CA LEU B 255 -63.07 25.44 7.38
C LEU B 255 -62.92 24.78 6.00
N ALA B 256 -63.08 23.45 5.95
CA ALA B 256 -63.08 22.77 4.67
C ALA B 256 -64.12 23.39 3.73
N GLN B 257 -65.31 23.62 4.25
CA GLN B 257 -66.35 24.15 3.41
C GLN B 257 -65.97 25.53 2.88
N LYS B 258 -65.35 26.33 3.73
CA LYS B 258 -64.95 27.67 3.34
C LYS B 258 -63.85 27.62 2.29
N GLY B 259 -62.89 26.71 2.46
CA GLY B 259 -61.81 26.54 1.50
C GLY B 259 -62.33 26.01 0.17
N LYS B 260 -63.22 25.04 0.23
CA LYS B 260 -63.86 24.52 -0.96
C LYS B 260 -64.61 25.67 -1.66
N ASP B 261 -65.37 26.47 -0.92
CA ASP B 261 -66.05 27.61 -1.53
C ASP B 261 -65.05 28.55 -2.20
N ALA B 262 -63.96 28.82 -1.50
CA ALA B 262 -62.95 29.73 -1.97
C ALA B 262 -62.40 29.27 -3.31
N TRP B 263 -62.15 27.96 -3.42
CA TRP B 263 -61.55 27.41 -4.62
C TRP B 263 -62.53 27.33 -5.76
N ASN B 264 -63.77 26.95 -5.46
CA ASN B 264 -64.82 26.88 -6.49
C ASN B 264 -65.07 28.26 -7.04
N GLN B 265 -64.88 29.25 -6.19
CA GLN B 265 -65.10 30.62 -6.59
C GLN B 265 -64.15 31.01 -7.74
N VAL B 266 -62.91 30.51 -7.69
CA VAL B 266 -61.96 30.85 -8.74
C VAL B 266 -61.89 29.81 -9.85
N LEU B 267 -62.05 28.54 -9.50
CA LEU B 267 -62.11 27.51 -10.52
C LEU B 267 -63.35 27.74 -11.41
N GLY B 268 -64.45 28.17 -10.79
CA GLY B 268 -65.71 28.32 -11.50
C GLY B 268 -65.73 29.42 -12.56
N LYS B 269 -64.71 30.26 -12.59
CA LYS B 269 -64.63 31.30 -13.59
C LYS B 269 -64.47 30.70 -15.00
N ILE B 270 -64.12 29.41 -15.07
CA ILE B 270 -63.97 28.71 -16.33
C ILE B 270 -64.66 27.36 -16.30
N GLU B 271 -65.85 27.28 -16.88
CA GLU B 271 -66.58 26.02 -16.90
C GLU B 271 -66.33 25.33 -18.20
N VAL B 272 -66.09 24.03 -18.17
CA VAL B 272 -65.89 23.27 -19.39
C VAL B 272 -66.87 22.11 -19.40
N GLU B 273 -67.36 21.74 -20.57
CA GLU B 273 -68.23 20.57 -20.67
C GLU B 273 -67.93 19.84 -21.94
N GLY B 274 -68.45 18.62 -22.02
CA GLY B 274 -68.35 17.87 -23.26
C GLY B 274 -66.93 17.36 -23.43
N GLY B 275 -66.42 16.76 -22.38
CA GLY B 275 -65.09 16.16 -22.40
C GLY B 275 -65.14 14.92 -21.54
N ASN B 276 -64.08 14.13 -21.54
CA ASN B 276 -64.08 12.94 -20.70
C ASN B 276 -63.58 13.31 -19.33
N LEU B 277 -63.73 12.40 -18.39
CA LEU B 277 -63.29 12.63 -17.00
C LEU B 277 -61.79 12.96 -16.89
N ASP B 278 -60.96 12.35 -17.71
CA ASP B 278 -59.53 12.57 -17.61
C ASP B 278 -59.27 14.03 -17.92
N GLN B 279 -59.98 14.51 -18.92
CA GLN B 279 -59.77 15.88 -19.36
C GLN B 279 -60.20 16.86 -18.29
N TYR B 280 -61.35 16.61 -17.67
CA TYR B 280 -61.82 17.49 -16.62
C TYR B 280 -60.76 17.52 -15.54
N ARG B 281 -60.31 16.35 -15.13
CA ARG B 281 -59.33 16.29 -14.10
C ARG B 281 -58.04 16.99 -14.50
N THR B 282 -57.58 16.75 -15.72
CA THR B 282 -56.37 17.38 -16.17
C THR B 282 -56.54 18.89 -16.13
N PHE B 283 -57.67 19.35 -16.65
CA PHE B 283 -57.89 20.77 -16.82
C PHE B 283 -58.00 21.51 -15.47
N TYR B 284 -58.82 21.01 -14.55
CA TYR B 284 -58.97 21.69 -13.28
C TYR B 284 -57.77 21.53 -12.38
N SER B 285 -57.03 20.45 -12.51
CA SER B 285 -55.80 20.33 -11.72
C SER B 285 -54.85 21.40 -12.18
N CYS B 286 -54.78 21.58 -13.49
CA CYS B 286 -53.89 22.58 -14.09
C CYS B 286 -54.27 23.99 -13.64
N LEU B 287 -55.57 24.24 -13.65
CA LEU B 287 -56.08 25.53 -13.22
C LEU B 287 -55.73 25.78 -11.76
N TYR B 288 -55.97 24.80 -10.91
CA TYR B 288 -55.52 24.92 -9.52
C TYR B 288 -54.03 25.25 -9.40
N ARG B 289 -53.17 24.60 -10.20
CA ARG B 289 -51.75 24.91 -10.11
C ARG B 289 -51.43 26.31 -10.60
N SER B 290 -52.38 26.94 -11.28
CA SER B 290 -52.15 28.26 -11.85
C SER B 290 -52.61 29.35 -10.91
N LEU B 291 -53.15 28.97 -9.76
CA LEU B 291 -53.66 29.96 -8.84
C LEU B 291 -52.93 29.89 -7.51
N LEU B 292 -51.70 29.41 -7.55
CA LEU B 292 -50.92 29.26 -6.32
C LEU B 292 -49.78 30.27 -6.23
N PHE B 293 -49.08 30.50 -7.33
CA PHE B 293 -47.90 31.37 -7.30
C PHE B 293 -48.13 32.64 -8.07
N PRO B 294 -47.15 33.54 -7.97
CA PRO B 294 -46.79 34.01 -6.62
C PRO B 294 -47.76 34.13 -5.49
N ARG B 295 -47.27 33.79 -4.31
CA ARG B 295 -48.08 33.73 -3.11
C ARG B 295 -48.10 35.10 -2.47
N LYS B 296 -49.18 35.37 -1.75
CA LYS B 296 -49.26 36.59 -0.98
C LYS B 296 -48.14 36.59 0.03
N PHE B 297 -47.53 37.74 0.22
CA PHE B 297 -46.53 37.87 1.23
C PHE B 297 -46.91 39.04 2.11
N TYR B 298 -48.19 39.39 2.12
CA TYR B 298 -48.62 40.49 2.98
C TYR B 298 -49.57 40.00 4.03
N GLU B 299 -49.74 40.77 5.10
CA GLU B 299 -50.57 40.35 6.23
C GLU B 299 -51.49 41.52 6.58
N LEU B 300 -52.64 41.23 7.16
CA LEU B 300 -53.61 42.29 7.49
C LEU B 300 -53.35 42.92 8.85
N ASP B 301 -53.34 44.25 8.94
CA ASP B 301 -53.13 44.87 10.22
C ASP B 301 -54.44 45.11 10.95
N ALA B 302 -54.36 45.83 12.08
CA ALA B 302 -55.51 46.06 12.96
C ALA B 302 -56.67 46.75 12.24
N ASN B 303 -56.35 47.55 11.23
CA ASN B 303 -57.38 48.23 10.45
C ASN B 303 -57.70 47.51 9.17
N GLY B 304 -57.27 46.24 9.07
CA GLY B 304 -57.49 45.44 7.86
C GLY B 304 -56.69 45.94 6.66
N GLN B 305 -55.72 46.82 6.89
CA GLN B 305 -54.84 47.29 5.83
C GLN B 305 -53.67 46.34 5.61
N PRO B 306 -53.27 46.14 4.35
CA PRO B 306 -52.14 45.27 4.05
C PRO B 306 -50.80 45.86 4.48
N ILE B 307 -49.96 45.02 5.09
CA ILE B 307 -48.59 45.39 5.38
C ILE B 307 -47.73 44.17 5.15
N HIS B 308 -46.42 44.33 5.04
CA HIS B 308 -45.58 43.17 4.79
C HIS B 308 -44.18 43.28 5.36
N TYR B 309 -43.60 42.11 5.63
CA TYR B 309 -42.19 42.05 5.94
C TYR B 309 -41.47 42.11 4.60
N SER B 310 -40.50 42.98 4.43
CA SER B 310 -39.83 43.07 3.14
C SER B 310 -38.70 42.08 3.11
N PRO B 311 -38.82 41.07 2.24
CA PRO B 311 -37.77 40.10 2.05
C PRO B 311 -36.62 40.75 1.32
N TYR B 312 -36.78 42.00 0.90
CA TYR B 312 -35.71 42.71 0.22
C TYR B 312 -34.83 43.55 1.14
N ASN B 313 -35.44 44.24 2.11
CA ASN B 313 -34.67 45.05 3.04
C ASN B 313 -35.00 44.82 4.53
N GLY B 314 -35.87 43.85 4.80
CA GLY B 314 -36.07 43.40 6.16
C GLY B 314 -36.92 44.29 7.06
N GLN B 315 -37.43 45.39 6.52
CA GLN B 315 -38.34 46.25 7.30
C GLN B 315 -39.78 45.80 7.15
N VAL B 316 -40.65 46.30 8.01
CA VAL B 316 -42.06 46.03 7.85
C VAL B 316 -42.68 47.28 7.24
N LEU B 317 -43.32 47.14 6.10
CA LEU B 317 -43.87 48.30 5.40
C LEU B 317 -45.30 48.11 4.94
N PRO B 318 -46.00 49.22 4.68
CA PRO B 318 -47.37 49.17 4.20
C PRO B 318 -47.41 48.66 2.76
N GLY B 319 -48.53 48.08 2.34
CA GLY B 319 -48.73 47.77 0.93
C GLY B 319 -48.57 46.32 0.57
N TYR B 320 -49.04 45.95 -0.61
CA TYR B 320 -48.96 44.58 -1.04
C TYR B 320 -47.54 44.09 -1.35
N MET B 321 -47.36 42.79 -1.27
CA MET B 321 -46.12 42.17 -1.62
C MET B 321 -46.44 40.71 -1.95
N PHE B 322 -45.89 40.21 -3.06
CA PHE B 322 -46.04 38.81 -3.43
C PHE B 322 -44.67 38.27 -3.72
N THR B 323 -44.50 36.95 -3.74
CA THR B 323 -43.18 36.40 -3.97
C THR B 323 -43.33 34.98 -4.48
N ASP B 324 -42.19 34.32 -4.74
CA ASP B 324 -42.13 32.91 -5.11
C ASP B 324 -42.57 32.62 -6.53
N THR B 325 -42.05 33.37 -7.49
CA THR B 325 -42.33 33.07 -8.88
C THR B 325 -41.09 33.41 -9.68
N GLY B 326 -40.91 32.76 -10.82
CA GLY B 326 -39.79 33.13 -11.68
C GLY B 326 -40.33 33.59 -12.99
N PHE B 327 -40.08 34.85 -13.32
CA PHE B 327 -40.67 35.42 -14.51
C PHE B 327 -40.21 34.73 -15.78
N TRP B 328 -38.98 34.25 -15.79
CA TRP B 328 -38.48 33.55 -16.96
C TRP B 328 -39.46 32.48 -17.33
N ASP B 329 -40.12 31.91 -16.31
CA ASP B 329 -41.14 30.88 -16.53
C ASP B 329 -42.51 31.49 -16.87
N THR B 330 -42.95 32.43 -16.04
CA THR B 330 -44.35 32.76 -15.95
C THR B 330 -44.77 33.99 -16.73
N PHE B 331 -43.83 34.64 -17.41
CA PHE B 331 -44.24 35.77 -18.22
C PHE B 331 -45.00 35.20 -19.40
N ARG B 332 -44.68 33.97 -19.78
CA ARG B 332 -45.21 33.40 -21.02
C ARG B 332 -46.72 33.21 -21.09
N CYS B 333 -47.28 32.58 -20.08
CA CYS B 333 -48.72 32.50 -20.11
C CYS B 333 -49.38 32.50 -18.73
N LEU B 334 -48.61 32.31 -17.67
CA LEU B 334 -49.20 32.29 -16.36
C LEU B 334 -49.73 33.65 -15.97
N PHE B 335 -48.94 34.71 -16.13
CA PHE B 335 -49.42 36.05 -15.76
C PHE B 335 -50.49 36.53 -16.73
N PRO B 336 -50.30 36.25 -18.03
CA PRO B 336 -51.33 36.58 -18.99
C PRO B 336 -52.69 36.01 -18.59
N LEU B 337 -52.69 34.81 -18.03
CA LEU B 337 -53.92 34.20 -17.57
C LEU B 337 -54.55 35.01 -16.46
N LEU B 338 -53.73 35.54 -15.57
CA LEU B 338 -54.27 36.33 -14.46
C LEU B 338 -54.91 37.59 -15.00
N ASN B 339 -54.31 38.15 -16.03
CA ASN B 339 -54.82 39.36 -16.65
C ASN B 339 -56.16 39.15 -17.34
N LEU B 340 -56.35 37.95 -17.86
CA LEU B 340 -57.60 37.58 -18.53
C LEU B 340 -58.72 37.30 -17.56
N MET B 341 -58.47 36.45 -16.57
CA MET B 341 -59.53 35.97 -15.71
C MET B 341 -59.46 36.46 -14.27
N TYR B 342 -58.34 37.00 -13.85
CA TYR B 342 -58.21 37.38 -12.44
C TYR B 342 -57.41 38.64 -12.30
N PRO B 343 -57.76 39.66 -13.06
CA PRO B 343 -57.03 40.92 -13.06
C PRO B 343 -57.01 41.56 -11.66
N SER B 344 -58.10 41.42 -10.92
CA SER B 344 -58.17 41.99 -9.56
C SER B 344 -56.99 41.51 -8.77
N VAL B 345 -56.65 40.24 -8.94
CA VAL B 345 -55.55 39.63 -8.21
C VAL B 345 -54.21 40.15 -8.68
N ASN B 346 -54.05 40.27 -9.99
CA ASN B 346 -52.79 40.76 -10.53
C ASN B 346 -52.55 42.23 -10.19
N LYS B 347 -53.61 42.99 -10.02
CA LYS B 347 -53.46 44.35 -9.57
C LYS B 347 -52.70 44.37 -8.26
N GLU B 348 -53.04 43.46 -7.35
CA GLU B 348 -52.37 43.37 -6.07
C GLU B 348 -50.92 42.99 -6.28
N MET B 349 -50.72 42.06 -7.20
CA MET B 349 -49.39 41.58 -7.47
C MET B 349 -48.51 42.65 -8.10
N GLN B 350 -49.10 43.42 -9.00
CA GLN B 350 -48.35 44.47 -9.67
C GLN B 350 -47.96 45.53 -8.67
N GLU B 351 -48.88 45.90 -7.79
CA GLU B 351 -48.56 46.84 -6.73
C GLU B 351 -47.42 46.32 -5.86
N GLY B 352 -47.40 45.02 -5.64
CA GLY B 352 -46.31 44.40 -4.91
C GLY B 352 -44.99 44.57 -5.63
N LEU B 353 -45.00 44.44 -6.95
CA LEU B 353 -43.77 44.61 -7.73
C LEU B 353 -43.21 46.02 -7.57
N ILE B 354 -44.09 47.02 -7.60
CA ILE B 354 -43.66 48.38 -7.36
C ILE B 354 -42.94 48.46 -6.03
N ASN B 355 -43.48 47.80 -5.01
CA ASN B 355 -42.85 47.84 -3.71
C ASN B 355 -41.50 47.12 -3.69
N THR B 356 -41.40 46.04 -4.46
CA THR B 356 -40.15 45.33 -4.59
C THR B 356 -39.06 46.25 -5.11
N TYR B 357 -39.45 47.04 -6.12
CA TYR B 357 -38.55 47.99 -6.72
C TYR B 357 -38.14 49.06 -5.72
N LEU B 358 -39.13 49.59 -4.99
CA LEU B 358 -38.85 50.61 -3.96
C LEU B 358 -37.95 50.07 -2.86
N GLU B 359 -38.16 48.83 -2.45
CA GLU B 359 -37.42 48.29 -1.32
C GLU B 359 -36.08 47.68 -1.72
N SER B 360 -35.90 47.36 -3.00
CA SER B 360 -34.74 46.56 -3.47
C SER B 360 -33.86 47.30 -4.42
N GLY B 361 -34.46 48.19 -5.21
CA GLY B 361 -33.72 48.91 -6.23
C GLY B 361 -33.94 48.32 -7.59
N PHE B 362 -34.41 47.08 -7.63
CA PHE B 362 -34.68 46.39 -8.90
C PHE B 362 -36.08 45.80 -8.88
N PHE B 363 -36.62 45.53 -10.07
CA PHE B 363 -37.78 44.67 -10.20
C PHE B 363 -37.24 43.26 -10.14
N PRO B 364 -38.02 42.30 -9.62
CA PRO B 364 -37.49 40.94 -9.47
C PRO B 364 -37.52 40.13 -10.76
N GLU B 365 -36.67 39.13 -10.86
CA GLU B 365 -36.78 38.14 -11.93
C GLU B 365 -37.09 36.80 -11.28
N TRP B 366 -36.22 36.31 -10.41
CA TRP B 366 -36.61 35.16 -9.61
C TRP B 366 -36.65 35.61 -8.16
N ALA B 367 -37.80 35.41 -7.50
CA ALA B 367 -37.89 35.82 -6.11
C ALA B 367 -38.38 34.70 -5.21
N SER B 368 -37.61 34.40 -4.18
CA SER B 368 -38.03 33.40 -3.24
C SER B 368 -37.29 33.65 -1.97
N PRO B 369 -38.04 34.12 -0.97
CA PRO B 369 -38.71 35.43 -0.99
C PRO B 369 -38.05 36.63 -1.64
N GLY B 370 -36.76 36.80 -1.42
CA GLY B 370 -36.06 37.95 -1.97
C GLY B 370 -35.41 37.57 -3.29
N HIS B 371 -34.57 38.43 -3.82
CA HIS B 371 -33.97 38.16 -5.11
C HIS B 371 -33.12 36.91 -5.03
N ARG B 372 -33.35 35.99 -5.96
CA ARG B 372 -32.54 34.77 -6.04
C ARG B 372 -31.89 34.65 -7.41
N GLY B 373 -30.74 33.98 -7.48
CA GLY B 373 -30.07 33.89 -8.77
C GLY B 373 -30.47 32.63 -9.50
N CYS B 374 -31.34 32.79 -10.48
CA CYS B 374 -31.82 31.64 -11.25
C CYS B 374 -32.33 32.11 -12.61
N MET B 375 -31.91 31.44 -13.68
CA MET B 375 -32.36 31.75 -15.04
C MET B 375 -31.83 33.06 -15.57
N VAL B 376 -32.51 33.57 -16.58
CA VAL B 376 -32.01 34.71 -17.34
C VAL B 376 -33.15 35.60 -17.83
N GLY B 377 -32.78 36.72 -18.43
CA GLY B 377 -33.75 37.58 -19.07
C GLY B 377 -34.21 38.72 -18.20
N ASN B 378 -34.91 39.67 -18.82
CA ASN B 378 -35.41 40.78 -18.10
C ASN B 378 -36.92 40.78 -18.27
N ASN B 379 -37.54 39.63 -18.06
CA ASN B 379 -38.92 39.48 -18.43
C ASN B 379 -39.92 40.11 -17.48
N SER B 380 -39.43 40.62 -16.36
CA SER B 380 -40.28 41.48 -15.54
C SER B 380 -40.89 42.58 -16.42
N ALA B 381 -40.16 42.97 -17.45
CA ALA B 381 -40.65 43.97 -18.38
C ALA B 381 -41.96 43.50 -19.05
N SER B 382 -42.00 42.23 -19.46
CA SER B 382 -43.18 41.68 -20.08
C SER B 382 -44.34 41.62 -19.08
N ILE B 383 -44.06 41.10 -17.89
CA ILE B 383 -45.06 41.03 -16.83
C ILE B 383 -45.69 42.41 -16.62
N LEU B 384 -44.84 43.40 -16.39
CA LEU B 384 -45.27 44.75 -16.05
C LEU B 384 -46.06 45.43 -17.17
N VAL B 385 -45.51 45.35 -18.38
CA VAL B 385 -46.13 46.02 -19.52
C VAL B 385 -47.42 45.32 -19.95
N ASP B 386 -47.41 43.99 -19.99
CA ASP B 386 -48.61 43.23 -20.35
C ASP B 386 -49.76 43.60 -19.44
N ALA B 387 -49.51 43.70 -18.14
CA ALA B 387 -50.54 44.09 -17.19
C ALA B 387 -51.07 45.50 -17.47
N TYR B 388 -50.17 46.47 -17.64
CA TYR B 388 -50.61 47.85 -17.89
C TYR B 388 -51.43 47.93 -19.15
N MET B 389 -50.90 47.36 -20.21
CA MET B 389 -51.58 47.35 -21.51
C MET B 389 -52.92 46.58 -21.47
N LYS B 390 -53.15 45.76 -20.45
CA LYS B 390 -54.40 45.02 -20.43
C LYS B 390 -55.37 45.57 -19.40
N GLY B 391 -55.11 46.77 -18.89
CA GLY B 391 -56.06 47.42 -18.01
C GLY B 391 -55.74 47.33 -16.53
N VAL B 392 -54.71 46.58 -16.20
CA VAL B 392 -54.29 46.45 -14.81
C VAL B 392 -53.20 47.46 -14.53
N LYS B 393 -53.57 48.62 -14.01
CA LYS B 393 -52.62 49.69 -13.88
C LYS B 393 -52.26 49.99 -12.43
N VAL B 394 -50.96 50.00 -12.12
CA VAL B 394 -50.51 50.42 -10.81
C VAL B 394 -50.71 51.92 -10.60
N ASP B 395 -50.74 52.36 -9.35
CA ASP B 395 -50.95 53.80 -9.12
C ASP B 395 -49.74 54.63 -9.54
N ASP B 396 -48.54 54.16 -9.23
CA ASP B 396 -47.33 54.94 -9.48
C ASP B 396 -46.68 54.58 -10.81
N ILE B 397 -47.20 55.15 -11.89
CA ILE B 397 -46.62 54.90 -13.21
C ILE B 397 -45.23 55.50 -13.40
N LYS B 398 -44.96 56.63 -12.76
CA LYS B 398 -43.65 57.21 -12.88
C LYS B 398 -42.63 56.18 -12.44
N THR B 399 -42.89 55.58 -11.28
CA THR B 399 -41.97 54.62 -10.72
C THR B 399 -41.83 53.39 -11.60
N LEU B 400 -42.95 52.93 -12.14
CA LEU B 400 -42.94 51.78 -13.00
C LEU B 400 -41.98 52.01 -14.17
N TYR B 401 -42.11 53.14 -14.82
CA TYR B 401 -41.28 53.37 -15.99
C TYR B 401 -39.81 53.49 -15.56
N GLU B 402 -39.57 54.24 -14.49
CA GLU B 402 -38.21 54.43 -14.01
C GLU B 402 -37.59 53.07 -13.74
N GLY B 403 -38.35 52.21 -13.08
CA GLY B 403 -37.89 50.87 -12.76
C GLY B 403 -37.53 50.12 -14.03
N LEU B 404 -38.38 50.18 -15.05
CA LEU B 404 -38.11 49.49 -16.30
C LEU B 404 -36.79 49.93 -16.91
N ILE B 405 -36.61 51.24 -17.01
CA ILE B 405 -35.41 51.83 -17.56
C ILE B 405 -34.17 51.49 -16.73
N HIS B 406 -34.33 51.45 -15.41
CA HIS B 406 -33.23 51.13 -14.51
C HIS B 406 -32.70 49.75 -14.82
N GLY B 407 -33.60 48.82 -15.08
CA GLY B 407 -33.24 47.44 -15.32
C GLY B 407 -32.52 47.20 -16.63
N THR B 408 -32.57 48.17 -17.55
CA THR B 408 -31.92 47.97 -18.83
C THR B 408 -30.45 48.34 -18.78
N GLU B 409 -30.05 49.04 -17.71
CA GLU B 409 -28.65 49.44 -17.60
C GLU B 409 -27.99 49.12 -16.27
N ASN B 410 -28.54 48.17 -15.53
CA ASN B 410 -27.93 47.73 -14.28
C ASN B 410 -28.11 46.24 -14.07
N VAL B 411 -27.18 45.65 -13.33
CA VAL B 411 -27.37 44.29 -12.89
C VAL B 411 -27.13 44.27 -11.40
N HIS B 412 -27.91 43.47 -10.68
CA HIS B 412 -27.76 43.41 -9.26
C HIS B 412 -26.34 42.92 -8.90
N PRO B 413 -25.70 43.58 -7.93
CA PRO B 413 -24.33 43.30 -7.53
C PRO B 413 -24.14 41.86 -7.01
N GLU B 414 -25.17 41.24 -6.42
CA GLU B 414 -25.01 39.86 -5.93
C GLU B 414 -25.86 38.86 -6.67
N VAL B 415 -27.00 39.31 -7.18
CA VAL B 415 -27.86 38.37 -7.90
C VAL B 415 -27.80 38.70 -9.37
N SER B 416 -27.03 37.94 -10.15
CA SER B 416 -26.81 38.28 -11.56
C SER B 416 -28.05 38.08 -12.46
N SER B 417 -29.05 37.36 -11.97
CA SER B 417 -30.25 37.16 -12.77
C SER B 417 -31.23 38.30 -12.50
N THR B 418 -30.78 39.30 -11.78
CA THR B 418 -31.65 40.43 -11.46
C THR B 418 -31.13 41.68 -12.14
N GLY B 419 -31.95 42.34 -12.96
CA GLY B 419 -31.44 43.36 -13.88
C GLY B 419 -30.87 42.66 -15.10
N ARG B 420 -30.13 43.37 -15.94
CA ARG B 420 -29.60 42.75 -17.14
C ARG B 420 -28.10 42.47 -17.10
N LEU B 421 -27.72 41.25 -16.78
CA LEU B 421 -26.33 40.85 -16.92
C LEU B 421 -25.92 41.05 -18.37
N GLY B 422 -24.78 41.67 -18.58
CA GLY B 422 -24.27 41.87 -19.94
C GLY B 422 -24.87 43.05 -20.70
N TYR B 423 -25.61 43.92 -20.01
CA TYR B 423 -26.23 45.05 -20.68
C TYR B 423 -25.24 45.94 -21.41
N GLU B 424 -24.02 46.05 -20.88
CA GLU B 424 -22.97 46.86 -21.56
C GLU B 424 -22.79 46.39 -22.99
N TYR B 425 -22.43 45.12 -23.15
CA TYR B 425 -22.26 44.56 -24.48
C TYR B 425 -23.52 44.72 -25.30
N TYR B 426 -24.64 44.27 -24.73
CA TYR B 426 -25.90 44.27 -25.46
C TYR B 426 -26.21 45.65 -25.99
N ASN B 427 -26.18 46.65 -25.14
CA ASN B 427 -26.46 48.02 -25.56
C ASN B 427 -25.48 48.52 -26.59
N LYS B 428 -24.23 48.11 -26.46
CA LYS B 428 -23.20 48.55 -27.38
C LYS B 428 -23.15 47.77 -28.70
N LEU B 429 -23.21 46.44 -28.65
CA LEU B 429 -23.06 45.61 -29.84
C LEU B 429 -24.37 45.16 -30.46
N GLY B 430 -25.46 45.18 -29.68
CA GLY B 430 -26.72 44.66 -30.18
C GLY B 430 -26.97 43.21 -29.78
N TYR B 431 -26.01 42.60 -29.07
CA TYR B 431 -26.17 41.23 -28.61
C TYR B 431 -25.22 40.96 -27.44
N VAL B 432 -25.41 39.86 -26.73
CA VAL B 432 -24.43 39.49 -25.72
C VAL B 432 -23.48 38.44 -26.31
N PRO B 433 -22.20 38.79 -26.44
CA PRO B 433 -21.18 37.95 -27.07
C PRO B 433 -21.08 36.54 -26.49
N TYR B 434 -20.72 35.60 -27.36
CA TYR B 434 -20.56 34.22 -26.96
C TYR B 434 -19.23 33.96 -26.27
N ASP B 435 -18.30 34.92 -26.37
CA ASP B 435 -16.95 34.69 -25.87
C ASP B 435 -16.49 35.70 -24.82
N VAL B 436 -17.41 36.22 -24.01
CA VAL B 436 -17.01 37.21 -23.00
C VAL B 436 -17.31 36.75 -21.59
N LYS B 437 -17.39 35.43 -21.39
CA LYS B 437 -17.53 34.88 -20.05
C LYS B 437 -18.94 35.13 -19.50
N ILE B 438 -19.91 35.32 -20.38
CA ILE B 438 -21.29 35.41 -19.92
C ILE B 438 -22.12 34.29 -20.54
N ASN B 439 -22.60 33.39 -19.72
CA ASN B 439 -23.23 32.20 -20.25
C ASN B 439 -24.65 32.43 -20.68
N GLU B 440 -25.11 31.67 -21.65
CA GLU B 440 -26.50 31.73 -22.08
C GLU B 440 -26.75 33.11 -22.65
N ASN B 441 -25.69 33.63 -23.26
CA ASN B 441 -25.71 34.91 -23.95
C ASN B 441 -26.75 34.96 -25.07
N ALA B 442 -26.89 33.89 -25.84
CA ALA B 442 -27.87 33.88 -26.93
C ALA B 442 -29.29 33.95 -26.41
N ALA B 443 -29.56 33.22 -25.33
CA ALA B 443 -30.88 33.25 -24.72
C ALA B 443 -31.14 34.62 -24.10
N ARG B 444 -30.13 35.20 -23.47
CA ARG B 444 -30.32 36.51 -22.91
C ARG B 444 -30.64 37.55 -23.99
N THR B 445 -29.86 37.53 -25.06
CA THR B 445 -30.06 38.47 -26.15
C THR B 445 -31.49 38.41 -26.70
N LEU B 446 -31.90 37.21 -27.09
CA LEU B 446 -33.21 37.02 -27.66
C LEU B 446 -34.31 37.55 -26.72
N GLU B 447 -34.22 37.20 -25.44
CA GLU B 447 -35.24 37.62 -24.52
C GLU B 447 -35.19 39.12 -24.22
N TYR B 448 -33.98 39.68 -24.11
CA TYR B 448 -33.82 41.13 -23.93
C TYR B 448 -34.51 41.86 -25.07
N ALA B 449 -34.36 41.33 -26.27
CA ALA B 449 -34.98 41.94 -27.42
C ALA B 449 -36.48 42.02 -27.24
N TYR B 450 -37.11 40.91 -26.86
CA TYR B 450 -38.55 40.92 -26.64
C TYR B 450 -38.88 41.86 -25.47
N ASP B 451 -38.02 41.87 -24.45
CA ASP B 451 -38.24 42.76 -23.32
C ASP B 451 -38.28 44.20 -23.79
N ASP B 452 -37.27 44.58 -24.57
CA ASP B 452 -37.19 45.93 -25.11
C ASP B 452 -38.41 46.32 -25.94
N TRP B 453 -38.97 45.35 -26.67
CA TRP B 453 -40.20 45.61 -27.39
C TRP B 453 -41.29 46.05 -26.45
N CYS B 454 -41.40 45.36 -25.31
CA CYS B 454 -42.39 45.66 -24.28
C CYS B 454 -42.18 47.05 -23.74
N ILE B 455 -40.93 47.41 -23.47
CA ILE B 455 -40.66 48.76 -23.04
C ILE B 455 -41.04 49.77 -24.14
N TYR B 456 -40.64 49.50 -25.38
CA TYR B 456 -41.01 50.34 -26.51
C TYR B 456 -42.52 50.56 -26.53
N ARG B 457 -43.25 49.48 -26.32
CA ARG B 457 -44.70 49.52 -26.34
C ARG B 457 -45.25 50.45 -25.28
N LEU B 458 -44.74 50.35 -24.07
CA LEU B 458 -45.24 51.17 -22.99
C LEU B 458 -44.81 52.61 -23.20
N ALA B 459 -43.55 52.77 -23.60
CA ALA B 459 -43.00 54.10 -23.78
C ALA B 459 -43.87 54.86 -24.78
N LYS B 460 -44.28 54.16 -25.83
CA LYS B 460 -45.10 54.76 -26.86
C LYS B 460 -46.43 55.19 -26.30
N GLU B 461 -47.04 54.30 -25.53
CA GLU B 461 -48.26 54.60 -24.80
C GLU B 461 -48.15 55.82 -23.89
N LEU B 462 -47.02 55.96 -23.20
CA LEU B 462 -46.80 57.10 -22.30
C LEU B 462 -46.48 58.39 -23.06
N LYS B 463 -46.32 58.29 -24.37
CA LYS B 463 -45.92 59.42 -25.18
C LYS B 463 -44.60 59.96 -24.69
N ARG B 464 -43.65 59.07 -24.43
CA ARG B 464 -42.32 59.49 -24.04
C ARG B 464 -41.67 60.14 -25.25
N PRO B 465 -40.50 60.76 -25.06
CA PRO B 465 -39.76 61.38 -26.16
C PRO B 465 -39.41 60.42 -27.32
N LYS B 466 -39.52 60.91 -28.56
CA LYS B 466 -39.25 60.12 -29.74
C LYS B 466 -37.89 59.42 -29.67
N LYS B 467 -36.89 60.11 -29.13
CA LYS B 467 -35.54 59.53 -28.99
C LYS B 467 -35.54 58.26 -28.13
N GLU B 468 -36.28 58.30 -27.03
CA GLU B 468 -36.48 57.12 -26.16
C GLU B 468 -37.21 55.98 -26.86
N ILE B 469 -38.36 56.33 -27.42
CA ILE B 469 -39.20 55.37 -28.11
C ILE B 469 -38.42 54.71 -29.24
N SER B 470 -37.65 55.50 -29.99
CA SER B 470 -36.88 54.96 -31.11
C SER B 470 -35.80 54.02 -30.62
N LEU B 471 -35.24 54.32 -29.45
CA LEU B 471 -34.17 53.51 -28.91
C LEU B 471 -34.62 52.07 -28.65
N PHE B 472 -35.78 51.93 -28.04
CA PHE B 472 -36.28 50.60 -27.74
C PHE B 472 -36.87 49.91 -28.97
N ALA B 473 -37.45 50.69 -29.88
CA ALA B 473 -37.91 50.15 -31.14
C ALA B 473 -36.71 49.56 -31.85
N LYS B 474 -35.57 50.21 -31.72
CA LYS B 474 -34.36 49.72 -32.35
C LYS B 474 -33.88 48.45 -31.69
N ARG B 475 -33.86 48.46 -30.37
CA ARG B 475 -33.35 47.31 -29.65
C ARG B 475 -34.25 46.09 -29.81
N ALA B 476 -35.54 46.32 -30.03
CA ALA B 476 -36.46 45.22 -30.20
C ALA B 476 -36.01 44.38 -31.39
N MET B 477 -35.22 44.98 -32.28
CA MET B 477 -34.76 44.31 -33.50
C MET B 477 -33.52 43.42 -33.25
N ASN B 478 -32.99 43.43 -32.04
CA ASN B 478 -31.69 42.78 -31.78
C ASN B 478 -31.62 41.29 -32.06
N TYR B 479 -32.76 40.62 -32.04
CA TYR B 479 -32.77 39.20 -32.33
C TYR B 479 -32.15 38.93 -33.68
N LYS B 480 -32.15 39.92 -34.56
CA LYS B 480 -31.53 39.77 -35.87
C LYS B 480 -30.03 39.56 -35.76
N ASN B 481 -29.43 40.13 -34.73
CA ASN B 481 -27.99 40.09 -34.62
C ASN B 481 -27.46 38.70 -34.39
N LEU B 482 -28.33 37.77 -34.03
CA LEU B 482 -27.87 36.41 -33.78
C LEU B 482 -28.37 35.40 -34.79
N PHE B 483 -29.01 35.85 -35.85
CA PHE B 483 -29.54 34.92 -36.82
C PHE B 483 -28.45 34.56 -37.82
N ASP B 484 -28.25 33.25 -37.99
CA ASP B 484 -27.28 32.73 -38.95
C ASP B 484 -28.02 32.36 -40.25
N LYS B 485 -27.68 33.03 -41.35
CA LYS B 485 -28.30 32.78 -42.65
C LYS B 485 -28.09 31.36 -43.18
N GLU B 486 -26.88 30.83 -43.04
CA GLU B 486 -26.59 29.49 -43.50
C GLU B 486 -27.44 28.45 -42.77
N SER B 487 -27.40 28.46 -41.44
CA SER B 487 -28.14 27.48 -40.64
C SER B 487 -29.63 27.77 -40.58
N LYS B 488 -29.98 29.05 -40.65
CA LYS B 488 -31.36 29.49 -40.49
C LYS B 488 -31.74 29.38 -39.00
N LEU B 489 -30.73 29.40 -38.15
CA LEU B 489 -30.96 29.25 -36.72
C LEU B 489 -30.30 30.36 -35.95
N MET B 490 -30.80 30.63 -34.75
CA MET B 490 -30.12 31.54 -33.86
C MET B 490 -28.82 30.89 -33.42
N ARG B 491 -27.78 31.68 -33.24
CA ARG B 491 -26.46 31.15 -33.02
C ARG B 491 -25.59 32.09 -32.24
N GLY B 492 -24.75 31.53 -31.37
CA GLY B 492 -23.85 32.33 -30.56
C GLY B 492 -22.91 33.16 -31.42
N ARG B 493 -22.66 34.39 -30.99
CA ARG B 493 -21.80 35.28 -31.76
C ARG B 493 -20.69 35.91 -30.92
N ASN B 494 -19.49 35.98 -31.51
CA ASN B 494 -18.35 36.48 -30.76
C ASN B 494 -18.39 37.99 -30.66
N GLU B 495 -17.58 38.53 -29.74
CA GLU B 495 -17.49 39.97 -29.57
C GLU B 495 -16.97 40.62 -30.82
N ASP B 496 -16.06 39.94 -31.51
CA ASP B 496 -15.45 40.51 -32.71
C ASP B 496 -16.47 40.53 -33.84
N GLY B 497 -17.61 39.90 -33.63
CA GLY B 497 -18.67 39.90 -34.64
C GLY B 497 -18.82 38.63 -35.47
N THR B 498 -17.88 37.71 -35.34
CA THR B 498 -17.98 36.46 -36.05
C THR B 498 -18.90 35.57 -35.29
N PHE B 499 -19.64 34.75 -36.03
CA PHE B 499 -20.48 33.73 -35.41
C PHE B 499 -19.59 32.63 -34.89
N GLN B 500 -19.97 32.03 -33.77
CA GLN B 500 -19.13 31.06 -33.12
C GLN B 500 -18.97 29.75 -33.90
N SER B 501 -17.76 29.20 -33.87
CA SER B 501 -17.47 27.92 -34.49
C SER B 501 -16.91 26.96 -33.48
N PRO B 502 -16.69 25.71 -33.92
CA PRO B 502 -17.86 24.92 -34.33
C PRO B 502 -19.24 25.16 -33.77
N PHE B 503 -20.23 25.00 -34.64
CA PHE B 503 -21.63 25.28 -34.28
C PHE B 503 -22.43 23.99 -34.15
N SER B 504 -22.94 23.71 -32.95
CA SER B 504 -23.75 22.53 -32.74
C SER B 504 -25.16 22.95 -32.43
N PRO B 505 -26.01 22.91 -33.45
CA PRO B 505 -27.40 23.29 -33.33
C PRO B 505 -28.11 22.45 -32.27
N LEU B 506 -27.62 21.24 -32.05
CA LEU B 506 -28.27 20.35 -31.10
C LEU B 506 -27.67 20.39 -29.71
N LYS B 507 -26.69 21.29 -29.49
CA LYS B 507 -26.05 21.38 -28.16
C LYS B 507 -26.88 22.20 -27.19
N TRP B 508 -27.06 21.70 -25.97
CA TRP B 508 -27.92 22.37 -25.01
C TRP B 508 -27.09 23.24 -24.10
N GLY B 509 -27.66 24.35 -23.64
CA GLY B 509 -26.93 25.23 -22.75
C GLY B 509 -25.90 26.09 -23.49
N ASP B 510 -24.88 26.55 -22.76
CA ASP B 510 -23.82 27.35 -23.38
C ASP B 510 -24.37 28.69 -23.82
N ALA B 511 -24.65 28.79 -25.12
CA ALA B 511 -25.32 29.97 -25.68
C ALA B 511 -26.75 30.11 -25.17
N PHE B 512 -27.36 28.98 -24.85
CA PHE B 512 -28.77 29.01 -24.45
C PHE B 512 -28.97 28.49 -23.02
N THR B 513 -30.23 28.44 -22.58
CA THR B 513 -30.50 27.85 -21.30
C THR B 513 -31.39 26.66 -21.49
N GLU B 514 -30.87 25.47 -21.20
CA GLU B 514 -31.75 24.31 -21.12
C GLU B 514 -32.56 24.16 -22.37
N GLY B 515 -31.88 24.25 -23.50
CA GLY B 515 -32.50 24.06 -24.78
C GLY B 515 -31.35 24.22 -25.73
N ASN B 516 -31.56 23.97 -27.00
CA ASN B 516 -30.53 24.19 -27.95
C ASN B 516 -31.06 25.16 -28.98
N SER B 517 -30.27 25.43 -30.00
CA SER B 517 -30.65 26.41 -31.00
C SER B 517 -32.04 26.08 -31.59
N TRP B 518 -32.34 24.79 -31.73
CA TRP B 518 -33.61 24.42 -32.30
C TRP B 518 -34.82 24.80 -31.43
N HIS B 519 -34.57 25.01 -30.15
CA HIS B 519 -35.64 25.42 -29.24
C HIS B 519 -35.68 26.92 -29.09
N TYR B 520 -34.51 27.55 -28.99
CA TYR B 520 -34.46 28.99 -28.76
C TYR B 520 -34.70 29.87 -30.00
N THR B 521 -34.49 29.29 -31.17
CA THR B 521 -34.60 30.09 -32.37
C THR B 521 -35.97 30.73 -32.50
N TRP B 522 -36.97 30.14 -31.85
CA TRP B 522 -38.33 30.61 -32.00
C TRP B 522 -38.69 31.72 -31.02
N SER B 523 -37.74 32.17 -30.20
CA SER B 523 -38.05 33.21 -29.23
C SER B 523 -38.06 34.61 -29.82
N VAL B 524 -39.02 34.89 -30.70
CA VAL B 524 -39.23 36.21 -31.26
C VAL B 524 -40.73 36.54 -31.19
N PHE B 525 -41.26 36.50 -29.97
CA PHE B 525 -42.67 36.58 -29.73
C PHE B 525 -43.28 37.80 -30.40
N HIS B 526 -42.51 38.89 -30.45
CA HIS B 526 -43.08 40.13 -30.92
C HIS B 526 -42.91 40.30 -32.42
N ASP B 527 -42.17 39.43 -33.06
CA ASP B 527 -41.91 39.65 -34.47
C ASP B 527 -41.70 38.36 -35.24
N PRO B 528 -42.74 37.52 -35.22
CA PRO B 528 -42.71 36.24 -35.94
C PRO B 528 -42.48 36.41 -37.43
N GLN B 529 -43.08 37.45 -38.00
CA GLN B 529 -42.92 37.70 -39.42
C GLN B 529 -41.47 38.10 -39.69
N GLY B 530 -40.87 38.85 -38.77
CA GLY B 530 -39.47 39.18 -38.91
C GLY B 530 -38.66 37.91 -39.03
N LEU B 531 -38.93 36.96 -38.14
CA LEU B 531 -38.21 35.71 -38.17
C LEU B 531 -38.48 34.99 -39.48
N ILE B 532 -39.74 34.98 -39.88
CA ILE B 532 -40.16 34.34 -41.12
C ILE B 532 -39.35 34.88 -42.27
N ASP B 533 -39.13 36.19 -42.26
CA ASP B 533 -38.35 36.84 -43.28
C ASP B 533 -36.88 36.39 -43.26
N LEU B 534 -36.23 36.39 -42.10
CA LEU B 534 -34.83 35.98 -42.13
C LEU B 534 -34.69 34.58 -42.67
N MET B 535 -35.71 33.74 -42.48
CA MET B 535 -35.61 32.35 -42.91
C MET B 535 -35.87 32.16 -44.40
N GLY B 536 -36.34 33.22 -45.06
CA GLY B 536 -36.61 33.23 -46.50
C GLY B 536 -38.05 32.93 -46.88
N GLY B 537 -39.00 33.61 -46.25
CA GLY B 537 -40.43 33.42 -46.55
C GLY B 537 -41.09 32.32 -45.74
N LYS B 538 -42.41 32.31 -45.74
CA LYS B 538 -43.17 31.37 -44.91
C LYS B 538 -42.96 29.89 -45.29
N GLU B 539 -42.87 29.60 -46.56
CA GLU B 539 -42.71 28.23 -46.99
CA GLU B 539 -42.71 28.21 -46.97
C GLU B 539 -41.46 27.63 -46.31
N MET B 540 -40.35 28.35 -46.38
CA MET B 540 -39.12 27.85 -45.78
CA MET B 540 -39.10 27.90 -45.80
C MET B 540 -39.22 27.85 -44.26
N PHE B 541 -39.98 28.78 -43.72
CA PHE B 541 -40.23 28.83 -42.30
C PHE B 541 -40.99 27.62 -41.81
N VAL B 542 -42.06 27.26 -42.49
CA VAL B 542 -42.83 26.07 -42.12
C VAL B 542 -41.99 24.80 -42.28
N THR B 543 -41.16 24.74 -43.34
CA THR B 543 -40.26 23.61 -43.54
C THR B 543 -39.39 23.44 -42.29
N MET B 544 -38.89 24.56 -41.81
CA MET B 544 -38.02 24.60 -40.65
C MET B 544 -38.75 24.08 -39.40
N MET B 545 -39.95 24.59 -39.17
CA MET B 545 -40.78 24.12 -38.06
C MET B 545 -41.01 22.62 -38.10
N ASP B 546 -41.44 22.14 -39.26
CA ASP B 546 -41.85 20.77 -39.41
C ASP B 546 -40.73 19.85 -39.03
N SER B 547 -39.49 20.23 -39.35
CA SER B 547 -38.37 19.35 -39.08
C SER B 547 -38.05 19.29 -37.60
N VAL B 548 -38.63 20.21 -36.82
CA VAL B 548 -38.51 20.14 -35.37
C VAL B 548 -39.15 18.84 -34.85
N PHE B 549 -40.29 18.49 -35.42
CA PHE B 549 -40.95 17.25 -35.06
C PHE B 549 -40.38 16.05 -35.81
N ALA B 550 -39.83 16.29 -37.00
CA ALA B 550 -39.46 15.20 -37.90
C ALA B 550 -38.14 14.52 -37.54
N VAL B 551 -37.20 15.25 -36.95
CA VAL B 551 -35.90 14.67 -36.67
C VAL B 551 -35.97 13.94 -35.36
N PRO B 552 -35.14 12.89 -35.20
CA PRO B 552 -35.02 12.16 -33.92
C PRO B 552 -34.53 13.07 -32.80
N PRO B 553 -34.86 12.73 -31.54
CA PRO B 553 -34.50 13.60 -30.42
C PRO B 553 -33.02 13.43 -30.04
N ILE B 554 -32.13 13.67 -30.98
CA ILE B 554 -30.71 13.56 -30.72
C ILE B 554 -30.23 14.89 -30.10
N PHE B 555 -29.14 14.85 -29.35
CA PHE B 555 -28.72 15.95 -28.52
C PHE B 555 -27.23 15.91 -28.16
N ASP B 556 -26.70 17.06 -27.76
CA ASP B 556 -25.32 17.22 -27.28
C ASP B 556 -25.34 17.80 -25.85
N ASP B 557 -24.91 17.02 -24.86
CA ASP B 557 -25.00 17.48 -23.47
C ASP B 557 -23.64 17.88 -22.89
N SER B 558 -22.66 18.11 -23.76
CA SER B 558 -21.29 18.32 -23.30
C SER B 558 -21.23 19.44 -22.28
N TYR B 559 -22.10 20.43 -22.40
CA TYR B 559 -22.06 21.58 -21.50
C TYR B 559 -22.50 21.23 -20.09
N TYR B 560 -23.27 20.16 -19.93
CA TYR B 560 -23.75 19.74 -18.61
C TYR B 560 -23.03 18.50 -18.07
N GLY B 561 -22.37 17.76 -18.96
CA GLY B 561 -21.62 16.59 -18.55
C GLY B 561 -22.49 15.40 -18.28
N GLN B 562 -23.78 15.61 -18.17
CA GLN B 562 -24.70 14.53 -17.85
C GLN B 562 -26.04 14.80 -18.51
N VAL B 563 -26.85 13.77 -18.73
CA VAL B 563 -28.16 13.92 -19.38
C VAL B 563 -29.17 14.51 -18.40
N ILE B 564 -29.19 15.83 -18.28
CA ILE B 564 -30.07 16.47 -17.31
C ILE B 564 -31.52 16.11 -17.55
N HIS B 565 -32.35 16.22 -16.52
CA HIS B 565 -33.70 15.72 -16.63
C HIS B 565 -34.47 16.32 -17.80
N GLU B 566 -34.22 17.58 -18.12
CA GLU B 566 -35.00 18.15 -19.20
C GLU B 566 -34.63 17.61 -20.56
N ILE B 567 -33.39 17.15 -20.73
CA ILE B 567 -33.03 16.43 -21.96
C ILE B 567 -33.73 15.06 -22.00
N ARG B 568 -33.64 14.32 -20.90
CA ARG B 568 -34.21 12.99 -20.83
C ARG B 568 -35.68 13.07 -21.13
N GLU B 569 -36.34 14.03 -20.53
CA GLU B 569 -37.78 14.24 -20.74
C GLU B 569 -38.12 14.42 -22.19
N MET B 570 -37.24 15.03 -22.94
CA MET B 570 -37.49 15.23 -24.36
C MET B 570 -37.38 13.90 -25.09
N THR B 571 -36.36 13.13 -24.74
CA THR B 571 -36.02 11.93 -25.50
C THR B 571 -37.14 10.91 -25.46
N VAL B 572 -37.76 10.77 -24.31
CA VAL B 572 -38.81 9.77 -24.16
C VAL B 572 -40.15 10.05 -24.85
N MET B 573 -40.44 11.31 -25.18
CA MET B 573 -41.74 11.72 -25.75
CA MET B 573 -41.76 11.61 -25.73
C MET B 573 -41.90 11.24 -27.20
N ASN B 574 -40.79 11.06 -27.89
CA ASN B 574 -40.89 10.67 -29.29
C ASN B 574 -41.66 11.72 -30.09
N MET B 575 -41.29 12.98 -29.90
CA MET B 575 -41.86 14.05 -30.70
C MET B 575 -40.71 14.94 -31.18
N GLY B 576 -39.75 14.30 -31.82
CA GLY B 576 -38.63 15.02 -32.38
C GLY B 576 -37.97 15.86 -31.31
N ASN B 577 -37.62 17.08 -31.67
CA ASN B 577 -37.01 17.97 -30.72
C ASN B 577 -37.99 18.92 -30.07
N TYR B 578 -39.28 18.62 -30.16
CA TYR B 578 -40.26 19.47 -29.50
C TYR B 578 -40.24 19.21 -27.98
N ALA B 579 -39.47 20.00 -27.24
CA ALA B 579 -39.30 19.74 -25.82
C ALA B 579 -40.34 20.45 -24.97
N HIS B 580 -41.59 20.00 -25.04
CA HIS B 580 -42.68 20.73 -24.38
C HIS B 580 -42.49 20.81 -22.87
N GLY B 581 -41.66 19.90 -22.37
CA GLY B 581 -41.38 19.84 -20.96
C GLY B 581 -40.58 21.03 -20.45
N ASN B 582 -40.09 21.89 -21.35
CA ASN B 582 -39.44 23.11 -20.89
C ASN B 582 -39.94 24.40 -21.57
N GLN B 583 -39.73 25.53 -20.88
CA GLN B 583 -40.47 26.75 -21.23
C GLN B 583 -40.16 27.39 -22.61
N PRO B 584 -38.90 27.35 -23.06
CA PRO B 584 -38.57 28.13 -24.27
C PRO B 584 -39.43 27.79 -25.47
N ILE B 585 -39.76 26.53 -25.65
CA ILE B 585 -40.47 26.14 -26.88
C ILE B 585 -41.99 26.10 -26.74
N GLN B 586 -42.52 26.47 -25.58
CA GLN B 586 -43.93 26.23 -25.33
C GLN B 586 -44.92 27.01 -26.21
N HIS B 587 -44.46 28.09 -26.83
CA HIS B 587 -45.32 28.92 -27.67
C HIS B 587 -45.15 28.50 -29.12
N MET B 588 -44.11 27.75 -29.42
CA MET B 588 -43.75 27.51 -30.81
C MET B 588 -44.84 27.00 -31.73
N ILE B 589 -45.60 26.01 -31.30
CA ILE B 589 -46.57 25.42 -32.20
C ILE B 589 -47.51 26.48 -32.79
N TYR B 590 -47.81 27.49 -31.99
CA TYR B 590 -48.73 28.53 -32.38
C TYR B 590 -48.16 29.37 -33.51
N LEU B 591 -46.85 29.32 -33.70
CA LEU B 591 -46.22 30.10 -34.75
C LEU B 591 -46.73 29.69 -36.12
N TYR B 592 -47.13 28.43 -36.26
CA TYR B 592 -47.74 28.00 -37.52
C TYR B 592 -48.82 28.98 -37.99
N ASP B 593 -49.55 29.56 -37.04
CA ASP B 593 -50.61 30.52 -37.40
C ASP B 593 -50.06 31.68 -38.21
N TYR B 594 -48.88 32.15 -37.80
CA TYR B 594 -48.25 33.32 -38.42
C TYR B 594 -47.82 33.04 -39.86
N ALA B 595 -47.66 31.77 -40.20
CA ALA B 595 -47.14 31.41 -41.52
C ALA B 595 -48.26 30.92 -42.44
N GLY B 596 -49.50 31.10 -41.99
CA GLY B 596 -50.64 30.79 -42.85
C GLY B 596 -50.94 29.31 -42.98
N GLN B 597 -50.56 28.54 -41.96
CA GLN B 597 -50.94 27.14 -41.89
C GLN B 597 -51.44 26.80 -40.49
N PRO B 598 -52.52 27.45 -40.05
CA PRO B 598 -53.11 27.23 -38.74
C PRO B 598 -53.48 25.77 -38.50
N TRP B 599 -53.78 25.04 -39.57
CA TRP B 599 -54.19 23.65 -39.41
C TRP B 599 -53.06 22.79 -38.83
N LYS B 600 -51.82 23.14 -39.15
CA LYS B 600 -50.68 22.42 -38.56
C LYS B 600 -50.58 22.70 -37.04
N ALA B 601 -50.91 23.92 -36.66
CA ALA B 601 -50.92 24.24 -35.25
C ALA B 601 -52.02 23.41 -34.60
N GLN B 602 -53.19 23.37 -35.26
CA GLN B 602 -54.31 22.61 -34.70
C GLN B 602 -53.91 21.14 -34.46
N TYR B 603 -53.24 20.55 -35.45
CA TYR B 603 -52.85 19.16 -35.36
C TYR B 603 -51.89 18.89 -34.19
N TRP B 604 -50.80 19.66 -34.10
CA TRP B 604 -49.79 19.41 -33.07
C TRP B 604 -50.26 19.78 -31.66
N LEU B 605 -50.93 20.92 -31.55
CA LEU B 605 -51.50 21.32 -30.29
C LEU B 605 -52.36 20.20 -29.68
N ARG B 606 -53.24 19.60 -30.48
CA ARG B 606 -54.08 18.54 -29.94
C ARG B 606 -53.24 17.33 -29.59
N GLN B 607 -52.19 17.07 -30.38
CA GLN B 607 -51.25 16.03 -29.98
C GLN B 607 -50.78 16.27 -28.54
N VAL B 608 -50.27 17.48 -28.29
CA VAL B 608 -49.65 17.79 -27.00
C VAL B 608 -50.66 17.66 -25.87
N MET B 609 -51.84 18.24 -26.06
CA MET B 609 -52.88 18.14 -25.04
C MET B 609 -53.35 16.71 -24.78
N ASP B 610 -53.26 15.83 -25.76
CA ASP B 610 -53.66 14.43 -25.57
C ASP B 610 -52.56 13.61 -24.93
N ARG B 611 -51.30 13.93 -25.23
CA ARG B 611 -50.23 13.02 -24.90
C ARG B 611 -49.31 13.47 -23.79
N MET B 612 -49.12 14.77 -23.64
CA MET B 612 -48.14 15.29 -22.69
C MET B 612 -48.70 15.61 -21.33
N TYR B 613 -49.98 15.37 -21.12
CA TYR B 613 -50.64 15.73 -19.87
C TYR B 613 -51.57 14.60 -19.50
N THR B 614 -51.37 14.03 -18.31
CA THR B 614 -52.30 13.03 -17.81
C THR B 614 -52.63 13.43 -16.40
N PRO B 615 -53.78 12.97 -15.88
CA PRO B 615 -54.24 13.48 -14.60
C PRO B 615 -53.72 12.73 -13.39
N GLY B 616 -52.81 11.77 -13.56
CA GLY B 616 -52.26 10.98 -12.46
C GLY B 616 -51.09 11.59 -11.72
N PRO B 617 -50.54 10.85 -10.79
CA PRO B 617 -49.45 11.41 -9.99
C PRO B 617 -48.23 11.76 -10.84
N ASP B 618 -48.09 11.09 -11.98
CA ASP B 618 -46.98 11.39 -12.88
C ASP B 618 -47.46 12.18 -14.06
N GLY B 619 -48.34 13.17 -13.82
CA GLY B 619 -49.10 13.81 -14.88
C GLY B 619 -48.46 14.71 -15.90
N TYR B 620 -47.43 15.47 -15.53
CA TYR B 620 -46.82 16.40 -16.49
C TYR B 620 -45.72 15.71 -17.20
N CYS B 621 -45.12 16.41 -18.17
CA CYS B 621 -44.00 15.85 -18.96
C CYS B 621 -42.67 16.56 -18.71
N GLY B 622 -42.62 17.42 -17.69
CA GLY B 622 -41.41 18.14 -17.29
C GLY B 622 -41.82 18.97 -16.10
N ASP B 623 -40.99 19.87 -15.60
CA ASP B 623 -41.39 20.66 -14.45
C ASP B 623 -42.60 21.53 -14.70
N GLU B 624 -43.50 21.59 -13.72
CA GLU B 624 -44.71 22.39 -13.82
C GLU B 624 -44.40 23.88 -13.73
N ASP B 625 -43.37 24.24 -12.95
CA ASP B 625 -42.84 25.62 -12.87
C ASP B 625 -43.87 26.70 -12.47
N ASN B 626 -44.47 26.55 -11.29
CA ASN B 626 -45.30 27.60 -10.69
C ASN B 626 -46.43 28.14 -11.56
N GLY B 627 -47.07 27.26 -12.31
CA GLY B 627 -48.25 27.64 -13.07
C GLY B 627 -48.04 27.68 -14.57
N GLN B 628 -46.78 27.87 -14.99
CA GLN B 628 -46.51 28.06 -16.42
C GLN B 628 -46.97 26.87 -17.25
N THR B 629 -46.43 25.69 -16.96
CA THR B 629 -46.78 24.50 -17.71
C THR B 629 -48.24 24.11 -17.51
N SER B 630 -48.79 24.48 -16.36
CA SER B 630 -50.21 24.21 -16.13
C SER B 630 -51.08 25.18 -16.93
N ALA B 631 -50.81 26.47 -16.82
CA ALA B 631 -51.59 27.44 -17.55
C ALA B 631 -51.49 27.25 -19.05
N TRP B 632 -50.38 26.68 -19.53
CA TRP B 632 -50.26 26.41 -20.96
C TRP B 632 -51.39 25.50 -21.38
N TYR B 633 -51.61 24.45 -20.58
CA TYR B 633 -52.74 23.56 -20.85
C TYR B 633 -54.09 24.28 -20.74
N VAL B 634 -54.28 25.11 -19.72
CA VAL B 634 -55.56 25.80 -19.52
C VAL B 634 -55.90 26.63 -20.76
N PHE B 635 -54.96 27.47 -21.18
CA PHE B 635 -55.19 28.28 -22.36
C PHE B 635 -55.45 27.40 -23.56
N SER B 636 -54.50 26.50 -23.83
CA SER B 636 -54.58 25.66 -24.99
C SER B 636 -55.89 24.87 -25.09
N ALA B 637 -56.40 24.39 -23.95
CA ALA B 637 -57.65 23.64 -23.97
C ALA B 637 -58.81 24.56 -24.34
N LEU B 638 -58.70 25.84 -23.97
CA LEU B 638 -59.72 26.82 -24.32
C LEU B 638 -59.70 27.09 -25.81
N GLY B 639 -58.52 26.99 -26.42
CA GLY B 639 -58.37 27.18 -27.87
C GLY B 639 -57.45 28.32 -28.32
N PHE B 640 -56.79 28.98 -27.39
CA PHE B 640 -55.92 30.10 -27.75
C PHE B 640 -54.85 30.34 -26.70
N TYR B 641 -53.82 31.10 -27.05
CA TYR B 641 -52.64 31.23 -26.21
C TYR B 641 -51.99 32.61 -26.43
N PRO B 642 -51.52 33.24 -25.34
CA PRO B 642 -50.91 34.56 -25.45
C PRO B 642 -49.46 34.48 -25.94
N VAL B 643 -49.25 34.21 -27.21
CA VAL B 643 -47.90 34.09 -27.72
C VAL B 643 -47.06 35.29 -27.33
N CYS B 644 -47.62 36.48 -27.52
CA CYS B 644 -46.88 37.69 -27.23
C CYS B 644 -47.53 38.61 -26.21
N PRO B 645 -47.30 38.35 -24.93
CA PRO B 645 -47.82 39.26 -23.90
C PRO B 645 -47.31 40.66 -24.17
N GLY B 646 -48.14 41.67 -23.95
CA GLY B 646 -47.77 43.01 -24.35
C GLY B 646 -48.60 43.44 -25.52
N THR B 647 -49.18 42.47 -26.22
CA THR B 647 -50.20 42.77 -27.24
C THR B 647 -51.56 42.49 -26.60
N ASP B 648 -52.64 42.79 -27.30
CA ASP B 648 -53.94 42.45 -26.79
C ASP B 648 -54.42 41.17 -27.47
N GLU B 649 -53.50 40.32 -27.86
CA GLU B 649 -53.83 39.17 -28.70
C GLU B 649 -53.65 37.81 -28.07
N TYR B 650 -54.59 36.91 -28.36
CA TYR B 650 -54.44 35.51 -28.03
C TYR B 650 -54.48 34.79 -29.37
N VAL B 651 -53.40 34.12 -29.73
CA VAL B 651 -53.31 33.41 -31.01
C VAL B 651 -54.08 32.10 -30.96
N MET B 652 -54.68 31.72 -32.08
CA MET B 652 -55.70 30.69 -32.07
C MET B 652 -55.09 29.34 -32.22
N GLY B 653 -55.51 28.40 -31.39
CA GLY B 653 -55.08 26.99 -31.47
C GLY B 653 -56.26 26.11 -31.85
N THR B 654 -56.55 25.13 -30.99
CA THR B 654 -57.75 24.31 -31.16
C THR B 654 -58.37 23.96 -29.79
N PRO B 655 -59.71 24.15 -29.66
CA PRO B 655 -60.36 23.94 -28.35
C PRO B 655 -60.47 22.45 -28.03
N LEU B 656 -60.28 22.08 -26.77
CA LEU B 656 -60.34 20.68 -26.39
C LEU B 656 -61.73 20.21 -26.04
N PHE B 657 -62.61 21.14 -25.66
CA PHE B 657 -63.92 20.76 -25.14
C PHE B 657 -65.05 21.15 -26.10
N LYS B 658 -66.22 20.57 -25.93
CA LYS B 658 -67.36 20.93 -26.74
C LYS B 658 -67.92 22.26 -26.33
N LYS B 659 -67.65 22.68 -25.11
CA LYS B 659 -68.15 23.98 -24.68
C LYS B 659 -67.30 24.49 -23.53
N ALA B 660 -66.89 25.73 -23.61
CA ALA B 660 -66.26 26.34 -22.47
C ALA B 660 -66.94 27.68 -22.23
N THR B 661 -67.08 28.06 -20.97
CA THR B 661 -67.65 29.36 -20.65
C THR B 661 -66.73 30.15 -19.74
N LEU B 662 -66.45 31.41 -20.10
CA LEU B 662 -65.63 32.26 -19.25
C LEU B 662 -66.45 33.31 -18.53
N HIS B 663 -66.18 33.49 -17.24
CA HIS B 663 -66.84 34.54 -16.51
C HIS B 663 -65.80 35.55 -16.06
N PHE B 664 -65.80 36.72 -16.70
CA PHE B 664 -64.81 37.72 -16.39
C PHE B 664 -65.21 38.58 -15.19
N GLU B 665 -64.21 39.18 -14.53
CA GLU B 665 -64.48 40.00 -13.36
C GLU B 665 -65.43 41.17 -13.68
N ASN B 666 -65.49 41.57 -14.96
CA ASN B 666 -66.33 42.71 -15.36
C ASN B 666 -67.82 42.35 -15.46
N GLY B 667 -68.18 41.11 -15.17
CA GLY B 667 -69.58 40.73 -15.17
C GLY B 667 -70.11 40.05 -16.44
N ASN B 668 -69.35 40.13 -17.52
CA ASN B 668 -69.72 39.45 -18.76
C ASN B 668 -69.24 37.98 -18.81
N SER B 669 -69.84 37.24 -19.72
CA SER B 669 -69.43 35.88 -19.98
C SER B 669 -69.20 35.65 -21.48
N LEU B 670 -68.33 34.71 -21.79
CA LEU B 670 -68.03 34.38 -23.14
C LEU B 670 -68.19 32.88 -23.28
N VAL B 671 -69.02 32.44 -24.20
CA VAL B 671 -69.20 31.01 -24.41
C VAL B 671 -68.50 30.59 -25.69
N ILE B 672 -67.64 29.57 -25.60
CA ILE B 672 -67.01 29.01 -26.77
C ILE B 672 -67.63 27.67 -27.12
N ASP B 673 -68.46 27.66 -28.16
CA ASP B 673 -69.21 26.47 -28.57
C ASP B 673 -68.53 25.70 -29.68
N ALA B 674 -68.13 24.47 -29.36
CA ALA B 674 -67.56 23.56 -30.34
C ALA B 674 -68.31 22.21 -30.30
N PRO B 675 -69.61 22.26 -30.60
CA PRO B 675 -70.52 21.14 -30.43
C PRO B 675 -69.99 19.90 -31.11
N ASN B 676 -69.19 20.06 -32.15
CA ASN B 676 -68.79 18.93 -32.95
C ASN B 676 -67.41 18.39 -32.61
N ASN B 677 -66.86 18.86 -31.51
CA ASN B 677 -65.57 18.43 -31.08
C ASN B 677 -65.55 16.92 -30.77
N SER B 678 -64.41 16.29 -31.00
CA SER B 678 -64.29 14.86 -30.75
C SER B 678 -62.79 14.52 -30.70
N THR B 679 -62.48 13.25 -30.50
CA THR B 679 -61.09 12.84 -30.60
C THR B 679 -60.58 12.98 -32.03
N GLU B 680 -61.48 12.80 -32.98
CA GLU B 680 -61.14 12.93 -34.40
C GLU B 680 -61.20 14.37 -34.90
N ASN B 681 -62.16 15.14 -34.39
CA ASN B 681 -62.46 16.43 -34.96
C ASN B 681 -61.71 17.53 -34.26
N PHE B 682 -60.41 17.64 -34.54
CA PHE B 682 -59.58 18.65 -33.87
C PHE B 682 -59.19 19.79 -34.81
N TYR B 683 -59.67 19.78 -36.04
CA TYR B 683 -59.40 20.88 -36.97
C TYR B 683 -60.52 21.90 -36.90
N ILE B 684 -60.16 23.17 -37.02
CA ILE B 684 -61.17 24.20 -37.07
C ILE B 684 -61.50 24.43 -38.51
N ASP B 685 -62.76 24.21 -38.87
CA ASP B 685 -63.18 24.42 -40.26
C ASP B 685 -63.65 25.86 -40.49
N SER B 686 -64.45 26.37 -39.57
CA SER B 686 -64.91 27.77 -39.63
C SER B 686 -65.16 28.27 -38.21
N MET B 687 -65.25 29.59 -38.07
CA MET B 687 -65.37 30.19 -36.75
C MET B 687 -66.20 31.44 -36.91
N SER B 688 -67.11 31.67 -35.98
CA SER B 688 -67.84 32.93 -35.97
C SER B 688 -67.86 33.51 -34.57
N PHE B 689 -67.88 34.82 -34.49
CA PHE B 689 -67.83 35.53 -33.22
C PHE B 689 -69.07 36.42 -33.15
N ASN B 690 -70.03 36.02 -32.34
CA ASN B 690 -71.29 36.76 -32.25
C ASN B 690 -71.90 36.92 -33.61
N GLY B 691 -71.90 35.84 -34.41
CA GLY B 691 -72.59 35.86 -35.70
C GLY B 691 -71.76 36.37 -36.87
N ALA B 692 -70.78 37.20 -36.60
CA ALA B 692 -69.84 37.62 -37.64
C ALA B 692 -68.91 36.46 -37.93
N ASP B 693 -68.56 36.29 -39.21
CA ASP B 693 -67.61 35.27 -39.57
C ASP B 693 -66.21 35.67 -39.13
N HIS B 694 -65.44 34.71 -38.64
CA HIS B 694 -64.15 35.04 -38.06
C HIS B 694 -63.01 34.20 -38.63
N THR B 695 -62.28 34.74 -39.60
CA THR B 695 -61.26 33.93 -40.25
C THR B 695 -59.92 34.19 -39.60
N LYS B 696 -59.84 35.16 -38.71
CA LYS B 696 -58.57 35.57 -38.14
C LYS B 696 -57.95 34.47 -37.27
N ASN B 697 -56.64 34.52 -37.10
CA ASN B 697 -55.92 33.54 -36.28
C ASN B 697 -55.67 34.03 -34.89
N TYR B 698 -56.43 35.04 -34.45
CA TYR B 698 -56.29 35.55 -33.09
C TYR B 698 -57.58 36.17 -32.58
N LEU B 699 -57.64 36.33 -31.25
CA LEU B 699 -58.74 37.02 -30.59
C LEU B 699 -58.18 38.24 -29.85
N ARG B 700 -59.00 39.27 -29.64
CA ARG B 700 -58.53 40.45 -28.92
C ARG B 700 -59.09 40.57 -27.52
N HIS B 701 -58.22 40.91 -26.58
CA HIS B 701 -58.60 41.03 -25.18
C HIS B 701 -59.91 41.79 -24.97
N GLU B 702 -60.00 43.01 -25.53
CA GLU B 702 -61.19 43.82 -25.30
CA GLU B 702 -61.20 43.82 -25.32
C GLU B 702 -62.43 43.19 -25.94
N ASP B 703 -62.22 42.46 -27.04
CA ASP B 703 -63.32 41.75 -27.71
C ASP B 703 -63.88 40.66 -26.83
N LEU B 704 -62.98 39.85 -26.28
CA LEU B 704 -63.35 38.80 -25.36
C LEU B 704 -64.11 39.37 -24.17
N PHE B 705 -63.57 40.40 -23.54
CA PHE B 705 -64.21 41.00 -22.38
C PHE B 705 -65.64 41.48 -22.68
N LYS B 706 -65.96 41.78 -23.93
CA LYS B 706 -67.34 42.17 -24.23
C LYS B 706 -68.28 40.99 -24.13
N GLY B 707 -67.73 39.78 -24.17
CA GLY B 707 -68.53 38.57 -23.99
C GLY B 707 -69.39 38.23 -25.19
N GLY B 708 -70.37 37.35 -24.98
CA GLY B 708 -71.19 36.83 -26.06
C GLY B 708 -70.80 35.40 -26.38
N THR B 709 -70.90 35.03 -27.66
CA THR B 709 -70.64 33.66 -28.07
C THR B 709 -69.65 33.57 -29.19
N ILE B 710 -68.73 32.63 -29.08
CA ILE B 710 -67.90 32.23 -30.21
C ILE B 710 -68.27 30.81 -30.65
N LYS B 711 -68.53 30.62 -31.93
CA LYS B 711 -68.87 29.31 -32.45
C LYS B 711 -67.70 28.72 -33.25
N VAL B 712 -67.32 27.47 -32.95
CA VAL B 712 -66.22 26.83 -33.65
C VAL B 712 -66.66 25.50 -34.27
N ASP B 713 -66.61 25.44 -35.59
CA ASP B 713 -67.05 24.27 -36.33
C ASP B 713 -65.87 23.31 -36.49
N MET B 714 -65.85 22.24 -35.68
CA MET B 714 -64.74 21.27 -35.69
C MET B 714 -64.87 20.26 -36.82
N SER B 715 -63.74 19.81 -37.35
CA SER B 715 -63.73 18.84 -38.42
C SER B 715 -62.56 17.86 -38.23
N ASN B 716 -62.63 16.72 -38.90
CA ASN B 716 -61.54 15.75 -38.88
C ASN B 716 -60.60 15.91 -40.07
N ARG B 717 -60.84 16.92 -40.89
CA ARG B 717 -59.98 17.19 -42.04
C ARG B 717 -59.59 18.66 -41.99
N PRO B 718 -58.31 18.95 -42.25
CA PRO B 718 -57.85 20.32 -42.18
C PRO B 718 -58.51 21.18 -43.26
N ASN B 719 -58.71 22.45 -42.97
CA ASN B 719 -59.21 23.36 -43.98
C ASN B 719 -58.08 24.25 -44.51
N LEU B 720 -57.62 23.93 -45.71
CA LEU B 720 -56.44 24.57 -46.29
C LEU B 720 -56.61 26.05 -46.67
N ASN B 721 -57.84 26.57 -46.55
CA ASN B 721 -58.13 27.94 -46.99
C ASN B 721 -58.39 28.96 -45.89
N ARG B 722 -58.70 28.49 -44.68
CA ARG B 722 -59.02 29.38 -43.59
C ARG B 722 -57.76 29.90 -42.95
N GLY B 723 -57.73 31.21 -42.70
CA GLY B 723 -56.64 31.81 -41.93
C GLY B 723 -55.31 31.89 -42.66
N THR B 724 -55.38 31.95 -43.98
CA THR B 724 -54.16 32.08 -44.76
C THR B 724 -54.01 33.51 -45.27
N LYS B 725 -55.12 34.24 -45.26
CA LYS B 725 -55.14 35.61 -45.74
C LYS B 725 -54.26 36.44 -44.84
N GLU B 726 -53.73 37.54 -45.38
CA GLU B 726 -52.73 38.33 -44.67
C GLU B 726 -53.31 39.06 -43.46
N GLU B 727 -54.57 39.48 -43.55
CA GLU B 727 -55.18 40.20 -42.43
C GLU B 727 -55.56 39.24 -41.31
N ASP B 728 -55.38 37.94 -41.53
CA ASP B 728 -55.69 36.97 -40.50
C ASP B 728 -54.52 36.78 -39.58
N MET B 729 -53.34 37.31 -39.93
CA MET B 729 -52.14 37.05 -39.11
C MET B 729 -52.16 37.84 -37.83
N PRO B 730 -51.60 37.27 -36.76
CA PRO B 730 -51.45 38.03 -35.53
C PRO B 730 -50.33 39.08 -35.64
N TYR B 731 -50.20 39.89 -34.60
CA TYR B 731 -49.25 40.99 -34.61
C TYR B 731 -47.81 40.56 -34.85
N SER B 732 -47.09 41.35 -35.66
CA SER B 732 -45.63 41.25 -35.72
C SER B 732 -45.08 42.67 -35.81
N PHE B 733 -44.03 42.93 -35.02
CA PHE B 733 -43.42 44.26 -34.95
C PHE B 733 -42.99 44.75 -36.32
N SER B 734 -42.40 43.88 -37.12
CA SER B 734 -42.01 44.20 -38.49
C SER B 734 -43.13 44.83 -39.34
N LYS B 735 -44.37 44.45 -39.08
CA LYS B 735 -45.52 45.11 -39.70
C LYS B 735 -45.89 46.42 -38.99
N GLU B 736 -45.08 47.46 -39.17
CA GLU B 736 -45.20 48.74 -38.47
C GLU B 736 -44.10 49.70 -38.98
N LYS C 1 -33.32 -54.49 1.63
CA LYS C 1 -32.35 -55.21 0.73
C LYS C 1 -30.88 -54.90 1.11
N ASP C 2 -30.06 -55.93 1.16
CA ASP C 2 -28.74 -55.84 1.80
C ASP C 2 -27.56 -56.06 0.86
N TRP C 3 -26.66 -55.09 0.74
CA TRP C 3 -25.49 -55.31 -0.11
C TRP C 3 -24.21 -55.64 0.67
N THR C 4 -24.23 -55.44 1.99
CA THR C 4 -23.04 -55.58 2.79
C THR C 4 -22.56 -57.03 2.78
N GLN C 5 -23.50 -57.94 2.51
CA GLN C 5 -23.19 -59.35 2.45
C GLN C 5 -22.14 -59.64 1.38
N TYR C 6 -22.00 -58.73 0.44
CA TYR C 6 -21.07 -58.94 -0.64
C TYR C 6 -19.72 -58.33 -0.36
N VAL C 7 -19.64 -57.52 0.68
CA VAL C 7 -18.41 -56.79 0.95
C VAL C 7 -17.42 -57.64 1.72
N ASN C 8 -16.24 -57.84 1.15
CA ASN C 8 -15.19 -58.60 1.83
C ASN C 8 -14.03 -57.68 2.23
N PRO C 9 -14.04 -57.21 3.50
CA PRO C 9 -13.00 -56.29 3.92
C PRO C 9 -11.62 -56.92 3.89
N LEU C 10 -11.53 -58.24 3.66
CA LEU C 10 -10.21 -58.89 3.69
C LEU C 10 -9.59 -58.86 2.32
N MET C 11 -10.37 -58.40 1.34
CA MET C 11 -9.90 -58.42 -0.03
C MET C 11 -8.72 -57.48 -0.17
N GLY C 12 -7.57 -58.00 -0.56
CA GLY C 12 -6.39 -57.16 -0.65
C GLY C 12 -5.45 -57.29 0.54
N SER C 13 -5.84 -58.10 1.53
CA SER C 13 -5.02 -58.28 2.73
C SER C 13 -3.94 -59.33 2.59
N GLN C 14 -4.01 -60.10 1.53
CA GLN C 14 -2.96 -61.08 1.23
C GLN C 14 -1.85 -60.50 0.34
N SER C 15 -1.16 -59.46 0.81
CA SER C 15 -0.17 -58.78 0.00
C SER C 15 1.14 -58.82 0.71
N THR C 16 2.20 -58.79 -0.08
CA THR C 16 3.55 -58.73 0.45
C THR C 16 4.31 -57.60 -0.21
N PHE C 17 5.46 -57.26 0.38
CA PHE C 17 6.34 -56.24 -0.18
C PHE C 17 6.69 -56.46 -1.66
N GLU C 18 7.00 -57.68 -2.08
CA GLU C 18 7.38 -57.86 -3.49
C GLU C 18 6.21 -57.97 -4.46
N LEU C 19 5.04 -58.37 -3.97
CA LEU C 19 3.90 -58.46 -4.84
C LEU C 19 2.69 -57.98 -4.06
N SER C 20 2.07 -56.91 -4.53
CA SER C 20 0.88 -56.43 -3.91
C SER C 20 -0.34 -57.09 -4.57
N THR C 21 -1.28 -57.53 -3.75
CA THR C 21 -2.57 -57.95 -4.26
C THR C 21 -3.63 -57.01 -3.71
N GLY C 22 -3.17 -55.80 -3.36
CA GLY C 22 -4.04 -54.72 -2.96
C GLY C 22 -3.40 -53.85 -1.88
N ASN C 23 -2.67 -54.48 -0.97
CA ASN C 23 -2.10 -53.78 0.16
C ASN C 23 -3.14 -53.06 0.99
N THR C 24 -4.18 -53.76 1.37
CA THR C 24 -5.24 -53.16 2.17
C THR C 24 -5.27 -53.80 3.55
N TYR C 25 -6.07 -53.25 4.43
CA TYR C 25 -6.39 -53.93 5.68
C TYR C 25 -7.90 -53.87 5.83
N PRO C 26 -8.44 -54.68 6.75
CA PRO C 26 -9.88 -54.66 7.01
C PRO C 26 -10.29 -53.41 7.73
N ALA C 27 -10.72 -52.42 6.96
CA ALA C 27 -11.14 -51.15 7.54
C ALA C 27 -12.54 -51.30 8.09
N ILE C 28 -12.66 -51.52 9.39
CA ILE C 28 -13.98 -51.53 10.02
C ILE C 28 -14.37 -50.12 10.41
N ALA C 29 -15.29 -49.54 9.67
CA ALA C 29 -15.57 -48.13 9.81
C ALA C 29 -16.91 -47.74 9.22
N ARG C 30 -17.34 -46.53 9.51
CA ARG C 30 -18.44 -45.93 8.78
C ARG C 30 -17.84 -45.37 7.50
N PRO C 31 -18.68 -45.14 6.47
CA PRO C 31 -18.23 -44.47 5.26
C PRO C 31 -17.49 -43.18 5.57
N TRP C 32 -16.28 -43.04 5.05
CA TRP C 32 -15.48 -41.84 5.28
C TRP C 32 -15.25 -41.54 6.77
N GLY C 33 -15.29 -42.59 7.60
CA GLY C 33 -15.18 -42.38 9.05
C GLY C 33 -13.88 -41.71 9.47
N MET C 34 -13.93 -40.90 10.52
CA MET C 34 -12.74 -40.16 10.95
C MET C 34 -11.73 -41.10 11.57
N ASN C 35 -12.23 -42.13 12.25
CA ASN C 35 -11.40 -43.15 12.85
C ASN C 35 -11.77 -44.53 12.30
N PHE C 36 -10.78 -45.24 11.78
CA PHE C 36 -10.99 -46.63 11.38
C PHE C 36 -10.49 -47.57 12.48
N TRP C 37 -11.06 -48.76 12.57
CA TRP C 37 -10.57 -49.75 13.52
C TRP C 37 -10.24 -51.01 12.76
N THR C 38 -9.16 -51.66 13.16
CA THR C 38 -8.78 -52.89 12.49
C THR C 38 -8.11 -53.83 13.46
N PRO C 39 -8.30 -55.15 13.23
CA PRO C 39 -7.48 -56.09 13.98
C PRO C 39 -6.03 -55.83 13.58
N GLN C 40 -5.12 -55.96 14.52
CA GLN C 40 -3.72 -55.72 14.20
C GLN C 40 -2.90 -56.98 14.31
N THR C 41 -2.33 -57.40 13.19
CA THR C 41 -1.42 -58.53 13.19
C THR C 41 0.02 -58.08 13.17
N GLY C 42 0.29 -56.97 12.49
CA GLY C 42 1.67 -56.48 12.40
C GLY C 42 2.18 -55.92 13.72
N LYS C 43 3.50 -55.84 13.87
CA LYS C 43 4.08 -55.21 15.04
C LYS C 43 3.93 -53.70 14.94
N MET C 44 3.87 -53.04 16.09
CA MET C 44 3.74 -51.57 16.09
C MET C 44 4.68 -50.89 15.07
N GLY C 45 4.12 -50.07 14.18
CA GLY C 45 4.91 -49.24 13.30
C GLY C 45 5.07 -49.82 11.92
N ASP C 46 4.74 -51.10 11.78
CA ASP C 46 4.82 -51.77 10.49
C ASP C 46 3.62 -51.39 9.62
N GLY C 47 3.91 -50.86 8.45
CA GLY C 47 2.88 -50.49 7.50
C GLY C 47 1.91 -51.62 7.19
N TRP C 48 2.40 -52.86 7.18
CA TRP C 48 1.53 -53.98 6.99
C TRP C 48 0.94 -54.39 8.32
N GLN C 49 -0.07 -53.65 8.75
CA GLN C 49 -0.66 -53.83 10.08
C GLN C 49 -1.59 -55.06 10.18
N TYR C 50 -2.14 -55.49 9.05
CA TYR C 50 -2.90 -56.71 9.02
C TYR C 50 -2.54 -57.43 7.74
N THR C 51 -2.11 -58.68 7.85
CA THR C 51 -1.82 -59.49 6.66
C THR C 51 -2.53 -60.83 6.75
N TYR C 52 -3.11 -61.27 5.65
CA TYR C 52 -3.95 -62.46 5.69
C TYR C 52 -3.21 -63.71 6.20
N THR C 53 -1.90 -63.79 6.00
CA THR C 53 -1.22 -65.02 6.33
C THR C 53 -0.65 -64.98 7.74
N ALA C 54 -0.98 -63.92 8.47
CA ALA C 54 -0.44 -63.78 9.81
C ALA C 54 -1.22 -64.70 10.74
N ASN C 55 -0.55 -65.25 11.75
CA ASN C 55 -1.17 -66.15 12.71
C ASN C 55 -1.74 -65.52 13.95
N LYS C 56 -1.24 -64.35 14.32
CA LYS C 56 -1.57 -63.78 15.62
C LYS C 56 -2.07 -62.35 15.52
N ILE C 57 -3.04 -62.02 16.36
CA ILE C 57 -3.52 -60.67 16.53
C ILE C 57 -2.94 -60.16 17.85
N ARG C 58 -2.39 -58.95 17.84
CA ARG C 58 -1.75 -58.44 19.05
C ARG C 58 -2.47 -57.20 19.58
N GLY C 59 -3.58 -56.82 18.94
CA GLY C 59 -4.41 -55.73 19.41
C GLY C 59 -5.51 -55.34 18.44
N PHE C 60 -6.43 -54.53 18.92
CA PHE C 60 -7.40 -53.93 18.06
C PHE C 60 -7.12 -52.44 18.02
N LYS C 61 -6.77 -51.97 16.83
CA LYS C 61 -6.15 -50.69 16.65
C LYS C 61 -7.06 -49.65 16.01
N GLN C 62 -6.92 -48.42 16.50
CA GLN C 62 -7.49 -47.26 15.82
C GLN C 62 -6.45 -46.79 14.82
N THR C 63 -6.82 -46.78 13.56
CA THR C 63 -5.86 -46.46 12.52
C THR C 63 -6.39 -45.39 11.60
N HIS C 64 -5.48 -44.66 10.94
CA HIS C 64 -5.86 -43.68 9.91
C HIS C 64 -5.07 -43.91 8.64
N GLN C 65 -4.23 -44.94 8.68
CA GLN C 65 -3.34 -45.29 7.56
C GLN C 65 -4.05 -45.47 6.23
N PRO C 66 -3.60 -44.71 5.22
CA PRO C 66 -4.05 -44.80 3.84
C PRO C 66 -3.28 -45.82 3.00
N SER C 67 -2.07 -46.17 3.42
CA SER C 67 -1.22 -47.06 2.62
C SER C 67 -0.08 -47.57 3.48
N PRO C 68 0.36 -48.82 3.26
CA PRO C 68 1.53 -49.26 4.02
C PRO C 68 2.69 -48.30 3.75
N TRP C 69 2.76 -47.77 2.54
CA TRP C 69 3.88 -46.93 2.18
C TRP C 69 3.86 -45.59 2.89
N ILE C 70 2.68 -45.02 3.06
CA ILE C 70 2.51 -43.78 3.81
C ILE C 70 2.55 -43.99 5.36
N ASN C 71 2.00 -45.10 5.81
CA ASN C 71 2.00 -45.42 7.22
C ASN C 71 0.99 -44.61 8.04
N ASP C 72 0.99 -44.79 9.37
CA ASP C 72 -0.11 -44.34 10.21
C ASP C 72 0.13 -43.10 11.08
N TYR C 73 -0.94 -42.57 11.68
CA TYR C 73 -0.89 -41.52 12.68
C TYR C 73 -2.18 -41.60 13.48
N GLY C 74 -2.20 -41.03 14.69
CA GLY C 74 -3.38 -41.08 15.58
C GLY C 74 -3.77 -42.50 15.89
N GLN C 75 -2.82 -43.27 16.41
CA GLN C 75 -2.96 -44.71 16.49
C GLN C 75 -2.73 -45.21 17.91
N PHE C 76 -3.68 -46.00 18.41
CA PHE C 76 -3.49 -46.72 19.66
C PHE C 76 -4.27 -48.04 19.55
N SER C 77 -4.03 -48.95 20.50
CA SER C 77 -4.70 -50.24 20.45
C SER C 77 -5.16 -50.69 21.81
N ILE C 78 -6.06 -51.69 21.77
CA ILE C 78 -6.63 -52.31 22.95
C ILE C 78 -6.57 -53.83 22.75
N MET C 79 -6.28 -54.58 23.80
CA MET C 79 -6.11 -56.03 23.68
C MET C 79 -6.53 -56.73 24.96
N PRO C 80 -7.57 -57.59 24.90
CA PRO C 80 -7.96 -58.35 26.07
C PRO C 80 -7.05 -59.59 26.24
N ILE C 81 -6.77 -59.99 27.46
CA ILE C 81 -5.95 -61.16 27.68
C ILE C 81 -6.35 -61.84 28.96
N VAL C 82 -5.70 -62.94 29.26
CA VAL C 82 -6.03 -63.75 30.41
C VAL C 82 -4.75 -64.33 30.97
N GLY C 83 -4.68 -64.57 32.27
CA GLY C 83 -3.47 -65.16 32.85
C GLY C 83 -2.54 -64.14 33.47
N GLN C 84 -1.31 -64.04 32.98
CA GLN C 84 -0.39 -62.99 33.43
C GLN C 84 -0.75 -61.65 32.79
N PRO C 85 -0.68 -60.55 33.56
CA PRO C 85 -0.83 -59.21 33.00
C PRO C 85 0.44 -58.79 32.25
N VAL C 86 0.41 -58.84 30.93
CA VAL C 86 1.62 -58.56 30.15
C VAL C 86 1.32 -57.48 29.14
N PHE C 87 2.25 -56.53 29.00
CA PHE C 87 2.03 -55.42 28.08
C PHE C 87 2.72 -55.65 26.76
N ASP C 88 3.84 -56.34 26.79
CA ASP C 88 4.60 -56.60 25.58
C ASP C 88 3.69 -57.05 24.43
N GLU C 89 3.96 -56.54 23.23
CA GLU C 89 3.06 -56.76 22.09
C GLU C 89 3.16 -58.18 21.48
N GLU C 90 4.17 -58.94 21.87
CA GLU C 90 4.28 -60.33 21.39
C GLU C 90 3.75 -61.28 22.44
N LYS C 91 4.12 -61.05 23.68
CA LYS C 91 3.62 -61.87 24.76
C LYS C 91 2.09 -61.80 24.90
N ARG C 92 1.48 -60.67 24.56
CA ARG C 92 0.04 -60.56 24.69
C ARG C 92 -0.70 -61.11 23.47
N ALA C 93 0.04 -61.37 22.41
CA ALA C 93 -0.58 -61.76 21.14
C ALA C 93 -1.24 -63.12 21.19
N SER C 94 -2.30 -63.30 20.41
CA SER C 94 -2.98 -64.58 20.37
C SER C 94 -3.07 -65.16 18.98
N TRP C 95 -2.93 -66.48 18.86
CA TRP C 95 -3.31 -67.18 17.65
C TRP C 95 -4.79 -66.92 17.28
N PHE C 96 -5.10 -66.99 15.99
CA PHE C 96 -6.49 -67.00 15.55
C PHE C 96 -6.52 -67.62 14.18
N ALA C 97 -7.69 -67.89 13.64
CA ALA C 97 -7.79 -68.35 12.26
C ALA C 97 -8.98 -67.69 11.60
N HIS C 98 -8.90 -67.54 10.29
CA HIS C 98 -9.91 -66.80 9.59
C HIS C 98 -11.31 -67.44 9.74
N LYS C 99 -11.35 -68.77 9.80
CA LYS C 99 -12.61 -69.45 10.09
C LYS C 99 -13.16 -69.16 11.50
N GLY C 100 -12.41 -68.44 12.32
CA GLY C 100 -12.85 -68.03 13.65
C GLY C 100 -13.04 -66.52 13.69
N GLU C 101 -13.06 -65.93 12.49
CA GLU C 101 -13.11 -64.48 12.34
C GLU C 101 -14.25 -64.09 11.40
N VAL C 102 -14.96 -63.00 11.71
CA VAL C 102 -16.03 -62.52 10.85
C VAL C 102 -15.80 -61.05 10.64
N ALA C 103 -15.54 -60.66 9.40
CA ALA C 103 -15.22 -59.26 9.08
C ALA C 103 -16.26 -58.59 8.16
N THR C 104 -16.92 -57.55 8.65
CA THR C 104 -17.85 -56.79 7.81
C THR C 104 -17.50 -55.33 8.04
N PRO C 105 -17.94 -54.44 7.14
CA PRO C 105 -17.66 -53.00 7.31
C PRO C 105 -18.15 -52.48 8.66
N TYR C 106 -19.26 -53.02 9.15
CA TYR C 106 -19.91 -52.46 10.30
C TYR C 106 -19.69 -53.27 11.58
N TYR C 107 -19.02 -54.40 11.47
CA TYR C 107 -18.94 -55.34 12.59
C TYR C 107 -17.76 -56.28 12.45
N TYR C 108 -16.98 -56.42 13.50
CA TYR C 108 -15.84 -57.33 13.42
C TYR C 108 -15.76 -58.22 14.64
N LYS C 109 -15.57 -59.52 14.41
CA LYS C 109 -15.54 -60.50 15.48
C LYS C 109 -14.37 -61.47 15.27
N VAL C 110 -13.75 -61.89 16.36
CA VAL C 110 -12.68 -62.88 16.24
C VAL C 110 -12.47 -63.63 17.54
N TYR C 111 -12.13 -64.91 17.43
CA TYR C 111 -11.82 -65.73 18.60
C TYR C 111 -10.30 -65.75 18.84
N LEU C 112 -9.87 -65.24 19.99
CA LEU C 112 -8.46 -65.26 20.33
C LEU C 112 -8.14 -66.55 21.03
N ALA C 113 -7.53 -67.48 20.28
CA ALA C 113 -7.43 -68.86 20.74
C ALA C 113 -6.51 -69.09 21.96
N GLU C 114 -5.50 -68.25 22.15
CA GLU C 114 -4.64 -68.41 23.30
C GLU C 114 -5.19 -67.77 24.57
N HIS C 115 -6.23 -66.96 24.48
CA HIS C 115 -6.84 -66.42 25.69
C HIS C 115 -8.23 -66.97 25.93
N ASP C 116 -8.79 -67.66 24.94
CA ASP C 116 -10.16 -68.14 25.02
C ASP C 116 -11.10 -66.94 25.19
N ILE C 117 -10.87 -65.90 24.40
CA ILE C 117 -11.68 -64.69 24.43
C ILE C 117 -12.25 -64.37 23.06
N VAL C 118 -13.50 -63.95 23.02
CA VAL C 118 -14.11 -63.51 21.78
C VAL C 118 -14.16 -62.00 21.81
N THR C 119 -13.68 -61.34 20.77
CA THR C 119 -13.71 -59.88 20.70
C THR C 119 -14.64 -59.42 19.60
N GLU C 120 -15.54 -58.49 19.91
CA GLU C 120 -16.38 -57.88 18.87
C GLU C 120 -16.31 -56.35 18.93
N MET C 121 -16.27 -55.72 17.76
CA MET C 121 -16.30 -54.26 17.71
C MET C 121 -17.24 -53.74 16.64
N THR C 122 -17.98 -52.69 16.97
CA THR C 122 -18.80 -51.99 16.00
C THR C 122 -18.53 -50.51 16.15
N PRO C 123 -18.15 -49.85 15.05
CA PRO C 123 -17.80 -48.44 15.14
C PRO C 123 -18.85 -47.45 14.63
N THR C 124 -18.65 -46.21 15.00
CA THR C 124 -19.41 -45.13 14.44
C THR C 124 -18.40 -44.30 13.69
N GLU C 125 -18.70 -43.06 13.35
CA GLU C 125 -17.77 -42.24 12.62
C GLU C 125 -16.54 -41.94 13.44
N ARG C 126 -16.72 -41.66 14.73
CA ARG C 126 -15.58 -41.31 15.54
C ARG C 126 -15.40 -42.18 16.77
N ALA C 127 -16.38 -43.05 17.01
CA ALA C 127 -16.36 -43.89 18.21
C ALA C 127 -16.51 -45.38 17.88
N VAL C 128 -16.31 -46.21 18.90
CA VAL C 128 -16.46 -47.65 18.69
C VAL C 128 -16.89 -48.31 20.00
N LEU C 129 -17.60 -49.44 19.89
CA LEU C 129 -17.92 -50.24 21.05
C LEU C 129 -17.26 -51.60 20.93
N PHE C 130 -16.55 -52.00 21.98
CA PHE C 130 -15.96 -53.33 22.04
C PHE C 130 -16.77 -54.18 23.00
N ARG C 131 -17.00 -55.44 22.66
CA ARG C 131 -17.55 -56.40 23.62
C ARG C 131 -16.61 -57.58 23.75
N PHE C 132 -16.07 -57.78 24.95
CA PHE C 132 -15.14 -58.89 25.19
C PHE C 132 -15.88 -60.00 25.91
N THR C 133 -15.87 -61.20 25.34
CA THR C 133 -16.46 -62.33 26.05
C THR C 133 -15.36 -63.15 26.66
N PHE C 134 -15.23 -63.08 27.98
CA PHE C 134 -14.12 -63.69 28.68
C PHE C 134 -14.47 -65.09 29.08
N PRO C 135 -13.44 -65.91 29.34
CA PRO C 135 -13.62 -67.23 29.92
C PRO C 135 -13.63 -67.10 31.42
N GLU C 136 -13.83 -68.21 32.11
CA GLU C 136 -13.80 -68.17 33.54
C GLU C 136 -12.35 -68.04 33.98
N ASN C 137 -12.02 -66.94 34.63
CA ASN C 137 -10.65 -66.74 35.05
C ASN C 137 -10.57 -65.75 36.21
N ASP C 138 -9.65 -65.99 37.12
CA ASP C 138 -9.43 -65.07 38.20
C ASP C 138 -8.60 -63.87 37.73
N HIS C 139 -7.96 -64.02 36.58
CA HIS C 139 -7.11 -62.97 36.05
C HIS C 139 -7.44 -62.70 34.59
N SER C 140 -8.47 -61.91 34.34
CA SER C 140 -8.76 -61.40 33.01
C SER C 140 -8.34 -59.93 32.96
N TYR C 141 -7.67 -59.53 31.89
CA TYR C 141 -7.23 -58.15 31.81
C TYR C 141 -7.61 -57.53 30.48
N VAL C 142 -7.49 -56.21 30.40
CA VAL C 142 -7.54 -55.52 29.13
C VAL C 142 -6.35 -54.57 29.07
N VAL C 143 -5.57 -54.68 28.00
CA VAL C 143 -4.40 -53.85 27.82
C VAL C 143 -4.73 -52.68 26.90
N VAL C 144 -4.33 -51.48 27.29
CA VAL C 144 -4.48 -50.32 26.44
C VAL C 144 -3.11 -49.79 26.09
N ASP C 145 -2.83 -49.63 24.80
CA ASP C 145 -1.50 -49.32 24.34
C ASP C 145 -1.51 -47.98 23.62
N ALA C 146 -0.79 -46.98 24.13
CA ALA C 146 -0.83 -45.65 23.53
C ALA C 146 0.23 -45.47 22.44
N PHE C 147 1.04 -46.51 22.25
CA PHE C 147 2.09 -46.50 21.26
C PHE C 147 3.22 -45.60 21.72
N ASP C 148 4.32 -45.53 20.97
CA ASP C 148 5.48 -44.83 21.48
C ASP C 148 5.63 -43.45 20.88
N LYS C 149 6.85 -42.92 20.99
CA LYS C 149 7.20 -41.61 20.45
C LYS C 149 6.58 -40.48 21.25
N GLY C 150 6.22 -40.76 22.50
CA GLY C 150 5.59 -39.75 23.34
C GLY C 150 4.09 -39.88 23.39
N SER C 151 3.58 -40.46 24.48
CA SER C 151 2.14 -40.64 24.65
C SER C 151 1.80 -40.42 26.12
N TYR C 152 0.52 -40.54 26.44
CA TYR C 152 0.07 -40.25 27.79
C TYR C 152 -1.12 -41.10 28.13
N ILE C 153 -1.17 -41.54 29.38
CA ILE C 153 -2.21 -42.46 29.84
C ILE C 153 -2.60 -42.13 31.28
N LYS C 154 -3.87 -42.33 31.61
CA LYS C 154 -4.36 -42.08 32.97
C LYS C 154 -5.58 -42.93 33.29
N ILE C 155 -5.54 -43.57 34.45
CA ILE C 155 -6.61 -44.45 34.86
C ILE C 155 -7.46 -43.75 35.91
N ILE C 156 -8.76 -43.70 35.67
CA ILE C 156 -9.70 -43.09 36.60
C ILE C 156 -10.63 -44.18 37.09
N PRO C 157 -10.24 -44.85 38.18
CA PRO C 157 -11.04 -45.96 38.70
C PRO C 157 -12.49 -45.57 39.02
N GLU C 158 -12.69 -44.39 39.63
CA GLU C 158 -14.03 -43.98 40.07
C GLU C 158 -14.98 -43.74 38.92
N GLU C 159 -14.50 -43.92 37.70
CA GLU C 159 -15.36 -43.80 36.52
C GLU C 159 -15.18 -44.99 35.58
N ASN C 160 -14.53 -46.05 36.07
CA ASN C 160 -14.22 -47.20 35.24
C ASN C 160 -13.65 -46.77 33.89
N LYS C 161 -12.70 -45.84 33.93
CA LYS C 161 -12.31 -45.14 32.71
C LYS C 161 -10.81 -45.07 32.53
N ILE C 162 -10.39 -45.13 31.28
CA ILE C 162 -9.01 -44.90 30.95
C ILE C 162 -9.02 -43.85 29.85
N ILE C 163 -8.21 -42.81 30.05
CA ILE C 163 -8.03 -41.82 29.03
C ILE C 163 -6.55 -41.71 28.71
N GLY C 164 -6.25 -41.17 27.54
CA GLY C 164 -4.87 -40.96 27.17
C GLY C 164 -4.77 -40.21 25.87
N TYR C 165 -3.54 -39.94 25.43
CA TYR C 165 -3.34 -39.49 24.05
C TYR C 165 -2.16 -40.17 23.37
N THR C 166 -2.26 -40.33 22.07
CA THR C 166 -1.21 -40.94 21.31
C THR C 166 -0.67 -39.91 20.34
N THR C 167 0.62 -40.01 19.98
CA THR C 167 1.19 -39.07 18.99
C THR C 167 2.04 -39.70 17.90
N ARG C 168 2.40 -40.98 18.03
CA ARG C 168 3.23 -41.59 17.00
C ARG C 168 2.63 -41.33 15.65
N ASN C 169 3.44 -40.77 14.73
CA ASN C 169 3.00 -40.47 13.36
C ASN C 169 4.07 -40.68 12.31
N SER C 170 3.72 -40.45 11.05
CA SER C 170 4.65 -40.71 9.97
C SER C 170 4.98 -39.43 9.19
N GLY C 171 4.77 -38.29 9.84
CA GLY C 171 5.07 -37.03 9.20
C GLY C 171 3.81 -36.25 8.88
N GLY C 172 3.98 -35.03 8.39
CA GLY C 172 2.87 -34.21 7.98
C GLY C 172 1.94 -33.84 9.11
N VAL C 173 2.49 -33.53 10.27
CA VAL C 173 1.68 -33.07 11.40
C VAL C 173 2.32 -31.86 12.01
N PRO C 174 1.50 -30.98 12.58
CA PRO C 174 2.00 -29.86 13.36
C PRO C 174 2.63 -30.31 14.70
N GLU C 175 3.47 -29.46 15.27
CA GLU C 175 4.22 -29.82 16.48
C GLU C 175 3.32 -30.28 17.61
N ASN C 176 2.12 -29.72 17.68
CA ASN C 176 1.21 -30.01 18.79
C ASN C 176 0.28 -31.21 18.58
N PHE C 177 0.55 -32.00 17.54
CA PHE C 177 -0.37 -33.05 17.14
C PHE C 177 -0.61 -34.04 18.27
N LYS C 178 -1.88 -34.32 18.53
CA LYS C 178 -2.26 -35.32 19.52
C LYS C 178 -3.57 -35.95 19.12
N ASN C 179 -3.72 -37.24 19.42
CA ASN C 179 -5.03 -37.88 19.38
C ASN C 179 -5.46 -38.22 20.79
N TYR C 180 -6.51 -37.56 21.26
CA TYR C 180 -7.03 -37.77 22.60
C TYR C 180 -8.08 -38.87 22.58
N PHE C 181 -7.92 -39.86 23.45
CA PHE C 181 -8.91 -40.94 23.53
C PHE C 181 -9.44 -41.21 24.94
N ILE C 182 -10.67 -41.72 24.99
CA ILE C 182 -11.34 -42.07 26.21
C ILE C 182 -11.93 -43.49 26.12
N ILE C 183 -11.80 -44.25 27.19
CA ILE C 183 -12.30 -45.61 27.20
C ILE C 183 -13.10 -45.85 28.46
N GLU C 184 -14.38 -46.18 28.31
CA GLU C 184 -15.23 -46.48 29.47
C GLU C 184 -15.56 -47.96 29.52
N PHE C 185 -15.32 -48.59 30.67
CA PHE C 185 -15.69 -49.99 30.86
C PHE C 185 -16.93 -50.08 31.71
N ASP C 186 -17.75 -51.09 31.45
CA ASP C 186 -18.94 -51.35 32.26
C ASP C 186 -18.67 -52.38 33.36
N LYS C 187 -17.42 -52.50 33.78
CA LYS C 187 -17.05 -53.47 34.82
C LYS C 187 -15.92 -52.87 35.63
N PRO C 188 -16.04 -52.91 36.96
CA PRO C 188 -15.07 -52.23 37.82
C PRO C 188 -13.71 -52.91 37.78
N PHE C 189 -12.64 -52.13 37.82
CA PHE C 189 -11.30 -52.67 37.86
C PHE C 189 -10.93 -53.21 39.23
N THR C 190 -10.58 -54.47 39.28
CA THR C 190 -10.05 -55.05 40.48
C THR C 190 -8.54 -54.94 40.49
N TYR C 191 -7.96 -54.66 39.32
CA TYR C 191 -6.54 -54.57 39.18
C TYR C 191 -6.32 -53.40 38.26
N LYS C 192 -5.29 -52.60 38.54
CA LYS C 192 -4.97 -51.49 37.68
C LYS C 192 -3.48 -51.21 37.70
N ALA C 193 -2.94 -50.89 36.55
CA ALA C 193 -1.54 -50.57 36.47
C ALA C 193 -1.35 -49.73 35.24
N THR C 194 -0.39 -48.82 35.27
CA THR C 194 -0.04 -48.07 34.08
C THR C 194 1.31 -48.60 33.68
N VAL C 195 1.70 -48.33 32.44
CA VAL C 195 2.92 -48.92 31.95
C VAL C 195 3.82 -47.82 31.49
N GLU C 196 5.10 -47.94 31.81
CA GLU C 196 6.00 -46.87 31.49
C GLU C 196 7.28 -47.42 30.92
N ASN C 197 7.34 -47.38 29.59
CA ASN C 197 8.49 -47.88 28.85
C ASN C 197 8.74 -49.32 29.25
N GLY C 198 7.69 -50.12 29.04
CA GLY C 198 7.75 -51.55 29.31
C GLY C 198 7.59 -51.94 30.77
N ASN C 199 7.81 -51.00 31.69
CA ASN C 199 7.64 -51.30 33.12
C ASN C 199 6.22 -51.24 33.62
N LEU C 200 5.80 -52.31 34.28
CA LEU C 200 4.46 -52.41 34.79
C LEU C 200 4.47 -51.73 36.15
N GLN C 201 3.57 -50.77 36.38
CA GLN C 201 3.49 -50.17 37.71
C GLN C 201 2.10 -50.21 38.28
N GLU C 202 1.88 -51.12 39.22
CA GLU C 202 0.55 -51.29 39.76
C GLU C 202 0.16 -50.09 40.57
N ASN C 203 -1.05 -49.61 40.33
CA ASN C 203 -1.61 -48.54 41.14
C ASN C 203 -0.99 -47.16 40.96
N VAL C 204 -0.09 -47.03 39.99
CA VAL C 204 0.36 -45.69 39.57
C VAL C 204 -0.64 -45.26 38.50
N ALA C 205 -1.30 -44.13 38.76
CA ALA C 205 -2.48 -43.71 38.00
C ALA C 205 -2.20 -43.15 36.62
N GLU C 206 -0.98 -42.68 36.39
CA GLU C 206 -0.75 -41.77 35.29
C GLU C 206 0.67 -41.85 34.75
N GLN C 207 0.80 -41.77 33.42
CA GLN C 207 2.11 -41.76 32.80
C GLN C 207 2.17 -40.75 31.66
N THR C 208 3.21 -39.95 31.67
CA THR C 208 3.55 -39.11 30.55
C THR C 208 4.96 -39.54 30.17
N THR C 209 5.09 -40.30 29.09
CA THR C 209 6.36 -40.90 28.78
C THR C 209 6.40 -41.29 27.29
N ASP C 210 7.55 -41.76 26.83
CA ASP C 210 7.70 -42.15 25.43
C ASP C 210 6.58 -43.11 25.03
N HIS C 211 6.36 -44.17 25.82
CA HIS C 211 5.43 -45.23 25.46
C HIS C 211 4.53 -45.59 26.64
N ALA C 212 3.44 -44.86 26.79
CA ALA C 212 2.49 -45.11 27.87
C ALA C 212 1.57 -46.29 27.56
N GLY C 213 1.11 -46.94 28.62
CA GLY C 213 0.14 -48.01 28.50
C GLY C 213 -0.60 -48.20 29.80
N ALA C 214 -1.71 -48.93 29.72
CA ALA C 214 -2.44 -49.33 30.92
C ALA C 214 -2.85 -50.79 30.84
N ILE C 215 -2.94 -51.43 32.01
CA ILE C 215 -3.60 -52.72 32.11
C ILE C 215 -4.59 -52.70 33.26
N ILE C 216 -5.85 -53.03 32.99
CA ILE C 216 -6.84 -53.19 34.06
C ILE C 216 -7.39 -54.62 34.04
N GLY C 217 -7.83 -55.12 35.20
CA GLY C 217 -8.27 -56.50 35.32
C GLY C 217 -9.38 -56.77 36.31
N PHE C 218 -9.83 -58.02 36.35
CA PHE C 218 -10.92 -58.41 37.22
C PHE C 218 -11.12 -59.90 37.12
N LYS C 219 -11.95 -60.46 38.00
CA LYS C 219 -12.35 -61.86 37.89
C LYS C 219 -13.52 -61.95 36.92
N THR C 220 -13.55 -62.99 36.08
CA THR C 220 -14.65 -63.17 35.15
C THR C 220 -15.27 -64.55 35.26
N ARG C 221 -16.60 -64.62 35.14
CA ARG C 221 -17.32 -65.87 35.05
C ARG C 221 -17.22 -66.35 33.62
N LYS C 222 -17.32 -67.66 33.39
CA LYS C 222 -17.34 -68.17 32.02
C LYS C 222 -18.39 -67.43 31.20
N GLY C 223 -18.01 -66.89 30.05
CA GLY C 223 -18.95 -66.21 29.18
C GLY C 223 -19.27 -64.77 29.54
N GLU C 224 -18.66 -64.26 30.61
CA GLU C 224 -18.97 -62.90 31.04
C GLU C 224 -18.57 -61.88 29.99
N GLN C 225 -19.46 -60.92 29.74
CA GLN C 225 -19.16 -59.90 28.74
C GLN C 225 -18.78 -58.58 29.38
N VAL C 226 -17.70 -57.99 28.89
CA VAL C 226 -17.30 -56.67 29.35
C VAL C 226 -17.35 -55.77 28.13
N ASN C 227 -18.03 -54.64 28.23
CA ASN C 227 -18.09 -53.72 27.12
C ASN C 227 -17.19 -52.52 27.37
N ALA C 228 -16.54 -52.04 26.31
CA ALA C 228 -15.73 -50.84 26.40
C ALA C 228 -16.17 -49.84 25.35
N ARG C 229 -16.56 -48.66 25.80
CA ARG C 229 -16.95 -47.58 24.92
C ARG C 229 -15.71 -46.74 24.66
N ILE C 230 -15.39 -46.49 23.39
CA ILE C 230 -14.16 -45.77 23.05
C ILE C 230 -14.41 -44.64 22.07
N ALA C 231 -13.65 -43.56 22.19
CA ALA C 231 -13.73 -42.48 21.21
C ALA C 231 -12.46 -41.69 21.22
N SER C 232 -12.23 -40.91 20.16
CA SER C 232 -11.11 -39.99 20.17
C SER C 232 -11.38 -38.69 19.42
N SER C 233 -10.51 -37.71 19.63
CA SER C 233 -10.61 -36.45 18.96
C SER C 233 -9.23 -36.00 18.63
N PHE C 234 -9.12 -35.09 17.66
CA PHE C 234 -7.82 -34.52 17.38
C PHE C 234 -7.76 -33.16 18.04
N ILE C 235 -8.80 -32.88 18.82
CA ILE C 235 -8.98 -31.56 19.42
C ILE C 235 -8.75 -31.47 20.92
N SER C 236 -9.53 -32.22 21.69
CA SER C 236 -9.41 -32.20 23.15
C SER C 236 -10.07 -33.39 23.79
N PHE C 237 -9.81 -33.63 25.07
CA PHE C 237 -10.53 -34.68 25.79
C PHE C 237 -12.01 -34.33 25.85
N GLU C 238 -12.29 -33.05 26.03
CA GLU C 238 -13.65 -32.59 26.13
C GLU C 238 -14.37 -33.02 24.87
N GLN C 239 -13.69 -32.81 23.73
CA GLN C 239 -14.26 -33.13 22.43
C GLN C 239 -14.39 -34.65 22.22
N ALA C 240 -13.44 -35.41 22.74
CA ALA C 240 -13.48 -36.85 22.64
C ALA C 240 -14.70 -37.33 23.38
N ALA C 241 -14.97 -36.73 24.53
CA ALA C 241 -16.13 -37.12 25.33
C ALA C 241 -17.43 -36.82 24.60
N ALA C 242 -17.46 -35.73 23.85
CA ALA C 242 -18.63 -35.43 23.01
C ALA C 242 -18.76 -36.47 21.88
N ASN C 243 -17.66 -36.80 21.24
CA ASN C 243 -17.68 -37.81 20.19
C ASN C 243 -18.24 -39.12 20.72
N MET C 244 -17.96 -39.41 21.97
CA MET C 244 -18.42 -40.65 22.61
C MET C 244 -19.92 -40.83 22.49
N ASN C 245 -20.65 -39.72 22.39
CA ASN C 245 -22.09 -39.79 22.35
C ASN C 245 -22.65 -40.41 21.09
N GLU C 246 -21.83 -40.56 20.06
CA GLU C 246 -22.25 -41.26 18.85
C GLU C 246 -22.67 -42.70 19.20
N LEU C 247 -22.14 -43.25 20.28
CA LEU C 247 -22.51 -44.60 20.69
C LEU C 247 -23.88 -44.64 21.34
N GLY C 248 -24.34 -43.50 21.85
CA GLY C 248 -25.60 -43.46 22.61
C GLY C 248 -25.55 -44.44 23.76
N LYS C 249 -26.61 -45.22 23.93
CA LYS C 249 -26.59 -46.28 24.93
C LYS C 249 -26.66 -47.62 24.23
N ASP C 250 -26.31 -47.67 22.95
CA ASP C 250 -26.46 -48.89 22.16
C ASP C 250 -25.53 -50.02 22.57
N ASN C 251 -25.95 -51.24 22.28
CA ASN C 251 -25.10 -52.41 22.46
C ASN C 251 -24.52 -52.82 21.10
N ILE C 252 -23.73 -53.88 21.07
CA ILE C 252 -23.12 -54.36 19.84
C ILE C 252 -24.14 -54.53 18.73
N GLU C 253 -25.25 -55.20 19.04
CA GLU C 253 -26.27 -55.51 18.03
C GLU C 253 -26.84 -54.27 17.40
N GLN C 254 -27.24 -53.33 18.24
CA GLN C 254 -27.84 -52.10 17.73
C GLN C 254 -26.84 -51.25 16.93
N LEU C 255 -25.60 -51.18 17.37
CA LEU C 255 -24.63 -50.41 16.62
C LEU C 255 -24.36 -51.10 15.28
N ALA C 256 -24.17 -52.42 15.32
CA ALA C 256 -23.94 -53.18 14.11
C ALA C 256 -25.04 -52.89 13.10
N GLN C 257 -26.28 -52.92 13.58
CA GLN C 257 -27.42 -52.65 12.71
C GLN C 257 -27.31 -51.24 12.11
N LYS C 258 -26.94 -50.25 12.93
CA LYS C 258 -26.87 -48.90 12.43
C LYS C 258 -25.77 -48.76 11.39
N GLY C 259 -24.64 -49.42 11.63
CA GLY C 259 -23.55 -49.39 10.65
C GLY C 259 -23.94 -50.08 9.35
N LYS C 260 -24.62 -51.21 9.48
CA LYS C 260 -25.07 -51.94 8.32
C LYS C 260 -26.02 -51.04 7.53
N ASP C 261 -26.97 -50.43 8.22
CA ASP C 261 -27.86 -49.47 7.59
C ASP C 261 -27.09 -48.37 6.85
N ALA C 262 -26.08 -47.83 7.53
CA ALA C 262 -25.28 -46.73 7.01
C ALA C 262 -24.65 -47.15 5.69
N TRP C 263 -24.09 -48.36 5.68
CA TRP C 263 -23.40 -48.87 4.50
C TRP C 263 -24.34 -49.24 3.38
N ASN C 264 -25.46 -49.88 3.72
CA ASN C 264 -26.43 -50.23 2.69
C ASN C 264 -26.99 -48.99 2.04
N GLN C 265 -27.07 -47.92 2.82
CA GLN C 265 -27.57 -46.65 2.34
C GLN C 265 -26.70 -46.10 1.19
N VAL C 266 -25.39 -46.31 1.25
CA VAL C 266 -24.49 -45.82 0.18
C VAL C 266 -24.21 -46.87 -0.87
N LEU C 267 -24.02 -48.12 -0.44
CA LEU C 267 -23.85 -49.21 -1.39
C LEU C 267 -25.08 -49.35 -2.29
N GLY C 268 -26.26 -49.13 -1.72
CA GLY C 268 -27.53 -49.31 -2.42
C GLY C 268 -27.82 -48.29 -3.50
N LYS C 269 -26.98 -47.26 -3.59
CA LYS C 269 -27.09 -46.28 -4.66
C LYS C 269 -26.79 -46.91 -6.03
N ILE C 270 -26.14 -48.07 -6.02
CA ILE C 270 -25.87 -48.79 -7.26
C ILE C 270 -26.24 -50.27 -7.17
N GLU C 271 -27.39 -50.64 -7.69
CA GLU C 271 -27.80 -52.04 -7.66
C GLU C 271 -27.39 -52.73 -8.97
N VAL C 272 -26.83 -53.92 -8.88
CA VAL C 272 -26.48 -54.69 -10.05
C VAL C 272 -27.15 -56.05 -9.97
N GLU C 273 -27.55 -56.59 -11.12
CA GLU C 273 -28.13 -57.92 -11.15
C GLU C 273 -27.67 -58.65 -12.38
N GLY C 274 -27.94 -59.96 -12.43
CA GLY C 274 -27.62 -60.73 -13.60
C GLY C 274 -26.14 -60.90 -13.70
N GLY C 275 -25.50 -61.31 -12.61
CA GLY C 275 -24.07 -61.65 -12.63
C GLY C 275 -23.86 -62.81 -11.68
N ASN C 276 -22.66 -63.35 -11.61
CA ASN C 276 -22.38 -64.43 -10.69
C ASN C 276 -21.95 -63.87 -9.31
N LEU C 277 -21.89 -64.76 -8.32
CA LEU C 277 -21.57 -64.37 -6.95
C LEU C 277 -20.20 -63.71 -6.83
N ASP C 278 -19.20 -64.22 -7.57
CA ASP C 278 -17.87 -63.60 -7.56
C ASP C 278 -17.97 -62.14 -7.96
N GLN C 279 -18.73 -61.87 -9.01
CA GLN C 279 -18.85 -60.49 -9.50
C GLN C 279 -19.53 -59.58 -8.50
N TYR C 280 -20.59 -60.06 -7.89
CA TYR C 280 -21.25 -59.25 -6.89
C TYR C 280 -20.24 -58.90 -5.83
N ARG C 281 -19.52 -59.91 -5.36
CA ARG C 281 -18.56 -59.69 -4.31
C ARG C 281 -17.46 -58.75 -4.76
N THR C 282 -16.92 -58.99 -5.94
CA THR C 282 -15.87 -58.10 -6.43
C THR C 282 -16.41 -56.68 -6.49
N PHE C 283 -17.64 -56.55 -6.99
CA PHE C 283 -18.21 -55.23 -7.25
C PHE C 283 -18.46 -54.47 -5.99
N TYR C 284 -19.17 -55.08 -5.04
CA TYR C 284 -19.46 -54.35 -3.81
C TYR C 284 -18.26 -54.13 -2.89
N SER C 285 -17.29 -55.05 -2.91
CA SER C 285 -16.08 -54.86 -2.13
C SER C 285 -15.39 -53.63 -2.65
N CYS C 286 -15.32 -53.52 -3.97
CA CYS C 286 -14.70 -52.38 -4.62
C CYS C 286 -15.40 -51.07 -4.27
N LEU C 287 -16.73 -51.14 -4.23
CA LEU C 287 -17.51 -49.96 -3.96
C LEU C 287 -17.25 -49.51 -2.53
N TYR C 288 -17.24 -50.47 -1.62
CA TYR C 288 -16.88 -50.22 -0.22
C TYR C 288 -15.53 -49.53 -0.12
N ARG C 289 -14.55 -49.98 -0.88
CA ARG C 289 -13.24 -49.38 -0.80
C ARG C 289 -13.23 -47.98 -1.39
N SER C 290 -14.27 -47.62 -2.14
CA SER C 290 -14.33 -46.30 -2.75
C SER C 290 -15.06 -45.26 -1.90
N LEU C 291 -15.54 -45.68 -0.73
CA LEU C 291 -16.25 -44.78 0.15
C LEU C 291 -15.53 -44.60 1.48
N LEU C 292 -14.21 -44.83 1.50
CA LEU C 292 -13.42 -44.73 2.71
C LEU C 292 -12.53 -43.47 2.76
N PHE C 293 -11.84 -43.21 1.66
CA PHE C 293 -10.92 -42.07 1.61
C PHE C 293 -11.45 -40.93 0.76
N PRO C 294 -10.71 -39.81 0.79
CA PRO C 294 -10.49 -39.21 2.12
C PRO C 294 -11.50 -39.29 3.25
N ARG C 295 -10.96 -39.39 4.45
CA ARG C 295 -11.73 -39.53 5.65
C ARG C 295 -12.08 -38.17 6.20
N LYS C 296 -13.19 -38.11 6.92
CA LYS C 296 -13.54 -36.90 7.62
C LYS C 296 -12.49 -36.59 8.62
N PHE C 297 -12.11 -35.33 8.71
CA PHE C 297 -11.18 -34.94 9.73
C PHE C 297 -11.84 -33.82 10.51
N TYR C 298 -13.17 -33.76 10.48
CA TYR C 298 -13.85 -32.77 11.31
C TYR C 298 -14.69 -33.38 12.42
N GLU C 299 -15.01 -32.60 13.43
CA GLU C 299 -15.75 -33.13 14.56
C GLU C 299 -16.94 -32.19 14.83
N LEU C 300 -18.02 -32.70 15.44
CA LEU C 300 -19.19 -31.86 15.71
C LEU C 300 -19.08 -31.12 17.06
N ASP C 301 -19.37 -29.83 17.06
CA ASP C 301 -19.31 -29.09 18.31
C ASP C 301 -20.65 -29.12 19.04
N ALA C 302 -20.73 -28.34 20.12
CA ALA C 302 -21.92 -28.29 20.96
C ALA C 302 -23.19 -27.97 20.17
N ASN C 303 -23.05 -27.12 19.14
CA ASN C 303 -24.20 -26.76 18.30
C ASN C 303 -24.35 -27.63 17.08
N GLY C 304 -23.65 -28.76 17.05
CA GLY C 304 -23.69 -29.64 15.90
C GLY C 304 -23.00 -29.07 14.68
N GLN C 305 -22.24 -27.98 14.85
CA GLN C 305 -21.46 -27.37 13.75
C GLN C 305 -20.10 -28.05 13.59
N PRO C 306 -19.66 -28.24 12.33
CA PRO C 306 -18.37 -28.87 12.07
C PRO C 306 -17.21 -27.99 12.48
N ILE C 307 -16.21 -28.57 13.15
CA ILE C 307 -14.98 -27.88 13.46
C ILE C 307 -13.85 -28.87 13.29
N HIS C 308 -12.62 -28.41 13.24
CA HIS C 308 -11.53 -29.36 13.03
C HIS C 308 -10.21 -28.91 13.60
N TYR C 309 -9.39 -29.88 13.97
CA TYR C 309 -7.99 -29.60 14.22
C TYR C 309 -7.33 -29.47 12.85
N SER C 310 -6.55 -28.42 12.66
CA SER C 310 -5.85 -28.24 11.39
C SER C 310 -4.53 -28.98 11.39
N PRO C 311 -4.43 -30.02 10.56
CA PRO C 311 -3.16 -30.73 10.44
C PRO C 311 -2.13 -29.88 9.66
N TYR C 312 -2.57 -28.72 9.19
CA TYR C 312 -1.69 -27.82 8.43
C TYR C 312 -1.07 -26.75 9.29
N ASN C 313 -1.83 -26.19 10.23
CA ASN C 313 -1.27 -25.15 11.12
C ASN C 313 -1.56 -25.38 12.60
N GLY C 314 -2.23 -26.47 12.92
CA GLY C 314 -2.36 -26.90 14.30
C GLY C 314 -3.36 -26.18 15.18
N GLN C 315 -4.11 -25.25 14.60
CA GLN C 315 -5.17 -24.56 15.33
C GLN C 315 -6.49 -25.34 15.21
N VAL C 316 -7.44 -25.00 16.07
CA VAL C 316 -8.76 -25.59 15.91
C VAL C 316 -9.66 -24.58 15.21
N LEU C 317 -10.21 -24.93 14.05
CA LEU C 317 -11.01 -23.97 13.30
C LEU C 317 -12.36 -24.51 12.86
N PRO C 318 -13.28 -23.59 12.54
CA PRO C 318 -14.61 -23.98 12.04
C PRO C 318 -14.54 -24.53 10.61
N GLY C 319 -15.50 -25.36 10.25
CA GLY C 319 -15.61 -25.85 8.88
C GLY C 319 -15.10 -27.26 8.60
N TYR C 320 -15.43 -27.77 7.42
CA TYR C 320 -15.04 -29.11 7.06
C TYR C 320 -13.56 -29.26 6.85
N MET C 321 -13.09 -30.49 7.01
CA MET C 321 -11.73 -30.86 6.69
C MET C 321 -11.69 -32.36 6.45
N PHE C 322 -11.04 -32.76 5.35
CA PHE C 322 -10.86 -34.18 5.05
C PHE C 322 -9.38 -34.41 4.78
N THR C 323 -8.94 -35.65 4.88
CA THR C 323 -7.53 -35.94 4.65
C THR C 323 -7.30 -37.39 4.26
N ASP C 324 -6.06 -37.73 4.01
CA ASP C 324 -5.68 -39.12 3.70
C ASP C 324 -6.01 -39.63 2.30
N THR C 325 -5.67 -38.85 1.29
CA THR C 325 -5.88 -39.27 -0.06
C THR C 325 -4.76 -38.65 -0.89
N GLY C 326 -4.32 -39.34 -1.93
CA GLY C 326 -3.33 -38.76 -2.82
C GLY C 326 -3.95 -38.51 -4.17
N PHE C 327 -3.96 -37.25 -4.60
CA PHE C 327 -4.67 -36.90 -5.81
C PHE C 327 -4.07 -37.51 -7.04
N TRP C 328 -2.78 -37.75 -7.02
CA TRP C 328 -2.11 -38.42 -8.11
C TRP C 328 -2.82 -39.73 -8.43
N ASP C 329 -3.39 -40.36 -7.40
CA ASP C 329 -4.12 -41.59 -7.58
C ASP C 329 -5.57 -41.32 -7.95
N THR C 330 -6.21 -40.46 -7.16
CA THR C 330 -7.66 -40.43 -7.08
C THR C 330 -8.36 -39.37 -7.93
N PHE C 331 -7.60 -38.55 -8.64
CA PHE C 331 -8.23 -37.60 -9.54
C PHE C 331 -8.79 -38.39 -10.72
N ARG C 332 -8.19 -39.54 -11.02
CA ARG C 332 -8.54 -40.26 -12.21
C ARG C 332 -9.97 -40.74 -12.25
N CYS C 333 -10.41 -41.46 -11.22
CA CYS C 333 -11.81 -41.84 -11.22
C CYS C 333 -12.44 -41.92 -9.86
N LEU C 334 -11.65 -41.94 -8.80
CA LEU C 334 -12.25 -42.00 -7.48
C LEU C 334 -13.11 -40.76 -7.16
N PHE C 335 -12.57 -39.58 -7.38
CA PHE C 335 -13.37 -38.40 -7.10
C PHE C 335 -14.48 -38.20 -8.10
N PRO C 336 -14.22 -38.48 -9.39
CA PRO C 336 -15.29 -38.43 -10.36
C PRO C 336 -16.48 -39.30 -9.95
N LEU C 337 -16.19 -40.42 -9.28
CA LEU C 337 -17.25 -41.30 -8.82
C LEU C 337 -18.07 -40.64 -7.71
N LEU C 338 -17.42 -39.89 -6.84
CA LEU C 338 -18.14 -39.10 -5.84
C LEU C 338 -19.06 -38.06 -6.48
N ASN C 339 -18.57 -37.38 -7.52
CA ASN C 339 -19.35 -36.37 -8.24
C ASN C 339 -20.57 -36.97 -8.93
N LEU C 340 -20.45 -38.21 -9.35
CA LEU C 340 -21.58 -38.87 -9.97
C LEU C 340 -22.62 -39.34 -8.96
N MET C 341 -22.17 -40.04 -7.93
CA MET C 341 -23.10 -40.69 -7.04
C MET C 341 -23.22 -40.13 -5.62
N TYR C 342 -22.23 -39.35 -5.20
CA TYR C 342 -22.21 -38.85 -3.82
C TYR C 342 -21.78 -37.39 -3.76
N PRO C 343 -22.30 -36.55 -4.64
CA PRO C 343 -21.88 -35.16 -4.67
C PRO C 343 -22.06 -34.46 -3.30
N SER C 344 -23.11 -34.77 -2.57
CA SER C 344 -23.28 -34.17 -1.25
C SER C 344 -22.01 -34.35 -0.44
N VAL C 345 -21.44 -35.55 -0.52
CA VAL C 345 -20.23 -35.83 0.23
C VAL C 345 -19.04 -35.04 -0.30
N ASN C 346 -18.89 -34.97 -1.60
CA ASN C 346 -17.74 -34.26 -2.17
C ASN C 346 -17.83 -32.75 -1.91
N LYS C 347 -19.06 -32.23 -1.79
CA LYS C 347 -19.25 -30.84 -1.40
C LYS C 347 -18.49 -30.55 -0.08
N GLU C 348 -18.69 -31.43 0.90
CA GLU C 348 -18.00 -31.29 2.17
C GLU C 348 -16.51 -31.34 1.93
N MET C 349 -16.08 -32.31 1.13
CA MET C 349 -14.66 -32.50 0.85
C MET C 349 -14.03 -31.29 0.16
N GLN C 350 -14.76 -30.74 -0.81
CA GLN C 350 -14.27 -29.58 -1.53
C GLN C 350 -14.15 -28.39 -0.58
N GLU C 351 -15.18 -28.16 0.23
CA GLU C 351 -15.08 -27.13 1.25
C GLU C 351 -13.84 -27.33 2.14
N GLY C 352 -13.54 -28.59 2.45
CA GLY C 352 -12.33 -28.91 3.22
C GLY C 352 -11.07 -28.46 2.51
N LEU C 353 -11.02 -28.67 1.20
CA LEU C 353 -9.84 -28.27 0.42
C LEU C 353 -9.63 -26.75 0.50
N ILE C 354 -10.72 -25.99 0.39
CA ILE C 354 -10.61 -24.56 0.53
C ILE C 354 -9.97 -24.23 1.86
N ASN C 355 -10.37 -24.94 2.91
CA ASN C 355 -9.78 -24.70 4.21
C ASN C 355 -8.32 -25.08 4.25
N THR C 356 -7.98 -26.16 3.55
CA THR C 356 -6.58 -26.57 3.48
C THR C 356 -5.72 -25.45 2.92
N TYR C 357 -6.25 -24.83 1.86
CA TYR C 357 -5.56 -23.75 1.21
C TYR C 357 -5.43 -22.58 2.16
N LEU C 358 -6.52 -22.24 2.83
CA LEU C 358 -6.49 -21.12 3.77
C LEU C 358 -5.50 -21.35 4.91
N GLU C 359 -5.45 -22.56 5.44
CA GLU C 359 -4.60 -22.87 6.59
C GLU C 359 -3.16 -23.17 6.21
N SER C 360 -2.92 -23.57 4.96
CA SER C 360 -1.63 -24.11 4.55
C SER C 360 -0.91 -23.21 3.56
N GLY C 361 -1.66 -22.50 2.75
CA GLY C 361 -1.08 -21.74 1.66
C GLY C 361 -1.11 -22.48 0.33
N PHE C 362 -1.30 -23.80 0.36
CA PHE C 362 -1.40 -24.58 -0.85
C PHE C 362 -2.62 -25.49 -0.80
N PHE C 363 -3.10 -25.94 -1.96
CA PHE C 363 -4.03 -27.03 -2.03
C PHE C 363 -3.17 -28.26 -1.88
N PRO C 364 -3.72 -29.33 -1.30
CA PRO C 364 -2.91 -30.52 -1.06
C PRO C 364 -2.75 -31.36 -2.33
N GLU C 365 -1.70 -32.18 -2.37
CA GLU C 365 -1.57 -33.21 -3.38
C GLU C 365 -1.60 -34.56 -2.68
N TRP C 366 -0.65 -34.80 -1.80
CA TRP C 366 -0.77 -35.96 -0.90
C TRP C 366 -0.94 -35.43 0.52
N ALA C 367 -1.98 -35.89 1.21
CA ALA C 367 -2.17 -35.39 2.56
C ALA C 367 -2.43 -36.54 3.53
N SER C 368 -1.62 -36.62 4.56
CA SER C 368 -1.80 -37.65 5.57
C SER C 368 -1.17 -37.05 6.79
N PRO C 369 -2.03 -36.78 7.78
CA PRO C 369 -2.97 -35.66 7.73
C PRO C 369 -2.63 -34.39 6.98
N GLY C 370 -1.46 -33.83 7.21
CA GLY C 370 -1.04 -32.62 6.52
C GLY C 370 -0.28 -32.93 5.25
N HIS C 371 0.40 -31.94 4.68
CA HIS C 371 1.09 -32.18 3.42
C HIS C 371 2.20 -33.22 3.59
N ARG C 372 2.21 -34.22 2.70
CA ARG C 372 3.25 -35.25 2.70
C ARG C 372 3.90 -35.30 1.34
N GLY C 373 5.17 -35.67 1.28
CA GLY C 373 5.87 -35.67 0.01
C GLY C 373 5.79 -37.04 -0.63
N CYS C 374 4.89 -37.17 -1.61
CA CYS C 374 4.70 -38.44 -2.30
C CYS C 374 4.13 -38.18 -3.70
N MET C 375 4.72 -38.81 -4.72
CA MET C 375 4.22 -38.68 -6.09
C MET C 375 4.44 -37.30 -6.71
N VAL C 376 3.71 -37.02 -7.77
CA VAL C 376 3.96 -35.83 -8.57
C VAL C 376 2.67 -35.23 -9.09
N GLY C 377 2.78 -34.10 -9.76
CA GLY C 377 1.64 -33.52 -10.41
C GLY C 377 0.92 -32.48 -9.59
N ASN C 378 0.02 -31.75 -10.26
CA ASN C 378 -0.76 -30.70 -9.65
C ASN C 378 -2.22 -31.08 -9.85
N ASN C 379 -2.56 -32.33 -9.56
CA ASN C 379 -3.88 -32.83 -9.94
C ASN C 379 -5.01 -32.39 -9.04
N SER C 380 -4.68 -31.64 -7.99
CA SER C 380 -5.70 -30.98 -7.20
C SER C 380 -6.54 -30.12 -8.14
N ALA C 381 -5.90 -29.63 -9.21
CA ALA C 381 -6.57 -28.80 -10.21
C ALA C 381 -7.70 -29.57 -10.88
N SER C 382 -7.46 -30.85 -11.16
CA SER C 382 -8.49 -31.69 -11.75
C SER C 382 -9.61 -31.95 -10.75
N ILE C 383 -9.25 -32.33 -9.54
CA ILE C 383 -10.22 -32.55 -8.49
C ILE C 383 -11.15 -31.35 -8.32
N LEU C 384 -10.53 -30.18 -8.18
CA LEU C 384 -11.26 -28.95 -7.90
C LEU C 384 -12.15 -28.53 -9.05
N VAL C 385 -11.58 -28.57 -10.27
CA VAL C 385 -12.33 -28.15 -11.47
C VAL C 385 -13.41 -29.15 -11.86
N ASP C 386 -13.11 -30.44 -11.75
CA ASP C 386 -14.10 -31.45 -12.08
C ASP C 386 -15.33 -31.27 -11.19
N ALA C 387 -15.09 -31.02 -9.91
CA ALA C 387 -16.20 -30.82 -8.99
C ALA C 387 -17.04 -29.62 -9.42
N TYR C 388 -16.39 -28.48 -9.67
CA TYR C 388 -17.12 -27.26 -9.97
C TYR C 388 -17.90 -27.45 -11.24
N MET C 389 -17.24 -27.98 -12.25
CA MET C 389 -17.90 -28.19 -13.54
C MET C 389 -19.03 -29.21 -13.45
N LYS C 390 -19.08 -30.02 -12.41
CA LYS C 390 -20.16 -31.02 -12.30
C LYS C 390 -21.26 -30.62 -11.31
N GLY C 391 -21.29 -29.36 -10.89
CA GLY C 391 -22.36 -28.87 -10.04
C GLY C 391 -22.06 -28.85 -8.55
N VAL C 392 -20.86 -29.30 -8.19
CA VAL C 392 -20.45 -29.28 -6.80
C VAL C 392 -19.60 -28.04 -6.56
N LYS C 393 -20.23 -26.96 -6.13
CA LYS C 393 -19.54 -25.68 -6.07
C LYS C 393 -19.31 -25.21 -4.65
N VAL C 394 -18.05 -24.91 -4.32
CA VAL C 394 -17.73 -24.33 -3.01
C VAL C 394 -18.24 -22.91 -2.92
N ASP C 395 -18.41 -22.40 -1.71
CA ASP C 395 -18.92 -21.03 -1.54
C ASP C 395 -17.93 -19.98 -2.01
N ASP C 396 -16.67 -20.15 -1.63
CA ASP C 396 -15.64 -19.15 -1.96
C ASP C 396 -14.92 -19.39 -3.27
N ILE C 397 -15.55 -19.05 -4.37
CA ILE C 397 -14.93 -19.27 -5.67
C ILE C 397 -13.71 -18.41 -5.92
N LYS C 398 -13.71 -17.20 -5.37
CA LYS C 398 -12.55 -16.34 -5.53
C LYS C 398 -11.32 -17.03 -4.99
N THR C 399 -11.46 -17.63 -3.81
CA THR C 399 -10.38 -18.31 -3.16
C THR C 399 -9.94 -19.53 -3.93
N LEU C 400 -10.90 -20.22 -4.52
CA LEU C 400 -10.60 -21.38 -5.33
C LEU C 400 -9.71 -21.03 -6.50
N TYR C 401 -10.06 -19.97 -7.20
CA TYR C 401 -9.30 -19.64 -8.37
C TYR C 401 -7.90 -19.20 -7.98
N GLU C 402 -7.83 -18.41 -6.92
CA GLU C 402 -6.55 -17.89 -6.49
C GLU C 402 -5.67 -19.05 -6.10
N GLY C 403 -6.25 -19.99 -5.37
CA GLY C 403 -5.51 -21.17 -4.98
C GLY C 403 -4.92 -21.86 -6.19
N LEU C 404 -5.76 -22.08 -7.21
CA LEU C 404 -5.33 -22.74 -8.44
C LEU C 404 -4.15 -22.02 -9.05
N ILE C 405 -4.28 -20.72 -9.20
CA ILE C 405 -3.24 -19.95 -9.84
C ILE C 405 -1.96 -19.99 -8.99
N HIS C 406 -2.13 -19.98 -7.68
CA HIS C 406 -1.00 -19.97 -6.76
C HIS C 406 -0.16 -21.21 -6.97
N GLY C 407 -0.84 -22.33 -7.19
CA GLY C 407 -0.18 -23.62 -7.34
C GLY C 407 0.61 -23.80 -8.64
N THR C 408 0.38 -22.91 -9.61
CA THR C 408 1.09 -23.00 -10.88
C THR C 408 2.43 -22.30 -10.82
N GLU C 409 2.67 -21.49 -9.80
CA GLU C 409 3.93 -20.77 -9.71
C GLU C 409 4.61 -20.85 -8.36
N ASN C 410 4.28 -21.87 -7.58
CA ASN C 410 4.94 -22.08 -6.32
C ASN C 410 5.11 -23.54 -6.03
N VAL C 411 6.13 -23.86 -5.27
CA VAL C 411 6.24 -25.19 -4.73
C VAL C 411 6.45 -25.08 -3.21
N HIS C 412 5.86 -26.00 -2.47
CA HIS C 412 6.01 -25.94 -1.04
C HIS C 412 7.47 -26.09 -0.63
N PRO C 413 7.93 -25.24 0.32
CA PRO C 413 9.33 -25.17 0.75
C PRO C 413 9.86 -26.50 1.33
N GLU C 414 9.00 -27.31 1.95
CA GLU C 414 9.43 -28.59 2.50
C GLU C 414 8.83 -29.80 1.83
N VAL C 415 7.63 -29.66 1.29
CA VAL C 415 7.01 -30.78 0.63
C VAL C 415 6.98 -30.59 -0.88
N SER C 416 7.97 -31.15 -1.58
CA SER C 416 8.14 -30.87 -3.02
C SER C 416 6.99 -31.37 -3.91
N SER C 417 6.15 -32.25 -3.39
CA SER C 417 5.05 -32.75 -4.18
C SER C 417 3.83 -31.86 -3.99
N THR C 418 4.02 -30.73 -3.32
CA THR C 418 2.91 -29.83 -3.08
C THR C 418 3.17 -28.54 -3.83
N GLY C 419 2.25 -28.12 -4.68
CA GLY C 419 2.54 -27.05 -5.62
C GLY C 419 3.23 -27.70 -6.80
N ARG C 420 3.81 -26.92 -7.70
CA ARG C 420 4.46 -27.50 -8.86
C ARG C 420 5.97 -27.42 -8.80
N LEU C 421 6.62 -28.52 -8.42
CA LEU C 421 8.06 -28.55 -8.51
C LEU C 421 8.45 -28.35 -9.98
N GLY C 422 9.46 -27.52 -10.23
CA GLY C 422 9.92 -27.27 -11.59
C GLY C 422 9.07 -26.32 -12.42
N TYR C 423 8.19 -25.55 -11.77
CA TYR C 423 7.31 -24.65 -12.51
C TYR C 423 8.07 -23.58 -13.28
N GLU C 424 9.24 -23.19 -12.79
CA GLU C 424 10.06 -22.21 -13.51
C GLU C 424 10.34 -22.73 -14.91
N TYR C 425 10.97 -23.89 -14.98
CA TYR C 425 11.32 -24.47 -16.27
C TYR C 425 10.08 -24.67 -17.13
N TYR C 426 9.08 -25.34 -16.56
CA TYR C 426 7.86 -25.64 -17.28
C TYR C 426 7.26 -24.39 -17.91
N ASN C 427 7.08 -23.34 -17.10
CA ASN C 427 6.47 -22.09 -17.57
C ASN C 427 7.31 -21.42 -18.64
N LYS C 428 8.62 -21.55 -18.51
CA LYS C 428 9.56 -20.95 -19.43
C LYS C 428 9.77 -21.78 -20.68
N LEU C 429 9.99 -23.09 -20.54
CA LEU C 429 10.37 -23.93 -21.67
C LEU C 429 9.20 -24.70 -22.28
N GLY C 430 8.15 -24.89 -21.51
CA GLY C 430 7.01 -25.68 -21.96
C GLY C 430 7.08 -27.12 -21.46
N TYR C 431 8.15 -27.46 -20.75
CA TYR C 431 8.32 -28.81 -20.21
C TYR C 431 9.30 -28.77 -19.04
N VAL C 432 9.33 -29.83 -18.24
CA VAL C 432 10.35 -29.94 -17.20
C VAL C 432 11.51 -30.78 -17.72
N PRO C 433 12.69 -30.16 -17.85
CA PRO C 433 13.89 -30.80 -18.42
C PRO C 433 14.29 -32.14 -17.76
N TYR C 434 14.86 -33.02 -18.58
CA TYR C 434 15.36 -34.30 -18.11
C TYR C 434 16.71 -34.18 -17.41
N ASP C 435 17.40 -33.05 -17.58
CA ASP C 435 18.77 -32.94 -17.08
C ASP C 435 18.98 -31.81 -16.08
N VAL C 436 17.95 -31.47 -15.32
CA VAL C 436 18.08 -30.36 -14.35
C VAL C 436 17.85 -30.82 -12.90
N LYS C 437 18.14 -32.08 -12.61
CA LYS C 437 18.04 -32.55 -11.24
C LYS C 437 16.59 -32.63 -10.73
N ILE C 438 15.63 -32.70 -11.63
CA ILE C 438 14.25 -32.90 -11.18
C ILE C 438 13.71 -34.18 -11.76
N ASN C 439 13.44 -35.14 -10.88
CA ASN C 439 13.09 -36.48 -11.34
C ASN C 439 11.65 -36.62 -11.76
N GLU C 440 11.41 -37.52 -12.70
CA GLU C 440 10.06 -37.78 -13.14
C GLU C 440 9.51 -36.54 -13.82
N ASN C 441 10.43 -35.83 -14.47
CA ASN C 441 10.11 -34.63 -15.19
C ASN C 441 9.11 -34.87 -16.31
N ALA C 442 9.24 -35.96 -17.05
CA ALA C 442 8.29 -36.25 -18.14
C ALA C 442 6.88 -36.49 -17.61
N ALA C 443 6.78 -37.19 -16.48
CA ALA C 443 5.49 -37.43 -15.88
C ALA C 443 4.89 -36.13 -15.33
N ARG C 444 5.72 -35.28 -14.75
CA ARG C 444 5.24 -34.01 -14.24
C ARG C 444 4.73 -33.11 -15.37
N THR C 445 5.51 -33.03 -16.44
CA THR C 445 5.14 -32.22 -17.58
C THR C 445 3.78 -32.63 -18.13
N LEU C 446 3.61 -33.93 -18.37
CA LEU C 446 2.39 -34.44 -18.98
C LEU C 446 1.19 -34.13 -18.10
N GLU C 447 1.32 -34.39 -16.81
CA GLU C 447 0.21 -34.15 -15.93
C GLU C 447 -0.05 -32.66 -15.74
N TYR C 448 1.00 -31.84 -15.65
CA TYR C 448 0.82 -30.39 -15.55
C TYR C 448 0.00 -29.89 -16.72
N ALA C 449 0.27 -30.43 -17.89
CA ALA C 449 -0.45 -30.03 -19.09
C ALA C 449 -1.93 -30.26 -18.90
N TYR C 450 -2.31 -31.46 -18.45
CA TYR C 450 -3.70 -31.78 -18.25
C TYR C 450 -4.24 -30.87 -17.15
N ASP C 451 -3.45 -30.62 -16.11
CA ASP C 451 -3.86 -29.75 -15.04
C ASP C 451 -4.19 -28.38 -15.60
N ASP C 452 -3.31 -27.84 -16.45
CA ASP C 452 -3.52 -26.52 -17.03
C ASP C 452 -4.81 -26.47 -17.85
N TRP C 453 -5.12 -27.58 -18.52
CA TRP C 453 -6.36 -27.63 -19.29
C TRP C 453 -7.55 -27.42 -18.36
N CYS C 454 -7.51 -28.05 -17.19
CA CYS C 454 -8.55 -27.89 -16.18
C CYS C 454 -8.67 -26.44 -15.74
N ILE C 455 -7.52 -25.80 -15.53
CA ILE C 455 -7.56 -24.41 -15.15
C ILE C 455 -8.15 -23.57 -16.29
N TYR C 456 -7.67 -23.82 -17.51
CA TYR C 456 -8.20 -23.14 -18.68
C TYR C 456 -9.72 -23.30 -18.69
N ARG C 457 -10.18 -24.51 -18.44
CA ARG C 457 -11.60 -24.80 -18.45
C ARG C 457 -12.39 -23.94 -17.46
N LEU C 458 -11.86 -23.85 -16.25
CA LEU C 458 -12.54 -23.10 -15.21
C LEU C 458 -12.44 -21.62 -15.52
N ALA C 459 -11.26 -21.21 -15.95
CA ALA C 459 -11.02 -19.80 -16.20
C ALA C 459 -12.03 -19.30 -17.23
N LYS C 460 -12.27 -20.13 -18.24
CA LYS C 460 -13.20 -19.79 -19.31
C LYS C 460 -14.62 -19.66 -18.75
N GLU C 461 -15.01 -20.63 -17.95
CA GLU C 461 -16.26 -20.58 -17.24
C GLU C 461 -16.42 -19.29 -16.42
N LEU C 462 -15.34 -18.86 -15.75
CA LEU C 462 -15.40 -17.66 -14.89
C LEU C 462 -15.33 -16.37 -15.71
N LYS C 463 -15.20 -16.52 -17.01
CA LYS C 463 -15.10 -15.35 -17.85
C LYS C 463 -13.92 -14.51 -17.39
N ARG C 464 -12.80 -15.16 -17.07
CA ARG C 464 -11.56 -14.45 -16.78
C ARG C 464 -11.05 -13.74 -18.03
N PRO C 465 -10.07 -12.85 -17.88
CA PRO C 465 -9.48 -12.13 -19.01
C PRO C 465 -8.91 -13.04 -20.09
N LYS C 466 -9.09 -12.65 -21.36
CA LYS C 466 -8.63 -13.44 -22.49
C LYS C 466 -7.15 -13.82 -22.37
N LYS C 467 -6.35 -12.91 -21.84
CA LYS C 467 -4.92 -13.17 -21.72
C LYS C 467 -4.63 -14.34 -20.78
N GLU C 468 -5.39 -14.42 -19.68
CA GLU C 468 -5.29 -15.52 -18.73
C GLU C 468 -5.76 -16.80 -19.40
N ILE C 469 -6.93 -16.74 -20.01
CA ILE C 469 -7.55 -17.92 -20.62
C ILE C 469 -6.65 -18.48 -21.69
N SER C 470 -6.07 -17.60 -22.49
CA SER C 470 -5.15 -18.02 -23.56
C SER C 470 -3.89 -18.66 -23.01
N LEU C 471 -3.44 -18.20 -21.86
CA LEU C 471 -2.20 -18.71 -21.28
C LEU C 471 -2.33 -20.17 -20.91
N PHE C 472 -3.47 -20.53 -20.35
CA PHE C 472 -3.66 -21.90 -19.94
C PHE C 472 -4.03 -22.76 -21.12
N ALA C 473 -4.77 -22.19 -22.06
CA ALA C 473 -5.07 -22.89 -23.30
C ALA C 473 -3.76 -23.25 -23.97
N LYS C 474 -2.80 -22.35 -23.91
CA LYS C 474 -1.52 -22.60 -24.50
C LYS C 474 -0.80 -23.71 -23.77
N ARG C 475 -0.80 -23.62 -22.44
CA ARG C 475 -0.06 -24.58 -21.62
C ARG C 475 -0.63 -25.99 -21.69
N ALA C 476 -1.94 -26.09 -21.89
CA ALA C 476 -2.60 -27.36 -22.04
C ALA C 476 -1.98 -28.16 -23.19
N MET C 477 -1.33 -27.43 -24.11
CA MET C 477 -0.69 -28.04 -25.29
C MET C 477 0.71 -28.59 -25.01
N ASN C 478 1.24 -28.35 -23.81
CA ASN C 478 2.64 -28.72 -23.50
C ASN C 478 3.04 -30.19 -23.69
N TYR C 479 2.06 -31.09 -23.62
CA TYR C 479 2.37 -32.50 -23.83
C TYR C 479 3.07 -32.71 -25.17
N LYS C 480 2.88 -31.78 -26.10
CA LYS C 480 3.54 -31.89 -27.39
C LYS C 480 5.04 -31.73 -27.26
N ASN C 481 5.48 -31.01 -26.24
CA ASN C 481 6.90 -30.71 -26.10
C ASN C 481 7.74 -31.92 -25.77
N LEU C 482 7.08 -33.01 -25.39
CA LEU C 482 7.82 -34.22 -25.06
C LEU C 482 7.56 -35.38 -26.00
N PHE C 483 6.89 -35.14 -27.11
CA PHE C 483 6.58 -36.21 -28.02
C PHE C 483 7.72 -36.39 -29.00
N ASP C 484 8.23 -37.60 -29.09
CA ASP C 484 9.29 -37.91 -30.02
C ASP C 484 8.71 -38.55 -31.29
N LYS C 485 8.91 -37.89 -32.43
CA LYS C 485 8.34 -38.34 -33.70
C LYS C 485 8.87 -39.71 -34.10
N GLU C 486 10.16 -39.92 -33.91
CA GLU C 486 10.76 -41.16 -34.36
C GLU C 486 10.17 -42.32 -33.59
N SER C 487 10.11 -42.17 -32.28
CA SER C 487 9.71 -43.27 -31.39
C SER C 487 8.18 -43.37 -31.33
N LYS C 488 7.51 -42.24 -31.55
CA LYS C 488 6.06 -42.16 -31.38
C LYS C 488 5.71 -42.26 -29.91
N LEU C 489 6.68 -41.97 -29.05
CA LEU C 489 6.48 -42.04 -27.61
C LEU C 489 6.86 -40.72 -26.92
N MET C 490 6.29 -40.50 -25.73
CA MET C 490 6.74 -39.42 -24.86
C MET C 490 8.15 -39.73 -24.37
N ARG C 491 8.96 -38.70 -24.23
CA ARG C 491 10.37 -38.94 -23.97
C ARG C 491 11.00 -37.78 -23.25
N GLY C 492 11.92 -38.10 -22.33
CA GLY C 492 12.63 -37.06 -21.58
C GLY C 492 13.37 -36.10 -22.49
N ARG C 493 13.33 -34.82 -22.13
CA ARG C 493 13.96 -33.78 -22.95
C ARG C 493 14.92 -32.91 -22.14
N ASN C 494 16.09 -32.63 -22.70
CA ASN C 494 17.07 -31.80 -21.99
C ASN C 494 16.70 -30.33 -22.00
N GLU C 495 17.35 -29.57 -21.13
CA GLU C 495 17.10 -28.15 -21.06
C GLU C 495 17.45 -27.50 -22.39
N ASP C 496 18.52 -27.97 -23.01
CA ASP C 496 18.98 -27.35 -24.24
C ASP C 496 17.99 -27.65 -25.37
N GLY C 497 17.04 -28.54 -25.15
CA GLY C 497 16.01 -28.79 -26.14
C GLY C 497 16.13 -30.10 -26.89
N THR C 498 17.27 -30.76 -26.72
CA THR C 498 17.48 -32.07 -27.34
C THR C 498 16.78 -33.15 -26.55
N PHE C 499 16.16 -34.09 -27.24
CA PHE C 499 15.62 -35.22 -26.53
C PHE C 499 16.77 -36.00 -25.92
N GLN C 500 16.51 -36.68 -24.83
CA GLN C 500 17.56 -37.38 -24.11
C GLN C 500 18.01 -38.66 -24.82
N SER C 501 19.32 -38.94 -24.72
CA SER C 501 19.90 -40.15 -25.29
C SER C 501 20.61 -40.90 -24.22
N PRO C 502 21.13 -42.07 -24.59
CA PRO C 502 20.17 -43.13 -24.95
C PRO C 502 18.74 -43.16 -24.42
N PHE C 503 17.83 -43.58 -25.27
CA PHE C 503 16.43 -43.59 -24.90
C PHE C 503 15.97 -45.01 -24.70
N SER C 504 15.51 -45.34 -23.49
CA SER C 504 14.95 -46.69 -23.23
C SER C 504 13.47 -46.62 -22.96
N PRO C 505 12.65 -46.88 -23.99
CA PRO C 505 11.21 -46.81 -23.85
C PRO C 505 10.72 -47.73 -22.73
N LEU C 506 11.47 -48.79 -22.46
CA LEU C 506 11.04 -49.76 -21.45
C LEU C 506 11.62 -49.50 -20.07
N LYS C 507 12.34 -48.40 -19.92
CA LYS C 507 12.88 -48.05 -18.60
C LYS C 507 11.81 -47.43 -17.69
N TRP C 508 11.76 -47.88 -16.44
CA TRP C 508 10.78 -47.37 -15.48
C TRP C 508 11.42 -46.26 -14.66
N GLY C 509 10.63 -45.28 -14.23
CA GLY C 509 11.14 -44.23 -13.36
C GLY C 509 11.91 -43.20 -14.16
N ASP C 510 12.81 -42.48 -13.50
CA ASP C 510 13.64 -41.50 -14.19
C ASP C 510 12.78 -40.35 -14.71
N ALA C 511 12.48 -40.41 -16.00
CA ALA C 511 11.61 -39.43 -16.63
C ALA C 511 10.17 -39.59 -16.16
N PHE C 512 9.83 -40.79 -15.73
CA PHE C 512 8.46 -41.08 -15.38
C PHE C 512 8.36 -41.54 -13.94
N THR C 513 7.15 -41.81 -13.47
CA THR C 513 6.99 -42.37 -12.13
C THR C 513 6.34 -43.74 -12.24
N GLU C 514 7.10 -44.76 -11.85
CA GLU C 514 6.52 -46.10 -11.73
C GLU C 514 5.78 -46.50 -12.99
N GLY C 515 6.49 -46.41 -14.10
CA GLY C 515 5.96 -46.75 -15.39
C GLY C 515 7.07 -46.39 -16.31
N ASN C 516 6.89 -46.69 -17.58
CA ASN C 516 7.86 -46.33 -18.57
C ASN C 516 7.14 -45.55 -19.64
N SER C 517 7.87 -45.15 -20.67
CA SER C 517 7.26 -44.36 -21.73
C SER C 517 6.00 -45.05 -22.27
N TRP C 518 6.02 -46.37 -22.34
CA TRP C 518 4.87 -47.09 -22.90
C TRP C 518 3.62 -46.93 -22.05
N HIS C 519 3.80 -46.55 -20.78
CA HIS C 519 2.65 -46.38 -19.90
C HIS C 519 2.26 -44.93 -19.83
N TYR C 520 3.23 -44.03 -19.78
CA TYR C 520 2.93 -42.61 -19.64
C TYR C 520 2.50 -41.89 -20.93
N THR C 521 2.88 -42.45 -22.07
CA THR C 521 2.65 -41.76 -23.29
C THR C 521 1.17 -41.48 -23.46
N TRP C 522 0.33 -42.26 -22.82
CA TRP C 522 -1.10 -42.11 -22.98
C TRP C 522 -1.73 -41.04 -22.07
N SER C 523 -0.91 -40.33 -21.30
CA SER C 523 -1.46 -39.34 -20.37
C SER C 523 -1.77 -38.01 -21.04
N VAL C 524 -2.75 -37.99 -21.94
CA VAL C 524 -3.24 -36.77 -22.55
C VAL C 524 -4.78 -36.82 -22.49
N PHE C 525 -5.28 -36.93 -21.28
CA PHE C 525 -6.70 -37.11 -21.05
C PHE C 525 -7.55 -36.10 -21.80
N HIS C 526 -7.04 -34.87 -21.89
CA HIS C 526 -7.86 -33.82 -22.48
C HIS C 526 -7.73 -33.73 -23.99
N ASP C 527 -6.73 -34.39 -24.55
CA ASP C 527 -6.54 -34.22 -25.99
C ASP C 527 -6.11 -35.50 -26.69
N PRO C 528 -6.94 -36.54 -26.61
CA PRO C 528 -6.55 -37.80 -27.23
C PRO C 528 -6.36 -37.65 -28.73
N GLN C 529 -7.20 -36.84 -29.35
CA GLN C 529 -7.05 -36.63 -30.79
C GLN C 529 -5.69 -35.98 -31.05
N GLY C 530 -5.32 -35.02 -30.22
CA GLY C 530 -4.04 -34.38 -30.39
C GLY C 530 -2.96 -35.42 -30.43
N LEU C 531 -3.04 -36.40 -29.54
CA LEU C 531 -2.05 -37.46 -29.47
C LEU C 531 -2.12 -38.33 -30.72
N ILE C 532 -3.34 -38.68 -31.09
CA ILE C 532 -3.56 -39.42 -32.31
C ILE C 532 -2.88 -38.75 -33.51
N ASP C 533 -3.03 -37.44 -33.60
CA ASP C 533 -2.37 -36.72 -34.66
C ASP C 533 -0.86 -36.83 -34.61
N LEU C 534 -0.23 -36.63 -33.44
CA LEU C 534 1.24 -36.69 -33.43
C LEU C 534 1.72 -38.06 -33.86
N MET C 535 0.90 -39.09 -33.62
CA MET C 535 1.32 -40.43 -33.99
C MET C 535 1.09 -40.74 -35.45
N GLY C 536 0.44 -39.82 -36.16
CA GLY C 536 0.22 -39.96 -37.61
C GLY C 536 -1.11 -40.62 -37.94
N GLY C 537 -2.18 -40.15 -37.31
CA GLY C 537 -3.53 -40.64 -37.59
C GLY C 537 -3.95 -41.84 -36.77
N LYS C 538 -5.24 -42.15 -36.76
CA LYS C 538 -5.78 -43.22 -35.94
C LYS C 538 -5.26 -44.62 -36.24
N GLU C 539 -5.03 -44.95 -37.50
CA GLU C 539 -4.55 -46.29 -37.79
C GLU C 539 -3.22 -46.52 -37.08
N MET C 540 -2.29 -45.58 -37.22
CA MET C 540 -0.97 -45.76 -36.56
C MET C 540 -1.12 -45.75 -35.06
N PHE C 541 -2.07 -44.95 -34.56
CA PHE C 541 -2.38 -44.86 -33.14
C PHE C 541 -2.86 -46.20 -32.60
N VAL C 542 -3.81 -46.81 -33.30
CA VAL C 542 -4.30 -48.12 -32.87
C VAL C 542 -3.20 -49.17 -32.94
N THR C 543 -2.35 -49.07 -33.96
CA THR C 543 -1.24 -50.00 -34.07
C THR C 543 -0.39 -49.88 -32.83
N MET C 544 -0.11 -48.65 -32.46
CA MET C 544 0.70 -48.36 -31.29
C MET C 544 0.09 -48.97 -30.00
N MET C 545 -1.20 -48.76 -29.79
CA MET C 545 -1.93 -49.31 -28.65
C MET C 545 -1.84 -50.81 -28.61
N ASP C 546 -2.15 -51.45 -29.73
CA ASP C 546 -2.18 -52.88 -29.80
C ASP C 546 -0.87 -53.52 -29.38
N SER C 547 0.25 -52.89 -29.72
CA SER C 547 1.54 -53.46 -29.39
C SER C 547 1.81 -53.36 -27.89
N VAL C 548 1.04 -52.54 -27.18
CA VAL C 548 1.15 -52.53 -25.73
C VAL C 548 0.81 -53.91 -25.16
N PHE C 549 -0.22 -54.53 -25.71
CA PHE C 549 -0.58 -55.87 -25.27
C PHE C 549 0.27 -56.95 -25.94
N ALA C 550 0.72 -56.67 -27.15
CA ALA C 550 1.34 -57.70 -27.98
C ALA C 550 2.78 -58.06 -27.60
N VAL C 551 3.53 -57.10 -27.05
CA VAL C 551 4.92 -57.36 -26.69
C VAL C 551 4.99 -58.04 -25.33
N PRO C 552 5.96 -58.92 -25.13
CA PRO C 552 6.23 -59.48 -23.80
C PRO C 552 6.50 -58.38 -22.78
N PRO C 553 6.26 -58.67 -21.48
CA PRO C 553 6.45 -57.68 -20.43
C PRO C 553 7.92 -57.54 -20.03
N ILE C 554 8.75 -57.11 -20.97
CA ILE C 554 10.16 -56.92 -20.69
C ILE C 554 10.34 -55.50 -20.11
N PHE C 555 11.43 -55.26 -19.39
CA PHE C 555 11.54 -54.01 -18.64
C PHE C 555 12.98 -53.66 -18.25
N ASP C 556 13.18 -52.41 -17.84
CA ASP C 556 14.50 -51.93 -17.42
C ASP C 556 14.35 -51.25 -16.05
N ASP C 557 14.88 -51.89 -15.01
CA ASP C 557 14.71 -51.35 -13.67
C ASP C 557 15.93 -50.60 -13.13
N SER C 558 16.87 -50.27 -14.02
CA SER C 558 18.14 -49.69 -13.57
C SER C 558 17.94 -48.52 -12.60
N TYR C 559 16.88 -47.74 -12.80
CA TYR C 559 16.66 -46.58 -11.97
C TYR C 559 16.29 -46.94 -10.53
N TYR C 560 15.83 -48.18 -10.32
CA TYR C 560 15.39 -48.62 -8.99
C TYR C 560 16.37 -49.62 -8.37
N GLY C 561 17.21 -50.21 -9.22
CA GLY C 561 18.19 -51.16 -8.75
C GLY C 561 17.60 -52.53 -8.46
N GLN C 562 16.30 -52.61 -8.21
CA GLN C 562 15.64 -53.88 -7.87
C GLN C 562 14.27 -53.95 -8.60
N VAL C 563 13.72 -55.15 -8.75
CA VAL C 563 12.42 -55.29 -9.38
C VAL C 563 11.28 -54.87 -8.45
N ILE C 564 10.99 -53.58 -8.38
CA ILE C 564 9.95 -53.12 -7.46
C ILE C 564 8.63 -53.87 -7.69
N HIS C 565 7.80 -53.91 -6.66
CA HIS C 565 6.57 -54.68 -6.73
C HIS C 565 5.70 -54.34 -7.95
N GLU C 566 5.66 -53.08 -8.36
CA GLU C 566 4.77 -52.74 -9.45
C GLU C 566 5.30 -53.32 -10.76
N ILE C 567 6.60 -53.50 -10.88
CA ILE C 567 7.13 -54.13 -12.08
C ILE C 567 6.81 -55.62 -12.06
N ARG C 568 7.04 -56.23 -10.91
CA ARG C 568 6.75 -57.64 -10.79
C ARG C 568 5.29 -57.91 -11.16
N GLU C 569 4.41 -57.11 -10.57
CA GLU C 569 2.98 -57.25 -10.77
C GLU C 569 2.59 -57.26 -12.24
N MET C 570 3.30 -56.48 -13.04
CA MET C 570 3.03 -56.41 -14.47
C MET C 570 3.47 -57.72 -15.10
N THR C 571 4.63 -58.21 -14.69
CA THR C 571 5.25 -59.34 -15.40
C THR C 571 4.37 -60.58 -15.31
N VAL C 572 3.74 -60.78 -14.16
CA VAL C 572 3.00 -62.02 -13.92
C VAL C 572 1.64 -62.13 -14.63
N MET C 573 1.03 -61.02 -15.00
CA MET C 573 -0.33 -61.04 -15.57
CA MET C 573 -0.31 -61.09 -15.57
C MET C 573 -0.33 -61.51 -17.02
N ASN C 574 0.83 -61.46 -17.68
CA ASN C 574 0.88 -61.91 -19.05
C ASN C 574 -0.09 -61.12 -19.94
N MET C 575 -0.04 -59.80 -19.81
CA MET C 575 -0.80 -58.92 -20.68
C MET C 575 0.10 -57.84 -21.26
N GLY C 576 1.19 -58.28 -21.87
CA GLY C 576 2.16 -57.35 -22.43
C GLY C 576 2.59 -56.32 -21.41
N ASN C 577 2.61 -55.07 -21.82
CA ASN C 577 3.01 -54.01 -20.94
C ASN C 577 1.82 -53.27 -20.34
N TYR C 578 0.65 -53.87 -20.42
CA TYR C 578 -0.50 -53.20 -19.86
C TYR C 578 -0.45 -53.36 -18.34
N ALA C 579 0.13 -52.40 -17.63
CA ALA C 579 0.34 -52.54 -16.18
C ALA C 579 -0.83 -52.04 -15.33
N HIS C 580 -1.97 -52.73 -15.42
CA HIS C 580 -3.20 -52.21 -14.82
C HIS C 580 -3.03 -51.99 -13.33
N GLY C 581 -2.02 -52.69 -12.78
CA GLY C 581 -1.74 -52.59 -11.36
C GLY C 581 -1.26 -51.22 -10.94
N ASN C 582 -1.00 -50.32 -11.88
CA ASN C 582 -0.66 -48.97 -11.46
C ASN C 582 -1.44 -47.89 -12.19
N GLN C 583 -1.48 -46.71 -11.60
CA GLN C 583 -2.45 -45.69 -12.01
C GLN C 583 -2.30 -45.03 -13.40
N PRO C 584 -1.07 -44.79 -13.86
CA PRO C 584 -0.93 -44.03 -15.11
C PRO C 584 -1.65 -44.68 -16.30
N ILE C 585 -1.68 -45.99 -16.38
CA ILE C 585 -2.23 -46.61 -17.57
C ILE C 585 -3.70 -46.96 -17.46
N GLN C 586 -4.32 -46.66 -16.33
CA GLN C 586 -5.65 -47.19 -16.08
C GLN C 586 -6.76 -46.68 -17.02
N HIS C 587 -6.52 -45.59 -17.72
CA HIS C 587 -7.54 -45.02 -18.58
C HIS C 587 -7.32 -45.47 -20.01
N MET C 588 -6.12 -45.99 -20.28
CA MET C 588 -5.69 -46.24 -21.65
C MET C 588 -6.61 -47.05 -22.53
N ILE C 589 -7.08 -48.20 -22.07
CA ILE C 589 -7.94 -49.02 -22.91
C ILE C 589 -9.09 -48.21 -23.51
N TYR C 590 -9.61 -47.27 -22.76
CA TYR C 590 -10.73 -46.46 -23.23
C TYR C 590 -10.36 -45.57 -24.41
N LEU C 591 -9.06 -45.31 -24.57
CA LEU C 591 -8.61 -44.51 -25.67
C LEU C 591 -9.00 -45.12 -27.04
N TYR C 592 -9.12 -46.44 -27.12
CA TYR C 592 -9.59 -47.05 -28.35
C TYR C 592 -10.85 -46.37 -28.87
N ASP C 593 -11.71 -45.92 -27.96
CA ASP C 593 -12.95 -45.26 -28.40
C ASP C 593 -12.66 -44.04 -29.27
N TYR C 594 -11.64 -43.27 -28.88
CA TYR C 594 -11.28 -42.04 -29.57
C TYR C 594 -10.73 -42.30 -30.97
N ALA C 595 -10.32 -43.52 -31.25
CA ALA C 595 -9.70 -43.83 -32.53
C ALA C 595 -10.64 -44.61 -33.42
N GLY C 596 -11.92 -44.66 -33.05
CA GLY C 596 -12.97 -45.30 -33.86
C GLY C 596 -12.93 -46.81 -33.90
N GLN C 597 -12.40 -47.41 -32.83
CA GLN C 597 -12.43 -48.86 -32.66
C GLN C 597 -12.86 -49.23 -31.24
N PRO C 598 -14.09 -48.83 -30.86
CA PRO C 598 -14.64 -49.07 -29.52
C PRO C 598 -14.70 -50.55 -29.20
N TRP C 599 -14.78 -51.41 -30.21
CA TRP C 599 -14.86 -52.84 -29.96
C TRP C 599 -13.58 -53.38 -29.33
N LYS C 600 -12.45 -52.77 -29.68
CA LYS C 600 -11.21 -53.19 -29.06
C LYS C 600 -11.20 -52.80 -27.58
N ALA C 601 -11.82 -51.66 -27.28
CA ALA C 601 -11.92 -51.26 -25.88
C ALA C 601 -12.81 -52.27 -25.16
N GLN C 602 -13.90 -52.65 -25.81
CA GLN C 602 -14.82 -53.64 -25.22
C GLN C 602 -14.09 -54.95 -24.89
N TYR C 603 -13.31 -55.43 -25.86
CA TYR C 603 -12.61 -56.69 -25.69
C TYR C 603 -11.63 -56.66 -24.50
N TRP C 604 -10.76 -55.65 -24.44
CA TRP C 604 -9.74 -55.59 -23.40
C TRP C 604 -10.29 -55.25 -22.03
N LEU C 605 -11.19 -54.29 -21.97
CA LEU C 605 -11.85 -53.98 -20.71
C LEU C 605 -12.42 -55.23 -20.03
N ARG C 606 -13.10 -56.09 -20.82
CA ARG C 606 -13.73 -57.28 -20.26
C ARG C 606 -12.66 -58.24 -19.79
N GLN C 607 -11.58 -58.35 -20.55
CA GLN C 607 -10.39 -59.09 -20.10
C GLN C 607 -9.96 -58.65 -18.69
N VAL C 608 -9.71 -57.35 -18.53
CA VAL C 608 -9.30 -56.81 -17.25
C VAL C 608 -10.30 -57.12 -16.14
N MET C 609 -11.57 -56.87 -16.38
CA MET C 609 -12.55 -57.08 -15.32
C MET C 609 -12.64 -58.55 -14.94
N ASP C 610 -12.41 -59.45 -15.89
CA ASP C 610 -12.50 -60.89 -15.62
C ASP C 610 -11.25 -61.41 -14.93
N ARG C 611 -10.09 -60.85 -15.26
CA ARG C 611 -8.85 -61.48 -14.85
C ARG C 611 -8.07 -60.73 -13.79
N MET C 612 -8.23 -59.42 -13.70
CA MET C 612 -7.36 -58.65 -12.79
C MET C 612 -7.98 -58.36 -11.45
N TYR C 613 -9.22 -58.82 -11.25
CA TYR C 613 -9.94 -58.61 -10.01
C TYR C 613 -10.61 -59.88 -9.56
N THR C 614 -10.30 -60.34 -8.34
CA THR C 614 -10.97 -61.50 -7.77
C THR C 614 -11.36 -61.11 -6.37
N PRO C 615 -12.38 -61.77 -5.82
CA PRO C 615 -12.98 -61.32 -4.57
C PRO C 615 -12.31 -61.85 -3.31
N GLY C 616 -11.21 -62.57 -3.44
CA GLY C 616 -10.55 -63.15 -2.28
C GLY C 616 -9.54 -62.24 -1.61
N PRO C 617 -8.81 -62.77 -0.63
CA PRO C 617 -7.86 -61.96 0.12
C PRO C 617 -6.78 -61.43 -0.80
N ASP C 618 -6.51 -62.13 -1.88
CA ASP C 618 -5.50 -61.66 -2.80
C ASP C 618 -6.14 -61.05 -4.05
N GLY C 619 -7.17 -60.25 -3.84
CA GLY C 619 -8.07 -59.86 -4.94
C GLY C 619 -7.61 -58.90 -6.02
N TYR C 620 -6.80 -57.91 -5.69
CA TYR C 620 -6.39 -56.94 -6.69
C TYR C 620 -5.09 -57.38 -7.33
N CYS C 621 -4.67 -56.65 -8.36
CA CYS C 621 -3.44 -56.99 -9.08
C CYS C 621 -2.32 -55.94 -8.89
N GLY C 622 -2.52 -55.02 -7.94
CA GLY C 622 -1.52 -54.00 -7.60
C GLY C 622 -2.11 -53.28 -6.42
N ASP C 623 -1.48 -52.21 -5.95
CA ASP C 623 -2.07 -51.43 -4.84
C ASP C 623 -3.46 -50.86 -5.17
N GLU C 624 -4.37 -51.00 -4.21
CA GLU C 624 -5.73 -50.50 -4.34
C GLU C 624 -5.77 -48.94 -4.34
N ASP C 625 -4.87 -48.33 -3.58
CA ASP C 625 -4.66 -46.88 -3.61
C ASP C 625 -5.89 -46.01 -3.28
N ASN C 626 -6.45 -46.22 -2.10
CA ASN C 626 -7.50 -45.35 -1.56
C ASN C 626 -8.74 -45.16 -2.39
N GLY C 627 -9.10 -46.18 -3.15
CA GLY C 627 -10.32 -46.20 -3.93
C GLY C 627 -10.13 -46.08 -5.42
N GLN C 628 -8.94 -45.68 -5.85
CA GLN C 628 -8.74 -45.50 -7.29
C GLN C 628 -8.88 -46.82 -8.05
N THR C 629 -8.08 -47.81 -7.69
CA THR C 629 -8.15 -49.07 -8.37
C THR C 629 -9.51 -49.75 -8.18
N SER C 630 -10.17 -49.46 -7.06
CA SER C 630 -11.48 -50.08 -6.82
C SER C 630 -12.54 -49.43 -7.67
N ALA C 631 -12.58 -48.10 -7.64
CA ALA C 631 -13.57 -47.34 -8.41
C ALA C 631 -13.39 -47.60 -9.91
N TRP C 632 -12.18 -47.99 -10.33
CA TRP C 632 -11.94 -48.26 -11.74
C TRP C 632 -12.85 -49.41 -12.12
N TYR C 633 -12.88 -50.39 -11.23
CA TYR C 633 -13.74 -51.56 -11.45
C TYR C 633 -15.21 -51.16 -11.37
N VAL C 634 -15.56 -50.33 -10.39
CA VAL C 634 -16.94 -49.92 -10.26
C VAL C 634 -17.43 -49.25 -11.54
N PHE C 635 -16.69 -48.27 -12.03
CA PHE C 635 -17.07 -47.59 -13.24
C PHE C 635 -17.12 -48.55 -14.41
N SER C 636 -16.01 -49.26 -14.61
CA SER C 636 -15.89 -50.18 -15.73
C SER C 636 -16.98 -51.25 -15.75
N ALA C 637 -17.38 -51.75 -14.60
CA ALA C 637 -18.44 -52.73 -14.55
C ALA C 637 -19.80 -52.12 -14.99
N LEU C 638 -19.99 -50.83 -14.72
CA LEU C 638 -21.19 -50.16 -15.12
C LEU C 638 -21.19 -49.95 -16.61
N GLY C 639 -20.00 -49.84 -17.21
CA GLY C 639 -19.86 -49.68 -18.66
C GLY C 639 -19.21 -48.41 -19.20
N PHE C 640 -18.72 -47.55 -18.33
CA PHE C 640 -18.16 -46.25 -18.75
C PHE C 640 -17.21 -45.68 -17.68
N TYR C 641 -16.37 -44.75 -18.10
CA TYR C 641 -15.24 -44.32 -17.27
C TYR C 641 -14.94 -42.85 -17.57
N PRO C 642 -14.63 -42.07 -16.52
CA PRO C 642 -14.35 -40.66 -16.72
C PRO C 642 -12.90 -40.47 -17.17
N VAL C 643 -12.60 -40.77 -18.43
CA VAL C 643 -11.25 -40.61 -18.94
C VAL C 643 -10.72 -39.24 -18.60
N CYS C 644 -11.53 -38.22 -18.85
CA CYS C 644 -11.08 -36.84 -18.65
C CYS C 644 -11.96 -36.04 -17.68
N PRO C 645 -11.67 -36.14 -16.38
CA PRO C 645 -12.39 -35.32 -15.42
C PRO C 645 -12.19 -33.88 -15.79
N GLY C 646 -13.21 -33.07 -15.60
CA GLY C 646 -13.18 -31.71 -16.08
C GLY C 646 -14.09 -31.53 -17.28
N THR C 647 -14.39 -32.63 -17.97
CA THR C 647 -15.44 -32.65 -18.98
C THR C 647 -16.70 -33.21 -18.33
N ASP C 648 -17.83 -33.18 -19.02
CA ASP C 648 -19.07 -33.78 -18.51
C ASP C 648 -19.25 -35.21 -19.06
N GLU C 649 -18.14 -35.84 -19.44
CA GLU C 649 -18.20 -37.07 -20.23
C GLU C 649 -17.69 -38.32 -19.52
N TYR C 650 -18.41 -39.40 -19.70
CA TYR C 650 -17.93 -40.70 -19.31
C TYR C 650 -17.76 -41.51 -20.60
N VAL C 651 -16.54 -41.93 -20.90
CA VAL C 651 -16.29 -42.66 -22.15
C VAL C 651 -16.78 -44.09 -22.04
N MET C 652 -17.28 -44.64 -23.14
CA MET C 652 -18.01 -45.90 -23.09
C MET C 652 -17.10 -47.12 -23.12
N GLY C 653 -17.36 -48.08 -22.24
CA GLY C 653 -16.62 -49.34 -22.26
C GLY C 653 -17.55 -50.49 -22.59
N THR C 654 -17.66 -51.46 -21.69
CA THR C 654 -18.64 -52.52 -21.82
C THR C 654 -19.15 -52.92 -20.42
N PRO C 655 -20.49 -53.03 -20.25
CA PRO C 655 -21.07 -53.30 -18.94
C PRO C 655 -20.87 -54.75 -18.55
N LEU C 656 -20.59 -54.99 -17.27
CA LEU C 656 -20.35 -56.36 -16.80
C LEU C 656 -21.61 -57.15 -16.42
N PHE C 657 -22.68 -56.44 -16.06
CA PHE C 657 -23.91 -57.05 -15.55
C PHE C 657 -25.08 -56.94 -16.53
N LYS C 658 -26.09 -57.78 -16.33
CA LYS C 658 -27.27 -57.76 -17.19
C LYS C 658 -28.12 -56.53 -16.88
N LYS C 659 -28.02 -56.04 -15.65
CA LYS C 659 -28.74 -54.85 -15.26
C LYS C 659 -28.06 -54.08 -14.14
N ALA C 660 -27.90 -52.79 -14.32
CA ALA C 660 -27.44 -51.94 -13.24
C ALA C 660 -28.40 -50.77 -13.11
N THR C 661 -28.65 -50.36 -11.86
CA THR C 661 -29.52 -49.23 -11.61
C THR C 661 -28.83 -48.22 -10.72
N LEU C 662 -28.82 -46.97 -11.14
CA LEU C 662 -28.20 -45.92 -10.34
C LEU C 662 -29.25 -45.03 -9.71
N HIS C 663 -29.04 -44.72 -8.43
CA HIS C 663 -29.93 -43.80 -7.76
C HIS C 663 -29.14 -42.56 -7.39
N PHE C 664 -29.38 -41.46 -8.12
CA PHE C 664 -28.67 -40.22 -7.85
C PHE C 664 -29.28 -39.44 -6.69
N GLU C 665 -28.47 -38.58 -6.08
CA GLU C 665 -28.95 -37.80 -4.96
C GLU C 665 -30.10 -36.91 -5.36
N ASN C 666 -30.20 -36.58 -6.64
CA ASN C 666 -31.27 -35.69 -7.11
C ASN C 666 -32.65 -36.37 -7.19
N GLY C 667 -32.74 -37.64 -6.81
CA GLY C 667 -34.03 -38.32 -6.80
C GLY C 667 -34.38 -39.13 -8.02
N ASN C 668 -33.63 -38.97 -9.10
CA ASN C 668 -33.84 -39.77 -10.30
C ASN C 668 -33.07 -41.09 -10.27
N SER C 669 -33.46 -42.01 -11.16
CA SER C 669 -32.76 -43.27 -11.33
C SER C 669 -32.45 -43.51 -12.80
N LEU C 670 -31.35 -44.21 -13.05
CA LEU C 670 -30.98 -44.58 -14.39
C LEU C 670 -30.79 -46.09 -14.42
N VAL C 671 -31.52 -46.77 -15.30
CA VAL C 671 -31.36 -48.22 -15.45
C VAL C 671 -30.57 -48.56 -16.71
N ILE C 672 -29.52 -49.37 -16.55
CA ILE C 672 -28.76 -49.82 -17.71
C ILE C 672 -29.07 -51.28 -18.00
N ASP C 673 -29.88 -51.51 -19.02
CA ASP C 673 -30.32 -52.86 -19.37
C ASP C 673 -29.46 -53.54 -20.41
N ALA C 674 -28.77 -54.61 -20.02
CA ALA C 674 -28.00 -55.42 -20.96
C ALA C 674 -28.41 -56.90 -20.81
N PRO C 675 -29.68 -57.19 -21.10
CA PRO C 675 -30.31 -58.47 -20.87
C PRO C 675 -29.54 -59.62 -21.50
N ASN C 676 -28.79 -59.32 -22.56
CA ASN C 676 -28.13 -60.37 -23.28
C ASN C 676 -26.66 -60.56 -22.91
N ASN C 677 -26.26 -59.90 -21.83
CA ASN C 677 -24.90 -59.99 -21.37
C ASN C 677 -24.56 -61.43 -20.99
N SER C 678 -23.31 -61.83 -21.20
CA SER C 678 -22.86 -63.17 -20.87
C SER C 678 -21.35 -63.13 -20.79
N THR C 679 -20.74 -64.28 -20.50
CA THR C 679 -19.29 -64.38 -20.55
C THR C 679 -18.84 -64.22 -21.98
N GLU C 680 -19.67 -64.62 -22.93
CA GLU C 680 -19.33 -64.54 -24.35
C GLU C 680 -19.70 -63.19 -24.93
N ASN C 681 -20.81 -62.62 -24.49
CA ASN C 681 -21.38 -61.46 -25.13
C ASN C 681 -20.91 -60.16 -24.52
N PHE C 682 -19.67 -59.78 -24.78
CA PHE C 682 -19.09 -58.59 -24.16
C PHE C 682 -18.92 -57.45 -25.15
N TYR C 683 -19.39 -57.65 -26.38
CA TYR C 683 -19.38 -56.57 -27.38
C TYR C 683 -20.69 -55.82 -27.33
N ILE C 684 -20.63 -54.52 -27.60
CA ILE C 684 -21.84 -53.74 -27.70
C ILE C 684 -22.20 -53.66 -29.16
N ASP C 685 -23.36 -54.20 -29.53
CA ASP C 685 -23.79 -54.18 -30.90
C ASP C 685 -24.57 -52.92 -31.20
N SER C 686 -25.45 -52.53 -30.27
CA SER C 686 -26.22 -51.27 -30.41
C SER C 686 -26.62 -50.75 -29.04
N MET C 687 -27.00 -49.48 -28.99
CA MET C 687 -27.27 -48.85 -27.72
C MET C 687 -28.34 -47.81 -27.94
N SER C 688 -29.33 -47.75 -27.05
CA SER C 688 -30.33 -46.70 -27.15
C SER C 688 -30.50 -46.06 -25.79
N PHE C 689 -30.77 -44.75 -25.79
CA PHE C 689 -30.90 -43.97 -24.57
C PHE C 689 -32.31 -43.40 -24.52
N ASN C 690 -33.17 -43.94 -23.67
CA ASN C 690 -34.57 -43.52 -23.63
C ASN C 690 -35.25 -43.60 -25.00
N GLY C 691 -34.98 -44.69 -25.73
CA GLY C 691 -35.62 -44.91 -27.03
C GLY C 691 -34.87 -44.33 -28.21
N ALA C 692 -34.10 -43.28 -27.96
CA ALA C 692 -33.27 -42.71 -29.01
C ALA C 692 -32.08 -43.63 -29.27
N ASP C 693 -31.72 -43.78 -30.55
CA ASP C 693 -30.55 -44.57 -30.88
C ASP C 693 -29.30 -43.82 -30.44
N HIS C 694 -28.32 -44.53 -29.88
CA HIS C 694 -27.14 -43.89 -29.31
C HIS C 694 -25.85 -44.50 -29.82
N THR C 695 -25.25 -43.88 -30.83
CA THR C 695 -24.06 -44.47 -31.45
C THR C 695 -22.79 -43.86 -30.86
N LYS C 696 -22.96 -42.83 -30.04
CA LYS C 696 -21.84 -42.15 -29.42
C LYS C 696 -20.98 -43.03 -28.46
N ASN C 697 -19.70 -42.70 -28.35
CA ASN C 697 -18.83 -43.44 -27.46
C ASN C 697 -18.73 -42.82 -26.08
N TYR C 698 -19.70 -41.99 -25.70
CA TYR C 698 -19.67 -41.39 -24.37
C TYR C 698 -21.07 -41.03 -23.92
N LEU C 699 -21.22 -40.86 -22.59
CA LEU C 699 -22.45 -40.39 -21.97
C LEU C 699 -22.17 -39.06 -21.29
N ARG C 700 -23.20 -38.21 -21.16
CA ARG C 700 -23.02 -36.90 -20.54
C ARG C 700 -23.64 -36.80 -19.15
N HIS C 701 -22.88 -36.25 -18.20
CA HIS C 701 -23.29 -36.12 -16.81
C HIS C 701 -24.74 -35.62 -16.67
N GLU C 702 -25.05 -34.50 -17.33
CA GLU C 702 -26.39 -33.89 -17.32
C GLU C 702 -27.46 -34.87 -17.78
N ASP C 703 -27.11 -35.66 -18.80
CA ASP C 703 -28.02 -36.65 -19.39
C ASP C 703 -28.31 -37.79 -18.44
N LEU C 704 -27.26 -38.31 -17.82
CA LEU C 704 -27.41 -39.38 -16.85
C LEU C 704 -28.31 -38.94 -15.72
N PHE C 705 -28.04 -37.77 -15.17
CA PHE C 705 -28.79 -37.28 -14.03
C PHE C 705 -30.27 -37.18 -14.33
N LYS C 706 -30.64 -36.99 -15.59
CA LYS C 706 -32.05 -36.94 -15.96
C LYS C 706 -32.72 -38.29 -15.78
N GLY C 707 -31.92 -39.33 -15.74
CA GLY C 707 -32.47 -40.65 -15.49
C GLY C 707 -33.19 -41.26 -16.67
N GLY C 708 -33.92 -42.34 -16.41
CA GLY C 708 -34.58 -43.11 -17.46
C GLY C 708 -33.90 -44.46 -17.68
N THR C 709 -33.89 -44.89 -18.94
CA THR C 709 -33.33 -46.18 -19.28
C THR C 709 -32.30 -46.09 -20.39
N ILE C 710 -31.20 -46.84 -20.23
CA ILE C 710 -30.28 -47.07 -21.33
C ILE C 710 -30.31 -48.54 -21.69
N LYS C 711 -30.51 -48.84 -22.97
CA LYS C 711 -30.49 -50.24 -23.44
C LYS C 711 -29.22 -50.58 -24.16
N VAL C 712 -28.63 -51.74 -23.83
CA VAL C 712 -27.40 -52.17 -24.46
C VAL C 712 -27.56 -53.57 -25.00
N ASP C 713 -27.55 -53.73 -26.33
CA ASP C 713 -27.62 -55.04 -26.93
CA ASP C 713 -27.61 -55.08 -26.89
C ASP C 713 -26.21 -55.65 -27.00
N MET C 714 -25.94 -56.64 -26.16
CA MET C 714 -24.66 -57.31 -26.14
C MET C 714 -24.57 -58.37 -27.22
N SER C 715 -23.36 -58.61 -27.71
CA SER C 715 -23.12 -59.63 -28.72
C SER C 715 -21.76 -60.29 -28.49
N ASN C 716 -21.56 -61.42 -29.14
CA ASN C 716 -20.31 -62.11 -28.98
C ASN C 716 -19.39 -61.82 -30.14
N ARG C 717 -19.85 -61.00 -31.08
CA ARG C 717 -19.01 -60.58 -32.21
C ARG C 717 -18.97 -59.07 -32.27
N PRO C 718 -17.81 -58.51 -32.62
CA PRO C 718 -17.67 -57.07 -32.58
C PRO C 718 -18.46 -56.43 -33.68
N ASN C 719 -18.96 -55.22 -33.44
CA ASN C 719 -19.63 -54.51 -34.50
C ASN C 719 -18.72 -53.44 -35.06
N LEU C 720 -18.20 -53.68 -36.26
CA LEU C 720 -17.17 -52.84 -36.86
C LEU C 720 -17.68 -51.48 -37.34
N ASN C 721 -18.98 -51.23 -37.23
CA ASN C 721 -19.53 -49.99 -37.77
C ASN C 721 -20.05 -49.01 -36.75
N ARG C 722 -20.32 -49.49 -35.55
CA ARG C 722 -20.82 -48.61 -34.53
C ARG C 722 -19.70 -47.81 -33.89
N GLY C 723 -19.95 -46.50 -33.73
CA GLY C 723 -19.04 -45.63 -32.97
C GLY C 723 -17.76 -45.29 -33.70
N THR C 724 -17.81 -45.32 -35.02
CA THR C 724 -16.66 -44.96 -35.83
C THR C 724 -16.84 -43.57 -36.44
N LYS C 725 -18.08 -43.12 -36.51
CA LYS C 725 -18.38 -41.79 -37.02
C LYS C 725 -17.74 -40.74 -36.14
N GLU C 726 -17.41 -39.61 -36.74
CA GLU C 726 -16.64 -38.58 -36.08
C GLU C 726 -17.41 -37.91 -34.93
N GLU C 727 -18.73 -37.78 -35.06
CA GLU C 727 -19.51 -37.15 -34.00
C GLU C 727 -19.69 -38.11 -32.81
N ASP C 728 -19.26 -39.35 -32.96
CA ASP C 728 -19.30 -40.31 -31.87
C ASP C 728 -18.12 -40.20 -30.92
N MET C 729 -17.10 -39.42 -31.29
CA MET C 729 -15.90 -39.35 -30.49
C MET C 729 -16.12 -38.50 -29.25
N PRO C 730 -15.43 -38.85 -28.17
CA PRO C 730 -15.47 -38.01 -26.98
C PRO C 730 -14.61 -36.75 -27.16
N TYR C 731 -14.68 -35.86 -26.18
CA TYR C 731 -14.00 -34.57 -26.22
C TYR C 731 -12.49 -34.68 -26.44
N SER C 732 -11.95 -33.89 -27.36
CA SER C 732 -10.51 -33.63 -27.41
C SER C 732 -10.33 -32.13 -27.56
N PHE C 733 -9.34 -31.56 -26.85
CA PHE C 733 -9.07 -30.14 -26.80
C PHE C 733 -8.74 -29.60 -28.18
N SER C 734 -7.94 -30.34 -28.93
CA SER C 734 -7.57 -29.95 -30.29
C SER C 734 -8.80 -29.71 -31.16
N LYS C 735 -9.86 -30.48 -30.95
CA LYS C 735 -11.03 -30.31 -31.80
C LYS C 735 -11.88 -29.17 -31.32
N GLU C 736 -11.49 -28.56 -30.21
CA GLU C 736 -12.13 -27.32 -29.83
C GLU C 736 -11.51 -26.23 -30.70
N LEU C 737 -11.35 -26.51 -32.00
CA LEU C 737 -10.63 -25.61 -32.91
C LEU C 737 -9.73 -24.74 -32.04
N LYS D 1 -2.89 2.58 -83.61
CA LYS D 1 -2.76 3.34 -82.32
C LYS D 1 -1.35 3.07 -81.76
N ASP D 2 -0.60 4.13 -81.47
CA ASP D 2 0.78 3.94 -81.05
C ASP D 2 0.88 4.25 -79.57
N TRP D 3 1.61 3.44 -78.81
CA TRP D 3 1.81 3.71 -77.40
C TRP D 3 3.24 4.13 -77.10
N THR D 4 4.16 3.93 -78.05
CA THR D 4 5.58 4.20 -77.80
C THR D 4 5.80 5.69 -77.51
N GLN D 5 4.93 6.54 -78.06
CA GLN D 5 4.98 7.96 -77.81
C GLN D 5 4.95 8.29 -76.31
N TYR D 6 4.40 7.38 -75.51
CA TYR D 6 4.34 7.65 -74.08
C TYR D 6 5.58 7.17 -73.32
N VAL D 7 6.41 6.36 -73.96
CA VAL D 7 7.51 5.71 -73.26
C VAL D 7 8.70 6.62 -73.15
N ASN D 8 9.12 6.91 -71.94
CA ASN D 8 10.30 7.75 -71.75
C ASN D 8 11.47 6.93 -71.20
N PRO D 9 12.41 6.59 -72.09
CA PRO D 9 13.51 5.73 -71.65
C PRO D 9 14.46 6.44 -70.72
N LEU D 10 14.27 7.74 -70.53
CA LEU D 10 15.16 8.49 -69.67
C LEU D 10 14.64 8.49 -68.27
N MET D 11 13.45 7.97 -68.08
CA MET D 11 12.82 7.97 -66.75
C MET D 11 13.60 7.12 -65.78
N GLY D 12 14.11 7.72 -64.72
CA GLY D 12 14.96 6.98 -63.79
C GLY D 12 16.46 7.17 -64.01
N SER D 13 16.84 7.95 -65.03
CA SER D 13 18.26 8.22 -65.31
C SER D 13 18.84 9.38 -64.49
N GLN D 14 17.99 10.13 -63.79
CA GLN D 14 18.47 11.19 -62.91
C GLN D 14 18.64 10.66 -61.48
N SER D 15 19.51 9.67 -61.29
CA SER D 15 19.70 9.07 -59.97
C SER D 15 21.13 9.23 -59.55
N THR D 16 21.37 9.17 -58.26
CA THR D 16 22.72 9.27 -57.73
C THR D 16 22.87 8.18 -56.70
N PHE D 17 24.11 7.94 -56.31
CA PHE D 17 24.43 6.96 -55.29
C PHE D 17 23.63 7.15 -53.99
N GLU D 18 23.42 8.39 -53.59
CA GLU D 18 22.81 8.68 -52.31
C GLU D 18 21.28 8.63 -52.34
N LEU D 19 20.71 8.93 -53.50
CA LEU D 19 19.26 8.91 -53.66
C LEU D 19 18.95 8.36 -55.05
N SER D 20 18.27 7.24 -55.10
CA SER D 20 17.90 6.66 -56.38
C SER D 20 16.56 7.24 -56.80
N THR D 21 16.44 7.69 -58.04
CA THR D 21 15.13 7.99 -58.58
C THR D 21 14.82 6.97 -59.67
N GLY D 22 15.51 5.83 -59.57
CA GLY D 22 15.24 4.68 -60.44
C GLY D 22 16.49 3.86 -60.72
N ASN D 23 17.61 4.54 -60.89
CA ASN D 23 18.86 3.90 -61.32
C ASN D 23 18.75 3.10 -62.62
N THR D 24 18.23 3.74 -63.65
CA THR D 24 18.04 3.08 -64.92
C THR D 24 18.91 3.76 -65.94
N TYR D 25 19.05 3.18 -67.10
CA TYR D 25 19.61 3.87 -68.26
C TYR D 25 18.66 3.71 -69.44
N PRO D 26 18.86 4.49 -70.50
CA PRO D 26 17.96 4.37 -71.64
C PRO D 26 18.24 3.07 -72.43
N ALA D 27 17.49 2.03 -72.11
CA ALA D 27 17.68 0.75 -72.78
C ALA D 27 17.04 0.81 -74.14
N ILE D 28 17.83 1.03 -75.19
CA ILE D 28 17.30 1.04 -76.54
C ILE D 28 17.42 -0.37 -77.01
N ALA D 29 16.29 -1.05 -77.09
CA ALA D 29 16.28 -2.48 -77.31
C ALA D 29 14.94 -3.00 -77.81
N ARG D 30 14.91 -4.23 -78.32
CA ARG D 30 13.65 -4.91 -78.53
C ARG D 30 13.21 -5.47 -77.17
N PRO D 31 11.93 -5.81 -77.02
CA PRO D 31 11.47 -6.48 -75.82
C PRO D 31 12.32 -7.69 -75.46
N TRP D 32 12.84 -7.75 -74.24
CA TRP D 32 13.66 -8.88 -73.79
C TRP D 32 14.85 -9.11 -74.70
N GLY D 33 15.33 -8.09 -75.37
CA GLY D 33 16.42 -8.31 -76.30
C GLY D 33 17.71 -8.83 -75.69
N MET D 34 18.44 -9.65 -76.44
CA MET D 34 19.67 -10.24 -75.92
C MET D 34 20.72 -9.19 -75.67
N ASN D 35 20.83 -8.24 -76.59
CA ASN D 35 21.76 -7.12 -76.46
C ASN D 35 21.03 -5.79 -76.35
N PHE D 36 21.33 -5.01 -75.32
CA PHE D 36 20.82 -3.64 -75.23
C PHE D 36 21.86 -2.64 -75.72
N TRP D 37 21.43 -1.52 -76.27
CA TRP D 37 22.37 -0.46 -76.62
C TRP D 37 21.96 0.81 -75.92
N THR D 38 22.95 1.56 -75.44
CA THR D 38 22.67 2.80 -74.76
C THR D 38 23.76 3.80 -75.05
N PRO D 39 23.40 5.10 -75.04
CA PRO D 39 24.43 6.13 -75.04
C PRO D 39 25.15 5.99 -73.72
N GLN D 40 26.46 6.19 -73.74
CA GLN D 40 27.28 6.03 -72.55
C GLN D 40 27.91 7.35 -72.10
N THR D 41 27.46 7.84 -70.95
CA THR D 41 28.08 9.02 -70.37
C THR D 41 29.12 8.66 -69.33
N GLY D 42 28.89 7.60 -68.56
CA GLY D 42 29.83 7.20 -67.51
C GLY D 42 31.13 6.69 -68.10
N LYS D 43 32.19 6.66 -67.29
CA LYS D 43 33.47 6.12 -67.74
C LYS D 43 33.37 4.60 -67.77
N MET D 44 34.20 3.95 -68.58
CA MET D 44 34.20 2.49 -68.63
C MET D 44 34.24 1.88 -67.23
N GLY D 45 33.31 0.99 -66.94
CA GLY D 45 33.36 0.26 -65.68
C GLY D 45 32.41 0.79 -64.62
N ASP D 46 31.92 2.01 -64.82
CA ASP D 46 31.10 2.65 -63.82
C ASP D 46 29.67 2.22 -63.97
N GLY D 47 29.11 1.68 -62.90
CA GLY D 47 27.70 1.26 -62.89
C GLY D 47 26.71 2.28 -63.41
N TRP D 48 27.01 3.55 -63.22
CA TRP D 48 26.12 4.59 -63.70
C TRP D 48 26.57 4.96 -65.09
N GLN D 49 26.17 4.16 -66.06
CA GLN D 49 26.75 4.31 -67.39
C GLN D 49 26.09 5.46 -68.15
N TYR D 50 24.89 5.81 -67.75
CA TYR D 50 24.23 6.97 -68.32
C TYR D 50 23.53 7.71 -67.20
N THR D 51 23.89 8.99 -66.99
CA THR D 51 23.22 9.80 -65.98
C THR D 51 22.69 11.10 -66.60
N TYR D 52 21.45 11.45 -66.25
CA TYR D 52 20.78 12.55 -66.90
C TYR D 52 21.54 13.88 -66.80
N THR D 53 22.29 14.07 -65.71
CA THR D 53 23.00 15.34 -65.53
C THR D 53 24.38 15.34 -66.13
N ALA D 54 24.72 14.27 -66.82
CA ALA D 54 26.04 14.22 -67.45
C ALA D 54 26.09 15.11 -68.69
N ASN D 55 27.25 15.70 -68.94
CA ASN D 55 27.42 16.61 -70.07
C ASN D 55 27.87 15.96 -71.37
N LYS D 56 28.62 14.86 -71.27
CA LYS D 56 29.27 14.31 -72.42
C LYS D 56 28.88 12.86 -72.66
N ILE D 57 28.85 12.48 -73.93
CA ILE D 57 28.75 11.09 -74.34
C ILE D 57 30.13 10.62 -74.83
N ARG D 58 30.56 9.45 -74.40
CA ARG D 58 31.89 8.99 -74.78
C ARG D 58 31.82 7.72 -75.63
N GLY D 59 30.62 7.26 -75.94
CA GLY D 59 30.48 6.11 -76.82
C GLY D 59 29.05 5.61 -76.83
N PHE D 60 28.75 4.74 -77.78
CA PHE D 60 27.46 4.08 -77.83
C PHE D 60 27.74 2.61 -77.51
N LYS D 61 27.20 2.15 -76.38
CA LYS D 61 27.65 0.92 -75.80
C LYS D 61 26.63 -0.21 -75.95
N GLN D 62 27.13 -1.41 -76.19
CA GLN D 62 26.30 -2.60 -76.06
C GLN D 62 26.42 -3.01 -74.60
N THR D 63 25.27 -3.13 -73.93
CA THR D 63 25.26 -3.40 -72.50
C THR D 63 24.30 -4.54 -72.17
N HIS D 64 24.55 -5.24 -71.05
CA HIS D 64 23.61 -6.23 -70.54
C HIS D 64 23.29 -5.95 -69.07
N GLN D 65 23.79 -4.82 -68.57
CA GLN D 65 23.68 -4.47 -67.17
C GLN D 65 22.25 -4.35 -66.66
N PRO D 66 21.91 -5.10 -65.62
CA PRO D 66 20.62 -5.05 -64.94
C PRO D 66 20.55 -4.01 -63.82
N SER D 67 21.67 -3.54 -63.34
CA SER D 67 21.64 -2.62 -62.21
C SER D 67 23.02 -2.04 -62.04
N PRO D 68 23.08 -0.75 -61.66
CA PRO D 68 24.40 -0.18 -61.39
C PRO D 68 25.13 -1.05 -60.36
N TRP D 69 24.37 -1.62 -59.43
CA TRP D 69 24.98 -2.35 -58.34
C TRP D 69 25.56 -3.65 -58.81
N ILE D 70 24.89 -4.29 -59.76
CA ILE D 70 25.36 -5.57 -60.31
C ILE D 70 26.39 -5.37 -61.40
N ASN D 71 26.28 -4.27 -62.13
CA ASN D 71 27.23 -3.93 -63.19
C ASN D 71 27.16 -4.82 -64.44
N ASP D 72 28.10 -4.63 -65.37
CA ASP D 72 27.89 -5.10 -66.74
C ASP D 72 28.75 -6.27 -67.16
N TYR D 73 28.41 -6.87 -68.30
CA TYR D 73 29.24 -7.90 -68.96
C TYR D 73 28.89 -7.87 -70.45
N GLY D 74 29.72 -8.47 -71.31
CA GLY D 74 29.43 -8.48 -72.75
C GLY D 74 29.33 -7.09 -73.31
N GLN D 75 30.32 -6.25 -73.01
CA GLN D 75 30.23 -4.80 -73.26
C GLN D 75 31.34 -4.27 -74.16
N PHE D 76 30.96 -3.54 -75.18
CA PHE D 76 31.89 -2.79 -75.99
C PHE D 76 31.17 -1.55 -76.54
N SER D 77 31.93 -0.63 -77.10
CA SER D 77 31.34 0.62 -77.57
C SER D 77 31.90 1.08 -78.91
N ILE D 78 31.20 2.04 -79.50
CA ILE D 78 31.56 2.62 -80.76
C ILE D 78 31.34 4.10 -80.61
N MET D 79 32.20 4.92 -81.21
CA MET D 79 32.10 6.37 -81.07
C MET D 79 32.65 7.06 -82.30
N PRO D 80 31.83 7.85 -82.99
CA PRO D 80 32.32 8.61 -84.13
C PRO D 80 33.00 9.89 -83.65
N ILE D 81 34.03 10.34 -84.36
CA ILE D 81 34.70 11.57 -83.99
C ILE D 81 35.23 12.22 -85.25
N VAL D 82 35.86 13.38 -85.06
CA VAL D 82 36.36 14.19 -86.15
C VAL D 82 37.64 14.88 -85.68
N GLY D 83 38.57 15.15 -86.57
CA GLY D 83 39.80 15.84 -86.17
C GLY D 83 40.96 14.88 -85.91
N GLN D 84 41.45 14.84 -84.68
CA GLN D 84 42.54 13.92 -84.35
C GLN D 84 41.94 12.57 -84.08
N PRO D 85 42.61 11.51 -84.53
CA PRO D 85 42.18 10.14 -84.19
C PRO D 85 42.60 9.79 -82.77
N VAL D 86 41.66 9.86 -81.84
CA VAL D 86 42.01 9.62 -80.44
C VAL D 86 41.16 8.50 -79.88
N PHE D 87 41.78 7.60 -79.11
CA PHE D 87 41.08 6.47 -78.53
C PHE D 87 40.65 6.70 -77.11
N ASP D 88 41.41 7.51 -76.38
CA ASP D 88 41.09 7.82 -75.01
C ASP D 88 39.62 8.18 -74.80
N GLU D 89 39.02 7.63 -73.77
CA GLU D 89 37.57 7.77 -73.58
C GLU D 89 37.11 9.15 -73.09
N GLU D 90 38.05 10.01 -72.75
CA GLU D 90 37.69 11.39 -72.37
C GLU D 90 37.98 12.32 -73.52
N LYS D 91 39.12 12.12 -74.15
CA LYS D 91 39.45 12.94 -75.29
C LYS D 91 38.50 12.74 -76.45
N ARG D 92 37.89 11.56 -76.57
CA ARG D 92 36.97 11.35 -77.69
C ARG D 92 35.57 11.82 -77.38
N ALA D 93 35.31 12.12 -76.10
CA ALA D 93 33.98 12.42 -75.64
C ALA D 93 33.44 13.73 -76.20
N SER D 94 32.13 13.84 -76.30
CA SER D 94 31.52 15.07 -76.80
C SER D 94 30.39 15.60 -75.90
N TRP D 95 30.34 16.91 -75.75
CA TRP D 95 29.18 17.54 -75.16
C TRP D 95 27.94 17.18 -75.97
N PHE D 96 26.78 17.20 -75.30
CA PHE D 96 25.50 17.11 -75.96
C PHE D 96 24.48 17.70 -74.99
N ALA D 97 23.25 17.85 -75.43
CA ALA D 97 22.17 18.28 -74.53
C ALA D 97 20.92 17.46 -74.83
N HIS D 98 20.09 17.27 -73.82
CA HIS D 98 18.88 16.46 -73.98
C HIS D 98 17.94 17.01 -75.04
N LYS D 99 17.87 18.33 -75.20
CA LYS D 99 17.10 18.92 -76.28
C LYS D 99 17.70 18.62 -77.68
N GLY D 100 18.87 17.99 -77.70
CA GLY D 100 19.52 17.60 -78.96
C GLY D 100 19.54 16.09 -79.09
N GLU D 101 18.73 15.45 -78.24
CA GLU D 101 18.70 14.01 -78.11
C GLU D 101 17.26 13.51 -78.23
N VAL D 102 17.03 12.40 -78.91
CA VAL D 102 15.70 11.83 -79.00
C VAL D 102 15.78 10.35 -78.61
N ALA D 103 15.14 9.97 -77.50
CA ALA D 103 15.26 8.60 -77.03
C ALA D 103 13.91 7.85 -77.05
N THR D 104 13.84 6.78 -77.83
CA THR D 104 12.67 5.91 -77.84
C THR D 104 13.17 4.50 -77.70
N PRO D 105 12.27 3.56 -77.37
CA PRO D 105 12.71 2.18 -77.22
C PRO D 105 13.33 1.63 -78.51
N TYR D 106 12.91 2.15 -79.66
CA TYR D 106 13.26 1.48 -80.89
C TYR D 106 14.22 2.32 -81.70
N TYR D 107 14.55 3.50 -81.19
CA TYR D 107 15.33 4.44 -81.99
C TYR D 107 16.00 5.45 -81.09
N TYR D 108 17.27 5.74 -81.35
CA TYR D 108 17.98 6.73 -80.53
C TYR D 108 18.81 7.66 -81.40
N LYS D 109 18.69 8.96 -81.13
CA LYS D 109 19.41 9.96 -81.90
C LYS D 109 20.01 11.02 -81.00
N VAL D 110 21.19 11.51 -81.34
CA VAL D 110 21.80 12.58 -80.56
C VAL D 110 22.77 13.38 -81.43
N TYR D 111 22.87 14.67 -81.16
CA TYR D 111 23.86 15.51 -81.81
C TYR D 111 25.11 15.66 -80.92
N LEU D 112 26.27 15.23 -81.44
CA LEU D 112 27.50 15.31 -80.66
C LEU D 112 28.12 16.65 -80.96
N ALA D 113 28.04 17.58 -80.00
CA ALA D 113 28.31 18.99 -80.32
C ALA D 113 29.78 19.28 -80.57
N GLU D 114 30.66 18.48 -80.01
CA GLU D 114 32.09 18.74 -80.22
C GLU D 114 32.66 18.16 -81.51
N HIS D 115 31.91 17.26 -82.17
CA HIS D 115 32.34 16.69 -83.43
C HIS D 115 31.43 17.13 -84.57
N ASP D 116 30.30 17.75 -84.23
CA ASP D 116 29.35 18.16 -85.23
C ASP D 116 28.88 16.92 -85.99
N ILE D 117 28.57 15.86 -85.24
CA ILE D 117 28.12 14.61 -85.81
C ILE D 117 26.79 14.21 -85.22
N VAL D 118 25.87 13.72 -86.06
CA VAL D 118 24.61 13.18 -85.57
C VAL D 118 24.68 11.65 -85.56
N THR D 119 24.35 11.03 -84.43
CA THR D 119 24.38 9.58 -84.35
C THR D 119 22.96 9.03 -84.22
N GLU D 120 22.62 8.01 -84.99
CA GLU D 120 21.34 7.35 -84.76
C GLU D 120 21.55 5.85 -84.74
N MET D 121 20.80 5.18 -83.88
CA MET D 121 20.87 3.74 -83.79
C MET D 121 19.48 3.14 -83.63
N THR D 122 19.24 2.04 -84.36
CA THR D 122 18.05 1.22 -84.20
C THR D 122 18.42 -0.22 -84.07
N PRO D 123 18.04 -0.87 -82.96
CA PRO D 123 18.41 -2.25 -82.75
C PRO D 123 17.35 -3.31 -83.06
N THR D 124 17.81 -4.53 -83.18
CA THR D 124 16.97 -5.69 -83.22
C THR D 124 17.30 -6.46 -81.93
N GLU D 125 16.87 -7.71 -81.86
CA GLU D 125 17.14 -8.51 -80.67
C GLU D 125 18.60 -8.70 -80.37
N ARG D 126 19.38 -8.95 -81.41
CA ARG D 126 20.79 -9.19 -81.21
C ARG D 126 21.72 -8.28 -82.00
N ALA D 127 21.15 -7.49 -82.91
CA ALA D 127 21.97 -6.63 -83.77
C ALA D 127 21.52 -5.18 -83.70
N VAL D 128 22.26 -4.29 -84.35
CA VAL D 128 21.88 -2.90 -84.34
C VAL D 128 22.42 -2.23 -85.60
N LEU D 129 21.76 -1.17 -86.03
CA LEU D 129 22.27 -0.37 -87.14
C LEU D 129 22.57 1.02 -86.62
N PHE D 130 23.79 1.51 -86.87
CA PHE D 130 24.14 2.90 -86.59
C PHE D 130 24.17 3.68 -87.88
N ARG D 131 23.74 4.93 -87.85
CA ARG D 131 23.96 5.81 -88.97
C ARG D 131 24.65 7.06 -88.43
N PHE D 132 25.85 7.34 -88.90
CA PHE D 132 26.56 8.55 -88.51
C PHE D 132 26.49 9.62 -89.60
N THR D 133 25.96 10.79 -89.27
CA THR D 133 25.97 11.90 -90.21
C THR D 133 27.14 12.84 -89.92
N PHE D 134 28.14 12.82 -90.81
CA PHE D 134 29.39 13.50 -90.56
C PHE D 134 29.34 14.88 -91.16
N PRO D 135 30.15 15.80 -90.62
CA PRO D 135 30.33 17.11 -91.20
C PRO D 135 31.38 16.98 -92.30
N GLU D 136 31.63 18.07 -93.00
CA GLU D 136 32.69 18.04 -93.98
C GLU D 136 34.02 18.02 -93.25
N ASN D 137 34.80 16.98 -93.43
CA ASN D 137 36.09 16.92 -92.79
C ASN D 137 37.00 15.95 -93.54
N ASP D 138 38.29 16.27 -93.57
CA ASP D 138 39.25 15.36 -94.18
C ASP D 138 39.62 14.24 -93.21
N HIS D 139 39.23 14.39 -91.95
CA HIS D 139 39.57 13.42 -90.93
C HIS D 139 38.34 13.08 -90.09
N SER D 140 37.50 12.19 -90.59
CA SER D 140 36.41 11.68 -89.78
C SER D 140 36.80 10.27 -89.42
N TYR D 141 36.54 9.88 -88.18
CA TYR D 141 36.88 8.55 -87.77
C TYR D 141 35.73 7.90 -87.06
N VAL D 142 35.85 6.60 -86.85
CA VAL D 142 34.97 5.87 -85.95
C VAL D 142 35.85 5.03 -85.02
N VAL D 143 35.63 5.17 -83.72
CA VAL D 143 36.39 4.44 -82.73
C VAL D 143 35.60 3.22 -82.28
N VAL D 144 36.26 2.06 -82.25
CA VAL D 144 35.67 0.86 -81.69
C VAL D 144 36.46 0.43 -80.46
N ASP D 145 35.75 0.28 -79.35
CA ASP D 145 36.36 0.02 -78.05
C ASP D 145 35.95 -1.34 -77.49
N ALA D 146 36.88 -2.28 -77.37
CA ALA D 146 36.55 -3.63 -76.87
C ALA D 146 36.61 -3.73 -75.36
N PHE D 147 36.95 -2.62 -74.72
CA PHE D 147 37.03 -2.56 -73.27
C PHE D 147 38.24 -3.33 -72.77
N ASP D 148 38.46 -3.36 -71.47
CA ASP D 148 39.68 -3.97 -70.98
C ASP D 148 39.50 -5.35 -70.35
N LYS D 149 40.52 -5.78 -69.61
CA LYS D 149 40.47 -7.06 -68.97
C LYS D 149 40.66 -8.19 -69.94
N GLY D 150 41.25 -7.87 -71.08
CA GLY D 150 41.51 -8.90 -72.09
C GLY D 150 40.45 -8.91 -73.15
N SER D 151 40.79 -8.37 -74.31
CA SER D 151 39.86 -8.32 -75.42
C SER D 151 40.66 -8.56 -76.71
N TYR D 152 39.99 -8.48 -77.84
CA TYR D 152 40.60 -8.82 -79.10
C TYR D 152 39.92 -8.01 -80.20
N ILE D 153 40.72 -7.50 -81.14
CA ILE D 153 40.21 -6.71 -82.24
C ILE D 153 40.94 -7.06 -83.53
N LYS D 154 40.24 -6.93 -84.66
CA LYS D 154 40.85 -7.20 -85.96
C LYS D 154 40.15 -6.47 -87.09
N ILE D 155 40.95 -5.79 -87.92
CA ILE D 155 40.42 -5.00 -89.02
C ILE D 155 40.58 -5.76 -90.32
N ILE D 156 39.49 -5.90 -91.05
CA ILE D 156 39.48 -6.57 -92.34
C ILE D 156 39.08 -5.54 -93.37
N PRO D 157 40.07 -4.82 -93.90
CA PRO D 157 39.77 -3.73 -94.84
C PRO D 157 39.01 -4.24 -96.07
N GLU D 158 39.37 -5.40 -96.61
CA GLU D 158 38.77 -5.88 -97.85
C GLU D 158 37.30 -6.20 -97.69
N GLU D 159 36.75 -6.05 -96.48
CA GLU D 159 35.33 -6.26 -96.27
C GLU D 159 34.74 -5.07 -95.51
N ASN D 160 35.49 -3.98 -95.41
CA ASN D 160 35.05 -2.82 -94.63
C ASN D 160 34.55 -3.24 -93.27
N LYS D 161 35.30 -4.10 -92.60
CA LYS D 161 34.76 -4.79 -91.44
C LYS D 161 35.71 -4.73 -90.27
N ILE D 162 35.15 -4.62 -89.08
CA ILE D 162 35.94 -4.78 -87.88
C ILE D 162 35.30 -5.87 -87.06
N ILE D 163 36.08 -6.84 -86.61
CA ILE D 163 35.54 -7.84 -85.70
C ILE D 163 36.36 -7.85 -84.43
N GLY D 164 35.81 -8.41 -83.37
CA GLY D 164 36.54 -8.46 -82.11
C GLY D 164 35.74 -9.18 -81.07
N TYR D 165 36.32 -9.37 -79.89
CA TYR D 165 35.54 -9.87 -78.77
C TYR D 165 35.87 -9.12 -77.49
N THR D 166 34.87 -9.01 -76.62
CA THR D 166 35.05 -8.31 -75.36
C THR D 166 34.82 -9.29 -74.21
N THR D 167 35.50 -9.11 -73.08
CA THR D 167 35.26 -10.03 -71.99
C THR D 167 35.01 -9.36 -70.65
N ARG D 168 35.30 -8.08 -70.53
CA ARG D 168 35.16 -7.45 -69.22
C ARG D 168 33.80 -7.73 -68.61
N ASN D 169 33.81 -8.30 -67.41
CA ASN D 169 32.56 -8.64 -66.71
C ASN D 169 32.60 -8.39 -65.20
N SER D 170 31.50 -8.65 -64.53
CA SER D 170 31.42 -8.36 -63.13
C SER D 170 31.23 -9.63 -62.30
N GLY D 171 31.58 -10.78 -62.88
CA GLY D 171 31.46 -12.06 -62.20
C GLY D 171 30.35 -12.92 -62.80
N GLY D 172 30.17 -14.13 -62.28
CA GLY D 172 29.11 -15.02 -62.75
C GLY D 172 29.26 -15.44 -64.21
N VAL D 173 30.49 -15.70 -64.62
CA VAL D 173 30.74 -16.19 -65.97
C VAL D 173 31.74 -17.31 -65.92
N PRO D 174 31.62 -18.24 -66.87
CA PRO D 174 32.60 -19.33 -66.99
C PRO D 174 33.95 -18.80 -67.47
N GLU D 175 35.01 -19.55 -67.25
CA GLU D 175 36.33 -19.09 -67.67
C GLU D 175 36.45 -18.70 -69.14
N ASN D 176 35.74 -19.40 -70.02
CA ASN D 176 35.82 -19.12 -71.46
C ASN D 176 34.85 -18.04 -71.97
N PHE D 177 34.31 -17.23 -71.06
CA PHE D 177 33.31 -16.24 -71.45
C PHE D 177 33.85 -15.24 -72.45
N LYS D 178 33.11 -15.02 -73.54
CA LYS D 178 33.47 -14.03 -74.57
C LYS D 178 32.22 -13.48 -75.22
N ASN D 179 32.24 -12.21 -75.60
CA ASN D 179 31.21 -11.69 -76.50
C ASN D 179 31.85 -11.39 -77.83
N TYR D 180 31.42 -12.10 -78.88
CA TYR D 180 32.00 -11.92 -80.21
C TYR D 180 31.16 -10.90 -80.96
N PHE D 181 31.80 -9.90 -81.55
CA PHE D 181 31.08 -8.88 -82.31
C PHE D 181 31.67 -8.62 -83.70
N ILE D 182 30.78 -8.20 -84.60
CA ILE D 182 31.14 -7.88 -85.97
C ILE D 182 30.55 -6.52 -86.35
N ILE D 183 31.35 -5.73 -87.07
CA ILE D 183 30.92 -4.40 -87.48
C ILE D 183 31.24 -4.19 -88.95
N GLU D 184 30.21 -3.96 -89.76
CA GLU D 184 30.37 -3.74 -91.20
C GLU D 184 30.07 -2.30 -91.53
N PHE D 185 31.00 -1.62 -92.19
CA PHE D 185 30.77 -0.24 -92.62
C PHE D 185 30.46 -0.22 -94.09
N ASP D 186 29.60 0.71 -94.52
CA ASP D 186 29.29 0.86 -95.93
C ASP D 186 30.18 1.92 -96.60
N LYS D 187 31.36 2.17 -96.05
CA LYS D 187 32.26 3.21 -96.57
C LYS D 187 33.68 2.71 -96.34
N PRO D 188 34.50 2.72 -97.39
CA PRO D 188 35.84 2.14 -97.30
C PRO D 188 36.74 2.93 -96.37
N PHE D 189 37.60 2.24 -95.63
CA PHE D 189 38.59 2.92 -94.76
C PHE D 189 39.75 3.51 -95.53
N THR D 190 39.97 4.80 -95.31
CA THR D 190 41.13 5.48 -95.85
C THR D 190 42.21 5.47 -94.79
N TYR D 191 41.79 5.27 -93.55
CA TYR D 191 42.69 5.25 -92.43
C TYR D 191 42.30 4.07 -91.56
N LYS D 192 43.30 3.36 -91.05
CA LYS D 192 43.03 2.22 -90.18
C LYS D 192 44.13 2.08 -89.15
N ALA D 193 43.73 1.81 -87.92
CA ALA D 193 44.67 1.60 -86.84
C ALA D 193 44.02 0.73 -85.78
N THR D 194 44.79 -0.15 -85.17
CA THR D 194 44.31 -0.87 -84.01
C THR D 194 44.93 -0.19 -82.79
N VAL D 195 44.39 -0.46 -81.61
CA VAL D 195 44.89 0.19 -80.42
C VAL D 195 45.28 -0.88 -79.44
N GLU D 196 46.41 -0.69 -78.81
CA GLU D 196 46.92 -1.69 -77.92
C GLU D 196 47.41 -1.05 -76.62
N ASN D 197 46.53 -1.13 -75.61
CA ASN D 197 46.84 -0.56 -74.31
C ASN D 197 47.16 0.92 -74.47
N GLY D 198 46.17 1.66 -74.99
CA GLY D 198 46.35 3.09 -75.22
C GLY D 198 47.18 3.49 -76.44
N ASN D 199 48.08 2.62 -76.89
CA ASN D 199 48.90 2.91 -78.06
C ASN D 199 48.19 2.78 -79.40
N LEU D 200 48.27 3.83 -80.20
CA LEU D 200 47.68 3.83 -81.54
C LEU D 200 48.67 3.20 -82.54
N GLN D 201 48.27 2.17 -83.29
CA GLN D 201 49.20 1.57 -84.25
C GLN D 201 48.58 1.54 -85.61
N GLU D 202 49.01 2.46 -86.47
CA GLU D 202 48.44 2.52 -87.78
C GLU D 202 48.81 1.29 -88.59
N ASN D 203 47.82 0.71 -89.26
CA ASN D 203 48.07 -0.38 -90.18
C ASN D 203 48.52 -1.70 -89.54
N VAL D 204 48.48 -1.79 -88.21
CA VAL D 204 48.55 -3.08 -87.54
C VAL D 204 47.13 -3.62 -87.46
N ALA D 205 46.92 -4.77 -88.09
CA ALA D 205 45.59 -5.29 -88.34
C ALA D 205 44.87 -5.85 -87.11
N GLU D 206 45.63 -6.27 -86.11
CA GLU D 206 45.09 -7.20 -85.12
C GLU D 206 45.72 -7.03 -83.75
N GLN D 207 44.91 -7.12 -82.70
CA GLN D 207 45.42 -7.04 -81.34
C GLN D 207 44.75 -8.06 -80.43
N THR D 208 45.57 -8.80 -79.70
CA THR D 208 45.07 -9.62 -78.63
C THR D 208 45.77 -9.08 -77.40
N THR D 209 45.04 -8.38 -76.54
CA THR D 209 45.67 -7.67 -75.45
C THR D 209 44.66 -7.30 -74.38
N ASP D 210 45.12 -6.70 -73.29
CA ASP D 210 44.23 -6.36 -72.20
C ASP D 210 43.09 -5.49 -72.66
N HIS D 211 43.40 -4.43 -73.40
CA HIS D 211 42.39 -3.48 -73.86
C HIS D 211 42.57 -3.16 -75.36
N ALA D 212 41.90 -3.93 -76.21
CA ALA D 212 42.00 -3.75 -77.66
C ALA D 212 41.04 -2.67 -78.15
N GLY D 213 41.41 -2.01 -79.23
CA GLY D 213 40.54 -1.02 -79.84
C GLY D 213 40.93 -0.84 -81.30
N ALA D 214 40.06 -0.18 -82.05
CA ALA D 214 40.35 0.13 -83.45
C ALA D 214 39.87 1.53 -83.79
N ILE D 215 40.57 2.19 -84.69
CA ILE D 215 40.05 3.41 -85.26
C ILE D 215 40.13 3.34 -86.78
N ILE D 216 39.02 3.61 -87.46
CA ILE D 216 39.07 3.69 -88.90
C ILE D 216 38.53 5.04 -89.34
N GLY D 217 38.94 5.49 -90.52
CA GLY D 217 38.60 6.85 -90.94
C GLY D 217 38.48 7.05 -92.43
N PHE D 218 38.09 8.27 -92.81
CA PHE D 218 37.91 8.62 -94.20
C PHE D 218 37.57 10.10 -94.33
N LYS D 219 37.58 10.60 -95.56
CA LYS D 219 37.15 11.97 -95.80
C LYS D 219 35.64 11.97 -95.94
N THR D 220 34.97 12.96 -95.36
CA THR D 220 33.53 13.05 -95.48
C THR D 220 33.06 14.39 -96.02
N ARG D 221 32.01 14.33 -96.84
CA ARG D 221 31.38 15.55 -97.34
C ARG D 221 30.41 16.01 -96.28
N LYS D 222 30.08 17.29 -96.27
CA LYS D 222 29.07 17.76 -95.32
C LYS D 222 27.78 16.95 -95.42
N GLY D 223 27.32 16.40 -94.30
CA GLY D 223 26.09 15.63 -94.27
C GLY D 223 26.19 14.18 -94.75
N GLU D 224 27.39 13.75 -95.12
CA GLU D 224 27.59 12.36 -95.57
C GLU D 224 27.21 11.37 -94.48
N GLN D 225 26.48 10.34 -94.85
CA GLN D 225 26.08 9.34 -93.88
C GLN D 225 26.87 8.07 -94.05
N VAL D 226 27.35 7.53 -92.94
CA VAL D 226 28.04 6.26 -92.95
C VAL D 226 27.23 5.35 -92.08
N ASN D 227 26.89 4.17 -92.58
CA ASN D 227 26.16 3.20 -91.77
C ASN D 227 27.06 2.09 -91.26
N ALA D 228 26.81 1.63 -90.04
CA ALA D 228 27.54 0.51 -89.50
C ALA D 228 26.55 -0.54 -89.01
N ARG D 229 26.68 -1.73 -89.56
CA ARG D 229 25.87 -2.87 -89.15
C ARG D 229 26.62 -3.63 -88.05
N ILE D 230 25.97 -3.85 -86.92
CA ILE D 230 26.64 -4.49 -85.78
C ILE D 230 25.86 -5.66 -85.22
N ALA D 231 26.57 -6.70 -84.77
CA ALA D 231 25.92 -7.81 -84.09
C ALA D 231 26.92 -8.53 -83.18
N SER D 232 26.41 -9.27 -82.20
CA SER D 232 27.30 -10.07 -81.39
C SER D 232 26.65 -11.39 -81.00
N SER D 233 27.49 -12.28 -80.48
CA SER D 233 27.05 -13.57 -80.03
C SER D 233 27.86 -13.90 -78.83
N PHE D 234 27.34 -14.77 -77.98
CA PHE D 234 28.11 -15.30 -76.88
C PHE D 234 28.69 -16.64 -77.30
N ILE D 235 28.48 -17.01 -78.57
CA ILE D 235 28.87 -18.32 -79.04
C ILE D 235 30.11 -18.32 -79.95
N SER D 236 30.05 -17.56 -81.05
CA SER D 236 31.12 -17.59 -82.02
C SER D 236 30.95 -16.45 -83.01
N PHE D 237 32.00 -16.15 -83.76
CA PHE D 237 31.94 -15.18 -84.83
C PHE D 237 30.98 -15.65 -85.89
N GLU D 238 30.97 -16.95 -86.18
CA GLU D 238 30.05 -17.45 -87.18
C GLU D 238 28.64 -17.15 -86.76
N GLN D 239 28.37 -17.35 -85.47
CA GLN D 239 27.05 -17.11 -84.95
C GLN D 239 26.72 -15.61 -84.94
N ALA D 240 27.74 -14.80 -84.68
CA ALA D 240 27.54 -13.36 -84.70
C ALA D 240 27.11 -12.95 -86.09
N ALA D 241 27.75 -13.56 -87.09
CA ALA D 241 27.47 -13.23 -88.49
C ALA D 241 26.06 -13.64 -88.83
N ALA D 242 25.59 -14.74 -88.26
CA ALA D 242 24.21 -15.15 -88.47
C ALA D 242 23.25 -14.14 -87.80
N ASN D 243 23.55 -13.73 -86.58
CA ASN D 243 22.71 -12.75 -85.90
C ASN D 243 22.58 -11.47 -86.70
N MET D 244 23.64 -11.13 -87.42
CA MET D 244 23.68 -9.91 -88.20
C MET D 244 22.51 -9.87 -89.18
N ASN D 245 22.00 -11.03 -89.54
CA ASN D 245 20.96 -11.06 -90.55
C ASN D 245 19.65 -10.51 -90.06
N GLU D 246 19.53 -10.28 -88.75
CA GLU D 246 18.30 -9.70 -88.22
C GLU D 246 18.10 -8.32 -88.84
N LEU D 247 19.21 -7.72 -89.29
CA LEU D 247 19.14 -6.37 -89.86
C LEU D 247 18.62 -6.40 -91.27
N GLY D 248 18.70 -7.57 -91.92
CA GLY D 248 18.36 -7.68 -93.33
C GLY D 248 19.14 -6.67 -94.16
N LYS D 249 18.44 -5.97 -95.04
CA LYS D 249 19.07 -4.88 -95.80
C LYS D 249 18.44 -3.56 -95.39
N ASP D 250 17.86 -3.51 -94.20
CA ASP D 250 17.08 -2.35 -93.80
C ASP D 250 17.93 -1.15 -93.48
N ASN D 251 17.36 0.04 -93.65
CA ASN D 251 17.99 1.27 -93.25
C ASN D 251 17.44 1.68 -91.88
N ILE D 252 17.90 2.81 -91.36
CA ILE D 252 17.46 3.32 -90.06
C ILE D 252 15.95 3.39 -89.97
N GLU D 253 15.31 4.04 -90.93
CA GLU D 253 13.86 4.23 -90.96
C GLU D 253 13.10 2.90 -90.87
N GLN D 254 13.48 1.94 -91.72
CA GLN D 254 12.80 0.66 -91.74
C GLN D 254 12.96 -0.09 -90.42
N LEU D 255 14.16 -0.08 -89.84
CA LEU D 255 14.40 -0.80 -88.59
C LEU D 255 13.69 -0.12 -87.44
N ALA D 256 13.74 1.21 -87.43
CA ALA D 256 12.97 1.98 -86.45
C ALA D 256 11.51 1.57 -86.51
N GLN D 257 10.93 1.53 -87.71
CA GLN D 257 9.54 1.15 -87.86
C GLN D 257 9.28 -0.25 -87.29
N LYS D 258 10.19 -1.18 -87.56
CA LYS D 258 10.01 -2.55 -87.11
C LYS D 258 10.08 -2.64 -85.60
N GLY D 259 11.01 -1.92 -84.99
CA GLY D 259 11.09 -1.87 -83.54
C GLY D 259 9.86 -1.23 -82.94
N LYS D 260 9.39 -0.15 -83.56
CA LYS D 260 8.20 0.53 -83.10
C LYS D 260 7.02 -0.43 -83.12
N ASP D 261 6.87 -1.14 -84.24
CA ASP D 261 5.85 -2.18 -84.36
C ASP D 261 6.00 -3.24 -83.26
N ALA D 262 7.22 -3.69 -83.03
CA ALA D 262 7.49 -4.71 -82.04
C ALA D 262 7.04 -4.25 -80.65
N TRP D 263 7.36 -3.01 -80.29
CA TRP D 263 6.98 -2.50 -79.00
C TRP D 263 5.48 -2.26 -78.90
N ASN D 264 4.88 -1.66 -79.92
CA ASN D 264 3.47 -1.39 -79.84
C ASN D 264 2.73 -2.70 -79.72
N GLN D 265 3.30 -3.73 -80.31
CA GLN D 265 2.66 -5.03 -80.26
C GLN D 265 2.50 -5.54 -78.81
N VAL D 266 3.46 -5.24 -77.95
CA VAL D 266 3.37 -5.68 -76.54
C VAL D 266 2.75 -4.64 -75.62
N LEU D 267 3.08 -3.38 -75.84
CA LEU D 267 2.49 -2.30 -75.09
C LEU D 267 1.00 -2.31 -75.32
N GLY D 268 0.58 -2.59 -76.54
CA GLY D 268 -0.83 -2.49 -76.90
C GLY D 268 -1.73 -3.53 -76.24
N LYS D 269 -1.15 -4.51 -75.55
CA LYS D 269 -1.94 -5.55 -74.92
C LYS D 269 -2.70 -4.93 -73.74
N ILE D 270 -2.33 -3.70 -73.37
CA ILE D 270 -3.00 -2.98 -72.28
C ILE D 270 -3.27 -1.54 -72.69
N GLU D 271 -4.51 -1.26 -73.08
CA GLU D 271 -4.87 0.08 -73.47
C GLU D 271 -5.52 0.77 -72.31
N VAL D 272 -5.13 2.02 -72.01
CA VAL D 272 -5.76 2.78 -70.94
C VAL D 272 -6.26 4.09 -71.52
N GLU D 273 -7.39 4.57 -71.03
CA GLU D 273 -7.90 5.88 -71.43
C GLU D 273 -8.52 6.63 -70.25
N GLY D 274 -8.79 7.91 -70.46
CA GLY D 274 -9.43 8.70 -69.43
C GLY D 274 -8.46 8.96 -68.31
N GLY D 275 -7.24 9.36 -68.66
CA GLY D 275 -6.26 9.80 -67.67
C GLY D 275 -5.53 10.99 -68.26
N ASN D 276 -4.68 11.63 -67.49
CA ASN D 276 -3.93 12.77 -68.01
C ASN D 276 -2.63 12.29 -68.64
N LEU D 277 -1.95 13.21 -69.32
CA LEU D 277 -0.77 12.86 -70.08
C LEU D 277 0.36 12.32 -69.20
N ASP D 278 0.52 12.87 -68.00
CA ASP D 278 1.52 12.36 -67.07
C ASP D 278 1.30 10.88 -66.79
N GLN D 279 0.03 10.52 -66.59
CA GLN D 279 -0.34 9.17 -66.23
C GLN D 279 -0.06 8.25 -67.38
N TYR D 280 -0.37 8.67 -68.60
CA TYR D 280 -0.13 7.82 -69.75
C TYR D 280 1.36 7.54 -69.80
N ARG D 281 2.15 8.60 -69.63
CA ARG D 281 3.60 8.49 -69.75
C ARG D 281 4.13 7.64 -68.64
N THR D 282 3.61 7.85 -67.43
CA THR D 282 4.07 7.06 -66.32
C THR D 282 3.78 5.59 -66.59
N PHE D 283 2.56 5.35 -67.04
CA PHE D 283 2.06 4.01 -67.19
C PHE D 283 2.80 3.21 -68.27
N TYR D 284 2.97 3.80 -69.45
CA TYR D 284 3.62 3.08 -70.53
C TYR D 284 5.12 3.00 -70.36
N SER D 285 5.73 3.99 -69.71
CA SER D 285 7.16 3.89 -69.40
C SER D 285 7.38 2.71 -68.50
N CYS D 286 6.52 2.58 -67.49
CA CYS D 286 6.61 1.48 -66.55
C CYS D 286 6.45 0.15 -67.25
N LEU D 287 5.49 0.09 -68.18
CA LEU D 287 5.21 -1.13 -68.90
C LEU D 287 6.42 -1.52 -69.74
N TYR D 288 7.00 -0.54 -70.42
CA TYR D 288 8.21 -0.76 -71.18
C TYR D 288 9.27 -1.34 -70.26
N ARG D 289 9.44 -0.76 -69.07
CA ARG D 289 10.46 -1.29 -68.16
C ARG D 289 10.17 -2.69 -67.69
N SER D 290 8.92 -3.14 -67.89
CA SER D 290 8.53 -4.47 -67.43
C SER D 290 8.67 -5.54 -68.49
N LEU D 291 9.13 -5.13 -69.67
CA LEU D 291 9.33 -6.06 -70.77
C LEU D 291 10.79 -6.15 -71.22
N LEU D 292 11.71 -5.81 -70.33
CA LEU D 292 13.14 -5.87 -70.66
C LEU D 292 13.87 -7.08 -70.03
N PHE D 293 13.61 -7.34 -68.75
CA PHE D 293 14.35 -8.39 -68.03
C PHE D 293 13.48 -9.57 -67.75
N PRO D 294 14.10 -10.61 -67.19
CA PRO D 294 15.21 -11.20 -67.95
C PRO D 294 15.27 -11.16 -69.46
N ARG D 295 16.46 -10.85 -69.95
CA ARG D 295 16.75 -10.87 -71.37
C ARG D 295 16.94 -12.26 -71.91
N LYS D 296 16.70 -12.39 -73.20
CA LYS D 296 17.00 -13.58 -73.94
C LYS D 296 18.49 -13.81 -73.95
N PHE D 297 18.88 -15.04 -73.67
CA PHE D 297 20.28 -15.36 -73.74
C PHE D 297 20.48 -16.48 -74.75
N TYR D 298 19.53 -16.62 -75.69
CA TYR D 298 19.65 -17.65 -76.71
C TYR D 298 19.74 -17.07 -78.09
N GLU D 299 20.26 -17.87 -79.01
CA GLU D 299 20.51 -17.40 -80.36
C GLU D 299 19.95 -18.43 -81.33
N LEU D 300 19.57 -18.00 -82.53
CA LEU D 300 18.95 -18.92 -83.48
C LEU D 300 20.00 -19.59 -84.34
N ASP D 301 19.90 -20.90 -84.50
CA ASP D 301 20.88 -21.60 -85.34
C ASP D 301 20.43 -21.68 -86.81
N ALA D 302 21.16 -22.48 -87.59
CA ALA D 302 20.90 -22.58 -89.02
C ALA D 302 19.47 -23.02 -89.32
N ASN D 303 18.90 -23.85 -88.47
CA ASN D 303 17.52 -24.30 -88.64
C ASN D 303 16.48 -23.48 -87.90
N GLY D 304 16.87 -22.29 -87.49
CA GLY D 304 16.00 -21.45 -86.69
C GLY D 304 15.70 -22.01 -85.31
N GLN D 305 16.47 -23.01 -84.87
CA GLN D 305 16.30 -23.57 -83.52
C GLN D 305 17.10 -22.79 -82.46
N PRO D 306 16.52 -22.62 -81.26
CA PRO D 306 17.22 -21.90 -80.20
C PRO D 306 18.42 -22.67 -79.66
N ILE D 307 19.54 -21.99 -79.49
CA ILE D 307 20.69 -22.56 -78.79
C ILE D 307 21.33 -21.48 -77.95
N HIS D 308 22.20 -21.86 -77.03
CA HIS D 308 22.74 -20.87 -76.13
C HIS D 308 24.11 -21.22 -75.58
N TYR D 309 24.89 -20.19 -75.32
CA TYR D 309 26.07 -20.34 -74.52
C TYR D 309 25.60 -20.42 -73.07
N SER D 310 26.06 -21.45 -72.36
CA SER D 310 25.72 -21.59 -70.96
C SER D 310 26.63 -20.75 -70.10
N PRO D 311 26.07 -19.72 -69.44
CA PRO D 311 26.84 -18.90 -68.52
C PRO D 311 27.05 -19.65 -67.23
N TYR D 312 26.51 -20.87 -67.16
CA TYR D 312 26.68 -21.70 -65.97
C TYR D 312 27.80 -22.71 -66.11
N ASN D 313 27.97 -23.30 -67.29
CA ASN D 313 29.06 -24.28 -67.46
C ASN D 313 29.88 -24.05 -68.74
N GLY D 314 29.56 -22.99 -69.47
CA GLY D 314 30.38 -22.55 -70.59
C GLY D 314 30.29 -23.35 -71.87
N GLN D 315 29.43 -24.36 -71.94
CA GLN D 315 29.22 -25.09 -73.18
C GLN D 315 28.14 -24.42 -74.03
N VAL D 316 28.03 -24.80 -75.29
CA VAL D 316 26.94 -24.31 -76.12
C VAL D 316 25.91 -25.42 -76.19
N LEU D 317 24.68 -25.14 -75.77
CA LEU D 317 23.66 -26.18 -75.73
C LEU D 317 22.37 -25.77 -76.39
N PRO D 318 21.55 -26.76 -76.74
CA PRO D 318 20.24 -26.47 -77.35
C PRO D 318 19.24 -25.95 -76.31
N GLY D 319 18.22 -25.23 -76.78
CA GLY D 319 17.15 -24.76 -75.90
C GLY D 319 17.26 -23.34 -75.37
N TYR D 320 16.17 -22.87 -74.77
CA TYR D 320 16.09 -21.51 -74.28
C TYR D 320 17.00 -21.27 -73.09
N MET D 321 17.32 -19.99 -72.89
CA MET D 321 18.07 -19.53 -71.74
C MET D 321 17.82 -18.03 -71.60
N PHE D 322 17.55 -17.59 -70.37
CA PHE D 322 17.35 -16.18 -70.11
C PHE D 322 18.21 -15.81 -68.92
N THR D 323 18.46 -14.53 -68.72
CA THR D 323 19.27 -14.14 -67.59
C THR D 323 19.09 -12.67 -67.22
N ASP D 324 19.84 -12.25 -66.21
CA ASP D 324 19.78 -10.85 -65.76
C ASP D 324 18.51 -10.42 -65.01
N THR D 325 18.13 -11.21 -64.00
CA THR D 325 16.99 -10.86 -63.17
C THR D 325 17.25 -11.40 -61.78
N GLY D 326 16.70 -10.74 -60.77
CA GLY D 326 16.90 -11.18 -59.39
C GLY D 326 15.53 -11.51 -58.86
N PHE D 327 15.31 -12.77 -58.55
CA PHE D 327 13.98 -13.20 -58.19
C PHE D 327 13.54 -12.57 -56.90
N TRP D 328 14.49 -12.25 -56.02
CA TRP D 328 14.16 -11.56 -54.77
C TRP D 328 13.34 -10.33 -55.05
N ASP D 329 13.63 -9.68 -56.17
CA ASP D 329 12.85 -8.52 -56.66
C ASP D 329 11.59 -8.91 -57.41
N THR D 330 11.73 -9.82 -58.36
CA THR D 330 10.75 -9.95 -59.43
C THR D 330 9.72 -11.08 -59.26
N PHE D 331 9.85 -11.86 -58.19
CA PHE D 331 8.83 -12.85 -57.93
C PHE D 331 7.53 -12.15 -57.56
N ARG D 332 7.64 -10.98 -56.94
CA ARG D 332 6.51 -10.29 -56.33
C ARG D 332 5.44 -9.88 -57.31
N CYS D 333 5.83 -9.21 -58.38
CA CYS D 333 4.80 -8.92 -59.37
C CYS D 333 5.26 -8.89 -60.82
N LEU D 334 6.55 -8.83 -61.08
CA LEU D 334 7.03 -8.78 -62.44
C LEU D 334 6.71 -10.06 -63.19
N PHE D 335 6.99 -11.19 -62.59
CA PHE D 335 6.75 -12.45 -63.29
C PHE D 335 5.26 -12.76 -63.35
N PRO D 336 4.53 -12.44 -62.26
CA PRO D 336 3.10 -12.56 -62.29
C PRO D 336 2.51 -11.78 -63.46
N LEU D 337 3.04 -10.58 -63.71
CA LEU D 337 2.61 -9.83 -64.88
C LEU D 337 2.83 -10.60 -66.19
N LEU D 338 3.95 -11.27 -66.33
CA LEU D 338 4.19 -12.03 -67.54
C LEU D 338 3.17 -13.15 -67.69
N ASN D 339 2.82 -13.78 -66.57
CA ASN D 339 1.87 -14.88 -66.59
C ASN D 339 0.49 -14.40 -66.97
N LEU D 340 0.19 -13.16 -66.65
CA LEU D 340 -1.11 -12.62 -66.96
C LEU D 340 -1.22 -12.17 -68.42
N MET D 341 -0.23 -11.43 -68.89
CA MET D 341 -0.36 -10.83 -70.21
C MET D 341 0.64 -11.36 -71.25
N TYR D 342 1.70 -12.02 -70.81
CA TYR D 342 2.69 -12.53 -71.75
C TYR D 342 3.14 -13.95 -71.43
N PRO D 343 2.19 -14.89 -71.28
CA PRO D 343 2.56 -16.23 -70.85
C PRO D 343 3.44 -16.94 -71.87
N SER D 344 3.20 -16.66 -73.15
CA SER D 344 4.00 -17.24 -74.23
C SER D 344 5.46 -16.94 -73.98
N VAL D 345 5.77 -15.71 -73.57
CA VAL D 345 7.15 -15.34 -73.26
C VAL D 345 7.70 -16.01 -72.00
N ASN D 346 6.90 -16.10 -70.96
CA ASN D 346 7.36 -16.72 -69.75
C ASN D 346 7.60 -18.23 -69.93
N LYS D 347 6.84 -18.83 -70.85
CA LYS D 347 7.05 -20.24 -71.19
C LYS D 347 8.50 -20.46 -71.60
N GLU D 348 8.99 -19.59 -72.50
CA GLU D 348 10.39 -19.64 -72.92
C GLU D 348 11.28 -19.48 -71.71
N MET D 349 10.92 -18.52 -70.86
CA MET D 349 11.76 -18.23 -69.69
C MET D 349 11.82 -19.40 -68.71
N GLN D 350 10.70 -20.04 -68.50
CA GLN D 350 10.64 -21.16 -67.58
C GLN D 350 11.48 -22.31 -68.14
N GLU D 351 11.32 -22.58 -69.43
CA GLU D 351 12.15 -23.57 -70.06
C GLU D 351 13.64 -23.27 -69.86
N GLY D 352 14.00 -22.00 -69.94
CA GLY D 352 15.35 -21.59 -69.65
C GLY D 352 15.77 -21.92 -68.23
N LEU D 353 14.86 -21.73 -67.28
CA LEU D 353 15.20 -22.06 -65.91
C LEU D 353 15.54 -23.55 -65.77
N ILE D 354 14.76 -24.41 -66.40
CA ILE D 354 15.04 -25.84 -66.36
C ILE D 354 16.44 -26.08 -66.84
N ASN D 355 16.81 -25.40 -67.92
CA ASN D 355 18.16 -25.55 -68.44
C ASN D 355 19.21 -25.06 -67.45
N THR D 356 18.90 -23.98 -66.78
CA THR D 356 19.81 -23.44 -65.78
C THR D 356 20.04 -24.50 -64.75
N TYR D 357 18.98 -25.16 -64.31
CA TYR D 357 19.13 -26.22 -63.33
C TYR D 357 19.99 -27.36 -63.88
N LEU D 358 19.69 -27.80 -65.10
CA LEU D 358 20.46 -28.88 -65.71
C LEU D 358 21.95 -28.55 -65.85
N GLU D 359 22.26 -27.30 -66.20
CA GLU D 359 23.63 -26.93 -66.48
C GLU D 359 24.40 -26.55 -65.23
N SER D 360 23.69 -26.20 -64.15
CA SER D 360 24.31 -25.56 -62.98
C SER D 360 24.16 -26.38 -61.71
N GLY D 361 23.09 -27.14 -61.61
CA GLY D 361 22.83 -27.89 -60.40
C GLY D 361 21.83 -27.17 -59.51
N PHE D 362 21.63 -25.87 -59.72
CA PHE D 362 20.66 -25.12 -58.94
C PHE D 362 19.74 -24.33 -59.84
N PHE D 363 18.56 -23.97 -59.34
CA PHE D 363 17.76 -22.95 -60.00
C PHE D 363 18.40 -21.65 -59.55
N PRO D 364 18.32 -20.60 -60.38
CA PRO D 364 18.95 -19.33 -60.03
C PRO D 364 18.14 -18.48 -59.07
N GLU D 365 18.82 -17.67 -58.27
CA GLU D 365 18.15 -16.58 -57.54
C GLU D 365 18.53 -15.25 -58.16
N TRP D 366 19.81 -14.92 -58.14
CA TRP D 366 20.27 -13.77 -58.92
C TRP D 366 21.15 -14.31 -60.04
N ALA D 367 20.87 -13.93 -61.29
CA ALA D 367 21.72 -14.37 -62.41
C ALA D 367 22.10 -13.20 -63.29
N SER D 368 23.40 -13.03 -63.50
CA SER D 368 23.90 -11.99 -64.38
C SER D 368 25.24 -12.49 -64.79
N PRO D 369 25.33 -12.81 -66.08
CA PRO D 369 24.68 -13.98 -66.65
C PRO D 369 24.50 -15.24 -65.82
N GLY D 370 25.55 -15.66 -65.12
CA GLY D 370 25.46 -16.86 -64.30
C GLY D 370 25.07 -16.51 -62.89
N HIS D 371 25.22 -17.47 -61.97
CA HIS D 371 24.85 -17.24 -60.60
C HIS D 371 25.70 -16.14 -59.96
N ARG D 372 25.05 -15.19 -59.33
CA ARG D 372 25.72 -14.09 -58.68
C ARG D 372 25.22 -14.00 -57.26
N GLY D 373 26.03 -13.49 -56.36
CA GLY D 373 25.65 -13.49 -54.97
C GLY D 373 25.06 -12.16 -54.58
N CYS D 374 23.74 -12.14 -54.48
CA CYS D 374 23.05 -10.91 -54.17
C CYS D 374 21.70 -11.27 -53.60
N MET D 375 21.34 -10.61 -52.49
CA MET D 375 20.05 -10.80 -51.83
C MET D 375 19.88 -12.18 -51.17
N VAL D 376 18.62 -12.51 -50.88
CA VAL D 376 18.31 -13.68 -50.09
C VAL D 376 17.07 -14.37 -50.62
N GLY D 377 16.76 -15.51 -50.02
CA GLY D 377 15.51 -16.16 -50.31
C GLY D 377 15.64 -17.27 -51.33
N ASN D 378 14.60 -18.09 -51.41
CA ASN D 378 14.54 -19.16 -52.35
C ASN D 378 13.33 -18.91 -53.26
N ASN D 379 13.22 -17.69 -53.78
CA ASN D 379 11.97 -17.30 -54.45
C ASN D 379 11.83 -17.82 -55.87
N SER D 380 12.88 -18.45 -56.38
CA SER D 380 12.74 -19.20 -57.59
C SER D 380 11.55 -20.17 -57.44
N ALA D 381 11.28 -20.58 -56.21
CA ALA D 381 10.16 -21.47 -55.96
C ALA D 381 8.85 -20.82 -56.33
N SER D 382 8.72 -19.53 -56.05
CA SER D 382 7.50 -18.81 -56.34
C SER D 382 7.35 -18.59 -57.84
N ILE D 383 8.45 -18.22 -58.48
CA ILE D 383 8.48 -18.02 -59.92
C ILE D 383 8.02 -19.29 -60.61
N LEU D 384 8.62 -20.42 -60.21
CA LEU D 384 8.37 -21.69 -60.89
C LEU D 384 6.94 -22.19 -60.67
N VAL D 385 6.51 -22.14 -59.41
CA VAL D 385 5.20 -22.65 -59.06
C VAL D 385 4.10 -21.73 -59.54
N ASP D 386 4.31 -20.41 -59.46
CA ASP D 386 3.30 -19.48 -59.94
C ASP D 386 3.02 -19.75 -61.40
N ALA D 387 4.07 -19.94 -62.18
CA ALA D 387 3.92 -20.21 -63.60
C ALA D 387 3.10 -21.50 -63.87
N TYR D 388 3.51 -22.60 -63.24
CA TYR D 388 2.86 -23.86 -63.47
C TYR D 388 1.39 -23.75 -63.13
N MET D 389 1.13 -23.20 -61.96
CA MET D 389 -0.23 -23.08 -61.47
C MET D 389 -1.07 -22.13 -62.32
N LYS D 390 -0.42 -21.30 -63.13
CA LYS D 390 -1.16 -20.37 -63.99
C LYS D 390 -1.19 -20.81 -65.46
N GLY D 391 -0.89 -22.07 -65.75
CA GLY D 391 -1.01 -22.60 -67.09
C GLY D 391 0.24 -22.59 -67.94
N VAL D 392 1.30 -22.03 -67.41
CA VAL D 392 2.58 -22.01 -68.11
C VAL D 392 3.40 -23.20 -67.62
N LYS D 393 3.34 -24.31 -68.34
CA LYS D 393 3.97 -25.53 -67.87
C LYS D 393 5.16 -25.96 -68.69
N VAL D 394 6.32 -26.14 -68.05
CA VAL D 394 7.50 -26.64 -68.76
C VAL D 394 7.31 -28.11 -69.11
N ASP D 395 8.04 -28.61 -70.09
CA ASP D 395 7.87 -30.01 -70.47
C ASP D 395 8.35 -30.97 -69.40
N ASP D 396 9.50 -30.68 -68.79
CA ASP D 396 10.07 -31.58 -67.81
C ASP D 396 9.57 -31.32 -66.39
N ILE D 397 8.36 -31.80 -66.02
CA ILE D 397 7.93 -31.60 -64.65
C ILE D 397 8.79 -32.35 -63.66
N LYS D 398 9.34 -33.49 -64.05
CA LYS D 398 10.15 -34.28 -63.11
C LYS D 398 11.32 -33.46 -62.58
N THR D 399 12.01 -32.83 -63.52
CA THR D 399 13.19 -32.04 -63.21
C THR D 399 12.81 -30.83 -62.39
N LEU D 400 11.68 -30.23 -62.73
CA LEU D 400 11.19 -29.07 -61.99
C LEU D 400 11.00 -29.39 -60.52
N TYR D 401 10.31 -30.47 -60.22
CA TYR D 401 10.07 -30.83 -58.84
C TYR D 401 11.37 -31.18 -58.12
N GLU D 402 12.22 -31.93 -58.81
CA GLU D 402 13.49 -32.33 -58.23
C GLU D 402 14.33 -31.11 -57.94
N GLY D 403 14.33 -30.16 -58.89
CA GLY D 403 15.05 -28.92 -58.71
C GLY D 403 14.57 -28.21 -57.46
N LEU D 404 13.26 -28.13 -57.29
CA LEU D 404 12.68 -27.43 -56.15
C LEU D 404 13.15 -28.04 -54.86
N ILE D 405 13.09 -29.35 -54.78
CA ILE D 405 13.42 -30.07 -53.58
C ILE D 405 14.92 -29.94 -53.32
N HIS D 406 15.72 -29.97 -54.37
CA HIS D 406 17.16 -29.85 -54.23
C HIS D 406 17.53 -28.54 -53.52
N GLY D 407 16.81 -27.48 -53.86
CA GLY D 407 17.13 -26.17 -53.35
C GLY D 407 16.75 -25.97 -51.89
N THR D 408 15.96 -26.89 -51.36
CA THR D 408 15.54 -26.74 -49.97
C THR D 408 16.58 -27.33 -49.04
N GLU D 409 17.50 -28.12 -49.58
CA GLU D 409 18.53 -28.69 -48.74
C GLU D 409 19.96 -28.54 -49.25
N ASN D 410 20.17 -27.53 -50.08
CA ASN D 410 21.51 -27.25 -50.54
C ASN D 410 21.73 -25.77 -50.68
N VAL D 411 22.99 -25.35 -50.56
CA VAL D 411 23.37 -24.00 -50.91
C VAL D 411 24.59 -24.08 -51.80
N HIS D 412 24.62 -23.22 -52.81
CA HIS D 412 25.75 -23.19 -53.72
C HIS D 412 27.06 -22.95 -52.98
N PRO D 413 28.10 -23.73 -53.31
CA PRO D 413 29.39 -23.69 -52.65
C PRO D 413 30.07 -22.31 -52.72
N GLU D 414 29.83 -21.56 -53.79
CA GLU D 414 30.48 -20.25 -53.98
C GLU D 414 29.47 -19.09 -53.93
N VAL D 415 28.26 -19.31 -54.43
CA VAL D 415 27.27 -18.25 -54.43
C VAL D 415 26.22 -18.48 -53.34
N SER D 416 26.37 -17.85 -52.18
CA SER D 416 25.52 -18.18 -51.04
C SER D 416 24.06 -17.74 -51.20
N SER D 417 23.75 -16.96 -52.23
CA SER D 417 22.37 -16.56 -52.40
C SER D 417 21.69 -17.54 -53.34
N THR D 418 22.40 -18.61 -53.68
CA THR D 418 21.84 -19.61 -54.58
C THR D 418 21.57 -20.91 -53.81
N GLY D 419 20.31 -21.36 -53.82
CA GLY D 419 19.94 -22.41 -52.88
C GLY D 419 19.55 -21.74 -51.57
N ARG D 420 19.43 -22.51 -50.49
CA ARG D 420 19.03 -21.92 -49.22
C ARG D 420 20.16 -21.91 -48.23
N LEU D 421 20.81 -20.77 -48.08
CA LEU D 421 21.77 -20.61 -47.00
C LEU D 421 21.06 -20.81 -45.67
N GLY D 422 21.68 -21.54 -44.75
CA GLY D 422 21.06 -21.79 -43.44
C GLY D 422 19.94 -22.84 -43.40
N TYR D 423 19.77 -23.63 -44.46
CA TYR D 423 18.72 -24.64 -44.52
C TYR D 423 18.81 -25.64 -43.39
N GLU D 424 20.02 -25.92 -42.91
CA GLU D 424 20.20 -26.90 -41.81
C GLU D 424 19.40 -26.40 -40.63
N TYR D 425 19.72 -25.20 -40.16
CA TYR D 425 19.01 -24.62 -39.05
C TYR D 425 17.52 -24.54 -39.33
N TYR D 426 17.17 -24.00 -40.49
CA TYR D 426 15.79 -23.77 -40.80
C TYR D 426 15.00 -25.05 -40.71
N ASN D 427 15.50 -26.08 -41.38
CA ASN D 427 14.80 -27.37 -41.39
C ASN D 427 14.70 -27.99 -40.02
N LYS D 428 15.75 -27.82 -39.22
CA LYS D 428 15.79 -28.35 -37.86
C LYS D 428 15.00 -27.54 -36.80
N LEU D 429 15.11 -26.21 -36.84
CA LEU D 429 14.56 -25.36 -35.77
C LEU D 429 13.28 -24.71 -36.15
N GLY D 430 13.04 -24.58 -37.46
CA GLY D 430 11.88 -23.83 -37.95
C GLY D 430 12.17 -22.38 -38.28
N TYR D 431 13.43 -21.94 -38.11
CA TYR D 431 13.81 -20.58 -38.45
C TYR D 431 15.32 -20.52 -38.58
N VAL D 432 15.84 -19.45 -39.18
CA VAL D 432 17.28 -19.24 -39.23
C VAL D 432 17.72 -18.32 -38.08
N PRO D 433 18.49 -18.87 -37.13
CA PRO D 433 18.91 -18.16 -35.90
C PRO D 433 19.54 -16.79 -36.16
N TYR D 434 19.30 -15.88 -35.23
CA TYR D 434 19.90 -14.55 -35.26
C TYR D 434 21.38 -14.56 -34.83
N ASP D 435 21.84 -15.63 -34.20
CA ASP D 435 23.18 -15.66 -33.61
C ASP D 435 24.11 -16.74 -34.13
N VAL D 436 23.95 -17.15 -35.38
CA VAL D 436 24.79 -18.21 -35.91
C VAL D 436 25.60 -17.75 -37.11
N LYS D 437 25.93 -16.47 -37.17
CA LYS D 437 26.78 -15.95 -38.24
C LYS D 437 26.10 -15.98 -39.64
N ILE D 438 24.77 -15.97 -39.67
CA ILE D 438 24.07 -15.88 -40.93
C ILE D 438 23.20 -14.64 -40.94
N ASN D 439 23.55 -13.70 -41.81
CA ASN D 439 22.91 -12.41 -41.81
C ASN D 439 21.56 -12.39 -42.50
N GLU D 440 20.66 -11.52 -42.04
CA GLU D 440 19.37 -11.38 -42.68
C GLU D 440 18.59 -12.67 -42.52
N ASN D 441 18.89 -13.34 -41.41
CA ASN D 441 18.20 -14.57 -41.03
C ASN D 441 16.68 -14.43 -40.97
N ALA D 442 16.19 -13.30 -40.45
CA ALA D 442 14.77 -13.14 -40.28
C ALA D 442 14.09 -13.01 -41.61
N ALA D 443 14.72 -12.27 -42.52
CA ALA D 443 14.20 -12.12 -43.86
C ALA D 443 14.23 -13.48 -44.59
N ARG D 444 15.30 -14.25 -44.39
CA ARG D 444 15.43 -15.52 -45.06
C ARG D 444 14.32 -16.44 -44.59
N THR D 445 14.16 -16.50 -43.27
CA THR D 445 13.16 -17.36 -42.68
C THR D 445 11.77 -17.08 -43.23
N LEU D 446 11.35 -15.81 -43.14
CA LEU D 446 10.04 -15.38 -43.65
C LEU D 446 9.83 -15.80 -45.11
N GLU D 447 10.80 -15.49 -45.97
CA GLU D 447 10.65 -15.79 -47.38
C GLU D 447 10.70 -17.29 -47.66
N TYR D 448 11.55 -18.02 -46.94
CA TYR D 448 11.60 -19.49 -47.06
C TYR D 448 10.23 -20.09 -46.76
N ALA D 449 9.57 -19.55 -45.75
CA ALA D 449 8.23 -20.01 -45.39
C ALA D 449 7.31 -19.89 -46.57
N TYR D 450 7.28 -18.72 -47.18
CA TYR D 450 6.39 -18.50 -48.32
C TYR D 450 6.85 -19.45 -49.46
N ASP D 451 8.17 -19.58 -49.63
CA ASP D 451 8.70 -20.48 -50.64
C ASP D 451 8.16 -21.90 -50.44
N ASP D 452 8.26 -22.39 -49.21
CA ASP D 452 7.75 -23.71 -48.89
C ASP D 452 6.24 -23.86 -49.15
N TRP D 453 5.48 -22.80 -48.96
CA TRP D 453 4.06 -22.85 -49.27
C TRP D 453 3.88 -23.14 -50.76
N CYS D 454 4.70 -22.48 -51.58
CA CYS D 454 4.67 -22.69 -53.01
C CYS D 454 4.97 -24.15 -53.35
N ILE D 455 5.97 -24.71 -52.70
CA ILE D 455 6.33 -26.07 -52.96
C ILE D 455 5.17 -26.95 -52.53
N TYR D 456 4.63 -26.69 -51.34
CA TYR D 456 3.46 -27.42 -50.85
C TYR D 456 2.34 -27.42 -51.91
N ARG D 457 2.11 -26.24 -52.48
CA ARG D 457 1.07 -26.05 -53.46
C ARG D 457 1.26 -26.94 -54.68
N LEU D 458 2.49 -26.98 -55.17
CA LEU D 458 2.80 -27.77 -56.34
C LEU D 458 2.73 -29.25 -56.01
N ALA D 459 3.29 -29.59 -54.86
CA ALA D 459 3.39 -30.97 -54.43
C ALA D 459 2.00 -31.55 -54.36
N LYS D 460 1.08 -30.75 -53.83
CA LYS D 460 -0.30 -31.17 -53.71
C LYS D 460 -0.93 -31.40 -55.06
N GLU D 461 -0.72 -30.46 -55.95
CA GLU D 461 -1.13 -30.60 -57.34
C GLU D 461 -0.59 -31.88 -57.97
N LEU D 462 0.68 -32.24 -57.72
CA LEU D 462 1.30 -33.41 -58.34
C LEU D 462 0.82 -34.69 -57.67
N LYS D 463 0.06 -34.53 -56.59
CA LYS D 463 -0.40 -35.66 -55.82
C LYS D 463 0.77 -36.44 -55.29
N ARG D 464 1.74 -35.71 -54.78
CA ARG D 464 2.90 -36.32 -54.15
C ARG D 464 2.48 -37.06 -52.86
N PRO D 465 3.36 -37.88 -52.30
CA PRO D 465 3.05 -38.58 -51.05
C PRO D 465 2.70 -37.63 -49.92
N LYS D 466 1.73 -38.05 -49.11
CA LYS D 466 1.22 -37.22 -48.02
C LYS D 466 2.33 -36.74 -47.10
N LYS D 467 3.30 -37.61 -46.87
CA LYS D 467 4.42 -37.25 -46.01
C LYS D 467 5.17 -36.02 -46.53
N GLU D 468 5.41 -35.99 -47.84
CA GLU D 468 6.00 -34.84 -48.52
C GLU D 468 5.13 -33.60 -48.42
N ILE D 469 3.88 -33.75 -48.81
CA ILE D 469 2.93 -32.65 -48.81
C ILE D 469 2.82 -32.02 -47.41
N SER D 470 2.76 -32.89 -46.40
CA SER D 470 2.62 -32.43 -45.02
C SER D 470 3.86 -31.69 -44.54
N LEU D 471 5.01 -32.11 -45.03
CA LEU D 471 6.26 -31.49 -44.62
C LEU D 471 6.28 -30.02 -45.04
N PHE D 472 5.89 -29.74 -46.27
CA PHE D 472 5.94 -28.38 -46.74
C PHE D 472 4.78 -27.56 -46.21
N ALA D 473 3.63 -28.21 -45.99
CA ALA D 473 2.51 -27.58 -45.31
C ALA D 473 2.95 -27.10 -43.93
N LYS D 474 3.74 -27.94 -43.28
CA LYS D 474 4.25 -27.61 -41.98
C LYS D 474 5.23 -26.43 -42.07
N ARG D 475 6.16 -26.49 -43.02
CA ARG D 475 7.18 -25.45 -43.11
C ARG D 475 6.58 -24.11 -43.48
N ALA D 476 5.49 -24.14 -44.25
CA ALA D 476 4.84 -22.91 -44.65
C ALA D 476 4.44 -22.10 -43.43
N MET D 477 4.31 -22.77 -42.28
CA MET D 477 3.91 -22.13 -41.02
C MET D 477 5.07 -21.45 -40.28
N ASN D 478 6.30 -21.62 -40.77
CA ASN D 478 7.47 -21.19 -40.01
C ASN D 478 7.53 -19.71 -39.67
N TYR D 479 6.84 -18.87 -40.42
CA TYR D 479 6.82 -17.45 -40.14
C TYR D 479 6.38 -17.23 -38.68
N LYS D 480 5.61 -18.17 -38.13
CA LYS D 480 5.18 -18.04 -36.75
C LYS D 480 6.35 -18.08 -35.80
N ASN D 481 7.43 -18.76 -36.17
CA ASN D 481 8.56 -18.92 -35.28
C ASN D 481 9.30 -17.61 -34.99
N LEU D 482 9.05 -16.59 -35.79
CA LEU D 482 9.72 -15.32 -35.56
C LEU D 482 8.81 -14.22 -35.08
N PHE D 483 7.57 -14.55 -34.77
CA PHE D 483 6.63 -13.55 -34.33
C PHE D 483 6.77 -13.30 -32.85
N ASP D 484 6.94 -12.02 -32.49
CA ASP D 484 7.05 -11.63 -31.08
C ASP D 484 5.73 -11.08 -30.59
N LYS D 485 5.08 -11.77 -29.67
CA LYS D 485 3.75 -11.38 -29.17
C LYS D 485 3.75 -9.98 -28.54
N GLU D 486 4.82 -9.68 -27.79
CA GLU D 486 4.87 -8.41 -27.08
C GLU D 486 4.93 -7.25 -28.07
N SER D 487 5.85 -7.31 -29.03
CA SER D 487 5.99 -6.23 -30.02
C SER D 487 4.94 -6.29 -31.12
N LYS D 488 4.45 -7.49 -31.40
CA LYS D 488 3.53 -7.69 -32.52
C LYS D 488 4.31 -7.55 -33.79
N LEU D 489 5.60 -7.81 -33.73
CA LEU D 489 6.42 -7.71 -34.92
C LEU D 489 7.27 -8.96 -35.11
N MET D 490 7.74 -9.18 -36.34
CA MET D 490 8.72 -10.20 -36.61
C MET D 490 10.04 -9.78 -35.97
N ARG D 491 10.80 -10.74 -35.46
CA ARG D 491 11.97 -10.39 -34.70
C ARG D 491 13.01 -11.50 -34.71
N GLY D 492 14.27 -11.08 -34.76
CA GLY D 492 15.38 -12.04 -34.75
C GLY D 492 15.35 -13.00 -33.57
N ARG D 493 15.67 -14.26 -33.82
CA ARG D 493 15.63 -15.27 -32.77
C ARG D 493 16.95 -16.03 -32.68
N ASN D 494 17.41 -16.27 -31.46
CA ASN D 494 18.67 -16.95 -31.23
C ASN D 494 18.51 -18.43 -31.38
N GLU D 495 19.62 -19.14 -31.56
CA GLU D 495 19.56 -20.57 -31.77
C GLU D 495 19.03 -21.28 -30.56
N ASP D 496 19.19 -20.68 -29.39
CA ASP D 496 18.72 -21.29 -28.15
C ASP D 496 17.22 -21.08 -27.99
N GLY D 497 16.60 -20.36 -28.91
CA GLY D 497 15.15 -20.17 -28.87
C GLY D 497 14.66 -18.85 -28.28
N THR D 498 15.54 -18.10 -27.63
CA THR D 498 15.19 -16.79 -27.11
C THR D 498 15.20 -15.75 -28.21
N PHE D 499 14.20 -14.87 -28.18
CA PHE D 499 14.21 -13.77 -29.12
C PHE D 499 15.40 -12.92 -28.77
N GLN D 500 15.94 -12.23 -29.76
CA GLN D 500 17.12 -11.42 -29.56
C GLN D 500 16.85 -10.14 -28.78
N SER D 501 17.84 -9.76 -27.98
CA SER D 501 17.81 -8.52 -27.17
C SER D 501 19.01 -7.68 -27.47
N PRO D 502 19.01 -6.48 -26.91
CA PRO D 502 18.02 -5.50 -27.38
C PRO D 502 17.40 -5.53 -28.77
N PHE D 503 16.11 -5.26 -28.80
CA PHE D 503 15.34 -5.33 -30.02
C PHE D 503 15.05 -3.95 -30.56
N SER D 504 15.51 -3.64 -31.76
CA SER D 504 15.21 -2.35 -32.36
C SER D 504 14.33 -2.56 -33.58
N PRO D 505 13.04 -2.32 -33.44
CA PRO D 505 12.11 -2.51 -34.53
C PRO D 505 12.47 -1.61 -35.69
N LEU D 506 13.14 -0.49 -35.41
CA LEU D 506 13.48 0.47 -36.46
C LEU D 506 14.87 0.27 -37.05
N LYS D 507 15.56 -0.79 -36.65
CA LYS D 507 16.90 -1.04 -37.18
C LYS D 507 16.82 -1.72 -38.52
N TRP D 508 17.60 -1.25 -39.48
CA TRP D 508 17.60 -1.83 -40.84
C TRP D 508 18.69 -2.86 -40.97
N GLY D 509 18.46 -3.89 -41.79
CA GLY D 509 19.49 -4.91 -41.99
C GLY D 509 19.61 -5.89 -40.82
N ASP D 510 20.78 -6.51 -40.69
CA ASP D 510 20.96 -7.42 -39.58
C ASP D 510 20.05 -8.65 -39.73
N ALA D 511 18.95 -8.63 -39.00
CA ALA D 511 17.95 -9.68 -39.12
C ALA D 511 17.28 -9.65 -40.48
N PHE D 512 17.21 -8.46 -41.06
CA PHE D 512 16.47 -8.27 -42.29
C PHE D 512 17.37 -7.81 -43.40
N THR D 513 16.80 -7.60 -44.58
CA THR D 513 17.56 -7.04 -45.67
C THR D 513 16.95 -5.71 -46.07
N GLU D 514 17.70 -4.62 -45.89
CA GLU D 514 17.28 -3.34 -46.44
C GLU D 514 15.84 -3.02 -46.05
N GLY D 515 15.58 -3.17 -44.76
CA GLY D 515 14.30 -2.84 -44.21
C GLY D 515 14.47 -3.13 -42.76
N ASN D 516 13.45 -2.84 -41.97
CA ASN D 516 13.48 -3.15 -40.57
C ASN D 516 12.26 -3.99 -40.30
N SER D 517 12.05 -4.35 -39.05
CA SER D 517 10.93 -5.21 -38.68
C SER D 517 9.58 -4.64 -39.15
N TRP D 518 9.46 -3.32 -39.15
CA TRP D 518 8.21 -2.68 -39.61
C TRP D 518 7.93 -2.92 -41.09
N HIS D 519 8.97 -3.23 -41.85
CA HIS D 519 8.79 -3.51 -43.26
C HIS D 519 8.61 -5.01 -43.51
N TYR D 520 9.43 -5.82 -42.84
CA TYR D 520 9.43 -7.26 -43.13
C TYR D 520 8.31 -8.03 -42.46
N THR D 521 7.78 -7.47 -41.39
CA THR D 521 6.75 -8.18 -40.65
C THR D 521 5.60 -8.59 -41.58
N TRP D 522 5.41 -7.88 -42.67
CA TRP D 522 4.27 -8.12 -43.53
C TRP D 522 4.50 -9.24 -44.56
N SER D 523 5.67 -9.86 -44.52
CA SER D 523 6.00 -10.85 -45.51
C SER D 523 5.39 -12.20 -45.19
N VAL D 524 4.08 -12.29 -45.28
CA VAL D 524 3.39 -13.55 -45.11
C VAL D 524 2.34 -13.62 -46.19
N PHE D 525 2.79 -13.57 -47.44
CA PHE D 525 1.91 -13.48 -48.61
C PHE D 525 0.87 -14.58 -48.66
N HIS D 526 1.24 -15.77 -48.19
CA HIS D 526 0.32 -16.88 -48.30
C HIS D 526 -0.64 -16.99 -47.12
N ASP D 527 -0.40 -16.26 -46.04
CA ASP D 527 -1.24 -16.47 -44.87
C ASP D 527 -1.47 -15.19 -44.10
N PRO D 528 -2.06 -14.17 -44.75
CA PRO D 528 -2.30 -12.92 -44.08
C PRO D 528 -3.21 -13.08 -42.88
N GLN D 529 -4.19 -13.96 -42.96
CA GLN D 529 -5.07 -14.17 -41.83
C GLN D 529 -4.25 -14.72 -40.66
N GLY D 530 -3.32 -15.61 -40.97
CA GLY D 530 -2.48 -16.17 -39.94
C GLY D 530 -1.79 -15.03 -39.18
N LEU D 531 -1.29 -14.06 -39.92
CA LEU D 531 -0.63 -12.92 -39.35
C LEU D 531 -1.63 -12.06 -38.56
N ILE D 532 -2.79 -11.84 -39.16
CA ILE D 532 -3.82 -11.14 -38.46
C ILE D 532 -4.07 -11.78 -37.08
N ASP D 533 -4.16 -13.10 -37.05
CA ASP D 533 -4.38 -13.82 -35.80
C ASP D 533 -3.27 -13.61 -34.80
N LEU D 534 -2.01 -13.76 -35.20
CA LEU D 534 -0.95 -13.54 -34.21
C LEU D 534 -1.01 -12.16 -33.59
N MET D 535 -1.49 -11.19 -34.34
CA MET D 535 -1.55 -9.81 -33.86
C MET D 535 -2.78 -9.54 -32.98
N GLY D 536 -3.67 -10.53 -32.90
CA GLY D 536 -4.84 -10.46 -32.05
C GLY D 536 -6.08 -9.91 -32.72
N GLY D 537 -6.42 -10.45 -33.89
CA GLY D 537 -7.63 -10.02 -34.61
C GLY D 537 -7.40 -8.87 -35.56
N LYS D 538 -8.34 -8.66 -36.49
CA LYS D 538 -8.19 -7.65 -37.51
C LYS D 538 -8.11 -6.20 -36.97
N GLU D 539 -8.86 -5.87 -35.91
CA GLU D 539 -8.78 -4.51 -35.37
C GLU D 539 -7.35 -4.16 -35.05
N MET D 540 -6.67 -5.03 -34.30
CA MET D 540 -5.33 -4.72 -33.86
C MET D 540 -4.40 -4.74 -35.04
N PHE D 541 -4.71 -5.59 -36.01
CA PHE D 541 -3.94 -5.68 -37.26
C PHE D 541 -3.98 -4.37 -38.04
N VAL D 542 -5.17 -3.83 -38.26
CA VAL D 542 -5.30 -2.55 -38.92
C VAL D 542 -4.63 -1.46 -38.10
N THR D 543 -4.76 -1.50 -36.78
CA THR D 543 -4.09 -0.50 -35.96
C THR D 543 -2.61 -0.51 -36.24
N MET D 544 -2.07 -1.71 -36.32
CA MET D 544 -0.67 -1.92 -36.59
C MET D 544 -0.26 -1.34 -37.97
N MET D 545 -1.03 -1.67 -38.99
CA MET D 545 -0.76 -1.14 -40.32
C MET D 545 -0.76 0.36 -40.32
N ASP D 546 -1.79 0.95 -39.73
CA ASP D 546 -1.98 2.39 -39.79
C ASP D 546 -0.78 3.13 -39.23
N SER D 547 -0.14 2.54 -38.22
CA SER D 547 0.94 3.24 -37.54
C SER D 547 2.21 3.20 -38.38
N VAL D 548 2.21 2.35 -39.40
CA VAL D 548 3.29 2.38 -40.38
C VAL D 548 3.35 3.73 -41.09
N PHE D 549 2.20 4.27 -41.48
CA PHE D 549 2.17 5.58 -42.08
C PHE D 549 2.22 6.67 -41.03
N ALA D 550 1.74 6.37 -39.84
CA ALA D 550 1.51 7.41 -38.83
C ALA D 550 2.79 7.91 -38.14
N VAL D 551 3.77 7.01 -37.97
CA VAL D 551 4.97 7.36 -37.24
C VAL D 551 5.99 8.00 -38.16
N PRO D 552 6.75 8.99 -37.65
CA PRO D 552 7.78 9.68 -38.44
C PRO D 552 8.78 8.64 -38.92
N PRO D 553 9.53 8.98 -40.01
CA PRO D 553 10.42 8.01 -40.66
C PRO D 553 11.73 7.96 -39.94
N ILE D 554 11.68 7.66 -38.65
CA ILE D 554 12.91 7.58 -37.89
C ILE D 554 13.54 6.20 -38.10
N PHE D 555 14.83 6.07 -37.84
CA PHE D 555 15.51 4.83 -38.26
C PHE D 555 16.83 4.60 -37.55
N ASP D 556 17.35 3.39 -37.63
CA ASP D 556 18.63 2.98 -37.02
C ASP D 556 19.54 2.31 -38.07
N ASP D 557 20.59 2.99 -38.48
CA ASP D 557 21.42 2.46 -39.59
C ASP D 557 22.70 1.80 -39.12
N SER D 558 22.80 1.53 -37.82
CA SER D 558 24.06 1.06 -37.21
C SER D 558 24.68 -0.09 -37.99
N TYR D 559 23.83 -0.90 -38.61
CA TYR D 559 24.34 -2.08 -39.30
C TYR D 559 25.03 -1.78 -40.63
N TYR D 560 24.83 -0.56 -41.13
CA TYR D 560 25.42 -0.15 -42.41
C TYR D 560 26.43 0.95 -42.21
N GLY D 561 26.38 1.61 -41.05
CA GLY D 561 27.34 2.66 -40.72
C GLY D 561 27.01 3.99 -41.37
N GLN D 562 26.26 3.93 -42.47
CA GLN D 562 25.92 5.13 -43.24
C GLN D 562 24.46 5.08 -43.70
N VAL D 563 23.88 6.25 -44.00
CA VAL D 563 22.50 6.30 -44.44
C VAL D 563 22.40 5.83 -45.88
N ILE D 564 22.31 4.52 -46.09
CA ILE D 564 22.24 4.00 -47.46
C ILE D 564 21.03 4.58 -48.24
N HIS D 565 21.14 4.59 -49.56
CA HIS D 565 20.15 5.30 -50.37
C HIS D 565 18.69 4.88 -50.09
N GLU D 566 18.46 3.61 -49.83
CA GLU D 566 17.08 3.19 -49.59
C GLU D 566 16.54 3.73 -48.27
N ILE D 567 17.40 4.02 -47.28
CA ILE D 567 16.89 4.69 -46.08
C ILE D 567 16.57 6.13 -46.39
N ARG D 568 17.50 6.81 -47.06
CA ARG D 568 17.30 8.20 -47.41
C ARG D 568 16.00 8.35 -48.17
N GLU D 569 15.81 7.46 -49.15
CA GLU D 569 14.64 7.48 -50.00
C GLU D 569 13.36 7.41 -49.21
N MET D 570 13.38 6.68 -48.11
CA MET D 570 12.19 6.59 -47.28
C MET D 570 11.96 7.90 -46.54
N THR D 571 13.01 8.51 -46.03
CA THR D 571 12.89 9.69 -45.19
C THR D 571 12.25 10.88 -45.92
N VAL D 572 12.59 11.05 -47.19
CA VAL D 572 12.15 12.22 -47.94
C VAL D 572 10.67 12.18 -48.37
N MET D 573 10.09 10.99 -48.38
CA MET D 573 8.73 10.75 -48.87
CA MET D 573 8.73 10.83 -48.88
C MET D 573 7.66 11.33 -47.93
N ASN D 574 8.00 11.39 -46.65
CA ASN D 574 7.05 11.84 -45.67
C ASN D 574 5.81 10.95 -45.69
N MET D 575 6.01 9.65 -45.69
CA MET D 575 4.91 8.72 -45.59
C MET D 575 5.23 7.72 -44.51
N GLY D 576 5.57 8.22 -43.33
CA GLY D 576 5.90 7.36 -42.21
C GLY D 576 6.99 6.39 -42.57
N ASN D 577 6.79 5.12 -42.22
CA ASN D 577 7.80 4.13 -42.55
C ASN D 577 7.43 3.30 -43.76
N TYR D 578 6.52 3.81 -44.59
CA TYR D 578 6.14 3.05 -45.78
C TYR D 578 7.22 3.27 -46.84
N ALA D 579 8.18 2.36 -46.92
CA ALA D 579 9.30 2.55 -47.84
C ALA D 579 9.03 1.93 -49.20
N HIS D 580 8.14 2.55 -49.98
CA HIS D 580 7.72 1.95 -51.24
C HIS D 580 8.89 1.80 -52.20
N GLY D 581 9.97 2.53 -51.90
CA GLY D 581 11.14 2.54 -52.75
C GLY D 581 11.87 1.22 -52.72
N ASN D 582 11.44 0.32 -51.85
CA ASN D 582 12.12 -0.96 -51.80
C ASN D 582 11.11 -2.13 -51.78
N GLN D 583 11.60 -3.32 -52.12
CA GLN D 583 10.72 -4.42 -52.47
C GLN D 583 9.87 -5.08 -51.34
N PRO D 584 10.47 -5.27 -50.16
CA PRO D 584 9.74 -5.99 -49.11
C PRO D 584 8.33 -5.45 -48.82
N ILE D 585 8.12 -4.13 -48.90
CA ILE D 585 6.86 -3.60 -48.40
C ILE D 585 5.87 -3.35 -49.51
N GLN D 586 6.26 -3.67 -50.75
CA GLN D 586 5.44 -3.23 -51.87
C GLN D 586 4.03 -3.86 -51.96
N HIS D 587 3.79 -4.91 -51.20
CA HIS D 587 2.51 -5.57 -51.28
C HIS D 587 1.64 -5.11 -50.12
N MET D 588 2.27 -4.50 -49.12
CA MET D 588 1.61 -4.29 -47.85
C MET D 588 0.25 -3.58 -47.90
N ILE D 589 0.18 -2.45 -48.61
CA ILE D 589 -1.05 -1.71 -48.60
C ILE D 589 -2.26 -2.61 -48.92
N TYR D 590 -2.04 -3.60 -49.79
CA TYR D 590 -3.11 -4.49 -50.22
C TYR D 590 -3.63 -5.34 -49.09
N LEU D 591 -2.82 -5.51 -48.04
CA LEU D 591 -3.21 -6.35 -46.91
C LEU D 591 -4.48 -5.80 -46.23
N TYR D 592 -4.71 -4.50 -46.31
CA TYR D 592 -5.93 -3.91 -45.75
C TYR D 592 -7.15 -4.68 -46.22
N ASP D 593 -7.08 -5.22 -47.44
CA ASP D 593 -8.20 -5.97 -47.97
C ASP D 593 -8.47 -7.18 -47.08
N TYR D 594 -7.42 -7.86 -46.65
CA TYR D 594 -7.59 -9.06 -45.87
C TYR D 594 -8.21 -8.82 -44.51
N ALA D 595 -8.20 -7.57 -44.04
CA ALA D 595 -8.68 -7.22 -42.72
C ALA D 595 -10.04 -6.53 -42.79
N GLY D 596 -10.67 -6.55 -43.96
CA GLY D 596 -12.02 -6.04 -44.10
C GLY D 596 -12.11 -4.53 -44.14
N GLN D 597 -11.04 -3.89 -44.56
CA GLN D 597 -11.06 -2.44 -44.73
C GLN D 597 -10.42 -2.04 -46.05
N PRO D 598 -10.96 -2.58 -47.16
CA PRO D 598 -10.47 -2.30 -48.50
C PRO D 598 -10.36 -0.81 -48.81
N TRP D 599 -11.18 0.02 -48.18
CA TRP D 599 -11.17 1.44 -48.47
C TRP D 599 -9.87 2.10 -48.03
N LYS D 600 -9.24 1.56 -47.00
CA LYS D 600 -7.95 2.08 -46.59
C LYS D 600 -6.87 1.74 -47.60
N ALA D 601 -6.99 0.57 -48.22
CA ALA D 601 -6.08 0.20 -49.29
C ALA D 601 -6.30 1.14 -50.46
N GLN D 602 -7.57 1.39 -50.80
CA GLN D 602 -7.89 2.30 -51.89
C GLN D 602 -7.24 3.65 -51.68
N TYR D 603 -7.41 4.20 -50.47
CA TYR D 603 -6.85 5.51 -50.14
C TYR D 603 -5.33 5.58 -50.35
N TRP D 604 -4.58 4.67 -49.75
CA TRP D 604 -3.11 4.75 -49.76
C TRP D 604 -2.54 4.41 -51.13
N LEU D 605 -3.13 3.40 -51.77
CA LEU D 605 -2.67 3.00 -53.07
C LEU D 605 -2.69 4.22 -53.99
N ARG D 606 -3.79 4.98 -53.97
CA ARG D 606 -3.89 6.12 -54.86
C ARG D 606 -2.86 7.15 -54.47
N GLN D 607 -2.62 7.30 -53.18
CA GLN D 607 -1.54 8.18 -52.72
C GLN D 607 -0.24 7.83 -53.40
N VAL D 608 0.15 6.56 -53.32
CA VAL D 608 1.39 6.08 -53.89
C VAL D 608 1.44 6.34 -55.40
N MET D 609 0.41 5.92 -56.10
CA MET D 609 0.38 6.10 -57.53
C MET D 609 0.49 7.58 -57.93
N ASP D 610 -0.05 8.48 -57.12
CA ASP D 610 -0.03 9.91 -57.46
C ASP D 610 1.31 10.51 -57.11
N ARG D 611 1.92 10.04 -56.03
CA ARG D 611 3.03 10.76 -55.47
C ARG D 611 4.41 10.14 -55.66
N MET D 612 4.49 8.82 -55.79
CA MET D 612 5.77 8.13 -55.81
C MET D 612 6.26 7.80 -57.21
N TYR D 613 5.47 8.19 -58.22
CA TYR D 613 5.83 7.95 -59.59
C TYR D 613 5.59 9.19 -60.42
N THR D 614 6.61 9.64 -61.13
CA THR D 614 6.44 10.77 -62.04
C THR D 614 7.13 10.39 -63.32
N PRO D 615 6.75 11.04 -64.43
CA PRO D 615 7.22 10.58 -65.73
C PRO D 615 8.56 11.16 -66.20
N GLY D 616 9.17 12.03 -65.39
CA GLY D 616 10.44 12.63 -65.79
C GLY D 616 11.67 11.77 -65.51
N PRO D 617 12.84 12.35 -65.69
CA PRO D 617 14.12 11.65 -65.55
C PRO D 617 14.34 11.19 -64.13
N ASP D 618 13.72 11.85 -63.17
CA ASP D 618 13.85 11.42 -61.80
C ASP D 618 12.53 10.78 -61.37
N GLY D 619 11.95 9.95 -62.24
CA GLY D 619 10.59 9.46 -62.03
C GLY D 619 10.24 8.49 -60.90
N TYR D 620 11.13 7.56 -60.56
CA TYR D 620 10.85 6.62 -59.48
C TYR D 620 11.27 7.15 -58.12
N CYS D 621 10.93 6.41 -57.07
CA CYS D 621 11.22 6.82 -55.70
C CYS D 621 12.23 5.89 -55.01
N GLY D 622 12.83 5.02 -55.81
CA GLY D 622 13.84 4.06 -55.37
C GLY D 622 14.24 3.25 -56.61
N ASP D 623 15.07 2.24 -56.46
CA ASP D 623 15.49 1.49 -57.62
C ASP D 623 14.30 0.83 -58.29
N GLU D 624 14.35 0.86 -59.61
CA GLU D 624 13.35 0.25 -60.47
C GLU D 624 13.45 -1.28 -60.44
N ASP D 625 14.66 -1.80 -60.35
CA ASP D 625 14.89 -3.23 -60.09
C ASP D 625 14.25 -4.16 -61.12
N ASN D 626 14.68 -4.01 -62.39
CA ASN D 626 14.35 -4.93 -63.49
C ASN D 626 12.88 -5.26 -63.69
N GLY D 627 12.02 -4.26 -63.50
CA GLY D 627 10.59 -4.40 -63.81
C GLY D 627 9.72 -4.45 -62.58
N GLN D 628 10.30 -4.80 -61.42
CA GLN D 628 9.48 -4.99 -60.24
C GLN D 628 8.75 -3.70 -59.81
N THR D 629 9.52 -2.64 -59.58
CA THR D 629 8.91 -1.37 -59.20
C THR D 629 8.04 -0.79 -60.31
N SER D 630 8.37 -1.07 -61.57
CA SER D 630 7.53 -0.61 -62.69
C SER D 630 6.23 -1.41 -62.78
N ALA D 631 6.34 -2.74 -62.81
CA ALA D 631 5.14 -3.56 -62.85
C ALA D 631 4.19 -3.32 -61.65
N TRP D 632 4.74 -2.91 -60.51
CA TRP D 632 3.88 -2.59 -59.37
C TRP D 632 2.90 -1.49 -59.79
N TYR D 633 3.42 -0.47 -60.45
CA TYR D 633 2.58 0.60 -60.96
C TYR D 633 1.61 0.09 -62.03
N VAL D 634 2.11 -0.74 -62.94
CA VAL D 634 1.23 -1.25 -64.00
C VAL D 634 0.03 -1.98 -63.41
N PHE D 635 0.30 -2.97 -62.55
CA PHE D 635 -0.79 -3.66 -61.87
C PHE D 635 -1.69 -2.67 -61.10
N SER D 636 -1.08 -1.90 -60.20
CA SER D 636 -1.83 -1.01 -59.33
C SER D 636 -2.71 -0.03 -60.10
N ALA D 637 -2.24 0.44 -61.25
CA ALA D 637 -3.04 1.36 -62.05
C ALA D 637 -4.27 0.65 -62.65
N LEU D 638 -4.12 -0.62 -62.96
CA LEU D 638 -5.22 -1.39 -63.48
C LEU D 638 -6.26 -1.63 -62.40
N GLY D 639 -5.80 -1.78 -61.14
CA GLY D 639 -6.70 -1.90 -59.99
C GLY D 639 -6.50 -3.11 -59.10
N PHE D 640 -5.50 -3.94 -59.40
CA PHE D 640 -5.31 -5.15 -58.60
C PHE D 640 -3.86 -5.59 -58.65
N TYR D 641 -3.46 -6.46 -57.73
CA TYR D 641 -2.07 -6.82 -57.53
C TYR D 641 -1.95 -8.28 -57.07
N PRO D 642 -0.97 -9.02 -57.60
CA PRO D 642 -0.78 -10.41 -57.19
C PRO D 642 -0.04 -10.52 -55.86
N VAL D 643 -0.74 -10.27 -54.76
CA VAL D 643 -0.10 -10.28 -53.45
C VAL D 643 0.64 -11.60 -53.24
N CYS D 644 -0.02 -12.69 -53.65
CA CYS D 644 0.49 -14.03 -53.39
C CYS D 644 0.61 -14.89 -54.65
N PRO D 645 1.69 -14.71 -55.41
CA PRO D 645 1.89 -15.55 -56.56
C PRO D 645 1.87 -17.00 -56.09
N GLY D 646 1.27 -17.87 -56.89
CA GLY D 646 1.07 -19.26 -56.50
C GLY D 646 -0.39 -19.48 -56.23
N THR D 647 -1.13 -18.41 -56.02
CA THR D 647 -2.59 -18.49 -56.03
C THR D 647 -3.08 -18.05 -57.42
N ASP D 648 -4.37 -18.13 -57.67
CA ASP D 648 -4.90 -17.64 -58.94
C ASP D 648 -5.54 -16.29 -58.70
N GLU D 649 -5.08 -15.58 -57.68
CA GLU D 649 -5.75 -14.37 -57.20
C GLU D 649 -4.99 -13.08 -57.41
N TYR D 650 -5.70 -12.05 -57.86
CA TYR D 650 -5.18 -10.69 -57.85
C TYR D 650 -5.99 -9.90 -56.83
N VAL D 651 -5.35 -9.40 -55.77
CA VAL D 651 -6.06 -8.66 -54.73
C VAL D 651 -6.46 -7.27 -55.22
N MET D 652 -7.62 -6.80 -54.79
CA MET D 652 -8.20 -5.58 -55.35
C MET D 652 -7.69 -4.28 -54.71
N GLY D 653 -7.23 -3.35 -55.54
CA GLY D 653 -6.87 -2.02 -55.09
C GLY D 653 -7.84 -0.98 -55.63
N THR D 654 -7.34 -0.03 -56.41
CA THR D 654 -8.21 0.98 -56.98
C THR D 654 -7.65 1.37 -58.33
N PRO D 655 -8.50 1.41 -59.36
CA PRO D 655 -8.04 1.66 -60.72
C PRO D 655 -7.74 3.14 -60.94
N LEU D 656 -6.68 3.42 -61.70
CA LEU D 656 -6.24 4.80 -61.88
C LEU D 656 -6.92 5.47 -63.07
N PHE D 657 -7.37 4.68 -64.03
CA PHE D 657 -7.92 5.21 -65.28
C PHE D 657 -9.46 5.03 -65.40
N LYS D 658 -10.09 5.80 -66.28
CA LYS D 658 -11.52 5.63 -66.50
C LYS D 658 -11.83 4.38 -67.30
N LYS D 659 -10.88 3.93 -68.10
CA LYS D 659 -11.04 2.70 -68.82
C LYS D 659 -9.71 2.02 -69.07
N ALA D 660 -9.65 0.73 -68.83
CA ALA D 660 -8.51 -0.07 -69.24
C ALA D 660 -9.03 -1.30 -69.98
N THR D 661 -8.34 -1.71 -71.04
CA THR D 661 -8.71 -2.91 -71.74
C THR D 661 -7.53 -3.86 -71.81
N LEU D 662 -7.72 -5.12 -71.44
CA LEU D 662 -6.64 -6.09 -71.55
C LEU D 662 -6.89 -7.05 -72.70
N HIS D 663 -5.86 -7.32 -73.50
CA HIS D 663 -5.95 -8.29 -74.55
C HIS D 663 -5.06 -9.46 -74.20
N PHE D 664 -5.64 -10.60 -73.85
CA PHE D 664 -4.83 -11.76 -73.49
C PHE D 664 -4.40 -12.57 -74.70
N GLU D 665 -3.34 -13.35 -74.55
CA GLU D 665 -2.82 -14.16 -75.64
C GLU D 665 -3.88 -15.13 -76.14
N ASN D 666 -4.83 -15.49 -75.29
CA ASN D 666 -5.84 -16.47 -75.66
C ASN D 666 -6.95 -15.90 -76.55
N GLY D 667 -6.87 -14.62 -76.88
CA GLY D 667 -7.77 -14.03 -77.86
C GLY D 667 -8.88 -13.21 -77.25
N ASN D 668 -9.12 -13.37 -75.95
CA ASN D 668 -10.18 -12.63 -75.28
C ASN D 668 -9.72 -11.25 -74.81
N SER D 669 -10.68 -10.40 -74.46
CA SER D 669 -10.34 -9.09 -73.93
C SER D 669 -11.14 -8.85 -72.68
N LEU D 670 -10.60 -8.02 -71.81
CA LEU D 670 -11.33 -7.69 -70.60
C LEU D 670 -11.34 -6.19 -70.50
N VAL D 671 -12.50 -5.58 -70.38
CA VAL D 671 -12.59 -4.14 -70.21
C VAL D 671 -12.91 -3.77 -68.77
N ILE D 672 -12.14 -2.85 -68.19
CA ILE D 672 -12.40 -2.39 -66.83
C ILE D 672 -12.90 -0.96 -66.91
N ASP D 673 -14.20 -0.79 -66.74
CA ASP D 673 -14.83 0.51 -66.85
C ASP D 673 -14.99 1.22 -65.53
N ALA D 674 -14.31 2.36 -65.39
CA ALA D 674 -14.46 3.22 -64.20
C ALA D 674 -14.78 4.65 -64.65
N PRO D 675 -15.94 4.82 -65.31
CA PRO D 675 -16.34 6.06 -65.98
C PRO D 675 -16.28 7.26 -65.05
N ASN D 676 -16.44 7.01 -63.76
CA ASN D 676 -16.54 8.09 -62.81
C ASN D 676 -15.24 8.39 -62.07
N ASN D 677 -14.14 7.86 -62.58
CA ASN D 677 -12.87 8.02 -61.94
C ASN D 677 -12.40 9.47 -62.01
N SER D 678 -11.68 9.92 -61.01
CA SER D 678 -11.24 11.30 -60.97
C SER D 678 -10.10 11.41 -59.99
N THR D 679 -9.58 12.60 -59.81
CA THR D 679 -8.59 12.80 -58.77
C THR D 679 -9.23 12.62 -57.42
N GLU D 680 -10.50 12.97 -57.31
CA GLU D 680 -11.22 12.87 -56.06
C GLU D 680 -11.77 11.47 -55.84
N ASN D 681 -12.25 10.85 -56.93
CA ASN D 681 -13.02 9.63 -56.81
C ASN D 681 -12.14 8.40 -56.88
N PHE D 682 -11.45 8.09 -55.79
CA PHE D 682 -10.54 6.96 -55.80
C PHE D 682 -11.05 5.84 -54.91
N TYR D 683 -12.25 5.99 -54.37
CA TYR D 683 -12.87 4.90 -53.61
C TYR D 683 -13.75 4.05 -54.50
N ILE D 684 -13.71 2.73 -54.28
CA ILE D 684 -14.64 1.86 -54.99
C ILE D 684 -15.90 1.76 -54.16
N ASP D 685 -17.01 2.23 -54.73
CA ASP D 685 -18.30 2.09 -54.05
C ASP D 685 -19.02 0.76 -54.33
N SER D 686 -19.03 0.33 -55.60
CA SER D 686 -19.54 -0.99 -55.96
C SER D 686 -18.81 -1.49 -57.19
N MET D 687 -18.92 -2.79 -57.44
CA MET D 687 -18.22 -3.44 -58.55
C MET D 687 -19.11 -4.53 -59.12
N SER D 688 -19.13 -4.65 -60.44
CA SER D 688 -19.85 -5.76 -61.06
C SER D 688 -19.01 -6.39 -62.15
N PHE D 689 -19.10 -7.72 -62.27
CA PHE D 689 -18.28 -8.49 -63.19
C PHE D 689 -19.22 -9.18 -64.16
N ASN D 690 -19.28 -8.68 -65.40
CA ASN D 690 -20.23 -9.19 -66.39
C ASN D 690 -21.67 -9.18 -65.91
N GLY D 691 -22.05 -8.12 -65.20
CA GLY D 691 -23.42 -7.96 -64.74
C GLY D 691 -23.64 -8.49 -63.34
N ALA D 692 -22.86 -9.50 -62.94
CA ALA D 692 -22.99 -10.02 -61.58
C ALA D 692 -22.41 -8.99 -60.63
N ASP D 693 -23.04 -8.83 -59.46
CA ASP D 693 -22.48 -7.96 -58.45
C ASP D 693 -21.22 -8.61 -57.86
N HIS D 694 -20.19 -7.80 -57.62
CA HIS D 694 -18.92 -8.34 -57.18
C HIS D 694 -18.41 -7.66 -55.92
N THR D 695 -18.61 -8.29 -54.76
CA THR D 695 -18.24 -7.64 -53.51
C THR D 695 -16.88 -8.15 -53.04
N LYS D 696 -16.35 -9.15 -53.72
CA LYS D 696 -15.08 -9.75 -53.33
C LYS D 696 -13.88 -8.81 -53.45
N ASN D 697 -12.84 -9.03 -52.63
CA ASN D 697 -11.66 -8.20 -52.70
C ASN D 697 -10.58 -8.77 -53.58
N TYR D 698 -10.95 -9.66 -54.50
CA TYR D 698 -9.98 -10.25 -55.41
C TYR D 698 -10.62 -10.70 -56.70
N LEU D 699 -9.81 -10.90 -57.72
CA LEU D 699 -10.25 -11.45 -59.02
C LEU D 699 -9.48 -12.73 -59.28
N ARG D 700 -10.06 -13.64 -60.07
CA ARG D 700 -9.39 -14.90 -60.35
C ARG D 700 -8.83 -15.01 -61.76
N HIS D 701 -7.58 -15.45 -61.87
CA HIS D 701 -6.92 -15.63 -63.16
C HIS D 701 -7.86 -16.21 -64.23
N GLU D 702 -8.48 -17.34 -63.96
CA GLU D 702 -9.31 -18.03 -64.97
C GLU D 702 -10.50 -17.16 -65.37
N ASP D 703 -11.00 -16.39 -64.40
CA ASP D 703 -12.15 -15.51 -64.63
C ASP D 703 -11.79 -14.36 -65.56
N LEU D 704 -10.65 -13.72 -65.28
CA LEU D 704 -10.12 -12.64 -66.11
C LEU D 704 -9.92 -13.13 -67.55
N PHE D 705 -9.23 -14.26 -67.72
CA PHE D 705 -8.98 -14.83 -69.04
C PHE D 705 -10.26 -15.08 -69.83
N LYS D 706 -11.39 -15.29 -69.16
CA LYS D 706 -12.65 -15.45 -69.90
C LYS D 706 -13.05 -14.14 -70.52
N GLY D 707 -12.51 -13.04 -70.02
CA GLY D 707 -12.80 -11.74 -70.59
C GLY D 707 -14.19 -11.22 -70.26
N GLY D 708 -14.59 -10.18 -70.99
CA GLY D 708 -15.88 -9.52 -70.79
C GLY D 708 -15.73 -8.11 -70.24
N THR D 709 -16.62 -7.74 -69.33
CA THR D 709 -16.56 -6.41 -68.74
C THR D 709 -16.61 -6.39 -67.22
N ILE D 710 -15.77 -5.54 -66.63
CA ILE D 710 -15.84 -5.27 -65.21
C ILE D 710 -16.21 -3.82 -65.04
N LYS D 711 -17.25 -3.54 -64.26
CA LYS D 711 -17.64 -2.16 -63.97
C LYS D 711 -17.31 -1.73 -62.55
N VAL D 712 -16.69 -0.56 -62.42
CA VAL D 712 -16.26 -0.06 -61.13
C VAL D 712 -16.82 1.33 -60.89
N ASP D 713 -17.72 1.46 -59.93
CA ASP D 713 -18.27 2.76 -59.64
CA ASP D 713 -18.29 2.75 -59.61
C ASP D 713 -17.41 3.47 -58.59
N MET D 714 -16.74 4.51 -59.06
CA MET D 714 -15.82 5.26 -58.21
C MET D 714 -16.57 6.32 -57.44
N SER D 715 -16.08 6.63 -56.25
CA SER D 715 -16.70 7.64 -55.42
C SER D 715 -15.60 8.40 -54.68
N ASN D 716 -15.97 9.54 -54.09
CA ASN D 716 -15.03 10.30 -53.29
C ASN D 716 -15.23 10.08 -51.81
N ARG D 717 -16.13 9.17 -51.44
CA ARG D 717 -16.30 8.79 -50.04
C ARG D 717 -16.11 7.29 -49.95
N PRO D 718 -15.48 6.83 -48.88
CA PRO D 718 -15.27 5.38 -48.73
C PRO D 718 -16.58 4.68 -48.46
N ASN D 719 -16.73 3.44 -48.92
CA ASN D 719 -17.91 2.68 -48.58
C ASN D 719 -17.58 1.64 -47.52
N LEU D 720 -18.01 1.92 -46.28
CA LEU D 720 -17.62 1.11 -45.13
C LEU D 720 -18.20 -0.30 -45.09
N ASN D 721 -19.09 -0.61 -46.03
CA ASN D 721 -19.79 -1.89 -46.01
C ASN D 721 -19.40 -2.89 -47.08
N ARG D 722 -18.71 -2.42 -48.11
CA ARG D 722 -18.28 -3.30 -49.18
C ARG D 722 -16.99 -4.05 -48.83
N GLY D 723 -16.99 -5.35 -49.07
CA GLY D 723 -15.78 -6.15 -48.95
C GLY D 723 -15.35 -6.39 -47.52
N THR D 724 -16.31 -6.37 -46.61
CA THR D 724 -16.01 -6.68 -45.21
C THR D 724 -16.46 -8.10 -44.85
N LYS D 725 -17.35 -8.65 -45.66
CA LYS D 725 -17.83 -10.02 -45.48
C LYS D 725 -16.69 -11.01 -45.60
N GLU D 726 -16.78 -12.08 -44.85
CA GLU D 726 -15.72 -13.06 -44.80
C GLU D 726 -15.45 -13.71 -46.18
N GLU D 727 -16.48 -13.97 -46.96
CA GLU D 727 -16.25 -14.64 -48.22
C GLU D 727 -15.63 -13.67 -49.24
N ASP D 728 -15.47 -12.42 -48.83
CA ASP D 728 -14.82 -11.45 -49.72
C ASP D 728 -13.30 -11.50 -49.58
N MET D 729 -12.79 -12.19 -48.55
CA MET D 729 -11.37 -12.16 -48.28
C MET D 729 -10.62 -12.97 -49.32
N PRO D 730 -9.39 -12.55 -49.65
CA PRO D 730 -8.54 -13.36 -50.52
C PRO D 730 -7.95 -14.54 -49.76
N TYR D 731 -7.24 -15.40 -50.46
CA TYR D 731 -6.72 -16.64 -49.91
C TYR D 731 -5.79 -16.46 -48.71
N SER D 732 -5.96 -17.29 -47.69
CA SER D 732 -4.97 -17.41 -46.63
C SER D 732 -4.81 -18.89 -46.30
N PHE D 733 -3.57 -19.33 -46.16
CA PHE D 733 -3.26 -20.72 -45.92
C PHE D 733 -3.97 -21.25 -44.67
N SER D 734 -3.99 -20.43 -43.63
CA SER D 734 -4.66 -20.77 -42.39
C SER D 734 -6.12 -21.15 -42.57
N LYS D 735 -6.83 -20.45 -43.47
CA LYS D 735 -8.22 -20.75 -43.75
C LYS D 735 -8.37 -22.04 -44.57
N GLU D 736 -7.51 -22.22 -45.58
CA GLU D 736 -7.54 -23.43 -46.41
C GLU D 736 -7.78 -24.64 -45.53
N LEU D 737 -6.91 -24.77 -44.52
CA LEU D 737 -6.86 -25.94 -43.63
C LEU D 737 -8.10 -26.07 -42.69
N GLU D 738 -8.65 -24.92 -42.24
CA GLU D 738 -9.86 -24.90 -41.39
C GLU D 738 -10.96 -25.78 -42.00
N LYS E 1 16.46 15.85 11.46
CA LYS E 1 15.60 14.70 11.87
C LYS E 1 14.13 14.99 11.57
N ASP E 2 13.28 14.60 12.52
CA ASP E 2 11.83 14.61 12.28
C ASP E 2 11.10 15.83 12.84
N TRP E 3 10.66 16.74 11.97
CA TRP E 3 9.93 17.92 12.41
C TRP E 3 8.42 17.77 12.57
N THR E 4 7.85 16.69 12.02
CA THR E 4 6.39 16.51 12.05
C THR E 4 5.85 16.44 13.48
N GLN E 5 6.70 16.00 14.39
CA GLN E 5 6.32 15.86 15.79
C GLN E 5 5.89 17.20 16.36
N TYR E 6 6.29 18.29 15.72
CA TYR E 6 5.94 19.60 16.22
C TYR E 6 4.66 20.12 15.60
N VAL E 7 4.19 19.47 14.55
CA VAL E 7 3.05 19.98 13.82
C VAL E 7 1.75 19.60 14.49
N ASN E 8 0.93 20.60 14.85
CA ASN E 8 -0.37 20.33 15.43
C ASN E 8 -1.48 20.74 14.48
N PRO E 9 -2.05 19.77 13.76
CA PRO E 9 -3.08 20.13 12.79
C PRO E 9 -4.37 20.64 13.43
N LEU E 10 -4.46 20.58 14.75
CA LEU E 10 -5.67 21.01 15.42
C LEU E 10 -5.57 22.46 15.77
N MET E 11 -4.39 23.04 15.56
CA MET E 11 -4.17 24.43 15.91
C MET E 11 -5.06 25.31 15.04
N GLY E 12 -5.94 26.08 15.67
CA GLY E 12 -6.85 26.93 14.93
C GLY E 12 -8.23 26.31 14.76
N SER E 13 -8.44 25.11 15.31
CA SER E 13 -9.74 24.44 15.21
C SER E 13 -10.72 24.85 16.30
N GLN E 14 -10.24 25.55 17.33
CA GLN E 14 -11.11 26.03 18.38
C GLN E 14 -11.58 27.47 18.09
N SER E 15 -12.27 27.67 16.98
CA SER E 15 -12.74 28.98 16.60
C SER E 15 -14.25 29.00 16.51
N THR E 16 -14.80 30.19 16.63
CA THR E 16 -16.24 30.36 16.49
C THR E 16 -16.50 31.54 15.56
N PHE E 17 -17.73 31.64 15.09
CA PHE E 17 -18.16 32.72 14.24
C PHE E 17 -17.78 34.09 14.81
N GLU E 18 -17.88 34.24 16.14
CA GLU E 18 -17.75 35.53 16.78
C GLU E 18 -16.30 35.89 17.04
N LEU E 19 -15.47 34.89 17.27
CA LEU E 19 -14.06 35.08 17.51
C LEU E 19 -13.32 33.95 16.85
N SER E 20 -12.47 34.29 15.88
CA SER E 20 -11.65 33.31 15.22
C SER E 20 -10.36 33.13 16.01
N THR E 21 -9.96 31.88 16.23
CA THR E 21 -8.63 31.61 16.71
C THR E 21 -7.88 30.84 15.63
N GLY E 22 -8.34 31.01 14.40
CA GLY E 22 -7.65 30.52 13.22
C GLY E 22 -8.64 30.12 12.12
N ASN E 23 -9.75 29.51 12.52
CA ASN E 23 -10.72 28.99 11.57
C ASN E 23 -10.12 27.98 10.60
N THR E 24 -9.41 27.02 11.15
CA THR E 24 -8.80 25.96 10.36
C THR E 24 -9.47 24.64 10.67
N TYR E 25 -9.16 23.61 9.89
CA TYR E 25 -9.50 22.24 10.23
C TYR E 25 -8.26 21.39 10.08
N PRO E 26 -8.28 20.17 10.64
CA PRO E 26 -7.11 19.33 10.52
C PRO E 26 -6.99 18.79 9.10
N ALA E 27 -6.16 19.45 8.31
CA ALA E 27 -5.95 19.05 6.92
C ALA E 27 -4.97 17.90 6.91
N ILE E 28 -5.47 16.69 6.75
CA ILE E 28 -4.58 15.53 6.64
C ILE E 28 -4.30 15.36 5.17
N ALA E 29 -3.09 15.68 4.75
CA ALA E 29 -2.80 15.80 3.34
C ALA E 29 -1.30 15.77 3.08
N ARG E 30 -0.92 15.60 1.81
CA ARG E 30 0.44 15.83 1.40
C ARG E 30 0.57 17.32 1.16
N PRO E 31 1.79 17.84 1.15
CA PRO E 31 1.99 19.24 0.79
C PRO E 31 1.28 19.63 -0.51
N TRP E 32 0.48 20.69 -0.48
CA TRP E 32 -0.22 21.18 -1.66
C TRP E 32 -1.12 20.11 -2.29
N GLY E 33 -1.55 19.13 -1.50
CA GLY E 33 -2.28 17.98 -2.03
C GLY E 33 -3.56 18.34 -2.74
N MET E 34 -3.90 17.60 -3.79
CA MET E 34 -5.08 17.95 -4.58
C MET E 34 -6.34 17.69 -3.79
N ASN E 35 -6.33 16.60 -3.02
CA ASN E 35 -7.44 16.28 -2.13
C ASN E 35 -6.97 16.26 -0.68
N PHE E 36 -7.66 17.01 0.19
CA PHE E 36 -7.43 16.94 1.64
C PHE E 36 -8.45 16.00 2.28
N TRP E 37 -8.09 15.36 3.38
CA TRP E 37 -9.05 14.57 4.14
C TRP E 37 -9.08 15.08 5.55
N THR E 38 -10.28 15.13 6.13
CA THR E 38 -10.42 15.59 7.50
C THR E 38 -11.52 14.86 8.23
N PRO E 39 -11.38 14.67 9.54
CA PRO E 39 -12.53 14.20 10.29
C PRO E 39 -13.58 15.29 10.18
N GLN E 40 -14.85 14.91 10.07
CA GLN E 40 -15.91 15.88 9.94
C GLN E 40 -16.83 15.88 11.15
N THR E 41 -16.84 16.98 11.89
CA THR E 41 -17.77 17.12 13.01
C THR E 41 -18.99 17.95 12.62
N GLY E 42 -18.82 18.96 11.79
CA GLY E 42 -19.95 19.76 11.35
C GLY E 42 -20.93 19.00 10.46
N LYS E 43 -22.14 19.53 10.35
CA LYS E 43 -23.15 18.90 9.50
C LYS E 43 -22.80 19.23 8.06
N MET E 44 -23.28 18.42 7.12
CA MET E 44 -23.00 18.67 5.71
C MET E 44 -23.31 20.12 5.35
N GLY E 45 -22.35 20.81 4.76
CA GLY E 45 -22.59 22.13 4.22
C GLY E 45 -22.10 23.24 5.10
N ASP E 46 -21.83 22.92 6.35
CA ASP E 46 -21.40 23.93 7.32
C ASP E 46 -19.93 24.24 7.16
N GLY E 47 -19.62 25.51 6.95
CA GLY E 47 -18.24 25.95 6.83
C GLY E 47 -17.34 25.48 7.96
N TRP E 48 -17.88 25.39 9.16
CA TRP E 48 -17.11 24.86 10.25
C TRP E 48 -17.20 23.35 10.29
N GLN E 49 -16.41 22.70 9.46
CA GLN E 49 -16.58 21.26 9.27
C GLN E 49 -15.94 20.42 10.40
N TYR E 50 -14.96 21.01 11.07
CA TYR E 50 -14.38 20.38 12.25
C TYR E 50 -14.17 21.48 13.29
N THR E 51 -14.77 21.29 14.46
CA THR E 51 -14.53 22.22 15.55
C THR E 51 -14.05 21.51 16.82
N TYR E 52 -13.07 22.10 17.49
CA TYR E 52 -12.41 21.42 18.58
C TYR E 52 -13.38 21.06 19.69
N THR E 53 -14.46 21.82 19.85
CA THR E 53 -15.35 21.55 20.98
C THR E 53 -16.49 20.64 20.58
N ALA E 54 -16.44 20.12 19.36
CA ALA E 54 -17.54 19.24 18.95
C ALA E 54 -17.38 17.87 19.62
N ASN E 55 -18.50 17.21 19.89
CA ASN E 55 -18.47 15.91 20.54
C ASN E 55 -18.47 14.71 19.63
N LYS E 56 -19.00 14.86 18.41
CA LYS E 56 -19.21 13.71 17.53
C LYS E 56 -18.56 13.90 16.19
N ILE E 57 -18.14 12.80 15.60
CA ILE E 57 -17.65 12.76 14.24
C ILE E 57 -18.70 12.04 13.39
N ARG E 58 -19.03 12.59 12.22
CA ARG E 58 -20.12 12.02 11.45
C ARG E 58 -19.61 11.52 10.10
N GLY E 59 -18.33 11.66 9.88
CA GLY E 59 -17.76 11.10 8.67
C GLY E 59 -16.32 11.53 8.50
N PHE E 60 -15.62 10.89 7.58
CA PHE E 60 -14.28 11.29 7.21
C PHE E 60 -14.39 11.81 5.80
N LYS E 61 -14.12 13.08 5.64
CA LYS E 61 -14.51 13.78 4.44
C LYS E 61 -13.32 14.14 3.56
N GLN E 62 -13.55 14.07 2.25
CA GLN E 62 -12.63 14.65 1.29
C GLN E 62 -13.07 16.10 1.10
N THR E 63 -12.14 17.02 1.30
CA THR E 63 -12.48 18.43 1.34
C THR E 63 -11.50 19.23 0.51
N HIS E 64 -11.94 20.38 -0.02
CA HIS E 64 -11.03 21.27 -0.71
C HIS E 64 -11.14 22.67 -0.15
N GLN E 65 -11.91 22.79 0.93
CA GLN E 65 -12.28 24.08 1.50
C GLN E 65 -11.07 24.87 2.00
N PRO E 66 -10.93 26.12 1.52
CA PRO E 66 -9.89 27.05 1.94
C PRO E 66 -10.29 27.91 3.16
N SER E 67 -11.57 28.01 3.47
CA SER E 67 -12.01 28.88 4.54
C SER E 67 -13.46 28.56 4.84
N PRO E 68 -13.85 28.65 6.11
CA PRO E 68 -15.27 28.46 6.40
C PRO E 68 -16.10 29.46 5.59
N TRP E 69 -15.53 30.62 5.32
CA TRP E 69 -16.30 31.66 4.69
C TRP E 69 -16.51 31.36 3.24
N ILE E 70 -15.50 30.79 2.59
CA ILE E 70 -15.57 30.40 1.17
C ILE E 70 -16.33 29.10 0.95
N ASN E 71 -16.16 28.16 1.88
CA ASN E 71 -16.83 26.89 1.88
C ASN E 71 -16.27 25.89 0.86
N ASP E 72 -16.92 24.75 0.72
CA ASP E 72 -16.27 23.62 0.07
C ASP E 72 -16.77 23.24 -1.33
N TYR E 73 -16.06 22.32 -1.99
CA TYR E 73 -16.48 21.74 -3.25
C TYR E 73 -15.75 20.40 -3.39
N GLY E 74 -16.23 19.53 -4.30
CA GLY E 74 -15.57 18.25 -4.54
C GLY E 74 -15.50 17.46 -3.26
N GLN E 75 -16.65 17.30 -2.60
CA GLN E 75 -16.71 16.80 -1.23
C GLN E 75 -17.59 15.58 -1.11
N PHE E 76 -17.07 14.54 -0.47
CA PHE E 76 -17.87 13.40 -0.07
C PHE E 76 -17.26 12.80 1.19
N SER E 77 -17.96 11.89 1.84
CA SER E 77 -17.47 11.32 3.08
C SER E 77 -17.71 9.83 3.20
N ILE E 78 -17.00 9.23 4.15
CA ILE E 78 -17.10 7.81 4.45
C ILE E 78 -17.20 7.66 5.97
N MET E 79 -18.01 6.72 6.45
CA MET E 79 -18.19 6.58 7.89
C MET E 79 -18.49 5.14 8.21
N PRO E 80 -17.63 4.49 9.03
CA PRO E 80 -17.89 3.13 9.48
C PRO E 80 -18.88 3.14 10.65
N ILE E 81 -19.75 2.14 10.72
CA ILE E 81 -20.68 2.03 11.84
C ILE E 81 -20.92 0.60 12.20
N VAL E 82 -21.77 0.39 13.18
CA VAL E 82 -22.09 -0.93 13.67
C VAL E 82 -23.55 -0.92 14.15
N GLY E 83 -24.25 -2.05 14.03
CA GLY E 83 -25.63 -2.14 14.50
C GLY E 83 -26.64 -1.99 13.40
N GLN E 84 -27.45 -0.93 13.45
CA GLN E 84 -28.39 -0.65 12.37
C GLN E 84 -27.66 0.05 11.23
N PRO E 85 -27.97 -0.32 9.99
CA PRO E 85 -27.45 0.39 8.83
C PRO E 85 -28.19 1.71 8.60
N VAL E 86 -27.59 2.82 8.99
CA VAL E 86 -28.25 4.10 8.96
C VAL E 86 -27.44 5.07 8.13
N PHE E 87 -28.08 5.85 7.29
CA PHE E 87 -27.36 6.80 6.43
C PHE E 87 -27.40 8.22 6.97
N ASP E 88 -28.44 8.54 7.72
CA ASP E 88 -28.59 9.85 8.32
C ASP E 88 -27.31 10.30 9.01
N GLU E 89 -26.95 11.56 8.79
CA GLU E 89 -25.64 12.05 9.25
C GLU E 89 -25.57 12.29 10.75
N GLU E 90 -26.71 12.28 11.44
CA GLU E 90 -26.71 12.41 12.91
C GLU E 90 -26.78 11.04 13.52
N LYS E 91 -27.68 10.21 13.00
CA LYS E 91 -27.82 8.88 13.53
C LYS E 91 -26.54 8.05 13.39
N ARG E 92 -25.73 8.31 12.37
CA ARG E 92 -24.53 7.50 12.19
C ARG E 92 -23.38 8.06 12.97
N ALA E 93 -23.55 9.25 13.53
CA ALA E 93 -22.44 9.96 14.18
C ALA E 93 -22.00 9.30 15.49
N SER E 94 -20.75 9.46 15.84
CA SER E 94 -20.23 8.87 17.08
C SER E 94 -19.53 9.91 17.95
N TRP E 95 -19.75 9.82 19.27
CA TRP E 95 -18.90 10.50 20.23
C TRP E 95 -17.45 10.13 20.02
N PHE E 96 -16.57 11.05 20.40
CA PHE E 96 -15.14 10.75 20.47
C PHE E 96 -14.53 11.77 21.40
N ALA E 97 -13.26 11.61 21.75
CA ALA E 97 -12.56 12.62 22.56
C ALA E 97 -11.16 12.80 22.02
N HIS E 98 -10.61 14.01 22.19
CA HIS E 98 -9.30 14.32 21.65
C HIS E 98 -8.20 13.43 22.18
N LYS E 99 -8.33 13.01 23.45
CA LYS E 99 -7.43 12.01 24.00
C LYS E 99 -7.56 10.61 23.37
N GLY E 100 -8.57 10.44 22.51
CA GLY E 100 -8.74 9.20 21.77
C GLY E 100 -8.45 9.41 20.29
N GLU E 101 -7.84 10.55 19.98
CA GLU E 101 -7.58 11.00 18.61
C GLU E 101 -6.10 11.34 18.42
N VAL E 102 -5.53 10.97 17.28
CA VAL E 102 -4.14 11.35 17.02
C VAL E 102 -4.08 11.97 15.64
N ALA E 103 -3.77 13.26 15.57
CA ALA E 103 -3.75 13.97 14.28
C ALA E 103 -2.33 14.42 13.87
N THR E 104 -1.89 13.97 12.70
CA THR E 104 -0.62 14.41 12.12
C THR E 104 -0.90 14.71 10.66
N PRO E 105 -0.03 15.51 10.03
CA PRO E 105 -0.26 15.80 8.62
C PRO E 105 -0.39 14.54 7.76
N TYR E 106 0.26 13.47 8.15
CA TYR E 106 0.37 12.31 7.27
C TYR E 106 -0.47 11.15 7.74
N TYR E 107 -1.11 11.30 8.89
CA TYR E 107 -1.77 10.15 9.49
C TYR E 107 -2.80 10.64 10.47
N TYR E 108 -3.97 10.04 10.45
CA TYR E 108 -5.00 10.43 11.37
C TYR E 108 -5.69 9.21 11.95
N LYS E 109 -5.88 9.22 13.27
CA LYS E 109 -6.50 8.08 13.95
C LYS E 109 -7.51 8.55 14.98
N VAL E 110 -8.60 7.81 15.13
CA VAL E 110 -9.59 8.19 16.14
C VAL E 110 -10.42 6.99 16.56
N TYR E 111 -10.83 6.98 17.82
CA TYR E 111 -11.70 5.92 18.31
C TYR E 111 -13.12 6.43 18.36
N LEU E 112 -14.02 5.77 17.62
CA LEU E 112 -15.43 6.16 17.56
C LEU E 112 -16.17 5.44 18.68
N ALA E 113 -16.46 6.15 19.75
CA ALA E 113 -16.87 5.49 20.99
C ALA E 113 -18.22 4.81 20.88
N GLU E 114 -19.11 5.31 20.03
CA GLU E 114 -20.44 4.73 19.96
C GLU E 114 -20.52 3.51 19.05
N HIS E 115 -19.45 3.24 18.30
CA HIS E 115 -19.42 2.08 17.42
C HIS E 115 -18.33 1.12 17.84
N ASP E 116 -17.46 1.56 18.74
CA ASP E 116 -16.34 0.73 19.17
C ASP E 116 -15.46 0.40 17.95
N ILE E 117 -15.18 1.43 17.16
CA ILE E 117 -14.43 1.31 15.92
C ILE E 117 -13.27 2.27 15.93
N VAL E 118 -12.08 1.81 15.54
CA VAL E 118 -10.93 2.69 15.35
C VAL E 118 -10.76 2.96 13.86
N THR E 119 -10.70 4.24 13.48
CA THR E 119 -10.51 4.61 12.08
C THR E 119 -9.13 5.23 11.89
N GLU E 120 -8.39 4.81 10.88
CA GLU E 120 -7.12 5.46 10.56
C GLU E 120 -7.05 5.78 9.09
N MET E 121 -6.46 6.92 8.76
CA MET E 121 -6.33 7.28 7.35
C MET E 121 -4.96 7.87 7.08
N THR E 122 -4.38 7.49 5.94
CA THR E 122 -3.16 8.11 5.45
C THR E 122 -3.34 8.43 4.00
N PRO E 123 -3.17 9.71 3.63
CA PRO E 123 -3.33 10.12 2.25
C PRO E 123 -2.06 10.29 1.40
N THR E 124 -2.27 10.38 0.10
CA THR E 124 -1.24 10.74 -0.84
C THR E 124 -1.79 12.01 -1.45
N GLU E 125 -1.20 12.44 -2.56
CA GLU E 125 -1.62 13.71 -3.15
C GLU E 125 -3.07 13.68 -3.61
N ARG E 126 -3.49 12.56 -4.17
CA ARG E 126 -4.85 12.48 -4.65
C ARG E 126 -5.66 11.33 -4.10
N ALA E 127 -5.01 10.42 -3.38
CA ALA E 127 -5.68 9.23 -2.89
C ALA E 127 -5.49 9.08 -1.39
N VAL E 128 -6.18 8.10 -0.79
CA VAL E 128 -6.06 7.90 0.65
C VAL E 128 -6.36 6.44 0.99
N LEU E 129 -5.76 5.95 2.06
CA LEU E 129 -6.06 4.61 2.56
C LEU E 129 -6.71 4.73 3.93
N PHE E 130 -7.90 4.15 4.07
CA PHE E 130 -8.56 3.97 5.35
C PHE E 130 -8.35 2.56 5.92
N ARG E 131 -8.17 2.45 7.23
CA ARG E 131 -8.19 1.15 7.87
C ARG E 131 -9.19 1.22 9.02
N PHE E 132 -10.27 0.44 8.93
CA PHE E 132 -11.26 0.40 10.00
C PHE E 132 -11.06 -0.84 10.86
N THR E 133 -10.87 -0.63 12.15
CA THR E 133 -10.78 -1.77 13.06
C THR E 133 -12.12 -1.96 13.74
N PHE E 134 -12.82 -3.02 13.35
CA PHE E 134 -14.18 -3.28 13.81
C PHE E 134 -14.18 -4.14 15.07
N PRO E 135 -15.26 -4.04 15.83
CA PRO E 135 -15.47 -4.90 16.95
C PRO E 135 -16.12 -6.17 16.44
N GLU E 136 -16.31 -7.12 17.33
CA GLU E 136 -17.07 -8.27 16.95
C GLU E 136 -18.54 -7.91 16.76
N ASN E 137 -19.05 -8.05 15.55
CA ASN E 137 -20.43 -7.75 15.32
C ASN E 137 -20.91 -8.47 14.08
N ASP E 138 -22.19 -8.86 14.08
CA ASP E 138 -22.79 -9.47 12.89
C ASP E 138 -23.24 -8.42 11.87
N HIS E 139 -23.28 -7.17 12.31
CA HIS E 139 -23.69 -6.06 11.44
C HIS E 139 -22.71 -4.90 11.53
N SER E 140 -21.62 -5.00 10.78
CA SER E 140 -20.71 -3.88 10.65
C SER E 140 -20.93 -3.31 9.28
N TYR E 141 -21.00 -2.00 9.16
CA TYR E 141 -21.20 -1.39 7.85
C TYR E 141 -20.20 -0.27 7.61
N VAL E 142 -20.14 0.15 6.36
CA VAL E 142 -19.44 1.37 6.02
C VAL E 142 -20.40 2.20 5.17
N VAL E 143 -20.58 3.46 5.55
CA VAL E 143 -21.45 4.36 4.83
C VAL E 143 -20.64 5.24 3.89
N VAL E 144 -21.09 5.37 2.64
CA VAL E 144 -20.47 6.30 1.70
C VAL E 144 -21.48 7.38 1.30
N ASP E 145 -21.11 8.63 1.47
CA ASP E 145 -22.02 9.72 1.33
C ASP E 145 -21.54 10.63 0.20
N ALA E 146 -22.34 10.77 -0.86
CA ALA E 146 -21.91 11.58 -2.00
C ALA E 146 -22.35 13.02 -1.89
N PHE E 147 -23.06 13.34 -0.81
CA PHE E 147 -23.53 14.68 -0.52
C PHE E 147 -24.66 15.04 -1.46
N ASP E 148 -25.25 16.20 -1.31
CA ASP E 148 -26.44 16.48 -2.08
C ASP E 148 -26.19 17.41 -3.27
N LYS E 149 -27.27 18.02 -3.77
CA LYS E 149 -27.20 18.93 -4.90
C LYS E 149 -26.95 18.24 -6.24
N GLY E 150 -27.24 16.94 -6.31
CA GLY E 150 -26.97 16.16 -7.52
C GLY E 150 -25.71 15.35 -7.40
N SER E 151 -25.83 14.05 -7.16
CA SER E 151 -24.66 13.20 -7.08
C SER E 151 -24.99 11.86 -7.69
N TYR E 152 -24.04 10.94 -7.64
CA TYR E 152 -24.22 9.65 -8.26
C TYR E 152 -23.41 8.59 -7.50
N ILE E 153 -23.97 7.39 -7.39
CA ILE E 153 -23.33 6.29 -6.67
C ILE E 153 -23.62 4.96 -7.37
N LYS E 154 -22.68 4.03 -7.27
CA LYS E 154 -22.85 2.70 -7.86
C LYS E 154 -22.01 1.65 -7.14
N ILE E 155 -22.66 0.54 -6.78
CA ILE E 155 -21.95 -0.52 -6.12
C ILE E 155 -21.63 -1.63 -7.11
N ILE E 156 -20.35 -2.00 -7.16
CA ILE E 156 -19.88 -3.10 -7.98
C ILE E 156 -19.38 -4.22 -7.06
N PRO E 157 -20.31 -5.11 -6.66
CA PRO E 157 -19.96 -6.18 -5.73
C PRO E 157 -18.82 -7.05 -6.25
N GLU E 158 -18.81 -7.39 -7.54
CA GLU E 158 -17.80 -8.32 -8.06
C GLU E 158 -16.41 -7.73 -8.04
N GLU E 159 -16.25 -6.49 -7.58
CA GLU E 159 -14.92 -5.92 -7.42
C GLU E 159 -14.79 -5.29 -6.05
N ASN E 160 -15.68 -5.65 -5.13
CA ASN E 160 -15.68 -5.03 -3.79
C ASN E 160 -15.54 -3.53 -3.89
N LYS E 161 -16.28 -2.90 -4.80
CA LYS E 161 -16.00 -1.54 -5.13
C LYS E 161 -17.24 -0.68 -5.09
N ILE E 162 -17.07 0.57 -4.67
CA ILE E 162 -18.12 1.55 -4.79
C ILE E 162 -17.50 2.70 -5.56
N ILE E 163 -18.20 3.17 -6.60
CA ILE E 163 -17.79 4.38 -7.30
C ILE E 163 -18.91 5.39 -7.25
N GLY E 164 -18.57 6.65 -7.52
CA GLY E 164 -19.60 7.68 -7.58
C GLY E 164 -19.02 9.03 -7.95
N TYR E 165 -19.90 10.03 -8.08
CA TYR E 165 -19.39 11.38 -8.19
C TYR E 165 -20.18 12.36 -7.31
N THR E 166 -19.52 13.43 -6.88
CA THR E 166 -20.17 14.41 -6.01
C THR E 166 -20.10 15.72 -6.72
N THR E 167 -21.07 16.61 -6.49
CA THR E 167 -21.00 17.91 -7.14
C THR E 167 -21.24 19.10 -6.23
N ARG E 168 -21.76 18.87 -5.04
CA ARG E 168 -22.09 20.00 -4.19
C ARG E 168 -20.89 20.97 -4.10
N ASN E 169 -21.15 22.24 -4.42
CA ASN E 169 -20.09 23.26 -4.37
C ASN E 169 -20.60 24.60 -3.90
N SER E 170 -19.70 25.56 -3.80
CA SER E 170 -20.04 26.85 -3.27
C SER E 170 -19.86 27.95 -4.32
N GLY E 171 -19.79 27.57 -5.58
CA GLY E 171 -19.73 28.54 -6.65
C GLY E 171 -18.41 28.39 -7.38
N GLY E 172 -18.22 29.16 -8.44
CA GLY E 172 -16.94 29.19 -9.14
C GLY E 172 -16.59 27.87 -9.80
N VAL E 173 -17.60 27.22 -10.38
CA VAL E 173 -17.37 25.98 -11.12
C VAL E 173 -18.13 26.03 -12.42
N PRO E 174 -17.61 25.34 -13.43
CA PRO E 174 -18.29 25.23 -14.71
C PRO E 174 -19.50 24.30 -14.57
N GLU E 175 -20.44 24.42 -15.48
CA GLU E 175 -21.65 23.63 -15.36
C GLU E 175 -21.41 22.15 -15.26
N ASN E 176 -20.38 21.65 -15.93
CA ASN E 176 -20.11 20.22 -15.93
C ASN E 176 -19.26 19.73 -14.75
N PHE E 177 -19.10 20.55 -13.72
CA PHE E 177 -18.23 20.20 -12.63
C PHE E 177 -18.62 18.91 -11.94
N LYS E 178 -17.65 18.03 -11.69
CA LYS E 178 -17.89 16.74 -11.02
C LYS E 178 -16.62 16.31 -10.33
N ASN E 179 -16.73 15.68 -9.16
CA ASN E 179 -15.59 14.97 -8.59
C ASN E 179 -15.89 13.48 -8.65
N TYR E 180 -15.10 12.74 -9.42
CA TYR E 180 -15.32 11.30 -9.56
C TYR E 180 -14.47 10.56 -8.53
N PHE E 181 -15.08 9.61 -7.83
CA PHE E 181 -14.35 8.88 -6.81
C PHE E 181 -14.55 7.37 -6.91
N ILE E 182 -13.56 6.63 -6.42
CA ILE E 182 -13.58 5.18 -6.43
C ILE E 182 -13.13 4.66 -5.08
N ILE E 183 -13.82 3.64 -4.60
CA ILE E 183 -13.51 3.07 -3.30
C ILE E 183 -13.43 1.57 -3.40
N GLU E 184 -12.26 1.00 -3.10
CA GLU E 184 -12.06 -0.44 -3.12
C GLU E 184 -11.93 -0.99 -1.70
N PHE E 185 -12.75 -1.97 -1.35
CA PHE E 185 -12.61 -2.65 -0.05
C PHE E 185 -11.90 -3.98 -0.20
N ASP E 186 -11.12 -4.36 0.81
CA ASP E 186 -10.48 -5.68 0.82
C ASP E 186 -11.32 -6.75 1.56
N LYS E 187 -12.63 -6.55 1.63
CA LYS E 187 -13.50 -7.50 2.30
C LYS E 187 -14.81 -7.51 1.55
N PRO E 188 -15.28 -8.69 1.17
CA PRO E 188 -16.48 -8.80 0.34
C PRO E 188 -17.74 -8.30 1.06
N PHE E 189 -18.66 -7.66 0.34
CA PHE E 189 -19.92 -7.24 0.96
C PHE E 189 -20.89 -8.38 1.14
N THR E 190 -21.44 -8.47 2.34
CA THR E 190 -22.47 -9.43 2.64
C THR E 190 -23.76 -8.68 2.60
N TYR E 191 -23.66 -7.36 2.70
CA TYR E 191 -24.84 -6.51 2.66
C TYR E 191 -24.52 -5.37 1.73
N LYS E 192 -25.49 -4.93 0.93
CA LYS E 192 -25.28 -3.80 0.06
C LYS E 192 -26.58 -3.04 -0.17
N ALA E 193 -26.49 -1.72 -0.20
CA ALA E 193 -27.65 -0.90 -0.39
C ALA E 193 -27.21 0.44 -0.88
N THR E 194 -27.98 1.03 -1.78
CA THR E 194 -27.70 2.40 -2.17
C THR E 194 -28.75 3.26 -1.49
N VAL E 195 -28.54 4.56 -1.51
CA VAL E 195 -29.41 5.45 -0.78
C VAL E 195 -29.88 6.52 -1.71
N GLU E 196 -31.16 6.83 -1.62
CA GLU E 196 -31.73 7.75 -2.56
C GLU E 196 -32.66 8.70 -1.83
N ASN E 197 -32.16 9.91 -1.58
CA ASN E 197 -32.98 10.88 -0.93
CA ASN E 197 -32.89 10.93 -0.88
C ASN E 197 -33.40 10.31 0.42
N GLY E 198 -32.42 9.81 1.18
CA GLY E 198 -32.68 9.30 2.52
C GLY E 198 -33.27 7.91 2.57
N ASN E 199 -33.78 7.42 1.45
CA ASN E 199 -34.32 6.06 1.40
C ASN E 199 -33.26 5.00 1.20
N LEU E 200 -33.28 3.98 2.05
CA LEU E 200 -32.34 2.89 1.95
C LEU E 200 -32.89 1.86 0.96
N GLN E 201 -32.14 1.47 -0.06
CA GLN E 201 -32.67 0.46 -0.96
C GLN E 201 -31.73 -0.69 -1.10
N GLU E 202 -32.03 -1.77 -0.39
CA GLU E 202 -31.14 -2.91 -0.44
C GLU E 202 -31.06 -3.49 -1.85
N ASN E 203 -29.84 -3.78 -2.28
CA ASN E 203 -29.62 -4.47 -3.55
C ASN E 203 -30.00 -3.70 -4.81
N VAL E 204 -30.30 -2.41 -4.68
CA VAL E 204 -30.38 -1.54 -5.85
C VAL E 204 -28.97 -0.98 -6.04
N ALA E 205 -28.40 -1.24 -7.21
CA ALA E 205 -26.98 -1.06 -7.46
C ALA E 205 -26.54 0.39 -7.69
N GLU E 206 -27.47 1.26 -8.04
CA GLU E 206 -27.08 2.50 -8.65
C GLU E 206 -28.08 3.61 -8.42
N GLN E 207 -27.60 4.81 -8.15
CA GLN E 207 -28.47 5.97 -7.95
C GLN E 207 -27.92 7.20 -8.63
N THR E 208 -28.77 7.85 -9.42
CA THR E 208 -28.47 9.18 -9.92
C THR E 208 -29.58 10.05 -9.35
N THR E 209 -29.23 10.88 -8.38
CA THR E 209 -30.25 11.60 -7.65
C THR E 209 -29.66 12.77 -6.89
N ASP E 210 -30.50 13.61 -6.31
CA ASP E 210 -30.02 14.76 -5.57
C ASP E 210 -28.93 14.39 -4.53
N HIS E 211 -29.20 13.38 -3.70
CA HIS E 211 -28.27 13.01 -2.67
C HIS E 211 -28.07 11.49 -2.64
N ALA E 212 -27.06 11.00 -3.37
CA ALA E 212 -26.80 9.56 -3.45
C ALA E 212 -25.94 9.12 -2.30
N GLY E 213 -26.07 7.84 -1.92
CA GLY E 213 -25.24 7.26 -0.89
C GLY E 213 -25.25 5.76 -1.02
N ALA E 214 -24.34 5.11 -0.30
CA ALA E 214 -24.25 3.65 -0.29
C ALA E 214 -23.94 3.21 1.13
N ILE E 215 -24.43 2.03 1.49
CA ILE E 215 -24.01 1.34 2.69
C ILE E 215 -23.68 -0.11 2.34
N ILE E 216 -22.48 -0.55 2.70
CA ILE E 216 -22.13 -1.96 2.54
C ILE E 216 -21.77 -2.53 3.88
N GLY E 217 -21.88 -3.85 4.03
CA GLY E 217 -21.67 -4.46 5.32
C GLY E 217 -21.17 -5.89 5.32
N PHE E 218 -20.89 -6.42 6.51
CA PHE E 218 -20.39 -7.77 6.67
C PHE E 218 -20.28 -8.13 8.16
N LYS E 219 -20.00 -9.39 8.45
CA LYS E 219 -19.78 -9.81 9.81
C LYS E 219 -18.33 -9.54 10.08
N THR E 220 -18.01 -9.14 11.31
CA THR E 220 -16.63 -8.88 11.68
C THR E 220 -16.26 -9.57 12.97
N ARG E 221 -15.03 -10.07 13.04
CA ARG E 221 -14.48 -10.66 14.26
C ARG E 221 -13.90 -9.51 15.07
N LYS E 222 -13.83 -9.67 16.39
CA LYS E 222 -13.23 -8.63 17.22
C LYS E 222 -11.87 -8.23 16.68
N GLY E 223 -11.65 -6.94 16.47
CA GLY E 223 -10.36 -6.47 15.99
C GLY E 223 -10.10 -6.64 14.50
N GLU E 224 -11.07 -7.14 13.76
CA GLU E 224 -10.88 -7.34 12.33
C GLU E 224 -10.64 -6.01 11.63
N GLN E 225 -9.68 -5.98 10.71
CA GLN E 225 -9.40 -4.76 9.99
C GLN E 225 -9.91 -4.83 8.55
N VAL E 226 -10.60 -3.79 8.11
CA VAL E 226 -11.01 -3.69 6.73
C VAL E 226 -10.31 -2.46 6.18
N ASN E 227 -9.68 -2.58 5.03
CA ASN E 227 -9.05 -1.43 4.41
C ASN E 227 -9.87 -0.94 3.22
N ALA E 228 -9.92 0.37 3.04
CA ALA E 228 -10.58 0.94 1.87
C ALA E 228 -9.62 1.89 1.15
N ARG E 229 -9.36 1.58 -0.12
CA ARG E 229 -8.51 2.40 -0.97
C ARG E 229 -9.41 3.39 -1.66
N ILE E 230 -9.08 4.67 -1.60
CA ILE E 230 -9.95 5.69 -2.21
C ILE E 230 -9.15 6.67 -3.04
N ALA E 231 -9.77 7.19 -4.08
CA ALA E 231 -9.15 8.22 -4.89
C ALA E 231 -10.20 9.02 -5.67
N SER E 232 -9.83 10.19 -6.15
CA SER E 232 -10.77 10.91 -6.96
C SER E 232 -10.11 11.73 -8.05
N SER E 233 -10.90 12.15 -9.02
CA SER E 233 -10.39 13.01 -10.06
C SER E 233 -11.44 14.05 -10.37
N PHE E 234 -11.02 15.14 -10.99
CA PHE E 234 -11.95 16.12 -11.47
C PHE E 234 -12.19 15.86 -12.96
N ILE E 235 -11.63 14.76 -13.45
CA ILE E 235 -11.61 14.51 -14.88
C ILE E 235 -12.51 13.35 -15.33
N SER E 236 -12.29 12.18 -14.76
CA SER E 236 -13.07 11.02 -15.14
C SER E 236 -12.83 9.88 -14.14
N PHE E 237 -13.67 8.87 -14.22
CA PHE E 237 -13.44 7.63 -13.47
C PHE E 237 -12.13 6.97 -13.90
N GLU E 238 -11.86 6.93 -15.19
CA GLU E 238 -10.66 6.31 -15.64
CA GLU E 238 -10.61 6.35 -15.69
C GLU E 238 -9.47 7.02 -14.96
N GLN E 239 -9.52 8.35 -14.88
CA GLN E 239 -8.46 9.11 -14.26
C GLN E 239 -8.39 8.89 -12.76
N ALA E 240 -9.54 8.75 -12.12
CA ALA E 240 -9.59 8.43 -10.71
C ALA E 240 -8.88 7.11 -10.45
N ALA E 241 -9.08 6.14 -11.32
CA ALA E 241 -8.51 4.84 -11.14
C ALA E 241 -7.00 4.92 -11.29
N ALA E 242 -6.52 5.79 -12.17
CA ALA E 242 -5.09 6.02 -12.32
C ALA E 242 -4.53 6.67 -11.05
N ASN E 243 -5.25 7.66 -10.53
CA ASN E 243 -4.84 8.31 -9.31
C ASN E 243 -4.69 7.32 -8.15
N MET E 244 -5.55 6.31 -8.16
CA MET E 244 -5.54 5.27 -7.14
C MET E 244 -4.18 4.60 -7.00
N ASN E 245 -3.37 4.66 -8.05
CA ASN E 245 -2.09 3.98 -8.02
C ASN E 245 -1.06 4.65 -7.12
N GLU E 246 -1.34 5.87 -6.69
CA GLU E 246 -0.45 6.54 -5.77
C GLU E 246 -0.33 5.68 -4.50
N LEU E 247 -1.37 4.90 -4.23
CA LEU E 247 -1.40 4.08 -3.02
C LEU E 247 -0.52 2.88 -3.19
N GLY E 248 -0.28 2.48 -4.43
CA GLY E 248 0.48 1.25 -4.69
C GLY E 248 -0.18 0.07 -4.00
N LYS E 249 0.63 -0.76 -3.32
CA LYS E 249 0.09 -1.85 -2.51
C LYS E 249 0.35 -1.60 -1.05
N ASP E 250 0.58 -0.35 -0.68
CA ASP E 250 1.01 -0.04 0.67
C ASP E 250 -0.11 -0.19 1.68
N ASN E 251 0.28 -0.50 2.91
CA ASN E 251 -0.60 -0.49 4.06
C ASN E 251 -0.49 0.84 4.82
N ILE E 252 -1.25 0.98 5.91
CA ILE E 252 -1.30 2.21 6.67
C ILE E 252 0.08 2.67 7.10
N GLU E 253 0.86 1.75 7.65
CA GLU E 253 2.21 2.06 8.14
C GLU E 253 3.14 2.62 7.07
N GLN E 254 3.19 1.95 5.92
CA GLN E 254 4.04 2.38 4.83
C GLN E 254 3.59 3.73 4.24
N LEU E 255 2.30 3.93 4.09
CA LEU E 255 1.83 5.22 3.60
C LEU E 255 2.12 6.36 4.59
N ALA E 256 1.80 6.11 5.86
CA ALA E 256 2.16 7.05 6.91
C ALA E 256 3.65 7.40 6.81
N GLN E 257 4.50 6.40 6.67
CA GLN E 257 5.93 6.66 6.60
C GLN E 257 6.27 7.55 5.41
N LYS E 258 5.63 7.30 4.28
CA LYS E 258 5.90 8.07 3.07
C LYS E 258 5.43 9.52 3.21
N GLY E 259 4.26 9.70 3.83
CA GLY E 259 3.76 11.04 4.11
C GLY E 259 4.65 11.78 5.10
N LYS E 260 5.05 11.09 6.15
CA LYS E 260 5.94 11.68 7.11
C LYS E 260 7.22 12.16 6.42
N ASP E 261 7.81 11.29 5.61
CA ASP E 261 9.00 11.63 4.82
C ASP E 261 8.74 12.84 3.95
N ALA E 262 7.56 12.85 3.32
CA ALA E 262 7.20 13.91 2.39
C ALA E 262 7.18 15.24 3.10
N TRP E 263 6.58 15.26 4.29
CA TRP E 263 6.49 16.46 5.09
C TRP E 263 7.84 16.88 5.68
N ASN E 264 8.58 15.93 6.23
CA ASN E 264 9.89 16.28 6.79
C ASN E 264 10.81 16.86 5.73
N GLN E 265 10.59 16.43 4.49
CA GLN E 265 11.37 16.88 3.36
C GLN E 265 11.18 18.37 3.15
N VAL E 266 9.98 18.90 3.37
CA VAL E 266 9.74 20.33 3.17
C VAL E 266 9.89 21.12 4.45
N LEU E 267 9.45 20.54 5.56
CA LEU E 267 9.62 21.20 6.87
C LEU E 267 11.12 21.33 7.17
N GLY E 268 11.90 20.34 6.75
CA GLY E 268 13.31 20.32 7.06
C GLY E 268 14.15 21.36 6.34
N LYS E 269 13.55 22.08 5.40
CA LYS E 269 14.25 23.14 4.72
C LYS E 269 14.53 24.32 5.67
N ILE E 270 13.84 24.33 6.81
CA ILE E 270 14.08 25.34 7.85
C ILE E 270 14.24 24.73 9.24
N GLU E 271 15.48 24.61 9.71
CA GLU E 271 15.72 24.04 11.02
C GLU E 271 15.89 25.15 12.02
N VAL E 272 15.22 25.05 13.15
CA VAL E 272 15.40 26.02 14.22
C VAL E 272 15.87 25.31 15.50
N GLU E 273 16.72 25.98 16.28
CA GLU E 273 17.11 25.46 17.59
C GLU E 273 17.23 26.58 18.60
N GLY E 274 17.35 26.19 19.87
CA GLY E 274 17.53 27.14 20.95
C GLY E 274 16.25 27.91 21.22
N GLY E 275 15.15 27.18 21.31
CA GLY E 275 13.89 27.77 21.68
C GLY E 275 13.17 26.81 22.59
N ASN E 276 11.99 27.19 23.06
CA ASN E 276 11.22 26.29 23.90
C ASN E 276 10.24 25.46 23.05
N LEU E 277 9.67 24.43 23.64
CA LEU E 277 8.82 23.51 22.94
C LEU E 277 7.59 24.21 22.36
N ASP E 278 7.06 25.20 23.06
CA ASP E 278 5.93 25.95 22.52
C ASP E 278 6.29 26.55 21.19
N GLN E 279 7.48 27.14 21.13
CA GLN E 279 7.93 27.84 19.94
C GLN E 279 8.16 26.88 18.79
N TYR E 280 8.79 25.74 19.08
CA TYR E 280 8.96 24.76 18.04
C TYR E 280 7.59 24.42 17.44
N ARG E 281 6.65 24.14 18.32
CA ARG E 281 5.33 23.73 17.87
C ARG E 281 4.64 24.83 17.10
N THR E 282 4.68 26.04 17.64
CA THR E 282 4.06 27.15 16.93
C THR E 282 4.68 27.32 15.55
N PHE E 283 6.01 27.22 15.50
CA PHE E 283 6.75 27.46 14.28
C PHE E 283 6.49 26.43 13.21
N TYR E 284 6.58 25.15 13.57
CA TYR E 284 6.38 24.10 12.56
C TYR E 284 4.93 23.91 12.19
N SER E 285 4.02 24.20 13.12
CA SER E 285 2.60 24.19 12.79
C SER E 285 2.31 25.23 11.72
N CYS E 286 2.80 26.45 11.96
CA CYS E 286 2.67 27.53 11.00
C CYS E 286 3.27 27.19 9.64
N LEU E 287 4.45 26.56 9.64
CA LEU E 287 5.13 26.20 8.41
C LEU E 287 4.28 25.19 7.62
N TYR E 288 3.69 24.24 8.34
CA TYR E 288 2.81 23.25 7.75
C TYR E 288 1.61 23.95 7.11
N ARG E 289 1.05 24.95 7.78
CA ARG E 289 -0.08 25.66 7.22
C ARG E 289 0.31 26.50 6.03
N SER E 290 1.60 26.65 5.83
CA SER E 290 2.11 27.46 4.73
C SER E 290 2.43 26.64 3.49
N LEU E 291 2.23 25.34 3.56
CA LEU E 291 2.55 24.46 2.46
C LEU E 291 1.32 23.69 2.02
N LEU E 292 0.14 24.26 2.26
CA LEU E 292 -1.09 23.62 1.87
C LEU E 292 -1.72 24.29 0.65
N PHE E 293 -1.85 25.61 0.69
CA PHE E 293 -2.55 26.33 -0.38
C PHE E 293 -1.61 27.06 -1.29
N PRO E 294 -2.18 27.66 -2.35
CA PRO E 294 -2.95 26.81 -3.28
C PRO E 294 -2.60 25.37 -3.53
N ARG E 295 -3.65 24.57 -3.68
CA ARG E 295 -3.52 23.14 -3.90
C ARG E 295 -3.32 22.86 -5.35
N LYS E 296 -2.77 21.67 -5.61
CA LYS E 296 -2.59 21.19 -6.94
C LYS E 296 -3.94 20.85 -7.46
N PHE E 297 -4.22 21.28 -8.67
CA PHE E 297 -5.45 20.97 -9.32
C PHE E 297 -5.15 20.25 -10.60
N TYR E 298 -3.98 19.60 -10.68
CA TYR E 298 -3.65 18.81 -11.87
C TYR E 298 -3.46 17.36 -11.53
N GLU E 299 -3.57 16.51 -12.55
CA GLU E 299 -3.47 15.08 -12.35
C GLU E 299 -2.49 14.52 -13.39
N LEU E 300 -1.85 13.40 -13.08
CA LEU E 300 -0.87 12.83 -14.01
C LEU E 300 -1.53 11.91 -15.03
N ASP E 301 -1.18 12.07 -16.29
CA ASP E 301 -1.73 11.17 -17.32
C ASP E 301 -0.87 9.90 -17.54
N ALA E 302 -1.23 9.14 -18.58
CA ALA E 302 -0.57 7.87 -18.87
C ALA E 302 0.93 8.04 -19.02
N ASN E 303 1.37 9.16 -19.56
CA ASN E 303 2.79 9.41 -19.74
C ASN E 303 3.41 10.18 -18.60
N GLY E 304 2.70 10.27 -17.49
CA GLY E 304 3.16 11.03 -16.33
C GLY E 304 3.21 12.53 -16.58
N GLN E 305 2.52 12.98 -17.64
CA GLN E 305 2.40 14.41 -17.94
C GLN E 305 1.22 15.05 -17.19
N PRO E 306 1.41 16.28 -16.70
CA PRO E 306 0.33 16.96 -15.98
C PRO E 306 -0.81 17.36 -16.90
N ILE E 307 -2.04 17.11 -16.46
CA ILE E 307 -3.21 17.63 -17.17
C ILE E 307 -4.20 18.05 -16.10
N HIS E 308 -5.23 18.79 -16.50
CA HIS E 308 -6.16 19.28 -15.50
C HIS E 308 -7.54 19.53 -16.06
N TYR E 309 -8.54 19.39 -15.19
CA TYR E 309 -9.86 19.90 -15.47
C TYR E 309 -9.81 21.38 -15.23
N SER E 310 -10.32 22.17 -16.17
CA SER E 310 -10.33 23.61 -16.01
C SER E 310 -11.56 24.04 -15.25
N PRO E 311 -11.38 24.57 -14.04
CA PRO E 311 -12.49 25.12 -13.28
C PRO E 311 -12.95 26.45 -13.86
N TYR E 312 -12.30 26.90 -14.92
CA TYR E 312 -12.61 28.15 -15.55
C TYR E 312 -13.46 27.97 -16.78
N ASN E 313 -13.19 26.94 -17.58
CA ASN E 313 -13.99 26.68 -18.78
C ASN E 313 -14.46 25.23 -18.93
N GLY E 314 -14.17 24.40 -17.94
CA GLY E 314 -14.68 23.03 -17.91
C GLY E 314 -14.12 22.00 -18.90
N GLN E 315 -13.10 22.37 -19.67
CA GLN E 315 -12.41 21.43 -20.56
C GLN E 315 -11.29 20.73 -19.82
N VAL E 316 -10.78 19.64 -20.37
CA VAL E 316 -9.61 19.03 -19.79
C VAL E 316 -8.41 19.44 -20.64
N LEU E 317 -7.39 20.04 -20.03
CA LEU E 317 -6.27 20.55 -20.78
C LEU E 317 -4.92 20.15 -20.20
N PRO E 318 -3.88 20.21 -21.02
CA PRO E 318 -2.54 19.89 -20.57
C PRO E 318 -1.97 20.99 -19.68
N GLY E 319 -1.04 20.64 -18.81
CA GLY E 319 -0.33 21.62 -18.03
C GLY E 319 -0.81 21.83 -16.60
N TYR E 320 -0.01 22.57 -15.84
CA TYR E 320 -0.32 22.80 -14.44
C TYR E 320 -1.57 23.65 -14.22
N MET E 321 -2.14 23.47 -13.02
CA MET E 321 -3.23 24.28 -12.53
C MET E 321 -3.28 24.14 -11.01
N PHE E 322 -3.39 25.26 -10.31
CA PHE E 322 -3.53 25.26 -8.86
C PHE E 322 -4.72 26.14 -8.52
N THR E 323 -5.24 26.02 -7.30
CA THR E 323 -6.40 26.79 -6.95
C THR E 323 -6.55 26.85 -5.43
N ASP E 324 -7.61 27.53 -4.99
CA ASP E 324 -7.90 27.69 -3.58
C ASP E 324 -6.97 28.59 -2.80
N THR E 325 -6.74 29.81 -3.30
CA THR E 325 -6.00 30.81 -2.56
C THR E 325 -6.56 32.17 -2.90
N GLY E 326 -6.46 33.11 -1.95
CA GLY E 326 -6.92 34.48 -2.20
C GLY E 326 -5.71 35.39 -2.19
N PHE E 327 -5.41 36.04 -3.31
CA PHE E 327 -4.17 36.80 -3.39
C PHE E 327 -4.18 38.00 -2.46
N TRP E 328 -5.38 38.51 -2.17
CA TRP E 328 -5.53 39.62 -1.26
C TRP E 328 -4.87 39.27 0.07
N ASP E 329 -4.91 37.99 0.42
CA ASP E 329 -4.26 37.49 1.63
C ASP E 329 -2.82 37.17 1.41
N THR E 330 -2.54 36.42 0.34
CA THR E 330 -1.30 35.68 0.24
C THR E 330 -0.17 36.33 -0.56
N PHE E 331 -0.46 37.48 -1.18
CA PHE E 331 0.60 38.18 -1.88
C PHE E 331 1.61 38.70 -0.87
N ARG E 332 1.12 39.03 0.32
CA ARG E 332 1.92 39.69 1.33
C ARG E 332 3.14 38.93 1.80
N CYS E 333 2.97 37.67 2.16
CA CYS E 333 4.16 36.94 2.54
C CYS E 333 4.12 35.43 2.25
N LEU E 334 2.94 34.90 1.96
CA LEU E 334 2.84 33.47 1.71
C LEU E 334 3.58 33.12 0.44
N PHE E 335 3.31 33.85 -0.64
CA PHE E 335 3.96 33.50 -1.92
C PHE E 335 5.44 33.84 -1.89
N PRO E 336 5.77 35.00 -1.30
CA PRO E 336 7.17 35.34 -1.09
C PRO E 336 7.90 34.22 -0.40
N LEU E 337 7.23 33.56 0.55
CA LEU E 337 7.89 32.45 1.24
C LEU E 337 8.17 31.29 0.29
N LEU E 338 7.26 31.03 -0.64
CA LEU E 338 7.53 30.02 -1.65
C LEU E 338 8.74 30.38 -2.53
N ASN E 339 8.86 31.65 -2.88
CA ASN E 339 9.93 32.08 -3.75
C ASN E 339 11.27 31.94 -3.06
N LEU E 340 11.26 32.07 -1.74
CA LEU E 340 12.49 31.94 -0.97
C LEU E 340 12.92 30.49 -0.77
N MET E 341 12.00 29.66 -0.33
CA MET E 341 12.35 28.32 0.08
C MET E 341 11.83 27.20 -0.81
N TYR E 342 10.81 27.51 -1.61
CA TYR E 342 10.21 26.48 -2.48
C TYR E 342 9.89 27.00 -3.88
N PRO E 343 10.89 27.56 -4.58
CA PRO E 343 10.66 28.14 -5.91
C PRO E 343 10.22 27.10 -6.93
N SER E 344 10.80 25.92 -6.83
CA SER E 344 10.42 24.83 -7.72
C SER E 344 8.91 24.66 -7.69
N VAL E 345 8.33 24.69 -6.50
CA VAL E 345 6.87 24.58 -6.40
C VAL E 345 6.12 25.79 -6.97
N ASN E 346 6.59 26.99 -6.67
CA ASN E 346 5.90 28.16 -7.18
C ASN E 346 5.97 28.27 -8.71
N LYS E 347 7.02 27.68 -9.30
CA LYS E 347 7.16 27.62 -10.76
C LYS E 347 5.94 26.92 -11.34
N GLU E 348 5.58 25.78 -10.74
CA GLU E 348 4.41 25.05 -11.16
C GLU E 348 3.19 25.93 -10.99
N MET E 349 3.13 26.63 -9.87
CA MET E 349 1.97 27.47 -9.58
C MET E 349 1.82 28.64 -10.54
N GLN E 350 2.95 29.23 -10.91
CA GLN E 350 2.95 30.35 -11.83
C GLN E 350 2.50 29.88 -13.22
N GLU E 351 3.03 28.75 -13.66
CA GLU E 351 2.60 28.17 -14.89
C GLU E 351 1.10 27.93 -14.86
N GLY E 352 0.59 27.50 -13.71
CA GLY E 352 -0.85 27.35 -13.55
C GLY E 352 -1.61 28.65 -13.74
N LEU E 353 -1.04 29.75 -13.25
CA LEU E 353 -1.69 31.05 -13.43
C LEU E 353 -1.80 31.44 -14.91
N ILE E 354 -0.75 31.15 -15.67
CA ILE E 354 -0.77 31.43 -17.08
C ILE E 354 -1.94 30.68 -17.72
N ASN E 355 -2.12 29.43 -17.32
CA ASN E 355 -3.25 28.67 -17.84
C ASN E 355 -4.58 29.25 -17.41
N THR E 356 -4.62 29.74 -16.17
CA THR E 356 -5.84 30.34 -15.70
C THR E 356 -6.19 31.46 -16.65
N TYR E 357 -5.21 32.30 -16.98
CA TYR E 357 -5.47 33.42 -17.87
C TYR E 357 -5.93 32.92 -19.24
N LEU E 358 -5.24 31.91 -19.79
CA LEU E 358 -5.61 31.38 -21.10
C LEU E 358 -7.03 30.85 -21.11
N GLU E 359 -7.42 30.16 -20.05
CA GLU E 359 -8.72 29.52 -19.98
C GLU E 359 -9.85 30.44 -19.55
N SER E 360 -9.54 31.54 -18.85
CA SER E 360 -10.60 32.35 -18.26
C SER E 360 -10.65 33.76 -18.82
N GLY E 361 -9.52 34.26 -19.31
CA GLY E 361 -9.48 35.64 -19.76
C GLY E 361 -8.86 36.60 -18.73
N PHE E 362 -8.84 36.17 -17.47
CA PHE E 362 -8.28 37.01 -16.42
C PHE E 362 -7.30 36.19 -15.61
N PHE E 363 -6.40 36.88 -14.91
CA PHE E 363 -5.63 36.22 -13.86
C PHE E 363 -6.53 36.18 -12.65
N PRO E 364 -6.39 35.17 -11.78
CA PRO E 364 -7.35 35.06 -10.67
C PRO E 364 -7.01 36.01 -9.54
N GLU E 365 -8.00 36.38 -8.73
CA GLU E 365 -7.74 37.06 -7.46
C GLU E 365 -8.13 36.13 -6.31
N TRP E 366 -9.41 35.74 -6.27
CA TRP E 366 -9.81 34.67 -5.37
C TRP E 366 -10.27 33.51 -6.24
N ALA E 367 -9.69 32.32 -6.06
CA ALA E 367 -10.13 31.18 -6.86
C ALA E 367 -10.46 30.00 -5.96
N SER E 368 -11.66 29.46 -6.08
CA SER E 368 -12.05 28.27 -5.37
C SER E 368 -13.11 27.66 -6.22
N PRO E 369 -12.77 26.49 -6.74
CA PRO E 369 -11.78 26.35 -7.78
C PRO E 369 -11.64 27.45 -8.79
N GLY E 370 -12.75 27.96 -9.31
CA GLY E 370 -12.68 29.01 -10.33
C GLY E 370 -12.78 30.38 -9.72
N HIS E 371 -13.03 31.40 -10.53
CA HIS E 371 -13.09 32.76 -10.01
C HIS E 371 -14.25 32.90 -9.05
N ARG E 372 -14.00 33.50 -7.90
CA ARG E 372 -15.02 33.68 -6.89
C ARG E 372 -14.97 35.13 -6.45
N GLY E 373 -16.07 35.65 -5.98
CA GLY E 373 -16.11 37.06 -5.68
C GLY E 373 -15.86 37.29 -4.21
N CYS E 374 -14.61 37.62 -3.87
CA CYS E 374 -14.25 37.87 -2.49
C CYS E 374 -13.08 38.83 -2.46
N MET E 375 -13.12 39.81 -1.55
CA MET E 375 -12.03 40.79 -1.33
C MET E 375 -11.84 41.77 -2.49
N VAL E 376 -10.67 42.40 -2.54
CA VAL E 376 -10.44 43.49 -3.45
C VAL E 376 -9.00 43.49 -3.92
N GLY E 377 -8.67 44.34 -4.90
CA GLY E 377 -7.29 44.51 -5.27
C GLY E 377 -6.91 43.69 -6.47
N ASN E 378 -5.79 44.07 -7.08
CA ASN E 378 -5.29 43.43 -8.27
C ASN E 378 -3.95 42.82 -7.94
N ASN E 379 -3.90 42.10 -6.82
CA ASN E 379 -2.62 41.68 -6.30
C ASN E 379 -1.98 40.48 -7.01
N SER E 380 -2.73 39.87 -7.92
CA SER E 380 -2.13 38.89 -8.82
C SER E 380 -0.90 39.52 -9.48
N ALA E 381 -0.95 40.83 -9.65
CA ALA E 381 0.21 41.55 -10.18
C ALA E 381 1.44 41.38 -9.29
N SER E 382 1.25 41.45 -7.98
CA SER E 382 2.37 41.28 -7.06
C SER E 382 2.89 39.86 -7.10
N ILE E 383 1.98 38.90 -7.03
CA ILE E 383 2.33 37.49 -7.09
C ILE E 383 3.20 37.21 -8.33
N LEU E 384 2.70 37.67 -9.49
CA LEU E 384 3.32 37.35 -10.75
C LEU E 384 4.68 38.02 -10.87
N VAL E 385 4.73 39.31 -10.58
CA VAL E 385 5.97 40.04 -10.73
C VAL E 385 7.00 39.62 -9.70
N ASP E 386 6.58 39.37 -8.46
CA ASP E 386 7.52 38.97 -7.42
C ASP E 386 8.22 37.70 -7.82
N ALA E 387 7.45 36.75 -8.36
CA ALA E 387 8.00 35.50 -8.84
C ALA E 387 9.03 35.72 -9.95
N TYR E 388 8.66 36.48 -10.97
CA TYR E 388 9.57 36.72 -12.09
C TYR E 388 10.86 37.40 -11.62
N MET E 389 10.69 38.46 -10.86
CA MET E 389 11.83 39.20 -10.39
C MET E 389 12.70 38.36 -9.47
N LYS E 390 12.18 37.23 -8.96
CA LYS E 390 12.97 36.43 -8.02
C LYS E 390 13.47 35.13 -8.61
N GLY E 391 13.44 35.06 -9.93
CA GLY E 391 14.06 33.95 -10.63
C GLY E 391 13.10 32.85 -11.05
N VAL E 392 11.85 32.97 -10.63
CA VAL E 392 10.83 32.00 -11.01
C VAL E 392 10.07 32.50 -12.25
N LYS E 393 10.52 32.06 -13.42
CA LYS E 393 10.03 32.63 -14.67
C LYS E 393 9.20 31.64 -15.47
N VAL E 394 7.98 32.02 -15.80
CA VAL E 394 7.14 31.19 -16.67
C VAL E 394 7.65 31.23 -18.08
N ASP E 395 7.31 30.23 -18.88
CA ASP E 395 7.81 30.18 -20.24
C ASP E 395 7.21 31.29 -21.08
N ASP E 396 5.91 31.50 -20.96
CA ASP E 396 5.22 32.48 -21.79
C ASP E 396 5.18 33.88 -21.21
N ILE E 397 6.28 34.61 -21.38
CA ILE E 397 6.31 35.95 -20.82
C ILE E 397 5.39 36.91 -21.57
N LYS E 398 5.18 36.64 -22.85
CA LYS E 398 4.35 37.56 -23.62
C LYS E 398 2.99 37.55 -23.03
N THR E 399 2.57 36.36 -22.68
CA THR E 399 1.23 36.14 -22.16
C THR E 399 1.09 36.76 -20.78
N LEU E 400 2.14 36.59 -19.99
CA LEU E 400 2.17 37.16 -18.66
C LEU E 400 1.97 38.67 -18.69
N TYR E 401 2.70 39.35 -19.55
CA TYR E 401 2.61 40.81 -19.61
C TYR E 401 1.24 41.26 -20.11
N GLU E 402 0.80 40.63 -21.20
CA GLU E 402 -0.50 40.92 -21.75
C GLU E 402 -1.58 40.72 -20.68
N GLY E 403 -1.50 39.62 -19.94
CA GLY E 403 -2.43 39.38 -18.86
C GLY E 403 -2.45 40.53 -17.88
N LEU E 404 -1.26 40.94 -17.44
CA LEU E 404 -1.14 42.04 -16.48
C LEU E 404 -1.81 43.30 -16.97
N ILE E 405 -1.51 43.69 -18.19
CA ILE E 405 -2.10 44.87 -18.77
C ILE E 405 -3.62 44.74 -18.91
N HIS E 406 -4.08 43.54 -19.27
CA HIS E 406 -5.52 43.30 -19.46
C HIS E 406 -6.28 43.60 -18.17
N GLY E 407 -5.71 43.18 -17.06
CA GLY E 407 -6.36 43.35 -15.78
C GLY E 407 -6.40 44.79 -15.30
N THR E 408 -5.67 45.68 -15.94
CA THR E 408 -5.69 47.04 -15.46
C THR E 408 -6.82 47.79 -16.11
N GLU E 409 -7.39 47.23 -17.16
CA GLU E 409 -8.47 47.93 -17.87
C GLU E 409 -9.76 47.09 -18.00
N ASN E 410 -9.90 46.02 -17.23
CA ASN E 410 -11.10 45.21 -17.30
C ASN E 410 -11.52 44.67 -15.94
N VAL E 411 -12.80 44.42 -15.78
CA VAL E 411 -13.29 43.70 -14.63
C VAL E 411 -14.17 42.56 -15.11
N HIS E 412 -14.05 41.39 -14.48
CA HIS E 412 -14.86 40.26 -14.83
C HIS E 412 -16.36 40.60 -14.75
N PRO E 413 -17.13 40.17 -15.77
CA PRO E 413 -18.55 40.50 -15.91
C PRO E 413 -19.41 39.99 -14.75
N GLU E 414 -19.02 38.86 -14.16
CA GLU E 414 -19.78 38.27 -13.06
C GLU E 414 -19.02 38.31 -11.70
N VAL E 415 -17.70 38.23 -11.72
CA VAL E 415 -16.93 38.23 -10.48
C VAL E 415 -16.21 39.56 -10.32
N SER E 416 -16.77 40.47 -9.54
CA SER E 416 -16.23 41.83 -9.49
C SER E 416 -14.88 41.94 -8.77
N SER E 417 -14.43 40.87 -8.14
CA SER E 417 -13.16 40.92 -7.48
C SER E 417 -12.08 40.43 -8.43
N THR E 418 -12.45 40.19 -9.68
CA THR E 418 -11.51 39.67 -10.65
C THR E 418 -11.27 40.70 -11.72
N GLY E 419 -10.02 41.09 -11.93
CA GLY E 419 -9.76 42.30 -12.71
C GLY E 419 -9.88 43.49 -11.76
N ARG E 420 -9.92 44.71 -12.29
CA ARG E 420 -10.00 45.88 -11.41
C ARG E 420 -11.36 46.55 -11.48
N LEU E 421 -12.21 46.28 -10.49
CA LEU E 421 -13.43 47.02 -10.38
C LEU E 421 -13.09 48.52 -10.20
N GLY E 422 -13.81 49.38 -10.91
CA GLY E 422 -13.55 50.82 -10.83
C GLY E 422 -12.35 51.36 -11.61
N TYR E 423 -11.78 50.56 -12.51
CA TYR E 423 -10.59 50.98 -13.22
C TYR E 423 -10.81 52.25 -14.03
N GLU E 424 -12.05 52.45 -14.48
CA GLU E 424 -12.37 53.64 -15.25
C GLU E 424 -12.03 54.88 -14.42
N TYR E 425 -12.64 54.98 -13.25
CA TYR E 425 -12.35 56.10 -12.38
C TYR E 425 -10.87 56.16 -12.06
N TYR E 426 -10.33 55.06 -11.58
CA TYR E 426 -8.96 55.03 -11.12
C TYR E 426 -8.01 55.61 -12.18
N ASN E 427 -8.13 55.09 -13.39
CA ASN E 427 -7.26 55.49 -14.49
C ASN E 427 -7.46 56.94 -14.84
N LYS E 428 -8.70 57.41 -14.70
CA LYS E 428 -9.04 58.78 -15.05
C LYS E 428 -8.72 59.80 -13.95
N LEU E 429 -9.09 59.50 -12.70
CA LEU E 429 -8.97 60.44 -11.58
C LEU E 429 -7.73 60.21 -10.76
N GLY E 430 -7.18 59.00 -10.81
CA GLY E 430 -6.06 58.65 -9.94
C GLY E 430 -6.46 57.96 -8.64
N TYR E 431 -7.76 57.76 -8.43
CA TYR E 431 -8.29 57.07 -7.26
C TYR E 431 -9.68 56.54 -7.56
N VAL E 432 -10.20 55.65 -6.73
CA VAL E 432 -11.58 55.21 -6.88
C VAL E 432 -12.44 55.99 -5.89
N PRO E 433 -13.36 56.80 -6.40
CA PRO E 433 -14.20 57.72 -5.61
C PRO E 433 -14.99 57.05 -4.47
N TYR E 434 -15.19 57.80 -3.40
CA TYR E 434 -15.93 57.33 -2.24
C TYR E 434 -17.45 57.41 -2.46
N ASP E 435 -17.87 58.10 -3.50
CA ASP E 435 -19.29 58.35 -3.72
C ASP E 435 -19.86 57.84 -5.06
N VAL E 436 -19.29 56.75 -5.61
CA VAL E 436 -19.73 56.27 -6.91
C VAL E 436 -20.26 54.85 -6.86
N LYS E 437 -20.73 54.44 -5.69
CA LYS E 437 -21.33 53.12 -5.56
C LYS E 437 -20.31 52.01 -5.71
N ILE E 438 -19.05 52.32 -5.42
CA ILE E 438 -18.04 51.27 -5.36
C ILE E 438 -17.43 51.20 -3.97
N ASN E 439 -17.69 50.08 -3.29
CA ASN E 439 -17.30 49.93 -1.90
C ASN E 439 -15.83 49.59 -1.72
N GLU E 440 -15.26 50.05 -0.61
CA GLU E 440 -13.90 49.75 -0.30
C GLU E 440 -12.97 50.36 -1.33
N ASN E 441 -13.43 51.51 -1.83
CA ASN E 441 -12.72 52.27 -2.83
C ASN E 441 -11.31 52.70 -2.37
N ALA E 442 -11.18 53.14 -1.12
CA ALA E 442 -9.89 53.54 -0.61
C ALA E 442 -8.90 52.38 -0.57
N ALA E 443 -9.36 51.21 -0.13
CA ALA E 443 -8.51 50.05 -0.07
C ALA E 443 -8.12 49.61 -1.48
N ARG E 444 -9.07 49.69 -2.41
CA ARG E 444 -8.77 49.33 -3.79
C ARG E 444 -7.70 50.25 -4.38
N THR E 445 -7.90 51.55 -4.17
CA THR E 445 -6.98 52.54 -4.69
C THR E 445 -5.57 52.28 -4.20
N LEU E 446 -5.43 52.14 -2.88
CA LEU E 446 -4.10 51.91 -2.29
C LEU E 446 -3.42 50.66 -2.86
N GLU E 447 -4.16 49.56 -2.93
CA GLU E 447 -3.58 48.35 -3.43
C GLU E 447 -3.31 48.40 -4.93
N TYR E 448 -4.21 49.02 -5.69
CA TYR E 448 -3.98 49.18 -7.12
C TYR E 448 -2.65 49.89 -7.33
N ALA E 449 -2.39 50.91 -6.51
CA ALA E 449 -1.15 51.68 -6.63
C ALA E 449 0.06 50.76 -6.47
N TYR E 450 0.04 49.92 -5.45
CA TYR E 450 1.15 49.04 -5.23
C TYR E 450 1.23 48.07 -6.41
N ASP E 451 0.06 47.62 -6.85
CA ASP E 451 -0.02 46.75 -8.02
C ASP E 451 0.68 47.37 -9.23
N ASP E 452 0.32 48.62 -9.54
CA ASP E 452 0.89 49.32 -10.67
C ASP E 452 2.41 49.46 -10.55
N TRP E 453 2.91 49.57 -9.32
CA TRP E 453 4.34 49.63 -9.11
C TRP E 453 4.96 48.35 -9.60
N CYS E 454 4.29 47.24 -9.29
CA CYS E 454 4.79 45.92 -9.68
C CYS E 454 4.87 45.84 -11.20
N ILE E 455 3.82 46.32 -11.85
CA ILE E 455 3.78 46.31 -13.29
C ILE E 455 4.91 47.18 -13.83
N TYR E 456 5.03 48.39 -13.27
CA TYR E 456 6.12 49.28 -13.66
C TYR E 456 7.44 48.58 -13.53
N ARG E 457 7.60 47.81 -12.47
CA ARG E 457 8.83 47.10 -12.22
C ARG E 457 9.13 46.10 -13.30
N LEU E 458 8.14 45.31 -13.67
CA LEU E 458 8.33 44.29 -14.69
C LEU E 458 8.51 44.92 -16.06
N ALA E 459 7.71 45.95 -16.33
CA ALA E 459 7.75 46.61 -17.61
C ALA E 459 9.16 47.16 -17.85
N LYS E 460 9.74 47.73 -16.81
CA LYS E 460 11.09 48.28 -16.89
C LYS E 460 12.07 47.16 -17.21
N GLU E 461 11.98 46.06 -16.48
CA GLU E 461 12.76 44.89 -16.76
C GLU E 461 12.64 44.40 -18.23
N LEU E 462 11.43 44.45 -18.77
CA LEU E 462 11.20 43.97 -20.14
C LEU E 462 11.66 44.99 -21.16
N LYS E 463 12.07 46.15 -20.67
CA LYS E 463 12.50 47.20 -21.55
C LYS E 463 11.37 47.62 -22.48
N ARG E 464 10.19 47.74 -21.90
CA ARG E 464 9.01 48.16 -22.63
C ARG E 464 9.18 49.62 -23.02
N PRO E 465 8.33 50.14 -23.93
CA PRO E 465 8.40 51.55 -24.32
C PRO E 465 8.31 52.49 -23.11
N LYS E 466 9.06 53.58 -23.16
CA LYS E 466 9.10 54.58 -22.11
C LYS E 466 7.70 55.10 -21.75
N LYS E 467 6.84 55.24 -22.73
CA LYS E 467 5.49 55.74 -22.48
C LYS E 467 4.73 54.80 -21.56
N GLU E 468 4.87 53.49 -21.79
CA GLU E 468 4.26 52.46 -20.94
C GLU E 468 4.85 52.52 -19.55
N ILE E 469 6.19 52.48 -19.49
CA ILE E 469 6.91 52.45 -18.23
C ILE E 469 6.55 53.66 -17.39
N SER E 470 6.47 54.81 -18.04
CA SER E 470 6.12 56.05 -17.36
C SER E 470 4.69 56.05 -16.84
N LEU E 471 3.81 55.36 -17.54
CA LEU E 471 2.41 55.34 -17.16
C LEU E 471 2.22 54.65 -15.83
N PHE E 472 2.90 53.52 -15.65
CA PHE E 472 2.78 52.77 -14.40
C PHE E 472 3.59 53.40 -13.27
N ALA E 473 4.72 53.99 -13.62
CA ALA E 473 5.51 54.75 -12.66
C ALA E 473 4.63 55.88 -12.10
N LYS E 474 3.82 56.47 -12.96
CA LYS E 474 2.91 57.53 -12.55
C LYS E 474 1.84 56.97 -11.64
N ARG E 475 1.27 55.84 -12.01
CA ARG E 475 0.13 55.31 -11.28
C ARG E 475 0.55 54.79 -9.93
N ALA E 476 1.80 54.34 -9.84
CA ALA E 476 2.31 53.83 -8.59
C ALA E 476 2.22 54.89 -7.52
N MET E 477 2.08 56.13 -7.97
CA MET E 477 2.05 57.31 -7.07
C MET E 477 0.66 57.61 -6.51
N ASN E 478 -0.35 56.90 -7.02
CA ASN E 478 -1.74 57.23 -6.73
C ASN E 478 -2.13 57.21 -5.26
N TYR E 479 -1.38 56.50 -4.43
CA TYR E 479 -1.69 56.48 -3.01
C TYR E 479 -1.71 57.91 -2.44
N LYS E 480 -1.01 58.82 -3.11
CA LYS E 480 -1.00 60.20 -2.67
C LYS E 480 -2.38 60.83 -2.80
N ASN E 481 -3.16 60.40 -3.77
CA ASN E 481 -4.45 61.03 -4.03
C ASN E 481 -5.46 60.85 -2.89
N LEU E 482 -5.19 59.95 -1.96
CA LEU E 482 -6.12 59.71 -0.87
C LEU E 482 -5.55 60.15 0.47
N PHE E 483 -4.40 60.81 0.46
CA PHE E 483 -3.81 61.22 1.71
C PHE E 483 -4.40 62.52 2.16
N ASP E 484 -4.79 62.56 3.42
CA ASP E 484 -5.40 63.76 3.97
C ASP E 484 -4.34 64.41 4.84
N LYS E 485 -4.00 65.66 4.56
CA LYS E 485 -2.91 66.35 5.26
C LYS E 485 -3.28 66.66 6.71
N GLU E 486 -4.52 67.08 6.91
CA GLU E 486 -4.99 67.45 8.24
C GLU E 486 -4.94 66.24 9.18
N SER E 487 -5.51 65.12 8.74
CA SER E 487 -5.55 63.91 9.58
C SER E 487 -4.23 63.12 9.57
N LYS E 488 -3.50 63.22 8.48
CA LYS E 488 -2.29 62.43 8.34
C LYS E 488 -2.65 60.99 8.04
N LEU E 489 -3.87 60.81 7.55
CA LEU E 489 -4.40 59.47 7.29
C LEU E 489 -4.95 59.35 5.86
N MET E 490 -4.99 58.12 5.34
CA MET E 490 -5.66 57.88 4.08
C MET E 490 -7.15 58.07 4.31
N ARG E 491 -7.84 58.57 3.31
CA ARG E 491 -9.23 58.91 3.51
C ARG E 491 -10.03 58.86 2.22
N GLY E 492 -11.30 58.47 2.35
CA GLY E 492 -12.20 58.36 1.19
C GLY E 492 -12.37 59.69 0.51
N ARG E 493 -12.36 59.66 -0.83
CA ARG E 493 -12.43 60.89 -1.61
C ARG E 493 -13.56 60.86 -2.64
N ASN E 494 -14.29 61.97 -2.75
CA ASN E 494 -15.43 62.02 -3.66
C ASN E 494 -14.97 62.18 -5.09
N GLU E 495 -15.88 61.92 -6.03
CA GLU E 495 -15.57 62.07 -7.44
C GLU E 495 -15.23 63.53 -7.76
N ASP E 496 -15.92 64.45 -7.11
CA ASP E 496 -15.69 65.85 -7.37
C ASP E 496 -14.33 66.27 -6.83
N GLY E 497 -13.67 65.40 -6.09
CA GLY E 497 -12.32 65.71 -5.60
C GLY E 497 -12.23 66.13 -4.13
N THR E 498 -13.37 66.40 -3.51
CA THR E 498 -13.38 66.69 -2.09
C THR E 498 -13.22 65.43 -1.26
N PHE E 499 -12.49 65.54 -0.16
CA PHE E 499 -12.36 64.40 0.73
C PHE E 499 -13.70 64.26 1.38
N GLN E 500 -14.07 63.04 1.75
CA GLN E 500 -15.39 62.75 2.28
C GLN E 500 -15.57 63.27 3.70
N SER E 501 -16.79 63.74 3.96
CA SER E 501 -17.18 64.23 5.30
C SER E 501 -18.36 63.48 5.81
N PRO E 502 -18.71 63.76 7.07
CA PRO E 502 -17.81 63.36 8.15
C PRO E 502 -16.84 62.19 8.02
N PHE E 503 -15.66 62.38 8.58
CA PHE E 503 -14.58 61.41 8.46
C PHE E 503 -14.35 60.68 9.77
N SER E 504 -14.58 59.38 9.79
CA SER E 504 -14.29 58.63 11.01
C SER E 504 -13.10 57.73 10.78
N PRO E 505 -11.96 58.13 11.32
CA PRO E 505 -10.73 57.37 11.15
C PRO E 505 -10.89 56.00 11.77
N LEU E 506 -11.77 55.88 12.76
CA LEU E 506 -11.96 54.60 13.42
C LEU E 506 -13.07 53.71 12.83
N LYS E 507 -13.67 54.15 11.73
CA LYS E 507 -14.74 53.38 11.11
C LYS E 507 -14.19 52.26 10.24
N TRP E 508 -14.76 51.07 10.37
CA TRP E 508 -14.28 49.91 9.60
C TRP E 508 -15.10 49.76 8.35
N GLY E 509 -14.49 49.27 7.27
CA GLY E 509 -15.23 49.03 6.04
C GLY E 509 -15.48 50.31 5.24
N ASP E 510 -16.52 50.29 4.41
CA ASP E 510 -16.86 51.50 3.68
C ASP E 510 -15.75 51.79 2.67
N ALA E 511 -14.91 52.75 3.02
CA ALA E 511 -13.79 53.11 2.18
C ALA E 511 -12.77 52.01 2.22
N PHE E 512 -12.81 51.19 3.25
CA PHE E 512 -11.78 50.17 3.40
C PHE E 512 -12.38 48.79 3.48
N THR E 513 -11.52 47.78 3.60
CA THR E 513 -12.01 46.44 3.80
C THR E 513 -11.55 45.93 5.17
N GLU E 514 -12.47 45.69 6.08
CA GLU E 514 -12.14 44.99 7.31
C GLU E 514 -10.95 45.64 8.01
N GLY E 515 -11.05 46.94 8.17
CA GLY E 515 -10.04 47.69 8.85
C GLY E 515 -10.56 49.08 8.73
N ASN E 516 -9.85 50.02 9.36
CA ASN E 516 -10.22 51.42 9.28
C ASN E 516 -9.00 52.16 8.79
N SER E 517 -9.13 53.47 8.68
CA SER E 517 -8.04 54.31 8.16
C SER E 517 -6.71 54.05 8.88
N TRP E 518 -6.80 53.78 10.19
CA TRP E 518 -5.62 53.51 11.00
C TRP E 518 -4.89 52.24 10.58
N HIS E 519 -5.62 51.30 9.96
CA HIS E 519 -4.98 50.09 9.48
C HIS E 519 -4.54 50.20 8.02
N TYR E 520 -5.35 50.81 7.18
CA TYR E 520 -5.04 50.86 5.75
C TYR E 520 -4.01 51.91 5.35
N THR E 521 -3.87 52.95 6.17
CA THR E 521 -3.02 54.06 5.83
C THR E 521 -1.62 53.57 5.53
N TRP E 522 -1.25 52.43 6.12
CA TRP E 522 0.12 51.90 5.97
C TRP E 522 0.37 51.10 4.69
N SER E 523 -0.65 51.00 3.83
CA SER E 523 -0.52 50.17 2.64
C SER E 523 0.20 50.91 1.52
N VAL E 524 1.48 51.19 1.72
CA VAL E 524 2.28 51.78 0.67
C VAL E 524 3.57 51.02 0.65
N PHE E 525 3.48 49.72 0.41
CA PHE E 525 4.64 48.82 0.47
C PHE E 525 5.85 49.28 -0.35
N HIS E 526 5.58 49.79 -1.55
CA HIS E 526 6.65 50.17 -2.43
C HIS E 526 7.22 51.57 -2.16
N ASP E 527 6.56 52.37 -1.34
CA ASP E 527 7.05 53.73 -1.13
C ASP E 527 6.85 54.24 0.31
N PRO E 528 7.41 53.52 1.30
CA PRO E 528 7.25 53.94 2.68
C PRO E 528 7.72 55.36 2.90
N GLN E 529 8.88 55.70 2.33
CA GLN E 529 9.43 57.06 2.43
C GLN E 529 8.45 58.09 1.87
N GLY E 530 7.85 57.77 0.75
CA GLY E 530 6.85 58.69 0.21
C GLY E 530 5.83 58.98 1.30
N LEU E 531 5.48 57.93 2.04
CA LEU E 531 4.44 58.06 3.06
C LEU E 531 4.96 58.90 4.21
N ILE E 532 6.21 58.60 4.57
CA ILE E 532 6.88 59.33 5.59
C ILE E 532 6.88 60.79 5.25
N ASP E 533 7.14 61.10 4.00
CA ASP E 533 7.12 62.50 3.59
C ASP E 533 5.76 63.16 3.73
N LEU E 534 4.69 62.53 3.25
CA LEU E 534 3.38 63.17 3.36
C LEU E 534 3.00 63.45 4.79
N MET E 535 3.51 62.63 5.72
CA MET E 535 3.21 62.83 7.12
C MET E 535 4.06 63.91 7.80
N GLY E 536 5.09 64.37 7.10
CA GLY E 536 5.93 65.47 7.57
C GLY E 536 7.22 65.00 8.22
N GLY E 537 7.92 64.08 7.58
CA GLY E 537 9.21 63.61 8.09
C GLY E 537 9.06 62.44 9.02
N LYS E 538 10.16 61.75 9.27
CA LYS E 538 10.14 60.53 10.09
C LYS E 538 9.66 60.72 11.54
N GLU E 539 10.09 61.79 12.20
CA GLU E 539 9.66 61.96 13.60
C GLU E 539 8.15 61.89 13.66
N MET E 540 7.47 62.65 12.80
CA MET E 540 6.02 62.70 12.84
C MET E 540 5.42 61.34 12.45
N PHE E 541 6.12 60.65 11.56
CA PHE E 541 5.74 59.33 11.10
C PHE E 541 5.78 58.33 12.25
N VAL E 542 6.90 58.31 12.97
CA VAL E 542 7.00 57.42 14.14
C VAL E 542 5.96 57.78 15.19
N THR E 543 5.72 59.06 15.39
CA THR E 543 4.68 59.48 16.35
C THR E 543 3.36 58.85 15.95
N MET E 544 3.10 58.88 14.65
CA MET E 544 1.87 58.35 14.10
C MET E 544 1.72 56.83 14.31
N MET E 545 2.78 56.09 14.02
CA MET E 545 2.81 54.66 14.31
C MET E 545 2.56 54.35 15.77
N ASP E 546 3.30 55.03 16.63
CA ASP E 546 3.27 54.74 18.04
C ASP E 546 1.87 54.83 18.60
N SER E 547 1.08 55.76 18.06
CA SER E 547 -0.26 55.97 18.59
C SER E 547 -1.21 54.86 18.15
N VAL E 548 -0.78 54.07 17.18
CA VAL E 548 -1.55 52.91 16.80
C VAL E 548 -1.62 51.95 17.99
N PHE E 549 -0.51 51.76 18.68
CA PHE E 549 -0.51 50.92 19.85
C PHE E 549 -1.05 51.65 21.07
N ALA E 550 -0.88 52.96 21.10
CA ALA E 550 -1.12 53.74 22.33
C ALA E 550 -2.60 53.98 22.61
N VAL E 551 -3.43 54.04 21.56
CA VAL E 551 -4.83 54.37 21.76
C VAL E 551 -5.61 53.11 22.03
N PRO E 552 -6.66 53.22 22.87
CA PRO E 552 -7.53 52.08 23.17
C PRO E 552 -8.16 51.57 21.87
N PRO E 553 -8.58 50.29 21.85
CA PRO E 553 -9.13 49.68 20.64
C PRO E 553 -10.58 50.06 20.41
N ILE E 554 -10.84 51.37 20.30
CA ILE E 554 -12.20 51.84 20.09
C ILE E 554 -12.50 51.77 18.59
N PHE E 555 -13.76 51.71 18.21
CA PHE E 555 -14.10 51.40 16.81
C PHE E 555 -15.53 51.78 16.42
N ASP E 556 -15.79 51.83 15.12
CA ASP E 556 -17.10 52.21 14.58
C ASP E 556 -17.55 51.18 13.56
N ASP E 557 -18.54 50.37 13.93
CA ASP E 557 -18.94 49.26 13.09
C ASP E 557 -20.20 49.54 12.27
N SER E 558 -20.59 50.81 12.20
CA SER E 558 -21.87 51.17 11.59
C SER E 558 -22.05 50.50 10.24
N TYR E 559 -20.97 50.33 9.51
CA TYR E 559 -21.06 49.79 8.15
C TYR E 559 -21.42 48.30 8.11
N TYR E 560 -21.19 47.59 9.22
CA TYR E 560 -21.49 46.16 9.28
C TYR E 560 -22.69 45.88 10.19
N GLY E 561 -23.08 46.86 10.99
CA GLY E 561 -24.26 46.73 11.84
C GLY E 561 -24.00 45.86 13.05
N GLN E 562 -23.00 44.99 12.96
CA GLN E 562 -22.64 44.14 14.08
C GLN E 562 -21.11 44.08 14.31
N VAL E 563 -20.69 43.65 15.51
CA VAL E 563 -19.26 43.56 15.82
C VAL E 563 -18.65 42.35 15.13
N ILE E 564 -18.31 42.46 13.86
CA ILE E 564 -17.77 41.30 13.15
C ILE E 564 -16.56 40.74 13.85
N HIS E 565 -16.29 39.47 13.63
CA HIS E 565 -15.25 38.79 14.39
C HIS E 565 -13.89 39.50 14.34
N GLU E 566 -13.55 40.08 13.21
CA GLU E 566 -12.23 40.69 13.12
C GLU E 566 -12.11 41.95 13.98
N ILE E 567 -13.22 42.60 14.29
CA ILE E 567 -13.18 43.74 15.21
C ILE E 567 -13.05 43.21 16.62
N ARG E 568 -13.85 42.21 16.94
CA ARG E 568 -13.82 41.62 18.26
C ARG E 568 -12.38 41.18 18.56
N GLU E 569 -11.79 40.49 17.60
CA GLU E 569 -10.45 39.95 17.73
C GLU E 569 -9.43 41.01 18.07
N MET E 570 -9.64 42.22 17.55
CA MET E 570 -8.74 43.32 17.84
C MET E 570 -8.95 43.80 19.26
N THR E 571 -10.20 43.92 19.69
CA THR E 571 -10.51 44.49 21.01
C THR E 571 -9.90 43.69 22.17
N VAL E 572 -9.90 42.36 22.06
CA VAL E 572 -9.44 41.51 23.16
C VAL E 572 -7.92 41.44 23.37
N MET E 573 -7.13 41.75 22.34
CA MET E 573 -5.66 41.63 22.43
C MET E 573 -5.05 42.69 23.32
N ASN E 574 -5.71 43.84 23.47
CA ASN E 574 -5.17 44.94 24.25
C ASN E 574 -3.84 45.41 23.66
N MET E 575 -3.83 45.63 22.35
CA MET E 575 -2.67 46.23 21.71
C MET E 575 -3.13 47.36 20.83
N GLY E 576 -3.83 48.30 21.44
CA GLY E 576 -4.36 49.45 20.74
C GLY E 576 -5.13 49.04 19.50
N ASN E 577 -4.84 49.71 18.38
CA ASN E 577 -5.52 49.37 17.16
C ASN E 577 -4.70 48.47 16.25
N TYR E 578 -3.67 47.83 16.80
CA TYR E 578 -2.85 46.98 15.95
C TYR E 578 -3.60 45.67 15.75
N ALA E 579 -4.35 45.55 14.66
CA ALA E 579 -5.20 44.37 14.48
C ALA E 579 -4.47 43.26 13.73
N HIS E 580 -3.53 42.58 14.40
CA HIS E 580 -2.68 41.61 13.69
C HIS E 580 -3.51 40.45 13.14
N GLY E 581 -4.69 40.27 13.74
CA GLY E 581 -5.60 39.24 13.30
C GLY E 581 -6.08 39.39 11.87
N ASN E 582 -5.77 40.50 11.23
CA ASN E 582 -6.18 40.68 9.84
C ASN E 582 -5.05 41.22 8.92
N GLN E 583 -5.20 40.97 7.63
CA GLN E 583 -4.09 41.11 6.68
C GLN E 583 -3.51 42.52 6.44
N PRO E 584 -4.37 43.55 6.32
CA PRO E 584 -3.86 44.85 5.95
C PRO E 584 -2.71 45.38 6.83
N ILE E 585 -2.74 45.10 8.13
CA ILE E 585 -1.75 45.74 9.00
C ILE E 585 -0.54 44.86 9.29
N GLN E 586 -0.52 43.66 8.73
CA GLN E 586 0.53 42.70 9.10
C GLN E 586 1.97 43.09 8.78
N HIS E 587 2.17 44.10 7.94
CA HIS E 587 3.51 44.46 7.56
C HIS E 587 3.93 45.67 8.37
N MET E 588 2.96 46.32 8.99
CA MET E 588 3.18 47.64 9.54
C MET E 588 4.36 47.79 10.52
N ILE E 589 4.48 46.90 11.48
CA ILE E 589 5.52 47.06 12.48
C ILE E 589 6.88 47.23 11.81
N TYR E 590 7.08 46.54 10.70
CA TYR E 590 8.36 46.60 10.00
C TYR E 590 8.68 47.99 9.44
N LEU E 591 7.65 48.80 9.22
CA LEU E 591 7.84 50.15 8.72
C LEU E 591 8.75 51.00 9.65
N TYR E 592 8.75 50.69 10.95
CA TYR E 592 9.68 51.36 11.85
C TYR E 592 11.09 51.37 11.25
N ASP E 593 11.44 50.31 10.53
CA ASP E 593 12.79 50.23 9.98
C ASP E 593 13.02 51.39 9.04
N TYR E 594 12.01 51.73 8.26
CA TYR E 594 12.14 52.77 7.24
C TYR E 594 12.32 54.16 7.84
N ALA E 595 11.95 54.32 9.11
CA ALA E 595 11.98 55.63 9.75
C ALA E 595 13.18 55.76 10.68
N GLY E 596 14.07 54.79 10.65
CA GLY E 596 15.33 54.86 11.39
C GLY E 596 15.18 54.53 12.87
N GLN E 597 14.19 53.72 13.19
CA GLN E 597 14.01 53.26 14.55
C GLN E 597 13.69 51.77 14.56
N PRO E 598 14.61 50.95 14.04
CA PRO E 598 14.47 49.50 13.94
C PRO E 598 14.24 48.82 15.31
N TRP E 599 14.72 49.46 16.38
CA TRP E 599 14.54 48.90 17.71
C TRP E 599 13.08 48.86 18.12
N LYS E 600 12.29 49.83 17.65
CA LYS E 600 10.85 49.80 17.91
C LYS E 600 10.18 48.64 17.18
N ALA E 601 10.66 48.33 15.97
CA ALA E 601 10.16 47.17 15.27
C ALA E 601 10.56 45.91 16.02
N GLN E 602 11.81 45.85 16.49
CA GLN E 602 12.24 44.69 17.25
C GLN E 602 11.35 44.46 18.46
N TYR E 603 11.09 45.53 19.21
CA TYR E 603 10.24 45.44 20.40
C TYR E 603 8.83 44.86 20.13
N TRP E 604 8.12 45.45 19.17
CA TRP E 604 6.74 45.08 18.93
C TRP E 604 6.62 43.73 18.26
N LEU E 605 7.46 43.50 17.25
CA LEU E 605 7.51 42.19 16.62
C LEU E 605 7.61 41.07 17.67
N ARG E 606 8.51 41.21 18.63
CA ARG E 606 8.68 40.14 19.60
C ARG E 606 7.42 40.04 20.46
N GLN E 607 6.79 41.18 20.73
CA GLN E 607 5.49 41.18 21.42
C GLN E 607 4.53 40.29 20.66
N VAL E 608 4.38 40.54 19.37
CA VAL E 608 3.43 39.79 18.59
C VAL E 608 3.77 38.32 18.61
N MET E 609 5.03 37.99 18.38
CA MET E 609 5.40 36.58 18.29
C MET E 609 5.15 35.83 19.60
N ASP E 610 5.30 36.53 20.72
CA ASP E 610 5.11 35.93 22.03
C ASP E 610 3.65 35.80 22.40
N ARG E 611 2.84 36.75 21.98
CA ARG E 611 1.49 36.85 22.51
C ARG E 611 0.36 36.49 21.57
N MET E 612 0.56 36.65 20.27
CA MET E 612 -0.54 36.46 19.31
C MET E 612 -0.56 35.10 18.67
N TYR E 613 0.38 34.24 19.08
CA TYR E 613 0.47 32.90 18.55
C TYR E 613 0.75 31.90 19.67
N THR E 614 -0.12 30.91 19.79
CA THR E 614 0.12 29.85 20.76
C THR E 614 -0.15 28.58 20.01
N PRO E 615 0.44 27.48 20.48
CA PRO E 615 0.42 26.22 19.75
C PRO E 615 -0.80 25.32 19.98
N GLY E 616 -1.78 25.77 20.77
CA GLY E 616 -2.96 24.96 21.07
C GLY E 616 -4.06 25.08 20.02
N PRO E 617 -5.20 24.47 20.31
CA PRO E 617 -6.30 24.45 19.36
C PRO E 617 -6.80 25.85 19.08
N ASP E 618 -6.60 26.76 20.03
CA ASP E 618 -7.03 28.12 19.81
C ASP E 618 -5.83 29.01 19.51
N GLY E 619 -4.92 28.49 18.67
CA GLY E 619 -3.58 29.08 18.51
C GLY E 619 -3.41 30.44 17.88
N TYR E 620 -4.24 30.80 16.88
CA TYR E 620 -4.08 32.07 16.20
C TYR E 620 -4.91 33.14 16.83
N CYS E 621 -4.74 34.38 16.36
CA CYS E 621 -5.52 35.52 16.89
C CYS E 621 -6.51 36.10 15.87
N GLY E 622 -6.71 35.39 14.77
CA GLY E 622 -7.65 35.80 13.71
C GLY E 622 -7.57 34.71 12.67
N ASP E 623 -8.24 34.88 11.54
CA ASP E 623 -8.19 33.83 10.53
C ASP E 623 -6.78 33.58 10.00
N GLU E 624 -6.42 32.31 9.85
CA GLU E 624 -5.08 32.00 9.36
C GLU E 624 -4.95 32.19 7.89
N ASP E 625 -6.06 32.20 7.16
CA ASP E 625 -6.12 32.68 5.76
C ASP E 625 -5.12 32.02 4.77
N ASN E 626 -5.18 30.69 4.66
CA ASN E 626 -4.41 29.88 3.66
C ASN E 626 -2.91 30.09 3.65
N GLY E 627 -2.36 30.30 4.84
CA GLY E 627 -0.93 30.38 4.99
C GLY E 627 -0.37 31.78 5.24
N GLN E 628 -1.17 32.81 4.99
CA GLN E 628 -0.67 34.16 5.17
C GLN E 628 -0.32 34.45 6.64
N THR E 629 -1.27 34.29 7.55
CA THR E 629 -1.02 34.55 8.95
C THR E 629 0.02 33.59 9.51
N SER E 630 0.06 32.39 8.95
CA SER E 630 1.00 31.39 9.37
C SER E 630 2.42 31.76 8.91
N ALA E 631 2.56 32.08 7.61
CA ALA E 631 3.85 32.46 7.05
C ALA E 631 4.39 33.76 7.65
N TRP E 632 3.49 34.58 8.20
CA TRP E 632 3.93 35.80 8.85
C TRP E 632 4.81 35.43 10.04
N TYR E 633 4.37 34.43 10.80
CA TYR E 633 5.13 33.97 11.93
C TYR E 633 6.43 33.30 11.49
N VAL E 634 6.37 32.53 10.41
CA VAL E 634 7.55 31.84 9.94
C VAL E 634 8.66 32.83 9.61
N PHE E 635 8.32 33.80 8.78
CA PHE E 635 9.27 34.83 8.43
C PHE E 635 9.73 35.56 9.68
N SER E 636 8.77 36.09 10.43
CA SER E 636 9.11 36.91 11.57
C SER E 636 10.02 36.21 12.58
N ALA E 637 9.80 34.90 12.80
CA ALA E 637 10.63 34.11 13.70
C ALA E 637 12.07 33.99 13.19
N LEU E 638 12.22 33.99 11.87
CA LEU E 638 13.52 33.93 11.26
C LEU E 638 14.23 35.25 11.45
N GLY E 639 13.46 36.34 11.45
CA GLY E 639 14.00 37.67 11.72
C GLY E 639 13.81 38.72 10.63
N PHE E 640 13.12 38.38 9.54
CA PHE E 640 12.89 39.33 8.46
C PHE E 640 11.59 39.02 7.72
N TYR E 641 11.11 39.98 6.92
CA TYR E 641 9.79 39.90 6.31
C TYR E 641 9.80 40.61 4.96
N PRO E 642 9.11 40.03 3.97
CA PRO E 642 9.05 40.67 2.66
C PRO E 642 8.01 41.78 2.63
N VAL E 643 8.33 42.92 3.23
CA VAL E 643 7.37 44.03 3.24
C VAL E 643 6.85 44.32 1.85
N CYS E 644 7.77 44.38 0.87
CA CYS E 644 7.42 44.75 -0.50
C CYS E 644 7.80 43.68 -1.56
N PRO E 645 6.93 42.70 -1.74
CA PRO E 645 7.20 41.74 -2.79
C PRO E 645 7.32 42.48 -4.13
N GLY E 646 8.21 42.01 -5.02
CA GLY E 646 8.55 42.77 -6.21
C GLY E 646 9.93 43.40 -6.08
N THR E 647 10.42 43.58 -4.85
CA THR E 647 11.81 43.93 -4.62
C THR E 647 12.56 42.66 -4.25
N ASP E 648 13.88 42.74 -4.13
CA ASP E 648 14.64 41.56 -3.72
C ASP E 648 14.92 41.61 -2.21
N GLU E 649 14.07 42.33 -1.47
CA GLU E 649 14.38 42.71 -0.08
C GLU E 649 13.50 42.06 0.97
N TYR E 650 14.14 41.60 2.03
CA TYR E 650 13.42 41.20 3.23
C TYR E 650 13.80 42.19 4.31
N VAL E 651 12.82 42.91 4.84
CA VAL E 651 13.06 43.91 5.88
C VAL E 651 13.30 43.24 7.23
N MET E 652 14.23 43.83 7.99
CA MET E 652 14.77 43.19 9.20
C MET E 652 13.90 43.39 10.42
N GLY E 653 13.59 42.29 11.10
CA GLY E 653 12.85 42.34 12.36
C GLY E 653 13.76 41.89 13.48
N THR E 654 13.36 40.83 14.18
CA THR E 654 14.18 40.26 15.24
C THR E 654 13.95 38.76 15.27
N PRO E 655 15.03 37.98 15.30
CA PRO E 655 14.92 36.52 15.25
C PRO E 655 14.45 35.93 16.57
N LEU E 656 13.56 34.94 16.48
CA LEU E 656 13.01 34.33 17.69
C LEU E 656 13.88 33.23 18.30
N PHE E 657 14.75 32.63 17.50
CA PHE E 657 15.49 31.45 17.94
C PHE E 657 16.99 31.76 18.08
N LYS E 658 17.70 30.90 18.79
CA LYS E 658 19.14 31.10 18.93
C LYS E 658 19.87 30.73 17.65
N LYS E 659 19.30 29.80 16.89
CA LYS E 659 19.88 29.40 15.62
C LYS E 659 18.82 28.97 14.63
N ALA E 660 18.90 29.49 13.41
CA ALA E 660 18.05 28.98 12.33
C ALA E 660 18.91 28.66 11.14
N THR E 661 18.57 27.60 10.40
CA THR E 661 19.32 27.24 9.22
C THR E 661 18.36 27.06 8.05
N LEU E 662 18.66 27.70 6.93
CA LEU E 662 17.86 27.52 5.72
C LEU E 662 18.59 26.69 4.69
N HIS E 663 17.87 25.77 4.08
CA HIS E 663 18.42 24.99 2.99
C HIS E 663 17.67 25.35 1.73
N PHE E 664 18.30 26.10 0.83
CA PHE E 664 17.63 26.50 -0.41
C PHE E 664 17.69 25.42 -1.49
N GLU E 665 16.77 25.49 -2.44
CA GLU E 665 16.73 24.48 -3.48
C GLU E 665 18.02 24.47 -4.29
N ASN E 666 18.78 25.58 -4.24
CA ASN E 666 20.01 25.68 -5.04
C ASN E 666 21.21 24.99 -4.41
N GLY E 667 21.00 24.30 -3.28
CA GLY E 667 22.07 23.51 -2.68
C GLY E 667 22.82 24.19 -1.57
N ASN E 668 22.70 25.52 -1.46
CA ASN E 668 23.37 26.27 -0.40
C ASN E 668 22.56 26.31 0.89
N SER E 669 23.23 26.65 1.98
CA SER E 669 22.57 26.85 3.28
C SER E 669 22.97 28.17 3.89
N LEU E 670 22.07 28.72 4.68
CA LEU E 670 22.32 29.98 5.35
C LEU E 670 22.02 29.76 6.83
N VAL E 671 23.02 30.02 7.68
CA VAL E 671 22.81 29.88 9.12
C VAL E 671 22.67 31.24 9.80
N ILE E 672 21.60 31.41 10.57
CA ILE E 672 21.40 32.64 11.31
C ILE E 672 21.68 32.43 12.79
N ASP E 673 22.86 32.82 13.24
CA ASP E 673 23.28 32.63 14.63
C ASP E 673 22.92 33.78 15.56
N ALA E 674 22.06 33.49 16.54
CA ALA E 674 21.75 34.46 17.58
C ALA E 674 21.93 33.80 18.95
N PRO E 675 23.17 33.40 19.26
CA PRO E 675 23.52 32.59 20.43
C PRO E 675 23.03 33.19 21.72
N ASN E 676 22.86 34.51 21.73
CA ASN E 676 22.51 35.24 22.95
C ASN E 676 21.02 35.55 23.08
N ASN E 677 20.22 34.98 22.19
CA ASN E 677 18.79 35.20 22.21
C ASN E 677 18.17 34.71 23.52
N SER E 678 17.12 35.38 23.96
CA SER E 678 16.45 35.04 25.22
C SER E 678 15.07 35.66 25.20
N THR E 679 14.31 35.43 26.26
CA THR E 679 13.05 36.14 26.41
C THR E 679 13.33 37.62 26.60
N GLU E 680 14.47 37.94 27.22
CA GLU E 680 14.83 39.32 27.50
C GLU E 680 15.53 39.98 26.33
N ASN E 681 16.37 39.18 25.65
CA ASN E 681 17.27 39.72 24.66
C ASN E 681 16.69 39.72 23.27
N PHE E 682 15.77 40.64 23.00
CA PHE E 682 15.08 40.66 21.70
C PHE E 682 15.48 41.86 20.85
N TYR E 683 16.45 42.63 21.32
CA TYR E 683 16.98 43.73 20.54
C TYR E 683 18.19 43.26 19.76
N ILE E 684 18.34 43.76 18.55
CA ILE E 684 19.55 43.50 17.79
C ILE E 684 20.55 44.61 18.07
N ASP E 685 21.68 44.24 18.65
CA ASP E 685 22.73 45.21 18.93
C ASP E 685 23.69 45.40 17.75
N SER E 686 24.10 44.31 17.12
CA SER E 686 24.94 44.38 15.93
C SER E 686 24.70 43.15 15.08
N MET E 687 25.09 43.23 13.82
CA MET E 687 24.83 42.15 12.89
C MET E 687 25.99 42.07 11.91
N SER E 688 26.42 40.85 11.62
CA SER E 688 27.43 40.67 10.58
C SER E 688 27.02 39.55 9.62
N PHE E 689 27.36 39.75 8.35
CA PHE E 689 27.01 38.83 7.28
C PHE E 689 28.29 38.27 6.66
N ASN E 690 28.63 37.03 7.00
CA ASN E 690 29.85 36.43 6.51
C ASN E 690 31.07 37.25 6.90
N GLY E 691 31.08 37.76 8.14
CA GLY E 691 32.26 38.49 8.62
C GLY E 691 32.21 39.99 8.36
N ALA E 692 31.52 40.41 7.30
CA ALA E 692 31.29 41.83 7.06
C ALA E 692 30.28 42.37 8.06
N ASP E 693 30.48 43.60 8.52
CA ASP E 693 29.53 44.24 9.42
C ASP E 693 28.29 44.65 8.64
N HIS E 694 27.12 44.44 9.24
CA HIS E 694 25.88 44.66 8.51
C HIS E 694 24.92 45.57 9.25
N THR E 695 24.92 46.85 8.91
CA THR E 695 24.11 47.80 9.65
C THR E 695 22.77 48.02 8.98
N LYS E 696 22.61 47.45 7.79
CA LYS E 696 21.41 47.65 6.99
C LYS E 696 20.17 47.06 7.66
N ASN E 697 19.01 47.63 7.34
CA ASN E 697 17.74 47.09 7.83
C ASN E 697 17.05 46.09 6.91
N TYR E 698 17.80 45.49 5.99
CA TYR E 698 17.22 44.53 5.08
C TYR E 698 18.27 43.57 4.56
N LEU E 699 17.80 42.44 4.02
CA LEU E 699 18.65 41.45 3.40
C LEU E 699 18.20 41.28 1.97
N ARG E 700 19.10 40.86 1.07
CA ARG E 700 18.75 40.72 -0.33
C ARG E 700 18.66 39.27 -0.76
N HIS E 701 17.63 38.97 -1.55
CA HIS E 701 17.38 37.63 -2.06
C HIS E 701 18.65 36.96 -2.60
N GLU E 702 19.37 37.63 -3.49
CA GLU E 702 20.52 36.99 -4.12
C GLU E 702 21.64 36.72 -3.09
N ASP E 703 21.73 37.59 -2.10
CA ASP E 703 22.73 37.45 -1.02
C ASP E 703 22.44 36.22 -0.17
N LEU E 704 21.18 36.07 0.21
CA LEU E 704 20.77 34.96 1.03
C LEU E 704 21.04 33.65 0.31
N PHE E 705 20.67 33.60 -0.97
CA PHE E 705 20.87 32.40 -1.76
C PHE E 705 22.34 31.97 -1.82
N LYS E 706 23.25 32.93 -1.67
CA LYS E 706 24.68 32.57 -1.68
C LYS E 706 25.07 31.79 -0.44
N GLY E 707 24.24 31.88 0.58
CA GLY E 707 24.45 31.09 1.79
C GLY E 707 25.59 31.62 2.65
N GLY E 708 26.01 30.81 3.61
CA GLY E 708 27.04 31.23 4.56
C GLY E 708 26.44 31.42 5.95
N THR E 709 26.96 32.41 6.68
CA THR E 709 26.49 32.67 8.02
C THR E 709 26.13 34.13 8.26
N ILE E 710 25.03 34.33 8.98
CA ILE E 710 24.67 35.63 9.52
C ILE E 710 24.71 35.57 11.03
N LYS E 711 25.40 36.53 11.64
CA LYS E 711 25.53 36.54 13.08
C LYS E 711 24.78 37.72 13.67
N VAL E 712 23.96 37.45 14.67
CA VAL E 712 23.15 38.49 15.29
C VAL E 712 23.39 38.54 16.81
N ASP E 713 23.96 39.65 17.29
CA ASP E 713 24.17 39.79 18.73
C ASP E 713 22.94 40.39 19.37
N MET E 714 22.25 39.57 20.15
CA MET E 714 21.02 39.99 20.80
C MET E 714 21.34 40.71 22.09
N SER E 715 20.48 41.66 22.44
CA SER E 715 20.64 42.42 23.69
C SER E 715 19.27 42.69 24.31
N ASN E 716 19.28 43.06 25.59
CA ASN E 716 18.04 43.40 26.28
C ASN E 716 17.83 44.90 26.32
N ARG E 717 18.76 45.65 25.74
CA ARG E 717 18.60 47.10 25.64
C ARG E 717 18.69 47.51 24.18
N PRO E 718 17.85 48.47 23.75
CA PRO E 718 17.84 48.87 22.35
C PRO E 718 19.12 49.57 21.98
N ASN E 719 19.54 49.43 20.73
CA ASN E 719 20.70 50.17 20.29
C ASN E 719 20.26 51.32 19.41
N LEU E 720 20.28 52.53 19.97
CA LEU E 720 19.75 53.73 19.31
C LEU E 720 20.54 54.21 18.09
N ASN E 721 21.67 53.58 17.81
CA ASN E 721 22.55 54.04 16.72
C ASN E 721 22.60 53.14 15.49
N ARG E 722 22.17 51.90 15.64
CA ARG E 722 22.25 50.98 14.54
C ARG E 722 21.06 51.14 13.60
N GLY E 723 21.34 51.20 12.30
CA GLY E 723 20.28 51.20 11.30
C GLY E 723 19.51 52.50 11.24
N THR E 724 20.16 53.59 11.60
CA THR E 724 19.54 54.90 11.47
C THR E 724 20.10 55.63 10.26
N LYS E 725 21.27 55.20 9.80
CA LYS E 725 21.90 55.77 8.61
C LYS E 725 21.01 55.60 7.40
N GLU E 726 21.04 56.57 6.49
CA GLU E 726 20.19 56.58 5.31
C GLU E 726 20.39 55.39 4.34
N GLU E 727 21.63 54.91 4.21
CA GLU E 727 21.89 53.79 3.31
C GLU E 727 21.46 52.48 3.95
N ASP E 728 21.01 52.55 5.19
CA ASP E 728 20.45 51.37 5.85
C ASP E 728 18.98 51.14 5.52
N MET E 729 18.32 52.12 4.91
CA MET E 729 16.89 52.03 4.69
C MET E 729 16.59 51.05 3.58
N PRO E 730 15.43 50.37 3.66
CA PRO E 730 15.01 49.52 2.56
C PRO E 730 14.49 50.34 1.39
N TYR E 731 14.15 49.67 0.30
CA TYR E 731 13.70 50.34 -0.91
C TYR E 731 12.46 51.20 -0.72
N SER E 732 12.47 52.40 -1.29
CA SER E 732 11.24 53.15 -1.47
C SER E 732 11.27 53.72 -2.90
N PHE E 733 10.14 53.68 -3.57
CA PHE E 733 10.00 54.15 -4.94
C PHE E 733 10.39 55.63 -5.07
N SER E 734 9.94 56.45 -4.13
CA SER E 734 10.30 57.87 -4.12
C SER E 734 11.80 58.11 -4.25
N LYS E 735 12.61 57.21 -3.70
CA LYS E 735 14.06 57.35 -3.80
C LYS E 735 14.64 56.98 -5.17
N GLU E 736 13.88 56.28 -6.00
CA GLU E 736 14.41 55.96 -7.32
C GLU E 736 13.92 56.96 -8.38
N LYS F 1 15.23 28.75 42.17
CA LYS F 1 14.58 27.97 41.08
C LYS F 1 13.09 28.07 41.25
N ASP F 2 12.37 28.19 40.13
CA ASP F 2 10.92 28.45 40.18
C ASP F 2 10.06 27.40 39.48
N TRP F 3 9.06 26.87 40.19
CA TRP F 3 8.16 25.86 39.65
C TRP F 3 6.78 26.38 39.22
N THR F 4 6.44 27.59 39.64
CA THR F 4 5.12 28.15 39.35
C THR F 4 4.91 28.33 37.86
N GLN F 5 6.01 28.50 37.15
CA GLN F 5 5.95 28.65 35.70
C GLN F 5 5.30 27.44 35.04
N TYR F 6 5.28 26.31 35.73
CA TYR F 6 4.71 25.11 35.14
C TYR F 6 3.24 24.95 35.47
N VAL F 7 2.74 25.73 36.41
CA VAL F 7 1.38 25.55 36.88
C VAL F 7 0.41 26.24 35.97
N ASN F 8 -0.52 25.48 35.41
CA ASN F 8 -1.56 26.06 34.59
C ASN F 8 -2.90 25.98 35.30
N PRO F 9 -3.34 27.09 35.93
CA PRO F 9 -4.61 27.08 36.65
C PRO F 9 -5.83 26.89 35.74
N LEU F 10 -5.62 26.90 34.43
CA LEU F 10 -6.74 26.76 33.52
C LEU F 10 -6.99 25.31 33.21
N MET F 11 -6.09 24.46 33.67
CA MET F 11 -6.18 23.05 33.36
C MET F 11 -7.43 22.46 33.97
N GLY F 12 -8.32 21.93 33.15
CA GLY F 12 -9.55 21.40 33.68
C GLY F 12 -10.73 22.35 33.54
N SER F 13 -10.50 23.53 33.00
CA SER F 13 -11.56 24.54 32.88
C SER F 13 -12.38 24.38 31.63
N GLN F 14 -11.88 23.57 30.70
CA GLN F 14 -12.64 23.25 29.49
C GLN F 14 -13.53 22.02 29.69
N SER F 15 -14.49 22.10 30.61
CA SER F 15 -15.33 20.95 30.89
C SER F 15 -16.77 21.33 30.68
N THR F 16 -17.57 20.33 30.35
CA THR F 16 -19.00 20.50 30.23
C THR F 16 -19.73 19.46 31.06
N PHE F 17 -21.03 19.70 31.24
CA PHE F 17 -21.90 18.77 31.92
C PHE F 17 -21.77 17.33 31.40
N GLU F 18 -21.71 17.14 30.07
CA GLU F 18 -21.72 15.79 29.51
C GLU F 18 -20.39 15.09 29.56
N LEU F 19 -19.32 15.88 29.52
CA LEU F 19 -17.98 15.33 29.56
C LEU F 19 -17.14 16.25 30.42
N SER F 20 -16.58 15.71 31.49
CA SER F 20 -15.71 16.50 32.33
C SER F 20 -14.30 16.32 31.82
N THR F 21 -13.54 17.40 31.75
CA THR F 21 -12.11 17.29 31.52
C THR F 21 -11.41 17.83 32.76
N GLY F 22 -12.15 17.82 33.85
CA GLY F 22 -11.59 18.19 35.16
C GLY F 22 -12.62 18.86 36.05
N ASN F 23 -13.46 19.69 35.43
CA ASN F 23 -14.40 20.51 36.17
C ASN F 23 -13.73 21.38 37.22
N THR F 24 -12.70 22.10 36.82
CA THR F 24 -12.04 23.01 37.74
C THR F 24 -12.25 24.47 37.33
N TYR F 25 -11.85 25.38 38.20
CA TYR F 25 -11.77 26.79 37.82
C TYR F 25 -10.38 27.27 38.21
N PRO F 26 -9.96 28.42 37.66
CA PRO F 26 -8.67 28.97 38.07
C PRO F 26 -8.71 29.49 39.51
N ALA F 27 -8.26 28.65 40.43
CA ALA F 27 -8.20 29.02 41.83
C ALA F 27 -6.99 29.90 42.07
N ILE F 28 -7.21 31.22 42.11
CA ILE F 28 -6.12 32.13 42.45
C ILE F 28 -6.08 32.27 43.96
N ALA F 29 -5.07 31.71 44.59
CA ALA F 29 -5.10 31.58 46.02
C ALA F 29 -3.74 31.20 46.59
N ARG F 30 -3.61 31.30 47.90
CA ARG F 30 -2.46 30.73 48.57
C ARG F 30 -2.78 29.27 48.80
N PRO F 31 -1.76 28.48 49.10
CA PRO F 31 -1.99 27.10 49.44
C PRO F 31 -3.04 26.99 50.56
N TRP F 32 -4.05 26.15 50.36
CA TRP F 32 -5.06 25.91 51.39
C TRP F 32 -5.70 27.20 51.88
N GLY F 33 -5.67 28.24 51.04
CA GLY F 33 -6.23 29.54 51.42
C GLY F 33 -7.71 29.50 51.84
N MET F 34 -8.07 30.31 52.82
CA MET F 34 -9.44 30.33 53.30
C MET F 34 -10.39 30.88 52.28
N ASN F 35 -9.92 31.85 51.50
CA ASN F 35 -10.70 32.47 50.44
C ASN F 35 -10.00 32.32 49.11
N PHE F 36 -10.67 31.74 48.12
CA PHE F 36 -10.13 31.71 46.76
C PHE F 36 -10.72 32.85 45.94
N TRP F 37 -9.98 33.32 44.94
CA TRP F 37 -10.52 34.28 44.00
C TRP F 37 -10.42 33.75 42.58
N THR F 38 -11.44 34.02 41.77
CA THR F 38 -11.42 33.57 40.39
C THR F 38 -12.15 34.56 39.52
N PRO F 39 -11.72 34.67 38.25
CA PRO F 39 -12.55 35.36 37.29
C PRO F 39 -13.84 34.61 37.19
N GLN F 40 -14.95 35.31 37.00
CA GLN F 40 -16.23 34.65 36.89
C GLN F 40 -16.82 34.82 35.52
N THR F 41 -16.97 33.72 34.79
CA THR F 41 -17.67 33.77 33.50
C THR F 41 -19.11 33.30 33.63
N GLY F 42 -19.38 32.30 34.46
CA GLY F 42 -20.74 31.83 34.68
C GLY F 42 -21.64 32.88 35.34
N LYS F 43 -22.96 32.75 35.14
CA LYS F 43 -23.93 33.58 35.83
C LYS F 43 -24.02 33.20 37.32
N MET F 44 -24.42 34.14 38.16
CA MET F 44 -24.48 33.88 39.59
C MET F 44 -25.23 32.59 39.87
N GLY F 45 -24.64 31.71 40.67
CA GLY F 45 -25.32 30.48 41.08
C GLY F 45 -24.97 29.23 40.27
N ASP F 46 -24.43 29.42 39.08
CA ASP F 46 -24.04 28.34 38.23
C ASP F 46 -22.73 27.71 38.70
N GLY F 47 -22.78 26.41 38.97
CA GLY F 47 -21.62 25.64 39.37
C GLY F 47 -20.43 25.78 38.45
N TRP F 48 -20.69 26.00 37.17
CA TRP F 48 -19.61 26.22 36.24
C TRP F 48 -19.30 27.70 36.19
N GLN F 49 -18.55 28.18 37.18
CA GLN F 49 -18.37 29.61 37.37
C GLN F 49 -17.33 30.18 36.41
N TYR F 50 -16.41 29.34 35.94
CA TYR F 50 -15.48 29.76 34.92
C TYR F 50 -15.38 28.65 33.94
N THR F 51 -15.64 28.90 32.65
CA THR F 51 -15.43 27.87 31.64
C THR F 51 -14.55 28.37 30.52
N TYR F 52 -13.63 27.54 30.03
CA TYR F 52 -12.64 27.99 29.08
C TYR F 52 -13.24 28.56 27.80
N THR F 53 -14.41 28.09 27.41
CA THR F 53 -14.96 28.53 26.14
C THR F 53 -15.84 29.74 26.30
N ALA F 54 -15.96 30.26 27.51
CA ALA F 54 -16.86 31.39 27.71
C ALA F 54 -16.20 32.65 27.14
N ASN F 55 -17.01 33.58 26.64
CA ASN F 55 -16.52 34.81 26.05
C ASN F 55 -16.39 36.00 26.99
N LYS F 56 -17.20 36.02 28.04
CA LYS F 56 -17.30 37.21 28.86
C LYS F 56 -17.03 36.95 30.32
N ILE F 57 -16.39 37.91 30.98
CA ILE F 57 -16.20 37.89 32.43
C ILE F 57 -17.19 38.90 33.03
N ARG F 58 -17.91 38.48 34.06
CA ARG F 58 -18.92 39.38 34.64
C ARG F 58 -18.55 39.82 36.07
N GLY F 59 -17.38 39.43 36.53
CA GLY F 59 -16.94 39.82 37.84
C GLY F 59 -15.74 39.02 38.31
N PHE F 60 -15.12 39.51 39.37
CA PHE F 60 -14.04 38.79 40.01
C PHE F 60 -14.54 38.37 41.37
N LYS F 61 -14.66 37.05 41.54
CA LYS F 61 -15.44 36.48 42.63
C LYS F 61 -14.61 35.83 43.73
N GLN F 62 -15.07 36.02 44.96
CA GLN F 62 -14.51 35.28 46.08
C GLN F 62 -15.31 34.02 46.18
N THR F 63 -14.63 32.88 46.11
CA THR F 63 -15.34 31.61 46.05
C THR F 63 -14.73 30.59 47.01
N HIS F 64 -15.54 29.61 47.40
CA HIS F 64 -15.09 28.52 48.24
C HIS F 64 -15.47 27.17 47.65
N GLN F 65 -16.07 27.22 46.47
CA GLN F 65 -16.60 26.04 45.78
C GLN F 65 -15.58 24.96 45.53
N PRO F 66 -15.84 23.75 46.04
CA PRO F 66 -15.01 22.57 45.81
C PRO F 66 -15.34 21.83 44.52
N SER F 67 -16.53 22.04 43.96
CA SER F 67 -16.98 21.26 42.81
C SER F 67 -18.22 21.93 42.22
N PRO F 68 -18.38 21.88 40.88
CA PRO F 68 -19.61 22.43 40.31
C PRO F 68 -20.82 21.71 40.92
N TRP F 69 -20.70 20.42 41.17
CA TRP F 69 -21.80 19.67 41.74
C TRP F 69 -22.17 20.10 43.15
N ILE F 70 -21.17 20.37 43.97
CA ILE F 70 -21.39 20.82 45.33
C ILE F 70 -21.80 22.31 45.43
N ASN F 71 -21.25 23.13 44.54
CA ASN F 71 -21.55 24.55 44.44
C ASN F 71 -20.92 25.40 45.56
N ASP F 72 -21.28 26.68 45.63
CA ASP F 72 -20.50 27.65 46.42
C ASP F 72 -21.19 28.17 47.70
N TYR F 73 -20.43 28.87 48.54
CA TYR F 73 -20.93 29.59 49.69
C TYR F 73 -19.89 30.67 50.00
N GLY F 74 -20.29 31.70 50.75
CA GLY F 74 -19.39 32.80 51.12
C GLY F 74 -18.86 33.49 49.89
N GLN F 75 -19.78 33.91 49.03
CA GLN F 75 -19.43 34.35 47.70
C GLN F 75 -19.92 35.77 47.41
N PHE F 76 -19.01 36.60 46.90
CA PHE F 76 -19.39 37.89 46.36
C PHE F 76 -18.39 38.26 45.26
N SER F 77 -18.73 39.28 44.47
CA SER F 77 -17.86 39.65 43.39
C SER F 77 -17.67 41.16 43.24
N ILE F 78 -16.67 41.52 42.46
CA ILE F 78 -16.34 42.91 42.19
C ILE F 78 -16.09 43.03 40.68
N MET F 79 -16.50 44.13 40.07
CA MET F 79 -16.38 44.26 38.62
C MET F 79 -16.21 45.71 38.24
N PRO F 80 -15.09 46.07 37.58
CA PRO F 80 -14.89 47.44 37.15
C PRO F 80 -15.54 47.64 35.80
N ILE F 81 -16.08 48.82 35.55
CA ILE F 81 -16.74 49.10 34.29
C ILE F 81 -16.58 50.56 33.94
N VAL F 82 -17.11 50.93 32.79
CA VAL F 82 -16.95 52.26 32.24
C VAL F 82 -18.23 52.61 31.48
N GLY F 83 -18.60 53.88 31.45
CA GLY F 83 -19.81 54.29 30.73
C GLY F 83 -21.03 54.45 31.62
N GLN F 84 -22.05 53.66 31.37
CA GLN F 84 -23.23 53.70 32.24
C GLN F 84 -22.96 52.88 33.49
N PRO F 85 -23.44 53.36 34.67
CA PRO F 85 -23.38 52.59 35.90
C PRO F 85 -24.46 51.51 35.92
N VAL F 86 -24.08 50.27 35.68
CA VAL F 86 -25.05 49.19 35.56
C VAL F 86 -24.67 48.07 36.51
N PHE F 87 -25.66 47.51 37.20
CA PHE F 87 -25.38 46.46 38.16
C PHE F 87 -25.67 45.08 37.60
N ASP F 88 -26.62 45.01 36.70
CA ASP F 88 -26.97 43.76 36.06
C ASP F 88 -25.73 42.96 35.64
N GLU F 89 -25.74 41.66 35.93
CA GLU F 89 -24.57 40.82 35.69
C GLU F 89 -24.29 40.49 34.23
N GLU F 90 -25.21 40.78 33.33
CA GLU F 90 -24.96 40.61 31.90
C GLU F 90 -24.54 41.92 31.29
N LYS F 91 -25.26 42.99 31.62
CA LYS F 91 -24.93 44.32 31.11
C LYS F 91 -23.55 44.80 31.54
N ARG F 92 -23.06 44.35 32.68
CA ARG F 92 -21.75 44.80 33.09
C ARG F 92 -20.63 43.94 32.52
N ALA F 93 -21.01 42.80 31.96
CA ALA F 93 -20.04 41.80 31.52
C ALA F 93 -19.21 42.31 30.37
N SER F 94 -17.96 41.84 30.26
CA SER F 94 -17.09 42.21 29.16
C SER F 94 -16.52 41.02 28.42
N TRP F 95 -16.41 41.13 27.12
CA TRP F 95 -15.60 40.20 26.34
C TRP F 95 -14.14 40.18 26.82
N PHE F 96 -13.49 39.03 26.60
CA PHE F 96 -12.06 38.91 26.82
C PHE F 96 -11.57 37.72 26.00
N ALA F 97 -10.27 37.53 25.96
CA ALA F 97 -9.74 36.35 25.28
C ALA F 97 -8.55 35.85 26.06
N HIS F 98 -8.29 34.54 25.98
CA HIS F 98 -7.26 33.95 26.82
C HIS F 98 -5.86 34.52 26.53
N LYS F 99 -5.65 34.99 25.29
CA LYS F 99 -4.40 35.63 24.93
C LYS F 99 -4.28 37.03 25.55
N GLY F 100 -5.36 37.49 26.20
CA GLY F 100 -5.35 38.76 26.90
C GLY F 100 -5.43 38.52 28.40
N GLU F 101 -5.20 37.28 28.78
CA GLU F 101 -5.33 36.83 30.17
C GLU F 101 -4.06 36.12 30.63
N VAL F 102 -3.67 36.37 31.87
CA VAL F 102 -2.52 35.67 32.45
C VAL F 102 -2.94 35.10 33.80
N ALA F 103 -2.93 33.77 33.91
CA ALA F 103 -3.35 33.09 35.14
C ALA F 103 -2.21 32.35 35.82
N THR F 104 -1.88 32.72 37.05
CA THR F 104 -0.94 31.96 37.87
C THR F 104 -1.59 31.79 39.22
N PRO F 105 -1.07 30.87 40.05
CA PRO F 105 -1.64 30.67 41.38
C PRO F 105 -1.63 31.96 42.21
N TYR F 106 -0.62 32.80 42.00
CA TYR F 106 -0.39 33.93 42.89
C TYR F 106 -0.80 35.27 42.28
N TYR F 107 -1.19 35.23 41.01
CA TYR F 107 -1.41 36.46 40.26
C TYR F 107 -2.35 36.25 39.08
N TYR F 108 -3.33 37.12 38.93
CA TYR F 108 -4.25 36.98 37.80
C TYR F 108 -4.47 38.31 37.08
N LYS F 109 -4.37 38.29 35.75
CA LYS F 109 -4.52 39.51 34.98
C LYS F 109 -5.38 39.29 33.75
N VAL F 110 -6.21 40.26 33.42
CA VAL F 110 -7.04 40.12 32.24
C VAL F 110 -7.45 41.49 31.71
N TYR F 111 -7.54 41.59 30.38
CA TYR F 111 -8.00 42.81 29.74
C TYR F 111 -9.49 42.69 29.42
N LEU F 112 -10.31 43.57 29.97
CA LEU F 112 -11.74 43.54 29.70
C LEU F 112 -12.01 44.39 28.47
N ALA F 113 -12.23 43.74 27.33
CA ALA F 113 -12.24 44.45 26.04
C ALA F 113 -13.38 45.44 25.85
N GLU F 114 -14.50 45.23 26.53
CA GLU F 114 -15.62 46.15 26.37
C GLU F 114 -15.55 47.36 27.29
N HIS F 115 -14.62 47.34 28.25
CA HIS F 115 -14.46 48.50 29.10
C HIS F 115 -13.11 49.15 28.87
N ASP F 116 -12.21 48.46 28.18
CA ASP F 116 -10.85 48.96 28.04
C ASP F 116 -10.22 49.10 29.42
N ILE F 117 -10.41 48.09 30.26
CA ILE F 117 -9.85 48.05 31.60
C ILE F 117 -9.02 46.81 31.83
N VAL F 118 -7.86 46.97 32.46
CA VAL F 118 -7.04 45.83 32.83
C VAL F 118 -7.25 45.56 34.31
N THR F 119 -7.54 44.31 34.67
CA THR F 119 -7.74 43.96 36.09
C THR F 119 -6.64 43.03 36.53
N GLU F 120 -6.01 43.34 37.65
CA GLU F 120 -5.07 42.39 38.25
C GLU F 120 -5.42 42.11 39.71
N MET F 121 -5.26 40.86 40.13
CA MET F 121 -5.45 40.53 41.53
C MET F 121 -4.34 39.63 42.06
N THR F 122 -3.94 39.87 43.30
CA THR F 122 -3.04 39.00 44.03
C THR F 122 -3.61 38.75 45.42
N PRO F 123 -3.77 37.49 45.78
CA PRO F 123 -4.37 37.19 47.08
C PRO F 123 -3.40 36.75 48.16
N THR F 124 -3.89 36.77 49.39
CA THR F 124 -3.19 36.22 50.53
C THR F 124 -4.12 35.13 51.00
N GLU F 125 -3.88 34.54 52.17
CA GLU F 125 -4.76 33.50 52.63
C GLU F 125 -6.21 33.96 52.81
N ARG F 126 -6.41 35.17 53.31
CA ARG F 126 -7.76 35.62 53.55
C ARG F 126 -8.09 36.94 52.87
N ALA F 127 -7.09 37.60 52.29
CA ALA F 127 -7.32 38.89 51.65
C ALA F 127 -6.82 38.90 50.22
N VAL F 128 -7.06 40.02 49.54
CA VAL F 128 -6.64 40.12 48.15
C VAL F 128 -6.49 41.58 47.76
N LEU F 129 -5.60 41.86 46.81
CA LEU F 129 -5.45 43.20 46.26
C LEU F 129 -5.83 43.24 44.79
N PHE F 130 -6.73 44.14 44.42
CA PHE F 130 -7.05 44.35 43.03
C PHE F 130 -6.37 45.62 42.57
N ARG F 131 -5.92 45.64 41.32
CA ARG F 131 -5.47 46.89 40.72
C ARG F 131 -6.19 47.04 39.39
N PHE F 132 -7.00 48.09 39.26
CA PHE F 132 -7.75 48.32 38.02
C PHE F 132 -7.06 49.41 37.24
N THR F 133 -6.68 49.13 36.00
CA THR F 133 -6.13 50.17 35.15
C THR F 133 -7.20 50.67 34.21
N PHE F 134 -7.68 51.89 34.48
CA PHE F 134 -8.82 52.43 33.76
C PHE F 134 -8.37 53.21 32.56
N PRO F 135 -9.28 53.40 31.61
CA PRO F 135 -9.00 54.24 30.46
C PRO F 135 -9.41 55.65 30.85
N GLU F 136 -9.19 56.59 29.95
CA GLU F 136 -9.65 57.93 30.19
C GLU F 136 -11.15 57.99 30.04
N ASN F 137 -11.84 58.32 31.12
CA ASN F 137 -13.28 58.38 31.07
C ASN F 137 -13.80 59.27 32.19
N ASP F 138 -14.92 59.93 31.94
CA ASP F 138 -15.55 60.72 32.98
C ASP F 138 -16.42 59.85 33.86
N HIS F 139 -16.67 58.64 33.41
CA HIS F 139 -17.52 57.71 34.15
C HIS F 139 -16.89 56.34 34.27
N SER F 140 -15.99 56.20 35.23
CA SER F 140 -15.45 54.88 35.55
C SER F 140 -16.10 54.45 36.84
N TYR F 141 -16.49 53.19 36.92
CA TYR F 141 -17.15 52.69 38.13
C TYR F 141 -16.56 51.38 38.55
N VAL F 142 -16.83 51.00 39.80
CA VAL F 142 -16.54 49.67 40.29
C VAL F 142 -17.81 49.15 40.95
N VAL F 143 -18.28 47.99 40.50
CA VAL F 143 -19.51 47.38 41.01
C VAL F 143 -19.13 46.35 42.03
N VAL F 144 -19.86 46.35 43.15
CA VAL F 144 -19.67 45.33 44.18
C VAL F 144 -20.96 44.58 44.37
N ASP F 145 -20.90 43.26 44.26
CA ASP F 145 -22.07 42.42 44.24
C ASP F 145 -22.07 41.48 45.43
N ALA F 146 -23.05 41.60 46.31
CA ALA F 146 -23.12 40.72 47.50
C ALA F 146 -23.90 39.43 47.24
N PHE F 147 -24.41 39.30 46.02
CA PHE F 147 -25.14 38.12 45.64
C PHE F 147 -26.48 38.12 46.35
N ASP F 148 -27.34 37.13 46.08
CA ASP F 148 -28.70 37.22 46.57
C ASP F 148 -28.93 36.32 47.76
N LYS F 149 -30.19 35.99 47.99
CA LYS F 149 -30.59 35.14 49.10
C LYS F 149 -30.38 35.80 50.45
N GLY F 150 -30.38 37.13 50.49
CA GLY F 150 -30.18 37.88 51.72
C GLY F 150 -28.74 38.30 51.92
N SER F 151 -28.47 39.58 51.70
CA SER F 151 -27.13 40.11 51.81
C SER F 151 -27.22 41.53 52.35
N TYR F 152 -26.07 42.16 52.55
CA TYR F 152 -26.05 43.48 53.15
C TYR F 152 -24.85 44.27 52.64
N ILE F 153 -25.06 45.55 52.40
CA ILE F 153 -24.03 46.41 51.81
C ILE F 153 -24.09 47.78 52.44
N LYS F 154 -22.93 48.43 52.56
CA LYS F 154 -22.85 49.78 53.14
C LYS F 154 -21.64 50.54 52.67
N ILE F 155 -21.88 51.77 52.21
CA ILE F 155 -20.81 52.59 51.66
C ILE F 155 -20.40 53.63 52.67
N ILE F 156 -19.10 53.70 52.95
CA ILE F 156 -18.57 54.67 53.92
C ILE F 156 -17.63 55.58 53.16
N PRO F 157 -18.17 56.67 52.60
CA PRO F 157 -17.38 57.57 51.77
C PRO F 157 -16.16 58.12 52.52
N GLU F 158 -16.31 58.49 53.80
CA GLU F 158 -15.23 59.13 54.53
C GLU F 158 -14.07 58.21 54.76
N GLU F 159 -14.18 56.97 54.31
CA GLU F 159 -13.08 56.03 54.44
C GLU F 159 -12.79 55.33 53.12
N ASN F 160 -13.38 55.85 52.04
CA ASN F 160 -13.23 55.22 50.71
C ASN F 160 -13.50 53.74 50.80
N LYS F 161 -14.56 53.39 51.51
CA LYS F 161 -14.74 52.01 51.93
C LYS F 161 -16.13 51.47 51.60
N ILE F 162 -16.17 50.22 51.14
CA ILE F 162 -17.41 49.49 51.07
C ILE F 162 -17.32 48.26 51.95
N ILE F 163 -18.29 48.08 52.84
CA ILE F 163 -18.40 46.84 53.58
C ILE F 163 -19.75 46.16 53.32
N GLY F 164 -19.82 44.88 53.63
CA GLY F 164 -21.08 44.16 53.48
C GLY F 164 -20.91 42.72 53.90
N TYR F 165 -21.99 41.95 53.82
CA TYR F 165 -21.88 40.52 54.02
C TYR F 165 -22.73 39.80 53.00
N THR F 166 -22.29 38.59 52.65
CA THR F 166 -22.99 37.76 51.68
C THR F 166 -23.44 36.49 52.40
N THR F 167 -24.54 35.89 51.96
CA THR F 167 -24.95 34.64 52.59
C THR F 167 -25.34 33.53 51.64
N ARG F 168 -25.47 33.81 50.35
CA ARG F 168 -25.90 32.77 49.42
C ARG F 168 -25.05 31.51 49.57
N ASN F 169 -25.69 30.37 49.81
CA ASN F 169 -24.95 29.14 49.97
C ASN F 169 -25.67 27.95 49.36
N SER F 170 -25.05 26.77 49.47
CA SER F 170 -25.62 25.59 48.84
C SER F 170 -25.93 24.52 49.87
N GLY F 171 -26.07 24.92 51.11
CA GLY F 171 -26.43 23.99 52.18
C GLY F 171 -25.29 23.82 53.17
N GLY F 172 -25.51 23.08 54.23
CA GLY F 172 -24.46 22.77 55.16
C GLY F 172 -23.92 23.99 55.88
N VAL F 173 -24.83 24.89 56.24
CA VAL F 173 -24.44 26.04 57.06
C VAL F 173 -25.41 26.23 58.21
N PRO F 174 -24.91 26.78 59.31
CA PRO F 174 -25.78 27.14 60.43
C PRO F 174 -26.68 28.34 60.09
N GLU F 175 -27.77 28.51 60.84
CA GLU F 175 -28.75 29.54 60.53
C GLU F 175 -28.13 30.93 60.46
N ASN F 176 -27.09 31.19 61.26
CA ASN F 176 -26.47 32.52 61.32
C ASN F 176 -25.32 32.74 60.35
N PHE F 177 -25.18 31.88 59.35
CA PHE F 177 -24.04 31.96 58.45
C PHE F 177 -23.92 33.29 57.72
N LYS F 178 -22.73 33.88 57.75
CA LYS F 178 -22.46 35.12 57.02
C LYS F 178 -21.01 35.18 56.63
N ASN F 179 -20.73 35.79 55.49
CA ASN F 179 -19.37 36.15 55.17
C ASN F 179 -19.28 37.65 55.17
N TYR F 180 -18.48 38.19 56.09
CA TYR F 180 -18.31 39.64 56.23
C TYR F 180 -17.13 40.10 55.40
N PHE F 181 -17.34 41.10 54.52
CA PHE F 181 -16.23 41.61 53.72
C PHE F 181 -16.06 43.10 53.83
N ILE F 182 -14.82 43.54 53.60
CA ILE F 182 -14.46 44.94 53.60
C ILE F 182 -13.62 45.26 52.36
N ILE F 183 -13.92 46.41 51.76
CA ILE F 183 -13.22 46.85 50.55
C ILE F 183 -12.77 48.31 50.69
N GLU F 184 -11.46 48.54 50.60
CA GLU F 184 -10.89 49.87 50.71
C GLU F 184 -10.32 50.30 49.36
N PHE F 185 -10.80 51.44 48.85
CA PHE F 185 -10.24 52.02 47.61
C PHE F 185 -9.25 53.14 47.93
N ASP F 186 -8.23 53.27 47.09
CA ASP F 186 -7.28 54.36 47.26
C ASP F 186 -7.64 55.56 46.36
N LYS F 187 -8.93 55.70 46.04
CA LYS F 187 -9.39 56.80 45.19
C LYS F 187 -10.78 57.21 45.65
N PRO F 188 -11.01 58.51 45.86
CA PRO F 188 -12.27 58.98 46.47
C PRO F 188 -13.42 58.75 45.53
N PHE F 189 -14.59 58.42 46.05
CA PHE F 189 -15.79 58.23 45.23
C PHE F 189 -16.42 59.53 44.86
N THR F 190 -16.57 59.78 43.57
CA THR F 190 -17.25 60.94 43.10
C THR F 190 -18.69 60.57 42.86
N TYR F 191 -18.96 59.28 42.80
CA TYR F 191 -20.29 58.80 42.55
C TYR F 191 -20.49 57.63 43.49
N LYS F 192 -21.69 57.47 44.02
CA LYS F 192 -21.92 56.36 44.93
C LYS F 192 -23.38 56.03 44.98
N ALA F 193 -23.70 54.75 44.88
CA ALA F 193 -25.08 54.30 44.95
C ALA F 193 -25.05 52.90 45.48
N THR F 194 -26.10 52.53 46.21
CA THR F 194 -26.25 51.14 46.61
C THR F 194 -27.32 50.54 45.75
N VAL F 195 -27.39 49.22 45.72
CA VAL F 195 -28.33 48.56 44.83
C VAL F 195 -29.26 47.70 45.63
N GLU F 196 -30.54 47.78 45.32
CA GLU F 196 -31.50 47.07 46.10
C GLU F 196 -32.46 46.34 45.19
N ASN F 197 -32.15 45.07 44.99
CA ASN F 197 -32.92 44.20 44.13
C ASN F 197 -33.04 44.81 42.76
N GLY F 198 -31.88 45.02 42.15
CA GLY F 198 -31.81 45.55 40.82
C GLY F 198 -31.97 47.06 40.73
N ASN F 199 -32.58 47.67 41.74
CA ASN F 199 -32.75 49.13 41.74
C ASN F 199 -31.52 49.92 42.15
N LEU F 200 -31.11 50.85 41.30
CA LEU F 200 -29.97 51.68 41.58
C LEU F 200 -30.43 52.84 42.44
N GLN F 201 -29.82 53.06 43.60
CA GLN F 201 -30.18 54.21 44.45
C GLN F 201 -28.98 55.07 44.76
N GLU F 202 -28.90 56.21 44.10
CA GLU F 202 -27.77 57.09 44.31
C GLU F 202 -27.82 57.68 45.71
N ASN F 203 -26.68 57.63 46.37
CA ASN F 203 -26.54 58.30 47.66
C ASN F 203 -27.31 57.69 48.80
N VAL F 204 -27.94 56.54 48.57
CA VAL F 204 -28.46 55.76 49.69
C VAL F 204 -27.31 54.88 50.18
N ALA F 205 -26.94 55.04 51.44
CA ALA F 205 -25.70 54.50 52.00
C ALA F 205 -25.69 52.98 52.26
N GLU F 206 -26.86 52.39 52.40
CA GLU F 206 -26.93 51.11 53.04
C GLU F 206 -28.12 50.29 52.55
N GLN F 207 -27.89 48.99 52.39
CA GLN F 207 -29.00 48.10 52.04
C GLN F 207 -28.93 46.79 52.82
N THR F 208 -30.07 46.39 53.36
CA THR F 208 -30.24 45.06 53.92
C THR F 208 -31.41 44.47 53.16
N THR F 209 -31.13 43.57 52.23
CA THR F 209 -32.15 43.12 51.31
C THR F 209 -31.75 41.79 50.69
N ASP F 210 -32.63 41.21 49.87
CA ASP F 210 -32.33 39.93 49.27
C ASP F 210 -31.02 39.98 48.48
N HIS F 211 -30.83 41.02 47.66
CA HIS F 211 -29.66 41.08 46.78
C HIS F 211 -29.06 42.48 46.81
N ALA F 212 -28.14 42.69 47.75
CA ALA F 212 -27.51 43.99 47.93
C ALA F 212 -26.35 44.18 46.97
N GLY F 213 -26.13 45.42 46.58
CA GLY F 213 -24.98 45.77 45.76
C GLY F 213 -24.55 47.22 45.94
N ALA F 214 -23.37 47.54 45.47
CA ALA F 214 -22.92 48.93 45.45
C ALA F 214 -22.24 49.25 44.11
N ILE F 215 -22.35 50.52 43.70
CA ILE F 215 -21.55 51.04 42.61
C ILE F 215 -20.95 52.38 43.03
N ILE F 216 -19.62 52.48 42.99
CA ILE F 216 -18.95 53.76 43.20
C ILE F 216 -18.18 54.15 41.96
N GLY F 217 -17.97 55.45 41.76
CA GLY F 217 -17.32 55.91 40.53
C GLY F 217 -16.48 57.16 40.66
N PHE F 218 -15.86 57.56 39.56
CA PHE F 218 -14.98 58.70 39.53
C PHE F 218 -14.52 58.96 38.13
N LYS F 219 -13.85 60.10 37.92
CA LYS F 219 -13.24 60.39 36.64
C LYS F 219 -11.86 59.76 36.63
N THR F 220 -11.44 59.20 35.52
CA THR F 220 -10.11 58.61 35.44
C THR F 220 -9.31 59.16 34.26
N ARG F 221 -8.00 59.32 34.48
CA ARG F 221 -7.07 59.65 33.40
C ARG F 221 -6.69 58.36 32.68
N LYS F 222 -6.30 58.46 31.41
CA LYS F 222 -5.86 57.28 30.70
C LYS F 222 -4.77 56.57 31.50
N GLY F 223 -4.97 55.28 31.76
CA GLY F 223 -3.97 54.49 32.46
C GLY F 223 -3.96 54.65 33.98
N GLU F 224 -4.91 55.42 34.51
CA GLU F 224 -4.97 55.62 35.95
C GLU F 224 -5.26 54.31 36.68
N GLN F 225 -4.52 54.05 37.75
CA GLN F 225 -4.70 52.83 38.49
C GLN F 225 -5.43 53.12 39.79
N VAL F 226 -6.41 52.27 40.09
CA VAL F 226 -7.14 52.34 41.33
C VAL F 226 -6.91 51.01 42.00
N ASN F 227 -6.46 51.03 43.25
CA ASN F 227 -6.31 49.77 43.98
C ASN F 227 -7.43 49.55 44.98
N ALA F 228 -7.85 48.30 45.11
CA ALA F 228 -8.85 47.95 46.09
C ALA F 228 -8.33 46.83 46.97
N ARG F 229 -8.25 47.10 48.27
CA ARG F 229 -7.86 46.12 49.28
C ARG F 229 -9.09 45.41 49.81
N ILE F 230 -9.11 44.08 49.76
CA ILE F 230 -10.31 43.34 50.15
C ILE F 230 -9.98 42.22 51.12
N ALA F 231 -10.89 41.97 52.05
CA ALA F 231 -10.77 40.83 52.95
C ALA F 231 -12.12 40.37 53.47
N SER F 232 -12.20 39.13 53.93
CA SER F 232 -13.42 38.67 54.56
C SER F 232 -13.18 37.77 55.77
N SER F 233 -14.22 37.60 56.57
CA SER F 233 -14.15 36.66 57.66
C SER F 233 -15.50 35.97 57.74
N PHE F 234 -15.52 34.84 58.42
CA PHE F 234 -16.77 34.17 58.68
C PHE F 234 -17.22 34.52 60.09
N ILE F 235 -16.47 35.43 60.70
CA ILE F 235 -16.67 35.76 62.10
C ILE F 235 -17.30 37.12 62.38
N SER F 236 -16.66 38.19 61.92
CA SER F 236 -17.18 39.51 62.19
C SER F 236 -16.51 40.53 61.29
N PHE F 237 -17.03 41.74 61.26
CA PHE F 237 -16.37 42.80 60.50
C PHE F 237 -15.05 43.13 61.13
N GLU F 238 -15.03 43.12 62.46
CA GLU F 238 -13.80 43.42 63.17
C GLU F 238 -12.72 42.45 62.72
N GLN F 239 -13.12 41.19 62.59
CA GLN F 239 -12.19 40.15 62.23
C GLN F 239 -11.76 40.30 60.78
N ALA F 240 -12.69 40.73 59.92
CA ALA F 240 -12.36 40.94 58.52
C ALA F 240 -11.29 42.01 58.43
N ALA F 241 -11.43 43.03 59.27
CA ALA F 241 -10.49 44.15 59.24
C ALA F 241 -9.11 43.69 59.69
N ALA F 242 -9.07 42.75 60.63
CA ALA F 242 -7.82 42.16 61.06
C ALA F 242 -7.21 41.33 59.92
N ASN F 243 -8.04 40.54 59.24
CA ASN F 243 -7.57 39.75 58.12
C ASN F 243 -6.97 40.64 57.03
N MET F 244 -7.54 41.83 56.86
CA MET F 244 -7.05 42.78 55.88
C MET F 244 -5.55 43.07 56.04
N ASN F 245 -5.02 42.91 57.24
CA ASN F 245 -3.61 43.22 57.47
C ASN F 245 -2.65 42.29 56.78
N GLU F 246 -3.15 41.16 56.28
CA GLU F 246 -2.31 40.24 55.54
C GLU F 246 -1.72 40.93 54.30
N LEU F 247 -2.41 41.97 53.82
CA LEU F 247 -1.97 42.72 52.65
C LEU F 247 -0.85 43.69 53.00
N GLY F 248 -0.75 44.04 54.29
CA GLY F 248 0.22 45.04 54.75
C GLY F 248 0.04 46.33 53.99
N LYS F 249 1.13 46.90 53.49
CA LYS F 249 1.07 48.07 52.62
C LYS F 249 1.55 47.71 51.22
N ASP F 250 1.54 46.42 50.90
CA ASP F 250 2.11 45.94 49.64
C ASP F 250 1.31 46.35 48.41
N ASN F 251 2.00 46.43 47.28
CA ASN F 251 1.36 46.66 46.00
C ASN F 251 1.24 45.32 45.26
N ILE F 252 0.68 45.35 44.05
CA ILE F 252 0.49 44.14 43.26
C ILE F 252 1.79 43.33 43.14
N GLU F 253 2.87 44.01 42.76
CA GLU F 253 4.15 43.35 42.56
C GLU F 253 4.63 42.60 43.80
N GLN F 254 4.61 43.28 44.94
CA GLN F 254 5.15 42.68 46.16
C GLN F 254 4.28 41.50 46.60
N LEU F 255 2.97 41.64 46.45
CA LEU F 255 2.10 40.55 46.86
C LEU F 255 2.26 39.37 45.92
N ALA F 256 2.33 39.64 44.63
CA ALA F 256 2.57 38.60 43.66
C ALA F 256 3.83 37.84 44.04
N GLN F 257 4.88 38.57 44.37
CA GLN F 257 6.15 37.96 44.72
C GLN F 257 5.97 37.06 45.95
N LYS F 258 5.24 37.54 46.95
CA LYS F 258 5.07 36.75 48.17
C LYS F 258 4.28 35.48 47.90
N GLY F 259 3.23 35.59 47.07
CA GLY F 259 2.42 34.43 46.66
C GLY F 259 3.23 33.44 45.83
N LYS F 260 4.04 33.94 44.91
CA LYS F 260 4.95 33.09 44.17
C LYS F 260 5.91 32.35 45.12
N ASP F 261 6.52 33.09 46.03
CA ASP F 261 7.38 32.51 47.04
C ASP F 261 6.65 31.41 47.82
N ALA F 262 5.41 31.71 48.20
CA ALA F 262 4.61 30.80 49.01
C ALA F 262 4.41 29.50 48.26
N TRP F 263 4.09 29.61 46.98
CA TRP F 263 3.84 28.43 46.17
C TRP F 263 5.10 27.65 45.85
N ASN F 264 6.17 28.36 45.52
CA ASN F 264 7.43 27.69 45.25
C ASN F 264 7.93 26.93 46.46
N GLN F 265 7.57 27.46 47.62
CA GLN F 265 7.98 26.85 48.85
C GLN F 265 7.37 25.45 49.02
N VAL F 266 6.13 25.26 48.54
CA VAL F 266 5.50 23.93 48.65
C VAL F 266 5.69 23.09 47.39
N LEU F 267 5.62 23.71 46.23
CA LEU F 267 5.90 22.99 44.99
C LEU F 267 7.34 22.45 45.00
N GLY F 268 8.26 23.22 45.56
CA GLY F 268 9.68 22.87 45.57
C GLY F 268 10.08 21.67 46.42
N LYS F 269 9.15 21.17 47.21
CA LYS F 269 9.38 19.98 48.03
C LYS F 269 9.53 18.73 47.14
N ILE F 270 9.14 18.85 45.87
CA ILE F 270 9.27 17.77 44.89
C ILE F 270 9.85 18.28 43.56
N GLU F 271 11.14 18.10 43.37
CA GLU F 271 11.77 18.52 42.12
C GLU F 271 11.85 17.34 41.17
N VAL F 272 11.46 17.56 39.93
CA VAL F 272 11.58 16.54 38.90
C VAL F 272 12.44 17.07 37.76
N GLU F 273 13.19 16.18 37.11
CA GLU F 273 14.00 16.54 35.96
C GLU F 273 14.02 15.39 34.98
N GLY F 274 14.47 15.69 33.77
CA GLY F 274 14.61 14.65 32.74
C GLY F 274 13.25 14.22 32.22
N GLY F 275 12.42 15.19 31.89
CA GLY F 275 11.14 14.94 31.26
C GLY F 275 10.91 16.06 30.27
N ASN F 276 9.83 15.97 29.50
CA ASN F 276 9.49 17.02 28.54
C ASN F 276 8.63 18.09 29.19
N LEU F 277 8.48 19.21 28.51
CA LEU F 277 7.75 20.35 29.05
C LEU F 277 6.30 20.02 29.40
N ASP F 278 5.67 19.18 28.59
CA ASP F 278 4.30 18.78 28.87
C ASP F 278 4.21 18.12 30.22
N GLN F 279 5.19 17.26 30.50
CA GLN F 279 5.20 16.50 31.74
C GLN F 279 5.42 17.42 32.93
N TYR F 280 6.34 18.37 32.80
CA TYR F 280 6.57 19.29 33.90
C TYR F 280 5.26 19.98 34.19
N ARG F 281 4.63 20.49 33.13
CA ARG F 281 3.38 21.22 33.29
C ARG F 281 2.29 20.37 33.92
N THR F 282 2.09 19.18 33.39
CA THR F 282 1.10 18.26 33.93
C THR F 282 1.41 18.01 35.40
N PHE F 283 2.68 17.78 35.70
CA PHE F 283 3.06 17.37 37.03
C PHE F 283 2.81 18.50 38.04
N TYR F 284 3.32 19.70 37.74
CA TYR F 284 3.21 20.77 38.71
C TYR F 284 1.81 21.36 38.79
N SER F 285 1.06 21.30 37.69
CA SER F 285 -0.32 21.71 37.75
C SER F 285 -1.07 20.80 38.69
N CYS F 286 -0.85 19.50 38.56
CA CYS F 286 -1.44 18.52 39.47
C CYS F 286 -1.08 18.76 40.93
N LEU F 287 0.19 19.06 41.17
CA LEU F 287 0.69 19.27 42.52
C LEU F 287 -0.01 20.49 43.12
N TYR F 288 -0.16 21.53 42.30
CA TYR F 288 -0.86 22.73 42.72
C TYR F 288 -2.30 22.40 43.09
N ARG F 289 -2.93 21.53 42.33
CA ARG F 289 -4.32 21.16 42.61
C ARG F 289 -4.42 20.32 43.88
N SER F 290 -3.29 19.79 44.33
CA SER F 290 -3.29 18.94 45.51
C SER F 290 -2.98 19.69 46.79
N LEU F 291 -2.79 21.00 46.68
CA LEU F 291 -2.49 21.82 47.84
C LEU F 291 -3.56 22.88 48.08
N LEU F 292 -4.78 22.63 47.61
CA LEU F 292 -5.85 23.61 47.74
C LEU F 292 -6.90 23.17 48.76
N PHE F 293 -7.29 21.90 48.69
CA PHE F 293 -8.37 21.41 49.54
C PHE F 293 -7.84 20.50 50.65
N PRO F 294 -8.77 20.13 51.55
CA PRO F 294 -9.45 21.21 52.29
C PRO F 294 -8.77 22.52 52.63
N ARG F 295 -9.57 23.58 52.59
CA ARG F 295 -9.12 24.93 52.84
C ARG F 295 -9.14 25.22 54.32
N LYS F 296 -8.30 26.16 54.72
CA LYS F 296 -8.34 26.65 56.06
C LYS F 296 -9.67 27.34 56.30
N PHE F 297 -10.26 27.08 57.46
CA PHE F 297 -11.47 27.75 57.79
C PHE F 297 -11.26 28.41 59.13
N TYR F 298 -10.00 28.70 59.46
CA TYR F 298 -9.72 29.41 60.71
C TYR F 298 -9.07 30.75 60.47
N GLU F 299 -9.22 31.66 61.42
CA GLU F 299 -8.71 33.04 61.26
C GLU F 299 -7.82 33.35 62.47
N LEU F 300 -6.87 34.27 62.30
CA LEU F 300 -5.98 34.61 63.42
C LEU F 300 -6.56 35.70 64.32
N ASP F 301 -6.50 35.48 65.63
CA ASP F 301 -7.00 36.50 66.54
C ASP F 301 -5.91 37.51 66.94
N ALA F 302 -6.26 38.39 67.88
CA ALA F 302 -5.36 39.46 68.32
C ALA F 302 -3.99 38.92 68.80
N ASN F 303 -3.98 37.72 69.37
CA ASN F 303 -2.75 37.12 69.86
C ASN F 303 -2.13 36.17 68.86
N GLY F 304 -2.60 36.24 67.62
CA GLY F 304 -2.12 35.32 66.59
C GLY F 304 -2.53 33.88 66.82
N GLN F 305 -3.49 33.65 67.71
CA GLN F 305 -4.05 32.30 67.94
C GLN F 305 -5.19 31.98 66.95
N PRO F 306 -5.25 30.73 66.47
CA PRO F 306 -6.29 30.32 65.54
C PRO F 306 -7.66 30.26 66.19
N ILE F 307 -8.67 30.82 65.53
CA ILE F 307 -10.04 30.68 65.98
C ILE F 307 -10.90 30.45 64.74
N HIS F 308 -12.14 30.01 64.92
CA HIS F 308 -12.96 29.76 63.75
C HIS F 308 -14.44 29.91 64.01
N TYR F 309 -15.15 30.26 62.94
CA TYR F 309 -16.59 30.16 62.93
C TYR F 309 -16.91 28.67 62.73
N SER F 310 -17.74 28.08 63.58
CA SER F 310 -18.10 26.70 63.36
C SER F 310 -19.24 26.57 62.36
N PRO F 311 -18.95 25.99 61.20
CA PRO F 311 -19.98 25.69 60.20
C PRO F 311 -20.94 24.60 60.69
N TYR F 312 -20.54 23.87 61.73
CA TYR F 312 -21.38 22.86 62.34
C TYR F 312 -22.39 23.36 63.38
N ASN F 313 -21.99 24.28 64.27
CA ASN F 313 -22.93 24.76 65.27
C ASN F 313 -22.97 26.28 65.38
N GLY F 314 -22.28 26.97 64.49
CA GLY F 314 -22.46 28.41 64.35
C GLY F 314 -21.84 29.30 65.41
N GLN F 315 -21.10 28.71 66.33
CA GLN F 315 -20.39 29.49 67.34
C GLN F 315 -18.99 29.85 66.85
N VAL F 316 -18.37 30.81 67.52
CA VAL F 316 -16.97 31.10 67.24
C VAL F 316 -16.13 30.43 68.32
N LEU F 317 -15.22 29.55 67.91
CA LEU F 317 -14.44 28.78 68.88
C LEU F 317 -12.95 28.81 68.59
N PRO F 318 -12.14 28.51 69.62
CA PRO F 318 -10.69 28.44 69.45
C PRO F 318 -10.31 27.19 68.67
N GLY F 319 -9.15 27.24 68.01
CA GLY F 319 -8.59 26.07 67.37
C GLY F 319 -8.79 25.98 65.88
N TYR F 320 -8.09 25.03 65.26
CA TYR F 320 -8.11 24.87 63.82
C TYR F 320 -9.43 24.35 63.30
N MET F 321 -9.69 24.64 62.04
CA MET F 321 -10.84 24.09 61.34
C MET F 321 -10.57 24.17 59.85
N PHE F 322 -10.82 23.08 59.14
CA PHE F 322 -10.68 23.06 57.68
C PHE F 322 -11.97 22.53 57.10
N THR F 323 -12.21 22.75 55.82
CA THR F 323 -13.45 22.27 55.23
C THR F 323 -13.29 22.17 53.72
N ASP F 324 -14.35 21.72 53.08
CA ASP F 324 -14.40 21.64 51.62
C ASP F 324 -13.61 20.48 51.02
N THR F 325 -13.80 19.27 51.54
CA THR F 325 -13.19 18.12 50.94
C THR F 325 -14.13 16.96 51.18
N GLY F 326 -14.08 15.99 50.29
CA GLY F 326 -14.94 14.81 50.40
C GLY F 326 -14.01 13.64 50.59
N PHE F 327 -14.16 12.93 51.70
CA PHE F 327 -13.24 11.87 52.02
C PHE F 327 -13.39 10.68 51.09
N TRP F 328 -14.59 10.47 50.58
CA TRP F 328 -14.81 9.43 49.61
C TRP F 328 -13.83 9.57 48.46
N ASP F 329 -13.52 10.81 48.14
CA ASP F 329 -12.52 11.09 47.10
C ASP F 329 -11.08 11.04 47.61
N THR F 330 -10.83 11.72 48.73
CA THR F 330 -9.46 12.09 49.07
C THR F 330 -8.76 11.16 50.07
N PHE F 331 -9.45 10.17 50.61
CA PHE F 331 -8.78 9.26 51.52
C PHE F 331 -7.80 8.43 50.73
N ARG F 332 -8.12 8.21 49.45
CA ARG F 332 -7.31 7.34 48.61
C ARG F 332 -5.86 7.76 48.41
N CYS F 333 -5.61 9.00 48.03
CA CYS F 333 -4.21 9.39 47.97
C CYS F 333 -3.95 10.85 48.24
N LEU F 334 -4.99 11.68 48.21
CA LEU F 334 -4.79 13.09 48.46
C LEU F 334 -4.21 13.30 49.86
N PHE F 335 -4.84 12.72 50.87
CA PHE F 335 -4.37 12.92 52.25
C PHE F 335 -3.06 12.18 52.49
N PRO F 336 -2.97 10.94 52.00
CA PRO F 336 -1.70 10.25 52.11
C PRO F 336 -0.54 11.10 51.61
N LEU F 337 -0.77 11.84 50.53
CA LEU F 337 0.26 12.76 50.01
C LEU F 337 0.64 13.85 51.01
N LEU F 338 -0.35 14.38 51.74
CA LEU F 338 -0.06 15.33 52.79
C LEU F 338 0.82 14.71 53.89
N ASN F 339 0.52 13.46 54.26
CA ASN F 339 1.25 12.81 55.33
C ASN F 339 2.68 12.59 54.91
N LEU F 340 2.89 12.38 53.62
CA LEU F 340 4.23 12.15 53.11
C LEU F 340 5.06 13.44 53.04
N MET F 341 4.48 14.48 52.46
CA MET F 341 5.28 15.67 52.19
C MET F 341 4.87 16.91 52.93
N TYR F 342 3.70 16.90 53.54
CA TYR F 342 3.22 18.10 54.23
C TYR F 342 2.52 17.77 55.55
N PRO F 343 3.16 16.93 56.37
CA PRO F 343 2.52 16.49 57.60
C PRO F 343 2.16 17.66 58.52
N SER F 344 3.02 18.67 58.60
CA SER F 344 2.75 19.85 59.42
C SER F 344 1.37 20.39 59.06
N VAL F 345 1.06 20.43 57.78
CA VAL F 345 -0.23 20.94 57.37
C VAL F 345 -1.36 20.02 57.79
N ASN F 346 -1.14 18.72 57.65
CA ASN F 346 -2.20 17.76 58.00
C ASN F 346 -2.47 17.68 59.53
N LYS F 347 -1.44 17.97 60.31
CA LYS F 347 -1.59 18.09 61.75
C LYS F 347 -2.68 19.12 62.06
N GLU F 348 -2.59 20.27 61.39
CA GLU F 348 -3.60 21.32 61.56
C GLU F 348 -4.96 20.77 61.15
N MET F 349 -4.99 20.08 60.02
CA MET F 349 -6.23 19.54 59.47
C MET F 349 -6.85 18.50 60.38
N GLN F 350 -6.01 17.61 60.91
CA GLN F 350 -6.47 16.60 61.81
C GLN F 350 -7.06 17.21 63.08
N GLU F 351 -6.36 18.18 63.66
CA GLU F 351 -6.87 18.93 64.80
C GLU F 351 -8.24 19.53 64.49
N GLY F 352 -8.41 20.02 63.27
CA GLY F 352 -9.69 20.55 62.81
C GLY F 352 -10.77 19.49 62.84
N LEU F 353 -10.43 18.27 62.44
CA LEU F 353 -11.41 17.19 62.45
C LEU F 353 -11.89 16.90 63.88
N ILE F 354 -10.96 16.88 64.83
CA ILE F 354 -11.35 16.68 66.21
C ILE F 354 -12.39 17.75 66.58
N ASN F 355 -12.16 18.99 66.14
CA ASN F 355 -13.10 20.05 66.45
C ASN F 355 -14.45 19.86 65.78
N THR F 356 -14.41 19.33 64.57
CA THR F 356 -15.63 19.00 63.85
C THR F 356 -16.49 18.01 64.66
N TYR F 357 -15.83 16.97 65.14
CA TYR F 357 -16.49 16.00 65.97
C TYR F 357 -17.06 16.67 67.21
N LEU F 358 -16.26 17.47 67.91
CA LEU F 358 -16.71 18.16 69.13
C LEU F 358 -17.90 19.06 68.88
N GLU F 359 -17.89 19.77 67.76
CA GLU F 359 -18.94 20.73 67.48
C GLU F 359 -20.17 20.12 66.83
N SER F 360 -19.99 18.95 66.20
CA SER F 360 -21.02 18.39 65.33
C SER F 360 -21.59 17.08 65.86
N GLY F 361 -20.75 16.32 66.55
CA GLY F 361 -21.15 15.01 67.03
C GLY F 361 -20.65 13.90 66.13
N PHE F 362 -20.27 14.25 64.90
CA PHE F 362 -19.74 13.27 63.95
C PHE F 362 -18.44 13.77 63.37
N PHE F 363 -17.63 12.86 62.86
CA PHE F 363 -16.54 13.24 61.99
C PHE F 363 -17.18 13.46 60.64
N PRO F 364 -16.62 14.37 59.83
CA PRO F 364 -17.24 14.66 58.53
C PRO F 364 -16.93 13.60 57.47
N GLU F 365 -17.81 13.47 56.49
CA GLU F 365 -17.49 12.70 55.28
C GLU F 365 -17.41 13.67 54.11
N TRP F 366 -18.50 14.38 53.82
CA TRP F 366 -18.41 15.47 52.88
C TRP F 366 -18.71 16.76 53.65
N ALA F 367 -17.81 17.73 53.57
CA ALA F 367 -18.05 18.97 54.28
C ALA F 367 -17.86 20.19 53.36
N SER F 368 -18.91 21.00 53.23
CA SER F 368 -18.83 22.23 52.46
C SER F 368 -19.81 23.12 53.13
N PRO F 369 -19.27 24.17 53.73
CA PRO F 369 -18.55 24.13 54.98
C PRO F 369 -18.92 23.09 56.00
N GLY F 370 -20.21 22.97 56.31
CA GLY F 370 -20.67 21.95 57.29
C GLY F 370 -20.97 20.62 56.63
N HIS F 371 -21.63 19.72 57.35
CA HIS F 371 -21.94 18.40 56.77
C HIS F 371 -22.86 18.52 55.56
N ARG F 372 -22.49 17.87 54.46
CA ARG F 372 -23.31 17.86 53.25
C ARG F 372 -23.54 16.42 52.85
N GLY F 373 -24.67 16.15 52.22
CA GLY F 373 -24.99 14.78 51.85
C GLY F 373 -24.48 14.46 50.46
N CYS F 374 -23.37 13.75 50.39
CA CYS F 374 -22.80 13.40 49.11
C CYS F 374 -21.94 12.14 49.26
N MET F 375 -22.12 11.19 48.36
CA MET F 375 -21.32 9.99 48.37
C MET F 375 -21.60 9.07 49.54
N VAL F 376 -20.65 8.18 49.80
CA VAL F 376 -20.87 7.09 50.74
C VAL F 376 -19.60 6.74 51.50
N GLY F 377 -19.74 5.83 52.46
CA GLY F 377 -18.58 5.31 53.15
C GLY F 377 -18.27 6.06 54.43
N ASN F 378 -17.38 5.47 55.21
CA ASN F 378 -17.04 6.02 56.48
C ASN F 378 -15.54 6.25 56.47
N ASN F 379 -15.05 6.85 55.40
CA ASN F 379 -13.61 6.89 55.13
C ASN F 379 -12.84 7.92 55.92
N SER F 380 -13.56 8.71 56.71
CA SER F 380 -12.92 9.55 57.70
C SER F 380 -12.02 8.67 58.58
N ALA F 381 -12.43 7.40 58.74
CA ALA F 381 -11.66 6.44 59.51
C ALA F 381 -10.29 6.23 58.90
N SER F 382 -10.22 6.16 57.58
CA SER F 382 -8.95 6.01 56.88
C SER F 382 -8.10 7.27 57.04
N ILE F 383 -8.70 8.42 56.79
CA ILE F 383 -8.03 9.70 56.95
C ILE F 383 -7.37 9.77 58.32
N LEU F 384 -8.17 9.52 59.35
CA LEU F 384 -7.78 9.71 60.74
C LEU F 384 -6.69 8.73 61.16
N VAL F 385 -6.89 7.45 60.82
CA VAL F 385 -5.95 6.40 61.20
C VAL F 385 -4.64 6.48 60.43
N ASP F 386 -4.73 6.77 59.12
CA ASP F 386 -3.53 6.88 58.31
C ASP F 386 -2.62 7.95 58.87
N ALA F 387 -3.21 9.09 59.24
CA ALA F 387 -2.46 10.19 59.83
C ALA F 387 -1.77 9.75 61.12
N TYR F 388 -2.53 9.17 62.04
CA TYR F 388 -1.95 8.75 63.32
C TYR F 388 -0.81 7.77 63.10
N MET F 389 -1.10 6.74 62.29
CA MET F 389 -0.12 5.69 62.03
C MET F 389 1.10 6.25 61.31
N LYS F 390 0.99 7.43 60.70
CA LYS F 390 2.13 7.97 59.98
C LYS F 390 2.84 9.10 60.73
N GLY F 391 2.58 9.23 62.03
CA GLY F 391 3.30 10.19 62.88
C GLY F 391 2.61 11.53 63.09
N VAL F 392 1.46 11.71 62.46
CA VAL F 392 0.69 12.93 62.62
C VAL F 392 -0.38 12.68 63.66
N LYS F 393 -0.07 13.02 64.91
CA LYS F 393 -0.96 12.69 66.00
C LYS F 393 -1.64 13.89 66.63
N VAL F 394 -2.96 13.84 66.72
CA VAL F 394 -3.72 14.88 67.39
C VAL F 394 -3.49 14.78 68.89
N ASP F 395 -3.73 15.87 69.62
CA ASP F 395 -3.52 15.85 71.07
C ASP F 395 -4.54 14.97 71.80
N ASP F 396 -5.80 15.07 71.42
CA ASP F 396 -6.86 14.34 72.10
C ASP F 396 -7.16 12.98 71.50
N ILE F 397 -6.33 11.99 71.81
CA ILE F 397 -6.53 10.68 71.26
C ILE F 397 -7.78 10.02 71.78
N LYS F 398 -8.15 10.31 73.03
CA LYS F 398 -9.35 9.71 73.58
C LYS F 398 -10.53 10.03 72.70
N THR F 399 -10.62 11.30 72.35
CA THR F 399 -11.73 11.81 71.55
C THR F 399 -11.72 11.21 70.15
N LEU F 400 -10.53 11.07 69.59
CA LEU F 400 -10.37 10.48 68.27
C LEU F 400 -10.97 9.08 68.22
N TYR F 401 -10.63 8.26 69.22
CA TYR F 401 -11.09 6.89 69.22
C TYR F 401 -12.59 6.85 69.44
N GLU F 402 -13.08 7.63 70.39
CA GLU F 402 -14.51 7.69 70.64
C GLU F 402 -15.24 8.10 69.38
N GLY F 403 -14.72 9.11 68.69
CA GLY F 403 -15.33 9.57 67.47
C GLY F 403 -15.46 8.44 66.49
N LEU F 404 -14.36 7.70 66.30
CA LEU F 404 -14.33 6.59 65.36
C LEU F 404 -15.41 5.59 65.69
N ILE F 405 -15.48 5.21 66.95
CA ILE F 405 -16.44 4.21 67.38
C ILE F 405 -17.86 4.74 67.22
N HIS F 406 -18.05 6.02 67.49
CA HIS F 406 -19.36 6.63 67.38
C HIS F 406 -19.91 6.49 65.95
N GLY F 407 -19.01 6.64 64.98
CA GLY F 407 -19.39 6.62 63.58
C GLY F 407 -19.77 5.25 63.05
N THR F 408 -19.43 4.21 63.81
CA THR F 408 -19.74 2.87 63.34
C THR F 408 -21.15 2.48 63.72
N GLU F 409 -21.76 3.21 64.67
CA GLU F 409 -23.10 2.86 65.15
C GLU F 409 -24.11 4.01 65.10
N ASN F 410 -23.82 5.02 64.29
CA ASN F 410 -24.76 6.12 64.13
C ASN F 410 -24.73 6.67 62.73
N VAL F 411 -25.86 7.22 62.33
CA VAL F 411 -25.89 8.00 61.11
C VAL F 411 -26.52 9.35 61.42
N HIS F 412 -25.99 10.40 60.81
CA HIS F 412 -26.51 11.74 61.03
C HIS F 412 -27.99 11.83 60.62
N PRO F 413 -28.81 12.44 61.49
CA PRO F 413 -30.25 12.50 61.33
C PRO F 413 -30.68 13.19 60.01
N GLU F 414 -29.90 14.18 59.55
CA GLU F 414 -30.27 14.87 58.31
C GLU F 414 -29.31 14.61 57.17
N VAL F 415 -28.05 14.33 57.48
CA VAL F 415 -27.07 14.08 56.42
C VAL F 415 -26.68 12.61 56.36
N SER F 416 -27.29 11.85 55.46
CA SER F 416 -27.14 10.39 55.49
C SER F 416 -25.75 9.89 55.09
N SER F 417 -24.94 10.77 54.52
CA SER F 417 -23.60 10.36 54.14
C SER F 417 -22.63 10.61 55.29
N THR F 418 -23.18 11.02 56.44
CA THR F 418 -22.36 11.30 57.62
C THR F 418 -22.62 10.26 58.68
N GLY F 419 -21.57 9.59 59.14
CA GLY F 419 -21.76 8.37 59.94
C GLY F 419 -22.04 7.22 58.98
N ARG F 420 -22.48 6.08 59.48
CA ARG F 420 -22.71 4.94 58.60
C ARG F 420 -24.18 4.65 58.37
N LEU F 421 -24.71 5.10 57.25
CA LEU F 421 -26.04 4.69 56.87
C LEU F 421 -26.07 3.16 56.73
N GLY F 422 -27.10 2.53 57.27
CA GLY F 422 -27.23 1.07 57.21
C GLY F 422 -26.40 0.27 58.21
N TYR F 423 -25.81 0.94 59.20
CA TYR F 423 -24.92 0.25 60.14
C TYR F 423 -25.64 -0.88 60.86
N GLU F 424 -26.95 -0.78 61.03
CA GLU F 424 -27.70 -1.84 61.72
C GLU F 424 -27.53 -3.13 60.95
N TYR F 425 -27.91 -3.11 59.68
CA TYR F 425 -27.78 -4.29 58.84
C TYR F 425 -26.34 -4.76 58.79
N TYR F 426 -25.44 -3.84 58.47
CA TYR F 426 -24.04 -4.19 58.34
C TYR F 426 -23.49 -4.91 59.57
N ASN F 427 -23.70 -4.33 60.75
CA ASN F 427 -23.23 -4.93 62.00
C ASN F 427 -23.87 -6.26 62.26
N LYS F 428 -25.14 -6.39 61.90
CA LYS F 428 -25.88 -7.63 62.12
C LYS F 428 -25.63 -8.72 61.08
N LEU F 429 -25.64 -8.37 59.80
CA LEU F 429 -25.55 -9.36 58.72
C LEU F 429 -24.15 -9.49 58.14
N GLY F 430 -23.33 -8.46 58.32
CA GLY F 430 -22.00 -8.45 57.73
C GLY F 430 -21.94 -7.72 56.39
N TYR F 431 -23.09 -7.21 55.96
CA TYR F 431 -23.18 -6.46 54.72
C TYR F 431 -24.42 -5.58 54.72
N VAL F 432 -24.48 -4.64 53.79
CA VAL F 432 -25.69 -3.83 53.63
C VAL F 432 -26.52 -4.40 52.48
N PRO F 433 -27.71 -4.95 52.81
CA PRO F 433 -28.60 -5.64 51.87
C PRO F 433 -28.93 -4.82 50.60
N TYR F 434 -29.10 -5.53 49.49
CA TYR F 434 -29.47 -4.93 48.22
C TYR F 434 -30.96 -4.59 48.14
N ASP F 435 -31.77 -5.14 49.05
CA ASP F 435 -33.22 -4.99 48.97
C ASP F 435 -33.87 -4.32 50.18
N VAL F 436 -33.16 -3.42 50.85
CA VAL F 436 -33.71 -2.77 52.05
C VAL F 436 -33.81 -1.25 51.90
N LYS F 437 -33.93 -0.77 50.66
CA LYS F 437 -34.11 0.65 50.41
C LYS F 437 -32.88 1.49 50.76
N ILE F 438 -31.71 0.88 50.74
CA ILE F 438 -30.48 1.63 50.94
C ILE F 438 -29.61 1.49 49.70
N ASN F 439 -29.44 2.58 48.99
CA ASN F 439 -28.75 2.52 47.71
C ASN F 439 -27.25 2.48 47.83
N GLU F 440 -26.61 1.79 46.88
CA GLU F 440 -25.16 1.77 46.85
C GLU F 440 -24.66 0.98 48.03
N ASN F 441 -25.49 0.03 48.42
CA ASN F 441 -25.21 -0.86 49.52
C ASN F 441 -23.90 -1.62 49.33
N ALA F 442 -23.68 -2.15 48.13
CA ALA F 442 -22.46 -2.91 47.88
C ALA F 442 -21.21 -2.04 48.07
N ALA F 443 -21.25 -0.81 47.57
CA ALA F 443 -20.14 0.09 47.72
C ALA F 443 -19.92 0.46 49.19
N ARG F 444 -21.02 0.66 49.92
CA ARG F 444 -20.90 1.01 51.32
C ARG F 444 -20.27 -0.14 52.09
N THR F 445 -20.76 -1.35 51.85
CA THR F 445 -20.26 -2.52 52.51
C THR F 445 -18.75 -2.65 52.31
N LEU F 446 -18.32 -2.59 51.07
CA LEU F 446 -16.91 -2.79 50.76
C LEU F 446 -16.07 -1.76 51.49
N GLU F 447 -16.49 -0.50 51.43
CA GLU F 447 -15.70 0.56 52.01
C GLU F 447 -15.74 0.50 53.53
N TYR F 448 -16.91 0.19 54.10
CA TYR F 448 -17.01 0.02 55.55
C TYR F 448 -15.99 -1.01 56.00
N ALA F 449 -15.87 -2.09 55.23
CA ALA F 449 -14.94 -3.15 55.57
C ALA F 449 -13.53 -2.59 55.68
N TYR F 450 -13.11 -1.81 54.69
CA TYR F 450 -11.78 -1.24 54.74
C TYR F 450 -11.69 -0.28 55.93
N ASP F 451 -12.78 0.44 56.15
CA ASP F 451 -12.81 1.39 57.24
C ASP F 451 -12.55 0.65 58.55
N ASP F 452 -13.26 -0.46 58.74
CA ASP F 452 -13.15 -1.21 59.97
C ASP F 452 -11.73 -1.75 60.17
N TRP F 453 -11.06 -2.06 59.06
CA TRP F 453 -9.66 -2.48 59.15
C TRP F 453 -8.83 -1.38 59.75
N CYS F 454 -9.09 -0.15 59.34
CA CYS F 454 -8.39 1.01 59.86
C CYS F 454 -8.61 1.16 61.36
N ILE F 455 -9.85 0.98 61.78
CA ILE F 455 -10.15 1.06 63.19
C ILE F 455 -9.46 -0.06 63.95
N TYR F 456 -9.56 -1.28 63.43
CA TYR F 456 -8.82 -2.41 63.98
C TYR F 456 -7.35 -2.04 64.15
N ARG F 457 -6.78 -1.44 63.13
CA ARG F 457 -5.37 -1.08 63.14
C ARG F 457 -5.04 -0.16 64.28
N LEU F 458 -5.87 0.86 64.45
CA LEU F 458 -5.62 1.84 65.50
C LEU F 458 -5.88 1.22 66.86
N ALA F 459 -6.99 0.50 66.96
CA ALA F 459 -7.37 -0.10 68.21
C ALA F 459 -6.22 -0.97 68.71
N LYS F 460 -5.61 -1.72 67.82
CA LYS F 460 -4.51 -2.61 68.18
C LYS F 460 -3.35 -1.77 68.71
N GLU F 461 -3.04 -0.70 67.99
CA GLU F 461 -2.02 0.24 68.42
C GLU F 461 -2.29 0.80 69.83
N LEU F 462 -3.55 1.08 70.14
CA LEU F 462 -3.92 1.65 71.45
C LEU F 462 -3.98 0.59 72.52
N LYS F 463 -3.76 -0.66 72.13
CA LYS F 463 -3.81 -1.74 73.07
C LYS F 463 -5.19 -1.75 73.73
N ARG F 464 -6.23 -1.56 72.93
CA ARG F 464 -7.60 -1.68 73.42
C ARG F 464 -7.87 -3.12 73.77
N PRO F 465 -9.02 -3.38 74.40
CA PRO F 465 -9.41 -4.74 74.78
C PRO F 465 -9.50 -5.72 73.60
N LYS F 466 -9.06 -6.96 73.81
CA LYS F 466 -9.05 -7.99 72.76
C LYS F 466 -10.42 -8.14 72.11
N LYS F 467 -11.48 -8.04 72.91
CA LYS F 467 -12.84 -8.16 72.39
C LYS F 467 -13.17 -7.06 71.35
N GLU F 468 -12.76 -5.83 71.63
CA GLU F 468 -12.87 -4.73 70.67
C GLU F 468 -12.05 -5.00 69.42
N ILE F 469 -10.76 -5.26 69.63
CA ILE F 469 -9.82 -5.48 68.55
C ILE F 469 -10.33 -6.58 67.65
N SER F 470 -10.81 -7.67 68.25
CA SER F 470 -11.30 -8.82 67.49
C SER F 470 -12.53 -8.46 66.67
N LEU F 471 -13.34 -7.55 67.20
CA LEU F 471 -14.58 -7.17 66.55
C LEU F 471 -14.33 -6.51 65.21
N PHE F 472 -13.36 -5.61 65.19
CA PHE F 472 -13.03 -4.92 63.95
C PHE F 472 -12.20 -5.77 63.02
N ALA F 473 -11.34 -6.61 63.60
CA ALA F 473 -10.62 -7.60 62.81
C ALA F 473 -11.62 -8.48 62.07
N LYS F 474 -12.71 -8.81 62.75
CA LYS F 474 -13.76 -9.61 62.14
C LYS F 474 -14.46 -8.84 61.02
N ARG F 475 -14.82 -7.59 61.30
CA ARG F 475 -15.58 -6.80 60.35
C ARG F 475 -14.76 -6.43 59.10
N ALA F 476 -13.45 -6.33 59.26
CA ALA F 476 -12.58 -6.04 58.14
C ALA F 476 -12.73 -7.11 57.08
N MET F 477 -13.23 -8.28 57.50
CA MET F 477 -13.41 -9.39 56.59
C MET F 477 -14.71 -9.33 55.78
N ASN F 478 -15.57 -8.35 56.06
CA ASN F 478 -16.92 -8.31 55.48
C ASN F 478 -17.01 -8.25 53.96
N TYR F 479 -15.95 -7.78 53.32
CA TYR F 479 -15.95 -7.77 51.86
C TYR F 479 -16.22 -9.16 51.30
N LYS F 480 -15.96 -10.19 52.10
CA LYS F 480 -16.19 -11.53 51.64
C LYS F 480 -17.69 -11.80 51.49
N ASN F 481 -18.51 -11.09 52.26
CA ASN F 481 -19.94 -11.37 52.23
C ASN F 481 -20.62 -10.99 50.93
N LEU F 482 -19.92 -10.26 50.08
CA LEU F 482 -20.52 -9.84 48.82
C LEU F 482 -19.85 -10.44 47.61
N PHE F 483 -18.90 -11.34 47.83
CA PHE F 483 -18.20 -11.93 46.71
C PHE F 483 -19.01 -13.08 46.14
N ASP F 484 -19.17 -13.07 44.83
CA ASP F 484 -19.92 -14.11 44.14
C ASP F 484 -18.92 -15.04 43.49
N LYS F 485 -18.95 -16.32 43.89
CA LYS F 485 -18.00 -17.31 43.37
C LYS F 485 -18.18 -17.57 41.88
N GLU F 486 -19.42 -17.67 41.42
CA GLU F 486 -19.69 -17.93 40.00
C GLU F 486 -19.16 -16.82 39.10
N SER F 487 -19.47 -15.58 39.45
CA SER F 487 -19.08 -14.40 38.68
C SER F 487 -17.63 -13.98 38.93
N LYS F 488 -17.12 -14.26 40.13
CA LYS F 488 -15.82 -13.78 40.56
C LYS F 488 -15.86 -12.27 40.76
N LEU F 489 -17.05 -11.75 41.00
CA LEU F 489 -17.22 -10.31 41.19
C LEU F 489 -17.99 -10.00 42.46
N MET F 490 -17.78 -8.80 42.99
CA MET F 490 -18.61 -8.31 44.08
C MET F 490 -20.03 -8.12 43.55
N ARG F 491 -21.02 -8.38 44.39
CA ARG F 491 -22.38 -8.38 43.91
C ARG F 491 -23.39 -8.09 45.00
N GLY F 492 -24.45 -7.39 44.63
CA GLY F 492 -25.51 -7.03 45.57
C GLY F 492 -26.19 -8.25 46.19
N ARG F 493 -26.43 -8.17 47.50
CA ARG F 493 -26.96 -9.30 48.24
C ARG F 493 -28.22 -8.93 49.02
N ASN F 494 -29.24 -9.78 48.93
CA ASN F 494 -30.49 -9.51 49.64
C ASN F 494 -30.39 -9.75 51.13
N GLU F 495 -31.37 -9.23 51.86
CA GLU F 495 -31.39 -9.37 53.30
C GLU F 495 -31.50 -10.84 53.64
N ASP F 496 -32.23 -11.59 52.82
CA ASP F 496 -32.44 -12.99 53.12
C ASP F 496 -31.17 -13.79 52.91
N GLY F 497 -30.13 -13.15 52.37
CA GLY F 497 -28.86 -13.82 52.14
C GLY F 497 -28.59 -14.28 50.71
N THR F 498 -29.62 -14.22 49.86
CA THR F 498 -29.46 -14.59 48.45
C THR F 498 -28.84 -13.46 47.65
N PHE F 499 -27.90 -13.80 46.78
CA PHE F 499 -27.32 -12.76 45.96
C PHE F 499 -28.46 -12.30 45.11
N GLN F 500 -28.36 -11.07 44.61
CA GLN F 500 -29.42 -10.49 43.81
C GLN F 500 -29.44 -11.04 42.37
N SER F 501 -30.66 -11.14 41.85
CA SER F 501 -30.92 -11.55 40.47
C SER F 501 -31.77 -10.55 39.74
N PRO F 502 -31.92 -10.78 38.44
CA PRO F 502 -30.74 -10.65 37.57
C PRO F 502 -29.54 -9.79 37.95
N PHE F 503 -28.38 -10.33 37.63
CA PHE F 503 -27.11 -9.66 37.95
C PHE F 503 -26.49 -9.05 36.70
N SER F 504 -26.32 -7.74 36.67
CA SER F 504 -25.63 -7.12 35.55
C SER F 504 -24.31 -6.54 36.00
N PRO F 505 -23.23 -7.25 35.71
CA PRO F 505 -21.93 -6.80 36.17
C PRO F 505 -21.60 -5.47 35.57
N LEU F 506 -22.20 -5.15 34.42
CA LEU F 506 -21.86 -3.91 33.76
C LEU F 506 -22.80 -2.78 34.10
N LYS F 507 -23.72 -3.00 35.04
CA LYS F 507 -24.66 -1.95 35.42
C LYS F 507 -24.00 -0.97 36.38
N TRP F 508 -24.24 0.32 36.19
CA TRP F 508 -23.63 1.35 37.03
C TRP F 508 -24.62 1.81 38.09
N GLY F 509 -24.12 2.13 39.27
CA GLY F 509 -24.98 2.59 40.36
C GLY F 509 -25.71 1.44 41.03
N ASP F 510 -26.87 1.75 41.62
CA ASP F 510 -27.67 0.72 42.26
C ASP F 510 -26.92 0.18 43.47
N ALA F 511 -26.25 -0.96 43.27
CA ALA F 511 -25.44 -1.57 44.30
C ALA F 511 -24.14 -0.80 44.52
N PHE F 512 -23.76 0.02 43.55
CA PHE F 512 -22.50 0.69 43.63
C PHE F 512 -22.70 2.15 43.37
N THR F 513 -21.63 2.93 43.48
CA THR F 513 -21.73 4.35 43.18
C THR F 513 -20.86 4.68 42.00
N GLU F 514 -21.48 5.10 40.91
CA GLU F 514 -20.73 5.63 39.80
C GLU F 514 -19.66 4.68 39.36
N GLY F 515 -20.08 3.46 39.10
CA GLY F 515 -19.18 2.44 38.64
C GLY F 515 -20.04 1.21 38.65
N ASN F 516 -19.50 0.11 38.17
CA ASN F 516 -20.21 -1.13 38.18
C ASN F 516 -19.37 -2.16 38.91
N SER F 517 -19.86 -3.38 39.01
CA SER F 517 -19.14 -4.44 39.70
C SER F 517 -17.67 -4.54 39.24
N TRP F 518 -17.43 -4.32 37.96
CA TRP F 518 -16.08 -4.42 37.43
C TRP F 518 -15.14 -3.35 37.98
N HIS F 519 -15.71 -2.27 38.49
CA HIS F 519 -14.90 -1.20 39.06
C HIS F 519 -14.76 -1.37 40.56
N TYR F 520 -15.87 -1.70 41.22
CA TYR F 520 -15.90 -1.80 42.67
C TYR F 520 -15.29 -3.07 43.26
N THR F 521 -15.27 -4.14 42.48
CA THR F 521 -14.79 -5.41 42.97
C THR F 521 -13.38 -5.33 43.54
N TRP F 522 -12.62 -4.35 43.09
CA TRP F 522 -11.23 -4.21 43.51
C TRP F 522 -11.06 -3.44 44.80
N SER F 523 -12.15 -3.01 45.42
CA SER F 523 -12.06 -2.19 46.63
C SER F 523 -11.82 -3.01 47.88
N VAL F 524 -10.64 -3.64 47.97
CA VAL F 524 -10.23 -4.39 49.16
C VAL F 524 -8.79 -4.01 49.48
N PHE F 525 -8.59 -2.72 49.69
CA PHE F 525 -7.27 -2.15 49.84
C PHE F 525 -6.43 -2.88 50.88
N HIS F 526 -7.07 -3.28 51.96
CA HIS F 526 -6.32 -3.88 53.05
C HIS F 526 -6.05 -5.38 52.85
N ASP F 527 -6.77 -6.03 51.94
CA ASP F 527 -6.60 -7.47 51.81
C ASP F 527 -6.66 -7.93 50.36
N PRO F 528 -5.70 -7.46 49.55
CA PRO F 528 -5.69 -7.89 48.15
C PRO F 528 -5.53 -9.39 48.04
N GLN F 529 -4.68 -9.96 48.88
CA GLN F 529 -4.49 -11.39 48.80
C GLN F 529 -5.79 -12.09 49.10
N GLY F 530 -6.55 -11.56 50.04
CA GLY F 530 -7.84 -12.18 50.36
C GLY F 530 -8.70 -12.25 49.12
N LEU F 531 -8.67 -11.18 48.33
CA LEU F 531 -9.44 -11.12 47.11
C LEU F 531 -8.87 -12.10 46.09
N ILE F 532 -7.56 -12.10 45.95
CA ILE F 532 -6.91 -13.06 45.08
C ILE F 532 -7.39 -14.45 45.41
N ASP F 533 -7.42 -14.78 46.69
CA ASP F 533 -7.88 -16.10 47.06
C ASP F 533 -9.31 -16.34 46.60
N LEU F 534 -10.21 -15.41 46.88
CA LEU F 534 -11.60 -15.74 46.53
C LEU F 534 -11.71 -16.03 45.06
N MET F 535 -10.85 -15.40 44.28
CA MET F 535 -10.94 -15.56 42.83
C MET F 535 -10.29 -16.85 42.35
N GLY F 536 -9.62 -17.56 43.25
CA GLY F 536 -8.99 -18.84 42.92
C GLY F 536 -7.52 -18.73 42.50
N GLY F 537 -6.74 -18.03 43.31
CA GLY F 537 -5.30 -17.91 43.04
C GLY F 537 -4.95 -16.76 42.11
N LYS F 538 -3.67 -16.38 42.11
CA LYS F 538 -3.20 -15.22 41.36
C LYS F 538 -3.41 -15.33 39.86
N GLU F 539 -3.15 -16.50 39.30
CA GLU F 539 -3.35 -16.65 37.87
C GLU F 539 -4.75 -16.18 37.47
N MET F 540 -5.77 -16.72 38.15
CA MET F 540 -7.15 -16.40 37.79
C MET F 540 -7.43 -14.92 38.08
N PHE F 541 -6.75 -14.38 39.10
CA PHE F 541 -6.88 -12.98 39.48
C PHE F 541 -6.34 -12.08 38.38
N VAL F 542 -5.14 -12.37 37.90
CA VAL F 542 -4.57 -11.60 36.81
C VAL F 542 -5.42 -11.71 35.55
N THR F 543 -5.93 -12.91 35.25
CA THR F 543 -6.84 -13.07 34.12
C THR F 543 -8.01 -12.11 34.25
N MET F 544 -8.54 -12.01 35.46
CA MET F 544 -9.67 -11.16 35.74
C MET F 544 -9.34 -9.68 35.52
N MET F 545 -8.18 -9.25 36.01
CA MET F 545 -7.75 -7.90 35.81
C MET F 545 -7.61 -7.57 34.36
N ASP F 546 -6.92 -8.44 33.64
CA ASP F 546 -6.61 -8.20 32.25
C ASP F 546 -7.84 -7.93 31.42
N SER F 547 -8.93 -8.62 31.75
CA SER F 547 -10.15 -8.49 30.97
C SER F 547 -10.87 -7.17 31.25
N VAL F 548 -10.42 -6.45 32.28
CA VAL F 548 -10.91 -5.12 32.52
C VAL F 548 -10.51 -4.21 31.35
N PHE F 549 -9.27 -4.33 30.90
CA PHE F 549 -8.79 -3.57 29.74
C PHE F 549 -9.22 -4.18 28.41
N ALA F 550 -9.40 -5.50 28.39
CA ALA F 550 -9.62 -6.23 27.14
C ALA F 550 -11.03 -6.12 26.56
N VAL F 551 -12.03 -5.99 27.42
CA VAL F 551 -13.40 -5.91 26.92
C VAL F 551 -13.70 -4.49 26.47
N PRO F 552 -14.53 -4.33 25.45
CA PRO F 552 -15.00 -3.00 25.04
C PRO F 552 -15.74 -2.29 26.21
N PRO F 553 -15.79 -0.96 26.17
CA PRO F 553 -16.44 -0.21 27.24
C PRO F 553 -17.96 -0.21 27.12
N ILE F 554 -18.57 -1.39 27.25
CA ILE F 554 -20.02 -1.48 27.18
C ILE F 554 -20.58 -1.23 28.60
N PHE F 555 -21.85 -0.89 28.71
CA PHE F 555 -22.35 -0.45 30.01
C PHE F 555 -23.88 -0.51 30.09
N ASP F 556 -24.40 -0.44 31.32
CA ASP F 556 -25.85 -0.41 31.57
C ASP F 556 -26.18 0.80 32.46
N ASP F 557 -26.86 1.79 31.90
CA ASP F 557 -27.15 3.02 32.66
C ASP F 557 -28.58 3.10 33.21
N SER F 558 -29.30 1.99 33.18
CA SER F 558 -30.71 2.00 33.55
C SER F 558 -30.97 2.73 34.88
N TYR F 559 -30.02 2.61 35.80
CA TYR F 559 -30.23 3.22 37.11
C TYR F 559 -30.21 4.74 37.05
N TYR F 560 -29.62 5.30 35.99
CA TYR F 560 -29.47 6.75 35.88
C TYR F 560 -30.39 7.30 34.78
N GLY F 561 -30.85 6.42 33.92
CA GLY F 561 -31.75 6.80 32.85
C GLY F 561 -31.06 7.53 31.70
N GLN F 562 -29.88 8.10 31.96
CA GLN F 562 -29.13 8.85 30.94
C GLN F 562 -27.64 8.45 31.03
N VAL F 563 -26.87 8.73 29.98
CA VAL F 563 -25.43 8.48 30.02
C VAL F 563 -24.65 9.53 30.82
N ILE F 564 -24.61 9.38 32.14
CA ILE F 564 -23.95 10.38 32.96
C ILE F 564 -22.51 10.62 32.50
N HIS F 565 -21.97 11.80 32.80
CA HIS F 565 -20.66 12.16 32.30
C HIS F 565 -19.57 11.11 32.62
N GLU F 566 -19.61 10.51 33.81
CA GLU F 566 -18.54 9.58 34.14
C GLU F 566 -18.59 8.31 33.28
N ILE F 567 -19.76 7.93 32.77
CA ILE F 567 -19.83 6.79 31.87
C ILE F 567 -19.31 7.21 30.51
N ARG F 568 -19.74 8.37 30.02
CA ARG F 568 -19.27 8.86 28.74
C ARG F 568 -17.74 8.92 28.73
N GLU F 569 -17.19 9.51 29.79
CA GLU F 569 -15.74 9.68 29.93
C GLU F 569 -15.00 8.35 29.79
N MET F 570 -15.62 7.27 30.26
CA MET F 570 -14.98 5.98 30.17
C MET F 570 -15.01 5.53 28.71
N THR F 571 -16.15 5.72 28.05
CA THR F 571 -16.33 5.16 26.70
C THR F 571 -15.33 5.70 25.70
N VAL F 572 -14.98 6.98 25.82
CA VAL F 572 -14.13 7.64 24.83
C VAL F 572 -12.63 7.32 24.93
N MET F 573 -12.16 6.87 26.10
CA MET F 573 -10.74 6.58 26.35
CA MET F 573 -10.72 6.63 26.27
C MET F 573 -10.25 5.35 25.58
N ASN F 574 -11.17 4.46 25.27
CA ASN F 574 -10.77 3.24 24.61
C ASN F 574 -9.75 2.46 25.44
N MET F 575 -10.06 2.27 26.72
CA MET F 575 -9.25 1.44 27.60
C MET F 575 -10.16 0.48 28.35
N GLY F 576 -10.97 -0.24 27.60
CA GLY F 576 -11.88 -1.20 28.17
C GLY F 576 -12.75 -0.58 29.23
N ASN F 577 -12.88 -1.25 30.37
CA ASN F 577 -13.66 -0.72 31.47
C ASN F 577 -12.82 -0.02 32.52
N TYR F 578 -11.58 0.30 32.20
CA TYR F 578 -10.78 0.99 33.17
C TYR F 578 -11.19 2.46 33.24
N ALA F 579 -12.09 2.81 34.15
CA ALA F 579 -12.61 4.16 34.22
C ALA F 579 -11.77 5.07 35.13
N HIS F 580 -10.57 5.42 34.68
CA HIS F 580 -9.67 6.18 35.54
C HIS F 580 -10.26 7.52 35.91
N GLY F 581 -11.25 7.94 35.14
CA GLY F 581 -11.90 9.22 35.37
C GLY F 581 -12.66 9.26 36.68
N ASN F 582 -12.80 8.13 37.35
CA ASN F 582 -13.52 8.15 38.63
C ASN F 582 -12.80 7.38 39.73
N GLN F 583 -13.13 7.69 40.97
CA GLN F 583 -12.29 7.32 42.10
C GLN F 583 -12.14 5.81 42.43
N PRO F 584 -13.24 5.05 42.35
CA PRO F 584 -13.18 3.67 42.82
C PRO F 584 -12.07 2.83 42.17
N ILE F 585 -11.77 3.03 40.90
CA ILE F 585 -10.82 2.15 40.25
C ILE F 585 -9.40 2.67 40.25
N GLN F 586 -9.15 3.82 40.86
CA GLN F 586 -7.85 4.47 40.68
C GLN F 586 -6.64 3.74 41.25
N HIS F 587 -6.87 2.80 42.15
CA HIS F 587 -5.77 2.09 42.77
C HIS F 587 -5.54 0.77 42.04
N MET F 588 -6.53 0.38 41.23
CA MET F 588 -6.54 -0.97 40.69
C MET F 588 -5.27 -1.42 39.98
N ILE F 589 -4.77 -0.65 39.04
CA ILE F 589 -3.60 -1.10 38.30
C ILE F 589 -2.47 -1.61 39.22
N TYR F 590 -2.35 -0.98 40.38
CA TYR F 590 -1.30 -1.33 41.33
C TYR F 590 -1.47 -2.74 41.90
N LEU F 591 -2.69 -3.26 41.86
CA LEU F 591 -2.95 -4.57 42.39
C LEU F 591 -2.12 -5.64 41.68
N TYR F 592 -1.76 -5.39 40.41
CA TYR F 592 -0.91 -6.33 39.69
C TYR F 592 0.31 -6.68 40.54
N ASP F 593 0.80 -5.72 41.32
CA ASP F 593 1.97 -5.99 42.16
C ASP F 593 1.69 -7.14 43.11
N TYR F 594 0.50 -7.16 43.67
CA TYR F 594 0.13 -8.16 44.68
C TYR F 594 0.05 -9.56 44.12
N ALA F 595 -0.09 -9.68 42.80
CA ALA F 595 -0.25 -10.98 42.18
C ALA F 595 1.03 -11.46 41.49
N GLY F 596 2.13 -10.73 41.72
CA GLY F 596 3.44 -11.16 41.22
C GLY F 596 3.66 -10.88 39.75
N GLN F 597 3.03 -9.82 39.25
CA GLN F 597 3.24 -9.39 37.88
C GLN F 597 3.33 -7.88 37.84
N PRO F 598 4.32 -7.32 38.56
CA PRO F 598 4.54 -5.89 38.64
C PRO F 598 4.76 -5.23 37.27
N TRP F 599 5.22 -6.02 36.29
CA TRP F 599 5.50 -5.46 34.98
C TRP F 599 4.21 -5.05 34.27
N LYS F 600 3.13 -5.76 34.56
CA LYS F 600 1.83 -5.36 34.00
C LYS F 600 1.36 -4.05 34.60
N ALA F 601 1.65 -3.84 35.88
CA ALA F 601 1.33 -2.57 36.49
C ALA F 601 2.16 -1.49 35.83
N GLN F 602 3.44 -1.76 35.63
CA GLN F 602 4.31 -0.80 34.99
C GLN F 602 3.77 -0.39 33.63
N TYR F 603 3.37 -1.37 32.84
CA TYR F 603 2.87 -1.09 31.51
C TYR F 603 1.64 -0.18 31.50
N TRP F 604 0.63 -0.55 32.27
CA TRP F 604 -0.63 0.21 32.26
C TRP F 604 -0.51 1.57 32.93
N LEU F 605 0.13 1.61 34.09
CA LEU F 605 0.41 2.88 34.73
C LEU F 605 1.00 3.89 33.75
N ARG F 606 1.99 3.49 32.95
CA ARG F 606 2.62 4.43 32.04
C ARG F 606 1.63 4.84 30.97
N GLN F 607 0.81 3.89 30.53
CA GLN F 607 -0.26 4.24 29.60
C GLN F 607 -1.11 5.37 30.16
N VAL F 608 -1.58 5.20 31.39
CA VAL F 608 -2.45 6.18 31.99
C VAL F 608 -1.77 7.53 32.10
N MET F 609 -0.52 7.54 32.57
CA MET F 609 0.19 8.80 32.74
C MET F 609 0.40 9.53 31.43
N ASP F 610 0.57 8.76 30.35
CA ASP F 610 0.82 9.32 29.01
C ASP F 610 -0.47 9.82 28.34
N ARG F 611 -1.58 9.14 28.61
CA ARG F 611 -2.75 9.33 27.81
C ARG F 611 -3.92 10.01 28.50
N MET F 612 -4.00 9.90 29.82
CA MET F 612 -5.17 10.39 30.56
C MET F 612 -4.98 11.75 31.19
N TYR F 613 -3.80 12.32 31.00
CA TYR F 613 -3.47 13.62 31.56
C TYR F 613 -2.76 14.47 30.52
N THR F 614 -3.27 15.65 30.25
CA THR F 614 -2.56 16.57 29.37
C THR F 614 -2.63 17.92 30.03
N PRO F 615 -1.67 18.79 29.71
CA PRO F 615 -1.51 20.03 30.46
C PRO F 615 -2.42 21.18 30.03
N GLY F 616 -3.29 20.96 29.05
CA GLY F 616 -4.15 22.03 28.54
C GLY F 616 -5.45 22.26 29.31
N PRO F 617 -6.31 23.12 28.77
CA PRO F 617 -7.52 23.48 29.49
C PRO F 617 -8.41 22.27 29.64
N ASP F 618 -8.24 21.31 28.75
CA ASP F 618 -9.05 20.09 28.83
C ASP F 618 -8.20 18.93 29.33
N GLY F 619 -7.39 19.18 30.35
CA GLY F 619 -6.32 18.26 30.75
C GLY F 619 -6.66 16.94 31.44
N TYR F 620 -7.70 16.89 32.25
CA TYR F 620 -8.01 15.65 32.95
C TYR F 620 -8.98 14.81 32.14
N CYS F 621 -9.22 13.58 32.60
CA CYS F 621 -10.15 12.70 31.91
C CYS F 621 -11.46 12.43 32.69
N GLY F 622 -11.68 13.20 33.74
CA GLY F 622 -12.85 13.06 34.58
C GLY F 622 -12.69 14.14 35.63
N ASP F 623 -13.60 14.22 36.59
CA ASP F 623 -13.48 15.24 37.63
C ASP F 623 -12.18 15.11 38.41
N GLU F 624 -11.54 16.25 38.64
CA GLU F 624 -10.30 16.31 39.41
C GLU F 624 -10.55 15.99 40.89
N ASP F 625 -11.72 16.39 41.39
CA ASP F 625 -12.17 16.02 42.73
C ASP F 625 -11.23 16.42 43.89
N ASN F 626 -10.98 17.73 44.00
CA ASN F 626 -10.25 18.31 45.15
C ASN F 626 -8.90 17.70 45.47
N GLY F 627 -8.15 17.34 44.44
CA GLY F 627 -6.79 16.89 44.63
C GLY F 627 -6.60 15.41 44.41
N GLN F 628 -7.68 14.64 44.49
CA GLN F 628 -7.56 13.17 44.37
C GLN F 628 -6.98 12.76 43.04
N THR F 629 -7.63 13.19 41.96
CA THR F 629 -7.20 12.80 40.61
C THR F 629 -5.87 13.44 40.28
N SER F 630 -5.59 14.60 40.88
CA SER F 630 -4.31 15.24 40.65
C SER F 630 -3.18 14.51 41.38
N ALA F 631 -3.39 14.27 42.66
CA ALA F 631 -2.39 13.58 43.48
C ALA F 631 -2.11 12.17 42.96
N TRP F 632 -3.07 11.58 42.27
CA TRP F 632 -2.85 10.26 41.70
C TRP F 632 -1.69 10.34 40.73
N TYR F 633 -1.70 11.40 39.92
CA TYR F 633 -0.63 11.64 38.96
C TYR F 633 0.68 11.97 39.68
N VAL F 634 0.61 12.82 40.70
CA VAL F 634 1.82 13.17 41.41
C VAL F 634 2.50 11.91 41.96
N PHE F 635 1.75 11.08 42.69
CA PHE F 635 2.31 9.85 43.21
C PHE F 635 2.82 8.97 42.07
N SER F 636 1.94 8.69 41.11
CA SER F 636 2.27 7.74 40.05
C SER F 636 3.51 8.17 39.27
N ALA F 637 3.67 9.48 39.07
CA ALA F 637 4.84 9.96 38.33
C ALA F 637 6.12 9.74 39.15
N LEU F 638 5.99 9.78 40.46
CA LEU F 638 7.14 9.53 41.33
C LEU F 638 7.51 8.06 41.29
N GLY F 639 6.50 7.21 41.15
CA GLY F 639 6.73 5.79 40.96
C GLY F 639 6.04 4.86 41.94
N PHE F 640 5.23 5.41 42.84
CA PHE F 640 4.56 4.59 43.85
C PHE F 640 3.26 5.24 44.31
N TYR F 641 2.44 4.46 44.99
CA TYR F 641 1.09 4.89 45.32
C TYR F 641 0.62 4.24 46.63
N PRO F 642 -0.08 5.01 47.47
CA PRO F 642 -0.56 4.48 48.75
C PRO F 642 -1.83 3.69 48.53
N VAL F 643 -1.72 2.48 48.00
CA VAL F 643 -2.89 1.68 47.76
C VAL F 643 -3.74 1.57 49.01
N CYS F 644 -3.09 1.30 50.15
CA CYS F 644 -3.79 1.08 51.40
C CYS F 644 -3.38 2.03 52.53
N PRO F 645 -3.96 3.24 52.56
CA PRO F 645 -3.65 4.15 53.65
C PRO F 645 -3.97 3.45 54.96
N GLY F 646 -3.17 3.67 55.99
CA GLY F 646 -3.32 2.93 57.23
C GLY F 646 -2.16 1.96 57.38
N THR F 647 -1.52 1.62 56.27
CA THR F 647 -0.24 0.92 56.33
C THR F 647 0.87 1.95 56.20
N ASP F 648 2.12 1.53 56.31
CA ASP F 648 3.25 2.44 56.09
C ASP F 648 3.80 2.23 54.68
N GLU F 649 2.96 1.72 53.78
CA GLU F 649 3.43 1.24 52.48
C GLU F 649 2.96 2.04 51.26
N TYR F 650 3.90 2.26 50.34
CA TYR F 650 3.57 2.80 49.05
C TYR F 650 3.88 1.72 48.03
N VAL F 651 2.87 1.25 47.32
CA VAL F 651 3.07 0.18 46.35
C VAL F 651 3.76 0.70 45.10
N MET F 652 4.62 -0.13 44.51
CA MET F 652 5.50 0.33 43.45
C MET F 652 4.86 0.31 42.08
N GLY F 653 5.01 1.42 41.36
CA GLY F 653 4.56 1.51 39.97
C GLY F 653 5.75 1.69 39.03
N THR F 654 5.77 2.78 38.28
CA THR F 654 6.90 3.09 37.45
C THR F 654 7.07 4.60 37.39
N PRO F 655 8.30 5.08 37.60
CA PRO F 655 8.58 6.52 37.66
C PRO F 655 8.54 7.17 36.28
N LEU F 656 7.97 8.35 36.18
CA LEU F 656 7.84 8.99 34.89
C LEU F 656 9.08 9.80 34.49
N PHE F 657 9.86 10.24 35.47
CA PHE F 657 10.99 11.15 35.22
C PHE F 657 12.35 10.47 35.40
N LYS F 658 13.40 11.08 34.85
CA LYS F 658 14.74 10.53 34.96
C LYS F 658 15.28 10.75 36.37
N LYS F 659 14.77 11.79 37.03
CA LYS F 659 15.16 12.07 38.40
C LYS F 659 14.09 12.84 39.16
N ALA F 660 13.79 12.38 40.36
CA ALA F 660 12.91 13.10 41.25
C ALA F 660 13.58 13.25 42.62
N THR F 661 13.39 14.38 43.26
CA THR F 661 13.96 14.56 44.58
C THR F 661 12.88 15.02 45.55
N LEU F 662 12.78 14.35 46.70
CA LEU F 662 11.82 14.76 47.71
C LEU F 662 12.51 15.42 48.89
N HIS F 663 11.94 16.52 49.35
CA HIS F 663 12.45 17.19 50.54
C HIS F 663 11.40 17.11 51.63
N PHE F 664 11.63 16.27 52.63
CA PHE F 664 10.65 16.07 53.69
C PHE F 664 10.78 17.14 54.75
N GLU F 665 9.71 17.36 55.49
CA GLU F 665 9.73 18.37 56.55
C GLU F 665 10.77 18.06 57.63
N ASN F 666 11.17 16.80 57.73
CA ASN F 666 12.15 16.42 58.71
C ASN F 666 13.60 16.78 58.34
N GLY F 667 13.81 17.40 57.20
CA GLY F 667 15.15 17.87 56.85
C GLY F 667 15.91 16.97 55.89
N ASN F 668 15.47 15.73 55.74
CA ASN F 668 16.13 14.80 54.82
C ASN F 668 15.61 14.93 53.39
N SER F 669 16.38 14.37 52.46
CA SER F 669 15.97 14.32 51.06
C SER F 669 16.09 12.91 50.52
N LEU F 670 15.26 12.58 49.55
CA LEU F 670 15.30 11.29 48.92
C LEU F 670 15.39 11.50 47.43
N VAL F 671 16.43 10.95 46.80
CA VAL F 671 16.57 11.09 45.36
C VAL F 671 16.23 9.80 44.64
N ILE F 672 15.33 9.88 43.66
CA ILE F 672 14.96 8.71 42.88
C ILE F 672 15.55 8.80 41.48
N ASP F 673 16.65 8.07 41.27
CA ASP F 673 17.37 8.11 40.00
C ASP F 673 16.92 7.07 38.99
N ALA F 674 16.40 7.54 37.87
CA ALA F 674 16.05 6.65 36.80
C ALA F 674 16.65 7.19 35.50
N PRO F 675 18.00 7.26 35.45
CA PRO F 675 18.78 7.88 34.38
C PRO F 675 18.37 7.34 33.01
N ASN F 676 17.92 6.10 32.98
CA ASN F 676 17.63 5.46 31.70
C ASN F 676 16.18 5.53 31.26
N ASN F 677 15.39 6.34 31.94
CA ASN F 677 13.99 6.51 31.62
C ASN F 677 13.80 7.11 30.23
N SER F 678 12.73 6.68 29.55
CA SER F 678 12.44 7.15 28.21
C SER F 678 10.97 6.88 27.93
N THR F 679 10.51 7.27 26.75
CA THR F 679 9.17 6.90 26.32
C THR F 679 9.09 5.40 26.16
N GLU F 680 10.20 4.78 25.81
CA GLU F 680 10.25 3.34 25.59
C GLU F 680 10.50 2.56 26.87
N ASN F 681 11.37 3.12 27.71
CA ASN F 681 11.86 2.39 28.86
C ASN F 681 11.02 2.63 30.10
N PHE F 682 9.85 1.99 30.14
CA PHE F 682 8.95 2.20 31.28
C PHE F 682 8.86 0.96 32.16
N TYR F 683 9.70 -0.03 31.89
CA TYR F 683 9.74 -1.21 32.75
C TYR F 683 10.84 -1.05 33.77
N ILE F 684 10.60 -1.53 34.99
CA ILE F 684 11.65 -1.56 35.98
C ILE F 684 12.36 -2.89 35.90
N ASP F 685 13.66 -2.83 35.59
CA ASP F 685 14.45 -4.05 35.48
C ASP F 685 15.07 -4.46 36.84
N SER F 686 15.62 -3.47 37.54
CA SER F 686 16.16 -3.71 38.88
C SER F 686 16.08 -2.43 39.69
N MET F 687 16.18 -2.54 41.00
CA MET F 687 16.01 -1.40 41.89
C MET F 687 16.91 -1.57 43.09
N SER F 688 17.58 -0.50 43.50
CA SER F 688 18.39 -0.55 44.70
C SER F 688 18.13 0.65 45.59
N PHE F 689 18.12 0.42 46.90
CA PHE F 689 17.80 1.45 47.87
C PHE F 689 19.04 1.68 48.72
N ASN F 690 19.73 2.80 48.51
CA ASN F 690 20.96 3.08 49.22
C ASN F 690 21.96 1.95 49.07
N GLY F 691 22.08 1.41 47.86
CA GLY F 691 23.10 0.39 47.60
C GLY F 691 22.62 -1.04 47.81
N ALA F 692 21.64 -1.21 48.71
CA ALA F 692 21.02 -2.52 48.88
C ALA F 692 20.12 -2.81 47.69
N ASP F 693 20.10 -4.06 47.25
CA ASP F 693 19.22 -4.48 46.17
C ASP F 693 17.78 -4.53 46.69
N HIS F 694 16.86 -4.05 45.88
CA HIS F 694 15.49 -3.91 46.34
C HIS F 694 14.49 -4.57 45.40
N THR F 695 14.10 -5.81 45.71
CA THR F 695 13.22 -6.56 44.81
C THR F 695 11.76 -6.41 45.22
N LYS F 696 11.52 -5.78 46.36
CA LYS F 696 10.17 -5.61 46.88
C LYS F 696 9.29 -4.73 46.00
N ASN F 697 7.98 -4.95 46.07
CA ASN F 697 7.03 -4.15 45.31
C ASN F 697 6.47 -2.98 46.10
N TYR F 698 7.18 -2.56 47.15
CA TYR F 698 6.72 -1.45 47.96
C TYR F 698 7.87 -0.74 48.70
N LEU F 699 7.61 0.50 49.09
CA LEU F 699 8.50 1.26 49.94
C LEU F 699 7.80 1.57 51.26
N ARG F 700 8.58 1.74 52.33
CA ARG F 700 8.01 2.04 53.63
C ARG F 700 8.22 3.48 54.06
N HIS F 701 7.18 4.06 54.63
CA HIS F 701 7.19 5.46 55.07
C HIS F 701 8.47 5.83 55.84
N GLU F 702 8.81 5.04 56.87
CA GLU F 702 9.98 5.32 57.71
C GLU F 702 11.27 5.30 56.92
N ASP F 703 11.33 4.37 55.97
CA ASP F 703 12.50 4.21 55.14
C ASP F 703 12.70 5.42 54.27
N LEU F 704 11.61 5.88 53.64
CA LEU F 704 11.67 7.06 52.78
C LEU F 704 12.13 8.27 53.57
N PHE F 705 11.54 8.48 54.74
CA PHE F 705 11.88 9.62 55.57
C PHE F 705 13.36 9.64 55.94
N LYS F 706 14.00 8.47 55.97
CA LYS F 706 15.43 8.43 56.27
C LYS F 706 16.25 9.05 55.14
N GLY F 707 15.66 9.14 53.97
CA GLY F 707 16.31 9.77 52.84
C GLY F 707 17.42 8.95 52.21
N GLY F 708 18.19 9.58 51.33
CA GLY F 708 19.26 8.91 50.62
C GLY F 708 18.92 8.79 49.15
N THR F 709 19.35 7.70 48.52
CA THR F 709 19.11 7.51 47.09
C THR F 709 18.42 6.19 46.76
N ILE F 710 17.47 6.26 45.84
CA ILE F 710 16.92 5.06 45.25
C ILE F 710 17.26 5.06 43.78
N LYS F 711 17.84 3.95 43.31
CA LYS F 711 18.17 3.78 41.89
C LYS F 711 17.24 2.82 41.19
N VAL F 712 16.75 3.26 40.03
CA VAL F 712 15.83 2.45 39.24
C VAL F 712 16.36 2.28 37.82
N ASP F 713 16.69 1.05 37.47
CA ASP F 713 17.18 0.76 36.14
C ASP F 713 16.00 0.49 35.21
N MET F 714 15.71 1.45 34.33
CA MET F 714 14.57 1.32 33.42
C MET F 714 14.94 0.49 32.20
N SER F 715 13.95 -0.22 31.65
CA SER F 715 14.15 -1.01 30.45
C SER F 715 12.92 -0.94 29.59
N ASN F 716 13.08 -1.34 28.33
CA ASN F 716 11.96 -1.37 27.39
C ASN F 716 11.37 -2.77 27.26
N ARG F 717 11.91 -3.72 28.02
CA ARG F 717 11.37 -5.07 28.06
C ARG F 717 11.07 -5.43 29.50
N PRO F 718 9.96 -6.13 29.73
CA PRO F 718 9.58 -6.45 31.09
C PRO F 718 10.55 -7.46 31.69
N ASN F 719 10.74 -7.40 33.00
CA ASN F 719 11.53 -8.39 33.66
C ASN F 719 10.63 -9.35 34.42
N LEU F 720 10.45 -10.55 33.86
CA LEU F 720 9.49 -11.53 34.39
C LEU F 720 9.88 -12.15 35.73
N ASN F 721 11.05 -11.81 36.25
CA ASN F 721 11.52 -12.44 37.47
C ASN F 721 11.55 -11.54 38.70
N ARG F 722 11.51 -10.23 38.48
CA ARG F 722 11.59 -9.32 39.61
C ARG F 722 10.25 -9.15 40.28
N GLY F 723 10.24 -9.19 41.61
CA GLY F 723 9.03 -8.88 42.38
C GLY F 723 7.95 -9.94 42.31
N THR F 724 8.36 -11.19 42.07
CA THR F 724 7.41 -12.28 42.03
C THR F 724 7.51 -13.09 43.30
N LYS F 725 8.64 -12.96 43.99
CA LYS F 725 8.85 -13.64 45.26
C LYS F 725 7.84 -13.18 46.30
N GLU F 726 7.46 -14.11 47.18
CA GLU F 726 6.38 -13.87 48.14
C GLU F 726 6.69 -12.72 49.11
N GLU F 727 7.95 -12.57 49.52
CA GLU F 727 8.31 -11.52 50.48
C GLU F 727 8.33 -10.16 49.81
N ASP F 728 8.13 -10.14 48.50
CA ASP F 728 8.07 -8.90 47.74
C ASP F 728 6.68 -8.28 47.77
N MET F 729 5.69 -9.05 48.22
CA MET F 729 4.31 -8.57 48.16
C MET F 729 4.07 -7.50 49.20
N PRO F 730 3.18 -6.55 48.90
CA PRO F 730 2.78 -5.58 49.91
C PRO F 730 1.84 -6.22 50.92
N TYR F 731 1.50 -5.46 51.94
CA TYR F 731 0.63 -5.92 53.02
C TYR F 731 -0.74 -6.42 52.56
N SER F 732 -1.18 -7.55 53.10
CA SER F 732 -2.58 -7.98 53.04
C SER F 732 -2.98 -8.47 54.42
N PHE F 733 -4.18 -8.11 54.85
CA PHE F 733 -4.69 -8.47 56.17
C PHE F 733 -4.69 -9.98 56.36
N SER F 734 -5.12 -10.69 55.33
CA SER F 734 -5.25 -12.13 55.33
C SER F 734 -3.92 -12.82 55.67
N LYS F 735 -2.81 -12.30 55.16
CA LYS F 735 -1.52 -12.90 55.43
C LYS F 735 -0.91 -12.51 56.77
N GLU F 736 -1.25 -13.25 57.83
CA GLU F 736 -0.50 -13.16 59.09
C GLU F 736 -0.91 -14.23 60.14
N LYS G 1 35.90 -13.36 0.93
CA LYS G 1 36.65 -12.66 2.02
C LYS G 1 37.99 -13.37 2.30
N ASP G 2 38.97 -12.67 2.87
CA ASP G 2 40.24 -13.30 3.20
C ASP G 2 40.57 -13.20 4.68
N TRP G 3 40.60 -14.33 5.35
CA TRP G 3 40.89 -14.28 6.78
C TRP G 3 42.38 -14.25 7.10
N THR G 4 43.23 -14.57 6.13
CA THR G 4 44.66 -14.65 6.36
C THR G 4 45.24 -13.29 6.77
N GLN G 5 44.58 -12.24 6.32
CA GLN G 5 45.01 -10.89 6.64
C GLN G 5 45.03 -10.67 8.15
N TYR G 6 44.28 -11.48 8.89
CA TYR G 6 44.23 -11.32 10.34
C TYR G 6 45.29 -12.13 11.08
N VAL G 7 45.91 -13.08 10.36
CA VAL G 7 46.84 -14.00 10.99
C VAL G 7 48.21 -13.37 11.16
N ASN G 8 48.68 -13.28 12.40
CA ASN G 8 50.04 -12.79 12.64
C ASN G 8 50.95 -13.92 13.12
N PRO G 9 51.78 -14.45 12.23
CA PRO G 9 52.63 -15.58 12.60
C PRO G 9 53.68 -15.15 13.59
N LEU G 10 53.86 -13.85 13.76
CA LEU G 10 54.86 -13.38 14.71
C LEU G 10 54.36 -13.42 16.17
N MET G 11 53.05 -13.61 16.35
CA MET G 11 52.46 -13.54 17.67
C MET G 11 53.04 -14.66 18.54
N GLY G 12 53.68 -14.29 19.63
CA GLY G 12 54.26 -15.28 20.52
C GLY G 12 55.73 -15.44 20.30
N SER G 13 56.30 -14.64 19.39
CA SER G 13 57.73 -14.72 19.08
C SER G 13 58.59 -13.85 19.99
N GLN G 14 57.95 -12.96 20.75
CA GLN G 14 58.68 -12.12 21.69
C GLN G 14 58.72 -12.77 23.07
N SER G 15 59.29 -13.96 23.18
CA SER G 15 59.32 -14.67 24.46
C SER G 15 60.75 -14.88 24.89
N THR G 16 60.94 -15.01 26.19
CA THR G 16 62.23 -15.35 26.72
C THR G 16 62.11 -16.52 27.66
N PHE G 17 63.26 -17.06 28.04
CA PHE G 17 63.33 -18.17 28.99
C PHE G 17 62.61 -17.90 30.32
N GLU G 18 62.69 -16.68 30.84
CA GLU G 18 62.08 -16.36 32.15
C GLU G 18 60.59 -16.04 32.05
N LEU G 19 60.17 -15.51 30.92
CA LEU G 19 58.76 -15.19 30.72
C LEU G 19 58.36 -15.53 29.29
N SER G 20 57.44 -16.46 29.16
CA SER G 20 56.96 -16.82 27.85
C SER G 20 55.79 -15.93 27.51
N THR G 21 55.79 -15.40 26.30
CA THR G 21 54.60 -14.76 25.79
C THR G 21 54.06 -15.58 24.62
N GLY G 22 54.43 -16.86 24.63
CA GLY G 22 53.93 -17.81 23.64
C GLY G 22 54.95 -18.88 23.28
N ASN G 23 56.20 -18.46 23.16
CA ASN G 23 57.27 -19.35 22.73
C ASN G 23 56.98 -20.00 21.40
N THR G 24 56.58 -19.19 20.43
CA THR G 24 56.31 -19.68 19.08
C THR G 24 57.33 -19.12 18.11
N TYR G 25 57.34 -19.66 16.90
CA TYR G 25 58.09 -19.05 15.80
C TYR G 25 57.14 -18.87 14.63
N PRO G 26 57.53 -18.08 13.63
CA PRO G 26 56.69 -17.94 12.46
C PRO G 26 56.70 -19.19 11.60
N ALA G 27 55.71 -20.04 11.81
CA ALA G 27 55.57 -21.26 11.06
C ALA G 27 54.98 -20.94 9.70
N ILE G 28 55.84 -20.82 8.69
CA ILE G 28 55.36 -20.65 7.33
C ILE G 28 55.09 -22.03 6.71
N ALA G 29 53.83 -22.38 6.58
CA ALA G 29 53.50 -23.74 6.23
C ALA G 29 52.08 -23.87 5.67
N ARG G 30 51.76 -25.04 5.12
CA ARG G 30 50.37 -25.40 4.88
C ARG G 30 49.79 -25.92 6.19
N PRO G 31 48.46 -25.96 6.31
CA PRO G 31 47.84 -26.56 7.48
C PRO G 31 48.34 -27.97 7.72
N TRP G 32 48.82 -28.23 8.94
CA TRP G 32 49.34 -29.56 9.32
C TRP G 32 50.47 -30.05 8.40
N GLY G 33 51.19 -29.10 7.79
CA GLY G 33 52.24 -29.44 6.84
C GLY G 33 53.32 -30.33 7.43
N MET G 34 53.85 -31.25 6.62
CA MET G 34 54.90 -32.14 7.09
C MET G 34 56.17 -31.39 7.40
N ASN G 35 56.46 -30.39 6.58
CA ASN G 35 57.63 -29.58 6.75
C ASN G 35 57.24 -28.12 6.94
N PHE G 36 57.72 -27.50 8.02
CA PHE G 36 57.54 -26.07 8.23
C PHE G 36 58.81 -25.34 7.83
N TRP G 37 58.67 -24.10 7.39
CA TRP G 37 59.83 -23.26 7.10
C TRP G 37 59.74 -21.97 7.90
N THR G 38 60.87 -21.54 8.43
CA THR G 38 60.91 -20.33 9.22
C THR G 38 62.21 -19.60 9.03
N PRO G 39 62.18 -18.26 9.09
CA PRO G 39 63.41 -17.52 9.17
C PRO G 39 64.10 -17.93 10.47
N GLN G 40 65.43 -18.04 10.45
CA GLN G 40 66.18 -18.47 11.63
C GLN G 40 67.06 -17.36 12.18
N THR G 41 66.75 -16.89 13.39
CA THR G 41 67.60 -15.92 14.04
C THR G 41 68.48 -16.58 15.06
N GLY G 42 68.00 -17.62 15.72
CA GLY G 42 68.81 -18.33 16.71
C GLY G 42 69.97 -19.12 16.11
N LYS G 43 70.99 -19.41 16.92
CA LYS G 43 72.11 -20.23 16.44
C LYS G 43 71.67 -21.70 16.32
N MET G 44 72.32 -22.46 15.45
CA MET G 44 71.94 -23.86 15.26
C MET G 44 71.80 -24.55 16.60
N GLY G 45 70.66 -25.22 16.82
CA GLY G 45 70.47 -26.06 18.00
C GLY G 45 69.72 -25.41 19.15
N ASP G 46 69.61 -24.09 19.10
CA ASP G 46 68.91 -23.32 20.11
C ASP G 46 67.39 -23.38 19.89
N GLY G 47 66.69 -23.83 20.92
CA GLY G 47 65.25 -23.97 20.88
C GLY G 47 64.55 -22.69 20.43
N TRP G 48 65.13 -21.56 20.77
CA TRP G 48 64.55 -20.28 20.38
C TRP G 48 65.10 -19.93 19.02
N GLN G 49 64.50 -20.51 17.98
CA GLN G 49 65.11 -20.40 16.67
C GLN G 49 64.79 -19.08 16.01
N TYR G 50 63.70 -18.46 16.42
CA TYR G 50 63.36 -17.13 15.93
C TYR G 50 62.84 -16.36 17.11
N THR G 51 63.45 -15.20 17.41
CA THR G 51 62.95 -14.35 18.48
C THR G 51 62.72 -12.93 17.98
N TYR G 52 61.61 -12.34 18.39
CA TYR G 52 61.22 -11.04 17.86
C TYR G 52 62.31 -9.97 18.06
N THR G 53 63.09 -10.05 19.12
CA THR G 53 64.06 -8.98 19.39
C THR G 53 65.41 -9.25 18.75
N ALA G 54 65.52 -10.33 17.99
CA ALA G 54 66.81 -10.65 17.40
C ALA G 54 67.07 -9.70 16.24
N ASN G 55 68.33 -9.38 16.01
CA ASN G 55 68.72 -8.46 14.92
C ASN G 55 69.05 -9.11 13.59
N LYS G 56 69.52 -10.35 13.63
CA LYS G 56 70.05 -10.97 12.44
C LYS G 56 69.36 -12.29 12.11
N ILE G 57 69.25 -12.56 10.81
CA ILE G 57 68.78 -13.84 10.29
C ILE G 57 70.00 -14.55 9.72
N ARG G 58 70.19 -15.81 10.08
CA ARG G 58 71.36 -16.54 9.62
C ARG G 58 70.99 -17.67 8.67
N GLY G 59 69.71 -17.78 8.34
CA GLY G 59 69.28 -18.78 7.38
C GLY G 59 67.78 -18.94 7.35
N PHE G 60 67.31 -19.65 6.35
CA PHE G 60 65.91 -20.01 6.26
C PHE G 60 65.83 -21.51 6.43
N LYS G 61 65.17 -21.92 7.50
CA LYS G 61 65.30 -23.28 7.98
C LYS G 61 64.06 -24.12 7.77
N GLN G 62 64.29 -25.39 7.47
CA GLN G 62 63.21 -26.36 7.52
C GLN G 62 63.20 -26.90 8.94
N THR G 63 62.04 -26.80 9.59
CA THR G 63 61.93 -27.19 11.00
C THR G 63 60.69 -28.04 11.24
N HIS G 64 60.77 -28.85 12.28
CA HIS G 64 59.61 -29.61 12.72
C HIS G 64 59.34 -29.37 14.21
N GLN G 65 60.09 -28.44 14.80
CA GLN G 65 60.04 -28.19 16.22
C GLN G 65 58.66 -27.76 16.72
N PRO G 66 58.14 -28.48 17.72
CA PRO G 66 56.86 -28.21 18.38
C PRO G 66 57.01 -27.27 19.57
N SER G 67 58.20 -27.13 20.11
CA SER G 67 58.40 -26.30 21.29
C SER G 67 59.88 -26.06 21.48
N PRO G 68 60.24 -24.91 22.05
CA PRO G 68 61.65 -24.70 22.31
C PRO G 68 62.17 -25.75 23.28
N TRP G 69 61.31 -26.15 24.22
CA TRP G 69 61.70 -27.16 25.19
C TRP G 69 61.94 -28.53 24.57
N ILE G 70 61.12 -28.89 23.60
CA ILE G 70 61.27 -30.18 22.95
C ILE G 70 62.40 -30.16 21.93
N ASN G 71 62.51 -29.04 21.25
CA ASN G 71 63.54 -28.85 20.24
C ASN G 71 63.27 -29.56 18.90
N ASP G 72 64.23 -29.50 17.97
CA ASP G 72 63.96 -29.84 16.58
C ASP G 72 64.50 -31.17 16.08
N TYR G 73 64.08 -31.54 14.86
CA TYR G 73 64.64 -32.68 14.14
C TYR G 73 64.30 -32.48 12.67
N GLY G 74 64.98 -33.19 11.78
CA GLY G 74 64.77 -33.04 10.33
C GLY G 74 64.99 -31.61 9.89
N GLN G 75 66.14 -31.05 10.27
CA GLN G 75 66.40 -29.63 10.09
C GLN G 75 67.61 -29.33 9.21
N PHE G 76 67.45 -28.37 8.31
CA PHE G 76 68.54 -27.86 7.52
C PHE G 76 68.15 -26.46 7.07
N SER G 77 69.12 -25.68 6.61
CA SER G 77 68.83 -24.30 6.23
C SER G 77 69.50 -23.88 4.94
N ILE G 78 69.02 -22.78 4.39
CA ILE G 78 69.56 -22.19 3.18
C ILE G 78 69.72 -20.69 3.42
N MET G 79 70.78 -20.09 2.91
CA MET G 79 71.05 -18.68 3.16
C MET G 79 71.76 -18.04 1.97
N PRO G 80 71.13 -17.02 1.34
CA PRO G 80 71.81 -16.29 0.27
C PRO G 80 72.76 -15.25 0.85
N ILE G 81 73.89 -15.03 0.19
CA ILE G 81 74.82 -14.01 0.65
C ILE G 81 75.52 -13.38 -0.55
N VAL G 82 76.40 -12.45 -0.25
CA VAL G 82 77.10 -11.71 -1.28
C VAL G 82 78.48 -11.37 -0.74
N GLY G 83 79.46 -11.26 -1.63
CA GLY G 83 80.83 -10.92 -1.20
C GLY G 83 81.72 -12.13 -1.03
N GLN G 84 82.19 -12.37 0.18
CA GLN G 84 82.99 -13.56 0.46
C GLN G 84 82.08 -14.77 0.62
N PRO G 85 82.50 -15.92 0.07
CA PRO G 85 81.78 -17.16 0.33
C PRO G 85 82.09 -17.71 1.73
N VAL G 86 81.17 -17.51 2.67
CA VAL G 86 81.39 -17.91 4.04
C VAL G 86 80.30 -18.86 4.52
N PHE G 87 80.68 -19.91 5.22
CA PHE G 87 79.71 -20.90 5.66
C PHE G 87 79.34 -20.70 7.11
N ASP G 88 80.24 -20.11 7.87
CA ASP G 88 79.99 -19.85 9.28
C ASP G 88 78.65 -19.15 9.52
N GLU G 89 77.92 -19.62 10.53
CA GLU G 89 76.55 -19.19 10.74
C GLU G 89 76.41 -17.79 11.32
N GLU G 90 77.53 -17.21 11.75
CA GLU G 90 77.53 -15.82 12.23
C GLU G 90 78.03 -14.89 11.13
N LYS G 91 79.12 -15.28 10.48
CA LYS G 91 79.65 -14.48 9.39
C LYS G 91 78.67 -14.34 8.25
N ARG G 92 77.81 -15.33 8.04
CA ARG G 92 76.87 -15.24 6.93
C ARG G 92 75.63 -14.46 7.30
N ALA G 93 75.43 -14.22 8.58
CA ALA G 93 74.17 -13.66 9.08
C ALA G 93 73.99 -12.22 8.62
N SER G 94 72.74 -11.77 8.52
CA SER G 94 72.49 -10.40 8.09
C SER G 94 71.53 -9.71 9.02
N TRP G 95 71.76 -8.43 9.26
CA TRP G 95 70.76 -7.58 9.91
C TRP G 95 69.46 -7.58 9.11
N PHE G 96 68.35 -7.31 9.79
CA PHE G 96 67.09 -7.05 9.14
C PHE G 96 66.23 -6.31 10.13
N ALA G 97 65.07 -5.84 9.71
CA ALA G 97 64.12 -5.24 10.66
C ALA G 97 62.72 -5.68 10.29
N HIS G 98 61.83 -5.70 11.28
CA HIS G 98 60.48 -6.24 11.06
C HIS G 98 59.71 -5.40 10.06
N LYS G 99 60.02 -4.11 9.99
CA LYS G 99 59.42 -3.27 8.96
C LYS G 99 59.92 -3.59 7.56
N GLY G 100 60.91 -4.48 7.45
CA GLY G 100 61.41 -4.91 6.14
C GLY G 100 61.05 -6.37 5.91
N GLU G 101 60.13 -6.86 6.73
CA GLU G 101 59.75 -8.26 6.78
C GLU G 101 58.23 -8.38 6.63
N VAL G 102 57.79 -9.36 5.85
CA VAL G 102 56.37 -9.65 5.72
C VAL G 102 56.11 -11.14 5.98
N ALA G 103 55.39 -11.42 7.07
CA ALA G 103 55.11 -12.81 7.45
C ALA G 103 53.62 -13.17 7.35
N THR G 104 53.31 -14.16 6.51
CA THR G 104 51.97 -14.71 6.44
C THR G 104 52.13 -16.23 6.44
N PRO G 105 51.05 -16.95 6.74
CA PRO G 105 51.15 -18.40 6.77
C PRO G 105 51.65 -18.99 5.45
N TYR G 106 51.31 -18.35 4.34
CA TYR G 106 51.53 -18.93 3.02
C TYR G 106 52.69 -18.29 2.30
N TYR G 107 53.28 -17.24 2.87
CA TYR G 107 54.28 -16.44 2.17
C TYR G 107 55.15 -15.70 3.16
N TYR G 108 56.46 -15.70 2.94
CA TYR G 108 57.36 -14.98 3.82
C TYR G 108 58.41 -14.20 3.04
N LYS G 109 58.59 -12.92 3.40
CA LYS G 109 59.53 -12.06 2.70
C LYS G 109 60.36 -11.25 3.67
N VAL G 110 61.63 -11.02 3.33
CA VAL G 110 62.47 -10.24 4.20
C VAL G 110 63.62 -9.65 3.40
N TYR G 111 64.04 -8.45 3.77
CA TYR G 111 65.22 -7.82 3.17
C TYR G 111 66.44 -8.01 4.06
N LEU G 112 67.47 -8.66 3.51
CA LEU G 112 68.68 -8.92 4.27
C LEU G 112 69.60 -7.75 4.07
N ALA G 113 69.70 -6.89 5.07
CA ALA G 113 70.33 -5.57 4.89
C ALA G 113 71.83 -5.61 4.65
N GLU G 114 72.52 -6.63 5.15
CA GLU G 114 73.95 -6.70 4.96
C GLU G 114 74.35 -7.35 3.64
N HIS G 115 73.41 -7.95 2.92
CA HIS G 115 73.73 -8.52 1.62
C HIS G 115 72.99 -7.78 0.51
N ASP G 116 72.03 -6.95 0.89
CA ASP G 116 71.22 -6.27 -0.09
C ASP G 116 70.48 -7.33 -0.93
N ILE G 117 69.89 -8.30 -0.24
CA ILE G 117 69.18 -9.38 -0.88
C ILE G 117 67.78 -9.47 -0.32
N VAL G 118 66.80 -9.68 -1.19
CA VAL G 118 65.44 -9.93 -0.74
C VAL G 118 65.17 -11.42 -0.88
N THR G 119 64.70 -12.06 0.19
CA THR G 119 64.35 -13.46 0.14
C THR G 119 62.85 -13.65 0.28
N GLU G 120 62.26 -14.49 -0.57
CA GLU G 120 60.86 -14.86 -0.40
C GLU G 120 60.69 -16.37 -0.45
N MET G 121 59.80 -16.91 0.37
CA MET G 121 59.50 -18.33 0.29
C MET G 121 58.00 -18.60 0.40
N THR G 122 57.53 -19.61 -0.34
CA THR G 122 56.15 -20.04 -0.26
C THR G 122 56.22 -21.53 -0.26
N PRO G 123 55.56 -22.15 0.72
CA PRO G 123 55.64 -23.60 0.86
C PRO G 123 54.41 -24.37 0.48
N THR G 124 54.57 -25.67 0.29
CA THR G 124 53.46 -26.58 0.13
C THR G 124 53.55 -27.48 1.33
N GLU G 125 52.88 -28.62 1.29
CA GLU G 125 52.89 -29.48 2.46
C GLU G 125 54.27 -30.05 2.73
N ARG G 126 54.97 -30.37 1.66
CA ARG G 126 56.28 -30.99 1.83
C ARG G 126 57.41 -30.25 1.12
N ALA G 127 57.07 -29.28 0.29
CA ALA G 127 58.08 -28.61 -0.51
C ALA G 127 57.98 -27.11 -0.33
N VAL G 128 58.95 -26.39 -0.88
CA VAL G 128 58.91 -24.95 -0.79
C VAL G 128 59.64 -24.29 -1.95
N LEU G 129 59.27 -23.05 -2.24
CA LEU G 129 59.95 -22.32 -3.29
C LEU G 129 60.57 -21.07 -2.73
N PHE G 130 61.85 -20.86 -2.99
CA PHE G 130 62.54 -19.64 -2.58
C PHE G 130 62.79 -18.81 -3.80
N ARG G 131 62.65 -17.50 -3.67
CA ARG G 131 63.08 -16.59 -4.71
C ARG G 131 64.01 -15.57 -4.10
N PHE G 132 65.26 -15.57 -4.55
CA PHE G 132 66.26 -14.63 -4.08
C PHE G 132 66.47 -13.51 -5.07
N THR G 133 66.20 -12.28 -4.65
CA THR G 133 66.50 -11.13 -5.50
C THR G 133 67.87 -10.55 -5.13
N PHE G 134 68.84 -10.78 -6.00
CA PHE G 134 70.21 -10.38 -5.73
C PHE G 134 70.49 -8.97 -6.20
N PRO G 135 71.53 -8.35 -5.61
CA PRO G 135 72.00 -7.07 -6.08
C PRO G 135 73.00 -7.35 -7.18
N GLU G 136 73.49 -6.31 -7.82
CA GLU G 136 74.53 -6.48 -8.80
C GLU G 136 75.85 -6.84 -8.12
N ASN G 137 76.37 -8.02 -8.39
CA ASN G 137 77.58 -8.46 -7.74
C ASN G 137 78.24 -9.56 -8.56
N ASP G 138 79.56 -9.57 -8.53
CA ASP G 138 80.32 -10.61 -9.19
C ASP G 138 80.38 -11.87 -8.33
N HIS G 139 80.04 -11.72 -7.06
CA HIS G 139 80.10 -12.83 -6.13
C HIS G 139 78.82 -12.95 -5.30
N SER G 140 77.81 -13.58 -5.90
CA SER G 140 76.59 -13.89 -5.18
C SER G 140 76.62 -15.38 -4.91
N TYR G 141 76.27 -15.78 -3.70
CA TYR G 141 76.27 -17.20 -3.38
C TYR G 141 74.99 -17.59 -2.68
N VAL G 142 74.78 -18.90 -2.58
CA VAL G 142 73.74 -19.45 -1.75
C VAL G 142 74.37 -20.54 -0.90
N VAL G 143 74.21 -20.43 0.40
CA VAL G 143 74.77 -21.43 1.30
C VAL G 143 73.71 -22.45 1.68
N VAL G 144 74.08 -23.72 1.67
CA VAL G 144 73.17 -24.75 2.11
C VAL G 144 73.76 -25.49 3.28
N ASP G 145 73.04 -25.55 4.39
CA ASP G 145 73.60 -26.04 5.64
C ASP G 145 72.86 -27.29 6.11
N ALA G 146 73.55 -28.41 6.25
CA ALA G 146 72.86 -29.67 6.59
C ALA G 146 72.85 -29.88 8.08
N PHE G 147 73.48 -28.93 8.78
CA PHE G 147 73.52 -29.01 10.21
C PHE G 147 74.48 -30.13 10.61
N ASP G 148 74.65 -30.35 11.90
CA ASP G 148 75.73 -31.23 12.34
C ASP G 148 75.21 -32.54 12.91
N LYS G 149 76.10 -33.23 13.58
CA LYS G 149 75.72 -34.50 14.15
C LYS G 149 75.64 -35.63 13.14
N GLY G 150 76.31 -35.46 12.00
CA GLY G 150 76.28 -36.45 10.93
C GLY G 150 75.28 -36.07 9.87
N SER G 151 75.78 -35.54 8.76
CA SER G 151 74.94 -35.17 7.63
C SER G 151 75.66 -35.49 6.33
N TYR G 152 75.04 -35.16 5.22
CA TYR G 152 75.57 -35.53 3.92
C TYR G 152 75.13 -34.50 2.88
N ILE G 153 76.04 -34.16 1.97
CA ILE G 153 75.76 -33.16 0.95
C ILE G 153 76.40 -33.58 -0.37
N LYS G 154 75.78 -33.20 -1.48
CA LYS G 154 76.32 -33.50 -2.80
C LYS G 154 75.84 -32.52 -3.87
N ILE G 155 76.77 -31.98 -4.62
CA ILE G 155 76.44 -31.03 -5.66
C ILE G 155 76.45 -31.71 -7.03
N ILE G 156 75.35 -31.54 -7.77
CA ILE G 156 75.23 -32.06 -9.11
C ILE G 156 75.12 -30.89 -10.06
N PRO G 157 76.26 -30.38 -10.53
CA PRO G 157 76.26 -29.22 -11.40
C PRO G 157 75.39 -29.42 -12.64
N GLU G 158 75.48 -30.60 -13.26
CA GLU G 158 74.78 -30.82 -14.55
C GLU G 158 73.28 -30.80 -14.41
N GLU G 159 72.79 -30.61 -13.19
CA GLU G 159 71.36 -30.49 -12.96
C GLU G 159 71.05 -29.26 -12.11
N ASN G 160 72.04 -28.37 -11.95
CA ASN G 160 71.88 -27.20 -11.08
C ASN G 160 71.29 -27.59 -9.74
N LYS G 161 71.80 -28.66 -9.16
CA LYS G 161 71.10 -29.29 -8.07
C LYS G 161 72.01 -29.57 -6.90
N ILE G 162 71.48 -29.42 -5.69
CA ILE G 162 72.19 -29.86 -4.51
C ILE G 162 71.27 -30.80 -3.78
N ILE G 163 71.78 -31.97 -3.42
CA ILE G 163 71.02 -32.88 -2.58
C ILE G 163 71.80 -33.19 -1.32
N GLY G 164 71.12 -33.71 -0.31
CA GLY G 164 71.78 -34.06 0.94
C GLY G 164 70.80 -34.62 1.94
N TYR G 165 71.31 -35.03 3.10
CA TYR G 165 70.43 -35.39 4.19
C TYR G 165 70.93 -34.85 5.51
N THR G 166 69.99 -34.56 6.40
CA THR G 166 70.30 -34.03 7.71
C THR G 166 69.83 -35.02 8.74
N THR G 167 70.49 -35.09 9.88
CA THR G 167 70.04 -36.00 10.92
C THR G 167 69.94 -35.41 12.33
N ARG G 168 70.53 -34.24 12.57
CA ARG G 168 70.52 -33.69 13.92
C ARG G 168 69.12 -33.70 14.48
N ASN G 169 68.97 -34.30 15.66
CA ASN G 169 67.65 -34.40 16.29
C ASN G 169 67.71 -34.26 17.80
N SER G 170 66.56 -34.32 18.45
CA SER G 170 66.52 -34.11 19.88
C SER G 170 66.00 -35.35 20.62
N GLY G 171 66.07 -36.50 19.95
CA GLY G 171 65.66 -37.76 20.58
C GLY G 171 64.41 -38.29 19.92
N GLY G 172 63.97 -39.48 20.32
CA GLY G 172 62.76 -40.09 19.79
C GLY G 172 62.81 -40.36 18.30
N VAL G 173 63.94 -40.91 17.86
CA VAL G 173 64.10 -41.31 16.48
C VAL G 173 64.78 -42.65 16.42
N PRO G 174 64.45 -43.45 15.41
CA PRO G 174 65.12 -44.72 15.21
C PRO G 174 66.56 -44.48 14.73
N GLU G 175 67.40 -45.49 14.89
CA GLU G 175 68.81 -45.37 14.53
C GLU G 175 69.05 -44.88 13.11
N ASN G 176 68.19 -45.30 12.17
CA ASN G 176 68.37 -44.96 10.75
C ASN G 176 67.73 -43.63 10.33
N PHE G 177 67.35 -42.80 11.30
CA PHE G 177 66.65 -41.57 10.98
C PHE G 177 67.41 -40.66 10.04
N LYS G 178 66.76 -40.20 8.98
CA LYS G 178 67.35 -39.26 8.04
C LYS G 178 66.28 -38.38 7.44
N ASN G 179 66.60 -37.12 7.16
CA ASN G 179 65.74 -36.30 6.31
C ASN G 179 66.44 -36.04 4.99
N TYR G 180 65.88 -36.55 3.90
CA TYR G 180 66.50 -36.41 2.58
C TYR G 180 65.97 -35.17 1.90
N PHE G 181 66.85 -34.31 1.41
CA PHE G 181 66.41 -33.10 0.74
C PHE G 181 67.05 -32.85 -0.62
N ILE G 182 66.31 -32.19 -1.51
CA ILE G 182 66.77 -31.86 -2.84
C ILE G 182 66.51 -30.38 -3.13
N ILE G 183 67.47 -29.74 -3.77
CA ILE G 183 67.37 -28.33 -4.07
C ILE G 183 67.74 -28.08 -5.52
N GLU G 184 66.80 -27.54 -6.29
CA GLU G 184 67.03 -27.24 -7.69
C GLU G 184 67.09 -25.73 -7.91
N PHE G 185 68.17 -25.24 -8.51
CA PHE G 185 68.28 -23.83 -8.86
C PHE G 185 68.01 -23.63 -10.34
N ASP G 186 67.43 -22.48 -10.69
CA ASP G 186 67.18 -22.15 -12.08
C ASP G 186 68.29 -21.25 -12.66
N LYS G 187 69.49 -21.35 -12.10
CA LYS G 187 70.65 -20.56 -12.55
C LYS G 187 71.89 -21.40 -12.36
N PRO G 188 72.70 -21.53 -13.41
CA PRO G 188 73.87 -22.41 -13.37
C PRO G 188 74.94 -21.94 -12.39
N PHE G 189 75.60 -22.87 -11.71
CA PHE G 189 76.66 -22.49 -10.77
C PHE G 189 77.93 -22.12 -11.50
N THR G 190 78.46 -20.94 -11.18
CA THR G 190 79.76 -20.53 -11.68
C THR G 190 80.80 -20.89 -10.63
N TYR G 191 80.34 -21.10 -9.41
CA TYR G 191 81.20 -21.42 -8.30
C TYR G 191 80.53 -22.52 -7.52
N LYS G 192 81.33 -23.47 -7.04
CA LYS G 192 80.78 -24.56 -6.27
C LYS G 192 81.78 -25.08 -5.28
N ALA G 193 81.32 -25.33 -4.07
CA ALA G 193 82.16 -25.88 -3.02
C ALA G 193 81.28 -26.61 -2.02
N THR G 194 81.81 -27.70 -1.47
CA THR G 194 81.14 -28.35 -0.36
C THR G 194 81.90 -27.96 0.89
N VAL G 195 81.30 -28.19 2.04
CA VAL G 195 81.91 -27.75 3.27
C VAL G 195 82.03 -28.94 4.18
N GLU G 196 83.18 -29.06 4.81
CA GLU G 196 83.42 -30.22 5.63
C GLU G 196 83.99 -29.81 6.99
N ASN G 197 83.10 -29.74 7.97
CA ASN G 197 83.45 -29.32 9.32
C ASN G 197 84.15 -28.00 9.28
N GLY G 198 83.43 -27.02 8.75
CA GLY G 198 83.93 -25.66 8.64
C GLY G 198 84.89 -25.38 7.48
N ASN G 199 85.52 -26.42 6.93
CA ASN G 199 86.44 -26.24 5.81
C ASN G 199 85.74 -26.11 4.47
N LEU G 200 86.07 -25.04 3.76
CA LEU G 200 85.53 -24.82 2.44
C LEU G 200 86.37 -25.60 1.42
N GLN G 201 85.74 -26.44 0.59
CA GLN G 201 86.50 -27.16 -0.44
C GLN G 201 85.92 -26.96 -1.81
N GLU G 202 86.57 -26.10 -2.59
CA GLU G 202 86.03 -25.79 -3.89
C GLU G 202 86.12 -27.00 -4.80
N ASN G 203 85.02 -27.28 -5.48
CA ASN G 203 85.01 -28.32 -6.52
C ASN G 203 85.09 -29.75 -5.99
N VAL G 204 85.02 -29.91 -4.67
CA VAL G 204 84.80 -31.23 -4.09
C VAL G 204 83.30 -31.45 -4.04
N ALA G 205 82.84 -32.46 -4.77
CA ALA G 205 81.41 -32.63 -5.06
C ALA G 205 80.54 -33.09 -3.87
N GLU G 206 81.16 -33.76 -2.90
CA GLU G 206 80.40 -34.60 -1.99
C GLU G 206 81.03 -34.70 -0.61
N GLN G 207 80.21 -34.65 0.43
CA GLN G 207 80.71 -34.78 1.79
C GLN G 207 79.80 -35.68 2.61
N THR G 208 80.41 -36.66 3.29
CA THR G 208 79.73 -37.42 4.31
C THR G 208 80.51 -37.18 5.58
N THR G 209 79.99 -36.36 6.47
CA THR G 209 80.75 -35.92 7.63
C THR G 209 79.82 -35.39 8.74
N ASP G 210 80.40 -35.04 9.87
CA ASP G 210 79.61 -34.57 10.98
C ASP G 210 78.71 -33.40 10.54
N HIS G 211 79.28 -32.42 9.87
CA HIS G 211 78.54 -31.20 9.52
C HIS G 211 78.79 -30.82 8.06
N ALA G 212 77.96 -31.35 7.17
CA ALA G 212 78.14 -31.09 5.74
C ALA G 212 77.50 -29.79 5.33
N GLY G 213 78.06 -29.17 4.30
CA GLY G 213 77.48 -27.94 3.78
C GLY G 213 77.87 -27.74 2.33
N ALA G 214 77.19 -26.83 1.65
CA ALA G 214 77.54 -26.47 0.29
C ALA G 214 77.43 -24.98 0.08
N ILE G 215 78.27 -24.44 -0.79
CA ILE G 215 78.09 -23.09 -1.27
C ILE G 215 78.18 -23.07 -2.80
N ILE G 216 77.18 -22.48 -3.45
CA ILE G 216 77.26 -22.28 -4.89
C ILE G 216 77.07 -20.82 -5.23
N GLY G 217 77.61 -20.40 -6.37
CA GLY G 217 77.62 -18.98 -6.69
C GLY G 217 77.54 -18.64 -8.16
N PHE G 218 77.45 -17.34 -8.45
CA PHE G 218 77.40 -16.85 -9.80
C PHE G 218 77.45 -15.32 -9.81
N LYS G 219 77.56 -14.73 -11.00
CA LYS G 219 77.49 -13.29 -11.13
C LYS G 219 76.02 -12.93 -11.21
N THR G 220 75.62 -11.80 -10.63
CA THR G 220 74.23 -11.39 -10.69
C THR G 220 74.05 -9.93 -11.15
N ARG G 221 73.08 -9.67 -12.02
CA ARG G 221 72.76 -8.30 -12.35
C ARG G 221 71.88 -7.77 -11.27
N LYS G 222 71.85 -6.45 -11.12
CA LYS G 222 71.04 -5.83 -10.11
C LYS G 222 69.59 -6.28 -10.29
N GLY G 223 68.96 -6.74 -9.20
CA GLY G 223 67.58 -7.21 -9.26
C GLY G 223 67.38 -8.60 -9.83
N GLU G 224 68.47 -9.27 -10.23
CA GLU G 224 68.32 -10.61 -10.79
C GLU G 224 67.72 -11.59 -9.80
N GLN G 225 66.75 -12.38 -10.26
CA GLN G 225 66.08 -13.33 -9.39
C GLN G 225 66.55 -14.76 -9.65
N VAL G 226 66.89 -15.47 -8.58
CA VAL G 226 67.23 -16.88 -8.68
C VAL G 226 66.21 -17.64 -7.86
N ASN G 227 65.58 -18.64 -8.46
CA ASN G 227 64.62 -19.44 -7.71
C ASN G 227 65.24 -20.77 -7.29
N ALA G 228 64.87 -21.25 -6.12
CA ALA G 228 65.30 -22.57 -5.68
C ALA G 228 64.09 -23.40 -5.24
N ARG G 229 63.92 -24.54 -5.90
CA ARG G 229 62.86 -25.48 -5.58
C ARG G 229 63.40 -26.49 -4.57
N ILE G 230 62.71 -26.64 -3.45
CA ILE G 230 63.20 -27.51 -2.39
C ILE G 230 62.14 -28.49 -1.92
N ALA G 231 62.56 -29.69 -1.56
CA ALA G 231 61.65 -30.67 -0.94
C ALA G 231 62.43 -31.66 -0.09
N SER G 232 61.74 -32.36 0.80
CA SER G 232 62.42 -33.41 1.55
C SER G 232 61.48 -34.55 1.84
N SER G 233 62.07 -35.67 2.28
CA SER G 233 61.29 -36.81 2.68
C SER G 233 61.99 -37.44 3.84
N PHE G 234 61.27 -38.25 4.59
CA PHE G 234 61.86 -39.04 5.65
C PHE G 234 62.08 -40.45 5.15
N ILE G 235 61.89 -40.63 3.85
CA ILE G 235 61.92 -41.96 3.26
C ILE G 235 63.15 -42.19 2.37
N SER G 236 63.27 -41.39 1.31
CA SER G 236 64.36 -41.56 0.36
C SER G 236 64.49 -40.33 -0.53
N PHE G 237 65.58 -40.29 -1.29
CA PHE G 237 65.77 -39.23 -2.25
C PHE G 237 64.74 -39.37 -3.33
N GLU G 238 64.48 -40.60 -3.73
CA GLU G 238 63.49 -40.85 -4.75
C GLU G 238 62.16 -40.20 -4.31
N GLN G 239 61.81 -40.38 -3.05
CA GLN G 239 60.57 -39.87 -2.51
C GLN G 239 60.59 -38.35 -2.41
N ALA G 240 61.74 -37.81 -2.04
CA ALA G 240 61.88 -36.37 -1.97
C ALA G 240 61.58 -35.77 -3.34
N ALA G 241 62.07 -36.43 -4.38
CA ALA G 241 61.92 -35.93 -5.73
C ALA G 241 60.45 -35.95 -6.11
N ALA G 242 59.73 -36.94 -5.61
CA ALA G 242 58.30 -37.02 -5.88
C ALA G 242 57.60 -35.88 -5.14
N ASN G 243 58.00 -35.63 -3.89
CA ASN G 243 57.43 -34.55 -3.11
C ASN G 243 57.62 -33.21 -3.82
N MET G 244 58.73 -33.09 -4.51
CA MET G 244 59.06 -31.86 -5.22
C MET G 244 57.96 -31.46 -6.18
N ASN G 245 57.15 -32.42 -6.61
CA ASN G 245 56.13 -32.15 -7.60
C ASN G 245 54.99 -31.31 -7.08
N GLU G 246 54.90 -31.17 -5.75
CA GLU G 246 53.84 -30.34 -5.17
C GLU G 246 54.00 -28.91 -5.68
N LEU G 247 55.22 -28.54 -6.02
CA LEU G 247 55.50 -27.19 -6.52
C LEU G 247 55.03 -27.00 -7.96
N GLY G 248 54.90 -28.11 -8.70
CA GLY G 248 54.54 -28.04 -10.11
C GLY G 248 55.54 -27.16 -10.84
N LYS G 249 55.03 -26.25 -11.67
CA LYS G 249 55.89 -25.29 -12.35
C LYS G 249 55.59 -23.89 -11.86
N ASP G 250 54.97 -23.80 -10.68
CA ASP G 250 54.51 -22.51 -10.17
C ASP G 250 55.65 -21.58 -9.77
N ASN G 251 55.38 -20.28 -9.83
CA ASN G 251 56.28 -19.26 -9.31
C ASN G 251 55.80 -18.82 -7.94
N ILE G 252 56.52 -17.89 -7.32
CA ILE G 252 56.17 -17.41 -5.99
C ILE G 252 54.70 -16.98 -5.90
N GLU G 253 54.27 -16.14 -6.84
CA GLU G 253 52.92 -15.61 -6.82
C GLU G 253 51.87 -16.72 -6.80
N GLN G 254 52.02 -17.68 -7.69
CA GLN G 254 51.03 -18.74 -7.82
C GLN G 254 51.01 -19.65 -6.58
N LEU G 255 52.19 -19.95 -6.04
CA LEU G 255 52.22 -20.78 -4.83
C LEU G 255 51.65 -20.03 -3.63
N ALA G 256 52.04 -18.77 -3.48
CA ALA G 256 51.45 -17.94 -2.45
C ALA G 256 49.93 -17.98 -2.53
N GLN G 257 49.40 -17.78 -3.74
CA GLN G 257 47.96 -17.81 -3.92
C GLN G 257 47.33 -19.14 -3.50
N LYS G 258 48.01 -20.24 -3.81
CA LYS G 258 47.50 -21.56 -3.46
C LYS G 258 47.54 -21.78 -1.97
N GLY G 259 48.60 -21.30 -1.32
CA GLY G 259 48.72 -21.40 0.12
C GLY G 259 47.66 -20.54 0.80
N LYS G 260 47.45 -19.34 0.28
CA LYS G 260 46.44 -18.44 0.82
C LYS G 260 45.06 -19.11 0.71
N ASP G 261 44.77 -19.65 -0.47
CA ASP G 261 43.52 -20.38 -0.68
C ASP G 261 43.39 -21.51 0.33
N ALA G 262 44.50 -22.23 0.54
CA ALA G 262 44.48 -23.39 1.40
C ALA G 262 44.13 -23.00 2.83
N TRP G 263 44.71 -21.90 3.29
CA TRP G 263 44.44 -21.41 4.64
C TRP G 263 43.04 -20.80 4.78
N ASN G 264 42.63 -20.01 3.81
CA ASN G 264 41.30 -19.43 3.87
C ASN G 264 40.25 -20.51 3.89
N GLN G 265 40.56 -21.62 3.24
CA GLN G 265 39.65 -22.74 3.19
C GLN G 265 39.36 -23.29 4.60
N VAL G 266 40.37 -23.31 5.47
CA VAL G 266 40.17 -23.82 6.83
C VAL G 266 39.81 -22.73 7.83
N LEU G 267 40.41 -21.56 7.69
CA LEU G 267 40.09 -20.44 8.54
C LEU G 267 38.63 -20.03 8.32
N GLY G 268 38.17 -20.17 7.09
CA GLY G 268 36.82 -19.73 6.72
C GLY G 268 35.70 -20.55 7.31
N LYS G 269 36.03 -21.70 7.89
CA LYS G 269 35.03 -22.54 8.52
C LYS G 269 34.44 -21.84 9.73
N ILE G 270 35.09 -20.78 10.20
CA ILE G 270 34.59 -20.01 11.34
C ILE G 270 34.67 -18.52 11.06
N GLU G 271 33.56 -17.92 10.65
CA GLU G 271 33.52 -16.48 10.40
C GLU G 271 33.03 -15.76 11.63
N VAL G 272 33.73 -14.69 12.01
CA VAL G 272 33.28 -13.86 13.11
C VAL G 272 33.09 -12.41 12.65
N GLU G 273 32.11 -11.72 13.21
CA GLU G 273 31.89 -10.30 12.90
C GLU G 273 31.47 -9.55 14.15
N GLY G 274 31.50 -8.23 14.04
CA GLY G 274 31.04 -7.39 15.14
C GLY G 274 32.03 -7.43 16.28
N GLY G 275 33.30 -7.23 15.95
CA GLY G 275 34.33 -7.11 16.97
C GLY G 275 35.34 -6.10 16.48
N ASN G 276 36.33 -5.78 17.29
CA ASN G 276 37.35 -4.84 16.86
C ASN G 276 38.50 -5.57 16.18
N LEU G 277 39.36 -4.81 15.50
CA LEU G 277 40.45 -5.39 14.74
C LEU G 277 41.39 -6.24 15.59
N ASP G 278 41.64 -5.84 16.83
CA ASP G 278 42.50 -6.63 17.72
C ASP G 278 41.94 -8.03 17.89
N GLN G 279 40.62 -8.09 18.04
CA GLN G 279 39.95 -9.34 18.30
C GLN G 279 40.00 -10.23 17.08
N TYR G 280 39.76 -9.66 15.91
CA TYR G 280 39.87 -10.44 14.69
C TYR G 280 41.27 -11.07 14.60
N ARG G 281 42.28 -10.24 14.81
CA ARG G 281 43.66 -10.68 14.72
C ARG G 281 43.94 -11.72 15.77
N THR G 282 43.55 -11.47 17.01
CA THR G 282 43.79 -12.45 18.05
C THR G 282 43.13 -13.76 17.67
N PHE G 283 41.89 -13.66 17.20
CA PHE G 283 41.08 -14.83 16.93
C PHE G 283 41.64 -15.68 15.80
N TYR G 284 41.96 -15.05 14.68
CA TYR G 284 42.43 -15.83 13.54
C TYR G 284 43.86 -16.30 13.67
N SER G 285 44.69 -15.54 14.38
CA SER G 285 46.03 -15.99 14.71
C SER G 285 45.94 -17.27 15.54
N CYS G 286 45.04 -17.27 16.52
CA CYS G 286 44.86 -18.42 17.36
C CYS G 286 44.39 -19.62 16.56
N LEU G 287 43.43 -19.38 15.67
CA LEU G 287 42.91 -20.44 14.83
C LEU G 287 43.99 -21.03 13.95
N TYR G 288 44.83 -20.16 13.40
CA TYR G 288 45.96 -20.61 12.62
C TYR G 288 46.87 -21.48 13.46
N ARG G 289 47.15 -21.08 14.69
CA ARG G 289 48.00 -21.90 15.56
C ARG G 289 47.37 -23.23 15.93
N SER G 290 46.07 -23.38 15.68
CA SER G 290 45.36 -24.60 16.05
C SER G 290 45.27 -25.57 14.89
N LEU G 291 45.88 -25.21 13.76
CA LEU G 291 45.80 -26.04 12.58
C LEU G 291 47.19 -26.44 12.11
N LEU G 292 48.14 -26.43 13.05
CA LEU G 292 49.53 -26.78 12.73
C LEU G 292 49.97 -28.15 13.26
N PHE G 293 49.67 -28.44 14.52
CA PHE G 293 50.07 -29.71 15.08
C PHE G 293 48.93 -30.66 15.24
N PRO G 294 49.29 -31.87 15.73
CA PRO G 294 50.28 -32.61 14.96
C PRO G 294 50.34 -32.49 13.48
N ARG G 295 51.57 -32.56 12.95
CA ARG G 295 51.85 -32.42 11.56
C ARG G 295 51.70 -33.75 10.89
N LYS G 296 51.45 -33.72 9.59
CA LYS G 296 51.45 -34.91 8.79
C LYS G 296 52.82 -35.48 8.79
N PHE G 297 52.92 -36.78 8.95
CA PHE G 297 54.21 -37.43 8.82
C PHE G 297 54.13 -38.46 7.71
N TYR G 298 53.23 -38.22 6.77
CA TYR G 298 53.08 -39.10 5.63
C TYR G 298 53.25 -38.38 4.27
N GLU G 299 53.64 -39.22 3.32
CA GLU G 299 54.03 -38.79 2.02
C GLU G 299 53.27 -39.64 1.01
N LEU G 300 53.03 -39.07 -0.17
CA LEU G 300 52.25 -39.76 -1.19
C LEU G 300 53.12 -40.61 -2.10
N ASP G 301 52.71 -41.85 -2.33
CA ASP G 301 53.48 -42.71 -3.23
C ASP G 301 53.04 -42.56 -4.69
N ALA G 302 53.57 -43.44 -5.53
CA ALA G 302 53.34 -43.36 -6.97
C ALA G 302 51.85 -43.42 -7.32
N ASN G 303 51.07 -44.13 -6.51
CA ASN G 303 49.63 -44.27 -6.73
C ASN G 303 48.83 -43.28 -5.92
N GLY G 304 49.50 -42.29 -5.36
CA GLY G 304 48.84 -41.30 -4.53
C GLY G 304 48.37 -41.86 -3.19
N GLN G 305 48.85 -43.06 -2.83
CA GLN G 305 48.53 -43.66 -1.53
C GLN G 305 49.48 -43.17 -0.44
N PRO G 306 48.96 -42.96 0.78
CA PRO G 306 49.79 -42.50 1.88
C PRO G 306 50.71 -43.58 2.36
N ILE G 307 51.98 -43.23 2.58
CA ILE G 307 52.95 -44.11 3.23
C ILE G 307 53.79 -43.26 4.18
N HIS G 308 54.53 -43.89 5.08
CA HIS G 308 55.32 -43.10 6.02
C HIS G 308 56.56 -43.80 6.53
N TYR G 309 57.56 -43.00 6.87
CA TYR G 309 58.68 -43.51 7.62
C TYR G 309 58.17 -43.64 9.04
N SER G 310 58.41 -44.78 9.68
CA SER G 310 57.98 -44.94 11.06
C SER G 310 59.04 -44.43 12.02
N PRO G 311 58.72 -43.36 12.76
CA PRO G 311 59.63 -42.82 13.75
C PRO G 311 59.68 -43.71 14.98
N TYR G 312 58.86 -44.76 14.97
CA TYR G 312 58.83 -45.71 16.07
C TYR G 312 59.67 -46.95 15.82
N ASN G 313 59.69 -47.46 14.60
CA ASN G 313 60.51 -48.63 14.34
C ASN G 313 61.36 -48.49 13.09
N GLY G 314 61.31 -47.33 12.45
CA GLY G 314 62.24 -47.02 11.36
C GLY G 314 62.02 -47.70 10.02
N GLN G 315 60.90 -48.42 9.87
CA GLN G 315 60.55 -49.02 8.58
C GLN G 315 59.67 -48.07 7.81
N VAL G 316 59.51 -48.31 6.51
CA VAL G 316 58.59 -47.53 5.72
C VAL G 316 57.31 -48.35 5.56
N LEU G 317 56.19 -47.79 5.98
CA LEU G 317 54.95 -48.56 5.94
C LEU G 317 53.80 -47.79 5.32
N PRO G 318 52.75 -48.51 4.89
CA PRO G 318 51.56 -47.89 4.32
C PRO G 318 50.72 -47.25 5.40
N GLY G 319 49.91 -46.27 5.03
CA GLY G 319 48.97 -45.64 5.95
C GLY G 319 49.41 -44.33 6.57
N TYR G 320 48.47 -43.65 7.22
CA TYR G 320 48.72 -42.34 7.80
C TYR G 320 49.64 -42.38 9.02
N MET G 321 50.26 -41.24 9.28
CA MET G 321 51.07 -41.05 10.47
C MET G 321 51.20 -39.56 10.74
N PHE G 322 50.99 -39.16 11.99
CA PHE G 322 51.11 -37.75 12.38
C PHE G 322 51.98 -37.71 13.62
N THR G 323 52.54 -36.56 13.95
CA THR G 323 53.45 -36.48 15.07
C THR G 323 53.61 -35.03 15.55
N ASP G 324 54.37 -34.86 16.61
CA ASP G 324 54.68 -33.52 17.10
C ASP G 324 53.52 -32.90 17.88
N THR G 325 52.96 -33.64 18.83
CA THR G 325 51.95 -33.06 19.71
C THR G 325 52.05 -33.75 21.05
N GLY G 326 51.73 -33.02 22.12
CA GLY G 326 51.68 -33.60 23.46
C GLY G 326 50.26 -33.69 23.92
N PHE G 327 49.79 -34.90 24.21
CA PHE G 327 48.40 -35.07 24.57
C PHE G 327 48.09 -34.43 25.91
N TRP G 328 49.08 -34.40 26.79
CA TRP G 328 48.89 -33.75 28.06
C TRP G 328 48.38 -32.31 27.87
N ASP G 329 48.81 -31.67 26.79
CA ASP G 329 48.37 -30.33 26.42
C ASP G 329 47.06 -30.37 25.64
N THR G 330 47.03 -31.20 24.62
CA THR G 330 46.07 -31.04 23.55
C THR G 330 44.79 -31.87 23.65
N PHE G 331 44.69 -32.74 24.65
CA PHE G 331 43.46 -33.48 24.80
C PHE G 331 42.35 -32.55 25.25
N ARG G 332 42.75 -31.54 26.02
CA ARG G 332 41.80 -30.61 26.63
C ARG G 332 40.89 -29.86 25.67
N CYS G 333 41.44 -29.23 24.64
CA CYS G 333 40.53 -28.59 23.72
C CYS G 333 41.01 -28.54 22.27
N LEU G 334 42.30 -28.77 22.06
CA LEU G 334 42.82 -28.75 20.69
C LEU G 334 42.20 -29.84 19.82
N PHE G 335 42.22 -31.08 20.29
CA PHE G 335 41.65 -32.16 19.48
C PHE G 335 40.14 -32.02 19.36
N PRO G 336 39.48 -31.75 20.50
CA PRO G 336 38.07 -31.52 20.48
C PRO G 336 37.71 -30.52 19.39
N LEU G 337 38.52 -29.50 19.22
CA LEU G 337 38.24 -28.52 18.20
C LEU G 337 38.27 -29.20 16.84
N LEU G 338 39.17 -30.16 16.69
CA LEU G 338 39.25 -30.87 15.40
C LEU G 338 38.00 -31.71 15.09
N ASN G 339 37.50 -32.38 16.12
CA ASN G 339 36.31 -33.17 16.01
C ASN G 339 35.13 -32.29 15.67
N LEU G 340 35.15 -31.07 16.17
CA LEU G 340 34.04 -30.20 15.89
C LEU G 340 34.07 -29.69 14.47
N MET G 341 35.20 -29.14 14.06
CA MET G 341 35.22 -28.44 12.78
C MET G 341 36.01 -29.10 11.69
N TYR G 342 36.86 -30.06 12.04
CA TYR G 342 37.78 -30.66 11.07
C TYR G 342 37.93 -32.15 11.30
N PRO G 343 36.80 -32.85 11.46
CA PRO G 343 36.80 -34.29 11.72
C PRO G 343 37.47 -35.08 10.60
N SER G 344 37.27 -34.63 9.36
CA SER G 344 37.94 -35.26 8.23
C SER G 344 39.43 -35.39 8.51
N VAL G 345 40.01 -34.32 9.01
CA VAL G 345 41.43 -34.31 9.34
C VAL G 345 41.79 -35.19 10.52
N ASN G 346 40.99 -35.14 11.57
CA ASN G 346 41.30 -35.96 12.73
C ASN G 346 41.17 -37.44 12.43
N LYS G 347 40.34 -37.78 11.44
CA LYS G 347 40.20 -39.17 11.02
C LYS G 347 41.56 -39.66 10.61
N GLU G 348 42.24 -38.89 9.77
CA GLU G 348 43.59 -39.24 9.36
C GLU G 348 44.51 -39.40 10.55
N MET G 349 44.40 -38.47 11.49
CA MET G 349 45.25 -38.48 12.67
C MET G 349 45.00 -39.69 13.54
N GLN G 350 43.73 -40.05 13.69
CA GLN G 350 43.37 -41.19 14.52
C GLN G 350 43.93 -42.45 13.90
N GLU G 351 43.78 -42.60 12.59
CA GLU G 351 44.34 -43.74 11.89
C GLU G 351 45.84 -43.80 12.12
N GLY G 352 46.47 -42.64 12.14
CA GLY G 352 47.89 -42.55 12.43
C GLY G 352 48.21 -43.11 13.81
N LEU G 353 47.35 -42.82 14.78
CA LEU G 353 47.58 -43.31 16.12
C LEU G 353 47.53 -44.84 16.17
N ILE G 354 46.57 -45.43 15.46
CA ILE G 354 46.51 -46.88 15.37
C ILE G 354 47.85 -47.41 14.88
N ASN G 355 48.41 -46.77 13.86
CA ASN G 355 49.69 -47.21 13.33
C ASN G 355 50.83 -47.05 14.33
N THR G 356 50.75 -46.00 15.14
CA THR G 356 51.76 -45.77 16.17
C THR G 356 51.78 -46.95 17.15
N TYR G 357 50.58 -47.36 17.53
CA TYR G 357 50.43 -48.51 18.40
C TYR G 357 50.97 -49.79 17.77
N LEU G 358 50.59 -50.03 16.51
CA LEU G 358 51.07 -51.20 15.77
C LEU G 358 52.59 -51.22 15.66
N GLU G 359 53.19 -50.05 15.41
CA GLU G 359 54.62 -49.98 15.16
C GLU G 359 55.44 -49.86 16.44
N SER G 360 54.79 -49.41 17.51
CA SER G 360 55.49 -49.04 18.74
C SER G 360 55.17 -49.91 19.94
N GLY G 361 53.95 -50.45 19.96
CA GLY G 361 53.47 -51.21 21.10
C GLY G 361 52.64 -50.36 22.06
N PHE G 362 52.78 -49.04 21.97
CA PHE G 362 52.02 -48.12 22.81
C PHE G 362 51.35 -47.05 21.96
N PHE G 363 50.29 -46.46 22.48
CA PHE G 363 49.79 -45.21 21.95
C PHE G 363 50.71 -44.13 22.47
N PRO G 364 50.89 -43.03 21.71
CA PRO G 364 51.83 -42.00 22.14
C PRO G 364 51.23 -41.07 23.18
N GLU G 365 52.09 -40.48 24.01
CA GLU G 365 51.67 -39.37 24.85
C GLU G 365 52.36 -38.10 24.35
N TRP G 366 53.69 -38.09 24.37
CA TRP G 366 54.39 -37.01 23.72
C TRP G 366 55.16 -37.65 22.58
N ALA G 367 54.96 -37.15 21.37
CA ALA G 367 55.70 -37.68 20.22
C ALA G 367 56.37 -36.58 19.41
N SER G 368 57.67 -36.71 19.21
CA SER G 368 58.43 -35.76 18.40
C SER G 368 59.60 -36.58 17.94
N PRO G 369 59.65 -36.79 16.64
CA PRO G 369 58.72 -37.68 15.98
C PRO G 369 58.26 -38.92 16.73
N GLY G 370 59.17 -39.63 17.37
CA GLY G 370 58.78 -40.86 18.09
C GLY G 370 58.45 -40.55 19.53
N HIS G 371 58.37 -41.58 20.38
CA HIS G 371 58.03 -41.35 21.78
C HIS G 371 59.10 -40.54 22.46
N ARG G 372 58.67 -39.52 23.19
CA ARG G 372 59.60 -38.65 23.92
C ARG G 372 59.12 -38.59 25.35
N GLY G 373 60.02 -38.40 26.31
CA GLY G 373 59.61 -38.40 27.70
C GLY G 373 59.36 -36.98 28.17
N CYS G 374 58.08 -36.60 28.23
CA CYS G 374 57.68 -35.27 28.67
C CYS G 374 56.27 -35.30 29.25
N MET G 375 56.11 -34.73 30.44
CA MET G 375 54.80 -34.64 31.06
C MET G 375 54.28 -35.98 31.58
N VAL G 376 52.98 -36.03 31.85
CA VAL G 376 52.40 -37.18 32.53
C VAL G 376 51.03 -37.48 31.96
N GLY G 377 50.44 -38.56 32.43
CA GLY G 377 49.05 -38.84 32.15
C GLY G 377 48.92 -39.81 31.02
N ASN G 378 47.71 -40.33 30.86
CA ASN G 378 47.44 -41.35 29.88
C ASN G 378 46.36 -40.83 28.97
N ASN G 379 46.50 -39.56 28.59
CA ASN G 379 45.41 -38.81 27.95
C ASN G 379 45.18 -39.13 26.50
N SER G 380 46.02 -40.00 25.94
CA SER G 380 45.75 -40.57 24.62
C SER G 380 44.36 -41.24 24.69
N ALA G 381 43.99 -41.72 25.87
CA ALA G 381 42.68 -42.32 26.06
C ALA G 381 41.55 -41.32 25.77
N SER G 382 41.73 -40.08 26.20
CA SER G 382 40.74 -39.03 25.96
C SER G 382 40.67 -38.71 24.47
N ILE G 383 41.84 -38.53 23.87
CA ILE G 383 41.93 -38.25 22.44
C ILE G 383 41.18 -39.29 21.64
N LEU G 384 41.51 -40.56 21.93
CA LEU G 384 40.98 -41.67 21.17
C LEU G 384 39.48 -41.82 21.36
N VAL G 385 39.04 -41.80 22.62
CA VAL G 385 37.63 -42.00 22.92
C VAL G 385 36.79 -40.82 22.48
N ASP G 386 37.28 -39.60 22.68
CA ASP G 386 36.54 -38.42 22.28
C ASP G 386 36.25 -38.48 20.79
N ALA G 387 37.24 -38.86 20.02
CA ALA G 387 37.08 -38.98 18.58
C ALA G 387 36.01 -40.01 18.21
N TYR G 388 36.11 -41.21 18.78
CA TYR G 388 35.17 -42.27 18.49
C TYR G 388 33.75 -41.84 18.85
N MET G 389 33.61 -41.32 20.06
CA MET G 389 32.30 -40.93 20.56
C MET G 389 31.73 -39.77 19.76
N LYS G 390 32.57 -39.08 19.01
CA LYS G 390 32.06 -37.95 18.23
C LYS G 390 31.96 -38.20 16.73
N GLY G 391 31.96 -39.47 16.34
CA GLY G 391 31.70 -39.86 14.96
C GLY G 391 32.94 -40.10 14.13
N VAL G 392 34.11 -39.85 14.71
CA VAL G 392 35.37 -40.08 13.99
C VAL G 392 35.93 -41.46 14.35
N LYS G 393 35.59 -42.47 13.55
CA LYS G 393 35.88 -43.83 13.94
C LYS G 393 36.95 -44.47 13.06
N VAL G 394 37.99 -45.00 13.70
CA VAL G 394 39.03 -45.71 12.98
C VAL G 394 38.48 -47.03 12.50
N ASP G 395 39.13 -47.63 11.50
CA ASP G 395 38.65 -48.90 10.96
C ASP G 395 38.86 -50.04 11.95
N ASP G 396 40.02 -50.08 12.58
CA ASP G 396 40.37 -51.20 13.47
C ASP G 396 40.00 -50.94 14.93
N ILE G 397 38.74 -51.11 15.25
CA ILE G 397 38.31 -50.87 16.62
C ILE G 397 38.86 -51.90 17.61
N LYS G 398 39.04 -53.14 17.16
CA LYS G 398 39.60 -54.16 18.04
C LYS G 398 40.96 -53.68 18.58
N THR G 399 41.78 -53.19 17.68
CA THR G 399 43.11 -52.72 17.99
C THR G 399 43.06 -51.51 18.92
N LEU G 400 42.13 -50.60 18.64
CA LEU G 400 41.93 -49.42 19.47
C LEU G 400 41.68 -49.77 20.93
N TYR G 401 40.76 -50.69 21.15
CA TYR G 401 40.43 -51.07 22.50
C TYR G 401 41.61 -51.76 23.16
N GLU G 402 42.24 -52.67 22.44
CA GLU G 402 43.38 -53.40 22.97
C GLU G 402 44.48 -52.44 23.35
N GLY G 403 44.71 -51.47 22.48
CA GLY G 403 45.70 -50.45 22.75
C GLY G 403 45.40 -49.76 24.06
N LEU G 404 44.15 -49.36 24.23
CA LEU G 404 43.73 -48.63 25.41
C LEU G 404 44.01 -49.44 26.66
N ILE G 405 43.61 -50.70 26.63
CA ILE G 405 43.78 -51.59 27.77
C ILE G 405 45.26 -51.84 28.06
N HIS G 406 46.04 -51.95 27.00
CA HIS G 406 47.47 -52.18 27.13
C HIS G 406 48.14 -51.08 27.93
N GLY G 407 47.72 -49.85 27.68
CA GLY G 407 48.32 -48.69 28.30
C GLY G 407 47.98 -48.54 29.77
N THR G 408 46.98 -49.29 30.25
CA THR G 408 46.59 -49.16 31.63
C THR G 408 47.45 -50.03 32.52
N GLU G 409 48.17 -50.98 31.92
CA GLU G 409 48.98 -51.90 32.71
C GLU G 409 50.42 -52.03 32.26
N ASN G 410 50.89 -51.06 31.48
CA ASN G 410 52.28 -51.05 31.03
C ASN G 410 52.84 -49.65 31.00
N VAL G 411 54.15 -49.55 31.17
CA VAL G 411 54.84 -48.30 30.91
C VAL G 411 56.03 -48.60 30.01
N HIS G 412 56.28 -47.68 29.08
CA HIS G 412 57.38 -47.87 28.15
C HIS G 412 58.70 -47.99 28.89
N PRO G 413 59.53 -48.97 28.48
CA PRO G 413 60.79 -49.29 29.15
C PRO G 413 61.79 -48.11 29.16
N GLU G 414 61.76 -47.27 28.14
CA GLU G 414 62.68 -46.12 28.10
C GLU G 414 61.98 -44.78 28.24
N VAL G 415 60.74 -44.68 27.77
CA VAL G 415 60.02 -43.42 27.85
C VAL G 415 58.93 -43.48 28.91
N SER G 416 59.21 -42.98 30.11
CA SER G 416 58.29 -43.16 31.23
C SER G 416 56.97 -42.38 31.12
N SER G 417 56.90 -41.45 30.18
CA SER G 417 55.66 -40.70 29.97
C SER G 417 54.75 -41.43 28.99
N THR G 418 55.16 -42.61 28.57
CA THR G 418 54.42 -43.37 27.57
C THR G 418 53.88 -44.61 28.26
N GLY G 419 52.57 -44.81 28.20
CA GLY G 419 51.94 -45.80 29.06
C GLY G 419 51.72 -45.16 30.43
N ARG G 420 51.36 -45.95 31.43
CA ARG G 420 51.10 -45.39 32.75
C ARG G 420 52.19 -45.72 33.75
N LEU G 421 53.10 -44.78 33.96
CA LEU G 421 54.07 -44.93 35.03
C LEU G 421 53.30 -45.05 36.35
N GLY G 422 53.68 -46.02 37.18
CA GLY G 422 53.04 -46.22 38.48
C GLY G 422 51.71 -46.97 38.46
N TYR G 423 51.39 -47.61 37.34
CA TYR G 423 50.10 -48.28 37.22
C TYR G 423 49.92 -49.37 38.26
N GLU G 424 51.01 -49.96 38.72
CA GLU G 424 50.97 -51.00 39.74
C GLU G 424 50.29 -50.43 40.98
N TYR G 425 50.87 -49.37 41.53
CA TYR G 425 50.29 -48.74 42.69
C TYR G 425 48.87 -48.29 42.41
N TYR G 426 48.70 -47.56 41.32
CA TYR G 426 47.40 -47.00 41.00
C TYR G 426 46.31 -48.08 41.00
N ASN G 427 46.55 -49.14 40.26
CA ASN G 427 45.57 -50.23 40.15
C ASN G 427 45.32 -50.91 41.50
N LYS G 428 46.37 -51.00 42.31
CA LYS G 428 46.28 -51.65 43.61
C LYS G 428 45.71 -50.75 44.71
N LEU G 429 46.19 -49.52 44.82
CA LEU G 429 45.79 -48.64 45.92
C LEU G 429 44.67 -47.68 45.56
N GLY G 430 44.50 -47.39 44.27
CA GLY G 430 43.53 -46.38 43.84
C GLY G 430 44.17 -45.01 43.61
N TYR G 431 45.47 -44.91 43.83
CA TYR G 431 46.21 -43.65 43.62
C TYR G 431 47.70 -43.94 43.45
N VAL G 432 48.46 -42.98 42.96
CA VAL G 432 49.91 -43.11 42.94
C VAL G 432 50.51 -42.40 44.14
N PRO G 433 51.14 -43.18 45.04
CA PRO G 433 51.70 -42.70 46.31
C PRO G 433 52.67 -41.52 46.18
N TYR G 434 52.65 -40.65 47.17
CA TYR G 434 53.53 -39.49 47.22
C TYR G 434 54.97 -39.86 47.65
N ASP G 435 55.12 -41.06 48.22
CA ASP G 435 56.39 -41.47 48.82
C ASP G 435 57.06 -42.70 48.20
N VAL G 436 56.82 -42.94 46.90
CA VAL G 436 57.38 -44.14 46.25
C VAL G 436 58.30 -43.80 45.09
N LYS G 437 58.89 -42.61 45.11
CA LYS G 437 59.86 -42.26 44.09
C LYS G 437 59.24 -42.04 42.73
N ILE G 438 57.95 -41.71 42.70
CA ILE G 438 57.31 -41.35 41.44
C ILE G 438 56.76 -39.95 41.53
N ASN G 439 57.34 -39.05 40.74
CA ASN G 439 57.03 -37.64 40.84
C ASN G 439 55.72 -37.27 40.15
N GLU G 440 55.05 -36.27 40.70
CA GLU G 440 53.84 -35.76 40.08
C GLU G 440 52.80 -36.84 40.13
N ASN G 441 52.86 -37.60 41.22
CA ASN G 441 51.94 -38.67 41.50
C ASN G 441 50.49 -38.19 41.60
N ALA G 442 50.28 -37.05 42.25
CA ALA G 442 48.91 -36.53 42.38
C ALA G 442 48.31 -36.12 41.03
N ALA G 443 49.13 -35.50 40.19
CA ALA G 443 48.67 -35.11 38.87
C ALA G 443 48.40 -36.36 38.02
N ARG G 444 49.25 -37.37 38.15
CA ARG G 444 49.05 -38.60 37.40
C ARG G 444 47.76 -39.28 37.81
N THR G 445 47.56 -39.43 39.11
CA THR G 445 46.36 -40.05 39.65
C THR G 445 45.10 -39.39 39.13
N LEU G 446 45.03 -38.08 39.27
CA LEU G 446 43.85 -37.33 38.85
C LEU G 446 43.56 -37.57 37.38
N GLU G 447 44.59 -37.44 36.55
CA GLU G 447 44.39 -37.58 35.12
C GLU G 447 44.10 -39.02 34.72
N TYR G 448 44.77 -39.99 35.37
CA TYR G 448 44.46 -41.39 35.11
C TYR G 448 42.98 -41.64 35.36
N ALA G 449 42.46 -41.06 36.43
CA ALA G 449 41.05 -41.22 36.76
C ALA G 449 40.16 -40.79 35.60
N TYR G 450 40.43 -39.60 35.06
CA TYR G 450 39.64 -39.10 33.95
C TYR G 450 39.85 -40.00 32.75
N ASP G 451 41.08 -40.45 32.55
CA ASP G 451 41.39 -41.38 31.47
C ASP G 451 40.51 -42.62 31.57
N ASP G 452 40.51 -43.24 32.74
CA ASP G 452 39.72 -44.44 32.98
C ASP G 452 38.22 -44.20 32.70
N TRP G 453 37.73 -43.01 33.00
CA TRP G 453 36.36 -42.67 32.70
C TRP G 453 36.15 -42.83 31.19
N CYS G 454 37.10 -42.32 30.43
CA CYS G 454 37.01 -42.38 28.98
C CYS G 454 36.95 -43.83 28.51
N ILE G 455 37.80 -44.65 29.10
CA ILE G 455 37.81 -46.06 28.75
C ILE G 455 36.48 -46.70 29.12
N TYR G 456 36.01 -46.42 30.34
CA TYR G 456 34.69 -46.88 30.77
C TYR G 456 33.63 -46.51 29.75
N ARG G 457 33.72 -45.28 29.27
CA ARG G 457 32.75 -44.76 28.32
C ARG G 457 32.75 -45.55 27.03
N LEU G 458 33.93 -45.83 26.50
CA LEU G 458 34.04 -46.58 25.27
C LEU G 458 33.64 -48.04 25.47
N ALA G 459 34.15 -48.62 26.56
CA ALA G 459 33.86 -50.00 26.88
C ALA G 459 32.36 -50.21 26.92
N LYS G 460 31.64 -49.28 27.55
CA LYS G 460 30.18 -49.38 27.65
C LYS G 460 29.57 -49.36 26.25
N GLU G 461 30.02 -48.42 25.44
CA GLU G 461 29.61 -48.34 24.05
C GLU G 461 29.83 -49.65 23.29
N LEU G 462 30.96 -50.31 23.53
CA LEU G 462 31.30 -51.57 22.84
C LEU G 462 30.55 -52.76 23.42
N LYS G 463 29.81 -52.51 24.50
CA LYS G 463 29.08 -53.58 25.16
C LYS G 463 30.05 -54.65 25.59
N ARG G 464 31.18 -54.22 26.15
CA ARG G 464 32.13 -55.15 26.72
C ARG G 464 31.52 -55.78 27.96
N PRO G 465 32.17 -56.83 28.50
CA PRO G 465 31.69 -57.51 29.69
C PRO G 465 31.50 -56.57 30.91
N LYS G 466 30.44 -56.82 31.66
CA LYS G 466 30.12 -56.01 32.83
C LYS G 466 31.31 -55.88 33.79
N LYS G 467 32.07 -56.96 33.92
CA LYS G 467 33.22 -56.96 34.83
C LYS G 467 34.24 -55.91 34.39
N GLU G 468 34.50 -55.85 33.09
CA GLU G 468 35.38 -54.83 32.50
C GLU G 468 34.82 -53.43 32.74
N ILE G 469 33.58 -53.23 32.32
CA ILE G 469 32.92 -51.95 32.39
C ILE G 469 32.93 -51.44 33.83
N SER G 470 32.62 -52.34 34.77
CA SER G 470 32.58 -51.96 36.18
C SER G 470 33.94 -51.56 36.70
N LEU G 471 34.98 -52.20 36.17
CA LEU G 471 36.35 -51.95 36.63
C LEU G 471 36.77 -50.51 36.35
N PHE G 472 36.46 -50.03 35.15
CA PHE G 472 36.81 -48.66 34.80
C PHE G 472 35.87 -47.62 35.42
N ALA G 473 34.61 -48.00 35.57
CA ALA G 473 33.65 -47.17 36.27
C ALA G 473 34.17 -46.95 37.68
N LYS G 474 34.73 -48.01 38.25
CA LYS G 474 35.29 -47.92 39.59
C LYS G 474 36.50 -47.00 39.61
N ARG G 475 37.39 -47.19 38.64
CA ARG G 475 38.64 -46.43 38.63
C ARG G 475 38.43 -44.94 38.35
N ALA G 476 37.37 -44.63 37.61
CA ALA G 476 37.03 -43.26 37.30
C ALA G 476 36.80 -42.48 38.59
N MET G 477 36.54 -43.21 39.68
CA MET G 477 36.24 -42.64 41.00
C MET G 477 37.50 -42.28 41.77
N ASN G 478 38.67 -42.69 41.27
CA ASN G 478 39.92 -42.59 42.04
C ASN G 478 40.34 -41.19 42.49
N TYR G 479 39.87 -40.17 41.79
CA TYR G 479 40.17 -38.80 42.21
C TYR G 479 39.77 -38.58 43.68
N LYS G 480 38.83 -39.37 44.16
CA LYS G 480 38.42 -39.26 45.54
C LYS G 480 39.53 -39.65 46.50
N ASN G 481 40.41 -40.55 46.06
CA ASN G 481 41.46 -41.05 46.95
C ASN G 481 42.47 -39.99 47.36
N LEU G 482 42.47 -38.86 46.67
CA LEU G 482 43.45 -37.82 46.97
C LEU G 482 42.81 -36.56 47.53
N PHE G 483 41.52 -36.61 47.80
CA PHE G 483 40.84 -35.44 48.31
C PHE G 483 40.97 -35.32 49.80
N ASP G 484 41.40 -34.15 50.25
CA ASP G 484 41.61 -33.91 51.64
C ASP G 484 40.41 -33.13 52.15
N LYS G 485 39.69 -33.70 53.11
CA LYS G 485 38.50 -33.08 53.68
C LYS G 485 38.81 -31.78 54.42
N GLU G 486 39.89 -31.76 55.19
CA GLU G 486 40.25 -30.58 55.98
C GLU G 486 40.61 -29.40 55.10
N SER G 487 41.46 -29.63 54.11
CA SER G 487 41.92 -28.57 53.19
C SER G 487 40.91 -28.27 52.08
N LYS G 488 40.08 -29.26 51.74
CA LYS G 488 39.18 -29.15 50.59
C LYS G 488 39.99 -29.12 49.29
N LEU G 489 41.20 -29.67 49.35
CA LEU G 489 42.07 -29.69 48.18
C LEU G 489 42.59 -31.08 47.91
N MET G 490 42.99 -31.33 46.66
CA MET G 490 43.68 -32.55 46.28
C MET G 490 45.04 -32.52 46.92
N ARG G 491 45.53 -33.67 47.36
CA ARG G 491 46.75 -33.68 48.15
C ARG G 491 47.51 -34.99 48.02
N GLY G 492 48.84 -34.88 48.05
CA GLY G 492 49.69 -36.05 47.96
C GLY G 492 49.44 -37.04 49.08
N ARG G 493 49.46 -38.33 48.76
CA ARG G 493 49.15 -39.36 49.73
C ARG G 493 50.22 -40.44 49.75
N ASN G 494 50.65 -40.86 50.95
CA ASN G 494 51.71 -41.90 51.06
C ASN G 494 51.16 -43.28 50.79
N GLU G 495 52.09 -44.20 50.59
CA GLU G 495 51.69 -45.55 50.30
C GLU G 495 50.91 -46.15 51.46
N ASP G 496 51.29 -45.75 52.67
CA ASP G 496 50.64 -46.29 53.85
C ASP G 496 49.22 -45.77 54.00
N GLY G 497 48.82 -44.84 53.14
CA GLY G 497 47.46 -44.30 53.19
C GLY G 497 47.29 -42.95 53.88
N THR G 498 48.33 -42.51 54.59
CA THR G 498 48.31 -41.20 55.23
C THR G 498 48.55 -40.06 54.23
N PHE G 499 47.78 -38.99 54.32
CA PHE G 499 48.07 -37.87 53.46
C PHE G 499 49.43 -37.39 53.86
N GLN G 500 50.11 -36.72 52.94
CA GLN G 500 51.47 -36.26 53.18
C GLN G 500 51.53 -35.00 54.05
N SER G 501 52.57 -34.93 54.89
CA SER G 501 52.79 -33.77 55.76
C SER G 501 54.16 -33.22 55.52
N PRO G 502 54.45 -32.13 56.21
CA PRO G 502 53.70 -30.93 55.82
C PRO G 502 53.12 -30.72 54.42
N PHE G 503 51.96 -30.07 54.41
CA PHE G 503 51.22 -29.90 53.19
C PHE G 503 51.25 -28.44 52.78
N SER G 504 51.83 -28.14 51.63
CA SER G 504 51.81 -26.76 51.13
C SER G 504 50.95 -26.70 49.89
N PRO G 505 49.73 -26.14 50.04
CA PRO G 505 48.79 -26.07 48.94
C PRO G 505 49.34 -25.18 47.86
N LEU G 506 50.27 -24.30 48.21
CA LEU G 506 50.82 -23.35 47.25
C LEU G 506 52.12 -23.84 46.60
N LYS G 507 52.55 -25.06 46.95
CA LYS G 507 53.78 -25.56 46.39
C LYS G 507 53.52 -26.03 44.97
N TRP G 508 54.50 -25.80 44.11
CA TRP G 508 54.39 -26.22 42.71
C TRP G 508 55.19 -27.50 42.48
N GLY G 509 54.68 -28.37 41.60
CA GLY G 509 55.31 -29.66 41.26
C GLY G 509 55.27 -30.70 42.36
N ASP G 510 56.35 -31.46 42.51
CA ASP G 510 56.36 -32.46 43.54
C ASP G 510 55.17 -33.37 43.27
N ALA G 511 54.09 -33.15 44.00
CA ALA G 511 52.90 -33.95 43.79
C ALA G 511 52.28 -33.67 42.44
N PHE G 512 52.45 -32.44 41.97
CA PHE G 512 51.80 -32.02 40.75
C PHE G 512 52.81 -31.62 39.71
N THR G 513 52.30 -31.33 38.51
CA THR G 513 53.17 -30.87 37.45
C THR G 513 52.89 -29.39 37.14
N GLU G 514 53.87 -28.53 37.40
CA GLU G 514 53.77 -27.15 36.97
C GLU G 514 52.45 -26.53 37.39
N GLY G 515 52.17 -26.62 38.68
CA GLY G 515 50.98 -26.05 39.25
C GLY G 515 51.06 -26.53 40.68
N ASN G 516 50.13 -26.08 41.49
CA ASN G 516 50.08 -26.52 42.87
C ASN G 516 48.67 -27.05 43.08
N SER G 517 48.38 -27.49 44.30
CA SER G 517 47.08 -28.05 44.61
C SER G 517 45.93 -27.16 44.17
N TRP G 518 46.10 -25.85 44.28
CA TRP G 518 45.04 -24.91 43.89
C TRP G 518 44.70 -24.96 42.41
N HIS G 519 45.65 -25.44 41.60
CA HIS G 519 45.43 -25.55 40.16
C HIS G 519 44.94 -26.92 39.77
N TYR G 520 45.52 -27.96 40.37
CA TYR G 520 45.18 -29.33 39.99
C TYR G 520 43.89 -29.86 40.60
N THR G 521 43.48 -29.29 41.72
CA THR G 521 42.31 -29.80 42.42
C THR G 521 41.09 -29.84 41.51
N TRP G 522 41.11 -29.02 40.46
CA TRP G 522 39.96 -28.93 39.57
C TRP G 522 39.96 -29.96 38.47
N SER G 523 40.93 -30.85 38.46
CA SER G 523 41.04 -31.83 37.38
C SER G 523 40.12 -33.02 37.59
N VAL G 524 38.82 -32.79 37.50
CA VAL G 524 37.85 -33.88 37.57
C VAL G 524 36.83 -33.62 36.47
N PHE G 525 37.31 -33.57 35.24
CA PHE G 525 36.47 -33.19 34.11
C PHE G 525 35.17 -33.99 33.97
N HIS G 526 35.26 -35.27 34.28
CA HIS G 526 34.10 -36.15 34.13
C HIS G 526 33.15 -36.11 35.32
N ASP G 527 33.58 -35.56 36.45
CA ASP G 527 32.73 -35.61 37.65
C ASP G 527 32.80 -34.33 38.48
N PRO G 528 32.40 -33.18 37.90
CA PRO G 528 32.48 -31.94 38.65
C PRO G 528 31.61 -31.99 39.91
N GLN G 529 30.41 -32.53 39.75
CA GLN G 529 29.51 -32.68 40.87
C GLN G 529 30.13 -33.55 41.99
N GLY G 530 30.83 -34.60 41.61
CA GLY G 530 31.45 -35.44 42.62
C GLY G 530 32.40 -34.62 43.46
N LEU G 531 33.04 -33.66 42.79
CA LEU G 531 34.00 -32.79 43.43
C LEU G 531 33.26 -31.82 44.31
N ILE G 532 32.22 -31.21 43.72
CA ILE G 532 31.37 -30.30 44.44
C ILE G 532 30.91 -30.96 45.72
N ASP G 533 30.54 -32.23 45.61
CA ASP G 533 30.12 -32.97 46.78
C ASP G 533 31.26 -33.12 47.81
N LEU G 534 32.46 -33.55 47.39
CA LEU G 534 33.50 -33.66 48.41
C LEU G 534 33.74 -32.36 49.17
N MET G 535 33.50 -31.23 48.51
CA MET G 535 33.77 -29.92 49.11
C MET G 535 32.66 -29.44 50.03
N GLY G 536 31.53 -30.15 50.02
CA GLY G 536 30.39 -29.83 50.88
C GLY G 536 29.35 -28.95 50.22
N GLY G 537 28.91 -29.34 49.03
CA GLY G 537 27.83 -28.62 48.35
C GLY G 537 28.32 -27.46 47.53
N LYS G 538 27.47 -26.97 46.63
CA LYS G 538 27.89 -25.95 45.68
C LYS G 538 28.33 -24.64 46.33
N GLU G 539 27.63 -24.18 47.36
CA GLU G 539 28.00 -22.92 47.97
C GLU G 539 29.47 -22.96 48.38
N MET G 540 29.86 -24.01 49.10
CA MET G 540 31.24 -24.15 49.55
C MET G 540 32.20 -24.26 48.36
N PHE G 541 31.73 -24.89 47.30
CA PHE G 541 32.49 -25.07 46.07
C PHE G 541 32.78 -23.73 45.41
N VAL G 542 31.75 -22.92 45.24
CA VAL G 542 31.93 -21.59 44.66
C VAL G 542 32.83 -20.73 45.53
N THR G 543 32.68 -20.83 46.84
CA THR G 543 33.55 -20.10 47.75
C THR G 543 35.01 -20.45 47.46
N MET G 544 35.23 -21.74 47.26
CA MET G 544 36.55 -22.27 46.99
C MET G 544 37.12 -21.73 45.68
N MET G 545 36.31 -21.76 44.63
CA MET G 545 36.71 -21.19 43.35
C MET G 545 37.07 -19.72 43.49
N ASP G 546 36.18 -18.98 44.11
CA ASP G 546 36.32 -17.53 44.19
C ASP G 546 37.65 -17.11 44.82
N SER G 547 38.13 -17.90 45.78
CA SER G 547 39.37 -17.54 46.46
C SER G 547 40.59 -17.87 45.61
N VAL G 548 40.37 -18.58 44.50
CA VAL G 548 41.43 -18.74 43.53
C VAL G 548 41.82 -17.36 42.98
N PHE G 549 40.82 -16.55 42.63
CA PHE G 549 41.09 -15.21 42.12
C PHE G 549 41.43 -14.22 43.24
N ALA G 550 40.86 -14.45 44.42
CA ALA G 550 40.90 -13.47 45.50
C ALA G 550 42.26 -13.38 46.22
N VAL G 551 42.99 -14.49 46.31
CA VAL G 551 44.24 -14.48 47.05
C VAL G 551 45.34 -13.97 46.15
N PRO G 552 46.33 -13.30 46.73
CA PRO G 552 47.51 -12.86 45.99
C PRO G 552 48.24 -14.07 45.38
N PRO G 553 49.02 -13.84 44.31
CA PRO G 553 49.70 -14.94 43.62
C PRO G 553 50.97 -15.35 44.36
N ILE G 554 50.83 -15.80 45.61
CA ILE G 554 51.97 -16.24 46.37
C ILE G 554 52.26 -17.71 46.00
N PHE G 555 53.47 -18.19 46.26
CA PHE G 555 53.85 -19.50 45.74
C PHE G 555 55.07 -20.08 46.46
N ASP G 556 55.30 -21.37 46.25
CA ASP G 556 56.43 -22.10 46.84
C ASP G 556 57.17 -22.87 45.74
N ASP G 557 58.37 -22.42 45.40
CA ASP G 557 59.09 -23.03 44.28
C ASP G 557 60.21 -23.96 44.72
N SER G 558 60.20 -24.37 45.99
CA SER G 558 61.28 -25.18 46.54
C SER G 558 61.61 -26.39 45.66
N TYR G 559 60.60 -26.96 45.02
CA TYR G 559 60.81 -28.16 44.20
C TYR G 559 61.59 -27.89 42.92
N TYR G 560 61.62 -26.63 42.47
CA TYR G 560 62.33 -26.25 41.26
C TYR G 560 63.61 -25.48 41.55
N GLY G 561 63.71 -24.94 42.77
CA GLY G 561 64.88 -24.16 43.17
C GLY G 561 64.91 -22.75 42.61
N GLN G 562 64.18 -22.52 41.51
CA GLN G 562 64.16 -21.21 40.85
C GLN G 562 62.73 -20.87 40.42
N VAL G 563 62.45 -19.59 40.20
CA VAL G 563 61.13 -19.18 39.75
C VAL G 563 60.88 -19.51 38.28
N ILE G 564 60.50 -20.75 37.98
CA ILE G 564 60.32 -21.14 36.58
C ILE G 564 59.35 -20.21 35.87
N HIS G 565 59.48 -20.12 34.54
CA HIS G 565 58.69 -19.15 33.78
C HIS G 565 57.18 -19.25 34.04
N GLU G 566 56.65 -20.45 34.20
CA GLU G 566 55.22 -20.56 34.37
C GLU G 566 54.76 -19.96 35.70
N ILE G 567 55.63 -19.95 36.71
CA ILE G 567 55.29 -19.28 37.99
C ILE G 567 55.33 -17.78 37.81
N ARG G 568 56.40 -17.29 37.19
CA ARG G 568 56.54 -15.86 36.94
C ARG G 568 55.33 -15.36 36.17
N GLU G 569 54.92 -16.13 35.16
CA GLU G 569 53.84 -15.73 34.28
C GLU G 569 52.56 -15.52 35.05
N MET G 570 52.38 -16.33 36.10
CA MET G 570 51.19 -16.21 36.92
C MET G 570 51.26 -14.94 37.74
N THR G 571 52.42 -14.68 38.35
CA THR G 571 52.55 -13.57 39.29
C THR G 571 52.23 -12.21 38.67
N VAL G 572 52.61 -12.02 37.41
CA VAL G 572 52.49 -10.72 36.76
C VAL G 572 51.08 -10.35 36.33
N MET G 573 50.23 -11.34 36.14
CA MET G 573 48.92 -11.07 35.55
C MET G 573 47.93 -10.50 36.58
N ASN G 574 48.22 -10.66 37.87
CA ASN G 574 47.38 -10.06 38.92
C ASN G 574 45.98 -10.61 38.86
N MET G 575 45.88 -11.94 38.75
CA MET G 575 44.61 -12.61 38.81
C MET G 575 44.71 -13.76 39.80
N GLY G 576 45.13 -13.42 41.01
CA GLY G 576 45.26 -14.41 42.05
C GLY G 576 46.07 -15.60 41.60
N ASN G 577 45.58 -16.79 41.88
CA ASN G 577 46.27 -17.99 41.48
C ASN G 577 45.73 -18.60 40.21
N TYR G 578 44.95 -17.85 39.46
CA TYR G 578 44.46 -18.36 38.20
C TYR G 578 45.58 -18.31 37.15
N ALA G 579 46.31 -19.42 36.99
CA ALA G 579 47.46 -19.45 36.08
C ALA G 579 47.09 -19.88 34.67
N HIS G 580 46.37 -19.02 33.96
CA HIS G 580 45.85 -19.40 32.65
C HIS G 580 46.94 -19.75 31.70
N GLY G 581 48.15 -19.28 32.01
CA GLY G 581 49.33 -19.51 31.20
C GLY G 581 49.72 -20.99 31.12
N ASN G 582 49.11 -21.83 31.95
CA ASN G 582 49.41 -23.25 31.90
C ASN G 582 48.16 -24.12 31.86
N GLN G 583 48.34 -25.34 31.37
CA GLN G 583 47.22 -26.17 30.92
C GLN G 583 46.24 -26.70 31.99
N PRO G 584 46.75 -27.10 33.16
CA PRO G 584 45.87 -27.73 34.14
C PRO G 584 44.63 -26.90 34.50
N ILE G 585 44.76 -25.58 34.60
CA ILE G 585 43.65 -24.78 35.09
C ILE G 585 42.76 -24.20 34.00
N GLN G 586 43.03 -24.54 32.74
CA GLN G 586 42.38 -23.85 31.64
C GLN G 586 40.88 -24.10 31.48
N HIS G 587 40.39 -25.15 32.12
CA HIS G 587 38.97 -25.45 32.04
C HIS G 587 38.23 -24.87 33.24
N MET G 588 38.97 -24.50 34.28
CA MET G 588 38.36 -24.25 35.58
C MET G 588 37.21 -23.25 35.60
N ILE G 589 37.40 -22.08 34.98
CA ILE G 589 36.37 -21.05 35.07
C ILE G 589 35.01 -21.62 34.66
N TYR G 590 35.02 -22.56 33.72
CA TYR G 590 33.77 -23.12 33.24
C TYR G 590 33.05 -23.94 34.30
N LEU G 591 33.79 -24.42 35.29
CA LEU G 591 33.18 -25.17 36.39
C LEU G 591 32.09 -24.37 37.13
N TYR G 592 32.18 -23.05 37.12
CA TYR G 592 31.11 -22.25 37.73
C TYR G 592 29.76 -22.71 37.19
N ASP G 593 29.71 -23.13 35.93
CA ASP G 593 28.43 -23.54 35.34
C ASP G 593 27.86 -24.71 36.11
N TYR G 594 28.72 -25.62 36.53
CA TYR G 594 28.27 -26.82 37.23
C TYR G 594 27.72 -26.54 38.61
N ALA G 595 28.02 -25.37 39.17
CA ALA G 595 27.58 -25.04 40.53
C ALA G 595 26.44 -24.04 40.54
N GLY G 596 25.85 -23.82 39.38
CA GLY G 596 24.66 -22.97 39.27
C GLY G 596 24.94 -21.49 39.35
N GLN G 597 26.14 -21.08 38.96
CA GLN G 597 26.47 -19.66 38.88
C GLN G 597 27.22 -19.35 37.59
N PRO G 598 26.56 -19.59 36.45
CA PRO G 598 27.13 -19.37 35.12
C PRO G 598 27.53 -17.91 34.87
N TRP G 599 26.96 -16.98 35.62
CA TRP G 599 27.31 -15.59 35.43
C TRP G 599 28.74 -15.31 35.92
N LYS G 600 29.20 -16.07 36.90
CA LYS G 600 30.57 -15.90 37.36
C LYS G 600 31.54 -16.40 36.31
N ALA G 601 31.18 -17.47 35.63
CA ALA G 601 31.96 -17.95 34.54
C ALA G 601 31.98 -16.90 33.43
N GLN G 602 30.83 -16.31 33.14
CA GLN G 602 30.77 -15.31 32.11
C GLN G 602 31.68 -14.14 32.43
N TYR G 603 31.65 -13.69 33.68
CA TYR G 603 32.48 -12.58 34.10
C TYR G 603 33.98 -12.82 33.91
N TRP G 604 34.48 -13.94 34.43
CA TRP G 604 35.91 -14.23 34.40
C TRP G 604 36.40 -14.60 33.02
N LEU G 605 35.65 -15.44 32.32
CA LEU G 605 35.99 -15.78 30.94
C LEU G 605 36.26 -14.53 30.11
N ARG G 606 35.37 -13.54 30.20
CA ARG G 606 35.54 -12.32 29.42
C ARG G 606 36.80 -11.57 29.86
N GLN G 607 37.08 -11.63 31.17
CA GLN G 607 38.32 -11.06 31.71
C GLN G 607 39.51 -11.66 30.99
N VAL G 608 39.55 -13.00 30.98
CA VAL G 608 40.65 -13.71 30.35
C VAL G 608 40.80 -13.33 28.88
N MET G 609 39.71 -13.41 28.13
CA MET G 609 39.76 -13.12 26.71
C MET G 609 40.21 -11.68 26.40
N ASP G 610 39.90 -10.76 27.31
CA ASP G 610 40.25 -9.36 27.12
C ASP G 610 41.71 -9.09 27.52
N ARG G 611 42.19 -9.80 28.53
CA ARG G 611 43.44 -9.42 29.15
C ARG G 611 44.62 -10.35 28.89
N MET G 612 44.36 -11.65 28.65
CA MET G 612 45.43 -12.66 28.56
C MET G 612 45.88 -12.96 27.14
N TYR G 613 45.27 -12.29 26.18
CA TYR G 613 45.59 -12.49 24.79
C TYR G 613 45.63 -11.16 24.07
N THR G 614 46.75 -10.88 23.41
CA THR G 614 46.83 -9.70 22.58
C THR G 614 47.43 -10.17 21.28
N PRO G 615 47.22 -9.40 20.21
CA PRO G 615 47.60 -9.85 18.87
C PRO G 615 49.03 -9.53 18.46
N GLY G 616 49.83 -8.96 19.36
CA GLY G 616 51.21 -8.61 19.04
C GLY G 616 52.20 -9.75 19.17
N PRO G 617 53.49 -9.42 19.02
CA PRO G 617 54.54 -10.40 19.10
C PRO G 617 54.59 -11.03 20.48
N ASP G 618 54.16 -10.28 21.49
CA ASP G 618 54.16 -10.83 22.83
C ASP G 618 52.74 -11.19 23.23
N GLY G 619 52.00 -11.83 22.33
CA GLY G 619 50.55 -11.97 22.49
C GLY G 619 49.97 -12.92 23.52
N TYR G 620 50.61 -14.05 23.80
CA TYR G 620 50.07 -14.97 24.79
C TYR G 620 50.57 -14.67 26.20
N CYS G 621 50.05 -15.38 27.20
CA CYS G 621 50.47 -15.18 28.59
C CYS G 621 51.23 -16.38 29.17
N GLY G 622 51.57 -17.34 28.32
CA GLY G 622 52.32 -18.53 28.72
C GLY G 622 52.57 -19.27 27.42
N ASP G 623 53.14 -20.46 27.49
CA ASP G 623 53.39 -21.22 26.26
C ASP G 623 52.10 -21.53 25.52
N GLU G 624 52.15 -21.38 24.19
CA GLU G 624 51.00 -21.67 23.32
C GLU G 624 50.72 -23.18 23.24
N ASP G 625 51.77 -23.98 23.30
CA ASP G 625 51.67 -25.43 23.44
C ASP G 625 50.88 -26.12 22.32
N ASN G 626 51.31 -25.92 21.08
CA ASN G 626 50.80 -26.69 19.92
C ASN G 626 49.31 -26.63 19.67
N GLY G 627 48.73 -25.46 19.94
CA GLY G 627 47.33 -25.21 19.65
C GLY G 627 46.41 -25.18 20.85
N GLN G 628 46.87 -25.73 21.98
CA GLN G 628 46.00 -25.83 23.15
C GLN G 628 45.60 -24.45 23.65
N THR G 629 46.59 -23.63 23.98
CA THR G 629 46.31 -22.27 24.46
C THR G 629 45.62 -21.41 23.40
N SER G 630 45.90 -21.69 22.13
CA SER G 630 45.23 -20.94 21.07
C SER G 630 43.79 -21.38 20.94
N ALA G 631 43.57 -22.71 20.87
CA ALA G 631 42.22 -23.25 20.72
C ALA G 631 41.31 -22.87 21.89
N TRP G 632 41.91 -22.64 23.05
CA TRP G 632 41.14 -22.21 24.21
C TRP G 632 40.46 -20.90 23.90
N TYR G 633 41.21 -20.00 23.30
CA TYR G 633 40.64 -18.73 22.90
C TYR G 633 39.60 -18.91 21.81
N VAL G 634 39.87 -19.76 20.84
CA VAL G 634 38.95 -19.97 19.74
C VAL G 634 37.60 -20.42 20.30
N PHE G 635 37.62 -21.49 21.09
CA PHE G 635 36.38 -21.97 21.69
C PHE G 635 35.74 -20.86 22.52
N SER G 636 36.47 -20.35 23.49
CA SER G 636 35.93 -19.38 24.42
C SER G 636 35.33 -18.16 23.71
N ALA G 637 35.94 -17.71 22.63
CA ALA G 637 35.39 -16.57 21.91
C ALA G 637 34.05 -16.93 21.27
N LEU G 638 33.90 -18.20 20.89
CA LEU G 638 32.65 -18.66 20.30
C LEU G 638 31.57 -18.73 21.36
N GLY G 639 31.97 -19.06 22.58
CA GLY G 639 31.07 -19.02 23.73
C GLY G 639 30.93 -20.32 24.52
N PHE G 640 31.69 -21.33 24.16
CA PHE G 640 31.59 -22.62 24.84
C PHE G 640 32.91 -23.38 24.74
N TYR G 641 33.04 -24.42 25.58
CA TYR G 641 34.33 -25.10 25.75
C TYR G 641 34.09 -26.56 26.11
N PRO G 642 34.90 -27.46 25.52
CA PRO G 642 34.73 -28.87 25.81
C PRO G 642 35.41 -29.24 27.11
N VAL G 643 34.79 -28.90 28.23
CA VAL G 643 35.37 -29.20 29.53
C VAL G 643 35.74 -30.66 29.63
N CYS G 644 34.84 -31.53 29.18
CA CYS G 644 35.03 -32.97 29.31
C CYS G 644 34.95 -33.74 28.00
N PRO G 645 36.06 -33.77 27.23
CA PRO G 645 36.09 -34.57 26.01
C PRO G 645 35.72 -35.99 26.36
N GLY G 646 34.95 -36.64 25.50
CA GLY G 646 34.42 -37.96 25.81
C GLY G 646 32.93 -37.88 26.03
N THR G 647 32.44 -36.68 26.33
CA THR G 647 31.00 -36.40 26.34
C THR G 647 30.67 -35.76 25.00
N ASP G 648 29.39 -35.49 24.76
CA ASP G 648 29.01 -34.78 23.54
C ASP G 648 28.73 -33.32 23.87
N GLU G 649 29.34 -32.84 24.96
CA GLU G 649 28.97 -31.54 25.54
C GLU G 649 30.02 -30.43 25.43
N TYR G 650 29.57 -29.25 25.08
CA TYR G 650 30.39 -28.06 25.19
C TYR G 650 29.75 -27.19 26.26
N VAL G 651 30.50 -26.93 27.34
CA VAL G 651 29.97 -26.13 28.43
C VAL G 651 29.97 -24.64 28.06
N MET G 652 28.91 -23.94 28.51
CA MET G 652 28.64 -22.59 28.04
C MET G 652 29.45 -21.53 28.76
N GLY G 653 30.09 -20.64 28.00
CA GLY G 653 30.78 -19.49 28.56
C GLY G 653 30.11 -18.20 28.16
N THR G 654 30.83 -17.33 27.46
CA THR G 654 30.23 -16.11 26.93
C THR G 654 30.91 -15.76 25.60
N PRO G 655 30.09 -15.47 24.57
CA PRO G 655 30.62 -15.23 23.24
C PRO G 655 31.27 -13.85 23.15
N LEU G 656 32.38 -13.75 22.43
CA LEU G 656 33.10 -12.49 22.36
C LEU G 656 32.62 -11.61 21.23
N PHE G 657 31.99 -12.19 20.21
CA PHE G 657 31.62 -11.44 19.02
C PHE G 657 30.10 -11.24 18.92
N LYS G 658 29.68 -10.27 18.11
CA LYS G 658 28.26 -10.04 17.88
C LYS G 658 27.67 -11.14 16.99
N LYS G 659 28.50 -11.79 16.18
CA LYS G 659 28.03 -12.87 15.33
C LYS G 659 29.17 -13.81 14.97
N ALA G 660 28.93 -15.11 15.10
CA ALA G 660 29.87 -16.12 14.64
C ALA G 660 29.10 -17.13 13.82
N THR G 661 29.71 -17.62 12.75
CA THR G 661 29.08 -18.64 11.94
C THR G 661 30.01 -19.82 11.80
N LEU G 662 29.50 -21.03 12.03
CA LEU G 662 30.28 -22.24 11.81
C LEU G 662 29.82 -22.99 10.58
N HIS G 663 30.78 -23.46 9.79
CA HIS G 663 30.47 -24.30 8.63
C HIS G 663 31.07 -25.67 8.85
N PHE G 664 30.23 -26.65 9.16
CA PHE G 664 30.73 -27.99 9.45
C PHE G 664 30.96 -28.78 8.18
N GLU G 665 31.80 -29.81 8.28
CA GLU G 665 32.13 -30.63 7.11
C GLU G 665 30.88 -31.29 6.55
N ASN G 666 29.85 -31.44 7.38
CA ASN G 666 28.63 -32.10 6.94
C ASN G 666 27.72 -31.22 6.09
N GLY G 667 28.12 -29.98 5.84
CA GLY G 667 27.35 -29.13 4.93
C GLY G 667 26.44 -28.13 5.62
N ASN G 668 26.16 -28.35 6.90
CA ASN G 668 25.32 -27.41 7.63
C ASN G 668 26.10 -26.24 8.20
N SER G 669 25.37 -25.20 8.58
CA SER G 669 25.98 -24.05 9.24
C SER G 669 25.22 -23.72 10.51
N LEU G 670 25.94 -23.15 11.47
CA LEU G 670 25.34 -22.75 12.73
C LEU G 670 25.68 -21.29 12.96
N VAL G 671 24.67 -20.44 13.12
CA VAL G 671 24.92 -19.02 13.37
C VAL G 671 24.68 -18.66 14.84
N ILE G 672 25.66 -18.05 15.46
CA ILE G 672 25.51 -17.62 16.84
C ILE G 672 25.35 -16.11 16.91
N ASP G 673 24.11 -15.66 17.09
CA ASP G 673 23.76 -14.24 17.10
C ASP G 673 23.78 -13.61 18.50
N ALA G 674 24.70 -12.67 18.70
CA ALA G 674 24.73 -11.91 19.93
C ALA G 674 24.79 -10.42 19.59
N PRO G 675 23.75 -9.94 18.91
CA PRO G 675 23.67 -8.58 18.36
C PRO G 675 23.99 -7.51 19.39
N ASN G 676 23.75 -7.81 20.67
CA ASN G 676 23.88 -6.81 21.70
C ASN G 676 25.20 -6.88 22.47
N ASN G 677 26.14 -7.65 21.93
CA ASN G 677 27.44 -7.80 22.54
C ASN G 677 28.21 -6.50 22.58
N SER G 678 28.97 -6.28 23.65
CA SER G 678 29.74 -5.05 23.80
C SER G 678 30.87 -5.31 24.78
N THR G 679 31.69 -4.29 25.01
CA THR G 679 32.70 -4.40 26.05
C THR G 679 32.01 -4.52 27.39
N GLU G 680 30.82 -3.92 27.50
CA GLU G 680 30.06 -3.92 28.75
C GLU G 680 29.17 -5.16 28.88
N ASN G 681 28.60 -5.57 27.76
CA ASN G 681 27.57 -6.59 27.77
C ASN G 681 28.11 -7.99 27.60
N PHE G 682 28.73 -8.52 28.65
CA PHE G 682 29.33 -9.84 28.57
C PHE G 682 28.58 -10.88 29.38
N TYR G 683 27.43 -10.51 29.92
CA TYR G 683 26.58 -11.46 30.59
C TYR G 683 25.54 -12.01 29.63
N ILE G 684 25.23 -13.29 29.77
CA ILE G 684 24.14 -13.88 29.02
C ILE G 684 22.85 -13.78 29.81
N ASP G 685 21.89 -13.04 29.28
CA ASP G 685 20.61 -12.86 29.95
C ASP G 685 19.61 -13.96 29.59
N SER G 686 19.52 -14.28 28.31
CA SER G 686 18.69 -15.39 27.83
C SER G 686 19.30 -16.00 26.56
N MET G 687 18.88 -17.20 26.21
CA MET G 687 19.45 -17.90 25.08
C MET G 687 18.35 -18.74 24.43
N SER G 688 18.27 -18.71 23.12
CA SER G 688 17.35 -19.58 22.42
C SER G 688 18.04 -20.31 21.27
N PHE G 689 17.63 -21.56 21.05
CA PHE G 689 18.24 -22.43 20.05
C PHE G 689 17.16 -22.78 19.03
N ASN G 690 17.24 -22.17 17.84
CA ASN G 690 16.22 -22.38 16.83
C ASN G 690 14.84 -22.08 17.33
N GLY G 691 14.70 -21.00 18.09
CA GLY G 691 13.40 -20.56 18.57
C GLY G 691 13.01 -21.15 19.92
N ALA G 692 13.52 -22.33 20.24
CA ALA G 692 13.28 -22.89 21.55
C ALA G 692 14.11 -22.13 22.58
N ASP G 693 13.54 -21.95 23.76
CA ASP G 693 14.27 -21.31 24.85
C ASP G 693 15.31 -22.27 25.39
N HIS G 694 16.49 -21.75 25.69
CA HIS G 694 17.61 -22.60 26.07
C HIS G 694 18.26 -22.14 27.37
N THR G 695 17.87 -22.75 28.49
CA THR G 695 18.38 -22.32 29.78
C THR G 695 19.57 -23.17 30.20
N LYS G 696 19.85 -24.22 29.44
CA LYS G 696 20.93 -25.14 29.76
C LYS G 696 22.32 -24.48 29.72
N ASN G 697 23.26 -25.01 30.50
CA ASN G 697 24.63 -24.50 30.50
C ASN G 697 25.56 -25.25 29.54
N TYR G 698 24.98 -25.92 28.56
CA TYR G 698 25.78 -26.65 27.59
C TYR G 698 25.05 -26.84 26.25
N LEU G 699 25.84 -27.11 25.23
CA LEU G 699 25.33 -27.49 23.91
C LEU G 699 25.81 -28.90 23.59
N ARG G 700 25.06 -29.59 22.73
CA ARG G 700 25.41 -30.96 22.37
C ARG G 700 25.92 -31.09 20.93
N HIS G 701 26.97 -31.87 20.76
CA HIS G 701 27.61 -32.05 19.45
C HIS G 701 26.59 -32.28 18.35
N GLU G 702 25.71 -33.28 18.56
CA GLU G 702 24.71 -33.67 17.58
C GLU G 702 23.79 -32.50 17.20
N ASP G 703 23.46 -31.70 18.21
CA ASP G 703 22.58 -30.55 18.04
C ASP G 703 23.23 -29.47 17.19
N LEU G 704 24.50 -29.19 17.49
CA LEU G 704 25.24 -28.19 16.77
C LEU G 704 25.35 -28.57 15.30
N PHE G 705 25.72 -29.82 15.05
CA PHE G 705 25.86 -30.33 13.68
C PHE G 705 24.57 -30.19 12.85
N LYS G 706 23.42 -30.16 13.51
CA LYS G 706 22.17 -29.95 12.79
C LYS G 706 22.06 -28.54 12.25
N GLY G 707 22.86 -27.63 12.79
CA GLY G 707 22.88 -26.26 12.29
C GLY G 707 21.65 -25.45 12.68
N GLY G 708 21.50 -24.29 12.04
CA GLY G 708 20.41 -23.39 12.36
C GLY G 708 20.95 -22.15 13.04
N THR G 709 20.15 -21.58 13.95
CA THR G 709 20.57 -20.37 14.65
C THR G 709 20.50 -20.49 16.16
N ILE G 710 21.51 -19.93 16.83
CA ILE G 710 21.47 -19.74 18.27
C ILE G 710 21.48 -18.26 18.56
N LYS G 711 20.52 -17.82 19.38
CA LYS G 711 20.43 -16.42 19.72
C LYS G 711 20.83 -16.18 21.16
N VAL G 712 21.72 -15.21 21.39
CA VAL G 712 22.21 -14.91 22.72
C VAL G 712 21.98 -13.44 23.07
N ASP G 713 21.14 -13.22 24.07
CA ASP G 713 20.80 -11.89 24.52
C ASP G 713 21.84 -11.43 25.53
N MET G 714 22.77 -10.56 25.13
CA MET G 714 23.82 -10.09 26.03
C MET G 714 23.33 -8.96 26.95
N SER G 715 23.88 -8.90 28.15
CA SER G 715 23.55 -7.82 29.09
C SER G 715 24.78 -7.39 29.87
N ASN G 716 24.69 -6.23 30.51
CA ASN G 716 25.77 -5.75 31.33
C ASN G 716 25.53 -6.07 32.80
N ARG G 717 24.39 -6.69 33.11
CA ARG G 717 24.09 -7.14 34.47
C ARG G 717 23.87 -8.64 34.47
N PRO G 718 24.38 -9.34 35.50
CA PRO G 718 24.25 -10.79 35.55
C PRO G 718 22.80 -11.19 35.77
N ASN G 719 22.41 -12.31 35.22
CA ASN G 719 21.07 -12.82 35.48
C ASN G 719 21.13 -13.98 36.45
N LEU G 720 20.74 -13.70 37.69
CA LEU G 720 20.90 -14.64 38.80
C LEU G 720 19.99 -15.86 38.74
N ASN G 721 19.08 -15.90 37.77
CA ASN G 721 18.10 -16.99 37.69
C ASN G 721 18.29 -17.98 36.55
N ARG G 722 19.07 -17.60 35.55
CA ARG G 722 19.26 -18.49 34.41
C ARG G 722 20.33 -19.53 34.67
N GLY G 723 20.03 -20.77 34.32
CA GLY G 723 21.04 -21.82 34.40
C GLY G 723 21.38 -22.26 35.81
N THR G 724 20.44 -22.09 36.72
CA THR G 724 20.65 -22.55 38.09
C THR G 724 19.87 -23.83 38.32
N LYS G 725 18.87 -24.08 37.47
CA LYS G 725 18.08 -25.31 37.53
C LYS G 725 18.93 -26.54 37.30
N GLU G 726 18.58 -27.62 37.99
CA GLU G 726 19.39 -28.84 38.01
C GLU G 726 19.53 -29.48 36.63
N GLU G 727 18.48 -29.42 35.81
CA GLU G 727 18.55 -30.01 34.48
C GLU G 727 19.41 -29.16 33.54
N ASP G 728 19.86 -28.00 34.04
CA ASP G 728 20.72 -27.12 33.26
C ASP G 728 22.19 -27.51 33.36
N MET G 729 22.51 -28.35 34.34
CA MET G 729 23.91 -28.73 34.58
C MET G 729 24.47 -29.62 33.49
N PRO G 730 25.77 -29.48 33.20
CA PRO G 730 26.42 -30.40 32.28
C PRO G 730 26.64 -31.76 32.93
N TYR G 731 27.15 -32.70 32.14
CA TYR G 731 27.33 -34.06 32.59
C TYR G 731 28.27 -34.16 33.80
N SER G 732 27.91 -35.01 34.75
CA SER G 732 28.85 -35.47 35.77
C SER G 732 28.62 -36.97 35.99
N PHE G 733 29.72 -37.71 36.12
CA PHE G 733 29.69 -39.16 36.28
C PHE G 733 28.85 -39.55 37.47
N SER G 734 29.01 -38.83 38.57
CA SER G 734 28.26 -39.10 39.80
C SER G 734 26.74 -39.22 39.59
N LYS G 735 26.19 -38.57 38.56
CA LYS G 735 24.75 -38.71 38.30
C LYS G 735 24.46 -39.77 37.22
N GLU G 736 24.50 -41.05 37.57
CA GLU G 736 24.23 -42.13 36.62
C GLU G 736 23.40 -43.25 37.25
N LYS H 1 33.47 11.50 19.95
CA LYS H 1 34.53 12.47 20.33
C LYS H 1 35.32 12.03 21.58
N ASP H 2 36.01 10.89 21.47
CA ASP H 2 37.16 10.56 22.34
C ASP H 2 38.32 9.95 21.56
N TRP H 3 39.41 10.68 21.46
CA TRP H 3 40.53 10.23 20.64
C TRP H 3 41.66 9.60 21.44
N THR H 4 41.66 9.77 22.75
CA THR H 4 42.74 9.25 23.59
C THR H 4 42.86 7.73 23.48
N GLN H 5 41.75 7.08 23.16
CA GLN H 5 41.73 5.64 23.02
C GLN H 5 42.72 5.16 21.94
N TYR H 6 43.09 6.07 21.05
CA TYR H 6 43.98 5.69 19.96
C TYR H 6 45.44 5.93 20.32
N VAL H 7 45.68 6.70 21.36
CA VAL H 7 47.04 7.09 21.71
C VAL H 7 47.77 5.98 22.45
N ASN H 8 48.89 5.52 21.89
CA ASN H 8 49.70 4.52 22.56
C ASN H 8 51.02 5.10 23.02
N PRO H 9 51.11 5.44 24.32
CA PRO H 9 52.33 6.08 24.82
C PRO H 9 53.54 5.16 24.80
N LEU H 10 53.34 3.88 24.49
CA LEU H 10 54.43 2.93 24.48
C LEU H 10 55.08 2.86 23.11
N MET H 11 54.45 3.54 22.15
CA MET H 11 54.95 3.51 20.79
C MET H 11 56.31 4.15 20.71
N GLY H 12 57.31 3.36 20.35
CA GLY H 12 58.67 3.86 20.27
C GLY H 12 59.51 3.53 21.48
N SER H 13 58.95 2.76 22.41
CA SER H 13 59.66 2.37 23.63
C SER H 13 60.46 1.09 23.44
N GLN H 14 60.27 0.44 22.30
CA GLN H 14 61.05 -0.75 21.99
C GLN H 14 62.23 -0.39 21.11
N SER H 15 63.11 0.47 21.63
CA SER H 15 64.30 0.90 20.89
C SER H 15 65.55 0.48 21.62
N THR H 16 66.63 0.31 20.86
CA THR H 16 67.94 0.02 21.42
C THR H 16 68.96 0.96 20.84
N PHE H 17 70.13 0.98 21.45
CA PHE H 17 71.21 1.84 21.01
C PHE H 17 71.52 1.66 19.52
N GLU H 18 71.53 0.42 19.03
CA GLU H 18 71.91 0.14 17.66
C GLU H 18 70.84 0.45 16.65
N LEU H 19 69.58 0.29 17.05
CA LEU H 19 68.48 0.56 16.14
C LEU H 19 67.40 1.25 16.93
N SER H 20 67.07 2.45 16.51
CA SER H 20 65.99 3.18 17.15
C SER H 20 64.69 2.85 16.46
N THR H 21 63.66 2.59 17.25
CA THR H 21 62.30 2.49 16.72
C THR H 21 61.48 3.64 17.32
N GLY H 22 62.21 4.68 17.75
CA GLY H 22 61.60 5.90 18.24
C GLY H 22 62.38 6.54 19.37
N ASN H 23 62.89 5.71 20.28
CA ASN H 23 63.61 6.18 21.45
C ASN H 23 62.78 7.09 22.32
N THR H 24 61.54 6.68 22.60
CA THR H 24 60.63 7.46 23.41
C THR H 24 60.40 6.73 24.72
N TYR H 25 59.77 7.41 25.66
CA TYR H 25 59.23 6.76 26.84
C TYR H 25 57.77 7.14 26.99
N PRO H 26 57.03 6.44 27.86
CA PRO H 26 55.64 6.79 28.06
C PRO H 26 55.52 8.09 28.85
N ALA H 27 55.39 9.20 28.14
CA ALA H 27 55.24 10.49 28.78
C ALA H 27 53.82 10.63 29.31
N ILE H 28 53.61 10.36 30.60
CA ILE H 28 52.30 10.59 31.18
C ILE H 28 52.26 12.03 31.65
N ALA H 29 51.51 12.86 30.94
CA ALA H 29 51.56 14.30 31.17
C ALA H 29 50.37 15.02 30.57
N ARG H 30 50.20 16.28 30.94
CA ARG H 30 49.30 17.16 30.22
C ARG H 30 50.05 17.64 28.97
N PRO H 31 49.32 18.14 27.97
CA PRO H 31 49.96 18.75 26.81
C PRO H 31 50.98 19.79 27.25
N TRP H 32 52.20 19.70 26.74
CA TRP H 32 53.26 20.66 27.03
C TRP H 32 53.54 20.82 28.51
N GLY H 33 53.21 19.79 29.29
CA GLY H 33 53.35 19.83 30.75
C GLY H 33 54.76 20.17 31.22
N MET H 34 54.86 20.94 32.31
CA MET H 34 56.17 21.31 32.83
C MET H 34 56.90 20.11 33.39
N ASN H 35 56.14 19.21 34.02
CA ASN H 35 56.68 17.98 34.56
C ASN H 35 56.02 16.76 33.93
N PHE H 36 56.83 15.86 33.41
CA PHE H 36 56.35 14.57 32.91
C PHE H 36 56.57 13.48 33.96
N TRP H 37 55.71 12.48 33.96
CA TRP H 37 55.92 11.34 34.83
C TRP H 37 55.91 10.07 33.99
N THR H 38 56.80 9.15 34.35
CA THR H 38 56.90 7.90 33.63
C THR H 38 57.31 6.79 34.56
N PRO H 39 56.87 5.56 34.27
CA PRO H 39 57.41 4.41 34.95
C PRO H 39 58.89 4.34 34.58
N GLN H 40 59.73 3.94 35.53
CA GLN H 40 61.15 3.89 35.26
C GLN H 40 61.68 2.47 35.34
N THR H 41 62.13 1.97 34.18
CA THR H 41 62.76 0.65 34.14
C THR H 41 64.28 0.76 34.18
N GLY H 42 64.84 1.75 33.50
CA GLY H 42 66.29 1.91 33.48
C GLY H 42 66.83 2.27 34.84
N LYS H 43 68.13 2.06 35.04
CA LYS H 43 68.78 2.50 36.28
C LYS H 43 68.98 4.01 36.26
N MET H 44 69.09 4.62 37.44
CA MET H 44 69.27 6.06 37.53
C MET H 44 70.37 6.54 36.61
N GLY H 45 70.05 7.52 35.76
CA GLY H 45 71.05 8.17 34.92
C GLY H 45 71.12 7.64 33.50
N ASP H 46 70.51 6.48 33.27
CA ASP H 46 70.47 5.88 31.95
C ASP H 46 69.43 6.54 31.05
N GLY H 47 69.89 7.05 29.91
CA GLY H 47 69.01 7.73 28.95
C GLY H 47 67.80 6.90 28.59
N TRP H 48 67.98 5.60 28.56
CA TRP H 48 66.86 4.71 28.27
C TRP H 48 66.13 4.37 29.57
N GLN H 49 65.26 5.28 29.98
CA GLN H 49 64.69 5.20 31.31
C GLN H 49 63.52 4.24 31.34
N TYR H 50 62.92 4.01 30.19
CA TYR H 50 61.87 3.01 30.06
C TYR H 50 62.07 2.30 28.75
N THR H 51 62.20 0.97 28.79
CA THR H 51 62.34 0.20 27.55
C THR H 51 61.35 -0.95 27.55
N TYR H 52 60.68 -1.14 26.41
CA TYR H 52 59.60 -2.09 26.34
C TYR H 52 59.98 -3.51 26.77
N THR H 53 61.24 -3.90 26.60
CA THR H 53 61.63 -5.28 26.88
C THR H 53 62.10 -5.45 28.30
N ALA H 54 62.07 -4.37 29.07
CA ALA H 54 62.56 -4.44 30.44
C ALA H 54 61.57 -5.19 31.31
N ASN H 55 62.08 -5.93 32.30
CA ASN H 55 61.24 -6.74 33.17
C ASN H 55 60.76 -6.09 34.44
N LYS H 56 61.54 -5.11 34.91
CA LYS H 56 61.28 -4.53 36.22
C LYS H 56 61.11 -3.01 36.18
N ILE H 57 60.27 -2.52 37.10
CA ILE H 57 60.10 -1.10 37.32
C ILE H 57 60.71 -0.80 38.65
N ARG H 58 61.52 0.24 38.74
CA ARG H 58 62.24 0.51 39.96
C ARG H 58 61.82 1.84 40.57
N GLY H 59 60.85 2.48 39.95
CA GLY H 59 60.33 3.73 40.46
C GLY H 59 59.40 4.43 39.48
N PHE H 60 58.68 5.41 39.99
CA PHE H 60 57.86 6.27 39.14
C PHE H 60 58.49 7.64 39.21
N LYS H 61 58.99 8.08 38.07
CA LYS H 61 59.91 9.19 38.04
C LYS H 61 59.30 10.45 37.46
N GLN H 62 59.72 11.59 38.02
CA GLN H 62 59.44 12.86 37.37
C GLN H 62 60.60 13.11 36.43
N THR H 63 60.32 13.32 35.15
CA THR H 63 61.40 13.49 34.17
C THR H 63 61.12 14.68 33.27
N HIS H 64 62.19 15.23 32.69
CA HIS H 64 62.01 16.30 31.70
C HIS H 64 62.76 15.96 30.45
N GLN H 65 63.34 14.76 30.45
CA GLN H 65 64.18 14.30 29.36
C GLN H 65 63.50 14.33 27.98
N PRO H 66 64.14 15.03 27.02
CA PRO H 66 63.69 15.13 25.63
C PRO H 66 64.24 14.02 24.74
N SER H 67 65.30 13.35 25.16
CA SER H 67 65.92 12.33 24.32
C SER H 67 66.87 11.52 25.15
N PRO H 68 67.05 10.23 24.83
CA PRO H 68 68.03 9.47 25.56
C PRO H 68 69.40 10.11 25.39
N TRP H 69 69.64 10.70 24.22
CA TRP H 69 70.94 11.29 23.96
C TRP H 69 71.22 12.56 24.74
N ILE H 70 70.23 13.43 24.87
CA ILE H 70 70.32 14.61 25.71
C ILE H 70 70.27 14.34 27.22
N ASN H 71 69.51 13.33 27.63
CA ASN H 71 69.35 12.93 29.02
C ASN H 71 68.52 13.89 29.91
N ASP H 72 68.42 13.62 31.21
CA ASP H 72 67.41 14.29 32.04
C ASP H 72 67.95 15.39 32.98
N TYR H 73 67.01 16.10 33.60
CA TYR H 73 67.27 17.06 34.68
C TYR H 73 65.97 17.19 35.48
N GLY H 74 66.06 17.72 36.70
CA GLY H 74 64.87 17.92 37.52
C GLY H 74 64.14 16.60 37.75
N GLN H 75 64.89 15.62 38.24
CA GLN H 75 64.42 14.26 38.28
C GLN H 75 64.48 13.64 39.67
N PHE H 76 63.38 13.03 40.09
CA PHE H 76 63.36 12.20 41.29
C PHE H 76 62.27 11.16 41.10
N SER H 77 62.22 10.20 42.01
CA SER H 77 61.27 9.10 41.85
C SER H 77 60.66 8.68 43.16
N ILE H 78 59.56 7.95 43.03
CA ILE H 78 58.83 7.39 44.15
C ILE H 78 58.54 5.92 43.86
N MET H 79 58.64 5.06 44.87
CA MET H 79 58.43 3.63 44.67
C MET H 79 57.82 2.97 45.91
N PRO H 80 56.62 2.38 45.76
CA PRO H 80 56.02 1.65 46.88
C PRO H 80 56.61 0.25 46.97
N ILE H 81 56.75 -0.28 48.17
CA ILE H 81 57.28 -1.62 48.33
C ILE H 81 56.65 -2.26 49.55
N VAL H 82 57.04 -3.49 49.81
CA VAL H 82 56.50 -4.26 50.93
C VAL H 82 57.60 -5.17 51.48
N GLY H 83 57.57 -5.49 52.75
CA GLY H 83 58.57 -6.38 53.33
C GLY H 83 59.71 -5.63 54.01
N GLN H 84 60.92 -5.79 53.50
CA GLN H 84 62.07 -5.04 54.04
C GLN H 84 62.06 -3.63 53.48
N PRO H 85 62.34 -2.63 54.33
CA PRO H 85 62.55 -1.26 53.85
C PRO H 85 63.91 -1.11 53.17
N VAL H 86 63.92 -1.08 51.84
CA VAL H 86 65.16 -1.03 51.09
C VAL H 86 65.16 0.17 50.16
N PHE H 87 66.29 0.86 50.07
CA PHE H 87 66.35 2.04 49.24
C PHE H 87 67.02 1.73 47.90
N ASP H 88 67.94 0.77 47.91
CA ASP H 88 68.65 0.40 46.71
C ASP H 88 67.69 0.24 45.52
N GLU H 89 68.10 0.76 44.36
CA GLU H 89 67.23 0.82 43.19
C GLU H 89 67.05 -0.51 42.47
N GLU H 90 67.83 -1.52 42.85
CA GLU H 90 67.63 -2.86 42.27
C GLU H 90 66.85 -3.72 43.25
N LYS H 91 67.22 -3.66 44.52
CA LYS H 91 66.49 -4.40 45.54
C LYS H 91 65.03 -3.98 45.65
N ARG H 92 64.72 -2.72 45.39
CA ARG H 92 63.35 -2.27 45.51
C ARG H 92 62.53 -2.56 44.27
N ALA H 93 63.20 -2.93 43.18
CA ALA H 93 62.55 -3.08 41.89
C ALA H 93 61.58 -4.25 41.87
N SER H 94 60.55 -4.15 41.02
CA SER H 94 59.60 -5.24 40.88
C SER H 94 59.42 -5.66 39.44
N TRP H 95 59.23 -6.96 39.24
CA TRP H 95 58.76 -7.49 37.97
C TRP H 95 57.39 -6.89 37.64
N PHE H 96 57.09 -6.79 36.36
CA PHE H 96 55.74 -6.50 35.90
C PHE H 96 55.62 -7.03 34.48
N ALA H 97 54.43 -6.93 33.90
CA ALA H 97 54.25 -7.30 32.49
C ALA H 97 53.28 -6.31 31.85
N HIS H 98 53.40 -6.11 30.55
CA HIS H 98 52.63 -5.09 29.88
C HIS H 98 51.14 -5.39 29.92
N LYS H 99 50.78 -6.67 29.95
CA LYS H 99 49.39 -7.05 30.15
C LYS H 99 48.87 -6.71 31.56
N GLY H 100 49.75 -6.28 32.45
CA GLY H 100 49.35 -5.87 33.79
C GLY H 100 49.54 -4.38 33.94
N GLU H 101 49.66 -3.71 32.79
CA GLU H 101 49.99 -2.29 32.72
C GLU H 101 49.01 -1.59 31.80
N VAL H 102 48.60 -0.39 32.17
CA VAL H 102 47.71 0.41 31.34
C VAL H 102 48.28 1.81 31.21
N ALA H 103 48.69 2.17 29.99
CA ALA H 103 49.30 3.48 29.75
C ALA H 103 48.44 4.40 28.85
N THR H 104 48.04 5.55 29.39
CA THR H 104 47.37 6.56 28.59
C THR H 104 48.02 7.88 28.93
N PRO H 105 47.82 8.90 28.09
CA PRO H 105 48.45 10.19 28.34
C PRO H 105 48.05 10.75 29.69
N TYR H 106 46.84 10.47 30.14
CA TYR H 106 46.29 11.11 31.34
C TYR H 106 46.25 10.21 32.55
N TYR H 107 46.62 8.95 32.39
CA TYR H 107 46.46 7.96 33.44
C TYR H 107 47.42 6.79 33.23
N TYR H 108 48.09 6.36 34.29
CA TYR H 108 48.98 5.21 34.17
C TYR H 108 48.81 4.25 35.33
N LYS H 109 48.69 2.97 35.00
CA LYS H 109 48.46 1.94 36.02
C LYS H 109 49.37 0.74 35.76
N VAL H 110 49.85 0.13 36.83
CA VAL H 110 50.67 -1.07 36.70
C VAL H 110 50.65 -1.89 37.96
N TYR H 111 50.70 -3.21 37.82
CA TYR H 111 50.75 -4.13 38.94
C TYR H 111 52.18 -4.56 39.19
N LEU H 112 52.66 -4.28 40.39
CA LEU H 112 54.05 -4.61 40.75
C LEU H 112 54.07 -5.99 41.37
N ALA H 113 54.52 -6.97 40.58
CA ALA H 113 54.29 -8.37 40.93
C ALA H 113 55.06 -8.82 42.15
N GLU H 114 56.21 -8.21 42.42
CA GLU H 114 56.99 -8.65 43.55
C GLU H 114 56.57 -8.00 44.86
N HIS H 115 55.70 -7.01 44.80
CA HIS H 115 55.21 -6.38 46.02
C HIS H 115 53.71 -6.59 46.18
N ASP H 116 53.07 -7.07 45.12
CA ASP H 116 51.64 -7.24 45.17
C ASP H 116 51.01 -5.88 45.42
N ILE H 117 51.49 -4.88 44.68
CA ILE H 117 51.01 -3.51 44.78
C ILE H 117 50.56 -2.99 43.42
N VAL H 118 49.42 -2.31 43.39
CA VAL H 118 48.98 -1.63 42.19
C VAL H 118 49.26 -0.14 42.32
N THR H 119 49.95 0.43 41.35
CA THR H 119 50.24 1.85 41.35
C THR H 119 49.45 2.54 40.26
N GLU H 120 48.85 3.68 40.59
CA GLU H 120 48.21 4.50 39.56
C GLU H 120 48.64 5.95 39.72
N MET H 121 48.86 6.63 38.61
CA MET H 121 49.15 8.05 38.67
C MET H 121 48.41 8.85 37.62
N THR H 122 47.97 10.04 38.01
CA THR H 122 47.35 10.99 37.10
C THR H 122 48.06 12.32 37.36
N PRO H 123 48.51 12.96 36.28
CA PRO H 123 49.19 14.23 36.45
C PRO H 123 48.42 15.46 35.98
N THR H 124 48.87 16.62 36.46
CA THR H 124 48.43 17.90 35.95
C THR H 124 49.65 18.51 35.31
N GLU H 125 49.59 19.78 34.96
CA GLU H 125 50.72 20.37 34.31
C GLU H 125 51.97 20.31 35.18
N ARG H 126 51.80 20.54 36.46
CA ARG H 126 52.97 20.57 37.33
C ARG H 126 52.89 19.61 38.49
N ALA H 127 51.74 19.00 38.68
CA ALA H 127 51.60 18.09 39.80
C ALA H 127 51.06 16.74 39.35
N VAL H 128 51.02 15.82 40.30
CA VAL H 128 50.49 14.49 40.02
C VAL H 128 49.95 13.86 41.31
N LEU H 129 48.98 12.96 41.11
CA LEU H 129 48.41 12.17 42.20
C LEU H 129 48.73 10.69 42.02
N PHE H 130 49.30 10.09 43.06
CA PHE H 130 49.54 8.65 43.05
C PHE H 130 48.52 7.99 43.93
N ARG H 131 48.04 6.82 43.52
CA ARG H 131 47.26 5.97 44.41
C ARG H 131 47.90 4.59 44.47
N PHE H 132 48.36 4.20 45.65
CA PHE H 132 48.97 2.89 45.84
C PHE H 132 47.96 1.96 46.50
N THR H 133 47.67 0.83 45.85
CA THR H 133 46.84 -0.17 46.50
C THR H 133 47.70 -1.27 47.09
N PHE H 134 47.78 -1.31 48.41
CA PHE H 134 48.69 -2.20 49.09
C PHE H 134 48.01 -3.51 49.41
N PRO H 135 48.82 -4.55 49.59
CA PRO H 135 48.30 -5.82 50.06
C PRO H 135 48.25 -5.76 51.57
N GLU H 136 47.78 -6.82 52.19
CA GLU H 136 47.81 -6.87 53.64
C GLU H 136 49.22 -7.14 54.11
N ASN H 137 49.78 -6.20 54.86
CA ASN H 137 51.15 -6.35 55.31
C ASN H 137 51.39 -5.47 56.53
N ASP H 138 52.26 -5.95 57.42
CA ASP H 138 52.66 -5.15 58.56
C ASP H 138 53.75 -4.18 58.19
N HIS H 139 54.36 -4.39 57.03
CA HIS H 139 55.45 -3.55 56.58
C HIS H 139 55.27 -3.11 55.14
N SER H 140 54.45 -2.08 54.94
CA SER H 140 54.34 -1.45 53.64
C SER H 140 55.08 -0.15 53.69
N TYR H 141 55.85 0.15 52.67
CA TYR H 141 56.61 1.37 52.66
C TYR H 141 56.42 2.14 51.35
N VAL H 142 56.83 3.39 51.36
CA VAL H 142 56.99 4.14 50.13
C VAL H 142 58.39 4.75 50.14
N VAL H 143 59.15 4.54 49.08
CA VAL H 143 60.49 5.08 48.97
C VAL H 143 60.47 6.34 48.13
N VAL H 144 61.14 7.39 48.60
CA VAL H 144 61.26 8.59 47.82
C VAL H 144 62.71 8.83 47.50
N ASP H 145 63.04 8.99 46.24
CA ASP H 145 64.43 9.03 45.77
C ASP H 145 64.76 10.39 45.14
N ALA H 146 65.68 11.14 45.76
CA ALA H 146 66.05 12.48 45.28
C ALA H 146 67.17 12.47 44.24
N PHE H 147 67.71 11.28 43.99
CA PHE H 147 68.74 11.09 43.00
C PHE H 147 70.06 11.65 43.55
N ASP H 148 71.15 11.51 42.82
CA ASP H 148 72.44 11.87 43.38
C ASP H 148 72.95 13.21 42.85
N LYS H 149 74.27 13.40 42.93
CA LYS H 149 74.90 14.64 42.51
C LYS H 149 74.50 15.82 43.38
N GLY H 150 74.05 15.55 44.59
CA GLY H 150 73.68 16.62 45.51
C GLY H 150 72.19 16.85 45.53
N SER H 151 71.54 16.38 46.59
CA SER H 151 70.11 16.53 46.75
C SER H 151 69.77 16.77 48.22
N TYR H 152 68.48 16.92 48.50
CA TYR H 152 68.05 17.24 49.84
C TYR H 152 66.66 16.65 50.11
N ILE H 153 66.47 16.17 51.34
CA ILE H 153 65.24 15.50 51.72
C ILE H 153 64.90 15.85 53.17
N LYS H 154 63.62 15.91 53.47
CA LYS H 154 63.17 16.20 54.82
C LYS H 154 61.78 15.63 55.08
N ILE H 155 61.64 14.91 56.19
CA ILE H 155 60.36 14.35 56.56
C ILE H 155 59.67 15.20 57.62
N ILE H 156 58.43 15.56 57.37
CA ILE H 156 57.61 16.31 58.31
C ILE H 156 56.43 15.44 58.72
N PRO H 157 56.63 14.63 59.76
CA PRO H 157 55.59 13.70 60.19
C PRO H 157 54.28 14.41 60.54
N GLU H 158 54.34 15.55 61.22
CA GLU H 158 53.12 16.24 61.67
C GLU H 158 52.27 16.76 60.51
N GLU H 159 52.72 16.57 59.28
CA GLU H 159 51.92 16.95 58.12
C GLU H 159 51.85 15.82 57.11
N ASN H 160 52.26 14.62 57.51
CA ASN H 160 52.31 13.48 56.60
C ASN H 160 53.01 13.84 55.31
N LYS H 161 54.13 14.52 55.43
CA LYS H 161 54.70 15.16 54.27
C LYS H 161 56.17 14.88 54.12
N ILE H 162 56.61 14.74 52.88
CA ILE H 162 58.02 14.68 52.58
C ILE H 162 58.32 15.76 51.55
N ILE H 163 59.34 16.55 51.83
CA ILE H 163 59.81 17.54 50.88
C ILE H 163 61.29 17.31 50.58
N GLY H 164 61.76 17.90 49.49
CA GLY H 164 63.16 17.77 49.14
C GLY H 164 63.43 18.50 47.85
N TYR H 165 64.69 18.48 47.42
CA TYR H 165 65.02 18.99 46.10
C TYR H 165 66.03 18.08 45.42
N THR H 166 65.93 18.00 44.10
CA THR H 166 66.86 17.19 43.32
C THR H 166 67.66 18.11 42.39
N THR H 167 68.89 17.72 42.05
CA THR H 167 69.67 18.58 41.17
C THR H 167 70.35 17.85 40.03
N ARG H 168 70.43 16.52 40.10
CA ARG H 168 71.12 15.80 39.05
C ARG H 168 70.64 16.27 37.68
N ASN H 169 71.59 16.63 36.82
CA ASN H 169 71.27 17.12 35.48
C ASN H 169 72.29 16.70 34.43
N SER H 170 72.06 17.10 33.20
CA SER H 170 72.94 16.69 32.12
C SER H 170 73.60 17.89 31.45
N GLY H 171 73.65 19.01 32.16
CA GLY H 171 74.24 20.23 31.62
C GLY H 171 73.19 21.29 31.30
N GLY H 172 73.65 22.46 30.87
CA GLY H 172 72.75 23.54 30.48
C GLY H 172 71.88 24.06 31.63
N VAL H 173 72.47 24.15 32.82
CA VAL H 173 71.78 24.71 33.97
C VAL H 173 72.67 25.70 34.68
N PRO H 174 72.06 26.71 35.29
CA PRO H 174 72.79 27.66 36.12
C PRO H 174 73.27 27.00 37.42
N GLU H 175 74.30 27.59 38.03
CA GLU H 175 74.89 27.03 39.22
C GLU H 175 73.85 26.72 40.30
N ASN H 176 72.83 27.55 40.42
CA ASN H 176 71.85 27.41 41.51
C ASN H 176 70.67 26.50 41.19
N PHE H 177 70.79 25.71 40.12
CA PHE H 177 69.66 24.92 39.65
C PHE H 177 69.15 23.94 40.70
N LYS H 178 67.84 23.93 40.91
CA LYS H 178 67.20 23.01 41.84
C LYS H 178 65.79 22.71 41.39
N ASN H 179 65.33 21.48 41.62
CA ASN H 179 63.92 21.19 41.51
C ASN H 179 63.37 20.90 42.90
N TYR H 180 62.47 21.76 43.36
CA TYR H 180 61.87 21.63 44.70
C TYR H 180 60.59 20.81 44.61
N PHE H 181 60.47 19.76 45.44
CA PHE H 181 59.27 18.93 45.41
C PHE H 181 58.65 18.73 46.78
N ILE H 182 57.33 18.54 46.78
CA ILE H 182 56.58 18.26 47.98
C ILE H 182 55.68 17.04 47.77
N ILE H 183 55.60 16.19 48.79
CA ILE H 183 54.79 14.98 48.72
C ILE H 183 53.93 14.86 49.97
N GLU H 184 52.61 14.84 49.77
CA GLU H 184 51.67 14.71 50.89
C GLU H 184 51.00 13.34 50.85
N PHE H 185 51.08 12.60 51.96
CA PHE H 185 50.37 11.33 52.05
C PHE H 185 49.10 11.49 52.87
N ASP H 186 48.08 10.71 52.54
CA ASP H 186 46.84 10.72 53.30
C ASP H 186 46.81 9.60 54.33
N LYS H 187 47.98 9.14 54.76
CA LYS H 187 48.09 8.07 55.75
C LYS H 187 49.31 8.35 56.63
N PRO H 188 49.13 8.32 57.95
CA PRO H 188 50.21 8.69 58.87
C PRO H 188 51.36 7.69 58.83
N PHE H 189 52.59 8.18 58.95
CA PHE H 189 53.75 7.29 58.98
C PHE H 189 53.91 6.61 60.32
N THR H 190 54.01 5.30 60.31
CA THR H 190 54.32 4.52 61.49
C THR H 190 55.82 4.31 61.55
N TYR H 191 56.44 4.46 60.39
CA TYR H 191 57.87 4.24 60.23
C TYR H 191 58.39 5.38 59.40
N LYS H 192 59.57 5.88 59.75
CA LYS H 192 60.19 6.95 58.96
C LYS H 192 61.69 6.85 59.04
N ALA H 193 62.33 7.09 57.91
CA ALA H 193 63.77 7.08 57.84
C ALA H 193 64.20 7.93 56.66
N THR H 194 65.31 8.64 56.81
CA THR H 194 65.90 9.30 55.66
C THR H 194 67.08 8.46 55.24
N VAL H 195 67.57 8.71 54.03
CA VAL H 195 68.63 7.91 53.47
C VAL H 195 69.79 8.79 53.11
N GLU H 196 70.98 8.35 53.47
CA GLU H 196 72.13 9.20 53.25
C GLU H 196 73.28 8.39 52.64
N ASN H 197 73.36 8.48 51.31
CA ASN H 197 74.37 7.75 50.55
C ASN H 197 74.28 6.27 50.87
N GLY H 198 73.10 5.72 50.60
CA GLY H 198 72.86 4.31 50.79
C GLY H 198 72.52 3.91 52.21
N ASN H 199 72.90 4.73 53.19
CA ASN H 199 72.64 4.41 54.61
C ASN H 199 71.24 4.75 55.05
N LEU H 200 70.57 3.78 55.64
CA LEU H 200 69.24 4.00 56.15
C LEU H 200 69.35 4.56 57.57
N GLN H 201 68.69 5.69 57.85
CA GLN H 201 68.73 6.24 59.19
C GLN H 201 67.34 6.49 59.75
N GLU H 202 66.89 5.60 60.61
CA GLU H 202 65.54 5.74 61.13
C GLU H 202 65.42 6.97 62.01
N ASN H 203 64.36 7.72 61.80
CA ASN H 203 64.02 8.86 62.65
C ASN H 203 65.00 10.03 62.58
N VAL H 204 65.93 10.00 61.63
CA VAL H 204 66.69 11.19 61.29
C VAL H 204 65.86 11.93 60.24
N ALA H 205 65.44 13.15 60.58
CA ALA H 205 64.43 13.88 59.81
C ALA H 205 64.88 14.44 58.44
N GLU H 206 66.18 14.64 58.28
CA GLU H 206 66.65 15.53 57.23
C GLU H 206 68.02 15.13 56.71
N GLN H 207 68.21 15.25 55.40
CA GLN H 207 69.51 14.99 54.80
C GLN H 207 69.87 16.02 53.73
N THR H 208 71.08 16.55 53.83
CA THR H 208 71.65 17.35 52.76
C THR H 208 72.93 16.63 52.36
N THR H 209 72.92 15.97 51.22
CA THR H 209 74.01 15.07 50.88
C THR H 209 73.98 14.72 49.40
N ASP H 210 74.99 14.02 48.94
CA ASP H 210 75.08 13.69 47.52
C ASP H 210 73.80 13.03 47.02
N HIS H 211 73.32 12.03 47.75
CA HIS H 211 72.16 11.24 47.30
C HIS H 211 71.18 11.03 48.45
N ALA H 212 70.28 12.00 48.62
CA ALA H 212 69.26 11.94 49.68
C ALA H 212 68.07 11.06 49.30
N GLY H 213 67.48 10.44 50.31
CA GLY H 213 66.35 9.56 50.12
C GLY H 213 65.53 9.44 51.39
N ALA H 214 64.27 9.06 51.25
CA ALA H 214 63.42 8.80 52.39
C ALA H 214 62.63 7.50 52.20
N ILE H 215 62.32 6.86 53.32
CA ILE H 215 61.38 5.75 53.34
C ILE H 215 60.42 5.94 54.50
N ILE H 216 59.13 5.99 54.21
CA ILE H 216 58.11 6.00 55.26
C ILE H 216 57.20 4.81 55.12
N GLY H 217 56.66 4.31 56.22
CA GLY H 217 55.89 3.07 56.20
C GLY H 217 54.71 3.00 57.16
N PHE H 218 53.97 1.91 57.08
CA PHE H 218 52.80 1.69 57.92
C PHE H 218 52.22 0.30 57.71
N LYS H 219 51.26 -0.08 58.56
CA LYS H 219 50.56 -1.35 58.40
C LYS H 219 49.44 -1.10 57.42
N THR H 220 49.21 -2.05 56.50
CA THR H 220 48.12 -1.92 55.53
C THR H 220 47.20 -3.12 55.56
N ARG H 221 45.90 -2.87 55.37
CA ARG H 221 44.93 -3.94 55.20
C ARG H 221 44.87 -4.34 53.72
N LYS H 222 44.51 -5.59 53.46
CA LYS H 222 44.40 -5.99 52.07
C LYS H 222 43.62 -4.95 51.28
N GLY H 223 44.17 -4.47 50.17
CA GLY H 223 43.45 -3.54 49.30
C GLY H 223 43.43 -2.09 49.77
N GLU H 224 44.07 -1.80 50.89
CA GLU H 224 44.12 -0.42 51.39
C GLU H 224 44.80 0.53 50.41
N GLN H 225 44.17 1.67 50.18
CA GLN H 225 44.73 2.65 49.26
C GLN H 225 45.33 3.82 49.99
N VAL H 226 46.53 4.19 49.59
CA VAL H 226 47.22 5.35 50.12
C VAL H 226 47.43 6.28 48.94
N ASN H 227 47.03 7.53 49.09
CA ASN H 227 47.26 8.52 48.04
C ASN H 227 48.40 9.44 48.39
N ALA H 228 49.18 9.82 47.38
CA ALA H 228 50.24 10.78 47.57
C ALA H 228 50.10 11.91 46.56
N ARG H 229 49.98 13.13 47.07
CA ARG H 229 49.89 14.32 46.24
C ARG H 229 51.30 14.87 46.07
N ILE H 230 51.70 15.08 44.83
CA ILE H 230 53.07 15.54 44.57
C ILE H 230 53.10 16.72 43.62
N ALA H 231 54.05 17.62 43.83
CA ALA H 231 54.27 18.73 42.92
C ALA H 231 55.71 19.19 43.01
N SER H 232 56.15 19.96 42.03
CA SER H 232 57.49 20.55 42.11
C SER H 232 57.54 21.91 41.42
N SER H 233 58.61 22.65 41.70
CA SER H 233 58.83 23.93 41.06
C SER H 233 60.31 24.05 40.83
N PHE H 234 60.69 24.94 39.93
CA PHE H 234 62.09 25.24 39.71
C PHE H 234 62.41 26.53 40.44
N ILE H 235 61.45 26.99 41.24
CA ILE H 235 61.56 28.27 41.91
C ILE H 235 61.77 28.16 43.42
N SER H 236 60.80 27.61 44.11
CA SER H 236 60.90 27.50 45.57
C SER H 236 59.92 26.48 46.11
N PHE H 237 60.09 26.14 47.39
CA PHE H 237 59.14 25.25 48.04
C PHE H 237 57.79 25.93 48.09
N GLU H 238 57.79 27.22 48.39
CA GLU H 238 56.54 27.98 48.48
C GLU H 238 55.79 27.85 47.14
N GLN H 239 56.53 27.96 46.05
CA GLN H 239 55.95 27.84 44.71
C GLN H 239 55.48 26.42 44.42
N ALA H 240 56.24 25.43 44.90
CA ALA H 240 55.85 24.04 44.73
C ALA H 240 54.51 23.81 45.40
N ALA H 241 54.34 24.39 46.58
CA ALA H 241 53.11 24.24 47.33
C ALA H 241 51.93 24.87 46.59
N ALA H 242 52.19 25.96 45.89
CA ALA H 242 51.17 26.61 45.09
C ALA H 242 50.81 25.71 43.92
N ASN H 243 51.82 25.15 43.27
CA ASN H 243 51.61 24.24 42.15
C ASN H 243 50.75 23.05 42.55
N MET H 244 50.92 22.61 43.80
CA MET H 244 50.18 21.49 44.34
C MET H 244 48.69 21.69 44.18
N ASN H 245 48.25 22.95 44.10
CA ASN H 245 46.82 23.24 44.05
C ASN H 245 46.16 22.84 42.75
N GLU H 246 46.96 22.53 41.75
CA GLU H 246 46.41 22.05 40.50
C GLU H 246 45.62 20.76 40.75
N LEU H 247 45.99 20.03 41.79
CA LEU H 247 45.32 18.77 42.11
C LEU H 247 43.95 19.00 42.74
N GLY H 248 43.75 20.19 43.32
CA GLY H 248 42.54 20.49 44.07
C GLY H 248 42.32 19.47 45.17
N LYS H 249 41.09 18.96 45.27
CA LYS H 249 40.79 17.85 46.19
C LYS H 249 40.39 16.61 45.42
N ASP H 250 40.82 16.53 44.17
CA ASP H 250 40.42 15.44 43.28
C ASP H 250 41.05 14.10 43.63
N ASN H 251 40.36 13.02 43.28
CA ASN H 251 40.89 11.68 43.38
C ASN H 251 41.40 11.25 42.02
N ILE H 252 41.88 10.01 41.93
CA ILE H 252 42.42 9.49 40.68
C ILE H 252 41.42 9.62 39.53
N GLU H 253 40.18 9.18 39.78
CA GLU H 253 39.15 9.20 38.74
C GLU H 253 38.94 10.59 38.17
N GLN H 254 38.72 11.55 39.05
CA GLN H 254 38.45 12.93 38.62
C GLN H 254 39.63 13.55 37.86
N LEU H 255 40.85 13.31 38.34
CA LEU H 255 42.01 13.87 37.65
C LEU H 255 42.19 13.19 36.30
N ALA H 256 42.02 11.87 36.26
CA ALA H 256 42.08 11.14 35.01
C ALA H 256 41.11 11.75 34.01
N GLN H 257 39.89 12.00 34.46
CA GLN H 257 38.88 12.57 33.60
C GLN H 257 39.31 13.94 33.08
N LYS H 258 39.89 14.75 33.95
CA LYS H 258 40.32 16.08 33.54
C LYS H 258 41.46 16.03 32.53
N GLY H 259 42.40 15.11 32.74
CA GLY H 259 43.50 14.92 31.80
C GLY H 259 43.00 14.42 30.46
N LYS H 260 42.07 13.47 30.51
CA LYS H 260 41.45 12.94 29.30
C LYS H 260 40.79 14.08 28.53
N ASP H 261 39.99 14.86 29.24
CA ASP H 261 39.34 16.03 28.64
C ASP H 261 40.39 16.94 28.00
N ALA H 262 41.46 17.19 28.75
CA ALA H 262 42.50 18.10 28.30
C ALA H 262 43.09 17.64 26.99
N TRP H 263 43.34 16.34 26.90
CA TRP H 263 43.95 15.77 25.71
C TRP H 263 42.97 15.72 24.54
N ASN H 264 41.73 15.31 24.81
CA ASN H 264 40.74 15.25 23.76
C ASN H 264 40.51 16.63 23.17
N GLN H 265 40.65 17.63 24.03
CA GLN H 265 40.48 19.01 23.61
C GLN H 265 41.46 19.41 22.49
N VAL H 266 42.70 18.90 22.57
CA VAL H 266 43.72 19.22 21.56
C VAL H 266 43.79 18.18 20.45
N LEU H 267 43.62 16.90 20.80
CA LEU H 267 43.57 15.86 19.79
C LEU H 267 42.37 16.06 18.87
N GLY H 268 41.26 16.53 19.45
CA GLY H 268 40.01 16.72 18.72
C GLY H 268 40.01 17.81 17.67
N LYS H 269 41.07 18.63 17.64
CA LYS H 269 41.21 19.68 16.63
C LYS H 269 41.41 19.06 15.24
N ILE H 270 41.77 17.79 15.20
CA ILE H 270 41.92 17.06 13.94
C ILE H 270 41.20 15.71 13.96
N GLU H 271 40.01 15.64 13.38
CA GLU H 271 39.28 14.40 13.31
C GLU H 271 39.54 13.72 11.98
N VAL H 272 39.81 12.42 12.03
CA VAL H 272 40.00 11.63 10.81
C VAL H 272 39.01 10.47 10.79
N GLU H 273 38.55 10.11 9.61
CA GLU H 273 37.68 8.94 9.47
C GLU H 273 37.99 8.21 8.18
N GLY H 274 37.42 7.01 8.05
CA GLY H 274 37.58 6.23 6.84
C GLY H 274 39.00 5.72 6.72
N GLY H 275 39.52 5.13 7.80
CA GLY H 275 40.82 4.48 7.78
C GLY H 275 40.72 3.26 8.67
N ASN H 276 41.76 2.44 8.71
CA ASN H 276 41.74 1.28 9.58
C ASN H 276 42.25 1.65 10.98
N LEU H 277 42.05 0.73 11.93
CA LEU H 277 42.41 0.98 13.32
C LEU H 277 43.92 1.27 13.51
N ASP H 278 44.77 0.59 12.75
CA ASP H 278 46.20 0.86 12.83
C ASP H 278 46.48 2.32 12.54
N GLN H 279 45.82 2.83 11.51
CA GLN H 279 46.06 4.18 11.07
C GLN H 279 45.59 5.17 12.13
N TYR H 280 44.41 4.93 12.68
CA TYR H 280 43.91 5.80 13.73
C TYR H 280 44.92 5.86 14.85
N ARG H 281 45.40 4.69 15.26
CA ARG H 281 46.37 4.60 16.34
C ARG H 281 47.67 5.30 15.97
N THR H 282 48.18 4.99 14.79
CA THR H 282 49.43 5.62 14.35
C THR H 282 49.26 7.13 14.36
N PHE H 283 48.13 7.59 13.84
CA PHE H 283 47.88 9.02 13.67
C PHE H 283 47.75 9.78 14.98
N TYR H 284 46.94 9.26 15.89
CA TYR H 284 46.74 9.97 17.14
C TYR H 284 47.89 9.84 18.11
N SER H 285 48.62 8.73 18.01
CA SER H 285 49.84 8.58 18.82
C SER H 285 50.83 9.64 18.41
N CYS H 286 50.98 9.81 17.10
CA CYS H 286 51.86 10.82 16.54
C CYS H 286 51.46 12.22 16.95
N LEU H 287 50.16 12.49 16.89
CA LEU H 287 49.65 13.81 17.27
C LEU H 287 49.97 14.10 18.74
N TYR H 288 49.78 13.08 19.58
CA TYR H 288 50.11 13.17 21.00
C TYR H 288 51.59 13.51 21.17
N ARG H 289 52.44 12.85 20.39
CA ARG H 289 53.88 13.12 20.51
C ARG H 289 54.22 14.52 20.02
N SER H 290 53.29 15.16 19.33
CA SER H 290 53.55 16.47 18.77
C SER H 290 53.07 17.59 19.66
N LEU H 291 52.52 17.24 20.81
CA LEU H 291 52.01 18.23 21.73
C LEU H 291 52.69 18.15 23.08
N LEU H 292 53.92 17.64 23.10
CA LEU H 292 54.66 17.48 24.34
C LEU H 292 55.79 18.50 24.47
N PHE H 293 56.59 18.64 23.41
CA PHE H 293 57.73 19.54 23.44
C PHE H 293 57.51 20.84 22.70
N PRO H 294 58.53 21.71 22.78
CA PRO H 294 58.86 22.14 24.16
C PRO H 294 57.84 22.29 25.30
N ARG H 295 58.30 21.91 26.49
CA ARG H 295 57.44 21.91 27.65
C ARG H 295 57.38 23.30 28.20
N LYS H 296 56.31 23.60 28.92
CA LYS H 296 56.22 24.81 29.70
C LYS H 296 57.28 24.83 30.77
N PHE H 297 57.96 25.95 30.91
CA PHE H 297 58.92 26.10 31.97
C PHE H 297 58.51 27.28 32.83
N TYR H 298 57.23 27.61 32.83
CA TYR H 298 56.73 28.72 33.63
C TYR H 298 55.69 28.28 34.64
N GLU H 299 55.61 28.97 35.77
CA GLU H 299 54.73 28.59 36.85
C GLU H 299 53.81 29.78 37.18
N LEU H 300 52.63 29.53 37.73
CA LEU H 300 51.67 30.60 38.02
C LEU H 300 51.89 31.20 39.41
N ASP H 301 51.93 32.52 39.50
CA ASP H 301 52.14 33.16 40.80
C ASP H 301 50.80 33.44 41.49
N ALA H 302 50.89 34.16 42.60
CA ALA H 302 49.71 34.43 43.43
C ALA H 302 48.59 35.09 42.64
N ASN H 303 48.95 35.90 41.65
CA ASN H 303 47.94 36.59 40.85
C ASN H 303 47.61 35.84 39.57
N GLY H 304 48.04 34.59 39.50
CA GLY H 304 47.86 33.79 38.29
C GLY H 304 48.68 34.29 37.10
N GLN H 305 49.67 35.15 37.35
CA GLN H 305 50.59 35.61 36.32
C GLN H 305 51.75 34.64 36.12
N PRO H 306 52.18 34.44 34.86
CA PRO H 306 53.29 33.54 34.59
C PRO H 306 54.63 34.09 35.09
N ILE H 307 55.42 33.24 35.71
CA ILE H 307 56.79 33.59 36.06
C ILE H 307 57.63 32.34 35.87
N HIS H 308 58.95 32.48 35.84
CA HIS H 308 59.79 31.33 35.57
C HIS H 308 61.17 31.44 36.17
N TYR H 309 61.73 30.29 36.49
CA TYR H 309 63.14 30.20 36.82
C TYR H 309 63.86 30.26 35.48
N SER H 310 64.86 31.14 35.36
CA SER H 310 65.61 31.22 34.11
C SER H 310 66.74 30.18 34.10
N PRO H 311 66.64 29.19 33.20
CA PRO H 311 67.69 28.20 33.06
C PRO H 311 68.90 28.81 32.38
N TYR H 312 68.77 30.08 31.99
CA TYR H 312 69.86 30.77 31.31
C TYR H 312 70.70 31.61 32.24
N ASN H 313 70.07 32.28 33.19
CA ASN H 313 70.82 33.10 34.15
C ASN H 313 70.43 32.88 35.61
N GLY H 314 69.53 31.94 35.83
CA GLY H 314 69.25 31.49 37.20
C GLY H 314 68.43 32.41 38.10
N GLN H 315 67.92 33.50 37.55
CA GLN H 315 67.02 34.38 38.30
C GLN H 315 65.57 33.97 38.10
N VAL H 316 64.68 34.46 38.95
CA VAL H 316 63.29 34.22 38.74
C VAL H 316 62.70 35.46 38.10
N LEU H 317 62.09 35.30 36.93
CA LEU H 317 61.56 36.46 36.21
C LEU H 317 60.13 36.29 35.75
N PRO H 318 59.46 37.42 35.44
CA PRO H 318 58.09 37.39 34.92
C PRO H 318 58.08 36.92 33.46
N GLY H 319 56.95 36.38 33.02
CA GLY H 319 56.78 36.01 31.61
C GLY H 319 56.97 34.54 31.26
N TYR H 320 56.54 34.17 30.05
CA TYR H 320 56.62 32.79 29.61
C TYR H 320 58.04 32.32 29.39
N MET H 321 58.19 31.00 29.44
CA MET H 321 59.45 30.33 29.14
C MET H 321 59.13 28.88 28.81
N PHE H 322 59.68 28.40 27.71
CA PHE H 322 59.57 27.00 27.35
C PHE H 322 60.94 26.44 27.08
N THR H 323 61.09 25.12 27.12
CA THR H 323 62.39 24.52 26.90
C THR H 323 62.25 23.10 26.38
N ASP H 324 63.41 22.46 26.24
CA ASP H 324 63.50 21.05 25.85
C ASP H 324 63.08 20.74 24.41
N THR H 325 63.60 21.48 23.44
CA THR H 325 63.38 21.19 22.03
C THR H 325 64.63 21.57 21.24
N GLY H 326 64.88 20.85 20.16
CA GLY H 326 66.04 21.16 19.32
C GLY H 326 65.50 21.68 18.02
N PHE H 327 65.86 22.91 17.66
CA PHE H 327 65.29 23.51 16.47
C PHE H 327 65.74 22.85 15.17
N TRP H 328 66.93 22.26 15.21
CA TRP H 328 67.46 21.54 14.07
C TRP H 328 66.50 20.44 13.58
N ASP H 329 65.76 19.93 14.56
CA ASP H 329 64.73 18.91 14.36
C ASP H 329 63.40 19.56 14.01
N THR H 330 62.98 20.48 14.85
CA THR H 330 61.57 20.87 14.93
C THR H 330 61.16 22.10 14.11
N PHE H 331 62.11 22.76 13.48
CA PHE H 331 61.76 23.89 12.64
C PHE H 331 61.08 23.36 11.40
N ARG H 332 61.47 22.17 10.98
CA ARG H 332 60.94 21.60 9.75
C ARG H 332 59.43 21.43 9.69
N CYS H 333 58.82 20.77 10.67
CA CYS H 333 57.36 20.66 10.59
C CYS H 333 56.66 20.64 11.92
N LEU H 334 57.39 20.49 13.02
CA LEU H 334 56.75 20.47 14.35
C LEU H 334 56.18 21.84 14.70
N PHE H 335 56.98 22.89 14.55
CA PHE H 335 56.48 24.20 14.93
C PHE H 335 55.43 24.68 13.92
N PRO H 336 55.72 24.50 12.63
CA PRO H 336 54.73 24.83 11.64
C PRO H 336 53.37 24.25 12.01
N LEU H 337 53.36 23.03 12.55
CA LEU H 337 52.11 22.39 12.97
C LEU H 337 51.42 23.18 14.09
N LEU H 338 52.20 23.73 15.01
CA LEU H 338 51.63 24.57 16.05
C LEU H 338 50.98 25.84 15.46
N ASN H 339 51.67 26.44 14.49
CA ASN H 339 51.17 27.64 13.86
C ASN H 339 49.86 27.35 13.17
N LEU H 340 49.74 26.16 12.61
CA LEU H 340 48.54 25.82 11.87
C LEU H 340 47.35 25.55 12.78
N MET H 341 47.57 24.77 13.84
CA MET H 341 46.47 24.35 14.69
C MET H 341 46.51 24.82 16.14
N TYR H 342 47.64 25.30 16.64
CA TYR H 342 47.72 25.67 18.04
C TYR H 342 48.51 26.95 18.24
N PRO H 343 48.27 27.90 17.36
CA PRO H 343 48.98 29.17 17.36
C PRO H 343 48.88 29.81 18.73
N SER H 344 47.72 29.65 19.34
CA SER H 344 47.52 30.19 20.68
C SER H 344 48.69 29.76 21.59
N VAL H 345 49.05 28.50 21.45
CA VAL H 345 50.15 27.92 22.24
C VAL H 345 51.53 28.42 21.86
N ASN H 346 51.80 28.50 20.57
CA ASN H 346 53.10 28.92 20.10
C ASN H 346 53.42 30.36 20.57
N LYS H 347 52.37 31.18 20.58
CA LYS H 347 52.44 32.57 21.03
C LYS H 347 53.15 32.57 22.36
N GLU H 348 52.70 31.70 23.24
CA GLU H 348 53.27 31.64 24.56
C GLU H 348 54.72 31.27 24.30
N MET H 349 54.92 30.39 23.33
CA MET H 349 56.24 29.81 23.09
C MET H 349 57.21 30.83 22.53
N GLN H 350 56.72 31.61 21.61
CA GLN H 350 57.51 32.64 20.99
C GLN H 350 57.92 33.66 22.04
N GLU H 351 56.96 34.10 22.85
CA GLU H 351 57.25 35.05 23.93
C GLU H 351 58.36 34.51 24.82
N GLY H 352 58.35 33.20 25.06
CA GLY H 352 59.40 32.53 25.84
C GLY H 352 60.75 32.69 25.17
N LEU H 353 60.76 32.58 23.85
CA LEU H 353 62.01 32.75 23.12
C LEU H 353 62.60 34.17 23.29
N ILE H 354 61.76 35.19 23.18
CA ILE H 354 62.18 36.55 23.46
C ILE H 354 62.87 36.62 24.81
N ASN H 355 62.28 36.00 25.83
CA ASN H 355 62.87 35.99 27.16
C ASN H 355 64.20 35.26 27.21
N THR H 356 64.32 34.18 26.44
CA THR H 356 65.58 33.43 26.36
C THR H 356 66.72 34.32 25.85
N TYR H 357 66.37 35.10 24.83
CA TYR H 357 67.30 36.06 24.27
C TYR H 357 67.67 37.13 25.29
N LEU H 358 66.66 37.69 25.98
CA LEU H 358 66.90 38.70 27.00
C LEU H 358 67.76 38.19 28.15
N GLU H 359 67.52 36.95 28.57
CA GLU H 359 68.22 36.39 29.71
C GLU H 359 69.58 35.79 29.34
N SER H 360 69.73 35.42 28.07
CA SER H 360 70.86 34.61 27.62
C SER H 360 71.82 35.35 26.70
N GLY H 361 71.28 36.26 25.91
CA GLY H 361 72.06 36.95 24.90
C GLY H 361 71.89 36.34 23.53
N PHE H 362 71.42 35.10 23.48
CA PHE H 362 71.19 34.40 22.21
C PHE H 362 69.78 33.83 22.18
N PHE H 363 69.27 33.58 20.97
CA PHE H 363 68.12 32.72 20.81
C PHE H 363 68.66 31.31 20.91
N PRO H 364 67.85 30.36 21.44
CA PRO H 364 68.33 28.99 21.63
C PRO H 364 68.33 28.19 20.33
N GLU H 365 69.19 27.18 20.23
CA GLU H 365 69.09 26.21 19.14
C GLU H 365 68.70 24.86 19.74
N TRP H 366 69.54 24.35 20.64
CA TRP H 366 69.13 23.21 21.47
C TRP H 366 69.05 23.69 22.93
N ALA H 367 67.89 23.50 23.56
CA ALA H 367 67.75 23.91 24.95
C ALA H 367 67.19 22.79 25.83
N SER H 368 67.93 22.43 26.86
CA SER H 368 67.49 21.45 27.83
C SER H 368 68.22 21.84 29.07
N PRO H 369 67.41 22.22 30.04
CA PRO H 369 66.72 23.50 30.02
C PRO H 369 67.43 24.68 29.38
N GLY H 370 68.71 24.86 29.67
CA GLY H 370 69.47 26.00 29.14
C GLY H 370 70.08 25.63 27.80
N HIS H 371 71.03 26.45 27.32
CA HIS H 371 71.70 26.17 26.06
C HIS H 371 72.54 24.90 26.18
N ARG H 372 72.36 23.99 25.24
CA ARG H 372 73.14 22.78 25.21
C ARG H 372 73.81 22.66 23.86
N GLY H 373 74.92 21.96 23.79
CA GLY H 373 75.63 21.85 22.53
C GLY H 373 75.24 20.60 21.78
N CYS H 374 74.38 20.75 20.78
CA CYS H 374 73.94 19.61 19.99
C CYS H 374 73.47 20.07 18.62
N MET H 375 73.93 19.40 17.59
CA MET H 375 73.52 19.73 16.23
C MET H 375 74.08 21.04 15.71
N VAL H 376 73.45 21.53 14.65
CA VAL H 376 73.97 22.65 13.90
C VAL H 376 72.86 23.57 13.41
N GLY H 377 73.26 24.68 12.81
CA GLY H 377 72.30 25.56 12.17
C GLY H 377 71.79 26.69 13.04
N ASN H 378 71.14 27.64 12.40
CA ASN H 378 70.60 28.80 13.06
C ASN H 378 69.07 28.79 12.83
N ASN H 379 68.49 27.62 12.94
CA ASN H 379 67.12 27.52 12.55
C ASN H 379 66.14 28.25 13.44
N SER H 380 66.60 28.71 14.60
CA SER H 380 65.72 29.54 15.41
C SER H 380 65.13 30.60 14.51
N ALA H 381 65.90 30.96 13.48
CA ALA H 381 65.47 32.01 12.57
C ALA H 381 64.20 31.57 11.85
N SER H 382 64.12 30.28 11.51
CA SER H 382 62.96 29.77 10.81
C SER H 382 61.76 29.73 11.74
N ILE H 383 61.98 29.23 12.94
CA ILE H 383 60.96 29.18 13.96
C ILE H 383 60.34 30.55 14.17
N LEU H 384 61.21 31.53 14.40
CA LEU H 384 60.77 32.88 14.73
C LEU H 384 60.03 33.55 13.59
N VAL H 385 60.62 33.48 12.40
CA VAL H 385 60.03 34.14 11.24
C VAL H 385 58.76 33.44 10.77
N ASP H 386 58.76 32.12 10.77
CA ASP H 386 57.57 31.38 10.37
C ASP H 386 56.39 31.79 11.22
N ALA H 387 56.63 31.89 12.52
CA ALA H 387 55.57 32.30 13.45
C ALA H 387 55.04 33.70 13.13
N TYR H 388 55.95 34.68 13.02
CA TYR H 388 55.53 36.04 12.73
C TYR H 388 54.76 36.12 11.43
N MET H 389 55.31 35.50 10.39
CA MET H 389 54.69 35.54 9.08
C MET H 389 53.35 34.82 9.08
N LYS H 390 53.08 34.01 10.09
CA LYS H 390 51.81 33.26 10.11
C LYS H 390 50.81 33.81 11.12
N GLY H 391 51.04 35.02 11.61
CA GLY H 391 50.07 35.70 12.46
C GLY H 391 50.33 35.57 13.95
N VAL H 392 51.36 34.82 14.31
CA VAL H 392 51.75 34.68 15.71
C VAL H 392 52.87 35.68 16.01
N LYS H 393 52.49 36.85 16.51
CA LYS H 393 53.46 37.94 16.67
C LYS H 393 53.75 38.27 18.13
N VAL H 394 55.03 38.23 18.49
CA VAL H 394 55.45 38.61 19.82
C VAL H 394 55.29 40.12 19.98
N ASP H 395 55.20 40.60 21.22
CA ASP H 395 55.01 42.03 21.46
C ASP H 395 56.25 42.85 21.09
N ASP H 396 57.42 42.37 21.46
CA ASP H 396 58.67 43.10 21.25
C ASP H 396 59.36 42.78 19.94
N ILE H 397 58.86 43.33 18.84
CA ILE H 397 59.44 43.04 17.55
C ILE H 397 60.85 43.60 17.38
N LYS H 398 61.14 44.71 18.04
CA LYS H 398 62.48 45.29 17.96
C LYS H 398 63.50 44.28 18.44
N THR H 399 63.20 43.67 19.56
CA THR H 399 64.08 42.71 20.18
C THR H 399 64.24 41.49 19.27
N LEU H 400 63.12 41.04 18.72
CA LEU H 400 63.11 39.90 17.81
C LEU H 400 64.10 40.09 16.68
N TYR H 401 64.03 41.24 16.02
CA TYR H 401 64.87 41.48 14.87
C TYR H 401 66.32 41.57 15.33
N GLU H 402 66.54 42.28 16.42
CA GLU H 402 67.88 42.43 16.94
C GLU H 402 68.48 41.08 17.27
N GLY H 403 67.68 40.26 17.93
CA GLY H 403 68.09 38.90 18.24
C GLY H 403 68.54 38.15 17.00
N LEU H 404 67.71 38.20 15.97
CA LEU H 404 68.03 37.52 14.72
C LEU H 404 69.37 37.98 14.17
N ILE H 405 69.56 39.29 14.10
CA ILE H 405 70.78 39.84 13.54
C ILE H 405 71.98 39.47 14.40
N HIS H 406 71.78 39.48 15.71
CA HIS H 406 72.85 39.15 16.64
C HIS H 406 73.39 37.75 16.36
N GLY H 407 72.49 36.84 16.02
CA GLY H 407 72.87 35.44 15.82
C GLY H 407 73.62 35.18 14.53
N THR H 408 73.59 36.14 13.61
CA THR H 408 74.27 35.94 12.34
C THR H 408 75.75 36.27 12.45
N GLU H 409 76.16 36.97 13.52
CA GLU H 409 77.57 37.36 13.67
C GLU H 409 78.22 36.98 15.01
N ASN H 410 77.57 36.11 15.76
CA ASN H 410 78.10 35.65 17.03
C ASN H 410 77.88 34.17 17.24
N VAL H 411 78.78 33.56 18.00
CA VAL H 411 78.57 32.21 18.45
C VAL H 411 78.80 32.19 19.93
N HIS H 412 77.99 31.40 20.63
CA HIS H 412 78.09 31.32 22.08
C HIS H 412 79.47 30.82 22.50
N PRO H 413 80.07 31.47 23.50
CA PRO H 413 81.44 31.18 23.95
C PRO H 413 81.62 29.74 24.43
N GLU H 414 80.58 29.15 25.04
CA GLU H 414 80.68 27.76 25.51
C GLU H 414 79.85 26.76 24.70
N VAL H 415 78.72 27.22 24.18
CA VAL H 415 77.85 26.32 23.44
C VAL H 415 77.92 26.62 21.94
N SER H 416 78.76 25.87 21.23
CA SER H 416 79.03 26.19 19.82
C SER H 416 77.84 25.97 18.87
N SER H 417 76.79 25.30 19.35
CA SER H 417 75.63 25.11 18.50
C SER H 417 74.65 26.27 18.69
N THR H 418 75.08 27.26 19.45
CA THR H 418 74.22 28.40 19.76
C THR H 418 74.78 29.65 19.11
N GLY H 419 74.00 30.30 18.26
CA GLY H 419 74.54 31.31 17.36
C GLY H 419 75.12 30.58 16.14
N ARG H 420 75.90 31.27 15.34
CA ARG H 420 76.44 30.64 14.14
C ARG H 420 77.93 30.37 14.24
N LEU H 421 78.29 29.14 14.54
CA LEU H 421 79.68 28.75 14.47
C LEU H 421 80.16 28.94 13.02
N GLY H 422 81.33 29.55 12.86
CA GLY H 422 81.91 29.75 11.54
C GLY H 422 81.34 30.91 10.75
N TYR H 423 80.59 31.79 11.41
CA TYR H 423 79.98 32.91 10.72
C TYR H 423 81.00 33.80 10.02
N GLU H 424 82.22 33.86 10.55
CA GLU H 424 83.27 34.69 9.93
C GLU H 424 83.48 34.22 8.50
N TYR H 425 83.82 32.95 8.35
CA TYR H 425 84.03 32.38 7.01
C TYR H 425 82.79 32.56 6.16
N TYR H 426 81.66 32.11 6.68
CA TYR H 426 80.42 32.14 5.93
C TYR H 426 80.16 33.54 5.37
N ASN H 427 80.20 34.54 6.24
CA ASN H 427 79.91 35.91 5.81
C ASN H 427 80.93 36.40 4.81
N LYS H 428 82.17 35.95 4.97
CA LYS H 428 83.26 36.37 4.08
C LYS H 428 83.34 35.59 2.76
N LEU H 429 83.24 34.27 2.84
CA LEU H 429 83.41 33.43 1.64
C LEU H 429 82.09 33.02 0.97
N GLY H 430 80.99 33.06 1.71
CA GLY H 430 79.71 32.58 1.18
C GLY H 430 79.41 31.14 1.57
N TYR H 431 80.36 30.51 2.27
CA TYR H 431 80.22 29.12 2.77
C TYR H 431 81.14 28.85 3.97
N VAL H 432 80.91 27.76 4.69
CA VAL H 432 81.84 27.34 5.73
C VAL H 432 82.80 26.28 5.19
N PRO H 433 84.09 26.61 5.11
CA PRO H 433 85.13 25.77 4.52
C PRO H 433 85.19 24.35 5.09
N TYR H 434 85.55 23.40 4.24
CA TYR H 434 85.70 22.00 4.63
C TYR H 434 87.03 21.73 5.35
N ASP H 435 87.97 22.67 5.26
CA ASP H 435 89.30 22.44 5.80
C ASP H 435 89.74 23.45 6.88
N VAL H 436 88.78 23.96 7.67
CA VAL H 436 89.13 24.97 8.68
C VAL H 436 88.79 24.50 10.08
N LYS H 437 88.73 23.19 10.28
CA LYS H 437 88.52 22.66 11.63
C LYS H 437 87.10 22.94 12.14
N ILE H 438 86.16 23.11 11.23
CA ILE H 438 84.76 23.23 11.63
C ILE H 438 83.97 22.13 10.96
N ASN H 439 83.45 21.22 11.77
CA ASN H 439 82.80 20.03 11.25
C ASN H 439 81.37 20.28 10.78
N GLU H 440 80.94 19.51 9.79
CA GLU H 440 79.57 19.61 9.31
C GLU H 440 79.36 20.99 8.72
N ASN H 441 80.44 21.49 8.15
CA ASN H 441 80.45 22.76 7.47
C ASN H 441 79.43 22.85 6.33
N ALA H 442 79.32 21.78 5.53
CA ALA H 442 78.38 21.79 4.41
C ALA H 442 76.94 21.87 4.89
N ALA H 443 76.62 21.13 5.94
CA ALA H 443 75.28 21.19 6.52
C ALA H 443 75.00 22.55 7.13
N ARG H 444 75.99 23.13 7.78
CA ARG H 444 75.82 24.46 8.37
C ARG H 444 75.56 25.49 7.28
N THR H 445 76.39 25.47 6.25
CA THR H 445 76.24 26.40 5.13
C THR H 445 74.84 26.34 4.53
N LEU H 446 74.40 25.14 4.18
CA LEU H 446 73.11 24.98 3.55
C LEU H 446 72.00 25.53 4.43
N GLU H 447 72.03 25.18 5.70
CA GLU H 447 70.98 25.62 6.62
C GLU H 447 71.05 27.11 6.93
N TYR H 448 72.26 27.65 7.05
CA TYR H 448 72.41 29.08 7.24
C TYR H 448 71.75 29.82 6.09
N ALA H 449 71.94 29.30 4.89
CA ALA H 449 71.38 29.90 3.70
C ALA H 449 69.87 30.02 3.83
N TYR H 450 69.22 28.92 4.19
CA TYR H 450 67.78 28.94 4.39
C TYR H 450 67.41 29.90 5.51
N ASP H 451 68.22 29.89 6.57
CA ASP H 451 68.00 30.79 7.69
C ASP H 451 68.00 32.24 7.20
N ASP H 452 69.03 32.60 6.45
CA ASP H 452 69.13 33.95 5.91
C ASP H 452 67.91 34.35 5.06
N TRP H 453 67.31 33.41 4.33
CA TRP H 453 66.07 33.69 3.56
C TRP H 453 64.91 34.16 4.45
N CYS H 454 64.87 33.50 5.60
CA CYS H 454 63.88 33.78 6.60
C CYS H 454 64.09 35.19 7.13
N ILE H 455 65.34 35.52 7.45
CA ILE H 455 65.66 36.86 7.90
C ILE H 455 65.32 37.87 6.79
N TYR H 456 65.74 37.57 5.56
CA TYR H 456 65.42 38.44 4.45
C TYR H 456 63.92 38.60 4.33
N ARG H 457 63.22 37.48 4.41
CA ARG H 457 61.77 37.48 4.29
C ARG H 457 61.19 38.45 5.40
N LEU H 458 61.69 38.37 6.63
CA LEU H 458 61.17 39.22 7.74
C LEU H 458 61.56 40.70 7.62
N ALA H 459 62.83 40.91 7.27
CA ALA H 459 63.33 42.24 7.06
C ALA H 459 62.47 42.97 6.03
N LYS H 460 62.17 42.27 4.93
CA LYS H 460 61.39 42.85 3.85
C LYS H 460 60.09 43.34 4.49
N GLU H 461 59.50 42.44 5.27
CA GLU H 461 58.23 42.74 5.96
C GLU H 461 58.37 44.01 6.81
N LEU H 462 59.47 44.13 7.54
CA LEU H 462 59.67 45.29 8.40
C LEU H 462 60.07 46.52 7.60
N LYS H 463 60.23 46.34 6.30
CA LYS H 463 60.57 47.50 5.50
C LYS H 463 61.89 48.03 6.05
N ARG H 464 62.77 47.11 6.40
CA ARG H 464 64.14 47.48 6.74
C ARG H 464 64.85 48.02 5.52
N PRO H 465 65.97 48.71 5.75
CA PRO H 465 66.75 49.29 4.67
C PRO H 465 67.08 48.30 3.55
N LYS H 466 67.09 48.85 2.34
CA LYS H 466 67.42 48.07 1.17
C LYS H 466 68.78 47.40 1.33
N LYS H 467 69.73 48.11 1.92
CA LYS H 467 71.06 47.53 2.08
C LYS H 467 71.00 46.25 2.92
N GLU H 468 70.26 46.30 4.03
CA GLU H 468 70.09 45.15 4.90
C GLU H 468 69.36 44.04 4.13
N ILE H 469 68.26 44.43 3.54
CA ILE H 469 67.35 43.54 2.86
C ILE H 469 68.11 42.80 1.75
N SER H 470 68.93 43.55 1.03
CA SER H 470 69.74 42.99 -0.05
C SER H 470 70.80 42.02 0.43
N LEU H 471 71.32 42.30 1.63
CA LEU H 471 72.37 41.46 2.20
C LEU H 471 71.89 40.04 2.43
N PHE H 472 70.71 39.91 3.02
CA PHE H 472 70.18 38.59 3.32
C PHE H 472 69.70 37.89 2.08
N ALA H 473 69.10 38.66 1.18
CA ALA H 473 68.70 38.13 -0.13
C ALA H 473 69.94 37.54 -0.79
N LYS H 474 71.06 38.24 -0.69
CA LYS H 474 72.25 37.72 -1.29
C LYS H 474 72.59 36.42 -0.58
N ARG H 475 72.57 36.46 0.74
CA ARG H 475 73.07 35.34 1.53
C ARG H 475 72.23 34.09 1.33
N ALA H 476 70.94 34.30 1.13
CA ALA H 476 70.03 33.20 0.90
C ALA H 476 70.51 32.36 -0.28
N MET H 477 71.33 32.97 -1.12
CA MET H 477 71.81 32.32 -2.33
C MET H 477 73.03 31.39 -2.11
N ASN H 478 73.58 31.39 -0.89
CA ASN H 478 74.87 30.70 -0.65
C ASN H 478 74.92 29.22 -0.97
N TYR H 479 73.78 28.55 -0.80
CA TYR H 479 73.70 27.14 -1.11
C TYR H 479 74.33 26.86 -2.46
N LYS H 480 74.46 27.89 -3.28
CA LYS H 480 75.06 27.70 -4.59
C LYS H 480 76.55 27.46 -4.46
N ASN H 481 77.13 28.01 -3.41
CA ASN H 481 78.57 27.94 -3.24
C ASN H 481 79.12 26.54 -3.00
N LEU H 482 78.22 25.60 -2.70
CA LEU H 482 78.63 24.23 -2.41
C LEU H 482 78.15 23.24 -3.44
N PHE H 483 77.53 23.73 -4.50
CA PHE H 483 77.03 22.82 -5.51
C PHE H 483 78.14 22.42 -6.46
N ASP H 484 78.29 21.12 -6.64
CA ASP H 484 79.30 20.58 -7.56
C ASP H 484 78.60 20.25 -8.89
N LYS H 485 79.04 20.89 -9.97
CA LYS H 485 78.40 20.67 -11.27
C LYS H 485 78.60 19.24 -11.78
N GLU H 486 79.78 18.68 -11.56
CA GLU H 486 80.09 17.35 -12.06
C GLU H 486 79.26 16.28 -11.39
N SER H 487 79.22 16.35 -10.07
CA SER H 487 78.49 15.38 -9.25
C SER H 487 76.99 15.64 -9.23
N LYS H 488 76.61 16.90 -9.39
CA LYS H 488 75.21 17.33 -9.23
C LYS H 488 74.80 17.25 -7.77
N LEU H 489 75.79 17.25 -6.88
CA LEU H 489 75.55 17.13 -5.46
C LEU H 489 76.19 18.25 -4.67
N MET H 490 75.66 18.51 -3.48
CA MET H 490 76.31 19.42 -2.56
C MET H 490 77.58 18.76 -2.07
N ARG H 491 78.63 19.57 -1.86
CA ARG H 491 79.95 19.01 -1.59
C ARG H 491 80.81 19.94 -0.76
N GLY H 492 81.62 19.36 0.10
CA GLY H 492 82.54 20.13 0.94
C GLY H 492 83.55 20.93 0.14
N ARG H 493 83.78 22.16 0.55
CA ARG H 493 84.64 23.09 -0.18
C ARG H 493 85.73 23.66 0.70
N ASN H 494 86.95 23.69 0.18
CA ASN H 494 88.08 24.25 0.95
C ASN H 494 88.06 25.77 1.01
N GLU H 495 88.84 26.30 1.94
CA GLU H 495 88.93 27.73 2.12
C GLU H 495 89.49 28.37 0.87
N ASP H 496 90.39 27.66 0.21
CA ASP H 496 91.01 28.19 -0.98
C ASP H 496 90.03 28.23 -2.15
N GLY H 497 88.84 27.65 -1.97
CA GLY H 497 87.82 27.67 -3.03
C GLY H 497 87.68 26.39 -3.85
N THR H 498 88.65 25.49 -3.70
CA THR H 498 88.59 24.20 -4.38
C THR H 498 87.63 23.26 -3.65
N PHE H 499 86.85 22.51 -4.41
CA PHE H 499 85.99 21.52 -3.79
C PHE H 499 86.90 20.46 -3.23
N GLN H 500 86.45 19.81 -2.17
CA GLN H 500 87.28 18.82 -1.50
C GLN H 500 87.46 17.52 -2.31
N SER H 501 88.61 16.89 -2.13
CA SER H 501 88.89 15.59 -2.71
C SER H 501 89.69 14.67 -1.84
N PRO H 502 89.29 13.42 -1.75
CA PRO H 502 88.56 12.69 -2.73
C PRO H 502 87.13 12.94 -2.21
N PHE H 503 86.13 12.75 -3.05
CA PHE H 503 84.77 13.09 -2.67
C PHE H 503 83.97 11.81 -2.56
N SER H 504 83.40 11.54 -1.39
CA SER H 504 82.54 10.36 -1.23
C SER H 504 81.13 10.80 -0.95
N PRO H 505 80.26 10.73 -1.97
CA PRO H 505 78.89 11.18 -1.90
C PRO H 505 78.18 10.33 -0.90
N LEU H 506 78.66 9.11 -0.70
CA LEU H 506 77.99 8.23 0.26
C LEU H 506 78.55 8.27 1.67
N LYS H 507 79.50 9.16 1.94
CA LYS H 507 80.10 9.23 3.27
C LYS H 507 79.24 10.06 4.22
N TRP H 508 79.01 9.56 5.42
CA TRP H 508 78.16 10.26 6.37
C TRP H 508 78.99 11.15 7.28
N GLY H 509 78.38 12.23 7.77
CA GLY H 509 79.08 13.18 8.64
C GLY H 509 80.14 14.03 7.95
N ASP H 510 81.18 14.39 8.69
CA ASP H 510 82.24 15.15 8.07
C ASP H 510 81.67 16.47 7.63
N ALA H 511 81.40 16.59 6.34
CA ALA H 511 80.84 17.81 5.79
C ALA H 511 79.43 17.98 6.30
N PHE H 512 78.77 16.85 6.52
CA PHE H 512 77.36 16.85 6.87
C PHE H 512 77.10 16.33 8.29
N THR H 513 75.85 16.36 8.71
CA THR H 513 75.52 15.80 10.00
C THR H 513 74.60 14.62 9.79
N GLU H 514 75.07 13.42 10.13
CA GLU H 514 74.18 12.27 10.16
C GLU H 514 73.41 12.12 8.88
N GLY H 515 74.16 12.10 7.79
CA GLY H 515 73.60 11.97 6.47
C GLY H 515 74.79 12.17 5.58
N ASN H 516 74.59 11.94 4.29
CA ASN H 516 75.64 12.12 3.34
C ASN H 516 75.14 13.09 2.28
N SER H 517 75.99 13.43 1.34
CA SER H 517 75.62 14.37 0.30
C SER H 517 74.23 14.03 -0.31
N TRP H 518 73.91 12.75 -0.45
CA TRP H 518 72.66 12.36 -1.08
C TRP H 518 71.46 12.78 -0.26
N HIS H 519 71.67 12.99 1.03
CA HIS H 519 70.59 13.41 1.90
C HIS H 519 70.52 14.92 2.04
N TYR H 520 71.68 15.54 2.19
CA TYR H 520 71.74 16.98 2.44
C TYR H 520 71.54 17.85 1.20
N THR H 521 71.83 17.30 0.02
CA THR H 521 71.78 18.07 -1.19
C THR H 521 70.41 18.73 -1.38
N TRP H 522 69.39 18.13 -0.77
CA TRP H 522 68.02 18.62 -0.95
C TRP H 522 67.64 19.75 0.00
N SER H 523 68.57 20.18 0.84
CA SER H 523 68.26 21.22 1.83
C SER H 523 68.29 22.62 1.22
N VAL H 524 67.35 22.90 0.32
CA VAL H 524 67.18 24.23 -0.24
C VAL H 524 65.70 24.57 -0.21
N PHE H 525 65.13 24.54 0.98
CA PHE H 525 63.69 24.70 1.18
C PHE H 525 63.11 25.94 0.50
N HIS H 526 63.84 27.04 0.59
CA HIS H 526 63.33 28.29 0.03
C HIS H 526 63.47 28.35 -1.51
N ASP H 527 64.36 27.56 -2.11
CA ASP H 527 64.64 27.76 -3.53
C ASP H 527 64.86 26.46 -4.27
N PRO H 528 63.84 25.60 -4.28
CA PRO H 528 63.89 24.33 -4.98
C PRO H 528 64.21 24.52 -6.46
N GLN H 529 63.53 25.45 -7.09
CA GLN H 529 63.76 25.69 -8.49
C GLN H 529 65.23 26.02 -8.68
N GLY H 530 65.78 26.83 -7.80
CA GLY H 530 67.19 27.19 -7.94
C GLY H 530 67.99 25.91 -8.02
N LEU H 531 67.62 24.95 -7.18
CA LEU H 531 68.36 23.70 -7.12
C LEU H 531 68.15 22.96 -8.41
N ILE H 532 66.91 22.98 -8.87
CA ILE H 532 66.54 22.34 -10.10
C ILE H 532 67.40 22.87 -11.24
N ASP H 533 67.56 24.17 -11.27
CA ASP H 533 68.41 24.79 -12.26
C ASP H 533 69.89 24.32 -12.20
N LEU H 534 70.52 24.30 -11.03
CA LEU H 534 71.93 23.87 -10.97
C LEU H 534 72.07 22.49 -11.52
N MET H 535 71.04 21.66 -11.36
CA MET H 535 71.13 20.27 -11.80
C MET H 535 70.91 20.08 -13.30
N GLY H 536 70.46 21.15 -13.96
CA GLY H 536 70.24 21.16 -15.40
C GLY H 536 68.81 20.88 -15.82
N GLY H 537 67.86 21.57 -15.20
CA GLY H 537 66.44 21.40 -15.55
C GLY H 537 65.73 20.29 -14.78
N LYS H 538 64.41 20.31 -14.79
CA LYS H 538 63.62 19.38 -14.00
C LYS H 538 63.83 17.91 -14.38
N GLU H 539 63.93 17.64 -15.68
CA GLU H 539 64.14 16.27 -16.12
C GLU H 539 65.30 15.64 -15.35
N MET H 540 66.46 16.29 -15.41
CA MET H 540 67.62 15.75 -14.74
C MET H 540 67.48 15.76 -13.21
N PHE H 541 66.72 16.73 -12.71
CA PHE H 541 66.43 16.82 -11.29
C PHE H 541 65.66 15.60 -10.84
N VAL H 542 64.61 15.25 -11.56
CA VAL H 542 63.81 14.07 -11.23
C VAL H 542 64.63 12.79 -11.36
N THR H 543 65.49 12.72 -12.35
CA THR H 543 66.38 11.58 -12.51
C THR H 543 67.21 11.42 -11.25
N MET H 544 67.69 12.56 -10.76
CA MET H 544 68.52 12.60 -9.58
C MET H 544 67.76 12.10 -8.33
N MET H 545 66.56 12.61 -8.12
CA MET H 545 65.72 12.14 -7.04
C MET H 545 65.48 10.64 -7.11
N ASP H 546 65.06 10.18 -8.28
CA ASP H 546 64.67 8.79 -8.45
C ASP H 546 65.77 7.84 -8.04
N SER H 547 67.02 8.22 -8.30
CA SER H 547 68.11 7.32 -8.01
C SER H 547 68.38 7.27 -6.50
N VAL H 548 67.77 8.18 -5.76
CA VAL H 548 67.85 8.11 -4.30
C VAL H 548 67.19 6.82 -3.81
N PHE H 549 66.05 6.48 -4.41
CA PHE H 549 65.36 5.24 -4.08
C PHE H 549 65.92 4.04 -4.82
N ALA H 550 66.50 4.28 -5.98
CA ALA H 550 66.89 3.19 -6.87
C ALA H 550 68.18 2.49 -6.45
N VAL H 551 69.12 3.22 -5.86
CA VAL H 551 70.40 2.62 -5.50
C VAL H 551 70.31 1.91 -4.18
N PRO H 552 71.08 0.84 -4.00
CA PRO H 552 71.13 0.09 -2.75
C PRO H 552 71.59 1.02 -1.63
N PRO H 553 71.28 0.68 -0.37
CA PRO H 553 71.64 1.55 0.76
C PRO H 553 73.07 1.35 1.19
N ILE H 554 74.01 1.59 0.29
CA ILE H 554 75.42 1.43 0.60
C ILE H 554 75.91 2.73 1.28
N PHE H 555 77.00 2.67 2.04
CA PHE H 555 77.38 3.82 2.85
C PHE H 555 78.87 3.80 3.27
N ASP H 556 79.35 4.95 3.73
CA ASP H 556 80.71 5.09 4.21
C ASP H 556 80.70 5.71 5.63
N ASP H 557 81.05 4.91 6.64
CA ASP H 557 80.95 5.37 8.01
C ASP H 557 82.29 5.77 8.61
N SER H 558 83.30 5.93 7.77
CA SER H 558 84.65 6.14 8.27
C SER H 558 84.69 7.26 9.31
N TYR H 559 83.83 8.27 9.16
CA TYR H 559 83.86 9.41 10.07
C TYR H 559 83.37 9.06 11.47
N TYR H 560 82.62 7.97 11.59
CA TYR H 560 82.07 7.57 12.87
C TYR H 560 82.77 6.34 13.42
N GLY H 561 83.46 5.62 12.55
CA GLY H 561 84.18 4.43 12.96
C GLY H 561 83.28 3.23 13.19
N GLN H 562 81.99 3.46 13.37
CA GLN H 562 81.05 2.38 13.64
C GLN H 562 79.75 2.66 12.90
N VAL H 563 78.91 1.63 12.70
CA VAL H 563 77.63 1.82 12.03
C VAL H 563 76.61 2.45 12.96
N ILE H 564 76.60 3.77 13.07
CA ILE H 564 75.70 4.41 14.03
C ILE H 564 74.25 4.05 13.73
N HIS H 565 73.39 4.14 14.73
CA HIS H 565 72.02 3.68 14.59
C HIS H 565 71.29 4.29 13.38
N GLU H 566 71.52 5.56 13.08
CA GLU H 566 70.78 6.16 11.97
C GLU H 566 71.20 5.58 10.62
N ILE H 567 72.43 5.08 10.50
CA ILE H 567 72.83 4.39 9.27
C ILE H 567 72.17 3.03 9.21
N ARG H 568 72.23 2.30 10.31
CA ARG H 568 71.61 0.97 10.38
C ARG H 568 70.13 1.08 9.99
N GLU H 569 69.46 2.07 10.55
CA GLU H 569 68.04 2.27 10.34
C GLU H 569 67.72 2.44 8.89
N MET H 570 68.63 3.07 8.17
CA MET H 570 68.43 3.26 6.74
C MET H 570 68.57 1.92 6.02
N THR H 571 69.60 1.15 6.38
CA THR H 571 69.92 -0.07 5.63
C THR H 571 68.76 -1.08 5.63
N VAL H 572 68.08 -1.20 6.76
CA VAL H 572 67.05 -2.23 6.90
C VAL H 572 65.73 -1.95 6.17
N MET H 573 65.47 -0.68 5.84
CA MET H 573 64.19 -0.28 5.22
C MET H 573 64.07 -0.70 3.78
N ASN H 574 65.20 -0.88 3.12
CA ASN H 574 65.16 -1.29 1.72
C ASN H 574 64.42 -0.26 0.88
N MET H 575 64.79 1.00 1.08
CA MET H 575 64.27 2.09 0.27
C MET H 575 65.44 2.94 -0.18
N GLY H 576 66.43 2.30 -0.78
CA GLY H 576 67.59 2.98 -1.29
C GLY H 576 68.21 3.85 -0.22
N ASN H 577 68.56 5.07 -0.57
CA ASN H 577 69.17 5.96 0.38
C ASN H 577 68.18 6.92 1.02
N TYR H 578 66.89 6.63 0.89
CA TYR H 578 65.92 7.51 1.52
C TYR H 578 65.88 7.24 3.03
N ALA H 579 66.64 7.99 3.81
CA ALA H 579 66.75 7.74 5.25
C ALA H 579 65.71 8.50 6.05
N HIS H 580 64.45 8.09 5.94
CA HIS H 580 63.35 8.83 6.54
C HIS H 580 63.50 8.90 8.05
N GLY H 581 64.31 7.98 8.57
CA GLY H 581 64.55 7.89 10.01
C GLY H 581 65.33 9.08 10.56
N ASN H 582 65.82 9.95 9.67
CA ASN H 582 66.49 11.16 10.14
C ASN H 582 66.04 12.45 9.44
N GLN H 583 66.26 13.57 10.10
CA GLN H 583 65.57 14.82 9.77
C GLN H 583 65.89 15.49 8.42
N PRO H 584 67.15 15.47 8.00
CA PRO H 584 67.52 16.20 6.80
C PRO H 584 66.67 15.84 5.56
N ILE H 585 66.35 14.57 5.39
CA ILE H 585 65.70 14.17 4.15
C ILE H 585 64.18 14.15 4.23
N GLN H 586 63.63 14.59 5.35
CA GLN H 586 62.20 14.37 5.56
C GLN H 586 61.27 15.18 4.67
N HIS H 587 61.78 16.23 4.04
CA HIS H 587 60.95 17.05 3.18
C HIS H 587 61.09 16.62 1.71
N MET H 588 62.13 15.84 1.42
CA MET H 588 62.53 15.59 0.05
C MET H 588 61.45 15.09 -0.90
N ILE H 589 60.71 14.05 -0.50
CA ILE H 589 59.74 13.48 -1.41
C ILE H 589 58.85 14.56 -1.99
N TYR H 590 58.56 15.58 -1.18
CA TYR H 590 57.66 16.63 -1.62
C TYR H 590 58.25 17.47 -2.75
N LEU H 591 59.57 17.46 -2.87
CA LEU H 591 60.22 18.20 -3.93
C LEU H 591 59.73 17.80 -5.33
N TYR H 592 59.30 16.55 -5.48
CA TYR H 592 58.75 16.11 -6.75
C TYR H 592 57.71 17.11 -7.25
N ASP H 593 56.97 17.71 -6.33
CA ASP H 593 55.94 18.66 -6.72
C ASP H 593 56.55 19.80 -7.51
N TYR H 594 57.72 20.26 -7.07
CA TYR H 594 58.35 21.41 -7.67
C TYR H 594 58.85 21.13 -9.08
N ALA H 595 59.00 19.86 -9.44
CA ALA H 595 59.53 19.49 -10.74
C ALA H 595 58.45 19.02 -11.72
N GLY H 596 57.19 19.23 -11.34
CA GLY H 596 56.07 18.91 -12.22
C GLY H 596 55.76 17.43 -12.31
N GLN H 597 56.08 16.69 -11.26
CA GLN H 597 55.71 15.28 -11.18
C GLN H 597 55.16 14.92 -9.81
N PRO H 598 54.07 15.58 -9.40
CA PRO H 598 53.43 15.38 -8.11
C PRO H 598 52.99 13.94 -7.87
N TRP H 599 52.77 13.19 -8.94
CA TRP H 599 52.34 11.81 -8.79
C TRP H 599 53.44 10.97 -8.18
N LYS H 600 54.69 11.29 -8.47
CA LYS H 600 55.78 10.55 -7.88
C LYS H 600 55.85 10.83 -6.38
N ALA H 601 55.53 12.06 -5.99
CA ALA H 601 55.47 12.39 -4.58
C ALA H 601 54.35 11.59 -3.95
N GLN H 602 53.20 11.54 -4.63
CA GLN H 602 52.07 10.80 -4.11
C GLN H 602 52.45 9.33 -3.86
N TYR H 603 53.10 8.73 -4.84
CA TYR H 603 53.49 7.33 -4.72
C TYR H 603 54.39 7.04 -3.52
N TRP H 604 55.49 7.77 -3.41
CA TRP H 604 56.47 7.53 -2.34
C TRP H 604 55.95 7.92 -0.97
N LEU H 605 55.30 9.06 -0.88
CA LEU H 605 54.70 9.48 0.37
C LEU H 605 53.81 8.38 0.96
N ARG H 606 52.95 7.78 0.15
CA ARG H 606 52.07 6.72 0.64
C ARG H 606 52.89 5.51 1.07
N GLN H 607 53.96 5.25 0.34
CA GLN H 607 54.89 4.19 0.73
C GLN H 607 55.37 4.41 2.17
N VAL H 608 55.90 5.60 2.42
CA VAL H 608 56.43 5.94 3.73
C VAL H 608 55.36 5.80 4.81
N MET H 609 54.19 6.39 4.57
CA MET H 609 53.13 6.34 5.56
C MET H 609 52.70 4.91 5.87
N ASP H 610 52.74 4.04 4.87
CA ASP H 610 52.32 2.64 5.04
C ASP H 610 53.39 1.80 5.72
N ARG H 611 54.65 2.10 5.45
CA ARG H 611 55.72 1.19 5.81
C ARG H 611 56.61 1.63 6.95
N MET H 612 56.78 2.94 7.13
CA MET H 612 57.74 3.47 8.10
C MET H 612 57.14 3.83 9.46
N TYR H 613 55.85 3.58 9.60
CA TYR H 613 55.16 3.90 10.82
C TYR H 613 54.25 2.72 11.20
N THR H 614 54.33 2.28 12.43
CA THR H 614 53.38 1.27 12.88
C THR H 614 53.04 1.65 14.28
N PRO H 615 51.88 1.21 14.75
CA PRO H 615 51.38 1.71 16.02
C PRO H 615 51.87 0.97 17.27
N GLY H 616 52.79 0.01 17.11
CA GLY H 616 53.22 -0.79 18.25
C GLY H 616 54.38 -0.16 18.98
N PRO H 617 54.93 -0.89 19.95
CA PRO H 617 56.05 -0.37 20.74
C PRO H 617 57.27 -0.02 19.90
N ASP H 618 57.49 -0.74 18.81
CA ASP H 618 58.63 -0.45 17.95
C ASP H 618 58.14 0.33 16.74
N GLY H 619 57.32 1.35 16.99
CA GLY H 619 56.57 1.99 15.91
C GLY H 619 57.23 2.89 14.88
N TYR H 620 58.25 3.65 15.27
CA TYR H 620 58.91 4.54 14.34
C TYR H 620 60.05 3.83 13.63
N CYS H 621 60.70 4.51 12.69
CA CYS H 621 61.81 3.92 11.96
C CYS H 621 63.14 4.64 12.25
N GLY H 622 63.12 5.52 13.25
CA GLY H 622 64.30 6.27 13.68
C GLY H 622 63.87 7.09 14.89
N ASP H 623 64.73 7.95 15.39
CA ASP H 623 64.33 8.75 16.54
C ASP H 623 63.13 9.65 16.25
N GLU H 624 62.20 9.70 17.20
CA GLU H 624 60.99 10.52 17.07
C GLU H 624 61.33 12.01 17.15
N ASP H 625 62.32 12.35 17.97
CA ASP H 625 62.89 13.70 18.02
C ASP H 625 61.88 14.79 18.39
N ASN H 626 61.25 14.66 19.54
CA ASN H 626 60.40 15.72 20.13
C ASN H 626 59.27 16.25 19.26
N GLY H 627 58.68 15.37 18.47
CA GLY H 627 57.51 15.74 17.68
C GLY H 627 57.76 15.85 16.18
N GLN H 628 59.02 16.01 15.78
CA GLN H 628 59.33 16.21 14.37
C GLN H 628 58.92 15.01 13.52
N THR H 629 59.44 13.84 13.85
CA THR H 629 59.08 12.65 13.11
C THR H 629 57.60 12.27 13.26
N SER H 630 56.99 12.64 14.38
CA SER H 630 55.57 12.38 14.56
C SER H 630 54.73 13.34 13.73
N ALA H 631 55.04 14.63 13.83
CA ALA H 631 54.31 15.66 13.08
C ALA H 631 54.43 15.47 11.58
N TRP H 632 55.53 14.86 11.14
CA TRP H 632 55.70 14.55 9.72
C TRP H 632 54.55 13.66 9.27
N TYR H 633 54.25 12.65 10.08
CA TYR H 633 53.16 11.75 9.77
C TYR H 633 51.84 12.49 9.84
N VAL H 634 51.67 13.32 10.87
CA VAL H 634 50.41 14.03 11.01
C VAL H 634 50.11 14.86 9.77
N PHE H 635 51.06 15.68 9.37
CA PHE H 635 50.90 16.50 8.18
C PHE H 635 50.66 15.63 6.97
N SER H 636 51.58 14.70 6.73
CA SER H 636 51.54 13.85 5.55
C SER H 636 50.22 13.09 5.43
N ALA H 637 49.70 12.61 6.54
CA ALA H 637 48.44 11.89 6.53
C ALA H 637 47.29 12.82 6.09
N LEU H 638 47.42 14.10 6.44
CA LEU H 638 46.40 15.08 6.07
C LEU H 638 46.46 15.35 4.59
N GLY H 639 47.69 15.31 4.04
CA GLY H 639 47.89 15.43 2.61
C GLY H 639 48.80 16.55 2.15
N PHE H 640 49.42 17.25 3.09
CA PHE H 640 50.32 18.34 2.74
C PHE H 640 51.37 18.56 3.82
N TYR H 641 52.41 19.30 3.49
CA TYR H 641 53.57 19.45 4.36
C TYR H 641 54.22 20.82 4.18
N PRO H 642 54.68 21.43 5.28
CA PRO H 642 55.31 22.74 5.21
C PRO H 642 56.77 22.64 4.78
N VAL H 643 57.00 22.38 3.49
CA VAL H 643 58.36 22.22 3.03
C VAL H 643 59.21 23.41 3.45
N CYS H 644 58.67 24.61 3.26
CA CYS H 644 59.44 25.82 3.54
C CYS H 644 58.76 26.75 4.54
N PRO H 645 58.95 26.49 5.84
CA PRO H 645 58.44 27.41 6.85
C PRO H 645 58.98 28.80 6.57
N GLY H 646 58.15 29.81 6.74
CA GLY H 646 58.50 31.17 6.37
C GLY H 646 57.66 31.62 5.19
N THR H 647 57.12 30.64 4.46
CA THR H 647 56.14 30.93 3.42
C THR H 647 54.77 30.68 4.04
N ASP H 648 53.71 30.99 3.31
CA ASP H 648 52.37 30.67 3.77
C ASP H 648 51.91 29.38 3.11
N GLU H 649 52.85 28.53 2.70
CA GLU H 649 52.53 27.39 1.84
C GLU H 649 52.70 26.02 2.47
N TYR H 650 51.73 25.14 2.20
CA TYR H 650 51.86 23.73 2.51
C TYR H 650 51.87 22.98 1.18
N VAL H 651 52.98 22.30 0.88
CA VAL H 651 53.10 21.58 -0.38
C VAL H 651 52.26 20.30 -0.36
N MET H 652 51.67 19.98 -1.51
CA MET H 652 50.68 18.91 -1.58
C MET H 652 51.28 17.52 -1.70
N GLY H 653 50.83 16.60 -0.85
CA GLY H 653 51.22 15.20 -0.92
C GLY H 653 50.03 14.35 -1.34
N THR H 654 49.68 13.38 -0.48
CA THR H 654 48.49 12.56 -0.70
C THR H 654 47.86 12.22 0.65
N PRO H 655 46.53 12.42 0.76
CA PRO H 655 45.85 12.21 2.04
C PRO H 655 45.70 10.71 2.35
N LEU H 656 45.87 10.33 3.60
CA LEU H 656 45.77 8.94 3.99
C LEU H 656 44.34 8.49 4.31
N PHE H 657 43.48 9.42 4.68
CA PHE H 657 42.13 9.09 5.15
C PHE H 657 41.03 9.50 4.16
N LYS H 658 39.85 8.91 4.30
CA LYS H 658 38.74 9.24 3.44
C LYS H 658 38.19 10.61 3.81
N LYS H 659 38.39 11.02 5.06
CA LYS H 659 37.93 12.33 5.49
C LYS H 659 38.74 12.83 6.66
N ALA H 660 39.18 14.08 6.58
CA ALA H 660 39.81 14.73 7.70
C ALA H 660 39.14 16.07 7.93
N THR H 661 38.99 16.46 9.19
CA THR H 661 38.40 17.75 9.51
C THR H 661 39.31 18.53 10.45
N LEU H 662 39.61 19.78 10.10
CA LEU H 662 40.41 20.63 10.97
C LEU H 662 39.55 21.68 11.66
N HIS H 663 39.77 21.88 12.95
CA HIS H 663 39.10 22.95 13.67
C HIS H 663 40.14 23.94 14.13
N PHE H 664 40.19 25.11 13.49
CA PHE H 664 41.20 26.10 13.84
C PHE H 664 40.79 26.95 15.04
N GLU H 665 41.77 27.52 15.74
CA GLU H 665 41.49 28.35 16.91
C GLU H 665 40.55 29.52 16.53
N ASN H 666 40.54 29.91 15.26
CA ASN H 666 39.72 31.04 14.80
C ASN H 666 38.23 30.74 14.65
N GLY H 667 37.83 29.51 14.92
CA GLY H 667 36.41 29.16 14.88
C GLY H 667 35.95 28.46 13.63
N ASN H 668 36.73 28.55 12.56
CA ASN H 668 36.37 27.87 11.32
C ASN H 668 36.80 26.42 11.27
N SER H 669 36.23 25.67 10.33
CA SER H 669 36.62 24.29 10.10
C SER H 669 36.91 24.05 8.63
N LEU H 670 37.81 23.12 8.36
CA LEU H 670 38.16 22.78 7.00
C LEU H 670 38.04 21.28 6.80
N VAL H 671 37.20 20.87 5.87
CA VAL H 671 36.96 19.43 5.66
C VAL H 671 37.67 18.96 4.40
N ILE H 672 38.47 17.91 4.54
CA ILE H 672 39.17 17.34 3.40
C ILE H 672 38.54 16.03 3.02
N ASP H 673 37.71 16.05 1.97
CA ASP H 673 36.99 14.86 1.51
C ASP H 673 37.70 14.06 0.44
N ALA H 674 38.05 12.81 0.76
CA ALA H 674 38.67 11.90 -0.19
C ALA H 674 37.91 10.58 -0.13
N PRO H 675 36.62 10.63 -0.47
CA PRO H 675 35.67 9.52 -0.35
C PRO H 675 36.18 8.26 -1.03
N ASN H 676 37.01 8.43 -2.05
CA ASN H 676 37.45 7.29 -2.83
C ASN H 676 38.81 6.73 -2.43
N ASN H 677 39.31 7.18 -1.29
CA ASN H 677 40.61 6.74 -0.81
C ASN H 677 40.61 5.24 -0.52
N SER H 678 41.75 4.59 -0.74
CA SER H 678 41.88 3.15 -0.53
C SER H 678 43.35 2.82 -0.39
N THR H 679 43.65 1.54 -0.18
CA THR H 679 45.02 1.11 -0.19
C THR H 679 45.56 1.25 -1.60
N GLU H 680 44.67 1.14 -2.58
CA GLU H 680 45.07 1.22 -3.98
C GLU H 680 45.06 2.64 -4.48
N ASN H 681 44.08 3.40 -4.02
CA ASN H 681 43.83 4.72 -4.59
C ASN H 681 44.58 5.83 -3.88
N PHE H 682 45.88 5.92 -4.12
CA PHE H 682 46.71 6.91 -3.43
C PHE H 682 47.16 8.03 -4.35
N TYR H 683 46.71 8.00 -5.60
CA TYR H 683 47.00 9.09 -6.53
C TYR H 683 45.90 10.13 -6.49
N ILE H 684 46.28 11.40 -6.62
CA ILE H 684 45.31 12.47 -6.73
C ILE H 684 45.01 12.72 -8.20
N ASP H 685 43.77 12.47 -8.60
CA ASP H 685 43.38 12.67 -9.98
C ASP H 685 42.92 14.12 -10.23
N SER H 686 42.10 14.64 -9.32
CA SER H 686 41.67 16.04 -9.40
C SER H 686 41.42 16.56 -7.99
N MET H 687 41.36 17.90 -7.86
CA MET H 687 41.18 18.53 -6.57
C MET H 687 40.37 19.81 -6.73
N SER H 688 39.41 20.02 -5.85
CA SER H 688 38.66 21.27 -5.84
C SER H 688 38.59 21.86 -4.44
N PHE H 689 38.63 23.17 -4.37
CA PHE H 689 38.65 23.91 -3.12
C PHE H 689 37.39 24.81 -3.05
N ASN H 690 36.40 24.40 -2.28
CA ASN H 690 35.17 25.15 -2.23
C ASN H 690 34.57 25.31 -3.60
N GLY H 691 34.59 24.25 -4.40
CA GLY H 691 33.94 24.27 -5.72
C GLY H 691 34.83 24.73 -6.85
N ALA H 692 35.82 25.56 -6.54
CA ALA H 692 36.80 25.97 -7.54
C ALA H 692 37.71 24.79 -7.83
N ASP H 693 38.12 24.64 -9.09
CA ASP H 693 39.06 23.59 -9.45
C ASP H 693 40.45 23.98 -8.96
N HIS H 694 41.19 23.01 -8.43
CA HIS H 694 42.47 23.31 -7.80
C HIS H 694 43.61 22.46 -8.34
N THR H 695 44.35 22.99 -9.30
CA THR H 695 45.40 22.21 -9.93
C THR H 695 46.75 22.46 -9.27
N LYS H 696 46.80 23.44 -8.38
CA LYS H 696 48.04 23.83 -7.70
C LYS H 696 48.61 22.71 -6.81
N ASN H 697 49.93 22.72 -6.63
CA ASN H 697 50.60 21.74 -5.78
C ASN H 697 50.80 22.22 -4.35
N TYR H 698 50.03 23.22 -3.95
CA TYR H 698 50.14 23.75 -2.60
C TYR H 698 48.84 24.40 -2.11
N LEU H 699 48.74 24.54 -0.80
CA LEU H 699 47.65 25.27 -0.17
C LEU H 699 48.23 26.46 0.61
N ARG H 700 47.44 27.52 0.78
CA ARG H 700 47.91 28.69 1.50
C ARG H 700 47.27 28.85 2.87
N HIS H 701 48.10 29.18 3.85
CA HIS H 701 47.67 29.35 5.24
C HIS H 701 46.37 30.15 5.40
N GLU H 702 46.27 31.36 4.83
CA GLU H 702 45.02 32.13 4.97
C GLU H 702 43.83 31.46 4.31
N ASP H 703 44.09 30.74 3.23
CA ASP H 703 43.01 30.07 2.52
C ASP H 703 42.43 28.99 3.41
N LEU H 704 43.32 28.22 4.03
CA LEU H 704 42.91 27.14 4.92
C LEU H 704 42.13 27.69 6.10
N PHE H 705 42.64 28.75 6.71
CA PHE H 705 41.98 29.34 7.86
C PHE H 705 40.56 29.82 7.53
N LYS H 706 40.28 30.11 6.27
CA LYS H 706 38.94 30.52 5.89
C LYS H 706 37.96 29.37 5.99
N GLY H 707 38.49 28.16 6.00
CA GLY H 707 37.64 26.97 6.15
C GLY H 707 36.84 26.63 4.92
N GLY H 708 35.87 25.72 5.10
CA GLY H 708 35.06 25.22 3.99
C GLY H 708 35.41 23.79 3.67
N THR H 709 35.36 23.43 2.39
CA THR H 709 35.63 22.06 1.99
C THR H 709 36.67 21.95 0.90
N ILE H 710 37.54 20.95 1.05
CA ILE H 710 38.42 20.56 -0.04
C ILE H 710 38.05 19.16 -0.48
N LYS H 711 37.87 18.97 -1.79
CA LYS H 711 37.52 17.66 -2.33
C LYS H 711 38.68 17.07 -3.12
N VAL H 712 39.02 15.81 -2.81
CA VAL H 712 40.14 15.14 -3.46
C VAL H 712 39.69 13.82 -4.08
N ASP H 713 39.72 13.76 -5.42
CA ASP H 713 39.37 12.55 -6.13
C ASP H 713 40.57 11.60 -6.22
N MET H 714 40.54 10.53 -5.42
CA MET H 714 41.64 9.58 -5.41
C MET H 714 41.51 8.58 -6.55
N SER H 715 42.66 8.11 -7.05
CA SER H 715 42.70 7.12 -8.11
C SER H 715 43.84 6.14 -7.89
N ASN H 716 43.80 5.02 -8.59
CA ASN H 716 44.88 4.03 -8.49
C ASN H 716 45.85 4.16 -9.65
N ARG H 717 45.63 5.16 -10.49
CA ARG H 717 46.55 5.41 -11.58
C ARG H 717 46.97 6.87 -11.51
N PRO H 718 48.24 7.15 -11.78
CA PRO H 718 48.73 8.52 -11.71
C PRO H 718 48.10 9.38 -12.81
N ASN H 719 47.90 10.66 -12.52
CA ASN H 719 47.44 11.58 -13.54
C ASN H 719 48.60 12.45 -14.04
N LEU H 720 49.12 12.13 -15.23
CA LEU H 720 50.33 12.76 -15.75
C LEU H 720 50.17 14.23 -16.12
N ASN H 721 48.95 14.76 -16.04
CA ASN H 721 48.69 16.12 -16.52
C ASN H 721 48.41 17.14 -15.43
N ARG H 722 48.05 16.67 -14.25
CA ARG H 722 47.71 17.59 -13.18
C ARG H 722 48.96 18.10 -12.46
N GLY H 723 49.00 19.40 -12.21
CA GLY H 723 50.07 19.98 -11.42
C GLY H 723 51.41 20.03 -12.12
N THR H 724 51.39 20.08 -13.44
CA THR H 724 52.63 20.21 -14.21
C THR H 724 52.79 21.63 -14.72
N LYS H 725 51.69 22.37 -14.74
CA LYS H 725 51.70 23.76 -15.17
C LYS H 725 52.54 24.61 -14.21
N GLU H 726 53.22 25.60 -14.78
CA GLU H 726 54.16 26.43 -14.05
C GLU H 726 53.54 27.19 -12.86
N GLU H 727 52.31 27.67 -13.01
CA GLU H 727 51.65 28.39 -11.92
C GLU H 727 51.22 27.44 -10.80
N ASP H 728 51.37 26.15 -11.03
CA ASP H 728 51.06 25.14 -10.02
C ASP H 728 52.20 24.94 -9.03
N MET H 729 53.39 25.41 -9.38
CA MET H 729 54.56 25.19 -8.53
C MET H 729 54.48 25.99 -7.24
N PRO H 730 55.05 25.44 -6.16
CA PRO H 730 55.17 26.20 -4.92
C PRO H 730 56.30 27.24 -4.99
N TYR H 731 56.39 28.06 -3.96
CA TYR H 731 57.32 29.15 -3.95
C TYR H 731 58.76 28.68 -4.14
N SER H 732 59.53 29.46 -4.87
CA SER H 732 60.98 29.35 -4.87
C SER H 732 61.54 30.75 -4.95
N PHE H 733 62.57 31.01 -4.17
CA PHE H 733 63.23 32.31 -4.09
C PHE H 733 63.67 32.78 -5.47
N SER H 734 64.29 31.87 -6.23
CA SER H 734 64.78 32.19 -7.58
C SER H 734 63.72 32.76 -8.54
N LYS H 735 62.60 32.05 -8.65
CA LYS H 735 61.48 32.55 -9.43
C LYS H 735 60.82 33.68 -8.63
N GLU H 736 61.59 34.72 -8.33
CA GLU H 736 61.14 35.76 -7.42
C GLU H 736 61.84 37.10 -7.66
#